data_5JW4
#
_entry.id   5JW4
#
_cell.length_a   151.260
_cell.length_b   386.360
_cell.length_c   165.860
_cell.angle_alpha   90.000
_cell.angle_beta   90.440
_cell.angle_gamma   90.000
#
_symmetry.space_group_name_H-M   'C 1 2 1'
#
loop_
_entity.id
_entity.type
_entity.pdbx_description
1 polymer Hemagglutinin
2 polymer Hemagglutinin
3 polymer 'MEDI8852 heavy chain'
4 polymer 'MEDI8852 light chain'
5 polymer 'MEDI8852 heavy chain'
6 polymer 'MEDI8852 light chain'
7 branched 2-acetamido-2-deoxy-beta-D-glucopyranose-(1-4)-2-acetamido-2-deoxy-beta-D-glucopyranose
8 non-polymer 2-acetamido-2-deoxy-beta-D-glucopyranose
#
loop_
_entity_poly.entity_id
_entity_poly.type
_entity_poly.pdbx_seq_one_letter_code
_entity_poly.pdbx_strand_id
1 'polypeptide(L)'
;DQICIGYHANNSTEQVDTIMEKNVTVTHAQDILEKTHNGKLCDLDGVKPLILRDCSVAGWLLGNPMCDEFINVPEWSYIV
EKANPVNDLCYPGDFNDYEELKHLLSRINHFEKIQIIPKSSWSSHEASLGVSSACPYQGKSSFFRNVVWLIKKNSTYPTI
KRSYNNTNQEDLLVLWGIHHPKDAAEQTKLYQNPTTYISVGTSTLNQRLVPRIATRSKVNGQSGRMEFFWTILKPNDAIN
FESNGNFIAPEYAYKIVKKGDSTIMKSELEYGNCNTKCQTPMGAINSSMPFHNIHPLTIGECPKYVKSNRLVLATGLRNS
P
;
A,C,E,G,I,K
2 'polypeptide(L)'
;GLFGAIAGFIEGGWQGMVDGWYGYHHSNEQGSGYAADKESTQKAIDGVTNKVNSIIDKMNTQFEAVGREFNNLERRIENL
NKKMEDGFLDVWTYNAELLVLMENERTLDFHDSNVKNLYDKVRLQLRDNAKELGNGCFEFYHKCDNECMESVRNGTYDYP
QY
;
B,D,F,H,J,L
3 'polypeptide(L)'
;QVQLQQSGPGLVKPSQTLSLTCAISGDSVSSYNAVWNWIRQSPSRGLEWLGRTYYRSGWYNDYAESVKSRITINPDTSKN
QFSLQLNSVTPEDTAVYYCARSGHITVFGVNVDAFDMWGQGTMVTVSSASTKGPSVFPLAPSSKSTSGTAALGCLVKDYF
PEPVTVSWNSGALTSGVHTFPAVLQSSGLYSLSSVVTVPSSSLGTQTYICNVNHKPSNTKVDKKVEP
;
M,O,S,U,W
4 'polypeptide(L)'
;MTQSPSSLSASVGDRVTITCRTSQSLSSYTHWYQQKPGKAPKLLIYAASSRGSGVPSRFSGSGSGTDFTLTISSLQPEDF
ATYYCQQSRTFGQGTKVEIKRTVAAPSVFIFPPSDEQLKSGTASVVCLLNNFYPREAKVQWKVDNALQSGNSQESVTEQD
SKDSTYSLSSTLTLSKADYEKHKVYACEVTHQGLSSPVTKSFNRGE
;
N,P,T,V,X
5 'polypeptide(L)'
;QVQLQQSGPGLVKPSQTLSLTCAISGDSVSSYNAVWNWIRQSPSRGLEWLGRTYYRSGWYNDYAESVKSRITINPDTSKN
QFSLQLNSVTPEDTAVYYCARSGHITVFGVNVDAFDMWGQGTMVTVSSASTKGPSVFPLAPSSKSTSGGTAALGCLVKDY
FPEPVTVSWNSGALTSGVHTFPAVLQSSGLYSLSSVVTVPSSSLGTQTYICNVNHKPSNTKVDKKVEPKSC
;
Q
6 'polypeptide(L)'
;DIQMTQSPSSLSASVGDRVTITCRTSQSLSSYTHWYQQKPGKAPKLLIYAASSRGSGVPSRFSGSGSGTDFTLTISSLQP
EDFATYYCQQSRTFGQGTKVEIKRTVAAPSVFIFPPSDEQLKSGTASVVCLLNNFYPREAKVQWKVDNALQSGNSQESVT
EQDSKDSTYSLSSTLTLSKADYEKHKVYACEVTHQGLSSPVTKSFNRGEC
;
R
#
# COMPACT_ATOMS: atom_id res chain seq x y z
N ASP A 1 58.18 67.91 0.52
CA ASP A 1 57.73 66.53 0.15
C ASP A 1 57.73 65.63 1.39
N GLN A 2 56.67 64.87 1.60
CA GLN A 2 56.54 64.05 2.81
C GLN A 2 55.78 62.74 2.61
N ILE A 3 56.03 61.79 3.51
CA ILE A 3 55.28 60.54 3.60
C ILE A 3 54.88 60.32 5.05
N CYS A 4 53.63 59.91 5.23
CA CYS A 4 53.01 59.81 6.53
C CYS A 4 52.42 58.44 6.73
N ILE A 5 52.40 57.99 7.97
CA ILE A 5 51.87 56.69 8.32
C ILE A 5 50.62 56.96 9.13
N GLY A 6 49.59 56.15 8.93
CA GLY A 6 48.34 56.30 9.67
C GLY A 6 47.46 55.08 9.60
N TYR A 7 46.24 55.20 10.11
CA TYR A 7 45.35 54.04 10.26
C TYR A 7 43.91 54.39 9.96
N HIS A 8 43.08 53.35 9.84
CA HIS A 8 41.70 53.46 9.42
C HIS A 8 40.80 54.09 10.47
N ALA A 9 39.87 54.91 10.01
CA ALA A 9 38.76 55.38 10.83
C ALA A 9 37.51 55.34 9.97
N ASN A 10 36.34 55.36 10.61
CA ASN A 10 35.08 55.36 9.89
C ASN A 10 33.96 55.92 10.76
N ASN A 11 32.72 55.80 10.33
CA ASN A 11 31.58 56.42 11.05
C ASN A 11 30.95 55.49 12.10
N SER A 12 31.64 54.39 12.45
CA SER A 12 31.11 53.37 13.35
C SER A 12 30.92 53.86 14.78
N THR A 13 29.81 53.42 15.39
CA THR A 13 29.50 53.67 16.79
C THR A 13 29.48 52.39 17.63
N GLU A 14 29.82 51.25 17.03
CA GLU A 14 29.94 49.99 17.77
C GLU A 14 30.93 50.17 18.92
N GLN A 15 30.60 49.61 20.07
CA GLN A 15 31.48 49.68 21.25
C GLN A 15 31.79 48.31 21.79
N VAL A 16 32.96 48.18 22.37
CA VAL A 16 33.35 46.95 23.03
C VAL A 16 33.91 47.28 24.40
N ASP A 17 33.94 46.29 25.29
CA ASP A 17 34.56 46.44 26.59
C ASP A 17 35.92 45.74 26.64
N THR A 18 36.81 46.28 27.50
CA THR A 18 38.09 45.64 27.87
C THR A 18 38.21 45.62 29.37
N ILE A 19 39.27 45.01 29.90
CA ILE A 19 39.49 45.01 31.36
C ILE A 19 39.61 46.42 31.89
N MET A 20 40.42 47.22 31.20
CA MET A 20 40.81 48.55 31.68
C MET A 20 39.91 49.67 31.22
N GLU A 21 39.07 49.43 30.23
CA GLU A 21 38.23 50.48 29.69
C GLU A 21 36.95 49.90 29.11
N LYS A 22 35.84 50.57 29.40
CA LYS A 22 34.55 50.11 28.96
C LYS A 22 34.01 51.09 27.93
N ASN A 23 33.17 50.62 27.00
CA ASN A 23 32.58 51.46 25.95
C ASN A 23 33.61 52.14 25.05
N VAL A 24 34.53 51.34 24.52
CA VAL A 24 35.53 51.80 23.56
C VAL A 24 34.88 51.74 22.18
N THR A 25 34.82 52.86 21.45
CA THR A 25 34.28 52.85 20.10
C THR A 25 35.31 52.28 19.17
N VAL A 26 34.90 51.29 18.38
CA VAL A 26 35.80 50.65 17.43
C VAL A 26 35.22 50.73 16.01
N THR A 27 36.11 50.57 15.03
CA THR A 27 35.74 50.67 13.62
C THR A 27 34.90 49.50 13.18
N HIS A 28 35.17 48.33 13.76
CA HIS A 28 34.39 47.14 13.50
C HIS A 28 34.30 46.23 14.72
N ALA A 29 33.17 45.55 14.84
CA ALA A 29 32.95 44.58 15.90
C ALA A 29 32.07 43.45 15.44
N GLN A 30 32.08 42.36 16.20
CA GLN A 30 31.32 41.17 15.87
C GLN A 30 30.58 40.67 17.11
N ASP A 31 29.25 40.75 17.05
CA ASP A 31 28.38 40.26 18.10
C ASP A 31 28.35 38.75 18.00
N ILE A 32 28.51 38.06 19.12
CA ILE A 32 28.52 36.60 19.13
C ILE A 32 27.43 35.97 20.00
N LEU A 33 26.50 36.79 20.49
CA LEU A 33 25.41 36.33 21.36
C LEU A 33 24.05 36.51 20.71
N GLU A 34 23.31 35.42 20.54
CA GLU A 34 21.94 35.52 20.06
C GLU A 34 21.00 35.89 21.20
N LYS A 35 20.26 36.97 21.02
CA LYS A 35 19.36 37.51 22.04
C LYS A 35 17.88 37.30 21.75
N THR A 36 17.52 36.96 20.51
CA THR A 36 16.09 36.88 20.11
C THR A 36 15.64 35.46 19.82
N HIS A 37 14.32 35.26 19.96
CA HIS A 37 13.66 34.00 19.62
C HIS A 37 12.28 34.32 19.01
N ASN A 38 11.61 33.33 18.42
CA ASN A 38 10.31 33.56 17.75
C ASN A 38 9.06 33.38 18.64
N GLY A 39 9.26 32.80 19.83
CA GLY A 39 8.23 32.75 20.86
C GLY A 39 7.22 31.63 20.66
N LYS A 40 7.62 30.60 19.90
CA LYS A 40 6.71 29.54 19.46
C LYS A 40 7.31 28.15 19.62
N LEU A 41 6.44 27.15 19.74
CA LEU A 41 6.87 25.75 19.73
C LEU A 41 6.74 25.26 18.31
N CYS A 42 7.81 24.65 17.80
CA CYS A 42 7.93 24.35 16.38
C CYS A 42 8.36 22.95 16.12
N ASP A 43 8.15 22.51 14.88
CA ASP A 43 8.72 21.26 14.39
C ASP A 43 10.24 21.38 14.49
N LEU A 44 10.87 20.32 14.96
CA LEU A 44 12.31 20.24 15.02
C LEU A 44 12.77 19.46 13.81
N ASP A 45 13.47 20.14 12.91
CA ASP A 45 13.94 19.54 11.68
C ASP A 45 12.82 18.80 10.93
N GLY A 46 11.65 19.44 10.88
CA GLY A 46 10.47 18.90 10.18
C GLY A 46 9.64 17.95 11.00
N VAL A 47 10.30 17.23 11.93
CA VAL A 47 9.63 16.30 12.79
C VAL A 47 8.87 16.98 13.93
N LYS A 48 7.54 16.97 13.85
CA LYS A 48 6.66 17.60 14.84
C LYS A 48 6.84 17.05 16.27
N PRO A 49 6.74 17.91 17.30
CA PRO A 49 6.76 17.41 18.68
C PRO A 49 5.41 16.83 19.12
N LEU A 50 5.44 16.07 20.20
CA LEU A 50 4.23 15.62 20.88
C LEU A 50 3.85 16.69 21.90
N ILE A 51 2.77 17.41 21.64
CA ILE A 51 2.29 18.45 22.56
C ILE A 51 1.12 17.91 23.36
N LEU A 52 1.37 17.55 24.61
CA LEU A 52 0.38 16.90 25.48
C LEU A 52 -0.73 17.83 25.91
N ARG A 53 -0.53 19.13 25.74
CA ARG A 53 -1.56 20.12 26.03
C ARG A 53 -1.96 20.04 27.52
N ASP A 54 -3.22 19.71 27.84
CA ASP A 54 -3.67 19.67 29.25
C ASP A 54 -3.43 18.30 29.90
N CYS A 55 -2.88 17.35 29.15
CA CYS A 55 -2.59 16.02 29.68
C CYS A 55 -1.15 15.93 30.19
N SER A 56 -0.94 15.07 31.18
CA SER A 56 0.39 14.73 31.68
C SER A 56 0.89 13.46 31.00
N VAL A 57 2.12 13.09 31.30
CA VAL A 57 2.71 11.86 30.77
C VAL A 57 1.94 10.64 31.28
N ALA A 58 1.48 10.72 32.53
CA ALA A 58 0.68 9.65 33.15
C ALA A 58 -0.70 9.53 32.49
N GLY A 59 -1.41 10.66 32.44
CA GLY A 59 -2.71 10.73 31.75
C GLY A 59 -2.63 10.15 30.35
N TRP A 60 -1.59 10.54 29.62
CA TRP A 60 -1.35 10.02 28.28
C TRP A 60 -1.15 8.51 28.28
N LEU A 61 -0.15 8.05 29.00
CA LEU A 61 0.27 6.63 28.92
C LEU A 61 -0.77 5.66 29.51
N LEU A 62 -1.33 5.99 30.66
CA LEU A 62 -2.40 5.17 31.27
C LEU A 62 -3.71 5.22 30.47
N GLY A 63 -3.90 6.29 29.69
CA GLY A 63 -5.07 6.42 28.81
C GLY A 63 -6.24 7.05 29.51
N ASN A 64 -5.97 8.17 30.17
CA ASN A 64 -7.02 8.98 30.79
C ASN A 64 -8.06 9.31 29.71
N PRO A 65 -9.35 9.04 29.99
CA PRO A 65 -10.44 9.28 29.01
C PRO A 65 -10.44 10.67 28.36
N MET A 66 -10.01 11.68 29.12
CA MET A 66 -9.87 13.05 28.61
C MET A 66 -8.67 13.24 27.66
N CYS A 67 -7.85 12.20 27.47
CA CYS A 67 -6.62 12.29 26.67
C CYS A 67 -6.65 11.39 25.44
N ASP A 68 -7.83 11.29 24.85
CA ASP A 68 -8.03 10.48 23.65
C ASP A 68 -7.32 11.05 22.43
N GLU A 69 -7.08 12.37 22.42
CA GLU A 69 -6.27 13.00 21.39
C GLU A 69 -4.96 12.24 21.15
N PHE A 70 -4.42 11.66 22.22
CA PHE A 70 -3.15 10.94 22.18
C PHE A 70 -3.33 9.42 22.26
N ILE A 71 -4.43 8.93 21.69
CA ILE A 71 -4.69 7.48 21.64
C ILE A 71 -3.62 6.72 20.83
N ASN A 72 -3.19 7.30 19.70
CA ASN A 72 -2.09 6.75 18.90
C ASN A 72 -1.27 7.82 18.22
N VAL A 73 -0.29 8.32 18.95
CA VAL A 73 0.54 9.43 18.48
C VAL A 73 1.66 8.95 17.57
N PRO A 74 1.95 9.73 16.51
CA PRO A 74 3.05 9.37 15.62
C PRO A 74 4.39 9.71 16.23
N GLU A 75 5.46 9.39 15.51
CA GLU A 75 6.82 9.72 15.93
C GLU A 75 6.95 11.20 16.30
N TRP A 76 7.70 11.50 17.37
CA TRP A 76 7.93 12.88 17.80
C TRP A 76 9.41 13.21 17.87
N SER A 77 9.71 14.50 17.84
CA SER A 77 11.07 15.00 18.01
C SER A 77 11.37 15.28 19.48
N TYR A 78 10.44 15.98 20.11
CA TYR A 78 10.49 16.23 21.55
C TYR A 78 9.08 16.25 22.10
N ILE A 79 8.95 16.28 23.43
CA ILE A 79 7.64 16.25 24.10
C ILE A 79 7.41 17.54 24.88
N VAL A 80 6.18 18.07 24.86
CA VAL A 80 5.85 19.30 25.58
C VAL A 80 4.74 19.06 26.57
N GLU A 81 5.01 19.39 27.82
CA GLU A 81 4.08 19.17 28.93
C GLU A 81 3.98 20.43 29.75
N LYS A 82 2.77 20.80 30.14
CA LYS A 82 2.59 21.98 30.99
C LYS A 82 3.14 21.71 32.41
N ALA A 83 3.25 22.76 33.19
CA ALA A 83 3.75 22.73 34.57
C ALA A 83 2.79 22.04 35.47
N ASN A 84 1.49 22.33 35.32
CA ASN A 84 0.44 21.70 36.13
C ASN A 84 -0.69 21.19 35.25
N PRO A 85 -0.46 20.11 34.49
CA PRO A 85 -1.52 19.63 33.61
C PRO A 85 -2.72 19.17 34.43
N VAL A 86 -3.93 19.57 34.02
CA VAL A 86 -5.14 19.28 34.78
C VAL A 86 -5.58 17.83 34.64
N ASN A 87 -5.37 17.26 33.46
CA ASN A 87 -5.72 15.86 33.18
C ASN A 87 -4.55 14.94 33.48
N ASP A 88 -4.36 14.67 34.77
CA ASP A 88 -3.32 13.76 35.23
C ASP A 88 -4.01 12.43 35.61
N LEU A 89 -3.89 11.98 36.87
CA LEU A 89 -4.57 10.77 37.32
C LEU A 89 -5.99 11.15 37.71
N CYS A 90 -6.95 10.80 36.85
CA CYS A 90 -8.35 11.13 37.08
C CYS A 90 -8.83 10.50 38.40
N TYR A 91 -8.60 9.20 38.54
CA TYR A 91 -8.80 8.49 39.81
C TYR A 91 -7.54 8.72 40.62
N PRO A 92 -7.67 9.29 41.84
CA PRO A 92 -6.47 9.69 42.59
C PRO A 92 -5.60 8.51 42.99
N GLY A 93 -4.31 8.78 43.16
CA GLY A 93 -3.36 7.76 43.56
C GLY A 93 -1.91 8.16 43.37
N ASP A 94 -1.08 7.17 43.03
CA ASP A 94 0.34 7.38 42.76
C ASP A 94 0.75 6.68 41.48
N PHE A 95 1.85 7.16 40.90
CA PHE A 95 2.50 6.48 39.81
C PHE A 95 3.89 6.14 40.33
N ASN A 96 4.15 4.84 40.48
CA ASN A 96 5.42 4.37 41.05
C ASN A 96 6.60 4.59 40.10
N ASP A 97 7.70 5.11 40.65
CA ASP A 97 8.89 5.46 39.88
C ASP A 97 8.58 6.28 38.62
N TYR A 98 7.71 7.27 38.80
CA TYR A 98 7.23 8.11 37.69
C TYR A 98 8.36 8.84 37.00
N GLU A 99 9.25 9.40 37.81
CA GLU A 99 10.35 10.21 37.34
C GLU A 99 11.35 9.35 36.54
N GLU A 100 11.64 8.15 37.04
CA GLU A 100 12.55 7.23 36.35
C GLU A 100 12.02 6.83 34.98
N LEU A 101 10.69 6.79 34.86
CA LEU A 101 10.05 6.47 33.59
C LEU A 101 10.12 7.65 32.62
N LYS A 102 9.79 8.84 33.13
CA LYS A 102 9.91 10.07 32.33
C LYS A 102 11.33 10.25 31.80
N HIS A 103 12.32 9.87 32.60
CA HIS A 103 13.71 9.90 32.13
C HIS A 103 13.94 8.91 30.98
N LEU A 104 13.34 7.73 31.12
CA LEU A 104 13.41 6.71 30.08
C LEU A 104 12.86 7.23 28.73
N LEU A 105 11.81 8.06 28.81
CA LEU A 105 11.17 8.69 27.64
C LEU A 105 12.03 9.65 26.85
N SER A 106 13.02 10.21 27.51
CA SER A 106 13.87 11.21 26.88
CA SER A 106 13.85 11.20 26.86
C SER A 106 14.82 10.50 25.90
N ARG A 107 14.86 9.17 25.96
CA ARG A 107 15.61 8.35 25.00
C ARG A 107 14.66 7.64 24.01
N ILE A 108 13.43 8.14 23.88
CA ILE A 108 12.41 7.51 23.02
C ILE A 108 11.70 8.53 22.12
N ASN A 109 11.60 8.21 20.83
CA ASN A 109 10.91 9.05 19.84
C ASN A 109 9.57 8.50 19.36
N HIS A 110 9.33 7.19 19.54
CA HIS A 110 8.10 6.58 19.01
C HIS A 110 7.66 5.33 19.77
N PHE A 111 6.37 5.31 20.12
CA PHE A 111 5.74 4.15 20.72
C PHE A 111 4.78 3.54 19.71
N GLU A 112 4.68 2.21 19.73
CA GLU A 112 3.65 1.46 18.97
C GLU A 112 2.79 0.71 19.99
N LYS A 113 1.56 1.16 20.19
CA LYS A 113 0.66 0.52 21.15
C LYS A 113 0.15 -0.81 20.59
N ILE A 114 0.24 -1.86 21.40
CA ILE A 114 -0.36 -3.15 21.03
C ILE A 114 -1.10 -3.79 22.20
N GLN A 115 -2.06 -4.65 21.86
CA GLN A 115 -2.84 -5.37 22.84
C GLN A 115 -2.10 -6.65 23.23
N ILE A 116 -1.86 -6.83 24.52
CA ILE A 116 -1.20 -8.02 25.06
C ILE A 116 -2.16 -8.96 25.80
N ILE A 117 -3.16 -8.40 26.50
CA ILE A 117 -4.20 -9.19 27.18
C ILE A 117 -5.58 -8.64 26.82
N PRO A 118 -6.30 -9.31 25.88
CA PRO A 118 -7.61 -8.82 25.45
C PRO A 118 -8.61 -8.65 26.59
N LYS A 119 -9.49 -7.67 26.44
CA LYS A 119 -10.53 -7.40 27.43
C LYS A 119 -11.57 -8.53 27.46
N SER A 120 -11.86 -9.11 26.30
CA SER A 120 -12.81 -10.21 26.15
C SER A 120 -12.35 -11.51 26.82
N SER A 121 -11.03 -11.69 26.94
CA SER A 121 -10.47 -12.95 27.44
C SER A 121 -10.61 -13.18 28.97
N TRP A 122 -11.19 -12.24 29.70
CA TRP A 122 -11.43 -12.40 31.14
C TRP A 122 -12.79 -13.07 31.38
N SER A 123 -12.85 -14.36 31.10
CA SER A 123 -14.11 -15.11 31.17
C SER A 123 -14.55 -15.51 32.59
N SER A 124 -13.67 -15.38 33.58
CA SER A 124 -13.99 -15.70 34.98
C SER A 124 -14.15 -14.48 35.88
N HIS A 125 -13.93 -13.28 35.32
CA HIS A 125 -14.01 -12.03 36.08
C HIS A 125 -14.78 -10.98 35.29
N GLU A 126 -15.33 -9.99 35.99
CA GLU A 126 -16.10 -8.93 35.36
C GLU A 126 -15.17 -7.77 34.96
N ALA A 127 -14.96 -7.62 33.66
CA ALA A 127 -13.98 -6.69 33.12
C ALA A 127 -14.59 -5.40 32.58
N SER A 128 -15.91 -5.32 32.50
CA SER A 128 -16.59 -4.20 31.86
C SER A 128 -17.33 -3.29 32.83
N LEU A 129 -17.15 -3.52 34.13
CA LEU A 129 -17.75 -2.67 35.16
C LEU A 129 -16.70 -1.96 36.00
N GLY A 130 -15.48 -1.86 35.47
CA GLY A 130 -14.36 -1.23 36.16
C GLY A 130 -14.25 0.25 35.85
N VAL A 131 -15.25 1.01 36.28
CA VAL A 131 -15.38 2.44 35.96
C VAL A 131 -15.59 3.31 37.20
N SER A 132 -15.54 4.62 37.02
CA SER A 132 -15.73 5.58 38.12
C SER A 132 -16.16 6.95 37.64
N SER A 133 -16.89 7.66 38.51
CA SER A 133 -17.26 9.07 38.26
C SER A 133 -16.05 10.00 38.27
N ALA A 134 -14.94 9.57 38.88
CA ALA A 134 -13.68 10.31 38.84
C ALA A 134 -13.06 10.39 37.44
N CYS A 135 -13.37 9.42 36.58
CA CYS A 135 -12.88 9.39 35.20
C CYS A 135 -14.03 9.44 34.20
N PRO A 136 -14.64 10.63 34.03
CA PRO A 136 -15.80 10.77 33.15
C PRO A 136 -15.44 10.88 31.67
N TYR A 137 -16.32 10.36 30.82
CA TYR A 137 -16.19 10.48 29.37
C TYR A 137 -17.57 10.65 28.74
N GLN A 138 -17.82 11.83 28.19
CA GLN A 138 -19.13 12.18 27.62
C GLN A 138 -20.27 11.98 28.62
N GLY A 139 -20.06 12.46 29.84
CA GLY A 139 -21.08 12.42 30.89
C GLY A 139 -21.29 11.09 31.60
N LYS A 140 -20.52 10.07 31.22
CA LYS A 140 -20.66 8.72 31.79
C LYS A 140 -19.37 8.34 32.49
N SER A 141 -19.48 7.41 33.45
CA SER A 141 -18.32 6.91 34.20
C SER A 141 -17.45 5.99 33.32
N SER A 142 -16.15 6.30 33.28
CA SER A 142 -15.21 5.56 32.44
C SER A 142 -13.96 5.23 33.27
N PHE A 143 -12.85 4.91 32.59
CA PHE A 143 -11.59 4.57 33.27
C PHE A 143 -10.41 4.58 32.30
N PHE A 144 -9.21 4.64 32.86
CA PHE A 144 -7.97 4.54 32.09
C PHE A 144 -8.12 3.44 31.02
N ARG A 145 -8.03 3.83 29.76
CA ARG A 145 -8.34 2.93 28.65
C ARG A 145 -7.37 1.78 28.41
N ASN A 146 -6.15 1.89 28.91
CA ASN A 146 -5.11 0.89 28.62
C ASN A 146 -4.99 -0.20 29.67
N VAL A 147 -5.71 -0.05 30.78
CA VAL A 147 -5.72 -1.03 31.85
C VAL A 147 -7.14 -1.39 32.22
N VAL A 148 -7.31 -2.59 32.77
CA VAL A 148 -8.63 -3.16 33.02
C VAL A 148 -8.84 -3.33 34.53
N TRP A 149 -9.79 -2.59 35.08
CA TRP A 149 -10.16 -2.74 36.49
C TRP A 149 -11.10 -3.95 36.65
N LEU A 150 -10.52 -5.09 37.06
CA LEU A 150 -11.28 -6.35 37.19
C LEU A 150 -11.95 -6.42 38.56
N ILE A 151 -13.20 -6.89 38.57
CA ILE A 151 -13.96 -7.15 39.80
C ILE A 151 -14.59 -8.54 39.78
N LYS A 152 -15.14 -8.95 40.92
CA LYS A 152 -15.77 -10.27 41.08
C LYS A 152 -16.94 -10.52 40.11
N LYS A 153 -17.13 -11.79 39.73
CA LYS A 153 -18.23 -12.19 38.85
C LYS A 153 -19.09 -13.27 39.55
N ASN A 154 -20.39 -13.00 39.65
CA ASN A 154 -21.34 -13.87 40.37
C ASN A 154 -20.89 -14.16 41.81
N SER A 155 -20.36 -13.13 42.49
CA SER A 155 -19.82 -13.24 43.84
C SER A 155 -18.66 -14.24 43.92
N THR A 156 -17.65 -14.05 43.09
CA THR A 156 -16.43 -14.88 43.16
C THR A 156 -15.27 -14.19 42.44
N TYR A 157 -14.13 -14.10 43.10
CA TYR A 157 -12.89 -13.66 42.47
C TYR A 157 -11.87 -14.81 42.58
N PRO A 158 -11.86 -15.71 41.57
CA PRO A 158 -10.87 -16.79 41.59
C PRO A 158 -9.47 -16.27 41.26
N THR A 159 -8.45 -17.02 41.68
CA THR A 159 -7.06 -16.59 41.51
C THR A 159 -6.74 -16.43 40.03
N ILE A 160 -6.22 -15.26 39.66
CA ILE A 160 -5.77 -14.97 38.29
C ILE A 160 -4.34 -15.45 38.10
N LYS A 161 -4.06 -16.09 36.98
CA LYS A 161 -2.71 -16.53 36.61
C LYS A 161 -2.53 -16.32 35.12
N ARG A 162 -1.96 -15.17 34.75
CA ARG A 162 -1.77 -14.82 33.35
C ARG A 162 -0.31 -14.61 33.03
N SER A 163 0.07 -15.03 31.81
CA SER A 163 1.42 -14.88 31.32
C SER A 163 1.43 -14.30 29.90
N TYR A 164 2.27 -13.30 29.66
CA TYR A 164 2.51 -12.80 28.31
C TYR A 164 4.00 -12.92 27.96
N ASN A 165 4.27 -13.41 26.75
CA ASN A 165 5.63 -13.64 26.26
C ASN A 165 5.93 -12.58 25.19
N ASN A 166 6.99 -11.80 25.40
CA ASN A 166 7.38 -10.78 24.44
C ASN A 166 8.05 -11.41 23.21
N THR A 167 7.23 -11.68 22.20
CA THR A 167 7.70 -12.25 20.93
C THR A 167 8.13 -11.17 19.92
N ASN A 168 7.94 -9.90 20.28
CA ASN A 168 8.34 -8.78 19.43
C ASN A 168 9.85 -8.60 19.47
N GLN A 169 10.40 -7.90 18.47
CA GLN A 169 11.82 -7.53 18.46
C GLN A 169 12.13 -6.39 19.42
N GLU A 170 11.11 -5.58 19.72
CA GLU A 170 11.28 -4.35 20.47
C GLU A 170 11.09 -4.60 21.96
N ASP A 171 11.79 -3.80 22.77
CA ASP A 171 11.52 -3.69 24.21
C ASP A 171 10.06 -3.26 24.36
N LEU A 172 9.39 -3.75 25.40
CA LEU A 172 7.98 -3.43 25.64
C LEU A 172 7.76 -2.77 26.99
N LEU A 173 7.09 -1.61 27.00
CA LEU A 173 6.70 -0.95 28.24
C LEU A 173 5.35 -1.49 28.68
N VAL A 174 5.33 -2.17 29.83
CA VAL A 174 4.11 -2.75 30.39
C VAL A 174 3.68 -1.97 31.63
N LEU A 175 2.39 -1.64 31.68
CA LEU A 175 1.80 -0.89 32.80
C LEU A 175 0.73 -1.72 33.48
N TRP A 176 0.70 -1.68 34.81
CA TRP A 176 -0.39 -2.29 35.59
C TRP A 176 -0.63 -1.49 36.87
N GLY A 177 -1.55 -1.95 37.70
CA GLY A 177 -1.88 -1.25 38.94
C GLY A 177 -2.55 -2.06 40.04
N ILE A 178 -2.73 -1.40 41.18
CA ILE A 178 -3.35 -2.00 42.36
C ILE A 178 -4.37 -0.99 42.88
N HIS A 179 -5.56 -1.47 43.26
CA HIS A 179 -6.58 -0.62 43.87
C HIS A 179 -6.53 -0.71 45.40
N HIS A 180 -6.42 0.45 46.06
CA HIS A 180 -6.45 0.56 47.51
C HIS A 180 -7.86 1.01 47.90
N PRO A 181 -8.65 0.12 48.52
CA PRO A 181 -10.03 0.48 48.84
C PRO A 181 -10.18 1.32 50.10
N LYS A 182 -11.36 1.93 50.25
CA LYS A 182 -11.72 2.78 51.38
C LYS A 182 -11.75 2.00 52.69
N ASP A 183 -12.53 0.91 52.73
CA ASP A 183 -12.70 0.11 53.97
C ASP A 183 -12.90 -1.39 53.69
N ALA A 184 -12.89 -2.20 54.75
CA ALA A 184 -13.06 -3.65 54.65
C ALA A 184 -14.34 -4.07 53.91
N ALA A 185 -15.41 -3.30 54.05
CA ALA A 185 -16.68 -3.57 53.37
C ALA A 185 -16.54 -3.45 51.87
N GLU A 186 -15.92 -2.37 51.42
CA GLU A 186 -15.67 -2.14 49.98
C GLU A 186 -14.77 -3.24 49.37
N GLN A 187 -13.79 -3.73 50.13
CA GLN A 187 -12.90 -4.81 49.67
C GLN A 187 -13.70 -6.06 49.29
N THR A 188 -14.53 -6.54 50.22
CA THR A 188 -15.36 -7.72 49.97
C THR A 188 -16.47 -7.41 48.94
N LYS A 189 -16.95 -6.17 48.93
CA LYS A 189 -17.95 -5.72 47.95
C LYS A 189 -17.45 -5.85 46.51
N LEU A 190 -16.20 -5.45 46.27
CA LEU A 190 -15.61 -5.49 44.93
C LEU A 190 -14.93 -6.82 44.58
N TYR A 191 -14.22 -7.41 45.55
CA TYR A 191 -13.35 -8.56 45.29
C TYR A 191 -13.60 -9.81 46.15
N GLN A 192 -14.57 -9.75 47.07
CA GLN A 192 -14.88 -10.85 48.01
C GLN A 192 -13.78 -11.13 49.05
N ASN A 193 -12.61 -11.53 48.57
CA ASN A 193 -11.52 -11.99 49.42
C ASN A 193 -11.01 -10.84 50.29
N PRO A 194 -10.95 -11.05 51.63
CA PRO A 194 -10.55 -9.95 52.51
C PRO A 194 -9.05 -9.64 52.47
N THR A 195 -8.22 -10.67 52.26
CA THR A 195 -6.76 -10.50 52.14
C THR A 195 -6.32 -10.90 50.74
N THR A 196 -5.84 -9.92 49.96
CA THR A 196 -5.46 -10.16 48.57
C THR A 196 -4.03 -9.72 48.30
N TYR A 197 -3.59 -9.90 47.06
CA TYR A 197 -2.25 -9.54 46.65
C TYR A 197 -2.15 -9.53 45.13
N ILE A 198 -1.04 -8.99 44.62
CA ILE A 198 -0.67 -9.11 43.22
C ILE A 198 0.82 -9.46 43.17
N SER A 199 1.14 -10.60 42.57
CA SER A 199 2.54 -10.99 42.39
C SER A 199 2.93 -10.87 40.91
N VAL A 200 4.02 -10.17 40.64
CA VAL A 200 4.48 -9.93 39.28
C VAL A 200 5.93 -10.40 39.15
N GLY A 201 6.20 -11.19 38.11
CA GLY A 201 7.55 -11.73 37.86
C GLY A 201 7.96 -11.61 36.41
N THR A 202 9.25 -11.37 36.19
CA THR A 202 9.87 -11.43 34.86
C THR A 202 11.25 -12.06 35.03
N SER A 203 12.10 -11.93 34.02
CA SER A 203 13.52 -12.29 34.11
C SER A 203 14.19 -11.65 35.33
N THR A 204 13.99 -10.34 35.49
CA THR A 204 14.58 -9.59 36.61
C THR A 204 13.58 -9.33 37.75
N LEU A 205 12.33 -9.00 37.39
CA LEU A 205 11.36 -8.55 38.38
C LEU A 205 10.88 -9.67 39.32
N ASN A 206 10.74 -9.33 40.59
CA ASN A 206 10.17 -10.24 41.61
C ASN A 206 9.31 -9.45 42.60
N GLN A 207 8.09 -9.11 42.19
CA GLN A 207 7.23 -8.20 42.95
C GLN A 207 6.07 -8.94 43.62
N ARG A 208 5.64 -8.41 44.77
CA ARG A 208 4.40 -8.82 45.41
C ARG A 208 3.76 -7.63 46.12
N LEU A 209 2.64 -7.15 45.58
CA LEU A 209 1.94 -5.99 46.11
C LEU A 209 0.78 -6.43 46.98
N VAL A 210 0.51 -5.68 48.05
CA VAL A 210 -0.66 -5.92 48.89
C VAL A 210 -1.43 -4.62 49.05
N PRO A 211 -2.78 -4.68 48.93
CA PRO A 211 -3.55 -3.45 49.11
C PRO A 211 -3.53 -2.96 50.54
N ARG A 212 -3.18 -1.69 50.71
CA ARG A 212 -3.24 -1.02 51.99
C ARG A 212 -4.57 -0.27 52.15
N ILE A 213 -5.25 -0.53 53.26
CA ILE A 213 -6.54 0.09 53.57
C ILE A 213 -6.36 1.19 54.60
N ALA A 214 -7.04 2.31 54.37
CA ALA A 214 -7.01 3.44 55.30
C ALA A 214 -8.11 4.44 54.95
N THR A 215 -8.52 5.21 55.96
CA THR A 215 -9.39 6.36 55.74
C THR A 215 -8.55 7.47 55.09
N ARG A 216 -9.00 7.95 53.94
CA ARG A 216 -8.28 8.94 53.17
C ARG A 216 -9.22 10.06 52.73
N SER A 217 -8.66 11.25 52.55
CA SER A 217 -9.42 12.40 52.05
C SER A 217 -9.93 12.14 50.65
N LYS A 218 -11.02 12.81 50.28
CA LYS A 218 -11.64 12.60 48.97
C LYS A 218 -11.04 13.51 47.89
N VAL A 219 -10.25 12.91 47.00
CA VAL A 219 -9.74 13.58 45.82
C VAL A 219 -10.59 13.11 44.64
N ASN A 220 -11.13 14.06 43.88
CA ASN A 220 -12.10 13.76 42.83
C ASN A 220 -13.27 12.89 43.35
N GLY A 221 -13.65 13.12 44.61
CA GLY A 221 -14.70 12.34 45.25
C GLY A 221 -14.40 10.87 45.50
N GLN A 222 -13.12 10.51 45.62
CA GLN A 222 -12.74 9.12 45.89
C GLN A 222 -11.88 9.04 47.14
N SER A 223 -12.23 8.12 48.04
CA SER A 223 -11.40 7.77 49.20
C SER A 223 -10.47 6.59 48.88
N GLY A 224 -10.77 5.84 47.82
CA GLY A 224 -9.90 4.80 47.31
C GLY A 224 -8.76 5.39 46.49
N ARG A 225 -7.70 4.61 46.30
CA ARG A 225 -6.50 5.04 45.57
C ARG A 225 -6.03 3.98 44.57
N MET A 226 -5.38 4.43 43.51
CA MET A 226 -4.77 3.55 42.52
C MET A 226 -3.28 3.81 42.48
N GLU A 227 -2.49 2.79 42.75
CA GLU A 227 -1.02 2.87 42.67
C GLU A 227 -0.58 2.13 41.41
N PHE A 228 0.11 2.81 40.51
CA PHE A 228 0.47 2.24 39.22
C PHE A 228 1.95 1.92 39.14
N PHE A 229 2.25 0.79 38.50
CA PHE A 229 3.62 0.30 38.37
C PHE A 229 3.94 0.00 36.92
N TRP A 230 5.23 -0.15 36.63
CA TRP A 230 5.68 -0.42 35.27
C TRP A 230 6.93 -1.26 35.23
N THR A 231 7.20 -1.83 34.06
CA THR A 231 8.49 -2.47 33.77
C THR A 231 8.74 -2.50 32.26
N ILE A 232 10.01 -2.69 31.90
CA ILE A 232 10.41 -2.90 30.51
C ILE A 232 10.64 -4.38 30.34
N LEU A 233 9.78 -5.01 29.54
CA LEU A 233 9.88 -6.43 29.24
C LEU A 233 10.74 -6.58 28.01
N LYS A 234 11.92 -7.18 28.16
CA LYS A 234 12.86 -7.32 27.05
C LYS A 234 12.40 -8.44 26.11
N PRO A 235 12.89 -8.43 24.86
CA PRO A 235 12.44 -9.46 23.91
C PRO A 235 12.76 -10.88 24.36
N ASN A 236 11.89 -11.82 24.00
CA ASN A 236 12.02 -13.21 24.43
C ASN A 236 11.84 -13.44 25.92
N ASP A 237 11.43 -12.42 26.69
CA ASP A 237 11.14 -12.59 28.12
C ASP A 237 9.63 -12.60 28.34
N ALA A 238 9.21 -13.24 29.42
CA ALA A 238 7.79 -13.38 29.75
C ALA A 238 7.48 -12.68 31.07
N ILE A 239 6.30 -12.02 31.14
CA ILE A 239 5.80 -11.44 32.39
C ILE A 239 4.68 -12.30 32.95
N ASN A 240 4.71 -12.52 34.27
CA ASN A 240 3.78 -13.42 34.95
C ASN A 240 3.00 -12.71 36.06
N PHE A 241 1.68 -12.76 36.00
CA PHE A 241 0.81 -12.17 37.01
C PHE A 241 0.11 -13.24 37.81
N GLU A 242 -0.11 -12.97 39.09
CA GLU A 242 -0.99 -13.78 39.94
C GLU A 242 -1.66 -12.85 40.95
N SER A 243 -2.97 -13.02 41.16
CA SER A 243 -3.69 -12.13 42.09
C SER A 243 -5.02 -12.69 42.64
N ASN A 244 -5.32 -12.28 43.87
CA ASN A 244 -6.60 -12.56 44.56
C ASN A 244 -7.65 -11.47 44.36
N GLY A 245 -7.23 -10.30 43.92
CA GLY A 245 -8.11 -9.14 43.80
C GLY A 245 -7.31 -7.87 43.80
N ASN A 246 -8.02 -6.76 43.55
CA ASN A 246 -7.44 -5.41 43.51
C ASN A 246 -6.49 -5.21 42.31
N PHE A 247 -6.55 -6.11 41.33
CA PHE A 247 -5.61 -6.11 40.21
C PHE A 247 -6.15 -5.20 39.11
N ILE A 248 -5.30 -4.29 38.64
CA ILE A 248 -5.61 -3.44 37.50
C ILE A 248 -4.76 -3.99 36.37
N ALA A 249 -5.36 -4.83 35.54
CA ALA A 249 -4.62 -5.63 34.58
C ALA A 249 -4.28 -4.82 33.33
N PRO A 250 -3.11 -5.09 32.71
CA PRO A 250 -2.84 -4.47 31.41
C PRO A 250 -3.77 -4.97 30.32
N GLU A 251 -4.17 -4.08 29.42
CA GLU A 251 -4.76 -4.48 28.15
C GLU A 251 -3.80 -4.14 27.02
N TYR A 252 -3.41 -2.87 26.96
CA TYR A 252 -2.48 -2.37 25.95
C TYR A 252 -1.13 -2.04 26.57
N ALA A 253 -0.08 -2.37 25.84
CA ALA A 253 1.29 -1.99 26.19
C ALA A 253 1.97 -1.37 24.96
N TYR A 254 3.06 -0.64 25.18
CA TYR A 254 3.73 0.15 24.14
C TYR A 254 5.05 -0.48 23.70
N LYS A 255 5.18 -0.76 22.40
CA LYS A 255 6.45 -1.19 21.84
C LYS A 255 7.33 0.01 21.69
N ILE A 256 8.58 -0.18 22.02
CA ILE A 256 9.56 0.87 21.85
C ILE A 256 10.24 0.62 20.51
N VAL A 257 9.76 1.29 19.47
CA VAL A 257 10.26 1.06 18.11
C VAL A 257 11.46 1.93 17.74
N LYS A 258 11.43 3.18 18.16
CA LYS A 258 12.50 4.13 17.83
C LYS A 258 13.10 4.73 19.10
N LYS A 259 14.40 4.50 19.30
CA LYS A 259 15.16 5.11 20.38
C LYS A 259 16.08 6.17 19.80
N GLY A 260 16.14 7.33 20.43
CA GLY A 260 17.03 8.40 20.00
C GLY A 260 17.02 9.61 20.92
N ASP A 261 17.49 10.75 20.41
CA ASP A 261 17.50 11.98 21.18
C ASP A 261 16.12 12.59 21.29
N SER A 262 15.72 12.87 22.52
CA SER A 262 14.45 13.52 22.80
C SER A 262 14.56 14.22 24.14
N THR A 263 13.46 14.85 24.56
CA THR A 263 13.40 15.53 25.85
C THR A 263 11.94 15.87 26.16
N ILE A 264 11.64 15.99 27.45
CA ILE A 264 10.35 16.48 27.90
C ILE A 264 10.55 17.92 28.30
N MET A 265 9.87 18.81 27.60
CA MET A 265 10.07 20.25 27.73
C MET A 265 8.86 20.83 28.47
N LYS A 266 9.09 21.56 29.59
CA LYS A 266 8.02 22.17 30.40
C LYS A 266 7.68 23.57 29.85
N SER A 267 6.43 23.76 29.43
CA SER A 267 6.02 24.97 28.75
C SER A 267 4.50 25.08 28.70
N GLU A 268 4.03 26.31 28.80
CA GLU A 268 2.59 26.60 28.73
C GLU A 268 2.15 26.94 27.30
N LEU A 269 3.12 27.05 26.38
CA LEU A 269 2.85 27.41 25.01
C LEU A 269 2.23 26.26 24.25
N GLU A 270 1.55 26.61 23.16
CA GLU A 270 0.91 25.65 22.25
C GLU A 270 1.71 25.62 20.94
N TYR A 271 1.23 24.82 19.99
CA TYR A 271 1.90 24.61 18.70
C TYR A 271 1.92 25.87 17.84
N GLY A 272 3.09 26.19 17.27
CA GLY A 272 3.28 27.42 16.51
C GLY A 272 3.02 27.34 15.01
N ASN A 273 2.76 26.14 14.48
CA ASN A 273 2.67 25.88 13.03
C ASN A 273 3.93 26.38 12.33
N CYS A 274 5.03 25.68 12.57
CA CYS A 274 6.35 26.29 12.53
C CYS A 274 7.47 25.25 12.39
N ASN A 275 8.64 25.67 11.88
CA ASN A 275 9.81 24.79 11.78
C ASN A 275 11.12 25.47 12.18
N THR A 276 12.01 24.72 12.84
CA THR A 276 13.29 25.25 13.37
C THR A 276 14.33 24.14 13.53
N LYS A 277 15.59 24.53 13.71
CA LYS A 277 16.69 23.60 14.00
C LYS A 277 17.06 23.57 15.49
N CYS A 278 16.51 24.48 16.29
CA CYS A 278 16.85 24.60 17.70
C CYS A 278 15.67 25.15 18.47
N GLN A 279 15.22 24.40 19.48
CA GLN A 279 14.02 24.76 20.23
C GLN A 279 14.31 24.96 21.71
N THR A 280 13.65 25.97 22.29
CA THR A 280 13.64 26.18 23.74
C THR A 280 12.20 26.23 24.24
N PRO A 281 12.01 26.07 25.57
CA PRO A 281 10.67 26.18 26.17
C PRO A 281 9.99 27.55 25.99
N MET A 282 10.77 28.58 25.68
CA MET A 282 10.25 29.93 25.44
C MET A 282 10.04 30.25 23.96
N GLY A 283 10.66 29.46 23.08
CA GLY A 283 10.56 29.70 21.65
C GLY A 283 11.78 29.15 20.94
N ALA A 284 11.73 29.17 19.59
CA ALA A 284 12.77 28.58 18.76
C ALA A 284 13.85 29.59 18.37
N ILE A 285 14.99 29.06 17.91
CA ILE A 285 16.18 29.87 17.60
C ILE A 285 16.67 29.60 16.18
N ASN A 286 16.87 30.69 15.43
CA ASN A 286 17.36 30.63 14.08
C ASN A 286 18.53 31.58 13.98
N SER A 287 19.71 31.06 14.25
CA SER A 287 20.90 31.89 14.45
C SER A 287 22.17 31.13 14.15
N SER A 288 23.15 31.86 13.65
CA SER A 288 24.49 31.34 13.38
C SER A 288 25.49 31.82 14.44
N MET A 289 24.98 32.42 15.50
CA MET A 289 25.84 32.86 16.61
C MET A 289 26.34 31.65 17.39
N PRO A 290 27.56 31.73 17.97
CA PRO A 290 28.04 30.64 18.83
C PRO A 290 27.40 30.59 20.22
N PHE A 291 26.79 31.68 20.67
CA PHE A 291 26.16 31.75 21.98
C PHE A 291 24.74 32.26 21.90
N HIS A 292 23.96 31.96 22.93
CA HIS A 292 22.66 32.58 23.13
C HIS A 292 22.36 32.71 24.61
N ASN A 293 21.32 33.49 24.95
CA ASN A 293 20.90 33.69 26.34
C ASN A 293 19.39 33.56 26.58
N ILE A 294 18.74 32.77 25.72
CA ILE A 294 17.30 32.55 25.79
C ILE A 294 16.90 31.68 26.97
N HIS A 295 17.44 30.46 27.01
CA HIS A 295 17.04 29.45 28.00
C HIS A 295 18.04 28.29 28.00
N PRO A 296 18.40 27.75 29.19
CA PRO A 296 19.41 26.69 29.22
C PRO A 296 19.00 25.34 28.63
N LEU A 297 17.75 24.93 28.84
CA LEU A 297 17.22 23.67 28.28
C LEU A 297 16.84 23.77 26.81
N THR A 298 17.71 23.27 25.93
CA THR A 298 17.42 23.29 24.49
C THR A 298 17.53 21.91 23.88
N ILE A 299 17.07 21.80 22.64
CA ILE A 299 17.19 20.58 21.88
C ILE A 299 17.43 20.92 20.41
N GLY A 300 18.31 20.16 19.76
CA GLY A 300 18.68 20.38 18.36
C GLY A 300 20.10 20.89 18.21
N GLU A 301 20.39 21.46 17.04
CA GLU A 301 21.70 22.06 16.73
C GLU A 301 21.69 23.49 17.26
N CYS A 302 22.18 23.67 18.48
CA CYS A 302 22.03 24.94 19.18
C CYS A 302 23.35 25.64 19.52
N PRO A 303 23.29 26.98 19.66
CA PRO A 303 24.40 27.67 20.28
C PRO A 303 24.52 27.31 21.76
N LYS A 304 25.64 27.70 22.37
CA LYS A 304 25.88 27.42 23.78
C LYS A 304 25.21 28.50 24.62
N TYR A 305 24.54 28.09 25.67
CA TYR A 305 23.80 29.02 26.53
C TYR A 305 24.75 29.69 27.51
N VAL A 306 24.62 31.00 27.65
CA VAL A 306 25.31 31.76 28.70
C VAL A 306 24.36 32.75 29.34
N LYS A 307 24.69 33.20 30.54
CA LYS A 307 23.86 34.16 31.28
C LYS A 307 24.08 35.62 30.87
N SER A 308 24.98 35.88 29.91
CA SER A 308 25.34 37.25 29.55
C SER A 308 24.22 38.03 28.93
N ASN A 309 24.27 39.34 29.14
CA ASN A 309 23.39 40.28 28.46
C ASN A 309 23.98 40.75 27.15
N ARG A 310 25.30 40.61 26.99
CA ARG A 310 26.00 41.19 25.85
C ARG A 310 27.37 40.52 25.69
N LEU A 311 27.69 40.04 24.49
CA LEU A 311 29.05 39.54 24.17
C LEU A 311 29.49 40.02 22.80
N VAL A 312 30.42 40.97 22.78
CA VAL A 312 30.84 41.61 21.55
C VAL A 312 32.35 41.65 21.45
N LEU A 313 32.88 40.99 20.41
CA LEU A 313 34.32 40.97 20.13
C LEU A 313 34.75 42.12 19.22
N ALA A 314 35.88 42.72 19.55
CA ALA A 314 36.52 43.69 18.68
C ALA A 314 37.18 42.94 17.52
N THR A 315 36.96 43.47 16.32
CA THR A 315 37.67 43.02 15.14
C THR A 315 38.54 44.15 14.64
N GLY A 316 37.93 45.32 14.48
CA GLY A 316 38.68 46.51 14.05
C GLY A 316 39.46 47.15 15.18
N LEU A 317 39.76 48.43 15.01
CA LEU A 317 40.62 49.14 15.91
C LEU A 317 39.89 50.34 16.48
N ARG A 318 40.53 50.98 17.45
CA ARG A 318 39.95 52.11 18.17
C ARG A 318 39.58 53.23 17.20
N ASN A 319 38.29 53.59 17.18
CA ASN A 319 37.82 54.60 16.26
C ASN A 319 37.98 56.01 16.83
N SER A 320 38.32 56.95 15.96
CA SER A 320 38.69 58.30 16.37
C SER A 320 37.48 59.26 16.38
N PRO A 321 37.46 60.22 17.34
CA PRO A 321 36.66 61.44 17.14
C PRO A 321 37.27 62.34 16.08
N GLY B 1 47.13 53.67 23.79
CA GLY B 1 47.44 52.21 23.64
C GLY B 1 48.86 51.90 24.05
N LEU B 2 49.10 50.62 24.30
CA LEU B 2 50.40 50.21 24.80
C LEU B 2 51.57 50.64 23.92
N PHE B 3 51.36 50.70 22.62
CA PHE B 3 52.46 50.92 21.68
C PHE B 3 52.64 52.37 21.25
N GLY B 4 51.72 53.23 21.66
CA GLY B 4 51.90 54.67 21.55
C GLY B 4 51.59 55.30 20.22
N ALA B 5 51.21 54.48 19.23
CA ALA B 5 50.97 55.01 17.90
C ALA B 5 49.52 55.48 17.77
N ILE B 6 48.56 54.54 17.86
CA ILE B 6 47.16 54.85 17.65
C ILE B 6 46.68 55.76 18.75
N ALA B 7 46.09 56.87 18.34
CA ALA B 7 45.66 57.93 19.25
C ALA B 7 46.80 58.30 20.19
N GLY B 8 48.02 58.33 19.65
CA GLY B 8 49.21 58.72 20.40
C GLY B 8 49.98 59.75 19.60
N PHE B 9 51.15 59.37 19.07
CA PHE B 9 51.91 60.31 18.23
C PHE B 9 51.27 60.42 16.84
N ILE B 10 50.47 59.43 16.46
CA ILE B 10 49.57 59.55 15.31
C ILE B 10 48.19 59.90 15.88
N GLU B 11 47.83 61.17 15.74
CA GLU B 11 46.70 61.75 16.49
C GLU B 11 45.38 61.11 16.21
N GLY B 12 45.13 60.82 14.94
CA GLY B 12 43.87 60.21 14.52
C GLY B 12 44.00 59.35 13.28
N GLY B 13 42.96 58.56 13.03
CA GLY B 13 42.89 57.76 11.82
C GLY B 13 42.49 58.56 10.58
N TRP B 14 42.35 57.86 9.46
CA TRP B 14 42.04 58.45 8.17
C TRP B 14 40.77 57.84 7.59
N GLN B 15 39.74 58.67 7.48
CA GLN B 15 38.53 58.31 6.74
C GLN B 15 38.84 57.96 5.29
N GLY B 16 39.82 58.66 4.73
CA GLY B 16 40.19 58.54 3.31
C GLY B 16 40.93 57.28 2.88
N MET B 17 41.44 56.49 3.83
CA MET B 17 42.06 55.20 3.51
C MET B 17 41.08 54.08 3.76
N VAL B 18 40.47 53.61 2.68
CA VAL B 18 39.33 52.73 2.78
C VAL B 18 39.72 51.28 2.63
N ASP B 19 40.88 51.09 2.03
CA ASP B 19 41.28 49.82 1.42
C ASP B 19 42.10 48.87 2.26
N GLY B 20 42.37 49.31 3.46
CA GLY B 20 43.21 48.58 4.37
C GLY B 20 43.15 49.22 5.74
N TRP B 21 43.73 48.53 6.70
CA TRP B 21 43.68 48.99 8.06
C TRP B 21 44.83 49.97 8.37
N TYR B 22 45.98 49.73 7.74
CA TYR B 22 47.15 50.57 7.90
C TYR B 22 47.71 50.90 6.54
N GLY B 23 48.39 52.05 6.45
CA GLY B 23 49.00 52.44 5.19
C GLY B 23 49.67 53.80 5.21
N TYR B 24 49.82 54.35 4.01
CA TYR B 24 50.66 55.51 3.77
C TYR B 24 49.85 56.65 3.19
N HIS B 25 50.22 57.87 3.53
CA HIS B 25 49.75 59.06 2.80
C HIS B 25 50.95 59.82 2.30
N HIS B 26 50.99 60.08 0.99
CA HIS B 26 52.15 60.72 0.37
C HIS B 26 51.73 62.08 -0.14
N SER B 27 52.71 62.97 -0.25
CA SER B 27 52.47 64.33 -0.69
C SER B 27 53.71 64.90 -1.35
N ASN B 28 53.62 65.16 -2.66
CA ASN B 28 54.75 65.71 -3.42
C ASN B 28 54.24 66.66 -4.53
N GLU B 29 55.12 67.01 -5.48
CA GLU B 29 54.76 67.93 -6.56
C GLU B 29 53.72 67.38 -7.54
N GLN B 30 53.68 66.06 -7.69
CA GLN B 30 52.73 65.41 -8.59
C GLN B 30 51.33 65.30 -8.00
N GLY B 31 51.23 65.39 -6.67
CA GLY B 31 49.94 65.26 -5.98
C GLY B 31 50.07 64.52 -4.67
N SER B 32 48.96 63.97 -4.21
CA SER B 32 48.91 63.32 -2.92
C SER B 32 47.85 62.25 -2.88
N GLY B 33 47.92 61.37 -1.88
CA GLY B 33 46.91 60.33 -1.72
C GLY B 33 47.23 59.27 -0.68
N TYR B 34 46.28 58.36 -0.51
CA TYR B 34 46.40 57.27 0.42
C TYR B 34 46.74 55.97 -0.29
N ALA B 35 47.51 55.11 0.36
CA ALA B 35 47.75 53.77 -0.13
C ALA B 35 47.85 52.81 1.02
N ALA B 36 47.04 51.76 1.00
CA ALA B 36 47.05 50.77 2.06
C ALA B 36 48.28 49.86 1.97
N ASP B 37 48.82 49.49 3.12
CA ASP B 37 49.88 48.52 3.20
C ASP B 37 49.18 47.23 3.38
N LYS B 38 49.08 46.48 2.31
CA LYS B 38 48.26 45.29 2.29
C LYS B 38 48.85 44.18 3.15
N GLU B 39 50.17 43.98 3.07
CA GLU B 39 50.78 42.88 3.78
C GLU B 39 50.58 43.01 5.27
N SER B 40 50.85 44.19 5.82
CA SER B 40 50.62 44.42 7.25
C SER B 40 49.16 44.22 7.56
N THR B 41 48.31 44.64 6.62
CA THR B 41 46.87 44.51 6.74
C THR B 41 46.41 43.06 6.74
N GLN B 42 46.91 42.28 5.80
CA GLN B 42 46.51 40.88 5.69
C GLN B 42 47.01 40.05 6.83
N LYS B 43 48.19 40.37 7.33
CA LYS B 43 48.70 39.78 8.57
C LYS B 43 47.70 39.98 9.69
N ALA B 44 47.19 41.21 9.84
CA ALA B 44 46.22 41.55 10.88
C ALA B 44 44.92 40.81 10.70
N ILE B 45 44.46 40.69 9.46
CA ILE B 45 43.24 39.95 9.19
C ILE B 45 43.38 38.47 9.51
N ASP B 46 44.52 37.87 9.21
CA ASP B 46 44.76 36.46 9.56
C ASP B 46 44.79 36.22 11.08
N GLY B 47 45.43 37.13 11.82
CA GLY B 47 45.50 37.00 13.25
C GLY B 47 44.14 37.12 13.93
N VAL B 48 43.39 38.14 13.56
CA VAL B 48 42.09 38.39 14.15
C VAL B 48 41.12 37.29 13.78
N THR B 49 41.17 36.83 12.53
CA THR B 49 40.34 35.70 12.10
C THR B 49 40.62 34.45 12.93
N ASN B 50 41.90 34.08 13.04
CA ASN B 50 42.28 32.93 13.84
C ASN B 50 41.81 33.07 15.27
N LYS B 51 41.89 34.29 15.81
CA LYS B 51 41.47 34.56 17.18
C LYS B 51 39.99 34.28 17.39
N VAL B 52 39.17 34.83 16.51
CA VAL B 52 37.74 34.65 16.64
C VAL B 52 37.41 33.17 16.59
N ASN B 53 37.96 32.47 15.60
CA ASN B 53 37.72 31.02 15.46
C ASN B 53 38.25 30.24 16.65
N SER B 54 39.41 30.65 17.19
CA SER B 54 39.96 30.03 18.41
C SER B 54 39.00 30.23 19.56
N ILE B 55 38.45 31.43 19.72
CA ILE B 55 37.46 31.72 20.77
C ILE B 55 36.20 30.89 20.60
N ILE B 56 35.57 31.01 19.44
CA ILE B 56 34.38 30.22 19.14
C ILE B 56 34.62 28.74 19.44
N ASP B 57 35.72 28.21 18.92
CA ASP B 57 35.98 26.78 18.98
C ASP B 57 36.32 26.26 20.38
N LYS B 58 37.04 27.04 21.17
CA LYS B 58 37.32 26.68 22.58
C LYS B 58 36.06 26.55 23.44
N MET B 59 35.03 27.32 23.11
CA MET B 59 33.75 27.28 23.84
C MET B 59 32.81 26.20 23.25
N ASN B 60 33.30 25.42 22.26
CA ASN B 60 32.57 24.33 21.59
C ASN B 60 32.11 23.25 22.57
N THR B 61 33.06 22.65 23.30
CA THR B 61 32.68 21.71 24.37
C THR B 61 32.38 22.53 25.60
N GLN B 62 31.14 22.44 26.08
CA GLN B 62 30.67 23.23 27.22
C GLN B 62 29.39 22.62 27.78
N PHE B 63 29.12 22.89 29.06
CA PHE B 63 28.02 22.28 29.78
C PHE B 63 26.65 22.46 29.12
N GLU B 64 25.94 21.35 28.94
CA GLU B 64 24.59 21.34 28.42
C GLU B 64 23.69 20.77 29.51
N ALA B 65 22.71 21.59 29.90
CA ALA B 65 21.77 21.20 30.95
C ALA B 65 20.72 20.23 30.40
N VAL B 66 20.29 19.30 31.24
CA VAL B 66 19.21 18.38 30.92
C VAL B 66 18.09 18.52 31.95
N GLY B 67 16.87 18.30 31.53
CA GLY B 67 15.72 18.33 32.44
C GLY B 67 15.67 17.06 33.30
N ARG B 68 15.61 17.23 34.61
CA ARG B 68 15.40 16.13 35.56
C ARG B 68 14.37 16.55 36.58
N GLU B 69 13.41 15.69 36.89
CA GLU B 69 12.35 16.02 37.81
C GLU B 69 12.39 15.12 39.02
N PHE B 70 11.85 15.63 40.14
CA PHE B 70 11.96 14.99 41.44
C PHE B 70 10.65 15.16 42.24
N ASN B 71 10.28 14.16 43.02
CA ASN B 71 9.04 14.24 43.79
C ASN B 71 9.18 15.11 45.04
N ASN B 72 8.11 15.18 45.83
CA ASN B 72 8.06 16.04 47.02
C ASN B 72 9.00 15.65 48.16
N LEU B 73 9.35 14.36 48.25
CA LEU B 73 10.33 13.88 49.23
C LEU B 73 11.71 13.58 48.60
N GLU B 74 12.09 14.33 47.56
CA GLU B 74 13.43 14.29 46.97
C GLU B 74 13.99 15.71 46.84
N ARG B 75 13.75 16.53 47.85
CA ARG B 75 14.14 17.94 47.79
C ARG B 75 15.64 18.13 47.82
N ARG B 76 16.34 17.29 48.56
CA ARG B 76 17.80 17.41 48.68
C ARG B 76 18.46 17.28 47.33
N ILE B 77 18.19 16.18 46.62
CA ILE B 77 18.81 15.96 45.30
C ILE B 77 18.29 16.91 44.25
N GLU B 78 17.04 17.37 44.38
CA GLU B 78 16.53 18.40 43.48
C GLU B 78 17.37 19.66 43.63
N ASN B 79 17.65 20.05 44.87
CA ASN B 79 18.48 21.20 45.17
C ASN B 79 19.90 21.01 44.65
N LEU B 80 20.42 19.80 44.82
CA LEU B 80 21.74 19.44 44.35
C LEU B 80 21.80 19.64 42.86
N ASN B 81 20.81 19.09 42.17
CA ASN B 81 20.72 19.18 40.72
C ASN B 81 20.71 20.63 40.24
N LYS B 82 19.93 21.46 40.94
CA LYS B 82 19.81 22.88 40.58
C LYS B 82 21.11 23.63 40.80
N LYS B 83 21.71 23.44 41.97
CA LYS B 83 23.00 24.05 42.30
C LYS B 83 24.09 23.62 41.32
N MET B 84 24.05 22.36 40.89
CA MET B 84 25.01 21.82 39.95
C MET B 84 24.87 22.51 38.60
N GLU B 85 23.64 22.61 38.10
CA GLU B 85 23.43 23.19 36.77
C GLU B 85 23.72 24.68 36.72
N ASP B 86 23.22 25.42 37.71
CA ASP B 86 23.55 26.85 37.88
C ASP B 86 25.04 27.11 38.02
N GLY B 87 25.70 26.24 38.78
CA GLY B 87 27.14 26.37 39.03
C GLY B 87 27.94 26.37 37.74
N PHE B 88 27.64 25.42 36.85
CA PHE B 88 28.33 25.32 35.57
C PHE B 88 28.01 26.48 34.65
N LEU B 89 26.76 26.94 34.67
CA LEU B 89 26.39 28.11 33.85
C LEU B 89 27.17 29.34 34.26
N ASP B 90 27.28 29.57 35.57
CA ASP B 90 28.04 30.71 36.08
C ASP B 90 29.52 30.63 35.71
N VAL B 91 30.08 29.42 35.79
CA VAL B 91 31.46 29.17 35.38
C VAL B 91 31.71 29.49 33.92
N TRP B 92 30.83 29.00 33.06
CA TRP B 92 30.99 29.22 31.62
C TRP B 92 30.64 30.64 31.21
N THR B 93 29.74 31.29 31.93
CA THR B 93 29.43 32.68 31.70
C THR B 93 30.65 33.52 32.03
N TYR B 94 31.30 33.22 33.16
CA TYR B 94 32.52 33.91 33.56
C TYR B 94 33.59 33.71 32.50
N ASN B 95 33.85 32.45 32.12
CA ASN B 95 34.88 32.15 31.11
C ASN B 95 34.66 32.94 29.83
N ALA B 96 33.42 32.96 29.35
CA ALA B 96 33.12 33.64 28.11
C ALA B 96 33.32 35.13 28.24
N GLU B 97 32.76 35.74 29.27
CA GLU B 97 32.84 37.19 29.40
C GLU B 97 34.26 37.67 29.61
N LEU B 98 35.03 36.92 30.40
CA LEU B 98 36.41 37.29 30.70
C LEU B 98 37.30 37.10 29.49
N LEU B 99 37.05 36.05 28.69
CA LEU B 99 37.85 35.80 27.48
C LEU B 99 37.64 36.93 26.49
N VAL B 100 36.39 37.35 26.34
CA VAL B 100 36.08 38.44 25.45
C VAL B 100 36.77 39.75 25.89
N LEU B 101 36.70 40.07 27.19
CA LEU B 101 37.34 41.27 27.69
C LEU B 101 38.84 41.23 27.50
N MET B 102 39.47 40.14 27.91
CA MET B 102 40.92 40.01 27.79
C MET B 102 41.38 40.08 26.35
N GLU B 103 40.69 39.39 25.45
CA GLU B 103 41.13 39.34 24.06
C GLU B 103 40.78 40.60 23.28
N ASN B 104 39.70 41.29 23.66
CA ASN B 104 39.44 42.63 23.14
C ASN B 104 40.58 43.59 23.45
N GLU B 105 41.08 43.58 24.67
CA GLU B 105 42.20 44.43 25.02
C GLU B 105 43.41 44.09 24.12
N ARG B 106 43.67 42.81 23.93
CA ARG B 106 44.83 42.38 23.15
C ARG B 106 44.65 42.70 21.68
N THR B 107 43.40 42.68 21.19
CA THR B 107 43.13 43.01 19.78
C THR B 107 43.41 44.50 19.50
N LEU B 108 42.97 45.38 20.39
CA LEU B 108 43.21 46.81 20.20
C LEU B 108 44.71 47.13 20.25
N ASP B 109 45.40 46.56 21.23
CA ASP B 109 46.86 46.70 21.32
C ASP B 109 47.61 46.14 20.08
N PHE B 110 47.09 45.05 19.52
CA PHE B 110 47.68 44.40 18.35
C PHE B 110 47.72 45.33 17.16
N HIS B 111 46.60 46.00 16.91
CA HIS B 111 46.52 47.04 15.87
C HIS B 111 47.50 48.17 16.11
N ASP B 112 47.58 48.62 17.36
CA ASP B 112 48.50 49.67 17.77
C ASP B 112 49.94 49.25 17.43
N SER B 113 50.27 48.01 17.78
CA SER B 113 51.57 47.42 17.45
C SER B 113 51.86 47.39 15.96
N ASN B 114 50.87 46.96 15.18
CA ASN B 114 51.08 46.88 13.74
C ASN B 114 51.36 48.26 13.14
N VAL B 115 50.75 49.31 13.68
CA VAL B 115 50.99 50.68 13.21
C VAL B 115 52.37 51.17 13.59
N LYS B 116 52.73 50.93 14.84
CA LYS B 116 54.03 51.31 15.31
C LYS B 116 55.14 50.66 14.49
N ASN B 117 54.97 49.37 14.21
CA ASN B 117 55.99 48.64 13.44
C ASN B 117 56.07 49.13 12.01
N LEU B 118 54.94 49.52 11.42
CA LEU B 118 54.93 50.05 10.08
C LEU B 118 55.65 51.39 10.05
N TYR B 119 55.41 52.22 11.05
CA TYR B 119 56.12 53.48 11.14
C TYR B 119 57.61 53.28 11.29
N ASP B 120 58.01 52.38 12.16
CA ASP B 120 59.44 52.12 12.35
C ASP B 120 60.07 51.54 11.07
N LYS B 121 59.35 50.64 10.37
CA LYS B 121 59.81 50.07 9.09
C LYS B 121 60.24 51.13 8.12
N VAL B 122 59.44 52.17 8.02
CA VAL B 122 59.74 53.30 7.15
C VAL B 122 60.87 54.17 7.71
N ARG B 123 60.83 54.46 9.00
CA ARG B 123 61.90 55.20 9.65
C ARG B 123 63.26 54.56 9.40
N LEU B 124 63.33 53.25 9.59
CA LEU B 124 64.57 52.48 9.44
C LEU B 124 65.12 52.44 8.01
N GLN B 125 64.26 52.69 7.02
CA GLN B 125 64.71 52.81 5.63
C GLN B 125 65.26 54.19 5.37
N LEU B 126 64.47 55.20 5.70
CA LEU B 126 64.82 56.59 5.41
C LEU B 126 66.02 57.08 6.20
N ARG B 127 66.12 56.69 7.47
CA ARG B 127 67.24 57.08 8.32
C ARG B 127 67.39 58.60 8.33
N ASP B 128 68.50 59.14 7.83
CA ASP B 128 68.75 60.59 7.91
C ASP B 128 68.54 61.31 6.58
N ASN B 129 67.87 60.64 5.62
CA ASN B 129 67.44 61.28 4.38
C ASN B 129 66.09 62.00 4.51
N ALA B 130 65.51 62.06 5.71
CA ALA B 130 64.25 62.76 5.93
C ALA B 130 64.13 63.26 7.36
N LYS B 131 63.31 64.29 7.56
CA LYS B 131 63.04 64.81 8.90
C LYS B 131 61.86 64.08 9.52
N GLU B 132 62.10 63.48 10.69
CA GLU B 132 61.05 62.87 11.46
C GLU B 132 60.29 63.99 12.17
N LEU B 133 59.07 64.28 11.69
CA LEU B 133 58.32 65.43 12.19
C LEU B 133 57.69 65.21 13.57
N GLY B 134 57.45 63.95 13.93
CA GLY B 134 56.92 63.59 15.24
C GLY B 134 55.42 63.35 15.30
N ASN B 135 54.77 63.26 14.15
CA ASN B 135 53.30 63.10 14.06
C ASN B 135 52.87 61.96 13.14
N GLY B 136 53.81 61.06 12.82
CA GLY B 136 53.59 60.04 11.85
C GLY B 136 54.20 60.35 10.50
N CYS B 137 54.74 61.55 10.33
CA CYS B 137 55.20 61.99 8.99
C CYS B 137 56.69 62.14 8.89
N PHE B 138 57.17 61.95 7.66
CA PHE B 138 58.56 62.12 7.31
C PHE B 138 58.68 63.10 6.15
N GLU B 139 59.41 64.20 6.37
CA GLU B 139 59.62 65.19 5.33
C GLU B 139 60.98 64.94 4.68
N PHE B 140 60.98 64.69 3.37
CA PHE B 140 62.21 64.37 2.64
C PHE B 140 63.10 65.59 2.41
N TYR B 141 64.42 65.37 2.39
CA TYR B 141 65.38 66.41 2.02
C TYR B 141 65.49 66.55 0.51
N HIS B 142 65.40 65.42 -0.18
CA HIS B 142 65.39 65.39 -1.65
C HIS B 142 63.93 65.37 -2.16
N LYS B 143 63.74 65.64 -3.46
CA LYS B 143 62.43 65.42 -4.09
C LYS B 143 62.20 63.94 -4.15
N CYS B 144 60.97 63.54 -3.84
CA CYS B 144 60.59 62.14 -3.85
C CYS B 144 59.34 62.02 -4.73
N ASP B 145 59.55 61.68 -5.99
CA ASP B 145 58.44 61.47 -6.94
C ASP B 145 57.68 60.18 -6.65
N ASN B 146 56.67 59.86 -7.45
CA ASN B 146 55.80 58.71 -7.17
C ASN B 146 56.52 57.37 -7.14
N GLU B 147 57.54 57.21 -7.98
CA GLU B 147 58.37 55.99 -7.96
C GLU B 147 59.22 55.94 -6.70
N CYS B 148 59.74 57.09 -6.29
CA CYS B 148 60.45 57.23 -5.03
C CYS B 148 59.51 56.84 -3.87
N MET B 149 58.31 57.41 -3.83
CA MET B 149 57.31 57.04 -2.81
C MET B 149 57.01 55.55 -2.82
N GLU B 150 56.81 54.97 -4.00
CA GLU B 150 56.51 53.54 -4.10
C GLU B 150 57.62 52.66 -3.52
N SER B 151 58.87 53.06 -3.73
CA SER B 151 60.02 52.32 -3.19
C SER B 151 60.05 52.34 -1.66
N VAL B 152 59.47 53.37 -1.04
CA VAL B 152 59.32 53.43 0.41
C VAL B 152 58.30 52.39 0.85
N ARG B 153 57.16 52.36 0.17
CA ARG B 153 56.13 51.36 0.44
C ARG B 153 56.62 49.95 0.13
N ASN B 154 57.48 49.83 -0.87
CA ASN B 154 58.10 48.55 -1.28
C ASN B 154 58.91 47.87 -0.19
N GLY B 155 59.72 48.67 0.49
CA GLY B 155 60.86 48.15 1.24
C GLY B 155 62.16 48.32 0.45
N THR B 156 62.07 48.97 -0.72
CA THR B 156 63.16 49.07 -1.70
C THR B 156 63.84 50.46 -1.73
N TYR B 157 63.49 51.34 -0.79
CA TYR B 157 64.01 52.71 -0.82
C TYR B 157 65.55 52.71 -0.82
N ASP B 158 66.15 53.08 -1.93
CA ASP B 158 67.61 53.03 -2.09
C ASP B 158 68.28 54.21 -1.37
N TYR B 159 68.72 53.97 -0.13
CA TYR B 159 69.28 55.01 0.73
C TYR B 159 70.56 55.69 0.17
N PRO B 160 71.55 54.89 -0.28
CA PRO B 160 72.76 55.48 -0.90
C PRO B 160 72.51 56.37 -2.11
N GLN B 161 71.42 56.11 -2.85
CA GLN B 161 71.05 56.93 -4.00
C GLN B 161 70.78 58.39 -3.61
N TYR B 162 70.29 58.60 -2.39
CA TYR B 162 70.09 59.94 -1.84
C TYR B 162 70.92 60.05 -0.55
N ASP C 1 83.70 48.54 9.47
CA ASP C 1 83.57 47.77 10.74
C ASP C 1 82.17 47.94 11.30
N GLN C 2 81.51 46.85 11.71
CA GLN C 2 80.13 46.92 12.17
C GLN C 2 79.80 45.92 13.26
N ILE C 3 78.74 46.22 14.01
CA ILE C 3 78.21 45.31 15.03
C ILE C 3 76.71 45.19 14.82
N CYS C 4 76.23 43.95 14.92
CA CYS C 4 74.86 43.59 14.59
C CYS C 4 74.22 42.86 15.75
N ILE C 5 72.91 43.02 15.88
CA ILE C 5 72.15 42.36 16.91
C ILE C 5 71.25 41.33 16.20
N GLY C 6 71.09 40.16 16.80
CA GLY C 6 70.30 39.07 16.20
C GLY C 6 69.96 37.98 17.18
N TYR C 7 69.37 36.90 16.69
CA TYR C 7 68.78 35.89 17.56
C TYR C 7 68.98 34.50 17.01
N HIS C 8 68.70 33.53 17.85
CA HIS C 8 68.94 32.11 17.56
C HIS C 8 67.98 31.51 16.53
N ALA C 9 68.50 30.65 15.68
CA ALA C 9 67.71 29.78 14.83
C ALA C 9 68.35 28.43 14.85
N ASN C 10 67.60 27.40 14.44
CA ASN C 10 68.14 26.04 14.37
C ASN C 10 67.32 25.18 13.39
N ASN C 11 67.57 23.87 13.36
CA ASN C 11 66.89 22.98 12.42
C ASN C 11 65.56 22.39 12.95
N SER C 12 65.02 22.97 14.03
CA SER C 12 63.82 22.45 14.69
C SER C 12 62.57 22.57 13.82
N THR C 13 61.74 21.53 13.90
CA THR C 13 60.41 21.52 13.26
C THR C 13 59.26 21.42 14.28
N GLU C 14 59.57 21.46 15.59
CA GLU C 14 58.54 21.55 16.61
C GLU C 14 57.62 22.75 16.35
N GLN C 15 56.32 22.54 16.54
CA GLN C 15 55.34 23.60 16.36
C GLN C 15 54.49 23.77 17.58
N VAL C 16 54.01 24.99 17.79
CA VAL C 16 53.10 25.29 18.87
C VAL C 16 51.96 26.10 18.33
N ASP C 17 50.85 26.13 19.06
CA ASP C 17 49.73 27.01 18.73
C ASP C 17 49.68 28.23 19.63
N THR C 18 49.14 29.33 19.12
CA THR C 18 48.79 30.52 19.89
C THR C 18 47.35 30.90 19.59
N ILE C 19 46.81 31.93 20.26
CA ILE C 19 45.45 32.38 19.98
C ILE C 19 45.31 32.83 18.51
N MET C 20 46.28 33.62 18.05
CA MET C 20 46.22 34.30 16.75
C MET C 20 46.85 33.51 15.62
N GLU C 21 47.63 32.49 15.92
CA GLU C 21 48.32 31.76 14.89
C GLU C 21 48.56 30.31 15.32
N LYS C 22 48.32 29.39 14.41
CA LYS C 22 48.47 27.97 14.71
C LYS C 22 49.67 27.43 13.90
N ASN C 23 50.31 26.38 14.41
CA ASN C 23 51.45 25.75 13.74
C ASN C 23 52.61 26.73 13.49
N VAL C 24 53.02 27.39 14.57
CA VAL C 24 54.19 28.25 14.55
C VAL C 24 55.41 27.38 14.82
N THR C 25 56.38 27.38 13.92
CA THR C 25 57.60 26.63 14.15
C THR C 25 58.47 27.39 15.13
N VAL C 26 58.92 26.70 16.17
CA VAL C 26 59.78 27.31 17.18
C VAL C 26 61.08 26.52 17.33
N THR C 27 62.08 27.19 17.89
CA THR C 27 63.41 26.61 18.08
C THR C 27 63.40 25.53 19.14
N HIS C 28 62.56 25.72 20.15
CA HIS C 28 62.41 24.74 21.21
C HIS C 28 61.00 24.74 21.78
N ALA C 29 60.56 23.55 22.19
CA ALA C 29 59.26 23.39 22.82
C ALA C 29 59.29 22.29 23.85
N GLN C 30 58.28 22.29 24.71
CA GLN C 30 58.18 21.32 25.79
C GLN C 30 56.77 20.74 25.84
N ASP C 31 56.70 19.44 25.56
CA ASP C 31 55.44 18.70 25.60
C ASP C 31 55.11 18.44 27.05
N ILE C 32 53.86 18.68 27.44
CA ILE C 32 53.43 18.49 28.83
C ILE C 32 52.29 17.47 29.01
N LEU C 33 51.96 16.75 27.93
CA LEU C 33 50.88 15.77 27.94
C LEU C 33 51.42 14.38 27.70
N GLU C 34 51.20 13.47 28.65
CA GLU C 34 51.51 12.08 28.46
C GLU C 34 50.42 11.39 27.64
N LYS C 35 50.82 10.79 26.52
CA LYS C 35 49.90 10.14 25.58
C LYS C 35 49.96 8.62 25.60
N THR C 36 50.99 8.04 26.19
CA THR C 36 51.24 6.61 26.12
C THR C 36 51.06 5.92 27.45
N HIS C 37 50.77 4.62 27.39
CA HIS C 37 50.66 3.74 28.56
C HIS C 37 51.21 2.36 28.17
N ASN C 38 51.42 1.49 29.16
CA ASN C 38 52.04 0.17 28.90
C ASN C 38 51.02 -0.96 28.59
N GLY C 39 49.74 -0.68 28.83
CA GLY C 39 48.63 -1.54 28.40
C GLY C 39 48.40 -2.71 29.32
N LYS C 40 48.85 -2.59 30.58
CA LYS C 40 48.87 -3.70 31.53
C LYS C 40 48.34 -3.29 32.90
N LEU C 41 47.85 -4.27 33.64
CA LEU C 41 47.48 -4.07 35.04
C LEU C 41 48.67 -4.46 35.88
N CYS C 42 49.05 -3.58 36.80
CA CYS C 42 50.31 -3.72 37.51
C CYS C 42 50.14 -3.56 39.00
N ASP C 43 51.15 -4.02 39.73
CA ASP C 43 51.28 -3.71 41.14
C ASP C 43 51.36 -2.19 41.28
N LEU C 44 50.64 -1.66 42.27
CA LEU C 44 50.68 -0.24 42.60
C LEU C 44 51.64 -0.09 43.77
N ASP C 45 52.77 0.57 43.53
CA ASP C 45 53.79 0.76 44.53
C ASP C 45 54.16 -0.57 45.23
N GLY C 46 54.35 -1.62 44.42
CA GLY C 46 54.74 -2.96 44.88
C GLY C 46 53.56 -3.86 45.19
N VAL C 47 52.40 -2.70 45.90
CA VAL C 47 51.38 -3.60 46.48
C VAL C 47 50.45 -4.15 45.38
N LYS C 48 50.44 -5.48 45.18
CA LYS C 48 49.60 -6.13 44.11
C LYS C 48 48.09 -5.87 44.24
N PRO C 49 47.38 -5.71 43.10
CA PRO C 49 45.91 -5.58 43.19
C PRO C 49 45.20 -6.92 43.33
N LEU C 50 43.94 -6.84 43.72
CA LEU C 50 43.05 -8.00 43.72
C LEU C 50 42.39 -8.06 42.34
N ILE C 51 42.77 -9.05 41.53
CA ILE C 51 42.17 -9.22 40.21
C ILE C 51 41.15 -10.35 40.26
N LEU C 52 39.88 -9.98 40.28
CA LEU C 52 38.78 -10.93 40.44
C LEU C 52 38.56 -11.81 39.23
N ARG C 53 39.15 -11.43 38.09
CA ARG C 53 39.09 -12.25 36.88
C ARG C 53 37.64 -12.45 36.44
N ASP C 54 37.13 -13.70 36.41
CA ASP C 54 35.76 -13.95 35.94
C ASP C 54 34.73 -13.83 37.07
N CYS C 55 35.20 -13.54 38.29
CA CYS C 55 34.30 -13.39 39.44
C CYS C 55 33.91 -11.93 39.65
N SER C 56 32.72 -11.74 40.22
CA SER C 56 32.24 -10.42 40.62
C SER C 56 32.53 -10.22 42.10
N VAL C 57 32.23 -9.02 42.59
CA VAL C 57 32.38 -8.72 44.02
C VAL C 57 31.44 -9.60 44.86
N ALA C 58 30.24 -9.86 44.33
CA ALA C 58 29.26 -10.71 44.99
C ALA C 58 29.75 -12.17 45.02
N GLY C 59 30.10 -12.71 43.85
CA GLY C 59 30.66 -14.06 43.73
C GLY C 59 31.82 -14.26 44.70
N TRP C 60 32.71 -13.29 44.76
CA TRP C 60 33.83 -13.32 45.70
C TRP C 60 33.37 -13.37 47.15
N LEU C 61 32.61 -12.36 47.57
CA LEU C 61 32.28 -12.17 49.00
C LEU C 61 31.34 -13.25 49.54
N LEU C 62 30.32 -13.59 48.78
CA LEU C 62 29.42 -14.70 49.17
C LEU C 62 30.12 -16.07 49.13
N GLY C 63 31.15 -16.20 48.32
CA GLY C 63 31.92 -17.44 48.19
C GLY C 63 31.37 -18.40 47.15
N ASN C 64 31.13 -17.87 45.94
CA ASN C 64 30.71 -18.69 44.79
C ASN C 64 31.74 -19.80 44.61
N PRO C 65 31.29 -21.08 44.54
CA PRO C 65 32.21 -22.23 44.40
C PRO C 65 33.26 -22.09 43.29
N MET C 66 32.90 -21.40 42.20
CA MET C 66 33.82 -21.11 41.11
C MET C 66 34.87 -20.03 41.44
N CYS C 67 34.79 -19.41 42.63
CA CYS C 67 35.66 -18.31 43.03
C CYS C 67 36.54 -18.67 44.24
N ASP C 68 36.99 -19.92 44.27
CA ASP C 68 37.85 -20.42 45.36
C ASP C 68 39.25 -19.80 45.33
N GLU C 69 39.69 -19.37 44.16
CA GLU C 69 40.94 -18.60 44.02
C GLU C 69 41.01 -17.48 45.07
N PHE C 70 39.86 -16.89 45.38
CA PHE C 70 39.78 -15.76 46.30
C PHE C 70 39.23 -16.16 47.67
N ILE C 71 39.54 -17.39 48.09
CA ILE C 71 39.09 -17.89 49.40
C ILE C 71 39.70 -17.09 50.55
N ASN C 72 40.98 -16.74 50.44
CA ASN C 72 41.64 -15.85 51.41
C ASN C 72 42.68 -14.97 50.76
N VAL C 73 42.22 -13.83 50.28
CA VAL C 73 43.07 -12.90 49.56
C VAL C 73 43.87 -12.01 50.49
N PRO C 74 45.16 -11.75 50.15
CA PRO C 74 45.97 -10.84 50.95
C PRO C 74 45.59 -9.39 50.69
N GLU C 75 46.25 -8.49 51.41
CA GLU C 75 46.07 -7.04 51.22
C GLU C 75 46.20 -6.63 49.74
N TRP C 76 45.34 -5.73 49.28
CA TRP C 76 45.39 -5.23 47.90
C TRP C 76 45.55 -3.72 47.85
N SER C 77 46.01 -3.22 46.70
CA SER C 77 46.14 -1.80 46.44
C SER C 77 44.86 -1.28 45.80
N TYR C 78 44.40 -1.99 44.78
CA TYR C 78 43.12 -1.71 44.14
C TYR C 78 42.48 -3.01 43.69
N ILE C 79 41.23 -2.94 43.25
CA ILE C 79 40.47 -4.13 42.84
C ILE C 79 40.12 -4.05 41.36
N VAL C 80 40.20 -5.17 40.65
CA VAL C 80 39.87 -5.21 39.23
C VAL C 80 38.76 -6.20 38.95
N GLU C 81 37.71 -5.71 38.28
CA GLU C 81 36.53 -6.50 37.97
C GLU C 81 36.19 -6.28 36.50
N LYS C 82 35.86 -7.35 35.81
CA LYS C 82 35.40 -7.23 34.44
C LYS C 82 34.03 -6.53 34.35
N ALA C 83 33.66 -6.16 33.13
CA ALA C 83 32.40 -5.49 32.88
C ALA C 83 31.18 -6.41 33.13
N ASN C 84 31.28 -7.65 32.65
CA ASN C 84 30.22 -8.65 32.82
C ASN C 84 30.79 -9.97 33.31
N PRO C 85 31.22 -10.02 34.60
CA PRO C 85 31.81 -11.25 35.10
C PRO C 85 30.79 -12.38 35.06
N VAL C 86 31.21 -13.54 34.57
CA VAL C 86 30.30 -14.68 34.39
C VAL C 86 29.95 -15.35 35.71
N ASN C 87 30.91 -15.41 36.63
CA ASN C 87 30.71 -16.03 37.95
C ASN C 87 30.22 -14.99 38.95
N ASP C 88 28.94 -14.66 38.85
CA ASP C 88 28.28 -13.71 39.75
C ASP C 88 27.46 -14.54 40.75
N LEU C 89 26.14 -14.33 40.82
CA LEU C 89 25.28 -15.13 41.68
C LEU C 89 24.92 -16.41 40.94
N CYS C 90 25.54 -17.51 41.33
CA CYS C 90 25.33 -18.82 40.67
C CYS C 90 23.86 -19.23 40.77
N TYR C 91 23.33 -19.19 41.99
CA TYR C 91 21.89 -19.31 42.23
C TYR C 91 21.29 -17.91 42.02
N PRO C 92 20.33 -17.78 41.09
CA PRO C 92 19.84 -16.45 40.76
C PRO C 92 19.19 -15.73 41.92
N GLY C 93 19.21 -14.40 41.87
CA GLY C 93 18.55 -13.58 42.89
C GLY C 93 18.95 -12.12 42.85
N ASP C 94 19.03 -11.51 44.03
CA ASP C 94 19.44 -10.13 44.18
C ASP C 94 20.45 -10.01 45.29
N PHE C 95 21.23 -8.93 45.23
CA PHE C 95 22.11 -8.53 46.31
C PHE C 95 21.64 -7.16 46.75
N ASN C 96 21.09 -7.09 47.98
CA ASN C 96 20.51 -5.87 48.48
C ASN C 96 21.56 -4.81 48.79
N ASP C 97 21.30 -3.57 48.35
CA ASP C 97 22.24 -2.45 48.49
C ASP C 97 23.65 -2.80 48.04
N TYR C 98 23.72 -3.46 46.89
CA TYR C 98 25.00 -3.96 46.34
C TYR C 98 25.96 -2.82 46.08
N GLU C 99 25.43 -1.75 45.50
CA GLU C 99 26.25 -0.60 45.09
C GLU C 99 26.82 0.14 46.30
N GLU C 100 25.99 0.30 47.34
CA GLU C 100 26.42 0.95 48.59
C GLU C 100 27.55 0.17 49.26
N LEU C 101 27.56 -1.15 49.08
CA LEU C 101 28.61 -2.00 49.64
C LEU C 101 29.89 -1.88 48.82
N LYS C 102 29.76 -1.93 47.49
CA LYS C 102 30.91 -1.74 46.61
C LYS C 102 31.59 -0.39 46.85
N HIS C 103 30.79 0.64 47.17
CA HIS C 103 31.35 1.92 47.55
C HIS C 103 32.13 1.84 48.86
N LEU C 104 31.60 1.08 49.81
CA LEU C 104 32.26 0.83 51.08
C LEU C 104 33.65 0.19 50.90
N LEU C 105 33.76 -0.70 49.90
CA LEU C 105 35.02 -1.38 49.52
C LEU C 105 36.14 -0.51 49.02
N SER C 106 35.78 0.65 48.48
CA SER C 106 36.77 1.55 47.90
CA SER C 106 36.78 1.54 47.91
C SER C 106 37.55 2.23 49.03
N ARG C 107 37.07 2.09 50.28
CA ARG C 107 37.79 2.56 51.47
C ARG C 107 38.43 1.39 52.25
N ILE C 108 38.61 0.25 51.58
CA ILE C 108 39.12 -0.97 52.23
C ILE C 108 40.23 -1.63 51.41
N ASN C 109 41.34 -1.96 52.07
CA ASN C 109 42.47 -2.63 51.45
C ASN C 109 42.65 -4.09 51.86
N HIS C 110 42.06 -4.51 52.98
CA HIS C 110 42.27 -5.87 53.47
C HIS C 110 41.12 -6.40 54.33
N PHE C 111 40.68 -7.61 54.02
CA PHE C 111 39.71 -8.33 54.80
C PHE C 111 40.39 -9.49 55.49
N GLU C 112 39.93 -9.81 56.69
CA GLU C 112 40.30 -11.03 57.39
C GLU C 112 39.04 -11.85 57.63
N LYS C 113 38.90 -12.96 56.91
CA LYS C 113 37.72 -13.80 57.06
C LYS C 113 37.79 -14.59 58.38
N ILE C 114 36.70 -14.57 59.14
CA ILE C 114 36.58 -15.40 60.35
C ILE C 114 35.22 -16.06 60.46
N GLN C 115 35.19 -17.17 61.18
CA GLN C 115 33.98 -17.92 61.40
C GLN C 115 33.27 -17.36 62.62
N ILE C 116 32.01 -16.98 62.43
CA ILE C 116 31.18 -16.47 63.53
C ILE C 116 30.09 -17.47 63.99
N ILE C 117 29.54 -18.26 63.06
CA ILE C 117 28.56 -19.32 63.40
C ILE C 117 28.98 -20.63 62.72
N PRO C 118 29.59 -21.55 63.48
CA PRO C 118 30.06 -22.83 62.90
C PRO C 118 28.96 -23.63 62.21
N LYS C 119 29.35 -24.35 61.16
CA LYS C 119 28.43 -25.20 60.42
C LYS C 119 27.97 -26.39 61.26
N SER C 120 28.87 -26.91 62.09
CA SER C 120 28.58 -28.04 62.98
C SER C 120 27.58 -27.71 64.09
N SER C 121 27.49 -26.44 64.48
CA SER C 121 26.66 -26.04 65.61
C SER C 121 25.14 -26.01 65.34
N TRP C 122 24.71 -26.33 64.12
CA TRP C 122 23.27 -26.40 63.80
C TRP C 122 22.74 -27.81 64.07
N SER C 123 22.59 -28.13 65.35
CA SER C 123 22.19 -29.47 65.79
C SER C 123 20.70 -29.77 65.64
N SER C 124 19.86 -28.75 65.40
CA SER C 124 18.41 -28.93 65.22
C SER C 124 17.94 -28.78 63.78
N HIS C 125 18.86 -28.43 62.88
CA HIS C 125 18.52 -28.20 61.47
C HIS C 125 19.54 -28.88 60.58
N GLU C 126 19.14 -29.16 59.36
CA GLU C 126 20.02 -29.83 58.40
C GLU C 126 20.83 -28.79 57.61
N ALA C 127 22.13 -28.74 57.89
CA ALA C 127 23.02 -27.70 57.38
C ALA C 127 23.89 -28.16 56.21
N SER C 128 23.89 -29.46 55.91
CA SER C 128 24.80 -30.03 54.92
C SER C 128 24.11 -30.47 53.63
N LEU C 129 22.82 -30.15 53.49
CA LEU C 129 22.07 -30.48 52.28
C LEU C 129 21.57 -29.21 51.58
N GLY C 130 22.20 -28.08 51.89
CA GLY C 130 21.83 -26.78 51.30
C GLY C 130 22.60 -26.47 50.03
N VAL C 131 22.34 -27.27 49.00
CA VAL C 131 23.10 -27.21 47.73
C VAL C 131 22.17 -27.11 46.51
N SER C 132 22.76 -26.87 45.34
CA SER C 132 22.00 -26.75 44.10
C SER C 132 22.87 -27.02 42.87
N SER C 133 22.22 -27.50 41.81
CA SER C 133 22.86 -27.68 40.50
C SER C 133 23.25 -26.33 39.86
N ALA C 134 22.63 -25.23 40.30
CA ALA C 134 22.99 -23.88 39.87
C ALA C 134 24.38 -23.45 40.33
N CYS C 135 24.87 -24.03 41.43
CA CYS C 135 26.20 -23.73 41.97
C CYS C 135 27.08 -24.99 41.99
N PRO C 136 27.57 -25.42 40.81
CA PRO C 136 28.35 -26.66 40.72
C PRO C 136 29.81 -26.49 41.13
N TYR C 137 30.38 -27.55 41.70
CA TYR C 137 31.80 -27.59 42.04
C TYR C 137 32.35 -28.99 41.77
N GLN C 138 33.21 -29.11 40.78
CA GLN C 138 33.77 -30.40 40.36
C GLN C 138 32.68 -31.43 40.03
N GLY C 139 31.68 -30.99 39.26
CA GLY C 139 30.60 -31.86 38.80
C GLY C 139 29.49 -32.18 39.80
N LYS C 140 29.59 -31.64 41.02
CA LYS C 140 28.63 -31.92 42.09
C LYS C 140 27.93 -30.63 42.49
N SER C 141 26.73 -30.77 43.05
CA SER C 141 25.95 -29.61 43.51
C SER C 141 26.54 -29.03 44.80
N SER C 142 26.78 -27.72 44.79
CA SER C 142 27.42 -27.02 45.91
C SER C 142 26.64 -25.74 46.21
N PHE C 143 27.26 -24.79 46.91
CA PHE C 143 26.61 -23.53 47.28
C PHE C 143 27.62 -22.51 47.77
N PHE C 144 27.19 -21.25 47.81
CA PHE C 144 27.97 -20.15 48.39
C PHE C 144 28.63 -20.61 49.70
N ARG C 145 29.95 -20.65 49.72
CA ARG C 145 30.71 -21.25 50.83
C ARG C 145 30.62 -20.51 52.17
N ASN C 146 30.27 -19.22 52.15
CA ASN C 146 30.31 -18.40 53.37
C ASN C 146 28.98 -18.30 54.10
N VAL C 147 27.94 -18.84 53.48
CA VAL C 147 26.61 -18.87 54.09
C VAL C 147 26.05 -20.28 54.04
N VAL C 148 25.13 -20.56 54.96
CA VAL C 148 24.63 -21.90 55.16
C VAL C 148 23.13 -21.93 54.83
N TRP C 149 22.77 -22.66 53.78
CA TRP C 149 21.35 -22.87 53.43
C TRP C 149 20.74 -23.96 54.34
N LEU C 150 20.05 -23.53 55.39
CA LEU C 150 19.47 -24.45 56.39
C LEU C 150 18.10 -24.94 55.91
N ILE C 151 17.85 -26.24 56.09
CA ILE C 151 16.55 -26.85 55.83
C ILE C 151 16.09 -27.70 57.02
N LYS C 152 14.84 -28.16 56.94
CA LYS C 152 14.22 -28.97 57.99
C LYS C 152 14.98 -30.26 58.30
N LYS C 153 14.92 -30.70 59.56
CA LYS C 153 15.53 -31.98 59.97
C LYS C 153 14.48 -32.91 60.59
N ASN C 154 14.35 -34.13 60.05
CA ASN C 154 13.34 -35.10 60.46
C ASN C 154 11.92 -34.51 60.41
N SER C 155 11.65 -33.73 59.35
CA SER C 155 10.37 -33.03 59.15
C SER C 155 10.06 -32.05 60.29
N THR C 156 10.99 -31.15 60.56
CA THR C 156 10.75 -30.09 61.54
C THR C 156 11.74 -28.95 61.34
N TYR C 157 11.23 -27.73 61.29
CA TYR C 157 12.06 -26.53 61.31
C TYR C 157 11.66 -25.71 62.55
N PRO C 158 12.33 -25.97 63.70
CA PRO C 158 12.05 -25.18 64.90
C PRO C 158 12.62 -23.76 64.78
N THR C 159 12.06 -22.83 65.55
CA THR C 159 12.46 -21.43 65.49
C THR C 159 13.95 -21.28 65.84
N ILE C 160 14.70 -20.62 64.97
CA ILE C 160 16.13 -20.34 65.19
C ILE C 160 16.26 -19.04 65.98
N LYS C 161 17.15 -19.03 66.97
CA LYS C 161 17.46 -17.83 67.74
C LYS C 161 18.95 -17.81 68.03
N ARG C 162 19.70 -17.11 67.17
CA ARG C 162 21.15 -17.04 67.29
C ARG C 162 21.65 -15.62 67.46
N SER C 163 22.69 -15.48 68.27
CA SER C 163 23.30 -14.19 68.55
C SER C 163 24.81 -14.30 68.41
N TYR C 164 25.42 -13.34 67.72
CA TYR C 164 26.88 -13.19 67.72
C TYR C 164 27.29 -11.79 68.22
N ASN C 165 28.29 -11.77 69.10
CA ASN C 165 28.80 -10.56 69.73
C ASN C 165 30.15 -10.22 69.11
N ASN C 166 30.28 -9.04 68.52
CA ASN C 166 31.55 -8.61 67.93
C ASN C 166 32.55 -8.21 69.01
N THR C 167 33.37 -9.18 69.41
CA THR C 167 34.43 -8.98 70.41
C THR C 167 35.74 -8.52 69.79
N ASN C 168 35.79 -8.44 68.46
CA ASN C 168 36.98 -7.98 67.75
C ASN C 168 37.11 -6.47 67.84
N GLN C 169 38.31 -5.96 67.59
CA GLN C 169 38.55 -4.51 67.52
C GLN C 169 38.04 -3.91 66.24
N GLU C 170 37.94 -4.74 65.22
CA GLU C 170 37.64 -4.28 63.87
C GLU C 170 36.12 -4.31 63.60
N ASP C 171 35.67 -3.39 62.75
CA ASP C 171 34.33 -3.44 62.18
C ASP C 171 34.21 -4.76 61.42
N LEU C 172 33.02 -5.37 61.44
CA LEU C 172 32.80 -6.67 60.83
C LEU C 172 31.71 -6.59 59.76
N LEU C 173 32.02 -7.06 58.55
CA LEU C 173 31.03 -7.18 57.49
C LEU C 173 30.33 -8.54 57.60
N VAL C 174 29.03 -8.51 57.89
CA VAL C 174 28.23 -9.73 58.02
C VAL C 174 27.27 -9.86 56.85
N LEU C 175 27.23 -11.06 56.27
CA LEU C 175 26.36 -11.36 55.14
C LEU C 175 25.37 -12.45 55.49
N TRP C 176 24.12 -12.30 55.06
CA TRP C 176 23.11 -13.35 55.19
C TRP C 176 22.14 -13.29 54.02
N GLY C 177 21.11 -14.17 54.03
CA GLY C 177 20.14 -14.21 52.94
C GLY C 177 18.79 -14.85 53.25
N ILE C 178 17.90 -14.76 52.27
CA ILE C 178 16.55 -15.31 52.33
C ILE C 178 16.28 -16.06 51.04
N HIS C 179 15.69 -17.25 51.14
CA HIS C 179 15.31 -18.03 49.96
C HIS C 179 13.84 -17.79 49.61
N HIS C 180 13.60 -17.40 48.36
CA HIS C 180 12.26 -17.23 47.82
C HIS C 180 11.91 -18.47 46.99
N PRO C 181 10.99 -19.31 47.48
CA PRO C 181 10.70 -20.56 46.79
C PRO C 181 9.76 -20.39 45.60
N LYS C 182 9.72 -21.43 44.76
CA LYS C 182 8.90 -21.48 43.55
C LYS C 182 7.41 -21.47 43.88
N ASP C 183 6.96 -22.40 44.73
CA ASP C 183 5.54 -22.52 45.08
C ASP C 183 5.31 -23.00 46.52
N ALA C 184 4.05 -22.98 46.97
CA ALA C 184 3.68 -23.40 48.33
C ALA C 184 4.14 -24.82 48.69
N ALA C 185 4.16 -25.73 47.71
CA ALA C 185 4.62 -27.10 47.93
C ALA C 185 6.10 -27.15 48.29
N GLU C 186 6.92 -26.43 47.53
CA GLU C 186 8.37 -26.34 47.80
C GLU C 186 8.67 -25.72 49.18
N GLN C 187 7.86 -24.75 49.60
CA GLN C 187 8.02 -24.11 50.92
C GLN C 187 7.93 -25.14 52.04
N THR C 188 6.84 -25.91 52.05
CA THR C 188 6.64 -26.95 53.06
C THR C 188 7.63 -28.12 52.86
N LYS C 189 7.99 -28.39 51.62
CA LYS C 189 8.97 -29.43 51.29
C LYS C 189 10.34 -29.16 51.94
N LEU C 190 10.79 -27.90 51.88
CA LEU C 190 12.10 -27.51 52.43
C LEU C 190 12.06 -27.11 53.90
N TYR C 191 11.01 -26.39 54.30
CA TYR C 191 10.95 -25.75 55.62
C TYR C 191 9.72 -26.09 56.48
N GLN C 192 8.80 -26.90 55.97
CA GLN C 192 7.54 -27.27 56.67
C GLN C 192 6.56 -26.10 56.83
N ASN C 193 6.97 -25.10 57.58
CA ASN C 193 6.10 -23.99 57.98
C ASN C 193 5.68 -23.20 56.75
N PRO C 194 4.36 -23.00 56.54
CA PRO C 194 3.89 -22.30 55.34
C PRO C 194 4.15 -20.79 55.37
N THR C 195 4.07 -20.18 56.55
CA THR C 195 4.35 -18.74 56.72
C THR C 195 5.60 -18.56 57.59
N THR C 196 6.68 -18.05 57.00
CA THR C 196 7.94 -17.89 57.72
C THR C 196 8.45 -16.45 57.65
N TYR C 197 9.61 -16.22 58.27
CA TYR C 197 10.21 -14.91 58.32
C TYR C 197 11.67 -15.00 58.77
N ILE C 198 12.40 -13.89 58.64
CA ILE C 198 13.72 -13.74 59.24
C ILE C 198 13.79 -12.35 59.87
N SER C 199 14.03 -12.30 61.17
CA SER C 199 14.17 -11.02 61.86
C SER C 199 15.62 -10.82 62.26
N VAL C 200 16.17 -9.66 61.91
CA VAL C 200 17.57 -9.36 62.19
C VAL C 200 17.65 -8.03 62.95
N GLY C 201 18.40 -8.03 64.05
CA GLY C 201 18.56 -6.83 64.88
C GLY C 201 20.01 -6.60 65.27
N THR C 202 20.38 -5.31 65.36
CA THR C 202 21.66 -4.89 65.92
C THR C 202 21.41 -3.61 66.71
N SER C 203 22.49 -2.89 67.04
CA SER C 203 22.38 -1.57 67.64
C SER C 203 21.48 -0.65 66.82
N THR C 204 21.72 -0.61 65.51
CA THR C 204 20.95 0.24 64.60
C THR C 204 19.90 -0.54 63.83
N LEU C 205 20.23 -1.76 63.38
CA LEU C 205 19.37 -2.51 62.47
C LEU C 205 18.09 -3.03 63.14
N ASN C 206 16.98 -2.95 62.41
CA ASN C 206 15.69 -3.51 62.85
C ASN C 206 14.94 -4.08 61.65
N GLN C 207 15.33 -5.28 61.24
CA GLN C 207 14.84 -5.89 60.01
C GLN C 207 13.88 -7.05 60.28
N ARG C 208 12.93 -7.23 59.36
CA ARG C 208 12.10 -8.43 59.32
C ARG C 208 11.76 -8.79 57.88
N LEU C 209 12.33 -9.88 57.38
CA LEU C 209 12.15 -10.31 55.99
C LEU C 209 11.10 -11.39 55.93
N VAL C 210 10.32 -11.39 54.86
CA VAL C 210 9.34 -12.46 54.59
C VAL C 210 9.55 -12.99 53.18
N PRO C 211 9.54 -14.34 53.01
CA PRO C 211 9.71 -14.87 51.66
C PRO C 211 8.51 -14.56 50.76
N ARG C 212 8.77 -13.99 49.59
CA ARG C 212 7.77 -13.75 48.57
C ARG C 212 7.76 -14.89 47.57
N ILE C 213 6.58 -15.45 47.35
CA ILE C 213 6.38 -16.58 46.44
C ILE C 213 5.78 -16.07 45.12
N ALA C 214 6.29 -16.57 44.01
CA ALA C 214 5.79 -16.23 42.68
C ALA C 214 6.35 -17.18 41.63
N THR C 215 5.61 -17.31 40.53
CA THR C 215 6.12 -18.03 39.36
C THR C 215 7.14 -17.12 38.69
N ARG C 216 8.34 -17.65 38.50
CA ARG C 216 9.45 -16.89 37.92
C ARG C 216 10.13 -17.69 36.84
N SER C 217 10.74 -16.97 35.88
CA SER C 217 11.51 -17.59 34.81
C SER C 217 12.72 -18.33 35.37
N LYS C 218 13.21 -19.33 34.64
CA LYS C 218 14.31 -20.16 35.10
C LYS C 218 15.66 -19.58 34.70
N VAL C 219 16.37 -19.02 35.67
CA VAL C 219 17.74 -18.57 35.49
C VAL C 219 18.64 -19.64 36.11
N ASN C 220 19.63 -20.12 35.35
CA ASN C 220 20.45 -21.28 35.74
C ASN C 220 19.60 -22.48 36.17
N GLY C 221 18.44 -22.65 35.52
CA GLY C 221 17.50 -23.70 35.84
C GLY C 221 16.83 -23.60 37.21
N GLN C 222 16.68 -22.40 37.74
CA GLN C 222 16.00 -22.22 39.04
C GLN C 222 14.87 -21.22 38.92
N SER C 223 13.71 -21.58 39.45
CA SER C 223 12.56 -20.66 39.60
C SER C 223 12.55 -20.00 40.97
N GLY C 224 13.29 -20.57 41.93
CA GLY C 224 13.51 -19.94 43.21
C GLY C 224 14.52 -18.80 43.11
N ARG C 225 14.55 -17.93 44.11
CA ARG C 225 15.49 -16.81 44.18
C ARG C 225 16.15 -16.67 45.56
N MET C 226 17.36 -16.11 45.58
CA MET C 226 18.06 -15.79 46.81
C MET C 226 18.29 -14.28 46.86
N GLU C 227 17.75 -13.63 47.90
CA GLU C 227 17.99 -12.20 48.13
C GLU C 227 18.98 -12.07 49.29
N PHE C 228 20.10 -11.39 49.04
CA PHE C 228 21.16 -11.31 50.04
C PHE C 228 21.24 -9.91 50.66
N PHE C 229 21.53 -9.89 51.96
CA PHE C 229 21.59 -8.65 52.73
C PHE C 229 22.89 -8.57 53.51
N TRP C 230 23.22 -7.37 53.98
CA TRP C 230 24.44 -7.15 54.72
C TRP C 230 24.31 -6.06 55.76
N THR C 231 25.27 -6.05 56.68
CA THR C 231 25.45 -4.94 57.62
C THR C 231 26.88 -4.89 58.15
N ILE C 232 27.26 -3.74 58.70
CA ILE C 232 28.54 -3.58 59.37
C ILE C 232 28.24 -3.61 60.85
N LEU C 233 28.73 -4.66 61.50
CA LEU C 233 28.56 -4.83 62.92
C LEU C 233 29.75 -4.17 63.61
N LYS C 234 29.50 -3.08 64.35
CA LYS C 234 30.58 -2.34 64.99
C LYS C 234 31.08 -3.10 66.23
N PRO C 235 32.31 -2.79 66.70
CA PRO C 235 32.85 -3.52 67.85
C PRO C 235 31.99 -3.38 69.08
N ASN C 236 31.97 -4.42 69.90
CA ASN C 236 31.13 -4.47 71.10
C ASN C 236 29.62 -4.51 70.85
N ASP C 237 29.20 -4.65 69.59
CA ASP C 237 27.78 -4.75 69.28
C ASP C 237 27.46 -6.19 68.93
N ALA C 238 26.19 -6.56 69.12
CA ALA C 238 25.73 -7.91 68.86
C ALA C 238 24.68 -7.93 67.75
N ILE C 239 24.74 -8.96 66.90
CA ILE C 239 23.71 -9.20 65.89
C ILE C 239 22.82 -10.36 66.31
N ASN C 240 21.51 -10.20 66.13
CA ASN C 240 20.53 -11.18 66.58
C ASN C 240 19.63 -11.66 65.44
N PHE C 241 19.57 -12.99 65.27
CA PHE C 241 18.72 -13.60 64.23
C PHE C 241 17.57 -14.37 64.87
N GLU C 242 16.43 -14.36 64.20
CA GLU C 242 15.32 -15.25 64.52
C GLU C 242 14.60 -15.62 63.23
N SER C 243 14.25 -16.89 63.06
CA SER C 243 13.59 -17.34 61.82
C SER C 243 12.80 -18.66 61.90
N ASN C 244 11.74 -18.73 61.08
CA ASN C 244 10.91 -19.93 60.91
C ASN C 244 11.35 -20.80 59.75
N GLY C 245 12.18 -20.25 58.87
CA GLY C 245 12.59 -20.93 57.64
C GLY C 245 13.06 -19.95 56.60
N ASN C 246 13.57 -20.49 55.50
CA ASN C 246 14.08 -19.71 54.38
C ASN C 246 15.35 -18.93 54.72
N PHE C 247 15.98 -19.26 55.85
CA PHE C 247 17.12 -18.49 56.36
C PHE C 247 18.42 -19.01 55.75
N ILE C 248 19.21 -18.09 55.19
CA ILE C 248 20.54 -18.40 54.67
C ILE C 248 21.50 -17.81 55.68
N ALA C 249 21.96 -18.64 56.60
CA ALA C 249 22.68 -18.17 57.78
C ALA C 249 24.14 -17.87 57.46
N PRO C 250 24.72 -16.86 58.14
CA PRO C 250 26.17 -16.66 58.00
C PRO C 250 26.97 -17.80 58.62
N GLU C 251 28.06 -18.17 57.97
CA GLU C 251 29.10 -18.98 58.61
C GLU C 251 30.35 -18.14 58.82
N TYR C 252 30.83 -17.54 57.72
CA TYR C 252 32.00 -16.68 57.74
C TYR C 252 31.62 -15.24 57.50
N ALA C 253 32.30 -14.36 58.24
CA ALA C 253 32.21 -12.92 58.04
C ALA C 253 33.63 -12.33 57.94
N TYR C 254 33.73 -11.12 57.39
CA TYR C 254 35.01 -10.48 57.11
C TYR C 254 35.33 -9.35 58.08
N LYS C 255 36.49 -9.44 58.75
CA LYS C 255 36.98 -8.33 59.57
C LYS C 255 37.56 -7.28 58.66
N ILE C 256 37.31 -6.03 58.97
CA ILE C 256 37.89 -4.92 58.25
C ILE C 256 39.13 -4.45 58.99
N VAL C 257 40.29 -4.95 58.58
CA VAL C 257 41.54 -4.72 59.31
C VAL C 257 42.26 -3.47 58.85
N LYS C 258 42.27 -3.25 57.54
CA LYS C 258 42.96 -2.11 56.95
C LYS C 258 41.99 -1.26 56.12
N LYS C 259 41.82 0.00 56.54
CA LYS C 259 41.04 1.00 55.78
C LYS C 259 42.01 1.99 55.14
N GLY C 260 41.79 2.31 53.87
CA GLY C 260 42.63 3.29 53.17
C GLY C 260 42.13 3.60 51.76
N ASP C 261 43.02 4.17 50.94
CA ASP C 261 42.69 4.47 49.53
C ASP C 261 42.67 3.22 48.68
N SER C 262 41.56 3.04 47.98
CA SER C 262 41.40 1.93 47.06
C SER C 262 40.36 2.31 46.02
N THR C 263 40.08 1.39 45.11
CA THR C 263 39.07 1.61 44.10
C THR C 263 38.76 0.30 43.40
N ILE C 264 37.55 0.20 42.87
CA ILE C 264 37.16 -0.93 42.02
C ILE C 264 37.25 -0.45 40.57
N MET C 265 38.14 -1.06 39.81
CA MET C 265 38.50 -0.61 38.46
C MET C 265 37.88 -1.60 37.47
N LYS C 266 37.06 -1.11 36.53
CA LYS C 266 36.39 -1.96 35.52
C LYS C 266 37.32 -2.15 34.34
N SER C 267 37.65 -3.41 34.07
CA SER C 267 38.62 -3.72 33.04
C SER C 267 38.56 -5.19 32.66
N GLU C 268 38.82 -5.44 31.39
CA GLU C 268 38.87 -6.80 30.84
C GLU C 268 40.29 -7.36 30.83
N LEU C 269 41.27 -6.54 31.19
CA LEU C 269 42.66 -6.95 31.19
C LEU C 269 42.97 -7.86 32.36
N GLU C 270 44.04 -8.61 32.23
CA GLU C 270 44.54 -9.51 33.28
C GLU C 270 45.84 -8.93 33.86
N TYR C 271 46.43 -9.66 34.79
CA TYR C 271 47.65 -9.21 35.48
C TYR C 271 48.85 -9.13 34.54
N GLY C 272 49.60 -8.04 34.63
CA GLY C 272 50.73 -7.77 33.74
C GLY C 272 52.10 -8.26 34.19
N ASN C 273 52.20 -8.76 35.44
CA ASN C 273 53.49 -9.09 36.08
C ASN C 273 54.41 -7.88 36.03
N CYS C 274 54.06 -6.89 36.83
CA CYS C 274 54.40 -5.51 36.52
C CYS C 274 54.31 -4.60 37.75
N ASN C 275 55.02 -3.46 37.73
CA ASN C 275 54.95 -2.46 38.80
C ASN C 275 54.91 -1.02 38.29
N THR C 276 54.13 -0.16 38.97
CA THR C 276 53.92 1.22 38.56
C THR C 276 53.51 2.10 39.74
N LYS C 277 53.57 3.42 39.55
CA LYS C 277 53.10 4.40 40.55
C LYS C 277 51.73 4.97 40.22
N CYS C 278 51.21 4.67 39.02
CA CYS C 278 49.95 5.22 38.57
C CYS C 278 49.27 4.25 37.61
N GLN C 279 48.05 3.83 37.95
CA GLN C 279 47.32 2.83 37.18
C GLN C 279 46.02 3.35 36.62
N THR C 280 45.72 2.94 35.39
CA THR C 280 44.42 3.18 34.77
C THR C 280 43.83 1.86 34.33
N PRO C 281 42.50 1.83 34.08
CA PRO C 281 41.85 0.65 33.52
C PRO C 281 42.37 0.16 32.17
N MET C 282 43.04 1.04 31.43
CA MET C 282 43.62 0.68 30.13
C MET C 282 45.10 0.30 30.20
N GLY C 283 45.75 0.65 31.31
CA GLY C 283 47.18 0.39 31.48
C GLY C 283 47.82 1.40 32.42
N ALA C 284 49.08 1.17 32.76
CA ALA C 284 49.78 1.99 33.75
C ALA C 284 50.55 3.12 33.11
N ILE C 285 50.94 4.09 33.95
CA ILE C 285 51.60 5.31 33.49
C ILE C 285 52.90 5.53 34.23
N ASN C 286 53.94 5.75 33.44
CA ASN C 286 55.27 6.02 33.93
C ASN C 286 55.77 7.27 33.24
N SER C 287 55.49 8.40 33.86
CA SER C 287 55.68 9.68 33.21
C SER C 287 55.88 10.76 34.24
N SER C 288 56.68 11.74 33.86
CA SER C 288 56.94 12.92 34.66
C SER C 288 56.19 14.14 34.08
N MET C 289 55.29 13.90 33.13
CA MET C 289 54.45 14.97 32.57
C MET C 289 53.40 15.39 33.60
N PRO C 290 53.01 16.66 33.57
CA PRO C 290 51.96 17.12 34.48
C PRO C 290 50.55 16.70 34.06
N PHE C 291 50.37 16.32 32.80
CA PHE C 291 49.07 15.95 32.27
C PHE C 291 49.12 14.61 31.56
N HIS C 292 47.97 13.98 31.42
CA HIS C 292 47.81 12.83 30.53
C HIS C 292 46.40 12.81 29.96
N ASN C 293 46.20 11.97 28.94
CA ASN C 293 44.88 11.81 28.30
C ASN C 293 44.46 10.34 28.10
N ILE C 294 44.99 9.45 28.94
CA ILE C 294 44.73 8.01 28.87
C ILE C 294 43.31 7.66 29.30
N HIS C 295 42.94 8.03 30.53
CA HIS C 295 41.67 7.64 31.12
C HIS C 295 41.43 8.46 32.40
N PRO C 296 40.18 8.90 32.65
CA PRO C 296 39.93 9.74 33.84
C PRO C 296 40.03 9.03 35.19
N LEU C 297 39.59 7.78 35.28
CA LEU C 297 39.69 6.97 36.50
C LEU C 297 41.09 6.42 36.73
N THR C 298 41.86 7.07 37.60
CA THR C 298 43.19 6.60 37.94
C THR C 298 43.33 6.38 39.45
N ILE C 299 44.42 5.74 39.83
CA ILE C 299 44.77 5.55 41.23
C ILE C 299 46.29 5.63 41.37
N GLY C 300 46.74 6.30 42.44
CA GLY C 300 48.17 6.50 42.69
C GLY C 300 48.61 7.93 42.50
N GLU C 301 49.92 8.12 42.35
CA GLU C 301 50.53 9.44 42.12
C GLU C 301 50.49 9.73 40.62
N CYS C 302 49.43 10.41 40.18
CA CYS C 302 49.16 10.53 38.74
C CYS C 302 49.24 11.95 38.21
N PRO C 303 49.51 12.09 36.89
CA PRO C 303 49.29 13.40 36.28
C PRO C 303 47.79 13.71 36.23
N LYS C 304 47.45 14.95 35.91
CA LYS C 304 46.06 15.37 35.82
C LYS C 304 45.48 15.02 34.47
N TYR C 305 44.28 14.45 34.46
CA TYR C 305 43.67 13.99 33.22
C TYR C 305 43.03 15.16 32.50
N VAL C 306 43.26 15.26 31.19
CA VAL C 306 42.56 16.21 30.33
C VAL C 306 42.11 15.51 29.06
N LYS C 307 41.13 16.11 28.39
CA LYS C 307 40.63 15.57 27.12
C LYS C 307 41.45 15.95 25.89
N SER C 308 42.53 16.71 26.05
CA SER C 308 43.32 17.18 24.92
C SER C 308 44.03 16.07 24.16
N ASN C 309 44.21 16.32 22.87
CA ASN C 309 45.01 15.48 22.00
C ASN C 309 46.46 15.91 22.02
N ARG C 310 46.72 17.15 22.42
CA ARG C 310 48.02 17.76 22.28
C ARG C 310 48.15 18.99 23.20
N LEU C 311 49.20 19.03 24.05
CA LEU C 311 49.52 20.24 24.85
C LEU C 311 51.01 20.52 24.81
N VAL C 312 51.42 21.56 24.08
CA VAL C 312 52.83 21.86 23.83
C VAL C 312 53.12 23.31 24.10
N LEU C 313 54.00 23.57 25.08
CA LEU C 313 54.43 24.92 25.45
C LEU C 313 55.66 25.35 24.67
N ALA C 314 55.64 26.61 24.22
CA ALA C 314 56.80 27.21 23.64
C ALA C 314 57.78 27.55 24.74
N THR C 315 59.04 27.21 24.47
CA THR C 315 60.13 27.64 25.32
C THR C 315 61.03 28.57 24.53
N GLY C 316 61.42 28.12 23.34
CA GLY C 316 62.25 28.93 22.47
C GLY C 316 61.44 29.98 21.74
N LEU C 317 62.00 30.44 20.63
CA LEU C 317 61.43 31.53 19.88
C LEU C 317 61.12 31.10 18.46
N ARG C 318 60.45 31.98 17.74
CA ARG C 318 59.99 31.69 16.40
C ARG C 318 61.17 31.34 15.50
N ASN C 319 61.12 30.15 14.92
CA ASN C 319 62.21 29.67 14.09
C ASN C 319 62.07 30.15 12.63
N SER C 320 63.20 30.49 12.02
CA SER C 320 63.22 31.13 10.72
C SER C 320 63.32 30.13 9.56
N PRO C 321 62.68 30.44 8.42
CA PRO C 321 63.05 29.76 7.15
C PRO C 321 64.40 30.25 6.61
N GLY D 1 55.86 39.95 15.10
CA GLY D 1 55.65 39.99 16.59
C GLY D 1 55.38 41.39 17.09
N LEU D 2 54.83 41.48 18.29
CA LEU D 2 54.40 42.76 18.82
C LEU D 2 55.48 43.81 18.87
N PHE D 3 56.71 43.38 19.03
CA PHE D 3 57.79 44.30 19.28
C PHE D 3 58.62 44.65 18.04
N GLY D 4 58.34 43.98 16.94
CA GLY D 4 58.87 44.37 15.65
C GLY D 4 60.28 43.93 15.31
N ALA D 5 60.94 43.25 16.23
CA ALA D 5 62.33 42.85 16.01
C ALA D 5 62.40 41.50 15.31
N ILE D 6 61.96 40.44 15.98
CA ILE D 6 62.05 39.08 15.45
C ILE D 6 61.17 38.94 14.20
N ALA D 7 61.77 38.48 13.12
CA ALA D 7 61.12 38.42 11.82
C ALA D 7 60.48 39.76 11.47
N GLY D 8 61.15 40.85 11.84
CA GLY D 8 60.69 42.21 11.56
C GLY D 8 61.83 42.99 10.94
N PHE D 9 62.38 43.97 11.66
CA PHE D 9 63.53 44.70 11.12
C PHE D 9 64.81 43.85 11.20
N ILE D 10 64.80 42.83 12.06
CA ILE D 10 65.80 41.79 12.01
C ILE D 10 65.18 40.63 11.25
N GLU D 11 65.62 40.47 9.99
CA GLU D 11 64.89 39.61 9.04
C GLU D 11 64.82 38.15 9.42
N GLY D 12 65.91 37.62 9.96
CA GLY D 12 65.97 36.21 10.37
C GLY D 12 66.92 35.96 11.51
N GLY D 13 66.82 34.76 12.07
CA GLY D 13 67.75 34.33 13.12
C GLY D 13 69.09 33.89 12.58
N TRP D 14 69.96 33.45 13.49
CA TRP D 14 71.31 33.02 13.19
C TRP D 14 71.56 31.57 13.62
N GLN D 15 71.75 30.70 12.64
CA GLN D 15 72.15 29.32 12.91
C GLN D 15 73.50 29.30 13.64
N GLY D 16 74.37 30.26 13.32
CA GLY D 16 75.73 30.34 13.85
C GLY D 16 75.89 30.74 15.31
N MET D 17 74.85 31.28 15.95
CA MET D 17 74.90 31.61 17.36
C MET D 17 74.25 30.53 18.14
N VAL D 18 75.09 29.67 18.68
CA VAL D 18 74.63 28.45 19.29
C VAL D 18 74.46 28.55 20.81
N ASP D 19 75.17 29.53 21.40
CA ASP D 19 75.43 29.60 22.83
C ASP D 19 74.46 30.41 23.70
N GLY D 20 73.45 30.94 23.06
CA GLY D 20 72.47 31.79 23.71
C GLY D 20 71.34 32.09 22.76
N TRP D 21 70.32 32.72 23.31
CA TRP D 21 69.12 33.01 22.54
C TRP D 21 69.25 34.34 21.79
N TYR D 22 69.93 35.29 22.40
CA TYR D 22 70.14 36.60 21.78
C TYR D 22 71.61 36.93 21.88
N GLY D 23 72.09 37.75 20.95
CA GLY D 23 73.49 38.18 21.01
C GLY D 23 73.94 39.06 19.87
N TYR D 24 75.24 39.07 19.66
CA TYR D 24 75.91 40.03 18.79
C TYR D 24 76.67 39.33 17.70
N HIS D 25 76.72 39.96 16.53
CA HIS D 25 77.65 39.57 15.49
C HIS D 25 78.50 40.77 15.14
N HIS D 26 79.82 40.60 15.22
CA HIS D 26 80.74 41.70 14.99
C HIS D 26 81.54 41.43 13.73
N SER D 27 82.02 42.50 13.12
CA SER D 27 82.78 42.41 11.88
C SER D 27 83.73 43.60 11.75
N ASN D 28 85.03 43.32 11.79
CA ASN D 28 86.08 44.36 11.69
C ASN D 28 87.31 43.84 10.96
N GLU D 29 88.42 44.58 11.04
CA GLU D 29 89.66 44.18 10.37
C GLU D 29 90.30 42.91 10.91
N GLN D 30 90.07 42.61 12.18
CA GLN D 30 90.64 41.41 12.81
C GLN D 30 89.86 40.15 12.46
N GLY D 31 88.61 40.31 12.04
CA GLY D 31 87.74 39.17 11.71
C GLY D 31 86.30 39.40 12.13
N SER D 32 85.57 38.31 12.31
CA SER D 32 84.14 38.40 12.63
C SER D 32 83.68 37.18 13.42
N GLY D 33 82.50 37.30 14.04
CA GLY D 33 81.94 36.19 14.78
C GLY D 33 80.71 36.52 15.61
N TYR D 34 80.17 35.48 16.22
CA TYR D 34 78.98 35.59 17.05
C TYR D 34 79.35 35.53 18.52
N ALA D 35 78.59 36.26 19.34
CA ALA D 35 78.75 36.18 20.78
C ALA D 35 77.40 36.34 21.43
N ALA D 36 77.05 35.39 22.27
CA ALA D 36 75.79 35.45 22.97
C ALA D 36 75.79 36.47 24.11
N ASP D 37 74.66 37.17 24.29
CA ASP D 37 74.47 38.07 25.44
C ASP D 37 73.87 37.19 26.48
N LYS D 38 74.69 36.76 27.42
CA LYS D 38 74.29 35.75 28.40
C LYS D 38 73.24 36.31 29.37
N GLU D 39 73.42 37.55 29.81
CA GLU D 39 72.54 38.10 30.81
C GLU D 39 71.13 38.17 30.30
N SER D 40 70.97 38.70 29.10
CA SER D 40 69.66 38.82 28.52
C SER D 40 69.10 37.42 28.32
N THR D 41 70.00 36.48 28.01
CA THR D 41 69.64 35.09 27.80
C THR D 41 69.22 34.40 29.07
N GLN D 42 69.98 34.58 30.14
CA GLN D 42 69.67 33.96 31.42
C GLN D 42 68.39 34.56 32.03
N LYS D 43 68.17 35.84 31.85
CA LYS D 43 66.89 36.47 32.20
C LYS D 43 65.73 35.73 31.54
N ALA D 44 65.87 35.46 30.24
CA ALA D 44 64.82 34.77 29.49
C ALA D 44 64.60 33.35 29.99
N ILE D 45 65.69 32.66 30.30
CA ILE D 45 65.59 31.31 30.79
C ILE D 45 64.87 31.28 32.14
N ASP D 46 65.13 32.25 33.01
CA ASP D 46 64.48 32.30 34.33
C ASP D 46 62.97 32.57 34.20
N GLY D 47 62.59 33.45 33.29
CA GLY D 47 61.20 33.78 33.10
C GLY D 47 60.40 32.61 32.54
N VAL D 48 60.94 31.96 31.52
CA VAL D 48 60.28 30.82 30.89
C VAL D 48 60.21 29.63 31.82
N THR D 49 61.27 29.38 32.58
CA THR D 49 61.27 28.33 33.59
C THR D 49 60.19 28.56 34.64
N ASN D 50 60.15 29.77 35.19
CA ASN D 50 59.11 30.12 36.15
C ASN D 50 57.71 29.98 35.57
N LYS D 51 57.54 30.35 34.30
CA LYS D 51 56.26 30.21 33.62
C LYS D 51 55.80 28.75 33.56
N VAL D 52 56.69 27.88 33.09
CA VAL D 52 56.35 26.47 32.95
C VAL D 52 55.93 25.90 34.32
N ASN D 53 56.74 26.15 35.34
CA ASN D 53 56.42 25.69 36.69
C ASN D 53 55.14 26.29 37.24
N SER D 54 54.89 27.57 36.93
CA SER D 54 53.63 28.24 37.31
C SER D 54 52.46 27.54 36.66
N ILE D 55 52.57 27.22 35.38
CA ILE D 55 51.53 26.49 34.67
C ILE D 55 51.30 25.12 35.25
N ILE D 56 52.36 24.33 35.31
CA ILE D 56 52.26 22.98 35.88
C ILE D 56 51.59 23.03 37.25
N ASP D 57 52.09 23.92 38.11
CA ASP D 57 51.65 23.99 39.51
C ASP D 57 50.22 24.48 39.72
N LYS D 58 49.77 25.44 38.92
CA LYS D 58 48.37 25.91 38.94
C LYS D 58 47.35 24.82 38.61
N MET D 59 47.75 23.87 37.77
CA MET D 59 46.89 22.75 37.39
C MET D 59 47.03 21.56 38.36
N ASN D 60 47.82 21.76 39.44
CA ASN D 60 48.03 20.78 40.49
C ASN D 60 46.73 20.36 41.18
N THR D 61 45.98 21.31 41.74
CA THR D 61 44.65 21.00 42.30
C THR D 61 43.66 21.04 41.17
N GLN D 62 43.00 19.91 40.93
CA GLN D 62 42.09 19.78 39.81
C GLN D 62 41.20 18.56 40.01
N PHE D 63 40.03 18.58 39.38
CA PHE D 63 39.02 17.52 39.54
C PHE D 63 39.53 16.10 39.25
N GLU D 64 39.28 15.21 40.21
CA GLU D 64 39.59 13.81 40.08
C GLU D 64 38.29 13.03 40.14
N ALA D 65 38.02 12.27 39.08
CA ALA D 65 36.80 11.49 38.96
C ALA D 65 36.90 10.22 39.78
N VAL D 66 35.78 9.80 40.35
CA VAL D 66 35.71 8.55 41.09
C VAL D 66 34.64 7.67 40.45
N GLY D 67 34.82 6.35 40.52
CA GLY D 67 33.82 5.41 40.03
C GLY D 67 32.64 5.28 40.99
N ARG D 68 31.43 5.50 40.46
CA ARG D 68 30.19 5.28 41.22
C ARG D 68 29.21 4.54 40.33
N GLU D 69 28.56 3.52 40.88
CA GLU D 69 27.66 2.70 40.09
C GLU D 69 26.25 2.83 40.62
N PHE D 70 25.29 2.59 39.74
CA PHE D 70 23.86 2.80 40.02
C PHE D 70 23.02 1.70 39.36
N ASN D 71 21.94 1.28 40.02
CA ASN D 71 21.10 0.22 39.49
C ASN D 71 20.18 0.71 38.36
N ASN D 72 19.33 -0.19 37.86
CA ASN D 72 18.45 0.10 36.72
C ASN D 72 17.36 1.15 36.99
N LEU D 73 16.95 1.29 38.25
CA LEU D 73 15.98 2.33 38.64
C LEU D 73 16.65 3.52 39.38
N GLU D 74 17.89 3.82 39.02
CA GLU D 74 18.59 5.02 39.51
C GLU D 74 19.20 5.77 38.32
N ARG D 75 18.46 5.85 37.23
CA ARG D 75 18.96 6.46 36.01
C ARG D 75 19.16 7.96 36.12
N ARG D 76 18.28 8.62 36.86
CA ARG D 76 18.37 10.06 37.01
C ARG D 76 19.69 10.48 37.65
N ILE D 77 20.01 9.91 38.81
CA ILE D 77 21.26 10.25 39.50
C ILE D 77 22.50 9.72 38.79
N GLU D 78 22.37 8.60 38.08
CA GLU D 78 23.47 8.13 37.24
C GLU D 78 23.80 9.20 36.19
N ASN D 79 22.76 9.75 35.57
CA ASN D 79 22.92 10.80 34.55
C ASN D 79 23.52 12.04 35.17
N LEU D 80 23.04 12.36 36.37
CA LEU D 80 23.55 13.51 37.11
C LEU D 80 25.03 13.34 37.32
N ASN D 81 25.41 12.17 37.81
CA ASN D 81 26.80 11.85 38.07
C ASN D 81 27.67 12.00 36.84
N LYS D 82 27.17 11.51 35.71
CA LYS D 82 27.91 11.56 34.46
C LYS D 82 28.09 12.98 33.96
N LYS D 83 26.99 13.75 33.97
CA LYS D 83 27.01 15.15 33.57
C LYS D 83 27.94 15.97 34.46
N MET D 84 27.95 15.65 35.74
CA MET D 84 28.81 16.33 36.69
C MET D 84 30.27 16.06 36.35
N GLU D 85 30.64 14.80 36.13
CA GLU D 85 32.05 14.46 35.91
C GLU D 85 32.55 14.96 34.58
N ASP D 86 31.75 14.78 33.53
CA ASP D 86 32.05 15.36 32.21
C ASP D 86 32.17 16.88 32.25
N GLY D 87 31.29 17.52 33.01
CA GLY D 87 31.28 18.98 33.12
C GLY D 87 32.59 19.54 33.62
N PHE D 88 33.12 18.93 34.67
CA PHE D 88 34.40 19.33 35.22
C PHE D 88 35.58 19.05 34.30
N LEU D 89 35.54 17.91 33.61
CA LEU D 89 36.60 17.58 32.66
C LEU D 89 36.66 18.60 31.53
N ASP D 90 35.50 18.98 31.01
CA ASP D 90 35.45 19.98 29.95
C ASP D 90 35.97 21.33 30.43
N VAL D 91 35.62 21.72 31.66
CA VAL D 91 36.12 22.96 32.27
C VAL D 91 37.63 22.98 32.40
N TRP D 92 38.19 21.88 32.90
CA TRP D 92 39.63 21.80 33.07
C TRP D 92 40.38 21.59 31.77
N THR D 93 39.75 20.94 30.80
CA THR D 93 40.33 20.81 29.47
C THR D 93 40.40 22.18 28.82
N TYR D 94 39.34 22.97 28.96
CA TYR D 94 39.31 24.36 28.46
C TYR D 94 40.40 25.17 29.12
N ASN D 95 40.46 25.16 30.46
CA ASN D 95 41.47 25.92 31.19
C ASN D 95 42.89 25.59 30.73
N ALA D 96 43.19 24.30 30.60
CA ALA D 96 44.52 23.85 30.17
C ALA D 96 44.85 24.29 28.76
N GLU D 97 43.94 24.05 27.82
CA GLU D 97 44.21 24.39 26.43
C GLU D 97 44.32 25.89 26.19
N LEU D 98 43.46 26.65 26.85
CA LEU D 98 43.45 28.10 26.70
C LEU D 98 44.69 28.71 27.35
N LEU D 99 45.10 28.18 28.49
CA LEU D 99 46.27 28.70 29.17
C LEU D 99 47.50 28.49 28.30
N VAL D 100 47.61 27.31 27.69
CA VAL D 100 48.74 27.02 26.83
C VAL D 100 48.77 27.96 25.63
N LEU D 101 47.61 28.17 25.01
CA LEU D 101 47.53 29.09 23.87
C LEU D 101 47.90 30.50 24.26
N MET D 102 47.31 31.02 25.32
CA MET D 102 47.55 32.39 25.73
C MET D 102 49.00 32.60 26.11
N GLU D 103 49.58 31.67 26.85
CA GLU D 103 50.96 31.82 27.33
C GLU D 103 52.02 31.54 26.25
N ASN D 104 51.70 30.69 25.29
CA ASN D 104 52.53 30.56 24.09
C ASN D 104 52.66 31.86 23.32
N GLU D 105 51.54 32.55 23.14
CA GLU D 105 51.59 33.84 22.48
C GLU D 105 52.49 34.79 23.26
N ARG D 106 52.35 34.81 24.58
CA ARG D 106 53.14 35.72 25.40
C ARG D 106 54.61 35.33 25.42
N THR D 107 54.91 34.04 25.30
CA THR D 107 56.30 33.58 25.29
C THR D 107 57.01 34.04 24.01
N LEU D 108 56.34 33.93 22.88
CA LEU D 108 56.94 34.37 21.62
C LEU D 108 57.17 35.88 21.62
N ASP D 109 56.17 36.63 22.07
CA ASP D 109 56.31 38.07 22.22
C ASP D 109 57.41 38.49 23.22
N PHE D 110 57.58 37.71 24.29
CA PHE D 110 58.60 37.96 25.30
C PHE D 110 60.01 37.95 24.70
N HIS D 111 60.28 36.93 23.90
CA HIS D 111 61.55 36.84 23.13
C HIS D 111 61.75 38.03 22.20
N ASP D 112 60.70 38.40 21.50
CA ASP D 112 60.72 39.53 20.60
C ASP D 112 61.12 40.78 21.39
N SER D 113 60.47 40.97 22.54
CA SER D 113 60.78 42.07 23.45
C SER D 113 62.25 42.09 23.91
N ASN D 114 62.75 40.93 24.29
CA ASN D 114 64.13 40.87 24.75
C ASN D 114 65.11 41.27 23.63
N VAL D 115 64.80 40.93 22.38
CA VAL D 115 65.65 41.29 21.24
C VAL D 115 65.60 42.78 20.97
N LYS D 116 64.39 43.33 20.98
CA LYS D 116 64.19 44.76 20.78
C LYS D 116 64.94 45.57 21.84
N ASN D 117 64.85 45.14 23.10
CA ASN D 117 65.54 45.84 24.18
C ASN D 117 67.06 45.74 24.07
N LEU D 118 67.57 44.60 23.61
CA LEU D 118 69.00 44.44 23.41
C LEU D 118 69.48 45.35 22.30
N TYR D 119 68.70 45.44 21.23
CA TYR D 119 69.02 46.35 20.15
C TYR D 119 69.04 47.78 20.61
N ASP D 120 68.00 48.18 21.35
CA ASP D 120 67.95 49.57 21.85
C ASP D 120 69.12 49.86 22.83
N LYS D 121 69.45 48.90 23.70
CA LYS D 121 70.59 48.99 24.62
C LYS D 121 71.85 49.41 23.92
N VAL D 122 72.14 48.79 22.79
CA VAL D 122 73.31 49.10 22.00
C VAL D 122 73.17 50.44 21.31
N ARG D 123 72.01 50.68 20.73
CA ARG D 123 71.72 51.96 20.06
C ARG D 123 71.98 53.11 21.01
N LEU D 124 71.46 52.99 22.23
CA LEU D 124 71.56 54.06 23.24
C LEU D 124 72.97 54.33 23.73
N GLN D 125 73.88 53.35 23.57
CA GLN D 125 75.29 53.54 23.87
C GLN D 125 75.98 54.26 22.72
N LEU D 126 75.81 53.72 21.51
CA LEU D 126 76.52 54.23 20.35
C LEU D 126 76.05 55.63 19.94
N ARG D 127 74.75 55.90 20.04
CA ARG D 127 74.19 57.22 19.69
C ARG D 127 74.59 57.63 18.27
N ASP D 128 75.37 58.70 18.10
CA ASP D 128 75.72 59.18 16.76
C ASP D 128 77.16 58.83 16.34
N ASN D 129 77.79 57.91 17.06
CA ASN D 129 79.10 57.37 16.66
C ASN D 129 79.00 56.20 15.68
N ALA D 130 77.79 55.88 15.22
CA ALA D 130 77.58 54.80 14.24
C ALA D 130 76.34 55.04 13.38
N LYS D 131 76.31 54.46 12.19
CA LYS D 131 75.14 54.52 11.31
C LYS D 131 74.20 53.38 11.62
N GLU D 132 72.96 53.72 11.96
CA GLU D 132 71.91 52.74 12.15
C GLU D 132 71.44 52.32 10.77
N LEU D 133 71.83 51.11 10.36
CA LEU D 133 71.55 50.65 9.00
C LEU D 133 70.10 50.25 8.74
N GLY D 134 69.38 49.87 9.80
CA GLY D 134 67.95 49.54 9.72
C GLY D 134 67.63 48.07 9.60
N ASN D 135 68.63 47.21 9.83
CA ASN D 135 68.46 45.76 9.70
C ASN D 135 69.00 44.98 10.90
N GLY D 136 69.18 45.69 12.02
CA GLY D 136 69.80 45.12 13.19
C GLY D 136 71.26 45.52 13.35
N CYS D 137 71.82 46.22 12.36
CA CYS D 137 73.26 46.49 12.36
C CYS D 137 73.61 47.93 12.54
N PHE D 138 74.80 48.15 13.11
CA PHE D 138 75.35 49.45 13.33
C PHE D 138 76.72 49.51 12.71
N GLU D 139 76.91 50.42 11.76
CA GLU D 139 78.20 50.61 11.10
C GLU D 139 78.94 51.76 11.79
N PHE D 140 80.12 51.48 12.33
CA PHE D 140 80.90 52.48 13.07
C PHE D 140 81.56 53.51 12.15
N TYR D 141 81.70 54.75 12.64
CA TYR D 141 82.48 55.79 11.93
C TYR D 141 83.97 55.63 12.18
N HIS D 142 84.32 55.23 13.40
CA HIS D 142 85.71 54.95 13.76
C HIS D 142 86.00 53.46 13.60
N LYS D 143 87.28 53.08 13.62
CA LYS D 143 87.65 51.68 13.72
C LYS D 143 87.27 51.17 15.11
N CYS D 144 86.72 49.97 15.15
CA CYS D 144 86.29 49.35 16.40
C CYS D 144 86.92 47.96 16.47
N ASP D 145 88.05 47.86 17.13
CA ASP D 145 88.75 46.58 17.32
C ASP D 145 88.03 45.69 18.33
N ASN D 146 88.58 44.51 18.61
CA ASN D 146 87.89 43.53 19.46
C ASN D 146 87.58 44.00 20.87
N GLU D 147 88.48 44.80 21.45
CA GLU D 147 88.22 45.39 22.77
C GLU D 147 87.11 46.44 22.67
N CYS D 148 87.11 47.21 21.59
CA CYS D 148 86.05 48.16 21.31
C CYS D 148 84.72 47.42 21.22
N MET D 149 84.67 46.35 20.43
CA MET D 149 83.47 45.51 20.32
C MET D 149 83.03 44.98 21.67
N GLU D 150 83.97 44.47 22.45
CA GLU D 150 83.65 43.93 23.76
C GLU D 150 83.00 44.98 24.69
N SER D 151 83.48 46.21 24.61
CA SER D 151 82.93 47.31 25.43
C SER D 151 81.48 47.63 25.06
N VAL D 152 81.10 47.35 23.83
CA VAL D 152 79.71 47.49 23.40
C VAL D 152 78.88 46.40 24.09
N ARG D 153 79.37 45.17 24.05
CA ARG D 153 78.70 44.04 24.71
C ARG D 153 78.68 44.20 26.22
N ASN D 154 79.73 44.83 26.75
CA ASN D 154 79.84 45.17 28.17
C ASN D 154 78.73 46.04 28.72
N GLY D 155 78.41 47.09 27.98
CA GLY D 155 77.71 48.25 28.51
C GLY D 155 78.68 49.39 28.79
N THR D 156 79.95 49.20 28.43
CA THR D 156 81.06 50.08 28.81
C THR D 156 81.55 50.96 27.64
N TYR D 157 80.85 50.95 26.51
CA TYR D 157 81.32 51.67 25.33
C TYR D 157 81.53 53.16 25.65
N ASP D 158 82.79 53.60 25.68
CA ASP D 158 83.11 54.97 26.07
C ASP D 158 82.83 55.96 24.91
N TYR D 159 81.65 56.57 24.95
CA TYR D 159 81.18 57.44 23.86
C TYR D 159 82.07 58.67 23.62
N PRO D 160 82.42 59.41 24.68
CA PRO D 160 83.31 60.57 24.52
C PRO D 160 84.67 60.26 23.90
N GLN D 161 85.16 59.03 24.10
CA GLN D 161 86.43 58.60 23.52
C GLN D 161 86.41 58.65 21.98
N TYR D 162 85.24 58.44 21.40
CA TYR D 162 85.06 58.57 19.96
C TYR D 162 83.97 59.62 19.72
N ASP E 1 72.33 72.17 30.28
CA ASP E 1 70.89 72.12 30.69
C ASP E 1 70.22 70.89 30.09
N GLN E 2 69.45 70.15 30.91
CA GLN E 2 68.86 68.89 30.45
C GLN E 2 67.52 68.59 31.09
N ILE E 3 66.75 67.72 30.43
CA ILE E 3 65.48 67.20 30.96
C ILE E 3 65.46 65.70 30.86
N CYS E 4 65.00 65.06 31.92
CA CYS E 4 65.06 63.62 32.08
C CYS E 4 63.70 63.05 32.37
N ILE E 5 63.49 61.80 31.97
CA ILE E 5 62.22 61.14 32.18
C ILE E 5 62.44 60.03 33.16
N GLY E 6 61.48 59.83 34.07
CA GLY E 6 61.62 58.79 35.09
C GLY E 6 60.30 58.46 35.77
N TYR E 7 60.37 57.65 36.81
CA TYR E 7 59.17 57.10 37.44
C TYR E 7 59.30 56.98 38.93
N HIS E 8 58.19 56.70 39.59
CA HIS E 8 58.07 56.69 41.05
C HIS E 8 58.76 55.50 41.69
N ALA E 9 59.39 55.76 42.82
CA ALA E 9 59.86 54.71 43.72
C ALA E 9 59.53 55.15 45.13
N ASN E 10 59.53 54.21 46.05
CA ASN E 10 59.28 54.52 47.45
C ASN E 10 59.86 53.42 48.35
N ASN E 11 59.55 53.46 49.66
CA ASN E 11 60.13 52.50 50.61
C ASN E 11 59.29 51.22 50.78
N SER E 12 58.35 50.96 49.87
CA SER E 12 57.43 49.82 49.97
C SER E 12 58.13 48.48 49.83
N THR E 13 57.66 47.53 50.63
CA THR E 13 58.10 46.13 50.57
C THR E 13 56.96 45.18 50.16
N GLU E 14 55.77 45.71 49.82
CA GLU E 14 54.66 44.89 49.32
C GLU E 14 55.14 44.12 48.11
N GLN E 15 54.75 42.86 48.04
CA GLN E 15 55.12 41.99 46.89
C GLN E 15 53.90 41.37 46.24
N VAL E 16 53.98 41.14 44.93
CA VAL E 16 52.91 40.48 44.20
C VAL E 16 53.53 39.40 43.36
N ASP E 17 52.73 38.43 42.94
CA ASP E 17 53.19 37.40 41.99
C ASP E 17 52.68 37.69 40.57
N THR E 18 53.44 37.22 39.57
CA THR E 18 53.02 37.17 38.16
C THR E 18 53.28 35.77 37.63
N ILE E 19 52.89 35.48 36.39
CA ILE E 19 53.17 34.16 35.78
C ILE E 19 54.68 33.88 35.70
N MET E 20 55.42 34.90 35.26
CA MET E 20 56.84 34.76 34.94
C MET E 20 57.75 35.06 36.09
N GLU E 21 57.23 35.72 37.12
CA GLU E 21 58.07 36.13 38.24
C GLU E 21 57.27 36.20 39.54
N LYS E 22 57.85 35.69 40.62
CA LYS E 22 57.18 35.68 41.90
C LYS E 22 57.90 36.65 42.83
N ASN E 23 57.18 37.22 43.81
CA ASN E 23 57.76 38.13 44.79
C ASN E 23 58.40 39.37 44.16
N VAL E 24 57.62 40.02 43.31
CA VAL E 24 58.02 41.29 42.71
C VAL E 24 57.66 42.39 43.68
N THR E 25 58.63 43.19 44.10
CA THR E 25 58.35 44.31 44.99
C THR E 25 57.73 45.44 44.18
N VAL E 26 56.60 45.94 44.65
CA VAL E 26 55.91 47.04 43.98
C VAL E 26 55.70 48.21 44.91
N THR E 27 55.48 49.38 44.33
CA THR E 27 55.30 50.61 45.08
C THR E 27 53.99 50.64 45.83
N HIS E 28 52.96 50.01 45.25
CA HIS E 28 51.68 49.88 45.89
C HIS E 28 50.98 48.59 45.50
N ALA E 29 50.19 48.05 46.42
CA ALA E 29 49.39 46.85 46.19
C ALA E 29 48.08 46.89 46.98
N GLN E 30 47.14 46.03 46.59
CA GLN E 30 45.81 45.96 47.23
C GLN E 30 45.40 44.51 47.50
N ASP E 31 45.28 44.19 48.79
CA ASP E 31 44.89 42.87 49.23
C ASP E 31 43.40 42.76 49.03
N ILE E 32 42.96 41.65 48.46
CA ILE E 32 41.54 41.41 48.21
C ILE E 32 40.95 40.18 48.90
N LEU E 33 41.72 39.56 49.79
CA LEU E 33 41.29 38.34 50.50
C LEU E 33 41.17 38.58 51.98
N GLU E 34 39.98 38.37 52.54
CA GLU E 34 39.79 38.41 54.00
C GLU E 34 40.26 37.10 54.64
N LYS E 35 41.19 37.22 55.58
CA LYS E 35 41.81 36.06 56.22
C LYS E 35 41.36 35.85 57.66
N THR E 36 40.73 36.85 58.26
CA THR E 36 40.40 36.79 59.69
C THR E 36 38.91 36.71 59.97
N HIS E 37 38.58 36.18 61.15
CA HIS E 37 37.21 36.11 61.66
C HIS E 37 37.23 36.31 63.16
N ASN E 38 36.06 36.52 63.79
CA ASN E 38 36.01 36.83 65.23
C ASN E 38 35.87 35.59 66.14
N GLY E 39 35.59 34.44 65.54
CA GLY E 39 35.64 33.15 66.22
C GLY E 39 34.40 32.85 67.04
N LYS E 40 33.29 33.51 66.70
CA LYS E 40 32.09 33.46 67.50
C LYS E 40 30.84 33.24 66.65
N LEU E 41 29.81 32.71 67.28
CA LEU E 41 28.48 32.61 66.66
C LEU E 41 27.67 33.83 67.09
N CYS E 42 27.09 34.52 66.11
CA CYS E 42 26.52 35.84 66.35
C CYS E 42 25.14 35.96 65.78
N ASP E 43 24.43 36.99 66.25
CA ASP E 43 23.17 37.40 65.64
C ASP E 43 23.48 37.77 64.19
N LEU E 44 22.61 37.34 63.29
CA LEU E 44 22.70 37.71 61.88
C LEU E 44 21.73 38.84 61.63
N ASP E 45 22.26 40.02 61.32
CA ASP E 45 21.47 41.21 61.12
C ASP E 45 20.48 41.48 62.26
N GLY E 46 20.97 41.29 63.49
CA GLY E 46 20.14 41.45 64.72
C GLY E 46 19.27 40.27 65.20
N VAL E 47 18.82 39.43 64.22
CA VAL E 47 18.03 38.24 64.47
C VAL E 47 18.85 37.03 64.96
N LYS E 48 18.71 36.73 66.24
CA LYS E 48 19.48 35.69 66.91
C LYS E 48 19.25 34.32 66.27
N PRO E 49 20.30 33.48 66.21
CA PRO E 49 20.11 32.12 65.75
C PRO E 49 19.51 31.21 66.82
N LEU E 50 19.01 30.06 66.39
CA LEU E 50 18.60 28.99 67.28
C LEU E 50 19.82 28.12 67.54
N ILE E 51 20.36 28.16 68.76
CA ILE E 51 21.51 27.34 69.10
C ILE E 51 21.07 26.13 69.91
N LEU E 52 21.01 24.97 69.26
CA LEU E 52 20.48 23.73 69.86
C LEU E 52 21.38 23.15 70.93
N ARG E 53 22.63 23.59 70.97
CA ARG E 53 23.56 23.20 72.04
C ARG E 53 23.77 21.68 72.00
N ASP E 54 23.41 20.95 73.05
CA ASP E 54 23.62 19.48 73.11
C ASP E 54 22.46 18.70 72.46
N CYS E 55 21.42 19.40 72.00
CA CYS E 55 20.27 18.75 71.38
C CYS E 55 20.43 18.69 69.88
N SER E 56 19.81 17.69 69.28
CA SER E 56 19.71 17.55 67.82
C SER E 56 18.39 18.11 67.35
N VAL E 57 18.22 18.14 66.04
CA VAL E 57 16.97 18.58 65.44
C VAL E 57 15.83 17.64 65.85
N ALA E 58 16.13 16.34 65.95
CA ALA E 58 15.15 15.34 66.36
C ALA E 58 14.77 15.51 67.84
N GLY E 59 15.78 15.55 68.71
CA GLY E 59 15.58 15.81 70.14
C GLY E 59 14.72 17.06 70.36
N TRP E 60 15.04 18.12 69.64
CA TRP E 60 14.25 19.36 69.69
C TRP E 60 12.80 19.13 69.28
N LEU E 61 12.59 18.68 68.06
CA LEU E 61 11.24 18.62 67.48
C LEU E 61 10.33 17.60 68.14
N LEU E 62 10.85 16.41 68.40
CA LEU E 62 10.08 15.39 69.13
C LEU E 62 9.80 15.77 70.58
N GLY E 63 10.67 16.63 71.15
CA GLY E 63 10.52 17.09 72.54
C GLY E 63 11.20 16.20 73.56
N ASN E 64 12.47 15.87 73.30
CA ASN E 64 13.30 15.12 74.25
C ASN E 64 13.29 15.87 75.58
N PRO E 65 12.96 15.18 76.69
CA PRO E 65 12.88 15.81 78.01
C PRO E 65 14.09 16.68 78.39
N MET E 66 15.27 16.28 77.93
CA MET E 66 16.50 17.05 78.15
C MET E 66 16.58 18.32 77.29
N CYS E 67 15.61 18.56 76.41
CA CYS E 67 15.63 19.70 75.48
C CYS E 67 14.48 20.67 75.72
N ASP E 68 14.15 20.85 76.99
CA ASP E 68 13.08 21.77 77.38
C ASP E 68 13.44 23.23 77.12
N GLU E 69 14.74 23.55 77.09
CA GLU E 69 15.20 24.88 76.71
C GLU E 69 14.52 25.35 75.42
N PHE E 70 14.26 24.40 74.52
CA PHE E 70 13.67 24.69 73.22
C PHE E 70 12.20 24.30 73.13
N ILE E 71 11.50 24.42 74.26
CA ILE E 71 10.07 24.13 74.30
C ILE E 71 9.25 25.07 73.40
N ASN E 72 9.59 26.36 73.40
CA ASN E 72 8.98 27.34 72.49
C ASN E 72 9.94 28.42 72.05
N VAL E 73 10.67 28.11 70.99
CA VAL E 73 11.72 28.99 70.49
C VAL E 73 11.15 30.11 69.61
N PRO E 74 11.69 31.33 69.74
CA PRO E 74 11.27 32.43 68.88
C PRO E 74 11.87 32.30 67.49
N GLU E 75 11.52 33.25 66.61
CA GLU E 75 12.07 33.32 65.25
C GLU E 75 13.60 33.28 65.25
N TRP E 76 14.19 32.55 64.30
CA TRP E 76 15.64 32.48 64.17
C TRP E 76 16.12 32.91 62.80
N SER E 77 17.40 33.25 62.71
CA SER E 77 18.06 33.59 61.44
C SER E 77 18.70 32.36 60.81
N TYR E 78 19.44 31.61 61.62
CA TYR E 78 19.98 30.32 61.23
C TYR E 78 19.98 29.39 62.43
N ILE E 79 20.26 28.11 62.19
CA ILE E 79 20.25 27.10 63.25
C ILE E 79 21.65 26.54 63.45
N VAL E 80 22.03 26.28 64.71
CA VAL E 80 23.35 25.71 65.02
C VAL E 80 23.21 24.39 65.76
N GLU E 81 23.85 23.37 65.23
CA GLU E 81 23.78 22.02 65.77
C GLU E 81 25.19 21.46 65.83
N LYS E 82 25.52 20.79 66.94
CA LYS E 82 26.84 20.12 67.04
C LYS E 82 26.94 18.94 66.09
N ALA E 83 28.14 18.42 65.93
CA ALA E 83 28.44 17.29 65.08
C ALA E 83 27.85 16.01 65.64
N ASN E 84 27.98 15.80 66.94
CA ASN E 84 27.43 14.61 67.61
C ASN E 84 26.66 15.00 68.85
N PRO E 85 25.47 15.62 68.68
CA PRO E 85 24.72 16.04 69.86
C PRO E 85 24.33 14.82 70.68
N VAL E 86 24.53 14.91 72.00
CA VAL E 86 24.29 13.77 72.90
C VAL E 86 22.82 13.53 73.13
N ASN E 87 22.02 14.61 73.18
CA ASN E 87 20.59 14.51 73.39
C ASN E 87 19.86 14.41 72.06
N ASP E 88 19.89 13.21 71.48
CA ASP E 88 19.21 12.91 70.22
C ASP E 88 17.95 12.12 70.56
N LEU E 89 17.79 10.90 70.04
CA LEU E 89 16.67 10.04 70.38
C LEU E 89 16.98 9.32 71.68
N CYS E 90 16.36 9.77 72.77
CA CYS E 90 16.62 9.20 74.09
C CYS E 90 16.26 7.71 74.10
N TYR E 91 15.04 7.40 73.64
CA TYR E 91 14.61 6.04 73.39
C TYR E 91 15.13 5.70 72.00
N PRO E 92 15.94 4.64 71.87
CA PRO E 92 16.58 4.36 70.58
C PRO E 92 15.59 4.04 69.47
N GLY E 93 16.01 4.31 68.23
CA GLY E 93 15.20 4.01 67.07
C GLY E 93 15.68 4.69 65.80
N ASP E 94 14.72 5.09 64.96
CA ASP E 94 15.00 5.79 63.72
C ASP E 94 14.06 6.98 63.57
N PHE E 95 14.50 7.94 62.75
CA PHE E 95 13.67 9.05 62.33
C PHE E 95 13.57 8.92 60.82
N ASN E 96 12.36 8.62 60.33
CA ASN E 96 12.14 8.39 58.91
C ASN E 96 12.24 9.68 58.07
N ASP E 97 12.97 9.61 56.95
CA ASP E 97 13.26 10.75 56.09
C ASP E 97 13.74 11.97 56.87
N TYR E 98 14.67 11.72 57.78
CA TYR E 98 15.21 12.75 58.67
C TYR E 98 15.88 13.86 57.89
N GLU E 99 16.66 13.47 56.89
CA GLU E 99 17.46 14.39 56.12
C GLU E 99 16.56 15.29 55.26
N GLU E 100 15.54 14.70 54.67
CA GLU E 100 14.59 15.46 53.86
C GLU E 100 13.85 16.51 54.69
N LEU E 101 13.66 16.22 55.97
CA LEU E 101 12.99 17.15 56.88
C LEU E 101 13.96 18.29 57.25
N LYS E 102 15.19 17.93 57.58
CA LYS E 102 16.21 18.94 57.89
C LYS E 102 16.40 19.90 56.71
N HIS E 103 16.30 19.38 55.51
CA HIS E 103 16.35 20.24 54.32
C HIS E 103 15.18 21.20 54.27
N LEU E 104 14.02 20.70 54.64
CA LEU E 104 12.81 21.50 54.71
C LEU E 104 12.97 22.68 55.68
N LEU E 105 13.69 22.44 56.77
CA LEU E 105 13.99 23.45 57.79
C LEU E 105 14.84 24.62 57.34
N SER E 106 15.62 24.41 56.30
CA SER E 106 16.54 25.43 55.81
CA SER E 106 16.54 25.44 55.83
C SER E 106 15.73 26.51 55.07
N ARG E 107 14.45 26.24 54.82
CA ARG E 107 13.50 27.22 54.24
C ARG E 107 12.52 27.73 55.30
N ILE E 108 12.86 27.57 56.60
CA ILE E 108 11.96 27.93 57.69
C ILE E 108 12.70 28.77 58.76
N ASN E 109 12.11 29.89 59.16
CA ASN E 109 12.65 30.77 60.22
C ASN E 109 11.87 30.73 61.55
N HIS E 110 10.62 30.25 61.52
CA HIS E 110 9.80 30.27 62.75
C HIS E 110 8.69 29.19 62.77
N PHE E 111 8.62 28.48 63.90
CA PHE E 111 7.57 27.51 64.16
C PHE E 111 6.67 28.06 65.25
N GLU E 112 5.38 27.75 65.14
CA GLU E 112 4.41 27.99 66.19
C GLU E 112 3.83 26.65 66.62
N LYS E 113 4.19 26.18 67.80
CA LYS E 113 3.68 24.91 68.31
C LYS E 113 2.22 25.05 68.75
N ILE E 114 1.37 24.12 68.29
CA ILE E 114 -0.02 24.04 68.75
C ILE E 114 -0.44 22.61 69.03
N GLN E 115 -1.43 22.48 69.91
CA GLN E 115 -1.98 21.20 70.28
C GLN E 115 -3.07 20.83 69.28
N ILE E 116 -2.94 19.65 68.67
CA ILE E 116 -3.94 19.13 67.74
C ILE E 116 -4.77 17.96 68.31
N ILE E 117 -4.16 17.12 69.13
CA ILE E 117 -4.86 16.03 69.82
C ILE E 117 -4.53 16.06 71.31
N PRO E 118 -5.45 16.61 72.14
CA PRO E 118 -5.20 16.70 73.59
C PRO E 118 -4.87 15.36 74.26
N LYS E 119 -4.03 15.41 75.28
CA LYS E 119 -3.66 14.22 76.04
C LYS E 119 -4.84 13.69 76.85
N SER E 120 -5.67 14.61 77.35
CA SER E 120 -6.87 14.25 78.12
C SER E 120 -7.96 13.53 77.32
N SER E 121 -7.98 13.77 76.01
CA SER E 121 -9.04 13.23 75.15
C SER E 121 -8.93 11.73 74.84
N TRP E 122 -7.92 11.03 75.33
CA TRP E 122 -7.78 9.57 75.14
C TRP E 122 -8.50 8.81 76.26
N SER E 123 -9.83 8.82 76.21
CA SER E 123 -10.66 8.25 77.28
C SER E 123 -10.77 6.72 77.25
N SER E 124 -10.36 6.08 76.16
CA SER E 124 -10.40 4.62 76.03
C SER E 124 -9.03 3.96 76.12
N HIS E 125 -7.96 4.75 76.23
CA HIS E 125 -6.59 4.24 76.28
C HIS E 125 -5.81 4.94 77.38
N GLU E 126 -4.76 4.30 77.86
CA GLU E 126 -3.92 4.86 78.92
C GLU E 126 -2.80 5.71 78.33
N ALA E 127 -2.92 7.03 78.51
CA ALA E 127 -2.05 7.99 77.87
C ALA E 127 -0.95 8.56 78.78
N SER E 128 -1.02 8.25 80.05
CA SER E 128 -0.12 8.85 81.05
C SER E 128 0.92 7.88 81.61
N LEU E 129 1.00 6.67 81.06
CA LEU E 129 1.98 5.69 81.49
C LEU E 129 2.95 5.34 80.37
N GLY E 130 3.03 6.22 79.38
CA GLY E 130 3.90 6.02 78.21
C GLY E 130 5.27 6.62 78.40
N VAL E 131 6.02 6.04 79.35
CA VAL E 131 7.33 6.58 79.78
C VAL E 131 8.42 5.50 79.77
N SER E 132 9.67 5.92 79.98
CA SER E 132 10.80 5.02 79.99
C SER E 132 11.99 5.60 80.74
N SER E 133 12.80 4.71 81.30
CA SER E 133 14.07 5.08 81.94
C SER E 133 15.09 5.62 80.92
N ALA E 134 14.91 5.27 79.64
CA ALA E 134 15.74 5.83 78.55
C ALA E 134 15.58 7.34 78.37
N CYS E 135 14.42 7.88 78.77
CA CYS E 135 14.13 9.31 78.66
C CYS E 135 13.85 9.91 80.03
N PRO E 136 14.91 10.10 80.84
CA PRO E 136 14.73 10.60 82.19
C PRO E 136 14.56 12.12 82.28
N TYR E 137 13.79 12.55 83.26
CA TYR E 137 13.60 13.97 83.55
C TYR E 137 13.50 14.18 85.07
N GLN E 138 14.53 14.83 85.64
CA GLN E 138 14.62 15.05 87.09
C GLN E 138 14.53 13.73 87.86
N GLY E 139 15.28 12.72 87.41
CA GLY E 139 15.38 11.44 88.09
C GLY E 139 14.22 10.47 87.90
N LYS E 140 13.21 10.88 87.11
CA LYS E 140 12.01 10.07 86.88
C LYS E 140 11.92 9.71 85.40
N SER E 141 11.21 8.62 85.11
CA SER E 141 11.00 8.17 83.73
C SER E 141 10.00 9.08 83.00
N SER E 142 10.40 9.56 81.84
CA SER E 142 9.59 10.51 81.06
C SER E 142 9.56 10.04 79.60
N PHE E 143 9.22 10.95 78.68
CA PHE E 143 9.15 10.63 77.25
C PHE E 143 9.08 11.89 76.41
N PHE E 144 9.36 11.73 75.11
CA PHE E 144 9.17 12.80 74.12
C PHE E 144 7.86 13.56 74.38
N ARG E 145 7.97 14.84 74.71
CA ARG E 145 6.83 15.64 75.18
C ARG E 145 5.74 15.94 74.15
N ASN E 146 6.09 15.86 72.88
CA ASN E 146 5.15 16.24 71.81
C ASN E 146 4.32 15.08 71.24
N VAL E 147 4.63 13.85 71.66
CA VAL E 147 3.91 12.68 71.22
C VAL E 147 3.51 11.84 72.42
N VAL E 148 2.45 11.05 72.24
CA VAL E 148 1.84 10.32 73.34
C VAL E 148 1.97 8.83 73.09
N TRP E 149 2.72 8.14 73.96
CA TRP E 149 2.86 6.68 73.90
C TRP E 149 1.64 6.03 74.57
N LEU E 150 0.68 5.63 73.75
CA LEU E 150 -0.58 5.04 74.23
C LEU E 150 -0.41 3.55 74.49
N ILE E 151 -0.96 3.08 75.61
CA ILE E 151 -1.03 1.65 75.94
C ILE E 151 -2.45 1.24 76.34
N LYS E 152 -2.65 -0.07 76.51
CA LYS E 152 -3.96 -0.65 76.87
C LYS E 152 -4.52 -0.13 78.20
N LYS E 153 -5.85 -0.07 78.28
CA LYS E 153 -6.53 0.35 79.51
C LYS E 153 -7.50 -0.73 79.98
N ASN E 154 -7.32 -1.18 81.24
CA ASN E 154 -8.10 -2.28 81.83
C ASN E 154 -8.03 -3.56 80.97
N SER E 155 -6.85 -3.84 80.43
CA SER E 155 -6.61 -4.97 79.51
C SER E 155 -7.45 -4.88 78.24
N THR E 156 -7.35 -3.76 77.53
CA THR E 156 -8.04 -3.61 76.24
C THR E 156 -7.43 -2.48 75.45
N TYR E 157 -7.10 -2.75 74.18
CA TYR E 157 -6.70 -1.70 73.22
C TYR E 157 -7.70 -1.71 72.07
N PRO E 158 -8.80 -0.93 72.19
CA PRO E 158 -9.76 -0.84 71.09
C PRO E 158 -9.19 -0.02 69.94
N THR E 159 -9.73 -0.24 68.74
CA THR E 159 -9.23 0.41 67.53
C THR E 159 -9.36 1.92 67.65
N ILE E 160 -8.25 2.63 67.42
CA ILE E 160 -8.23 4.11 67.43
C ILE E 160 -8.62 4.63 66.05
N LYS E 161 -9.46 5.65 66.01
CA LYS E 161 -9.84 6.32 64.77
C LYS E 161 -9.94 7.81 65.03
N ARG E 162 -8.86 8.52 64.75
CA ARG E 162 -8.79 9.97 64.99
C ARG E 162 -8.51 10.74 63.72
N SER E 163 -9.15 11.91 63.63
CA SER E 163 -8.99 12.79 62.50
C SER E 163 -8.73 14.21 62.97
N TYR E 164 -7.74 14.88 62.37
CA TYR E 164 -7.52 16.31 62.59
C TYR E 164 -7.57 17.06 61.26
N ASN E 165 -8.28 18.19 61.26
CA ASN E 165 -8.49 19.02 60.09
C ASN E 165 -7.69 20.30 60.24
N ASN E 166 -6.78 20.56 59.30
CA ASN E 166 -5.96 21.77 59.33
C ASN E 166 -6.79 23.00 58.94
N THR E 167 -7.34 23.66 59.96
CA THR E 167 -8.12 24.88 59.76
C THR E 167 -7.26 26.16 59.78
N ASN E 168 -5.97 25.99 60.06
CA ASN E 168 -5.04 27.12 60.08
C ASN E 168 -4.72 27.57 58.66
N GLN E 169 -4.20 28.79 58.51
CA GLN E 169 -3.71 29.31 57.23
C GLN E 169 -2.38 28.68 56.85
N GLU E 170 -1.62 28.25 57.85
CA GLU E 170 -0.24 27.82 57.68
C GLU E 170 -0.17 26.33 57.40
N ASP E 171 0.84 25.92 56.63
CA ASP E 171 1.24 24.51 56.52
C ASP E 171 1.58 24.01 57.91
N LEU E 172 1.27 22.74 58.20
CA LEU E 172 1.48 22.17 59.53
C LEU E 172 2.40 20.94 59.46
N LEU E 173 3.47 20.96 60.27
CA LEU E 173 4.35 19.80 60.41
C LEU E 173 3.79 18.88 61.49
N VAL E 174 3.37 17.67 61.10
CA VAL E 174 2.81 16.67 62.02
C VAL E 174 3.80 15.52 62.20
N LEU E 175 4.01 15.15 63.46
CA LEU E 175 4.92 14.06 63.81
C LEU E 175 4.18 12.96 64.53
N TRP E 176 4.50 11.71 64.20
CA TRP E 176 3.98 10.55 64.94
C TRP E 176 5.00 9.42 64.94
N GLY E 177 4.66 8.26 65.51
CA GLY E 177 5.59 7.14 65.59
C GLY E 177 4.97 5.76 65.80
N ILE E 178 5.84 4.75 65.74
CA ILE E 178 5.47 3.35 65.93
C ILE E 178 6.48 2.72 66.88
N HIS E 179 5.99 1.93 67.84
CA HIS E 179 6.86 1.21 68.79
C HIS E 179 7.10 -0.22 68.31
N HIS E 180 8.38 -0.58 68.20
CA HIS E 180 8.79 -1.94 67.87
C HIS E 180 9.18 -2.64 69.16
N PRO E 181 8.38 -3.62 69.62
CA PRO E 181 8.66 -4.27 70.90
C PRO E 181 9.73 -5.35 70.82
N LYS E 182 10.23 -5.73 72.00
CA LYS E 182 11.29 -6.72 72.16
C LYS E 182 10.83 -8.10 71.71
N ASP E 183 9.71 -8.58 72.28
CA ASP E 183 9.18 -9.92 71.98
C ASP E 183 7.66 -9.99 72.02
N ALA E 184 7.11 -11.13 71.59
CA ALA E 184 5.66 -11.36 71.58
C ALA E 184 4.97 -11.12 72.93
N ALA E 185 5.66 -11.44 74.03
CA ALA E 185 5.12 -11.23 75.37
C ALA E 185 4.92 -9.74 75.67
N GLU E 186 5.93 -8.93 75.36
CA GLU E 186 5.86 -7.50 75.55
C GLU E 186 4.75 -6.85 74.71
N GLN E 187 4.53 -7.37 73.50
CA GLN E 187 3.47 -6.86 72.61
C GLN E 187 2.10 -6.96 73.28
N THR E 188 1.76 -8.17 73.76
CA THR E 188 0.47 -8.40 74.44
C THR E 188 0.44 -7.71 75.81
N LYS E 189 1.61 -7.62 76.46
CA LYS E 189 1.73 -6.91 77.73
C LYS E 189 1.34 -5.44 77.63
N LEU E 190 1.78 -4.76 76.56
CA LEU E 190 1.51 -3.34 76.37
C LEU E 190 0.22 -3.06 75.63
N TYR E 191 -0.07 -3.86 74.61
CA TYR E 191 -1.16 -3.56 73.67
C TYR E 191 -2.21 -4.67 73.48
N GLN E 192 -2.04 -5.81 74.16
CA GLN E 192 -2.94 -6.98 74.03
C GLN E 192 -2.89 -7.68 72.67
N ASN E 193 -3.28 -6.95 71.63
CA ASN E 193 -3.44 -7.50 70.29
C ASN E 193 -2.09 -7.95 69.74
N PRO E 194 -1.98 -9.22 69.30
CA PRO E 194 -0.68 -9.74 68.83
C PRO E 194 -0.25 -9.19 67.46
N THR E 195 -1.22 -8.94 66.58
CA THR E 195 -0.97 -8.36 65.26
C THR E 195 -1.64 -6.99 65.17
N THR E 196 -0.81 -5.96 65.07
CA THR E 196 -1.33 -4.58 65.04
C THR E 196 -0.82 -3.82 63.81
N TYR E 197 -1.23 -2.55 63.71
CA TYR E 197 -0.83 -1.69 62.60
C TYR E 197 -1.14 -0.22 62.92
N ILE E 198 -0.62 0.67 62.08
CA ILE E 198 -1.00 2.08 62.09
C ILE E 198 -1.22 2.52 60.65
N SER E 199 -2.42 2.98 60.33
CA SER E 199 -2.71 3.47 59.00
C SER E 199 -2.89 4.99 59.06
N VAL E 200 -2.18 5.70 58.19
CA VAL E 200 -2.21 7.15 58.15
C VAL E 200 -2.55 7.62 56.75
N GLY E 201 -3.50 8.54 56.65
CA GLY E 201 -3.95 9.07 55.36
C GLY E 201 -4.11 10.58 55.38
N THR E 202 -3.80 11.21 54.25
CA THR E 202 -4.09 12.62 54.02
C THR E 202 -4.54 12.76 52.56
N SER E 203 -4.53 14.00 52.05
CA SER E 203 -4.75 14.25 50.63
C SER E 203 -3.80 13.43 49.75
N THR E 204 -2.52 13.45 50.11
CA THR E 204 -1.49 12.73 49.35
C THR E 204 -1.08 11.43 50.02
N LEU E 205 -0.95 11.44 51.35
CA LEU E 205 -0.39 10.31 52.07
C LEU E 205 -1.32 9.08 52.10
N ASN E 206 -0.71 7.90 51.95
CA ASN E 206 -1.43 6.61 52.06
C ASN E 206 -0.51 5.58 52.72
N GLN E 207 -0.40 5.65 54.04
CA GLN E 207 0.55 4.85 54.80
C GLN E 207 -0.12 3.74 55.61
N ARG E 208 0.59 2.63 55.78
CA ARG E 208 0.22 1.59 56.72
C ARG E 208 1.46 0.95 57.32
N LEU E 209 1.70 1.21 58.61
CA LEU E 209 2.88 0.69 59.31
C LEU E 209 2.53 -0.55 60.11
N VAL E 210 3.47 -1.49 60.19
CA VAL E 210 3.31 -2.67 61.03
C VAL E 210 4.54 -2.83 61.92
N PRO E 211 4.33 -3.15 63.21
CA PRO E 211 5.49 -3.29 64.09
C PRO E 211 6.30 -4.54 63.75
N ARG E 212 7.60 -4.37 63.56
CA ARG E 212 8.53 -5.48 63.36
C ARG E 212 9.17 -5.89 64.69
N ILE E 213 9.09 -7.18 64.99
CA ILE E 213 9.63 -7.75 66.25
C ILE E 213 10.95 -8.47 65.97
N ALA E 214 11.92 -8.25 66.84
CA ALA E 214 13.23 -8.89 66.74
C ALA E 214 14.02 -8.72 68.03
N THR E 215 14.95 -9.63 68.26
CA THR E 215 15.94 -9.47 69.32
C THR E 215 16.94 -8.41 68.86
N ARG E 216 17.12 -7.38 69.67
CA ARG E 216 18.00 -6.27 69.35
C ARG E 216 18.91 -5.94 70.52
N SER E 217 20.09 -5.39 70.21
CA SER E 217 21.03 -4.93 71.24
C SER E 217 20.41 -3.80 72.06
N LYS E 218 20.89 -3.64 73.30
CA LYS E 218 20.34 -2.64 74.21
C LYS E 218 21.04 -1.30 74.08
N VAL E 219 20.33 -0.35 73.48
CA VAL E 219 20.79 1.03 73.42
C VAL E 219 20.00 1.79 74.48
N ASN E 220 20.71 2.53 75.33
CA ASN E 220 20.09 3.18 76.50
C ASN E 220 19.26 2.20 77.32
N GLY E 221 19.72 0.95 77.38
CA GLY E 221 19.01 -0.11 78.10
C GLY E 221 17.67 -0.52 77.52
N GLN E 222 17.46 -0.33 76.22
CA GLN E 222 16.20 -0.73 75.57
C GLN E 222 16.46 -1.66 74.39
N SER E 223 15.73 -2.78 74.35
CA SER E 223 15.71 -3.68 73.19
C SER E 223 14.58 -3.34 72.23
N GLY E 224 13.60 -2.56 72.70
CA GLY E 224 12.57 -2.02 71.82
C GLY E 224 13.09 -0.82 71.03
N ARG E 225 12.37 -0.47 69.97
CA ARG E 225 12.73 0.67 69.12
C ARG E 225 11.53 1.56 68.83
N MET E 226 11.80 2.84 68.57
CA MET E 226 10.79 3.78 68.11
C MET E 226 11.18 4.30 66.71
N GLU E 227 10.31 4.09 65.72
CA GLU E 227 10.50 4.65 64.37
C GLU E 227 9.55 5.81 64.20
N PHE E 228 10.09 6.99 63.87
CA PHE E 228 9.28 8.20 63.80
C PHE E 228 9.07 8.67 62.36
N PHE E 229 7.86 9.16 62.07
CA PHE E 229 7.46 9.61 60.74
C PHE E 229 6.89 11.01 60.78
N TRP E 230 6.81 11.64 59.62
CA TRP E 230 6.29 13.00 59.52
C TRP E 230 5.59 13.26 58.21
N THR E 231 4.81 14.34 58.20
CA THR E 231 4.25 14.88 56.97
C THR E 231 3.90 16.36 57.13
N ILE E 232 3.74 17.05 56.00
CA ILE E 232 3.27 18.44 55.97
C ILE E 232 1.81 18.39 55.57
N LEU E 233 0.96 18.77 56.52
CA LEU E 233 -0.46 18.81 56.30
C LEU E 233 -0.81 20.20 55.79
N LYS E 234 -1.25 20.29 54.54
CA LYS E 234 -1.57 21.59 53.94
C LYS E 234 -2.90 22.13 54.46
N PRO E 235 -3.12 23.45 54.34
CA PRO E 235 -4.35 24.03 54.87
C PRO E 235 -5.60 23.43 54.22
N ASN E 236 -6.67 23.34 55.01
CA ASN E 236 -7.92 22.72 54.57
C ASN E 236 -7.84 21.21 54.30
N ASP E 237 -6.74 20.55 54.63
CA ASP E 237 -6.60 19.11 54.48
C ASP E 237 -6.71 18.44 55.85
N ALA E 238 -7.14 17.19 55.86
CA ALA E 238 -7.30 16.44 57.09
C ALA E 238 -6.37 15.23 57.14
N ILE E 239 -5.82 14.95 58.33
CA ILE E 239 -5.02 13.73 58.56
C ILE E 239 -5.85 12.70 59.34
N ASN E 240 -5.77 11.44 58.93
CA ASN E 240 -6.57 10.37 59.51
C ASN E 240 -5.71 9.24 60.04
N PHE E 241 -5.91 8.88 61.30
CA PHE E 241 -5.20 7.78 61.94
C PHE E 241 -6.14 6.61 62.24
N GLU E 242 -5.61 5.40 62.13
CA GLU E 242 -6.29 4.21 62.63
C GLU E 242 -5.23 3.23 63.12
N SER E 243 -5.46 2.60 64.27
CA SER E 243 -4.49 1.68 64.84
C SER E 243 -5.03 0.67 65.86
N ASN E 244 -4.38 -0.50 65.86
CA ASN E 244 -4.61 -1.57 66.86
C ASN E 244 -3.70 -1.51 68.07
N GLY E 245 -2.61 -0.74 67.98
CA GLY E 245 -1.58 -0.70 69.01
C GLY E 245 -0.26 -0.24 68.44
N ASN E 246 0.69 -0.03 69.34
CA ASN E 246 2.03 0.45 69.00
C ASN E 246 2.06 1.89 68.46
N PHE E 247 0.96 2.63 68.65
CA PHE E 247 0.81 3.95 68.08
C PHE E 247 1.40 4.99 69.02
N ILE E 248 2.26 5.85 68.47
CA ILE E 248 2.81 6.97 69.20
C ILE E 248 2.10 8.19 68.62
N ALA E 249 1.05 8.63 69.29
CA ALA E 249 0.14 9.62 68.74
C ALA E 249 0.69 11.04 68.88
N PRO E 250 0.39 11.92 67.91
CA PRO E 250 0.74 13.32 68.09
C PRO E 250 -0.07 13.97 69.19
N GLU E 251 0.57 14.86 69.95
CA GLU E 251 -0.15 15.80 70.81
C GLU E 251 0.03 17.21 70.26
N TYR E 252 1.29 17.62 70.09
CA TYR E 252 1.64 18.92 69.54
C TYR E 252 2.22 18.80 68.13
N ALA E 253 1.83 19.74 67.27
CA ALA E 253 2.41 19.90 65.94
C ALA E 253 2.80 21.37 65.74
N TYR E 254 3.66 21.62 64.75
CA TYR E 254 4.25 22.95 64.53
C TYR E 254 3.66 23.65 63.31
N LYS E 255 3.13 24.85 63.49
CA LYS E 255 2.70 25.68 62.37
C LYS E 255 3.92 26.29 61.74
N ILE E 256 3.93 26.35 60.42
CA ILE E 256 5.00 27.01 59.69
C ILE E 256 4.53 28.42 59.37
N VAL E 257 4.92 29.37 60.20
CA VAL E 257 4.44 30.74 60.09
C VAL E 257 5.31 31.61 59.20
N LYS E 258 6.62 31.44 59.30
CA LYS E 258 7.56 32.22 58.52
C LYS E 258 8.47 31.31 57.69
N LYS E 259 8.40 31.48 56.37
CA LYS E 259 9.31 30.80 55.44
C LYS E 259 10.29 31.82 54.89
N GLY E 260 11.57 31.46 54.84
CA GLY E 260 12.61 32.33 54.27
C GLY E 260 13.99 31.68 54.21
N ASP E 261 15.04 32.50 54.07
CA ASP E 261 16.43 32.02 54.03
C ASP E 261 16.92 31.60 55.41
N SER E 262 17.42 30.39 55.50
CA SER E 262 17.98 29.85 56.73
C SER E 262 18.95 28.74 56.37
N THR E 263 19.56 28.14 57.38
CA THR E 263 20.48 27.03 57.19
C THR E 263 20.74 26.37 58.53
N ILE E 264 21.09 25.09 58.48
CA ILE E 264 21.54 24.36 59.67
C ILE E 264 23.06 24.30 59.59
N MET E 265 23.73 24.92 60.57
CA MET E 265 25.17 25.13 60.57
C MET E 265 25.78 24.17 61.60
N LYS E 266 26.72 23.32 61.18
CA LYS E 266 27.38 22.35 62.07
C LYS E 266 28.56 23.02 62.78
N SER E 267 28.52 23.07 64.11
CA SER E 267 29.53 23.79 64.88
C SER E 267 29.48 23.41 66.35
N GLU E 268 30.67 23.39 66.96
CA GLU E 268 30.79 23.08 68.38
C GLU E 268 30.78 24.35 69.24
N LEU E 269 30.78 25.50 68.59
CA LEU E 269 30.80 26.78 69.29
C LEU E 269 29.46 27.12 69.89
N GLU E 270 29.49 28.00 70.89
CA GLU E 270 28.30 28.48 71.58
C GLU E 270 28.06 29.94 71.17
N TYR E 271 27.03 30.54 71.76
CA TYR E 271 26.65 31.92 71.45
C TYR E 271 27.70 32.93 71.86
N GLY E 272 28.00 33.88 70.97
CA GLY E 272 29.05 34.88 71.20
C GLY E 272 28.63 36.19 71.84
N ASN E 273 27.31 36.40 72.02
CA ASN E 273 26.75 37.69 72.48
C ASN E 273 27.20 38.81 71.57
N CYS E 274 26.67 38.79 70.34
CA CYS E 274 27.40 39.31 69.18
C CYS E 274 26.47 39.61 68.00
N ASN E 275 26.88 40.50 67.10
CA ASN E 275 26.13 40.78 65.87
C ASN E 275 27.02 40.91 64.62
N THR E 276 26.54 40.42 63.47
CA THR E 276 27.32 40.39 62.21
C THR E 276 26.39 40.35 61.00
N LYS E 277 26.94 40.62 59.82
CA LYS E 277 26.21 40.52 58.55
C LYS E 277 26.54 39.24 57.80
N CYS E 278 27.55 38.50 58.26
CA CYS E 278 28.00 37.31 57.57
C CYS E 278 28.57 36.32 58.57
N GLN E 279 27.99 35.11 58.62
CA GLN E 279 28.36 34.09 59.60
C GLN E 279 28.89 32.82 58.96
N THR E 280 29.93 32.25 59.59
CA THR E 280 30.44 30.95 59.23
C THR E 280 30.43 30.06 60.46
N PRO E 281 30.54 28.73 60.25
CA PRO E 281 30.63 27.79 61.37
C PRO E 281 31.85 27.99 62.30
N MET E 282 32.87 28.68 61.81
CA MET E 282 34.08 28.97 62.59
C MET E 282 34.06 30.34 63.23
N GLY E 283 33.17 31.22 62.76
CA GLY E 283 33.09 32.58 63.29
C GLY E 283 32.54 33.53 62.25
N ALA E 284 32.27 34.77 62.67
CA ALA E 284 31.63 35.77 61.80
C ALA E 284 32.66 36.63 61.05
N ILE E 285 32.19 37.31 60.02
CA ILE E 285 33.05 38.09 59.12
C ILE E 285 32.56 39.52 59.00
N ASN E 286 33.50 40.45 59.19
CA ASN E 286 33.23 41.86 59.07
C ASN E 286 34.30 42.45 58.17
N SER E 287 34.00 42.48 56.89
CA SER E 287 34.99 42.79 55.90
C SER E 287 34.35 43.32 54.64
N SER E 288 35.08 44.22 53.98
CA SER E 288 34.68 44.79 52.71
C SER E 288 35.51 44.18 51.54
N MET E 289 36.28 43.13 51.84
CA MET E 289 37.03 42.42 50.81
C MET E 289 36.07 41.63 49.92
N PRO E 290 36.41 41.47 48.64
CA PRO E 290 35.56 40.66 47.76
C PRO E 290 35.68 39.16 47.97
N PHE E 291 36.77 38.73 48.60
CA PHE E 291 37.01 37.31 48.83
C PHE E 291 37.29 37.04 50.30
N HIS E 292 37.10 35.78 50.70
CA HIS E 292 37.59 35.28 51.98
C HIS E 292 37.98 33.80 51.86
N ASN E 293 38.69 33.29 52.87
CA ASN E 293 39.13 31.89 52.91
C ASN E 293 38.86 31.19 54.26
N ILE E 294 37.87 31.68 54.98
CA ILE E 294 37.47 31.15 56.28
C ILE E 294 36.82 29.80 56.19
N HIS E 295 35.70 29.71 55.47
CA HIS E 295 34.89 28.50 55.40
C HIS E 295 33.87 28.61 54.24
N PRO E 296 33.62 27.52 53.48
CA PRO E 296 32.70 27.63 52.33
C PRO E 296 31.22 27.83 52.66
N LEU E 297 30.74 27.20 53.72
CA LEU E 297 29.35 27.36 54.17
C LEU E 297 29.10 28.63 54.95
N THR E 298 28.53 29.63 54.30
CA THR E 298 28.20 30.90 54.95
C THR E 298 26.75 31.25 54.80
N ILE E 299 26.31 32.25 55.55
CA ILE E 299 24.96 32.77 55.45
C ILE E 299 25.03 34.27 55.66
N GLY E 300 24.25 35.01 54.89
CA GLY E 300 24.22 36.49 54.94
C GLY E 300 24.88 37.14 53.74
N GLU E 301 25.22 38.41 53.88
CA GLU E 301 25.88 39.19 52.83
C GLU E 301 27.38 38.96 52.92
N CYS E 302 27.90 38.00 52.15
CA CYS E 302 29.28 37.53 52.32
C CYS E 302 30.19 37.74 51.12
N PRO E 303 31.51 37.81 51.35
CA PRO E 303 32.45 37.73 50.24
C PRO E 303 32.44 36.33 49.68
N LYS E 304 33.09 36.16 48.54
CA LYS E 304 33.14 34.87 47.86
C LYS E 304 34.27 34.04 48.43
N TYR E 305 33.98 32.78 48.70
CA TYR E 305 34.96 31.91 49.32
C TYR E 305 35.91 31.39 48.26
N VAL E 306 37.20 31.41 48.57
CA VAL E 306 38.24 30.73 47.76
C VAL E 306 39.21 29.98 48.66
N LYS E 307 39.91 28.99 48.09
CA LYS E 307 40.90 28.19 48.83
C LYS E 307 42.27 28.85 48.96
N SER E 308 42.45 30.06 48.43
CA SER E 308 43.74 30.71 48.43
C SER E 308 44.24 31.08 49.82
N ASN E 309 45.55 31.09 49.95
CA ASN E 309 46.21 31.61 51.13
C ASN E 309 46.47 33.11 51.02
N ARG E 310 46.46 33.63 49.78
CA ARG E 310 46.92 34.98 49.52
C ARG E 310 46.42 35.45 48.15
N LEU E 311 45.77 36.62 48.10
CA LEU E 311 45.40 37.25 46.81
C LEU E 311 45.67 38.73 46.85
N VAL E 312 46.70 39.15 46.13
CA VAL E 312 47.17 40.54 46.18
C VAL E 312 47.37 41.09 44.79
N LEU E 313 46.63 42.17 44.48
CA LEU E 313 46.71 42.83 43.19
C LEU E 313 47.70 43.96 43.20
N ALA E 314 48.47 44.07 42.11
CA ALA E 314 49.36 45.20 41.89
C ALA E 314 48.52 46.39 41.50
N THR E 315 48.82 47.53 42.10
CA THR E 315 48.26 48.81 41.71
C THR E 315 49.38 49.70 41.21
N GLY E 316 50.44 49.82 41.98
CA GLY E 316 51.61 50.59 41.57
C GLY E 316 52.50 49.85 40.61
N LEU E 317 53.76 50.27 40.56
CA LEU E 317 54.71 49.72 39.59
C LEU E 317 55.90 49.09 40.30
N ARG E 318 56.75 48.44 39.52
CA ARG E 318 57.91 47.74 40.04
C ARG E 318 58.84 48.66 40.84
N ASN E 319 59.05 48.34 42.10
CA ASN E 319 59.83 49.21 42.97
C ASN E 319 61.33 48.90 42.87
N SER E 320 62.13 49.95 42.93
CA SER E 320 63.57 49.84 42.64
C SER E 320 64.40 49.61 43.91
N PRO E 321 65.51 48.84 43.77
CA PRO E 321 66.61 48.94 44.76
C PRO E 321 67.38 50.24 44.60
N GLY F 1 61.17 44.72 31.76
CA GLY F 1 59.74 44.78 31.30
C GLY F 1 59.64 44.77 29.80
N LEU F 2 58.47 44.45 29.30
CA LEU F 2 58.26 44.32 27.87
C LEU F 2 58.67 45.55 27.06
N PHE F 3 58.50 46.74 27.65
CA PHE F 3 58.67 47.97 26.91
C PHE F 3 60.06 48.61 27.06
N GLY F 4 60.89 48.03 27.94
CA GLY F 4 62.30 48.37 28.02
C GLY F 4 62.67 49.63 28.79
N ALA F 5 61.67 50.35 29.30
CA ALA F 5 61.94 51.60 29.98
C ALA F 5 62.25 51.33 31.45
N ILE F 6 61.26 50.85 32.20
CA ILE F 6 61.39 50.66 33.65
C ILE F 6 62.42 49.58 33.91
N ALA F 7 63.41 49.93 34.74
CA ALA F 7 64.55 49.07 35.01
C ALA F 7 65.17 48.58 33.72
N GLY F 8 65.24 49.46 32.72
CA GLY F 8 65.84 49.16 31.43
C GLY F 8 66.81 50.28 31.07
N PHE F 9 66.48 51.09 30.07
CA PHE F 9 67.34 52.23 29.73
C PHE F 9 67.15 53.35 30.75
N ILE F 10 66.03 53.34 31.48
CA ILE F 10 65.89 54.16 32.68
C ILE F 10 66.19 53.25 33.87
N GLU F 11 67.39 53.45 34.44
CA GLU F 11 67.96 52.45 35.36
C GLU F 11 67.18 52.24 36.63
N GLY F 12 66.68 53.34 37.18
CA GLY F 12 65.86 53.28 38.39
C GLY F 12 64.83 54.38 38.50
N GLY F 13 63.88 54.18 39.41
CA GLY F 13 62.87 55.20 39.69
C GLY F 13 63.41 56.31 40.57
N TRP F 14 62.53 57.26 40.91
CA TRP F 14 62.88 58.45 41.68
C TRP F 14 62.07 58.52 42.97
N GLN F 15 62.76 58.39 44.09
CA GLN F 15 62.18 58.65 45.39
C GLN F 15 61.67 60.08 45.48
N GLY F 16 62.37 61.01 44.82
CA GLY F 16 62.09 62.45 44.87
C GLY F 16 60.86 62.93 44.10
N MET F 17 60.27 62.11 43.22
CA MET F 17 59.02 62.47 42.57
C MET F 17 57.87 61.80 43.28
N VAL F 18 57.20 62.57 44.11
CA VAL F 18 56.22 62.04 45.05
C VAL F 18 54.80 62.16 44.55
N ASP F 19 54.63 63.07 43.60
CA ASP F 19 53.33 63.60 43.22
C ASP F 19 52.61 62.94 42.04
N GLY F 20 53.25 61.92 41.51
CA GLY F 20 52.75 61.23 40.36
C GLY F 20 53.58 60.00 40.12
N TRP F 21 53.11 59.20 39.19
CA TRP F 21 53.78 57.95 38.90
C TRP F 21 54.89 58.14 37.85
N TYR F 22 54.67 59.05 36.91
CA TYR F 22 55.64 59.36 35.86
C TYR F 22 55.82 60.84 35.76
N GLY F 23 56.99 61.27 35.32
CA GLY F 23 57.23 62.68 35.17
C GLY F 23 58.63 63.02 34.73
N TYR F 24 59.00 64.27 35.01
CA TYR F 24 60.18 64.90 34.45
C TYR F 24 61.12 65.36 35.54
N HIS F 25 62.41 65.32 35.25
CA HIS F 25 63.39 65.99 36.07
C HIS F 25 64.16 66.94 35.19
N HIS F 26 64.21 68.22 35.56
CA HIS F 26 64.86 69.24 34.75
C HIS F 26 66.08 69.77 35.47
N SER F 27 67.02 70.29 34.70
CA SER F 27 68.28 70.80 35.25
C SER F 27 68.86 71.88 34.34
N ASN F 28 68.89 73.13 34.83
CA ASN F 28 69.41 74.25 34.08
C ASN F 28 70.11 75.25 35.00
N GLU F 29 70.38 76.45 34.49
CA GLU F 29 71.07 77.47 35.28
C GLU F 29 70.27 78.01 36.46
N GLN F 30 68.94 77.98 36.36
CA GLN F 30 68.06 78.47 37.43
C GLN F 30 67.88 77.46 38.55
N GLY F 31 68.16 76.19 38.29
CA GLY F 31 68.03 75.14 39.30
C GLY F 31 67.54 73.85 38.70
N SER F 32 66.99 72.99 39.56
CA SER F 32 66.57 71.66 39.13
C SER F 32 65.43 71.15 39.98
N GLY F 33 64.74 70.13 39.49
CA GLY F 33 63.65 69.54 40.25
C GLY F 33 62.81 68.53 39.49
N TYR F 34 61.86 67.96 40.23
CA TYR F 34 60.97 66.96 39.69
C TYR F 34 59.62 67.59 39.40
N ALA F 35 58.95 67.11 38.35
CA ALA F 35 57.58 67.50 38.09
C ALA F 35 56.83 66.33 37.51
N ALA F 36 55.70 65.99 38.14
CA ALA F 36 54.89 64.88 37.68
C ALA F 36 54.08 65.22 36.41
N ASP F 37 53.98 64.26 35.49
CA ASP F 37 53.14 64.41 34.33
C ASP F 37 51.84 63.90 34.79
N LYS F 38 50.95 64.81 35.13
CA LYS F 38 49.69 64.43 35.74
C LYS F 38 48.78 63.68 34.79
N GLU F 39 48.71 64.12 33.54
CA GLU F 39 47.78 63.49 32.60
C GLU F 39 48.15 62.03 32.38
N SER F 40 49.42 61.74 32.11
CA SER F 40 49.82 60.36 31.91
C SER F 40 49.47 59.57 33.19
N THR F 41 49.73 60.21 34.32
CA THR F 41 49.49 59.64 35.63
C THR F 41 48.01 59.32 35.84
N GLN F 42 47.14 60.25 35.52
CA GLN F 42 45.70 60.11 35.79
C GLN F 42 45.13 59.05 34.88
N LYS F 43 45.69 58.95 33.67
CA LYS F 43 45.34 57.89 32.74
C LYS F 43 45.61 56.56 33.38
N ALA F 44 46.79 56.43 33.97
CA ALA F 44 47.15 55.18 34.64
C ALA F 44 46.24 54.87 35.81
N ILE F 45 45.88 55.89 36.58
CA ILE F 45 45.01 55.70 37.74
C ILE F 45 43.63 55.24 37.31
N ASP F 46 43.10 55.79 36.22
CA ASP F 46 41.79 55.37 35.73
C ASP F 46 41.79 53.92 35.24
N GLY F 47 42.85 53.52 34.55
CA GLY F 47 42.97 52.16 34.02
C GLY F 47 43.06 51.12 35.13
N VAL F 48 43.93 51.38 36.10
CA VAL F 48 44.15 50.46 37.22
C VAL F 48 42.92 50.38 38.11
N THR F 49 42.27 51.52 38.36
CA THR F 49 41.01 51.53 39.11
C THR F 49 39.94 50.68 38.44
N ASN F 50 39.73 50.91 37.14
CA ASN F 50 38.77 50.13 36.40
C ASN F 50 39.10 48.65 36.45
N LYS F 51 40.40 48.31 36.39
CA LYS F 51 40.83 46.92 36.41
C LYS F 51 40.44 46.25 37.70
N VAL F 52 40.74 46.90 38.79
CA VAL F 52 40.45 46.32 40.09
C VAL F 52 38.95 46.06 40.21
N ASN F 53 38.15 47.08 39.90
CA ASN F 53 36.70 46.95 39.97
C ASN F 53 36.17 45.90 39.02
N SER F 54 36.78 45.79 37.84
CA SER F 54 36.43 44.73 36.86
C SER F 54 36.72 43.36 37.47
N ILE F 55 37.88 43.21 38.13
CA ILE F 55 38.24 41.95 38.79
C ILE F 55 37.28 41.62 39.91
N ILE F 56 37.13 42.55 40.85
CA ILE F 56 36.20 42.36 41.95
C ILE F 56 34.80 41.95 41.43
N ASP F 57 34.30 42.72 40.46
CA ASP F 57 32.93 42.51 39.98
C ASP F 57 32.70 41.22 39.18
N LYS F 58 33.68 40.81 38.38
CA LYS F 58 33.60 39.51 37.66
C LYS F 58 33.48 38.28 38.57
N MET F 59 34.06 38.38 39.76
CA MET F 59 34.01 37.31 40.75
C MET F 59 32.76 37.42 41.64
N ASN F 60 31.89 38.40 41.34
CA ASN F 60 30.64 38.65 42.05
C ASN F 60 29.69 37.44 42.02
N THR F 61 29.33 36.97 40.83
CA THR F 61 28.55 35.74 40.71
C THR F 61 29.53 34.57 40.77
N GLN F 62 29.36 33.71 41.77
CA GLN F 62 30.27 32.59 41.99
C GLN F 62 29.63 31.56 42.92
N PHE F 63 30.10 30.30 42.83
CA PHE F 63 29.51 29.17 43.55
C PHE F 63 29.41 29.37 45.06
N GLU F 64 28.19 29.15 45.57
CA GLU F 64 27.90 29.19 46.99
C GLU F 64 27.46 27.79 47.44
N ALA F 65 28.20 27.25 48.40
CA ALA F 65 27.95 25.91 48.91
C ALA F 65 26.80 25.96 49.91
N VAL F 66 26.01 24.89 49.92
CA VAL F 66 24.95 24.73 50.90
C VAL F 66 25.18 23.44 51.68
N GLY F 67 24.74 23.42 52.93
CA GLY F 67 24.82 22.21 53.75
C GLY F 67 23.76 21.19 53.37
N ARG F 68 24.18 19.97 53.07
CA ARG F 68 23.25 18.85 52.82
C ARG F 68 23.77 17.63 53.56
N GLU F 69 22.88 16.91 54.23
CA GLU F 69 23.28 15.77 55.05
C GLU F 69 22.65 14.50 54.50
N PHE F 70 23.31 13.38 54.77
CA PHE F 70 22.94 12.09 54.20
C PHE F 70 23.13 10.98 55.25
N ASN F 71 22.26 9.98 55.25
CA ASN F 71 22.34 8.89 56.24
C ASN F 71 23.46 7.90 55.88
N ASN F 72 23.58 6.84 56.68
CA ASN F 72 24.66 5.84 56.54
C ASN F 72 24.60 5.00 55.26
N LEU F 73 23.40 4.84 54.69
CA LEU F 73 23.22 4.11 53.41
C LEU F 73 22.95 5.07 52.22
N GLU F 74 23.53 6.27 52.28
CA GLU F 74 23.49 7.21 51.17
C GLU F 74 24.90 7.73 50.89
N ARG F 75 25.89 6.84 50.97
CA ARG F 75 27.29 7.23 50.84
C ARG F 75 27.65 7.68 49.44
N ARG F 76 27.04 7.06 48.44
CA ARG F 76 27.31 7.43 47.06
C ARG F 76 26.97 8.88 46.77
N ILE F 77 25.74 9.27 47.05
CA ILE F 77 25.33 10.66 46.81
C ILE F 77 25.99 11.67 47.75
N GLU F 78 26.32 11.24 48.96
CA GLU F 78 27.11 12.09 49.85
C GLU F 78 28.45 12.42 49.20
N ASN F 79 29.10 11.40 48.64
CA ASN F 79 30.38 11.55 47.95
C ASN F 79 30.23 12.44 46.73
N LEU F 80 29.13 12.25 46.01
CA LEU F 80 28.83 13.04 44.84
C LEU F 80 28.75 14.50 45.25
N ASN F 81 27.97 14.76 46.30
CA ASN F 81 27.76 16.11 46.80
C ASN F 81 29.07 16.78 47.15
N LYS F 82 29.94 16.02 47.82
CA LYS F 82 31.23 16.53 48.25
C LYS F 82 32.14 16.84 47.07
N LYS F 83 32.24 15.90 46.13
CA LYS F 83 33.05 16.07 44.91
C LYS F 83 32.56 17.26 44.10
N MET F 84 31.24 17.45 44.09
CA MET F 84 30.63 18.56 43.37
C MET F 84 31.03 19.88 43.99
N GLU F 85 30.90 19.99 45.31
CA GLU F 85 31.18 21.26 45.96
C GLU F 85 32.66 21.61 45.94
N ASP F 86 33.52 20.63 46.24
CA ASP F 86 34.98 20.79 46.11
C ASP F 86 35.41 21.15 44.68
N GLY F 87 34.77 20.52 43.70
CA GLY F 87 35.10 20.78 42.30
C GLY F 87 34.94 22.22 41.92
N PHE F 88 33.82 22.83 42.32
CA PHE F 88 33.56 24.24 42.04
C PHE F 88 34.49 25.18 42.80
N LEU F 89 34.80 24.84 44.05
CA LEU F 89 35.75 25.65 44.83
C LEU F 89 37.14 25.67 44.18
N ASP F 90 37.62 24.51 43.73
CA ASP F 90 38.90 24.44 43.02
C ASP F 90 38.88 25.24 41.71
N VAL F 91 37.78 25.18 40.97
CA VAL F 91 37.62 25.95 39.74
C VAL F 91 37.66 27.44 39.98
N TRP F 92 36.95 27.91 41.00
CA TRP F 92 36.93 29.34 41.31
C TRP F 92 38.21 29.82 41.97
N THR F 93 38.88 28.92 42.69
CA THR F 93 40.18 29.23 43.26
C THR F 93 41.19 29.41 42.14
N TYR F 94 41.13 28.53 41.15
CA TYR F 94 42.00 28.62 39.96
C TYR F 94 41.73 29.91 39.24
N ASN F 95 40.46 30.20 38.94
CA ASN F 95 40.11 31.43 38.24
C ASN F 95 40.63 32.67 38.93
N ALA F 96 40.43 32.75 40.24
CA ALA F 96 40.89 33.91 41.01
C ALA F 96 42.40 34.05 41.00
N GLU F 97 43.10 32.97 41.28
CA GLU F 97 44.55 33.05 41.36
C GLU F 97 45.20 33.34 40.01
N LEU F 98 44.68 32.73 38.97
CA LEU F 98 45.22 32.93 37.64
C LEU F 98 44.94 34.32 37.14
N LEU F 99 43.75 34.86 37.44
CA LEU F 99 43.37 36.22 37.01
C LEU F 99 44.30 37.25 37.65
N VAL F 100 44.60 37.05 38.94
CA VAL F 100 45.49 37.95 39.65
C VAL F 100 46.89 37.88 39.06
N LEU F 101 47.40 36.69 38.80
CA LEU F 101 48.72 36.55 38.19
C LEU F 101 48.80 37.19 36.82
N MET F 102 47.84 36.87 35.97
CA MET F 102 47.83 37.41 34.59
C MET F 102 47.71 38.93 34.57
N GLU F 103 46.83 39.48 35.40
CA GLU F 103 46.58 40.92 35.39
C GLU F 103 47.66 41.72 36.13
N ASN F 104 48.29 41.12 37.13
CA ASN F 104 49.51 41.69 37.71
C ASN F 104 50.61 41.86 36.66
N GLU F 105 50.85 40.85 35.85
CA GLU F 105 51.86 40.97 34.79
C GLU F 105 51.49 42.12 33.87
N ARG F 106 50.22 42.21 33.48
CA ARG F 106 49.77 43.26 32.56
C ARG F 106 49.82 44.65 33.21
N THR F 107 49.61 44.74 34.51
CA THR F 107 49.69 46.01 35.20
C THR F 107 51.13 46.53 35.21
N LEU F 108 52.08 45.66 35.47
CA LEU F 108 53.49 46.10 35.51
C LEU F 108 53.96 46.55 34.13
N ASP F 109 53.61 45.77 33.11
CA ASP F 109 53.91 46.14 31.74
C ASP F 109 53.21 47.45 31.30
N PHE F 110 52.00 47.70 31.80
CA PHE F 110 51.25 48.91 31.51
C PHE F 110 51.99 50.16 31.94
N HIS F 111 52.50 50.15 33.16
CA HIS F 111 53.36 51.21 33.68
C HIS F 111 54.61 51.41 32.84
N ASP F 112 55.26 50.31 32.49
CA ASP F 112 56.45 50.33 31.63
C ASP F 112 56.12 51.04 30.32
N SER F 113 54.99 50.65 29.73
CA SER F 113 54.49 51.28 28.51
C SER F 113 54.25 52.78 28.67
N ASN F 114 53.61 53.19 29.76
CA ASN F 114 53.31 54.60 29.95
C ASN F 114 54.60 55.41 30.02
N VAL F 115 55.65 54.83 30.60
CA VAL F 115 56.95 55.52 30.72
C VAL F 115 57.61 55.64 29.35
N LYS F 116 57.61 54.54 28.61
CA LYS F 116 58.20 54.51 27.29
C LYS F 116 57.54 55.55 26.39
N ASN F 117 56.21 55.63 26.47
CA ASN F 117 55.47 56.58 25.64
C ASN F 117 55.72 58.03 26.05
N LEU F 118 55.88 58.27 27.34
CA LEU F 118 56.22 59.61 27.81
C LEU F 118 57.60 60.03 27.34
N TYR F 119 58.54 59.10 27.39
CA TYR F 119 59.87 59.35 26.86
C TYR F 119 59.84 59.66 25.37
N ASP F 120 59.11 58.85 24.60
CA ASP F 120 59.04 59.08 23.14
C ASP F 120 58.33 60.42 22.84
N LYS F 121 57.28 60.74 23.59
CA LYS F 121 56.55 62.02 23.45
C LYS F 121 57.48 63.19 23.46
N VAL F 122 58.40 63.18 24.42
CA VAL F 122 59.40 64.24 24.55
C VAL F 122 60.44 64.17 23.43
N ARG F 123 60.93 62.96 23.13
CA ARG F 123 61.90 62.76 22.05
C ARG F 123 61.36 63.33 20.74
N LEU F 124 60.10 63.03 20.44
CA LEU F 124 59.46 63.46 19.20
C LEU F 124 59.23 64.96 19.10
N GLN F 125 59.23 65.67 20.22
CA GLN F 125 59.17 67.14 20.22
C GLN F 125 60.54 67.72 19.98
N LEU F 126 61.51 67.29 20.76
CA LEU F 126 62.85 67.84 20.70
C LEU F 126 63.60 67.52 19.41
N ARG F 127 63.43 66.31 18.90
CA ARG F 127 64.05 65.88 17.65
C ARG F 127 65.58 66.08 17.72
N ASP F 128 66.14 66.96 16.89
CA ASP F 128 67.60 67.13 16.83
C ASP F 128 68.07 68.43 17.52
N ASN F 129 67.19 69.04 18.33
CA ASN F 129 67.57 70.17 19.19
C ASN F 129 68.15 69.74 20.54
N ALA F 130 68.35 68.44 20.75
CA ALA F 130 68.95 67.92 21.98
C ALA F 130 69.67 66.59 21.75
N LYS F 131 70.65 66.28 22.61
CA LYS F 131 71.36 65.00 22.56
C LYS F 131 70.61 63.96 23.39
N GLU F 132 70.22 62.86 22.75
CA GLU F 132 69.64 61.74 23.45
C GLU F 132 70.77 60.99 24.11
N LEU F 133 70.86 61.11 25.44
CA LEU F 133 71.99 60.55 26.17
C LEU F 133 71.95 59.03 26.35
N GLY F 134 70.74 58.46 26.30
CA GLY F 134 70.57 57.01 26.36
C GLY F 134 70.19 56.45 27.71
N ASN F 135 69.84 57.34 28.64
CA ASN F 135 69.52 56.94 30.01
C ASN F 135 68.22 57.55 30.53
N GLY F 136 67.39 58.02 29.61
CA GLY F 136 66.20 58.74 29.96
C GLY F 136 66.36 60.25 29.84
N CYS F 137 67.57 60.74 29.56
CA CYS F 137 67.82 62.19 29.57
C CYS F 137 68.13 62.77 28.21
N PHE F 138 67.79 64.06 28.07
CA PHE F 138 68.03 64.82 26.86
C PHE F 138 68.79 66.05 27.23
N GLU F 139 69.97 66.21 26.65
CA GLU F 139 70.80 67.39 26.89
C GLU F 139 70.59 68.39 25.75
N PHE F 140 70.13 69.59 26.09
CA PHE F 140 69.81 70.62 25.09
C PHE F 140 71.05 71.26 24.48
N TYR F 141 70.96 71.65 23.20
CA TYR F 141 72.03 72.43 22.54
C TYR F 141 71.93 73.89 22.90
N HIS F 142 70.70 74.38 23.02
CA HIS F 142 70.44 75.76 23.45
C HIS F 142 70.19 75.81 24.96
N LYS F 143 70.23 77.00 25.55
CA LYS F 143 69.78 77.17 26.93
C LYS F 143 68.28 76.97 26.97
N CYS F 144 67.81 76.26 27.99
CA CYS F 144 66.39 75.98 28.16
C CYS F 144 66.02 76.40 29.57
N ASP F 145 65.49 77.61 29.68
CA ASP F 145 65.03 78.16 30.97
C ASP F 145 63.72 77.50 31.43
N ASN F 146 63.19 77.92 32.59
CA ASN F 146 62.04 77.24 33.16
C ASN F 146 60.79 77.26 32.29
N GLU F 147 60.59 78.33 31.54
CA GLU F 147 59.48 78.41 30.58
C GLU F 147 59.73 77.46 29.41
N CYS F 148 60.98 77.39 28.97
CA CYS F 148 61.39 76.43 27.94
C CYS F 148 61.10 75.01 28.44
N MET F 149 61.54 74.67 29.64
CA MET F 149 61.25 73.36 30.24
C MET F 149 59.76 73.08 30.32
N GLU F 150 59.00 74.06 30.77
CA GLU F 150 57.55 73.89 30.88
C GLU F 150 56.88 73.56 29.54
N SER F 151 57.36 74.19 28.47
CA SER F 151 56.84 73.95 27.12
C SER F 151 57.11 72.51 26.66
N VAL F 152 58.16 71.89 27.18
CA VAL F 152 58.44 70.47 26.92
C VAL F 152 57.38 69.62 27.61
N ARG F 153 57.14 69.91 28.88
CA ARG F 153 56.09 69.22 29.64
C ARG F 153 54.69 69.48 29.06
N ASN F 154 54.49 70.68 28.53
CA ASN F 154 53.25 71.10 27.85
C ASN F 154 52.84 70.23 26.69
N GLY F 155 53.80 69.92 25.82
CA GLY F 155 53.53 69.50 24.46
C GLY F 155 53.72 70.66 23.50
N THR F 156 54.16 71.81 24.00
CA THR F 156 54.19 73.08 23.27
C THR F 156 55.62 73.48 22.82
N TYR F 157 56.60 72.61 23.00
CA TYR F 157 57.99 72.97 22.71
C TYR F 157 58.15 73.44 21.25
N ASP F 158 58.40 74.73 21.06
CA ASP F 158 58.46 75.31 19.71
C ASP F 158 59.80 74.99 19.02
N TYR F 159 59.80 73.92 18.22
CA TYR F 159 61.03 73.41 17.59
C TYR F 159 61.71 74.40 16.64
N PRO F 160 60.96 75.03 15.70
CA PRO F 160 61.56 76.05 14.82
C PRO F 160 62.22 77.23 15.53
N GLN F 161 61.75 77.57 16.73
CA GLN F 161 62.33 78.64 17.53
C GLN F 161 63.79 78.36 17.88
N TYR F 162 64.14 77.08 18.01
CA TYR F 162 65.53 76.68 18.24
C TYR F 162 65.91 75.72 17.11
N ASP G 1 -71.90 -67.97 -26.13
CA ASP G 1 -72.06 -66.65 -25.44
C ASP G 1 -70.70 -65.96 -25.34
N GLN G 2 -70.63 -64.68 -25.69
CA GLN G 2 -69.35 -63.97 -25.72
C GLN G 2 -69.45 -62.50 -25.35
N ILE G 3 -68.32 -61.93 -24.93
CA ILE G 3 -68.21 -60.50 -24.68
C ILE G 3 -66.96 -59.97 -25.37
N CYS G 4 -67.12 -58.81 -25.99
CA CYS G 4 -66.10 -58.22 -26.86
C CYS G 4 -65.83 -56.80 -26.44
N ILE G 5 -64.61 -56.34 -26.66
CA ILE G 5 -64.20 -55.00 -26.29
C ILE G 5 -63.95 -54.26 -27.56
N GLY G 6 -64.32 -52.99 -27.60
CA GLY G 6 -64.19 -52.19 -28.82
C GLY G 6 -64.31 -50.71 -28.56
N TYR G 7 -64.37 -49.93 -29.65
CA TYR G 7 -64.29 -48.48 -29.53
C TYR G 7 -65.20 -47.78 -30.53
N HIS G 8 -65.37 -46.49 -30.35
CA HIS G 8 -66.29 -45.66 -31.12
C HIS G 8 -65.82 -45.41 -32.55
N ALA G 9 -66.78 -45.43 -33.46
CA ALA G 9 -66.60 -44.93 -34.82
C ALA G 9 -67.82 -44.13 -35.19
N ASN G 10 -67.70 -43.28 -36.20
CA ASN G 10 -68.83 -42.49 -36.66
C ASN G 10 -68.62 -42.05 -38.12
N ASN G 11 -69.46 -41.16 -38.64
CA ASN G 11 -69.37 -40.73 -40.04
C ASN G 11 -68.47 -39.52 -40.29
N SER G 12 -67.62 -39.17 -39.32
CA SER G 12 -66.77 -37.98 -39.38
C SER G 12 -65.70 -38.07 -40.45
N THR G 13 -65.47 -36.95 -41.11
CA THR G 13 -64.40 -36.78 -42.08
C THR G 13 -63.35 -35.74 -41.62
N GLU G 14 -63.47 -35.20 -40.40
CA GLU G 14 -62.43 -34.31 -39.82
C GLU G 14 -61.08 -35.02 -39.83
N GLN G 15 -60.03 -34.30 -40.22
CA GLN G 15 -58.68 -34.84 -40.28
C GLN G 15 -57.72 -34.01 -39.45
N VAL G 16 -56.71 -34.66 -38.88
CA VAL G 16 -55.66 -33.97 -38.14
C VAL G 16 -54.33 -34.48 -38.62
N ASP G 17 -53.26 -33.71 -38.37
CA ASP G 17 -51.89 -34.15 -38.66
C ASP G 17 -51.17 -34.61 -37.38
N THR G 18 -50.22 -35.53 -37.55
CA THR G 18 -49.24 -35.92 -36.52
C THR G 18 -47.84 -35.88 -37.12
N ILE G 19 -46.79 -36.12 -36.35
CA ILE G 19 -45.42 -36.12 -36.88
C ILE G 19 -45.24 -37.19 -37.93
N MET G 20 -45.76 -38.38 -37.64
CA MET G 20 -45.53 -39.55 -38.48
C MET G 20 -46.57 -39.77 -39.54
N GLU G 21 -47.71 -39.11 -39.42
CA GLU G 21 -48.79 -39.34 -40.38
C GLU G 21 -49.64 -38.09 -40.55
N LYS G 22 -49.99 -37.79 -41.80
CA LYS G 22 -50.76 -36.61 -42.10
C LYS G 22 -52.14 -37.05 -42.58
N ASN G 23 -53.15 -36.20 -42.38
CA ASN G 23 -54.51 -36.49 -42.81
C ASN G 23 -55.07 -37.77 -42.20
N VAL G 24 -55.00 -37.86 -40.89
CA VAL G 24 -55.60 -38.96 -40.13
C VAL G 24 -57.06 -38.59 -39.85
N THR G 25 -57.99 -39.43 -40.28
CA THR G 25 -59.39 -39.17 -40.02
C THR G 25 -59.69 -39.54 -38.59
N VAL G 26 -60.30 -38.62 -37.86
CA VAL G 26 -60.67 -38.84 -36.48
C VAL G 26 -62.16 -38.64 -36.26
N THR G 27 -62.66 -39.21 -35.17
CA THR G 27 -64.09 -39.17 -34.85
C THR G 27 -64.52 -37.78 -34.41
N HIS G 28 -63.61 -37.06 -33.76
CA HIS G 28 -63.84 -35.69 -33.35
C HIS G 28 -62.56 -34.86 -33.35
N ALA G 29 -62.70 -33.57 -33.63
CA ALA G 29 -61.59 -32.63 -33.63
C ALA G 29 -62.04 -31.25 -33.23
N GLN G 30 -61.08 -30.39 -32.88
CA GLN G 30 -61.37 -29.04 -32.44
C GLN G 30 -60.42 -28.07 -33.13
N ASP G 31 -61.01 -27.21 -33.95
CA ASP G 31 -60.30 -26.16 -34.63
C ASP G 31 -60.00 -25.06 -33.65
N ILE G 32 -58.77 -24.57 -33.63
CA ILE G 32 -58.36 -23.50 -32.70
C ILE G 32 -57.84 -22.23 -33.36
N LEU G 33 -57.98 -22.15 -34.69
CA LEU G 33 -57.51 -21.00 -35.48
C LEU G 33 -58.67 -20.24 -36.13
N GLU G 34 -58.83 -18.96 -35.80
CA GLU G 34 -59.82 -18.11 -36.46
C GLU G 34 -59.29 -17.65 -37.81
N LYS G 35 -60.04 -17.95 -38.87
CA LYS G 35 -59.62 -17.65 -40.23
C LYS G 35 -60.40 -16.49 -40.86
N THR G 36 -61.52 -16.10 -40.27
CA THR G 36 -62.43 -15.12 -40.89
C THR G 36 -62.48 -13.80 -40.13
N HIS G 37 -62.85 -12.75 -40.86
CA HIS G 37 -63.07 -11.40 -40.31
C HIS G 37 -64.23 -10.74 -41.05
N ASN G 38 -64.73 -9.60 -40.55
CA ASN G 38 -65.92 -8.96 -41.15
C ASN G 38 -65.59 -7.92 -42.24
N GLY G 39 -64.31 -7.56 -42.35
CA GLY G 39 -63.80 -6.74 -43.45
C GLY G 39 -64.05 -5.26 -43.28
N LYS G 40 -64.26 -4.82 -42.05
CA LYS G 40 -64.71 -3.46 -41.73
C LYS G 40 -63.91 -2.84 -40.60
N LEU G 41 -63.86 -1.51 -40.59
CA LEU G 41 -63.30 -0.77 -39.47
C LEU G 41 -64.46 -0.43 -38.54
N CYS G 42 -64.30 -0.73 -37.24
CA CYS G 42 -65.41 -0.69 -36.30
C CYS G 42 -65.05 0.05 -35.03
N ASP G 43 -66.09 0.43 -34.30
CA ASP G 43 -65.92 0.95 -32.95
C ASP G 43 -65.26 -0.17 -32.13
N LEU G 44 -64.28 0.21 -31.32
CA LEU G 44 -63.64 -0.71 -30.38
C LEU G 44 -64.27 -0.51 -29.01
N ASP G 45 -64.99 -1.53 -28.55
CA ASP G 45 -65.71 -1.47 -27.30
C ASP G 45 -66.60 -0.23 -27.18
N GLY G 46 -67.30 0.09 -28.27
CA GLY G 46 -68.19 1.27 -28.36
C GLY G 46 -67.54 2.62 -28.69
N VAL G 47 -66.26 2.80 -28.28
CA VAL G 47 -65.48 4.01 -28.53
C VAL G 47 -64.97 4.08 -29.98
N LYS G 48 -65.57 4.95 -30.76
CA LYS G 48 -65.27 5.11 -32.20
C LYS G 48 -63.81 5.49 -32.45
N PRO G 49 -63.21 4.97 -33.54
CA PRO G 49 -61.85 5.41 -33.90
C PRO G 49 -61.85 6.75 -34.61
N LEU G 50 -60.69 7.37 -34.67
CA LEU G 50 -60.45 8.56 -35.47
C LEU G 50 -60.04 8.10 -36.85
N ILE G 51 -60.91 8.27 -37.84
CA ILE G 51 -60.59 7.87 -39.21
C ILE G 51 -60.21 9.10 -40.02
N LEU G 52 -58.91 9.26 -40.25
CA LEU G 52 -58.36 10.44 -40.91
C LEU G 52 -58.69 10.52 -42.38
N ARG G 53 -59.15 9.42 -42.97
CA ARG G 53 -59.60 9.39 -44.34
C ARG G 53 -58.45 9.79 -45.28
N ASP G 54 -58.58 10.89 -46.04
CA ASP G 54 -57.54 11.30 -46.99
C ASP G 54 -56.45 12.18 -46.33
N CYS G 55 -56.61 12.48 -45.04
CA CYS G 55 -55.63 13.30 -44.32
C CYS G 55 -54.60 12.42 -43.62
N SER G 56 -53.40 12.98 -43.46
CA SER G 56 -52.33 12.36 -42.67
C SER G 56 -52.35 12.92 -41.25
N VAL G 57 -51.50 12.37 -40.40
CA VAL G 57 -51.35 12.87 -39.03
C VAL G 57 -50.84 14.32 -39.04
N ALA G 58 -49.95 14.63 -39.99
CA ALA G 58 -49.41 15.96 -40.17
C ALA G 58 -50.49 16.95 -40.64
N GLY G 59 -51.18 16.60 -41.74
CA GLY G 59 -52.30 17.39 -42.26
C GLY G 59 -53.32 17.69 -41.17
N TRP G 60 -53.66 16.66 -40.39
CA TRP G 60 -54.57 16.82 -39.24
C TRP G 60 -54.03 17.82 -38.22
N LEU G 61 -52.85 17.53 -37.67
CA LEU G 61 -52.33 18.29 -36.52
C LEU G 61 -51.93 19.73 -36.87
N LEU G 62 -51.25 19.92 -37.98
CA LEU G 62 -50.91 21.27 -38.45
C LEU G 62 -52.14 22.07 -38.90
N GLY G 63 -53.21 21.38 -39.28
CA GLY G 63 -54.47 22.02 -39.67
C GLY G 63 -54.53 22.35 -41.16
N ASN G 64 -54.21 21.37 -42.00
CA ASN G 64 -54.32 21.49 -43.44
C ASN G 64 -55.76 21.90 -43.76
N PRO G 65 -55.95 22.99 -44.54
CA PRO G 65 -57.30 23.49 -44.87
C PRO G 65 -58.29 22.42 -45.38
N MET G 66 -57.76 21.42 -46.08
CA MET G 66 -58.56 20.29 -46.58
C MET G 66 -58.95 19.30 -45.46
N CYS G 67 -58.48 19.51 -44.23
CA CYS G 67 -58.71 18.59 -43.11
C CYS G 67 -59.53 19.23 -41.98
N ASP G 68 -60.49 20.07 -42.37
CA ASP G 68 -61.37 20.75 -41.41
C ASP G 68 -62.31 19.79 -40.70
N GLU G 69 -62.62 18.65 -41.33
CA GLU G 69 -63.39 17.57 -40.70
C GLU G 69 -62.84 17.26 -39.31
N PHE G 70 -61.52 17.37 -39.16
CA PHE G 70 -60.84 17.04 -37.90
C PHE G 70 -60.39 18.29 -37.13
N ILE G 71 -61.17 19.37 -37.23
CA ILE G 71 -60.87 20.62 -36.52
C ILE G 71 -60.93 20.43 -35.00
N ASN G 72 -61.91 19.67 -34.52
CA ASN G 72 -61.99 19.29 -33.09
C ASN G 72 -62.58 17.91 -32.87
N VAL G 73 -61.71 16.93 -32.93
CA VAL G 73 -62.12 15.52 -32.85
C VAL G 73 -62.33 15.08 -31.40
N PRO G 74 -63.39 14.28 -31.16
CA PRO G 74 -63.61 13.73 -29.82
C PRO G 74 -62.62 12.59 -29.49
N GLU G 75 -62.72 12.07 -28.28
CA GLU G 75 -61.92 10.92 -27.84
C GLU G 75 -62.00 9.76 -28.83
N TRP G 76 -60.87 9.10 -29.08
CA TRP G 76 -60.83 7.94 -29.98
C TRP G 76 -60.26 6.70 -29.29
N SER G 77 -60.54 5.54 -29.87
CA SER G 77 -60.02 4.25 -29.41
C SER G 77 -58.71 3.95 -30.12
N TYR G 78 -58.73 4.08 -31.44
CA TYR G 78 -57.54 3.94 -32.27
C TYR G 78 -57.63 4.90 -33.43
N ILE G 79 -56.55 5.03 -34.18
CA ILE G 79 -56.48 5.97 -35.30
C ILE G 79 -56.28 5.20 -36.60
N VAL G 80 -56.93 5.65 -37.68
CA VAL G 80 -56.78 5.01 -38.98
C VAL G 80 -56.28 6.00 -40.01
N GLU G 81 -55.20 5.63 -40.68
CA GLU G 81 -54.56 6.47 -41.69
C GLU G 81 -54.29 5.62 -42.94
N LYS G 82 -54.57 6.18 -44.11
CA LYS G 82 -54.25 5.49 -45.35
C LYS G 82 -52.74 5.40 -45.57
N ALA G 83 -52.36 4.57 -46.56
CA ALA G 83 -50.97 4.32 -46.86
C ALA G 83 -50.28 5.57 -47.47
N ASN G 84 -50.99 6.23 -48.37
CA ASN G 84 -50.50 7.45 -49.02
C ASN G 84 -51.58 8.52 -49.01
N PRO G 85 -51.86 9.10 -47.83
CA PRO G 85 -52.89 10.13 -47.77
C PRO G 85 -52.51 11.32 -48.66
N VAL G 86 -53.47 11.79 -49.46
CA VAL G 86 -53.20 12.86 -50.42
C VAL G 86 -53.07 14.22 -49.75
N ASN G 87 -53.85 14.44 -48.68
CA ASN G 87 -53.81 15.69 -47.93
C ASN G 87 -52.81 15.61 -46.79
N ASP G 88 -51.53 15.74 -47.16
CA ASP G 88 -50.44 15.73 -46.19
C ASP G 88 -49.99 17.18 -46.03
N LEU G 89 -48.73 17.49 -46.30
CA LEU G 89 -48.24 18.86 -46.22
C LEU G 89 -48.59 19.55 -47.53
N CYS G 90 -49.60 20.41 -47.50
CA CYS G 90 -50.08 21.11 -48.69
C CYS G 90 -48.96 21.98 -49.28
N TYR G 91 -48.33 22.80 -48.43
CA TYR G 91 -47.09 23.49 -48.76
C TYR G 91 -45.94 22.50 -48.50
N PRO G 92 -45.12 22.22 -49.53
CA PRO G 92 -44.12 21.15 -49.38
C PRO G 92 -43.07 21.44 -48.32
N GLY G 93 -42.50 20.40 -47.75
CA GLY G 93 -41.45 20.54 -46.75
C GLY G 93 -41.16 19.28 -45.99
N ASP G 94 -40.82 19.44 -44.71
CA ASP G 94 -40.55 18.32 -43.83
C ASP G 94 -41.27 18.51 -42.50
N PHE G 95 -41.47 17.40 -41.82
CA PHE G 95 -41.95 17.40 -40.44
C PHE G 95 -40.84 16.76 -39.61
N ASN G 96 -40.21 17.56 -38.74
CA ASN G 96 -39.07 17.11 -37.95
C ASN G 96 -39.50 16.10 -36.86
N ASP G 97 -38.75 15.00 -36.76
CA ASP G 97 -39.05 13.90 -35.82
C ASP G 97 -40.53 13.47 -35.89
N TYR G 98 -41.01 13.31 -37.13
CA TYR G 98 -42.40 12.97 -37.39
C TYR G 98 -42.76 11.62 -36.76
N GLU G 99 -41.86 10.66 -36.94
CA GLU G 99 -42.09 9.29 -36.50
C GLU G 99 -42.14 9.21 -34.97
N GLU G 100 -41.23 9.92 -34.32
CA GLU G 100 -41.20 9.96 -32.85
C GLU G 100 -42.48 10.57 -32.27
N LEU G 101 -43.10 11.49 -33.01
CA LEU G 101 -44.35 12.09 -32.59
C LEU G 101 -45.51 11.12 -32.79
N LYS G 102 -45.56 10.48 -33.95
CA LYS G 102 -46.57 9.46 -34.22
C LYS G 102 -46.52 8.34 -33.17
N HIS G 103 -45.33 7.97 -32.73
CA HIS G 103 -45.19 7.01 -31.63
C HIS G 103 -45.80 7.53 -30.34
N LEU G 104 -45.59 8.80 -30.08
CA LEU G 104 -46.15 9.47 -28.91
C LEU G 104 -47.68 9.40 -28.90
N LEU G 105 -48.28 9.50 -30.09
CA LEU G 105 -49.73 9.40 -30.28
C LEU G 105 -50.36 8.07 -29.94
N SER G 106 -49.57 7.02 -29.98
CA SER G 106 -50.07 5.67 -29.74
CA SER G 106 -50.09 5.68 -29.74
C SER G 106 -50.34 5.51 -28.23
N ARG G 107 -49.88 6.48 -27.43
CA ARG G 107 -50.18 6.54 -25.99
C ARG G 107 -51.20 7.64 -25.67
N ILE G 108 -51.95 8.09 -26.68
CA ILE G 108 -52.90 9.21 -26.52
C ILE G 108 -54.27 8.87 -27.13
N ASN G 109 -55.33 9.11 -26.37
CA ASN G 109 -56.71 8.89 -26.81
C ASN G 109 -57.50 10.18 -27.07
N HIS G 110 -57.06 11.32 -26.52
CA HIS G 110 -57.82 12.56 -26.67
C HIS G 110 -56.96 13.83 -26.57
N PHE G 111 -57.16 14.73 -27.54
CA PHE G 111 -56.53 16.05 -27.54
C PHE G 111 -57.59 17.10 -27.27
N GLU G 112 -57.21 18.16 -26.55
CA GLU G 112 -58.03 19.38 -26.37
C GLU G 112 -57.27 20.58 -26.95
N LYS G 113 -57.72 21.08 -28.10
CA LYS G 113 -57.05 22.20 -28.76
C LYS G 113 -57.33 23.48 -28.00
N ILE G 114 -56.28 24.26 -27.72
CA ILE G 114 -56.43 25.58 -27.13
C ILE G 114 -55.51 26.61 -27.80
N GLN G 115 -55.92 27.87 -27.71
CA GLN G 115 -55.16 28.98 -28.27
C GLN G 115 -54.15 29.47 -27.23
N ILE G 116 -52.88 29.50 -27.63
CA ILE G 116 -51.78 29.97 -26.77
C ILE G 116 -51.23 31.33 -27.19
N ILE G 117 -51.19 31.61 -28.50
CA ILE G 117 -50.77 32.92 -29.01
C ILE G 117 -51.81 33.42 -30.03
N PRO G 118 -52.69 34.35 -29.61
CA PRO G 118 -53.73 34.86 -30.51
C PRO G 118 -53.20 35.46 -31.81
N LYS G 119 -53.97 35.31 -32.88
CA LYS G 119 -53.62 35.86 -34.18
C LYS G 119 -53.66 37.39 -34.17
N SER G 120 -54.62 37.95 -33.42
CA SER G 120 -54.77 39.40 -33.28
C SER G 120 -53.62 40.08 -32.54
N SER G 121 -52.92 39.35 -31.68
CA SER G 121 -51.88 39.93 -30.84
C SER G 121 -50.54 40.25 -31.54
N TRP G 122 -50.43 39.98 -32.84
CA TRP G 122 -49.22 40.33 -33.62
C TRP G 122 -49.34 41.75 -34.20
N SER G 123 -49.21 42.74 -33.32
CA SER G 123 -49.41 44.14 -33.71
C SER G 123 -48.24 44.79 -34.46
N SER G 124 -47.07 44.14 -34.48
CA SER G 124 -45.89 44.66 -35.18
C SER G 124 -45.56 43.90 -36.47
N HIS G 125 -46.31 42.84 -36.75
CA HIS G 125 -46.07 42.00 -37.93
C HIS G 125 -47.38 41.70 -38.65
N GLU G 126 -47.29 41.36 -39.93
CA GLU G 126 -48.47 41.07 -40.74
C GLU G 126 -48.80 39.57 -40.64
N ALA G 127 -49.89 39.27 -39.95
CA ALA G 127 -50.27 37.90 -39.62
C ALA G 127 -51.37 37.32 -40.50
N SER G 128 -51.99 38.14 -41.34
CA SER G 128 -53.17 37.74 -42.10
C SER G 128 -52.89 37.60 -43.60
N LEU G 129 -51.62 37.70 -44.00
CA LEU G 129 -51.23 37.53 -45.39
C LEU G 129 -50.31 36.33 -45.57
N GLY G 130 -50.31 35.43 -44.59
CA GLY G 130 -49.47 34.23 -44.63
C GLY G 130 -50.15 33.04 -45.29
N VAL G 131 -50.40 33.17 -46.59
CA VAL G 131 -51.18 32.17 -47.36
C VAL G 131 -50.45 31.74 -48.63
N SER G 132 -50.98 30.73 -49.29
CA SER G 132 -50.39 30.19 -50.54
C SER G 132 -51.40 29.44 -51.39
N SER G 133 -51.15 29.43 -52.70
CA SER G 133 -51.95 28.65 -53.64
C SER G 133 -51.74 27.12 -53.45
N ALA G 134 -50.64 26.73 -52.80
CA ALA G 134 -50.40 25.32 -52.42
C ALA G 134 -51.39 24.79 -51.39
N CYS G 135 -51.97 25.68 -50.57
CA CYS G 135 -52.95 25.32 -49.55
C CYS G 135 -54.30 26.00 -49.81
N PRO G 136 -55.05 25.52 -50.80
CA PRO G 136 -56.30 26.17 -51.17
C PRO G 136 -57.48 25.78 -50.28
N TYR G 137 -58.40 26.72 -50.09
CA TYR G 137 -59.65 26.47 -49.36
C TYR G 137 -60.80 27.23 -50.02
N GLN G 138 -61.74 26.49 -50.61
CA GLN G 138 -62.86 27.07 -51.36
C GLN G 138 -62.39 28.05 -52.45
N GLY G 139 -61.40 27.61 -53.23
CA GLY G 139 -60.89 28.39 -54.36
C GLY G 139 -59.93 29.54 -54.04
N LYS G 140 -59.64 29.76 -52.76
CA LYS G 140 -58.80 30.87 -52.32
C LYS G 140 -57.56 30.33 -51.66
N SER G 141 -56.49 31.12 -51.65
CA SER G 141 -55.23 30.76 -51.00
C SER G 141 -55.35 30.83 -49.46
N SER G 142 -54.97 29.73 -48.80
CA SER G 142 -55.11 29.60 -47.35
C SER G 142 -53.80 29.05 -46.79
N PHE G 143 -53.85 28.51 -45.56
CA PHE G 143 -52.65 27.94 -44.91
C PHE G 143 -53.03 27.10 -43.69
N PHE G 144 -52.07 26.29 -43.25
CA PHE G 144 -52.21 25.51 -42.01
C PHE G 144 -52.86 26.38 -40.92
N ARG G 145 -54.05 25.98 -40.47
CA ARG G 145 -54.88 26.80 -39.58
C ARG G 145 -54.34 26.99 -38.16
N ASN G 146 -53.46 26.11 -37.72
CA ASN G 146 -52.98 26.13 -36.32
C ASN G 146 -51.68 26.91 -36.12
N VAL G 147 -51.05 27.33 -37.21
CA VAL G 147 -49.82 28.11 -37.16
C VAL G 147 -49.95 29.36 -38.03
N VAL G 148 -49.18 30.39 -37.69
CA VAL G 148 -49.33 31.71 -38.30
C VAL G 148 -48.05 32.05 -39.08
N TRP G 149 -48.16 32.15 -40.41
CA TRP G 149 -47.05 32.56 -41.26
C TRP G 149 -46.90 34.09 -41.21
N LEU G 150 -45.98 34.56 -40.37
CA LEU G 150 -45.77 36.01 -40.16
C LEU G 150 -44.83 36.57 -41.21
N ILE G 151 -45.17 37.75 -41.72
CA ILE G 151 -44.32 38.51 -42.66
C ILE G 151 -44.17 39.96 -42.22
N LYS G 152 -43.28 40.68 -42.90
CA LYS G 152 -42.99 42.08 -42.59
C LYS G 152 -44.21 43.01 -42.68
N LYS G 153 -44.22 44.05 -41.87
CA LYS G 153 -45.29 45.06 -41.88
C LYS G 153 -44.71 46.46 -42.13
N ASN G 154 -45.22 47.13 -43.17
CA ASN G 154 -44.71 48.44 -43.62
C ASN G 154 -43.20 48.42 -43.88
N SER G 155 -42.72 47.34 -44.49
CA SER G 155 -41.28 47.11 -44.75
C SER G 155 -40.44 47.08 -43.47
N THR G 156 -40.83 46.23 -42.52
CA THR G 156 -40.05 46.02 -41.30
C THR G 156 -40.42 44.71 -40.64
N TYR G 157 -39.42 43.90 -40.31
CA TYR G 157 -39.60 42.72 -39.46
C TYR G 157 -38.76 42.89 -38.19
N PRO G 158 -39.36 43.49 -37.13
CA PRO G 158 -38.62 43.65 -35.88
C PRO G 158 -38.49 42.31 -35.16
N THR G 159 -37.49 42.21 -34.28
CA THR G 159 -37.22 40.97 -33.56
C THR G 159 -38.44 40.58 -32.71
N ILE G 160 -38.91 39.33 -32.89
CA ILE G 160 -40.01 38.77 -32.10
C ILE G 160 -39.46 38.17 -30.81
N LYS G 161 -40.13 38.41 -29.69
CA LYS G 161 -39.79 37.82 -28.40
C LYS G 161 -41.07 37.46 -27.65
N ARG G 162 -41.50 36.22 -27.80
CA ARG G 162 -42.74 35.75 -27.18
C ARG G 162 -42.51 34.61 -26.24
N SER G 163 -43.28 34.60 -25.15
CA SER G 163 -43.22 33.56 -24.15
C SER G 163 -44.61 33.06 -23.80
N TYR G 164 -44.79 31.75 -23.74
CA TYR G 164 -46.02 31.16 -23.20
C TYR G 164 -45.71 30.23 -22.03
N ASN G 165 -46.50 30.36 -20.96
CA ASN G 165 -46.35 29.61 -19.72
C ASN G 165 -47.46 28.57 -19.63
N ASN G 166 -47.10 27.29 -19.53
CA ASN G 166 -48.09 26.22 -19.41
C ASN G 166 -48.69 26.18 -18.01
N THR G 167 -49.81 26.88 -17.86
CA THR G 167 -50.55 26.91 -16.60
C THR G 167 -51.58 25.79 -16.48
N ASN G 168 -51.74 24.98 -17.53
CA ASN G 168 -52.64 23.85 -17.52
C ASN G 168 -52.07 22.71 -16.70
N GLN G 169 -52.92 21.78 -16.29
CA GLN G 169 -52.50 20.54 -15.60
C GLN G 169 -51.88 19.55 -16.57
N GLU G 170 -52.27 19.64 -17.84
CA GLU G 170 -51.94 18.64 -18.84
C GLU G 170 -50.65 19.01 -19.56
N ASP G 171 -49.91 17.99 -19.99
CA ASP G 171 -48.80 18.16 -20.94
C ASP G 171 -49.37 18.81 -22.20
N LEU G 172 -48.59 19.67 -22.85
CA LEU G 172 -49.04 20.39 -24.03
C LEU G 172 -48.16 20.12 -25.24
N LEU G 173 -48.78 19.72 -26.35
CA LEU G 173 -48.06 19.56 -27.61
C LEU G 173 -48.04 20.88 -28.36
N VAL G 174 -46.85 21.44 -28.53
CA VAL G 174 -46.68 22.72 -29.23
C VAL G 174 -46.02 22.48 -30.58
N LEU G 175 -46.58 23.11 -31.62
CA LEU G 175 -46.07 23.01 -32.98
C LEU G 175 -45.66 24.37 -33.50
N TRP G 176 -44.53 24.43 -34.21
CA TRP G 176 -44.10 25.64 -34.91
C TRP G 176 -43.32 25.27 -36.19
N GLY G 177 -42.82 26.28 -36.92
CA GLY G 177 -42.09 26.02 -38.16
C GLY G 177 -41.15 27.12 -38.63
N ILE G 178 -40.43 26.80 -39.69
CA ILE G 178 -39.48 27.70 -40.34
C ILE G 178 -39.73 27.66 -41.84
N HIS G 179 -39.73 28.82 -42.49
CA HIS G 179 -39.86 28.90 -43.95
C HIS G 179 -38.49 29.00 -44.63
N HIS G 180 -38.25 28.10 -45.57
CA HIS G 180 -37.04 28.11 -46.38
C HIS G 180 -37.38 28.72 -47.73
N PRO G 181 -36.90 29.95 -48.01
CA PRO G 181 -37.27 30.63 -49.25
C PRO G 181 -36.49 30.17 -50.48
N LYS G 182 -37.02 30.52 -51.65
CA LYS G 182 -36.45 30.15 -52.95
C LYS G 182 -35.09 30.80 -53.17
N ASP G 183 -35.02 32.12 -53.04
CA ASP G 183 -33.77 32.88 -53.28
C ASP G 183 -33.64 34.12 -52.38
N ALA G 184 -32.47 34.76 -52.42
CA ALA G 184 -32.18 35.95 -51.61
C ALA G 184 -33.20 37.09 -51.79
N ALA G 185 -33.73 37.24 -53.00
CA ALA G 185 -34.74 38.26 -53.29
C ALA G 185 -36.03 38.01 -52.51
N GLU G 186 -36.50 36.78 -52.54
CA GLU G 186 -37.71 36.38 -51.80
C GLU G 186 -37.56 36.56 -50.28
N GLN G 187 -36.36 36.31 -49.77
CA GLN G 187 -36.08 36.49 -48.33
C GLN G 187 -36.35 37.93 -47.89
N THR G 188 -35.73 38.88 -48.59
CA THR G 188 -35.90 40.31 -48.28
C THR G 188 -37.32 40.78 -48.65
N LYS G 189 -37.90 40.17 -49.69
CA LYS G 189 -39.28 40.46 -50.10
C LYS G 189 -40.30 40.16 -48.99
N LEU G 190 -40.13 39.03 -48.32
CA LEU G 190 -41.06 38.60 -47.26
C LEU G 190 -40.68 39.12 -45.86
N TYR G 191 -39.37 39.12 -45.56
CA TYR G 191 -38.90 39.38 -44.19
C TYR G 191 -37.87 40.51 -44.03
N GLN G 192 -37.48 41.15 -45.13
CA GLN G 192 -36.45 42.23 -45.14
C GLN G 192 -35.04 41.75 -44.80
N ASN G 193 -34.86 41.25 -43.57
CA ASN G 193 -33.55 40.89 -43.04
C ASN G 193 -32.95 39.73 -43.84
N PRO G 194 -31.71 39.90 -44.35
CA PRO G 194 -31.12 38.85 -45.20
C PRO G 194 -30.65 37.62 -44.40
N THR G 195 -30.18 37.82 -43.17
CA THR G 195 -29.77 36.73 -42.29
C THR G 195 -30.69 36.67 -41.08
N THR G 196 -31.47 35.59 -40.98
CA THR G 196 -32.45 35.46 -39.90
C THR G 196 -32.26 34.14 -39.13
N TYR G 197 -33.11 33.94 -38.13
CA TYR G 197 -33.05 32.75 -37.29
C TYR G 197 -34.33 32.60 -36.48
N ILE G 198 -34.49 31.43 -35.86
CA ILE G 198 -35.53 31.22 -34.84
C ILE G 198 -34.89 30.48 -33.67
N SER G 199 -34.94 31.07 -32.47
CA SER G 199 -34.41 30.43 -31.28
C SER G 199 -35.56 30.02 -30.38
N VAL G 200 -35.56 28.77 -29.96
CA VAL G 200 -36.63 28.22 -29.13
C VAL G 200 -36.03 27.59 -27.88
N GLY G 201 -36.58 27.94 -26.71
CA GLY G 201 -36.10 27.43 -25.43
C GLY G 201 -37.23 26.99 -24.52
N THR G 202 -36.98 25.94 -23.74
CA THR G 202 -37.87 25.50 -22.66
C THR G 202 -36.97 25.06 -21.50
N SER G 203 -37.56 24.33 -20.54
CA SER G 203 -36.80 23.68 -19.49
C SER G 203 -35.68 22.82 -20.04
N THR G 204 -36.00 21.99 -21.03
CA THR G 204 -35.03 21.09 -21.65
C THR G 204 -34.52 21.62 -23.00
N LEU G 205 -35.42 22.18 -23.80
CA LEU G 205 -35.10 22.53 -25.18
C LEU G 205 -34.15 23.72 -25.30
N ASN G 206 -33.20 23.62 -26.23
CA ASN G 206 -32.27 24.71 -26.55
C ASN G 206 -32.00 24.73 -28.06
N GLN G 207 -32.93 25.29 -28.81
CA GLN G 207 -32.91 25.24 -30.26
C GLN G 207 -32.55 26.60 -30.89
N ARG G 208 -31.88 26.55 -32.04
CA ARG G 208 -31.70 27.72 -32.91
C ARG G 208 -31.71 27.30 -34.39
N LEU G 209 -32.76 27.67 -35.10
CA LEU G 209 -32.93 27.31 -36.50
C LEU G 209 -32.49 28.46 -37.40
N VAL G 210 -31.91 28.12 -38.54
CA VAL G 210 -31.56 29.12 -39.56
C VAL G 210 -32.14 28.67 -40.91
N PRO G 211 -32.76 29.62 -41.66
CA PRO G 211 -33.29 29.22 -42.97
C PRO G 211 -32.20 28.90 -43.98
N ARG G 212 -32.31 27.73 -44.60
CA ARG G 212 -31.41 27.32 -45.68
C ARG G 212 -32.03 27.66 -47.03
N ILE G 213 -31.25 28.34 -47.86
CA ILE G 213 -31.69 28.77 -49.19
C ILE G 213 -31.06 27.86 -50.25
N ALA G 214 -31.86 27.48 -51.23
CA ALA G 214 -31.40 26.65 -52.36
C ALA G 214 -32.45 26.61 -53.47
N THR G 215 -31.98 26.36 -54.69
CA THR G 215 -32.87 26.10 -55.81
C THR G 215 -33.44 24.69 -55.62
N ARG G 216 -34.76 24.60 -55.62
CA ARG G 216 -35.45 23.33 -55.37
C ARG G 216 -36.53 23.11 -56.40
N SER G 217 -36.84 21.84 -56.66
CA SER G 217 -37.92 21.49 -57.57
C SER G 217 -39.27 21.97 -57.04
N LYS G 218 -40.22 22.19 -57.94
CA LYS G 218 -41.54 22.71 -57.55
C LYS G 218 -42.52 21.60 -57.18
N VAL G 219 -42.79 21.47 -55.89
CA VAL G 219 -43.82 20.57 -55.38
C VAL G 219 -45.03 21.44 -55.05
N ASN G 220 -46.20 21.07 -55.56
CA ASN G 220 -47.40 21.90 -55.47
C ASN G 220 -47.15 23.34 -55.95
N GLY G 221 -46.28 23.49 -56.95
CA GLY G 221 -45.90 24.79 -57.48
C GLY G 221 -45.12 25.69 -56.53
N GLN G 222 -44.38 25.10 -55.59
CA GLN G 222 -43.57 25.88 -54.66
C GLN G 222 -42.11 25.42 -54.69
N SER G 223 -41.18 26.39 -54.80
CA SER G 223 -39.75 26.15 -54.64
C SER G 223 -39.28 26.39 -53.21
N GLY G 224 -40.09 27.10 -52.44
CA GLY G 224 -39.86 27.25 -51.01
C GLY G 224 -40.27 26.00 -50.24
N ARG G 225 -39.80 25.87 -49.00
CA ARG G 225 -40.10 24.73 -48.14
C ARG G 225 -40.48 25.17 -46.72
N MET G 226 -41.28 24.34 -46.06
CA MET G 226 -41.62 24.54 -44.65
C MET G 226 -41.11 23.33 -43.85
N GLU G 227 -40.24 23.57 -42.87
CA GLU G 227 -39.77 22.53 -41.95
C GLU G 227 -40.47 22.74 -40.61
N PHE G 228 -41.18 21.73 -40.13
CA PHE G 228 -41.97 21.85 -38.92
C PHE G 228 -41.36 21.10 -37.74
N PHE G 229 -41.47 21.70 -36.56
CA PHE G 229 -40.89 21.16 -35.33
C PHE G 229 -41.92 21.10 -34.22
N TRP G 230 -41.61 20.34 -33.18
CA TRP G 230 -42.53 20.17 -32.06
C TRP G 230 -41.81 19.94 -30.76
N THR G 231 -42.56 20.13 -29.67
CA THR G 231 -42.11 19.73 -28.34
C THR G 231 -43.31 19.51 -27.41
N ILE G 232 -43.06 18.79 -26.32
CA ILE G 232 -44.05 18.62 -25.25
C ILE G 232 -43.65 19.57 -24.13
N LEU G 233 -44.48 20.57 -23.91
CA LEU G 233 -44.26 21.53 -22.85
C LEU G 233 -44.94 21.01 -21.60
N LYS G 234 -44.16 20.67 -20.58
CA LYS G 234 -44.70 20.11 -19.34
C LYS G 234 -45.35 21.20 -18.50
N PRO G 235 -46.26 20.82 -17.56
CA PRO G 235 -46.95 21.82 -16.76
C PRO G 235 -45.99 22.69 -15.96
N ASN G 236 -46.37 23.94 -15.75
CA ASN G 236 -45.52 24.92 -15.06
C ASN G 236 -44.22 25.31 -15.78
N ASP G 237 -44.02 24.86 -17.02
CA ASP G 237 -42.85 25.23 -17.80
C ASP G 237 -43.25 26.26 -18.85
N ALA G 238 -42.29 27.07 -19.28
CA ALA G 238 -42.51 28.12 -20.25
C ALA G 238 -41.71 27.87 -21.53
N ILE G 239 -42.31 28.17 -22.67
CA ILE G 239 -41.62 28.13 -23.97
C ILE G 239 -41.31 29.55 -24.44
N ASN G 240 -40.09 29.75 -24.94
CA ASN G 240 -39.60 31.07 -25.34
C ASN G 240 -39.15 31.11 -26.80
N PHE G 241 -39.72 32.05 -27.57
CA PHE G 241 -39.36 32.23 -28.97
C PHE G 241 -38.61 33.54 -29.17
N GLU G 242 -37.67 33.53 -30.11
CA GLU G 242 -37.05 34.76 -30.62
C GLU G 242 -36.71 34.57 -32.10
N SER G 243 -37.01 35.57 -32.93
CA SER G 243 -36.76 35.44 -34.38
C SER G 243 -36.65 36.75 -35.16
N ASN G 244 -35.83 36.71 -36.22
CA ASN G 244 -35.65 37.79 -37.19
C ASN G 244 -36.57 37.69 -38.40
N GLY G 245 -37.14 36.52 -38.61
CA GLY G 245 -37.95 36.24 -39.79
C GLY G 245 -38.02 34.77 -40.04
N ASN G 246 -38.84 34.41 -41.03
CA ASN G 246 -39.06 33.02 -41.44
C ASN G 246 -39.78 32.17 -40.37
N PHE G 247 -40.38 32.85 -39.38
CA PHE G 247 -40.99 32.18 -38.24
C PHE G 247 -42.43 31.81 -38.57
N ILE G 248 -42.78 30.55 -38.35
CA ILE G 248 -44.15 30.08 -38.48
C ILE G 248 -44.62 29.87 -37.05
N ALA G 249 -45.32 30.87 -36.51
CA ALA G 249 -45.63 30.92 -35.08
C ALA G 249 -46.83 30.04 -34.73
N PRO G 250 -46.81 29.44 -33.52
CA PRO G 250 -48.02 28.72 -33.09
C PRO G 250 -49.17 29.68 -32.82
N GLU G 251 -50.39 29.23 -33.17
CA GLU G 251 -51.60 29.87 -32.66
C GLU G 251 -52.31 28.92 -31.70
N TYR G 252 -52.60 27.71 -32.18
CA TYR G 252 -53.24 26.67 -31.39
C TYR G 252 -52.26 25.55 -31.05
N ALA G 253 -52.37 25.05 -29.82
CA ALA G 253 -51.65 23.86 -29.36
C ALA G 253 -52.64 22.89 -28.70
N TYR G 254 -52.23 21.63 -28.58
CA TYR G 254 -53.13 20.55 -28.10
C TYR G 254 -52.80 20.11 -26.68
N LYS G 255 -53.79 20.17 -25.79
CA LYS G 255 -53.63 19.61 -24.45
C LYS G 255 -53.77 18.10 -24.54
N ILE G 256 -52.94 17.40 -23.80
CA ILE G 256 -53.02 15.95 -23.71
C ILE G 256 -53.84 15.60 -22.48
N VAL G 257 -55.14 15.38 -22.66
CA VAL G 257 -56.06 15.18 -21.54
C VAL G 257 -56.19 13.72 -21.14
N LYS G 258 -56.21 12.82 -22.12
CA LYS G 258 -56.35 11.39 -21.87
C LYS G 258 -55.18 10.61 -22.47
N LYS G 259 -54.42 9.92 -21.62
CA LYS G 259 -53.35 9.00 -22.04
C LYS G 259 -53.81 7.57 -21.81
N GLY G 260 -53.61 6.70 -22.80
CA GLY G 260 -53.96 5.29 -22.67
C GLY G 260 -53.54 4.45 -23.86
N ASP G 261 -54.13 3.26 -24.00
CA ASP G 261 -53.82 2.37 -25.12
C ASP G 261 -54.45 2.85 -26.41
N SER G 262 -53.63 2.98 -27.43
CA SER G 262 -54.08 3.38 -28.76
C SER G 262 -53.08 2.86 -29.78
N THR G 263 -53.34 3.15 -31.05
CA THR G 263 -52.44 2.76 -32.14
C THR G 263 -52.85 3.49 -33.40
N ILE G 264 -51.89 3.68 -34.29
CA ILE G 264 -52.15 4.22 -35.62
C ILE G 264 -52.14 3.03 -36.58
N MET G 265 -53.29 2.79 -37.19
CA MET G 265 -53.52 1.60 -38.00
C MET G 265 -53.53 2.01 -39.47
N LYS G 266 -52.66 1.41 -40.30
CA LYS G 266 -52.55 1.72 -41.76
C LYS G 266 -53.58 0.91 -42.54
N SER G 267 -54.49 1.59 -43.22
CA SER G 267 -55.59 0.94 -43.89
C SER G 267 -56.27 1.88 -44.88
N GLU G 268 -56.75 1.29 -45.97
CA GLU G 268 -57.46 2.00 -47.01
C GLU G 268 -58.98 1.95 -46.80
N LEU G 269 -59.40 1.18 -45.80
CA LEU G 269 -60.82 1.01 -45.51
C LEU G 269 -61.39 2.24 -44.82
N GLU G 270 -62.71 2.36 -44.92
CA GLU G 270 -63.45 3.45 -44.30
C GLU G 270 -64.27 2.87 -43.13
N TYR G 271 -65.05 3.72 -42.48
CA TYR G 271 -65.85 3.32 -41.32
C TYR G 271 -66.95 2.33 -41.68
N GLY G 272 -67.09 1.28 -40.86
CA GLY G 272 -68.03 0.20 -41.11
C GLY G 272 -69.41 0.34 -40.50
N ASN G 273 -69.62 1.36 -39.65
CA ASN G 273 -70.86 1.53 -38.87
C ASN G 273 -71.11 0.27 -38.05
N CYS G 274 -70.26 0.07 -37.05
CA CYS G 274 -69.93 -1.27 -36.58
C CYS G 274 -69.33 -1.26 -35.17
N ASN G 275 -69.43 -2.38 -34.45
CA ASN G 275 -68.79 -2.52 -33.14
C ASN G 275 -68.12 -3.90 -32.93
N THR G 276 -66.97 -3.91 -32.25
CA THR G 276 -66.17 -5.13 -32.05
C THR G 276 -65.30 -5.01 -30.80
N LYS G 277 -64.76 -6.14 -30.35
CA LYS G 277 -63.79 -6.18 -29.23
C LYS G 277 -62.33 -6.31 -29.71
N CYS G 278 -62.14 -6.56 -31.00
CA CYS G 278 -60.81 -6.80 -31.56
C CYS G 278 -60.77 -6.34 -33.01
N GLN G 279 -59.86 -5.41 -33.31
CA GLN G 279 -59.76 -4.82 -34.63
C GLN G 279 -58.41 -5.06 -35.29
N THR G 280 -58.46 -5.32 -36.60
CA THR G 280 -57.25 -5.40 -37.43
C THR G 280 -57.40 -4.43 -38.60
N PRO G 281 -56.27 -4.12 -39.27
CA PRO G 281 -56.31 -3.26 -40.46
C PRO G 281 -57.12 -3.79 -41.64
N MET G 282 -57.38 -5.11 -41.65
CA MET G 282 -58.18 -5.74 -42.68
C MET G 282 -59.64 -5.94 -42.29
N GLY G 283 -59.95 -5.84 -41.00
CA GLY G 283 -61.30 -6.03 -40.51
C GLY G 283 -61.29 -6.51 -39.08
N ALA G 284 -62.48 -6.58 -38.47
CA ALA G 284 -62.61 -6.90 -37.04
C ALA G 284 -62.81 -8.39 -36.81
N ILE G 285 -62.62 -8.80 -35.57
CA ILE G 285 -62.66 -10.22 -35.19
C ILE G 285 -63.65 -10.44 -34.06
N ASN G 286 -64.54 -11.41 -34.26
CA ASN G 286 -65.50 -11.84 -33.27
C ASN G 286 -65.40 -13.35 -33.14
N SER G 287 -64.56 -13.80 -32.22
CA SER G 287 -64.17 -15.20 -32.13
C SER G 287 -63.72 -15.55 -30.73
N SER G 288 -64.00 -16.80 -30.35
CA SER G 288 -63.57 -17.36 -29.09
C SER G 288 -62.39 -18.32 -29.29
N MET G 289 -61.81 -18.33 -30.49
CA MET G 289 -60.62 -19.15 -30.77
C MET G 289 -59.41 -18.54 -30.07
N PRO G 290 -58.47 -19.39 -29.63
CA PRO G 290 -57.22 -18.86 -29.04
C PRO G 290 -56.23 -18.27 -30.04
N PHE G 291 -56.37 -18.61 -31.33
CA PHE G 291 -55.47 -18.13 -32.38
C PHE G 291 -56.24 -17.51 -33.52
N HIS G 292 -55.55 -16.68 -34.29
CA HIS G 292 -56.04 -16.22 -35.60
C HIS G 292 -54.88 -15.99 -36.56
N ASN G 293 -55.19 -15.83 -37.85
CA ASN G 293 -54.19 -15.59 -38.89
C ASN G 293 -54.55 -14.44 -39.86
N ILE G 294 -55.34 -13.51 -39.36
CA ILE G 294 -55.80 -12.36 -40.14
C ILE G 294 -54.68 -11.37 -40.41
N HIS G 295 -54.09 -10.84 -39.34
CA HIS G 295 -53.10 -9.76 -39.43
C HIS G 295 -52.37 -9.60 -38.07
N PRO G 296 -51.03 -9.35 -38.07
CA PRO G 296 -50.31 -9.27 -36.80
C PRO G 296 -50.61 -8.04 -35.94
N LEU G 297 -50.80 -6.90 -36.57
CA LEU G 297 -51.16 -5.66 -35.86
C LEU G 297 -52.64 -5.61 -35.45
N THR G 298 -52.92 -5.88 -34.18
CA THR G 298 -54.29 -5.80 -33.66
C THR G 298 -54.38 -4.88 -32.46
N ILE G 299 -55.61 -4.57 -32.08
CA ILE G 299 -55.86 -3.78 -30.89
C ILE G 299 -57.14 -4.31 -30.25
N GLY G 300 -57.14 -4.39 -28.92
CA GLY G 300 -58.27 -4.91 -28.14
C GLY G 300 -58.00 -6.27 -27.52
N GLU G 301 -59.07 -6.96 -27.12
CA GLU G 301 -59.00 -8.30 -26.54
C GLU G 301 -58.97 -9.32 -27.68
N CYS G 302 -57.77 -9.73 -28.09
CA CYS G 302 -57.60 -10.51 -29.32
C CYS G 302 -57.02 -11.90 -29.11
N PRO G 303 -57.30 -12.83 -30.04
CA PRO G 303 -56.53 -14.07 -30.07
C PRO G 303 -55.10 -13.80 -30.51
N LYS G 304 -54.25 -14.79 -30.34
CA LYS G 304 -52.84 -14.65 -30.67
C LYS G 304 -52.64 -14.91 -32.14
N TYR G 305 -51.85 -14.06 -32.79
CA TYR G 305 -51.63 -14.18 -34.22
C TYR G 305 -50.58 -15.23 -34.51
N VAL G 306 -50.86 -16.10 -35.48
CA VAL G 306 -49.87 -17.02 -36.03
C VAL G 306 -49.94 -17.04 -37.56
N LYS G 307 -48.86 -17.48 -38.19
CA LYS G 307 -48.78 -17.57 -39.65
C LYS G 307 -49.43 -18.82 -40.25
N SER G 308 -50.01 -19.69 -39.41
CA SER G 308 -50.56 -20.96 -39.89
C SER G 308 -51.77 -20.78 -40.79
N ASN G 309 -51.91 -21.75 -41.69
CA ASN G 309 -53.09 -21.87 -42.53
C ASN G 309 -54.16 -22.71 -41.84
N ARG G 310 -53.75 -23.52 -40.86
CA ARG G 310 -54.62 -24.53 -40.27
C ARG G 310 -54.06 -25.01 -38.92
N LEU G 311 -54.87 -24.97 -37.87
CA LEU G 311 -54.51 -25.57 -36.57
C LEU G 311 -55.68 -26.35 -35.98
N VAL G 312 -55.58 -27.68 -36.01
CA VAL G 312 -56.67 -28.55 -35.60
C VAL G 312 -56.20 -29.64 -34.65
N LEU G 313 -56.76 -29.63 -33.44
CA LEU G 313 -56.44 -30.60 -32.38
C LEU G 313 -57.34 -31.79 -32.43
N ALA G 314 -56.77 -32.98 -32.25
CA ALA G 314 -57.54 -34.21 -32.09
C ALA G 314 -58.14 -34.23 -30.70
N THR G 315 -59.42 -34.58 -30.64
CA THR G 315 -60.12 -34.82 -29.39
C THR G 315 -60.57 -36.27 -29.35
N GLY G 316 -61.22 -36.73 -30.41
CA GLY G 316 -61.61 -38.11 -30.52
C GLY G 316 -60.48 -39.02 -30.95
N LEU G 317 -60.82 -40.18 -31.50
CA LEU G 317 -59.84 -41.20 -31.83
C LEU G 317 -59.87 -41.51 -33.31
N ARG G 318 -58.93 -42.30 -33.76
CA ARG G 318 -58.79 -42.66 -35.16
C ARG G 318 -60.07 -43.32 -35.70
N ASN G 319 -60.65 -42.72 -36.73
CA ASN G 319 -61.92 -43.21 -37.27
C ASN G 319 -61.69 -44.28 -38.32
N SER G 320 -62.56 -45.29 -38.31
CA SER G 320 -62.34 -46.51 -39.09
C SER G 320 -63.01 -46.45 -40.46
N PRO G 321 -62.38 -47.09 -41.48
CA PRO G 321 -63.12 -47.46 -42.69
C PRO G 321 -64.07 -48.64 -42.43
N GLY H 1 -51.27 -48.16 -34.10
CA GLY H 1 -50.93 -47.32 -32.93
C GLY H 1 -49.94 -48.01 -32.01
N LEU H 2 -49.31 -47.23 -31.15
CA LEU H 2 -48.28 -47.74 -30.28
C LEU H 2 -48.73 -48.92 -29.42
N PHE H 3 -50.01 -48.95 -29.02
CA PHE H 3 -50.49 -49.93 -28.07
C PHE H 3 -51.16 -51.16 -28.68
N GLY H 4 -51.32 -51.14 -30.01
CA GLY H 4 -51.70 -52.33 -30.77
C GLY H 4 -53.16 -52.69 -30.79
N ALA H 5 -54.00 -51.93 -30.08
CA ALA H 5 -55.41 -52.25 -29.99
C ALA H 5 -56.17 -51.63 -31.15
N ILE H 6 -56.25 -50.30 -31.18
CA ILE H 6 -57.03 -49.59 -32.21
C ILE H 6 -56.44 -49.83 -33.60
N ALA H 7 -57.29 -50.29 -34.52
CA ALA H 7 -56.86 -50.71 -35.84
C ALA H 7 -55.67 -51.67 -35.75
N GLY H 8 -55.70 -52.56 -34.76
CA GLY H 8 -54.67 -53.56 -34.56
C GLY H 8 -55.35 -54.90 -34.36
N PHE H 9 -55.30 -55.46 -33.17
CA PHE H 9 -55.98 -56.74 -32.92
C PHE H 9 -57.49 -56.53 -32.81
N ILE H 10 -57.90 -55.29 -32.52
CA ILE H 10 -59.29 -54.89 -32.67
C ILE H 10 -59.37 -54.19 -34.03
N GLU H 11 -59.93 -54.89 -35.02
CA GLU H 11 -59.80 -54.49 -36.44
C GLU H 11 -60.41 -53.14 -36.75
N GLY H 12 -61.58 -52.87 -36.18
CA GLY H 12 -62.27 -51.61 -36.41
C GLY H 12 -63.15 -51.18 -35.25
N GLY H 13 -63.55 -49.92 -35.30
CA GLY H 13 -64.46 -49.38 -34.29
C GLY H 13 -65.90 -49.78 -34.53
N TRP H 14 -66.78 -49.27 -33.66
CA TRP H 14 -68.20 -49.59 -33.69
C TRP H 14 -69.04 -48.35 -33.86
N GLN H 15 -69.71 -48.25 -35.00
CA GLN H 15 -70.70 -47.21 -35.23
C GLN H 15 -71.83 -47.31 -34.19
N GLY H 16 -72.15 -48.54 -33.80
CA GLY H 16 -73.27 -48.83 -32.89
C GLY H 16 -73.10 -48.45 -31.43
N MET H 17 -71.88 -48.13 -31.00
CA MET H 17 -71.65 -47.64 -29.63
C MET H 17 -71.53 -46.15 -29.63
N VAL H 18 -72.62 -45.49 -29.25
CA VAL H 18 -72.76 -44.07 -29.47
C VAL H 18 -72.43 -43.29 -28.24
N ASP H 19 -72.51 -44.01 -27.12
CA ASP H 19 -72.63 -43.41 -25.78
C ASP H 19 -71.33 -43.20 -25.00
N GLY H 20 -70.23 -43.60 -25.62
CA GLY H 20 -68.93 -43.51 -25.01
C GLY H 20 -67.88 -43.82 -26.05
N TRP H 21 -66.65 -43.62 -25.65
CA TRP H 21 -65.53 -43.80 -26.57
C TRP H 21 -65.06 -45.26 -26.58
N TYR H 22 -65.13 -45.92 -25.42
CA TYR H 22 -64.75 -47.33 -25.28
C TYR H 22 -65.85 -48.08 -24.56
N GLY H 23 -65.96 -49.36 -24.85
CA GLY H 23 -66.96 -50.17 -24.18
C GLY H 23 -67.03 -51.62 -24.64
N TYR H 24 -68.19 -52.22 -24.39
CA TYR H 24 -68.36 -53.66 -24.48
C TYR H 24 -69.47 -53.99 -25.45
N HIS H 25 -69.31 -55.13 -26.14
CA HIS H 25 -70.39 -55.72 -26.90
C HIS H 25 -70.57 -57.14 -26.41
N HIS H 26 -71.78 -57.45 -25.98
CA HIS H 26 -72.07 -58.76 -25.40
C HIS H 26 -73.00 -59.52 -26.32
N SER H 27 -72.94 -60.83 -26.23
CA SER H 27 -73.74 -61.71 -27.08
C SER H 27 -74.01 -63.04 -26.37
N ASN H 28 -75.27 -63.28 -26.04
CA ASN H 28 -75.68 -64.51 -25.34
C ASN H 28 -77.07 -64.95 -25.81
N GLU H 29 -77.68 -65.88 -25.08
CA GLU H 29 -79.00 -66.40 -25.44
C GLU H 29 -80.13 -65.39 -25.30
N GLN H 30 -79.98 -64.41 -24.42
CA GLN H 30 -80.99 -63.36 -24.21
C GLN H 30 -80.94 -62.27 -25.27
N GLY H 31 -79.82 -62.14 -25.95
CA GLY H 31 -79.66 -61.12 -26.99
C GLY H 31 -78.27 -60.56 -27.00
N SER H 32 -78.14 -59.37 -27.57
CA SER H 32 -76.82 -58.75 -27.74
C SER H 32 -76.94 -57.25 -27.74
N GLY H 33 -75.81 -56.57 -27.55
CA GLY H 33 -75.80 -55.11 -27.59
C GLY H 33 -74.53 -54.45 -27.14
N TYR H 34 -74.52 -53.13 -27.26
CA TYR H 34 -73.36 -52.34 -26.89
C TYR H 34 -73.57 -51.67 -25.55
N ALA H 35 -72.50 -51.51 -24.78
CA ALA H 35 -72.54 -50.74 -23.54
C ALA H 35 -71.23 -50.03 -23.34
N ALA H 36 -71.31 -48.71 -23.15
CA ALA H 36 -70.11 -47.90 -22.96
C ALA H 36 -69.52 -48.05 -21.56
N ASP H 37 -68.20 -48.08 -21.48
CA ASP H 37 -67.52 -48.10 -20.21
C ASP H 37 -67.37 -46.65 -19.92
N LYS H 38 -68.22 -46.14 -19.05
CA LYS H 38 -68.25 -44.72 -18.78
C LYS H 38 -67.02 -44.25 -18.03
N GLU H 39 -66.54 -45.02 -17.08
CA GLU H 39 -65.39 -44.58 -16.29
C GLU H 39 -64.15 -44.42 -17.14
N SER H 40 -63.82 -45.41 -17.97
CA SER H 40 -62.67 -45.28 -18.84
C SER H 40 -62.86 -44.04 -19.75
N THR H 41 -64.11 -43.89 -20.22
CA THR H 41 -64.50 -42.80 -21.10
C THR H 41 -64.32 -41.45 -20.44
N GLN H 42 -64.79 -41.31 -19.20
CA GLN H 42 -64.76 -40.03 -18.51
C GLN H 42 -63.33 -39.66 -18.19
N LYS H 43 -62.50 -40.67 -17.91
CA LYS H 43 -61.06 -40.48 -17.71
C LYS H 43 -60.48 -39.84 -18.94
N ALA H 44 -60.84 -40.38 -20.11
CA ALA H 44 -60.34 -39.86 -21.37
C ALA H 44 -60.82 -38.43 -21.60
N ILE H 45 -62.07 -38.14 -21.27
CA ILE H 45 -62.61 -36.80 -21.47
C ILE H 45 -61.90 -35.79 -20.59
N ASP H 46 -61.58 -36.16 -19.35
CA ASP H 46 -60.87 -35.25 -18.45
C ASP H 46 -59.44 -34.94 -18.94
N GLY H 47 -58.76 -35.98 -19.43
CA GLY H 47 -57.40 -35.81 -19.94
C GLY H 47 -57.33 -34.91 -21.17
N VAL H 48 -58.22 -35.18 -22.13
CA VAL H 48 -58.25 -34.41 -23.39
C VAL H 48 -58.69 -32.99 -23.12
N THR H 49 -59.67 -32.79 -22.24
CA THR H 49 -60.10 -31.45 -21.88
C THR H 49 -58.95 -30.65 -21.28
N ASN H 50 -58.29 -31.24 -20.30
CA ASN H 50 -57.14 -30.59 -19.68
C ASN H 50 -56.07 -30.25 -20.71
N LYS H 51 -55.85 -31.14 -21.67
CA LYS H 51 -54.83 -30.94 -22.68
C LYS H 51 -55.14 -29.72 -23.52
N VAL H 52 -56.37 -29.64 -23.99
CA VAL H 52 -56.77 -28.54 -24.85
C VAL H 52 -56.56 -27.22 -24.11
N ASN H 53 -57.08 -27.15 -22.88
CA ASN H 53 -56.93 -25.94 -22.06
C ASN H 53 -55.48 -25.62 -21.76
N SER H 54 -54.67 -26.65 -21.52
CA SER H 54 -53.22 -26.47 -21.32
C SER H 54 -52.59 -25.87 -22.57
N ILE H 55 -52.95 -26.38 -23.74
CA ILE H 55 -52.44 -25.84 -25.01
C ILE H 55 -52.87 -24.41 -25.20
N ILE H 56 -54.17 -24.16 -25.15
CA ILE H 56 -54.70 -22.80 -25.30
C ILE H 56 -53.98 -21.82 -24.34
N ASP H 57 -53.91 -22.21 -23.07
CA ASP H 57 -53.38 -21.34 -22.04
C ASP H 57 -51.87 -21.08 -22.14
N LYS H 58 -51.08 -22.08 -22.52
CA LYS H 58 -49.62 -21.90 -22.75
C LYS H 58 -49.27 -20.90 -23.84
N MET H 59 -50.15 -20.78 -24.82
CA MET H 59 -49.98 -19.83 -25.91
C MET H 59 -50.58 -18.44 -25.58
N ASN H 60 -51.07 -18.29 -24.34
CA ASN H 60 -51.65 -17.05 -23.83
C ASN H 60 -50.67 -15.88 -23.86
N THR H 61 -49.52 -16.04 -23.20
CA THR H 61 -48.47 -15.03 -23.29
C THR H 61 -47.67 -15.31 -24.54
N GLN H 62 -47.64 -14.33 -25.45
CA GLN H 62 -46.98 -14.50 -26.74
C GLN H 62 -46.76 -13.15 -27.39
N PHE H 63 -45.78 -13.07 -28.29
CA PHE H 63 -45.38 -11.81 -28.94
C PHE H 63 -46.51 -11.06 -29.62
N GLU H 64 -46.62 -9.77 -29.26
CA GLU H 64 -47.57 -8.84 -29.87
C GLU H 64 -46.79 -7.75 -30.58
N ALA H 65 -47.04 -7.64 -31.89
CA ALA H 65 -46.35 -6.67 -32.73
C ALA H 65 -46.96 -5.29 -32.55
N VAL H 66 -46.14 -4.26 -32.64
CA VAL H 66 -46.59 -2.88 -32.59
C VAL H 66 -46.14 -2.17 -33.86
N GLY H 67 -46.92 -1.20 -34.30
CA GLY H 67 -46.55 -0.38 -35.45
C GLY H 67 -45.48 0.64 -35.10
N ARG H 68 -44.38 0.63 -35.85
CA ARG H 68 -43.32 1.65 -35.74
C ARG H 68 -42.92 2.09 -37.14
N GLU H 69 -42.77 3.39 -37.34
CA GLU H 69 -42.46 3.93 -38.66
C GLU H 69 -41.12 4.62 -38.66
N PHE H 70 -40.49 4.68 -39.82
CA PHE H 70 -39.11 5.16 -39.98
C PHE H 70 -38.97 5.96 -41.27
N ASN H 71 -38.16 7.01 -41.27
CA ASN H 71 -37.97 7.85 -42.46
C ASN H 71 -37.05 7.19 -43.49
N ASN H 72 -36.79 7.89 -44.59
CA ASN H 72 -36.02 7.37 -45.71
C ASN H 72 -34.54 7.08 -45.41
N LEU H 73 -33.97 7.78 -44.43
CA LEU H 73 -32.58 7.55 -43.99
C LEU H 73 -32.52 6.80 -42.65
N GLU H 74 -33.51 5.95 -42.40
CA GLU H 74 -33.50 5.05 -41.23
C GLU H 74 -33.81 3.63 -41.69
N ARG H 75 -33.23 3.25 -42.83
CA ARG H 75 -33.51 1.94 -43.43
C ARG H 75 -32.96 0.78 -42.62
N ARG H 76 -31.80 0.96 -42.01
CA ARG H 76 -31.17 -0.09 -41.22
C ARG H 76 -32.07 -0.53 -40.07
N ILE H 77 -32.50 0.43 -39.25
CA ILE H 77 -33.37 0.11 -38.10
C ILE H 77 -34.77 -0.30 -38.50
N GLU H 78 -35.26 0.21 -39.61
CA GLU H 78 -36.52 -0.27 -40.14
C GLU H 78 -36.42 -1.77 -40.44
N ASN H 79 -35.32 -2.16 -41.08
CA ASN H 79 -35.07 -3.56 -41.42
C ASN H 79 -34.92 -4.39 -40.16
N LEU H 80 -34.23 -3.82 -39.18
CA LEU H 80 -34.04 -4.47 -37.90
C LEU H 80 -35.40 -4.75 -37.29
N ASN H 81 -36.23 -3.72 -37.25
CA ASN H 81 -37.57 -3.84 -36.68
C ASN H 81 -38.39 -4.92 -37.36
N LYS H 82 -38.30 -4.97 -38.69
CA LYS H 82 -39.05 -5.96 -39.47
C LYS H 82 -38.55 -7.37 -39.22
N LYS H 83 -37.24 -7.56 -39.26
CA LYS H 83 -36.61 -8.86 -38.97
C LYS H 83 -36.94 -9.35 -37.56
N MET H 84 -36.99 -8.42 -36.63
CA MET H 84 -37.32 -8.72 -35.25
C MET H 84 -38.75 -9.23 -35.14
N GLU H 85 -39.69 -8.51 -35.74
CA GLU H 85 -41.10 -8.88 -35.60
C GLU H 85 -41.42 -10.17 -36.34
N ASP H 86 -40.92 -10.32 -37.58
CA ASP H 86 -41.03 -11.59 -38.33
C ASP H 86 -40.40 -12.76 -37.62
N GLY H 87 -39.24 -12.52 -37.02
CA GLY H 87 -38.54 -13.56 -36.28
C GLY H 87 -39.37 -14.20 -35.19
N PHE H 88 -40.03 -13.37 -34.39
CA PHE H 88 -40.88 -13.85 -33.29
C PHE H 88 -42.14 -14.54 -33.80
N LEU H 89 -42.71 -14.03 -34.89
CA LEU H 89 -43.87 -14.68 -35.47
C LEU H 89 -43.53 -16.09 -35.98
N ASP H 90 -42.39 -16.23 -36.63
CA ASP H 90 -41.95 -17.55 -37.10
C ASP H 90 -41.70 -18.50 -35.92
N VAL H 91 -41.10 -18.01 -34.85
CA VAL H 91 -40.88 -18.80 -33.63
C VAL H 91 -42.18 -19.28 -33.00
N TRP H 92 -43.15 -18.39 -32.88
CA TRP H 92 -44.44 -18.77 -32.29
C TRP H 92 -45.30 -19.60 -33.23
N THR H 93 -45.13 -19.40 -34.54
CA THR H 93 -45.81 -20.23 -35.53
C THR H 93 -45.28 -21.65 -35.44
N TYR H 94 -43.96 -21.78 -35.31
CA TYR H 94 -43.32 -23.07 -35.14
C TYR H 94 -43.82 -23.73 -33.87
N ASN H 95 -43.75 -23.02 -32.76
CA ASN H 95 -44.20 -23.57 -31.48
C ASN H 95 -45.63 -24.09 -31.54
N ALA H 96 -46.53 -23.30 -32.12
CA ALA H 96 -47.94 -23.69 -32.22
C ALA H 96 -48.14 -24.91 -33.08
N GLU H 97 -47.53 -24.91 -34.27
CA GLU H 97 -47.72 -26.01 -35.20
C GLU H 97 -47.11 -27.32 -34.68
N LEU H 98 -45.94 -27.21 -34.08
CA LEU H 98 -45.26 -28.39 -33.55
C LEU H 98 -45.97 -28.93 -32.33
N LEU H 99 -46.49 -28.07 -31.48
CA LEU H 99 -47.23 -28.53 -30.30
C LEU H 99 -48.48 -29.32 -30.71
N VAL H 100 -49.18 -28.81 -31.71
CA VAL H 100 -50.39 -29.48 -32.21
C VAL H 100 -50.04 -30.85 -32.79
N LEU H 101 -48.98 -30.91 -33.59
CA LEU H 101 -48.55 -32.18 -34.16
C LEU H 101 -48.17 -33.18 -33.11
N MET H 102 -47.32 -32.76 -32.19
CA MET H 102 -46.83 -33.66 -31.13
C MET H 102 -47.96 -34.16 -30.25
N GLU H 103 -48.87 -33.26 -29.86
CA GLU H 103 -49.94 -33.64 -28.95
C GLU H 103 -51.07 -34.40 -29.62
N ASN H 104 -51.31 -34.14 -30.91
CA ASN H 104 -52.19 -34.99 -31.70
C ASN H 104 -51.72 -36.43 -31.70
N GLU H 105 -50.44 -36.65 -31.93
CA GLU H 105 -49.91 -38.01 -31.93
C GLU H 105 -50.17 -38.63 -30.58
N ARG H 106 -49.94 -37.87 -29.52
CA ARG H 106 -50.10 -38.41 -28.15
C ARG H 106 -51.57 -38.65 -27.82
N THR H 107 -52.48 -37.85 -28.38
CA THR H 107 -53.90 -38.02 -28.13
C THR H 107 -54.38 -39.32 -28.77
N LEU H 108 -53.95 -39.59 -29.99
CA LEU H 108 -54.37 -40.81 -30.65
C LEU H 108 -53.83 -42.06 -29.93
N ASP H 109 -52.55 -42.02 -29.55
CA ASP H 109 -51.95 -43.11 -28.76
C ASP H 109 -52.62 -43.30 -27.39
N PHE H 110 -53.08 -42.20 -26.78
CA PHE H 110 -53.77 -42.22 -25.50
C PHE H 110 -55.03 -43.06 -25.56
N HIS H 111 -55.83 -42.81 -26.58
CA HIS H 111 -57.03 -43.60 -26.84
C HIS H 111 -56.71 -45.07 -27.05
N ASP H 112 -55.67 -45.33 -27.84
CA ASP H 112 -55.21 -46.69 -28.10
C ASP H 112 -54.87 -47.38 -26.77
N SER H 113 -54.13 -46.67 -25.93
CA SER H 113 -53.81 -47.13 -24.59
C SER H 113 -55.04 -47.44 -23.74
N ASN H 114 -56.01 -46.54 -23.74
CA ASN H 114 -57.20 -46.76 -22.93
C ASN H 114 -57.96 -48.02 -23.36
N VAL H 115 -57.95 -48.31 -24.65
CA VAL H 115 -58.60 -49.51 -25.18
C VAL H 115 -57.86 -50.76 -24.75
N LYS H 116 -56.54 -50.73 -24.91
CA LYS H 116 -55.70 -51.84 -24.55
C LYS H 116 -55.89 -52.19 -23.07
N ASN H 117 -55.93 -51.16 -22.24
CA ASN H 117 -56.08 -51.36 -20.80
C ASN H 117 -57.45 -51.91 -20.44
N LEU H 118 -58.48 -51.48 -21.17
CA LEU H 118 -59.82 -52.00 -20.93
C LEU H 118 -59.88 -53.45 -21.31
N TYR H 119 -59.26 -53.80 -22.41
CA TYR H 119 -59.18 -55.20 -22.82
C TYR H 119 -58.46 -56.06 -21.81
N ASP H 120 -57.31 -55.58 -21.34
CA ASP H 120 -56.57 -56.34 -20.33
C ASP H 120 -57.35 -56.46 -19.01
N LYS H 121 -58.03 -55.39 -18.58
CA LYS H 121 -58.89 -55.39 -17.38
C LYS H 121 -59.84 -56.55 -17.38
N VAL H 122 -60.48 -56.78 -18.52
CA VAL H 122 -61.41 -57.87 -18.66
C VAL H 122 -60.70 -59.22 -18.73
N ARG H 123 -59.62 -59.28 -19.51
CA ARG H 123 -58.81 -60.50 -19.60
C ARG H 123 -58.40 -60.97 -18.20
N LEU H 124 -57.90 -60.04 -17.40
CA LEU H 124 -57.40 -60.35 -16.05
C LEU H 124 -58.48 -60.80 -15.07
N GLN H 125 -59.75 -60.50 -15.35
CA GLN H 125 -60.88 -61.01 -14.54
C GLN H 125 -61.23 -62.42 -14.97
N LEU H 126 -61.44 -62.60 -16.26
CA LEU H 126 -61.89 -63.86 -16.79
C LEU H 126 -60.86 -64.97 -16.67
N ARG H 127 -59.59 -64.64 -16.91
CA ARG H 127 -58.50 -65.61 -16.81
C ARG H 127 -58.77 -66.83 -17.70
N ASP H 128 -58.93 -68.02 -17.13
CA ASP H 128 -59.10 -69.24 -17.94
C ASP H 128 -60.56 -69.74 -17.97
N ASN H 129 -61.50 -68.89 -17.55
CA ASN H 129 -62.93 -69.16 -17.69
C ASN H 129 -63.47 -68.77 -19.07
N ALA H 130 -62.61 -68.33 -19.98
CA ALA H 130 -63.04 -67.97 -21.34
C ALA H 130 -61.91 -68.16 -22.36
N LYS H 131 -62.27 -68.36 -23.63
CA LYS H 131 -61.29 -68.43 -24.71
C LYS H 131 -60.99 -67.04 -25.26
N GLU H 132 -59.72 -66.65 -25.22
CA GLU H 132 -59.28 -65.40 -25.82
C GLU H 132 -59.19 -65.65 -27.32
N LEU H 133 -60.13 -65.08 -28.07
CA LEU H 133 -60.22 -65.35 -29.51
C LEU H 133 -59.18 -64.65 -30.34
N GLY H 134 -58.67 -63.52 -29.86
CA GLY H 134 -57.59 -62.80 -30.52
C GLY H 134 -58.03 -61.62 -31.36
N ASN H 135 -59.28 -61.22 -31.22
CA ASN H 135 -59.85 -60.14 -32.01
C ASN H 135 -60.59 -59.10 -31.16
N GLY H 136 -60.31 -59.09 -29.87
CA GLY H 136 -61.05 -58.26 -28.94
C GLY H 136 -62.12 -59.02 -28.18
N CYS H 137 -62.36 -60.28 -28.53
CA CYS H 137 -63.48 -61.03 -27.94
C CYS H 137 -63.06 -62.17 -27.05
N PHE H 138 -63.94 -62.46 -26.10
CA PHE H 138 -63.77 -63.56 -25.16
C PHE H 138 -64.98 -64.44 -25.22
N GLU H 139 -64.77 -65.71 -25.55
CA GLU H 139 -65.85 -66.68 -25.60
C GLU H 139 -65.88 -67.47 -24.29
N PHE H 140 -67.00 -67.39 -23.58
CA PHE H 140 -67.14 -68.05 -22.28
C PHE H 140 -67.28 -69.57 -22.40
N TYR H 141 -66.77 -70.31 -21.41
CA TYR H 141 -67.01 -71.77 -21.30
C TYR H 141 -68.37 -72.05 -20.69
N HIS H 142 -68.78 -71.22 -19.74
CA HIS H 142 -70.10 -71.33 -19.11
C HIS H 142 -71.06 -70.39 -19.80
N LYS H 143 -72.35 -70.57 -19.56
CA LYS H 143 -73.34 -69.57 -19.99
C LYS H 143 -73.13 -68.32 -19.16
N CYS H 144 -73.21 -67.17 -19.81
CA CYS H 144 -73.05 -65.87 -19.14
C CYS H 144 -74.27 -65.02 -19.48
N ASP H 145 -75.24 -65.02 -18.59
CA ASP H 145 -76.47 -64.22 -18.75
C ASP H 145 -76.20 -62.73 -18.53
N ASN H 146 -77.23 -61.89 -18.64
CA ASN H 146 -77.03 -60.44 -18.57
C ASN H 146 -76.43 -59.93 -17.26
N GLU H 147 -76.77 -60.56 -16.15
CA GLU H 147 -76.16 -60.23 -14.85
C GLU H 147 -74.70 -60.66 -14.84
N CYS H 148 -74.41 -61.83 -15.41
CA CYS H 148 -73.05 -62.29 -15.59
C CYS H 148 -72.26 -61.28 -16.42
N MET H 149 -72.79 -60.88 -17.58
CA MET H 149 -72.16 -59.85 -18.41
C MET H 149 -71.93 -58.55 -17.64
N GLU H 150 -72.94 -58.11 -16.89
CA GLU H 150 -72.80 -56.87 -16.12
C GLU H 150 -71.67 -56.92 -15.11
N SER H 151 -71.49 -58.09 -14.47
CA SER H 151 -70.42 -58.27 -13.49
C SER H 151 -69.03 -58.17 -14.14
N VAL H 152 -68.94 -58.47 -15.43
CA VAL H 152 -67.69 -58.29 -16.18
C VAL H 152 -67.43 -56.79 -16.34
N ARG H 153 -68.46 -56.06 -16.76
CA ARG H 153 -68.38 -54.60 -16.89
C ARG H 153 -68.16 -53.90 -15.55
N ASN H 154 -68.71 -54.50 -14.49
CA ASN H 154 -68.55 -54.06 -13.10
C ASN H 154 -67.11 -54.01 -12.63
N GLY H 155 -66.37 -55.08 -12.91
CA GLY H 155 -65.15 -55.40 -12.18
C GLY H 155 -65.42 -56.48 -11.14
N THR H 156 -66.66 -57.00 -11.10
CA THR H 156 -67.16 -57.88 -10.05
C THR H 156 -67.25 -59.35 -10.49
N TYR H 157 -66.74 -59.67 -11.67
CA TYR H 157 -66.89 -61.04 -12.20
C TYR H 157 -66.33 -62.08 -11.22
N ASP H 158 -67.21 -62.87 -10.60
CA ASP H 158 -66.81 -63.82 -9.56
C ASP H 158 -66.17 -65.07 -10.18
N TYR H 159 -64.85 -65.08 -10.26
CA TYR H 159 -64.10 -66.14 -10.96
C TYR H 159 -64.30 -67.54 -10.33
N PRO H 160 -64.16 -67.66 -8.99
CA PRO H 160 -64.40 -68.96 -8.34
C PRO H 160 -65.79 -69.57 -8.56
N GLN H 161 -66.80 -68.71 -8.77
CA GLN H 161 -68.16 -69.17 -9.05
C GLN H 161 -68.24 -70.02 -10.32
N TYR H 162 -67.36 -69.74 -11.28
CA TYR H 162 -67.24 -70.53 -12.50
C TYR H 162 -65.79 -71.06 -12.58
N ASP I 1 -48.60 -70.54 -2.00
CA ASP I 1 -47.32 -69.80 -2.18
C ASP I 1 -47.40 -68.90 -3.41
N GLN I 2 -46.99 -67.64 -3.29
CA GLN I 2 -47.13 -66.67 -4.38
C GLN I 2 -46.02 -65.64 -4.44
N ILE I 3 -45.85 -65.03 -5.62
CA ILE I 3 -44.91 -63.93 -5.83
C ILE I 3 -45.63 -62.81 -6.55
N CYS I 4 -45.39 -61.59 -6.09
CA CYS I 4 -46.12 -60.42 -6.53
C CYS I 4 -45.17 -59.35 -7.03
N ILE I 5 -45.63 -58.54 -7.98
CA ILE I 5 -44.84 -57.47 -8.53
C ILE I 5 -45.47 -56.17 -8.10
N GLY I 6 -44.65 -55.17 -7.76
CA GLY I 6 -45.15 -53.89 -7.28
C GLY I 6 -44.11 -52.79 -7.31
N TYR I 7 -44.45 -51.64 -6.75
CA TYR I 7 -43.64 -50.44 -6.88
C TYR I 7 -43.65 -49.62 -5.61
N HIS I 8 -42.77 -48.65 -5.56
CA HIS I 8 -42.58 -47.79 -4.40
C HIS I 8 -43.72 -46.79 -4.12
N ALA I 9 -44.04 -46.61 -2.86
CA ALA I 9 -44.89 -45.50 -2.41
C ALA I 9 -44.26 -44.94 -1.15
N ASN I 10 -44.64 -43.73 -0.77
CA ASN I 10 -44.14 -43.11 0.45
C ASN I 10 -45.09 -42.02 0.95
N ASN I 11 -44.67 -41.23 1.94
CA ASN I 11 -45.54 -40.21 2.54
C ASN I 11 -45.44 -38.85 1.86
N SER I 12 -44.84 -38.79 0.66
CA SER I 12 -44.59 -37.53 -0.05
C SER I 12 -45.87 -36.83 -0.49
N THR I 13 -45.87 -35.51 -0.38
CA THR I 13 -46.92 -34.64 -0.89
C THR I 13 -46.43 -33.69 -2.01
N GLU I 14 -45.18 -33.84 -2.44
CA GLU I 14 -44.68 -33.10 -3.61
C GLU I 14 -45.59 -33.34 -4.81
N GLN I 15 -45.90 -32.27 -5.56
CA GLN I 15 -46.75 -32.37 -6.75
C GLN I 15 -46.06 -31.81 -7.97
N VAL I 16 -46.37 -32.38 -9.12
CA VAL I 16 -45.85 -31.88 -10.39
C VAL I 16 -47.01 -31.74 -11.36
N ASP I 17 -46.83 -30.92 -12.39
CA ASP I 17 -47.81 -30.81 -13.46
C ASP I 17 -47.37 -31.58 -14.71
N THR I 18 -48.35 -32.04 -15.49
CA THR I 18 -48.13 -32.60 -16.84
C THR I 18 -49.09 -31.91 -17.80
N ILE I 19 -49.01 -32.23 -19.09
CA ILE I 19 -49.96 -31.67 -20.08
C ILE I 19 -51.40 -32.06 -19.77
N MET I 20 -51.61 -33.33 -19.46
CA MET I 20 -52.94 -33.89 -19.29
C MET I 20 -53.49 -33.82 -17.87
N GLU I 21 -52.62 -33.58 -16.89
CA GLU I 21 -53.03 -33.61 -15.50
C GLU I 21 -52.16 -32.69 -14.65
N LYS I 22 -52.80 -31.93 -13.77
CA LYS I 22 -52.11 -30.99 -12.93
C LYS I 22 -52.18 -31.47 -11.49
N ASN I 23 -51.19 -31.11 -10.67
CA ASN I 23 -51.15 -31.50 -9.26
C ASN I 23 -51.18 -33.02 -9.07
N VAL I 24 -50.26 -33.70 -9.76
CA VAL I 24 -50.04 -35.13 -9.58
C VAL I 24 -49.08 -35.31 -8.40
N THR I 25 -49.48 -36.05 -7.37
CA THR I 25 -48.60 -36.33 -6.26
C THR I 25 -47.60 -37.39 -6.67
N VAL I 26 -46.32 -37.12 -6.47
CA VAL I 26 -45.26 -38.06 -6.80
C VAL I 26 -44.39 -38.36 -5.57
N THR I 27 -43.68 -39.48 -5.64
CA THR I 27 -42.85 -39.95 -4.53
C THR I 27 -41.63 -39.09 -4.34
N HIS I 28 -41.11 -38.58 -5.45
CA HIS I 28 -39.98 -37.67 -5.42
C HIS I 28 -40.04 -36.63 -6.56
N ALA I 29 -39.54 -35.44 -6.28
CA ALA I 29 -39.47 -34.36 -7.26
C ALA I 29 -38.25 -33.51 -7.03
N GLN I 30 -37.90 -32.72 -8.04
CA GLN I 30 -36.72 -31.84 -7.99
C GLN I 30 -37.08 -30.45 -8.49
N ASP I 31 -37.01 -29.47 -7.59
CA ASP I 31 -37.24 -28.07 -7.91
C ASP I 31 -36.03 -27.55 -8.65
N ILE I 32 -36.25 -26.84 -9.75
CA ILE I 32 -35.14 -26.31 -10.57
C ILE I 32 -35.14 -24.78 -10.71
N LEU I 33 -36.02 -24.11 -9.97
CA LEU I 33 -36.17 -22.65 -10.02
C LEU I 33 -35.79 -21.98 -8.70
N GLU I 34 -34.80 -21.09 -8.73
CA GLU I 34 -34.47 -20.31 -7.56
C GLU I 34 -35.43 -19.15 -7.42
N LYS I 35 -36.08 -19.07 -6.26
CA LYS I 35 -37.08 -18.05 -5.98
C LYS I 35 -36.62 -16.96 -5.00
N THR I 36 -35.52 -17.17 -4.27
CA THR I 36 -35.12 -16.25 -3.20
C THR I 36 -33.81 -15.51 -3.51
N HIS I 37 -33.65 -14.36 -2.86
CA HIS I 37 -32.42 -13.53 -2.93
C HIS I 37 -32.19 -12.88 -1.57
N ASN I 38 -31.02 -12.29 -1.35
CA ASN I 38 -30.67 -11.71 -0.04
C ASN I 38 -31.02 -10.22 0.15
N GLY I 39 -31.38 -9.56 -0.95
CA GLY I 39 -31.95 -8.22 -0.93
C GLY I 39 -30.91 -7.12 -0.79
N LYS I 40 -29.66 -7.42 -1.18
CA LYS I 40 -28.52 -6.54 -0.93
C LYS I 40 -27.63 -6.40 -2.16
N LEU I 41 -26.90 -5.29 -2.23
CA LEU I 41 -25.87 -5.11 -3.24
C LEU I 41 -24.55 -5.55 -2.63
N CYS I 42 -23.83 -6.41 -3.34
CA CYS I 42 -22.67 -7.12 -2.77
C CYS I 42 -21.47 -7.05 -3.67
N ASP I 43 -20.31 -7.35 -3.08
CA ASP I 43 -19.08 -7.56 -3.85
C ASP I 43 -19.34 -8.73 -4.78
N LEU I 44 -18.89 -8.59 -6.02
CA LEU I 44 -18.98 -9.66 -6.99
C LEU I 44 -17.61 -10.34 -7.03
N ASP I 45 -17.57 -11.60 -6.60
CA ASP I 45 -16.34 -12.35 -6.52
C ASP I 45 -15.23 -11.59 -5.80
N GLY I 46 -15.60 -10.95 -4.68
CA GLY I 46 -14.67 -10.17 -3.85
C GLY I 46 -14.44 -8.74 -4.31
N VAL I 47 -14.56 -8.50 -5.63
CA VAL I 47 -14.37 -7.18 -6.19
C VAL I 47 -15.59 -6.28 -5.99
N LYS I 48 -15.45 -5.28 -5.11
CA LYS I 48 -16.51 -4.34 -4.77
C LYS I 48 -17.03 -3.55 -5.98
N PRO I 49 -18.34 -3.27 -6.04
CA PRO I 49 -18.87 -2.40 -7.08
C PRO I 49 -18.64 -0.93 -6.78
N LEU I 50 -18.77 -0.11 -7.83
CA LEU I 50 -18.80 1.33 -7.70
C LEU I 50 -20.25 1.75 -7.45
N ILE I 51 -20.55 2.17 -6.23
CA ILE I 51 -21.92 2.61 -5.90
C ILE I 51 -21.98 4.14 -5.91
N LEU I 52 -22.55 4.70 -6.97
CA LEU I 52 -22.57 6.15 -7.19
C LEU I 52 -23.49 6.90 -6.24
N ARG I 53 -24.38 6.16 -5.56
CA ARG I 53 -25.24 6.73 -4.55
C ARG I 53 -26.13 7.81 -5.17
N ASP I 54 -26.03 9.08 -4.74
CA ASP I 54 -26.88 10.17 -5.26
C ASP I 54 -26.30 10.81 -6.53
N CYS I 55 -25.13 10.37 -6.97
CA CYS I 55 -24.50 10.92 -8.18
C CYS I 55 -24.86 10.08 -9.39
N SER I 56 -24.87 10.75 -10.55
CA SER I 56 -25.03 10.08 -11.84
C SER I 56 -23.66 9.83 -12.45
N VAL I 57 -23.66 9.15 -13.60
CA VAL I 57 -22.42 8.89 -14.33
C VAL I 57 -21.79 10.22 -14.81
N ALA I 58 -22.66 11.17 -15.19
CA ALA I 58 -22.23 12.50 -15.63
C ALA I 58 -21.62 13.30 -14.46
N GLY I 59 -22.38 13.42 -13.36
CA GLY I 59 -21.90 14.06 -12.14
C GLY I 59 -20.54 13.51 -11.72
N TRP I 60 -20.42 12.18 -11.74
CA TRP I 60 -19.16 11.51 -11.43
C TRP I 60 -18.04 11.94 -12.37
N LEU I 61 -18.23 11.69 -13.66
CA LEU I 61 -17.15 11.86 -14.65
C LEU I 61 -16.74 13.32 -14.87
N LEU I 62 -17.71 14.21 -14.99
CA LEU I 62 -17.44 15.64 -15.11
C LEU I 62 -16.85 16.25 -13.81
N GLY I 63 -17.13 15.61 -12.67
CA GLY I 63 -16.58 16.04 -11.38
C GLY I 63 -17.45 17.06 -10.67
N ASN I 64 -18.75 16.76 -10.58
CA ASN I 64 -19.70 17.58 -9.85
C ASN I 64 -19.17 17.74 -8.43
N PRO I 65 -19.08 18.99 -7.93
CA PRO I 65 -18.53 19.26 -6.59
C PRO I 65 -19.15 18.40 -5.46
N MET I 66 -20.44 18.07 -5.60
CA MET I 66 -21.13 17.19 -4.64
C MET I 66 -20.70 15.71 -4.76
N CYS I 67 -19.86 15.36 -5.73
CA CYS I 67 -19.47 13.96 -6.01
C CYS I 67 -17.98 13.72 -5.79
N ASP I 68 -17.44 14.38 -4.77
CA ASP I 68 -16.02 14.24 -4.42
C ASP I 68 -15.68 12.85 -3.85
N GLU I 69 -16.68 12.17 -3.28
CA GLU I 69 -16.52 10.76 -2.86
C GLU I 69 -15.88 9.93 -3.97
N PHE I 70 -16.19 10.26 -5.22
CA PHE I 70 -15.71 9.51 -6.38
C PHE I 70 -14.62 10.25 -7.13
N ILE I 71 -13.80 11.02 -6.41
CA ILE I 71 -12.68 11.75 -7.01
C ILE I 71 -11.64 10.79 -7.63
N ASN I 72 -11.34 9.68 -6.95
CA ASN I 72 -10.48 8.63 -7.50
C ASN I 72 -10.88 7.24 -7.04
N VAL I 73 -11.80 6.66 -7.78
CA VAL I 73 -12.37 5.36 -7.44
C VAL I 73 -11.48 4.21 -7.89
N PRO I 74 -11.37 3.17 -7.05
CA PRO I 74 -10.58 2.00 -7.44
C PRO I 74 -11.34 1.13 -8.43
N GLU I 75 -10.68 0.05 -8.88
CA GLU I 75 -11.30 -0.94 -9.78
C GLU I 75 -12.67 -1.42 -9.26
N TRP I 76 -13.64 -1.57 -10.16
CA TRP I 76 -14.97 -2.05 -9.78
C TRP I 76 -15.36 -3.31 -10.58
N SER I 77 -16.33 -4.05 -10.05
CA SER I 77 -16.89 -5.22 -10.73
C SER I 77 -18.09 -4.81 -11.57
N TYR I 78 -19.00 -4.04 -10.97
CA TYR I 78 -20.12 -3.43 -11.67
C TYR I 78 -20.42 -2.07 -11.08
N ILE I 79 -21.31 -1.31 -11.72
CA ILE I 79 -21.63 0.06 -11.29
C ILE I 79 -23.10 0.13 -10.88
N VAL I 80 -23.40 0.88 -9.83
CA VAL I 80 -24.78 1.03 -9.35
C VAL I 80 -25.17 2.50 -9.36
N GLU I 81 -26.28 2.79 -10.03
CA GLU I 81 -26.78 4.15 -10.19
C GLU I 81 -28.26 4.17 -9.90
N LYS I 82 -28.73 5.17 -9.16
CA LYS I 82 -30.16 5.31 -8.90
C LYS I 82 -30.92 5.69 -10.17
N ALA I 83 -32.23 5.59 -10.10
CA ALA I 83 -33.14 5.90 -11.21
C ALA I 83 -33.13 7.38 -11.49
N ASN I 84 -33.19 8.21 -10.45
CA ASN I 84 -33.17 9.67 -10.59
C ASN I 84 -32.17 10.29 -9.65
N PRO I 85 -30.86 10.11 -9.95
CA PRO I 85 -29.85 10.69 -9.06
C PRO I 85 -29.98 12.21 -9.02
N VAL I 86 -29.93 12.79 -7.82
CA VAL I 86 -30.15 14.24 -7.66
C VAL I 86 -28.92 15.04 -8.09
N ASN I 87 -27.73 14.51 -7.86
CA ASN I 87 -26.49 15.18 -8.25
C ASN I 87 -26.06 14.77 -9.65
N ASP I 88 -26.72 15.37 -10.63
CA ASP I 88 -26.43 15.13 -12.05
C ASP I 88 -25.64 16.35 -12.56
N LEU I 89 -26.13 17.06 -13.58
CA LEU I 89 -25.50 18.28 -14.08
C LEU I 89 -25.94 19.43 -13.21
N CYS I 90 -25.05 19.89 -12.31
CA CYS I 90 -25.37 20.98 -11.38
C CYS I 90 -25.72 22.26 -12.13
N TYR I 91 -24.85 22.63 -13.08
CA TYR I 91 -25.17 23.68 -14.05
C TYR I 91 -25.95 23.01 -15.18
N PRO I 92 -27.19 23.51 -15.47
CA PRO I 92 -28.04 22.80 -16.43
C PRO I 92 -27.47 22.74 -17.83
N GLY I 93 -27.85 21.71 -18.59
CA GLY I 93 -27.42 21.57 -19.97
C GLY I 93 -27.69 20.20 -20.56
N ASP I 94 -26.78 19.76 -21.42
CA ASP I 94 -26.87 18.44 -22.03
C ASP I 94 -25.52 17.74 -21.95
N PHE I 95 -25.56 16.42 -22.06
CA PHE I 95 -24.38 15.62 -22.23
C PHE I 95 -24.55 14.92 -23.57
N ASN I 96 -23.69 15.28 -24.52
CA ASN I 96 -23.79 14.77 -25.88
C ASN I 96 -23.39 13.29 -25.96
N ASP I 97 -24.21 12.51 -26.67
CA ASP I 97 -24.03 11.06 -26.79
C ASP I 97 -23.78 10.38 -25.43
N TYR I 98 -24.59 10.77 -24.45
CA TYR I 98 -24.47 10.28 -23.08
C TYR I 98 -24.64 8.77 -23.01
N GLU I 99 -25.65 8.28 -23.72
CA GLU I 99 -26.01 6.87 -23.69
C GLU I 99 -24.91 6.01 -24.33
N GLU I 100 -24.37 6.48 -25.45
CA GLU I 100 -23.28 5.77 -26.14
C GLU I 100 -22.02 5.65 -25.25
N LEU I 101 -21.83 6.64 -24.38
CA LEU I 101 -20.70 6.62 -23.45
C LEU I 101 -20.96 5.65 -22.29
N LYS I 102 -22.17 5.71 -21.73
CA LYS I 102 -22.56 4.76 -20.68
C LYS I 102 -22.44 3.31 -21.18
N HIS I 103 -22.75 3.08 -22.45
CA HIS I 103 -22.55 1.76 -23.04
C HIS I 103 -21.07 1.38 -23.08
N LEU I 104 -20.23 2.36 -23.41
CA LEU I 104 -18.78 2.18 -23.43
C LEU I 104 -18.24 1.74 -22.06
N LEU I 105 -18.85 2.28 -21.00
CA LEU I 105 -18.52 1.96 -19.61
C LEU I 105 -18.77 0.53 -19.17
N SER I 106 -19.69 -0.14 -19.85
CA SER I 106 -20.07 -1.50 -19.49
CA SER I 106 -20.06 -1.49 -19.48
C SER I 106 -18.95 -2.46 -19.92
N ARG I 107 -17.99 -1.97 -20.70
CA ARG I 107 -16.78 -2.72 -21.08
C ARG I 107 -15.54 -2.21 -20.33
N ILE I 108 -15.76 -1.51 -19.20
CA ILE I 108 -14.66 -0.90 -18.43
C ILE I 108 -14.79 -1.18 -16.93
N ASN I 109 -13.69 -1.63 -16.32
CA ASN I 109 -13.63 -1.90 -14.88
C ASN I 109 -12.81 -0.89 -14.07
N HIS I 110 -11.94 -0.14 -14.72
CA HIS I 110 -11.06 0.79 -14.00
C HIS I 110 -10.59 1.99 -14.83
N PHE I 111 -10.73 3.18 -14.24
CA PHE I 111 -10.22 4.42 -14.81
C PHE I 111 -9.03 4.89 -13.98
N GLU I 112 -8.04 5.49 -14.65
CA GLU I 112 -6.92 6.21 -14.00
C GLU I 112 -6.96 7.68 -14.45
N LYS I 113 -7.37 8.56 -13.56
CA LYS I 113 -7.47 9.98 -13.88
C LYS I 113 -6.07 10.60 -13.98
N ILE I 114 -5.82 11.33 -15.06
CA ILE I 114 -4.58 12.09 -15.21
C ILE I 114 -4.83 13.49 -15.75
N GLN I 115 -3.91 14.39 -15.43
CA GLN I 115 -3.97 15.77 -15.89
C GLN I 115 -3.32 15.86 -17.26
N ILE I 116 -4.06 16.40 -18.23
CA ILE I 116 -3.55 16.61 -19.59
C ILE I 116 -3.28 18.08 -19.92
N ILE I 117 -4.11 18.99 -19.38
CA ILE I 117 -3.90 20.44 -19.56
C ILE I 117 -3.99 21.13 -18.18
N PRO I 118 -2.83 21.48 -17.59
CA PRO I 118 -2.82 22.10 -16.26
C PRO I 118 -3.62 23.39 -16.17
N LYS I 119 -4.21 23.63 -15.00
CA LYS I 119 -5.00 24.84 -14.76
C LYS I 119 -4.11 26.08 -14.76
N SER I 120 -2.89 25.93 -14.23
CA SER I 120 -1.91 27.02 -14.18
C SER I 120 -1.39 27.48 -15.54
N SER I 121 -1.43 26.59 -16.53
CA SER I 121 -0.85 26.89 -17.85
C SER I 121 -1.68 27.84 -18.74
N TRP I 122 -2.84 28.31 -18.27
CA TRP I 122 -3.67 29.28 -19.02
C TRP I 122 -3.24 30.71 -18.67
N SER I 123 -2.09 31.11 -19.18
CA SER I 123 -1.48 32.40 -18.85
C SER I 123 -2.11 33.60 -19.57
N SER I 124 -2.92 33.35 -20.61
CA SER I 124 -3.59 34.43 -21.37
C SER I 124 -5.09 34.54 -21.10
N HIS I 125 -5.62 33.63 -20.28
CA HIS I 125 -7.05 33.62 -19.96
C HIS I 125 -7.27 33.43 -18.47
N GLU I 126 -8.43 33.84 -17.99
CA GLU I 126 -8.77 33.72 -16.57
C GLU I 126 -9.42 32.36 -16.29
N ALA I 127 -8.68 31.49 -15.61
CA ALA I 127 -9.08 30.10 -15.41
C ALA I 127 -9.64 29.81 -14.01
N SER I 128 -9.57 30.77 -13.09
CA SER I 128 -9.94 30.56 -11.70
C SER I 128 -11.23 31.28 -11.29
N LEU I 129 -11.93 31.88 -12.26
CA LEU I 129 -13.20 32.55 -12.00
C LEU I 129 -14.36 31.88 -12.73
N GLY I 130 -14.15 30.62 -13.15
CA GLY I 130 -15.15 29.86 -13.88
C GLY I 130 -16.06 29.04 -12.96
N VAL I 131 -16.86 29.75 -12.16
CA VAL I 131 -17.71 29.15 -11.12
C VAL I 131 -19.16 29.61 -11.23
N SER I 132 -20.03 28.98 -10.44
CA SER I 132 -21.46 29.32 -10.42
C SER I 132 -22.14 28.90 -9.12
N SER I 133 -23.20 29.64 -8.76
CA SER I 133 -24.05 29.28 -7.62
C SER I 133 -24.84 27.98 -7.87
N ALA I 134 -24.99 27.59 -9.14
CA ALA I 134 -25.59 26.29 -9.51
C ALA I 134 -24.77 25.08 -9.06
N CYS I 135 -23.45 25.26 -8.91
CA CYS I 135 -22.55 24.19 -8.48
C CYS I 135 -21.86 24.57 -7.17
N PRO I 136 -22.59 24.51 -6.04
CA PRO I 136 -22.04 24.94 -4.75
C PRO I 136 -21.18 23.88 -4.08
N TYR I 137 -20.17 24.33 -3.34
CA TYR I 137 -19.31 23.46 -2.55
C TYR I 137 -18.93 24.15 -1.24
N GLN I 138 -19.45 23.63 -0.13
CA GLN I 138 -19.25 24.23 1.20
C GLN I 138 -19.67 25.70 1.24
N GLY I 139 -20.85 25.98 0.69
CA GLY I 139 -21.43 27.32 0.71
C GLY I 139 -20.89 28.33 -0.28
N LYS I 140 -19.92 27.93 -1.11
CA LYS I 140 -19.28 28.82 -2.07
C LYS I 140 -19.55 28.31 -3.48
N SER I 141 -19.49 29.23 -4.45
CA SER I 141 -19.69 28.89 -5.86
C SER I 141 -18.49 28.12 -6.42
N SER I 142 -18.75 26.97 -7.04
CA SER I 142 -17.71 26.08 -7.56
C SER I 142 -18.09 25.65 -8.99
N PHE I 143 -17.48 24.57 -9.47
CA PHE I 143 -17.75 24.06 -10.82
C PHE I 143 -17.20 22.64 -11.01
N PHE I 144 -17.68 21.97 -12.05
CA PHE I 144 -17.17 20.65 -12.45
C PHE I 144 -15.63 20.65 -12.36
N ARG I 145 -15.09 19.80 -11.48
CA ARG I 145 -13.66 19.83 -11.15
C ARG I 145 -12.71 19.40 -12.25
N ASN I 146 -13.20 18.64 -13.23
CA ASN I 146 -12.33 18.07 -14.26
C ASN I 146 -12.23 18.92 -15.53
N VAL I 147 -13.02 19.98 -15.61
CA VAL I 147 -12.99 20.90 -16.76
C VAL I 147 -12.89 22.33 -16.28
N VAL I 148 -12.34 23.18 -17.13
CA VAL I 148 -11.98 24.55 -16.76
C VAL I 148 -12.84 25.52 -17.56
N TRP I 149 -13.70 26.28 -16.88
CA TRP I 149 -14.50 27.33 -17.51
C TRP I 149 -13.65 28.59 -17.68
N LEU I 150 -13.10 28.77 -18.88
CA LEU I 150 -12.20 29.89 -19.19
C LEU I 150 -13.02 31.13 -19.57
N ILE I 151 -12.59 32.28 -19.06
CA ILE I 151 -13.17 33.60 -19.42
C ILE I 151 -12.06 34.60 -19.77
N LYS I 152 -12.48 35.76 -20.28
CA LYS I 152 -11.57 36.83 -20.70
C LYS I 152 -10.66 37.34 -19.57
N LYS I 153 -9.45 37.77 -19.94
CA LYS I 153 -8.51 38.35 -18.99
C LYS I 153 -8.11 39.76 -19.42
N ASN I 154 -8.30 40.74 -18.52
CA ASN I 154 -8.06 42.17 -18.80
C ASN I 154 -8.82 42.65 -20.05
N SER I 155 -10.06 42.18 -20.20
CA SER I 155 -10.92 42.48 -21.36
C SER I 155 -10.29 41.99 -22.68
N THR I 156 -9.95 40.72 -22.73
CA THR I 156 -9.44 40.10 -23.97
C THR I 156 -9.56 38.58 -23.91
N TYR I 157 -10.15 37.99 -24.95
CA TYR I 157 -10.13 36.54 -25.14
C TYR I 157 -9.42 36.23 -26.45
N PRO I 158 -8.07 36.04 -26.39
CA PRO I 158 -7.35 35.70 -27.60
C PRO I 158 -7.61 34.26 -28.02
N THR I 159 -7.39 33.96 -29.28
CA THR I 159 -7.66 32.64 -29.82
C THR I 159 -6.82 31.58 -29.09
N ILE I 160 -7.48 30.54 -28.58
CA ILE I 160 -6.82 29.40 -27.93
C ILE I 160 -6.42 28.38 -28.98
N LYS I 161 -5.21 27.86 -28.87
CA LYS I 161 -4.72 26.77 -29.74
C LYS I 161 -3.90 25.80 -28.90
N ARG I 162 -4.56 24.75 -28.43
CA ARG I 162 -3.92 23.75 -27.57
C ARG I 162 -3.95 22.36 -28.20
N SER I 163 -2.87 21.63 -27.98
CA SER I 163 -2.74 20.26 -28.47
C SER I 163 -2.24 19.34 -27.38
N TYR I 164 -2.87 18.18 -27.22
CA TYR I 164 -2.36 17.13 -26.34
C TYR I 164 -2.14 15.84 -27.13
N ASN I 165 -0.99 15.21 -26.89
CA ASN I 165 -0.56 14.00 -27.58
C ASN I 165 -0.67 12.83 -26.60
N ASN I 166 -1.46 11.82 -26.94
CA ASN I 166 -1.61 10.65 -26.08
C ASN I 166 -0.38 9.75 -26.16
N THR I 167 0.55 9.99 -25.24
CA THR I 167 1.77 9.20 -25.13
C THR I 167 1.62 7.96 -24.24
N ASN I 168 0.44 7.80 -23.63
CA ASN I 168 0.14 6.64 -22.80
C ASN I 168 -0.13 5.42 -23.66
N GLN I 169 -0.03 4.23 -23.06
CA GLN I 169 -0.38 2.96 -23.73
C GLN I 169 -1.88 2.79 -23.84
N GLU I 170 -2.61 3.43 -22.94
CA GLU I 170 -4.03 3.20 -22.78
C GLU I 170 -4.83 4.19 -23.62
N ASP I 171 -6.00 3.74 -24.08
CA ASP I 171 -7.01 4.63 -24.66
C ASP I 171 -7.36 5.68 -23.60
N LEU I 172 -7.64 6.90 -24.03
CA LEU I 172 -7.94 8.00 -23.11
C LEU I 172 -9.31 8.61 -23.37
N LEU I 173 -10.12 8.70 -22.33
CA LEU I 173 -11.43 9.37 -22.42
C LEU I 173 -11.24 10.84 -22.12
N VAL I 174 -11.49 11.67 -23.13
CA VAL I 174 -11.35 13.13 -22.99
C VAL I 174 -12.73 13.78 -22.98
N LEU I 175 -12.93 14.70 -22.03
CA LEU I 175 -14.19 15.43 -21.89
C LEU I 175 -13.95 16.93 -22.05
N TRP I 176 -14.85 17.60 -22.75
CA TRP I 176 -14.84 19.06 -22.85
C TRP I 176 -16.27 19.59 -22.98
N GLY I 177 -16.42 20.92 -23.13
CA GLY I 177 -17.75 21.52 -23.23
C GLY I 177 -17.83 22.88 -23.89
N ILE I 178 -19.06 23.35 -24.07
CA ILE I 178 -19.36 24.65 -24.66
C ILE I 178 -20.41 25.33 -23.77
N HIS I 179 -20.22 26.62 -23.50
CA HIS I 179 -21.20 27.41 -22.73
C HIS I 179 -22.14 28.16 -23.66
N HIS I 180 -23.45 27.96 -23.46
CA HIS I 180 -24.48 28.68 -24.20
C HIS I 180 -25.00 29.80 -23.30
N PRO I 181 -24.68 31.07 -23.63
CA PRO I 181 -25.07 32.18 -22.76
C PRO I 181 -26.53 32.62 -22.91
N LYS I 182 -27.00 33.38 -21.93
CA LYS I 182 -28.38 33.89 -21.87
C LYS I 182 -28.67 34.87 -23.01
N ASP I 183 -27.83 35.90 -23.15
CA ASP I 183 -28.03 36.95 -24.17
C ASP I 183 -26.72 37.53 -24.71
N ALA I 184 -26.82 38.36 -25.75
CA ALA I 184 -25.66 38.99 -26.39
C ALA I 184 -24.77 39.78 -25.41
N ALA I 185 -25.38 40.39 -24.40
CA ALA I 185 -24.64 41.15 -23.37
C ALA I 185 -23.74 40.23 -22.54
N GLU I 186 -24.29 39.12 -22.09
CA GLU I 186 -23.52 38.13 -21.33
C GLU I 186 -22.36 37.54 -22.13
N GLN I 187 -22.55 37.34 -23.44
CA GLN I 187 -21.50 36.81 -24.32
C GLN I 187 -20.27 37.71 -24.30
N THR I 188 -20.47 39.00 -24.56
CA THR I 188 -19.37 39.99 -24.55
C THR I 188 -18.85 40.21 -23.12
N LYS I 189 -19.75 40.12 -22.13
CA LYS I 189 -19.38 40.24 -20.72
C LYS I 189 -18.36 39.17 -20.28
N LEU I 190 -18.57 37.93 -20.71
CA LEU I 190 -17.69 36.81 -20.35
C LEU I 190 -16.52 36.61 -21.30
N TYR I 191 -16.77 36.76 -22.61
CA TYR I 191 -15.79 36.38 -23.64
C TYR I 191 -15.40 37.49 -24.64
N GLN I 192 -15.99 38.68 -24.53
CA GLN I 192 -15.76 39.80 -25.46
C GLN I 192 -16.32 39.57 -26.88
N ASN I 193 -15.76 38.57 -27.56
CA ASN I 193 -16.05 38.33 -28.97
C ASN I 193 -17.52 37.93 -29.14
N PRO I 194 -18.26 38.63 -30.02
CA PRO I 194 -19.69 38.34 -30.18
C PRO I 194 -19.98 37.03 -30.92
N THR I 195 -19.12 36.67 -31.88
CA THR I 195 -19.26 35.42 -32.63
C THR I 195 -18.05 34.52 -32.34
N THR I 196 -18.30 33.40 -31.67
CA THR I 196 -17.22 32.49 -31.27
C THR I 196 -17.48 31.06 -31.76
N TYR I 197 -16.55 30.16 -31.44
CA TYR I 197 -16.62 28.77 -31.85
C TYR I 197 -15.63 27.93 -31.05
N ILE I 198 -15.77 26.61 -31.17
CA ILE I 198 -14.77 25.66 -30.67
C ILE I 198 -14.57 24.61 -31.74
N SER I 199 -13.34 24.48 -32.23
CA SER I 199 -13.02 23.46 -33.22
C SER I 199 -12.16 22.38 -32.58
N VAL I 200 -12.57 21.13 -32.74
CA VAL I 200 -11.87 20.00 -32.14
C VAL I 200 -11.53 18.98 -33.23
N GLY I 201 -10.27 18.53 -33.25
CA GLY I 201 -9.80 17.57 -34.24
C GLY I 201 -8.96 16.47 -33.61
N THR I 202 -9.08 15.27 -34.16
CA THR I 202 -8.20 14.14 -33.84
C THR I 202 -7.93 13.38 -35.13
N SER I 203 -7.42 12.15 -35.02
CA SER I 203 -7.29 11.23 -36.15
C SER I 203 -8.62 11.08 -36.89
N THR I 204 -9.69 10.82 -36.15
CA THR I 204 -11.03 10.64 -36.73
C THR I 204 -11.91 11.88 -36.60
N LEU I 205 -11.84 12.54 -35.44
CA LEU I 205 -12.77 13.63 -35.14
C LEU I 205 -12.52 14.90 -35.99
N ASN I 206 -13.61 15.53 -36.43
CA ASN I 206 -13.58 16.81 -37.14
C ASN I 206 -14.78 17.66 -36.73
N GLN I 207 -14.67 18.29 -35.56
CA GLN I 207 -15.78 19.01 -34.94
C GLN I 207 -15.60 20.53 -34.99
N ARG I 208 -16.72 21.25 -35.09
CA ARG I 208 -16.76 22.70 -34.90
C ARG I 208 -18.07 23.11 -34.24
N LEU I 209 -18.00 23.53 -32.98
CA LEU I 209 -19.18 23.92 -32.20
C LEU I 209 -19.35 25.42 -32.23
N VAL I 210 -20.59 25.87 -32.24
CA VAL I 210 -20.90 27.30 -32.11
C VAL I 210 -21.93 27.50 -31.01
N PRO I 211 -21.73 28.52 -30.13
CA PRO I 211 -22.70 28.75 -29.08
C PRO I 211 -24.03 29.26 -29.61
N ARG I 212 -25.12 28.60 -29.23
CA ARG I 212 -26.46 29.02 -29.56
C ARG I 212 -27.04 29.86 -28.42
N ILE I 213 -27.55 31.04 -28.76
CA ILE I 213 -28.13 31.97 -27.79
C ILE I 213 -29.66 31.92 -27.88
N ALA I 214 -30.30 31.92 -26.72
CA ALA I 214 -31.76 31.93 -26.63
C ALA I 214 -32.21 32.24 -25.21
N THR I 215 -33.42 32.77 -25.10
CA THR I 215 -34.07 32.90 -23.80
C THR I 215 -34.53 31.52 -23.36
N ARG I 216 -34.10 31.12 -22.16
CA ARG I 216 -34.39 29.79 -21.64
C ARG I 216 -34.88 29.89 -20.20
N SER I 217 -35.69 28.90 -19.80
CA SER I 217 -36.17 28.80 -18.43
C SER I 217 -35.00 28.59 -17.46
N LYS I 218 -35.19 28.99 -16.21
CA LYS I 218 -34.13 28.91 -15.20
C LYS I 218 -34.13 27.56 -14.48
N VAL I 219 -33.14 26.73 -14.80
CA VAL I 219 -32.90 25.48 -14.09
C VAL I 219 -31.71 25.74 -13.16
N ASN I 220 -31.88 25.42 -11.87
CA ASN I 220 -30.90 25.77 -10.83
C ASN I 220 -30.53 27.26 -10.87
N GLY I 221 -31.50 28.10 -11.22
CA GLY I 221 -31.29 29.53 -11.34
C GLY I 221 -30.37 29.97 -12.46
N GLN I 222 -30.28 29.18 -13.53
CA GLN I 222 -29.43 29.54 -14.69
C GLN I 222 -30.25 29.53 -15.98
N SER I 223 -30.13 30.60 -16.76
CA SER I 223 -30.68 30.67 -18.12
C SER I 223 -29.66 30.23 -19.17
N GLY I 224 -28.38 30.22 -18.79
CA GLY I 224 -27.33 29.67 -19.63
C GLY I 224 -27.33 28.15 -19.58
N ARG I 225 -26.66 27.53 -20.56
CA ARG I 225 -26.56 26.06 -20.64
C ARG I 225 -25.13 25.61 -20.94
N MET I 226 -24.80 24.39 -20.50
CA MET I 226 -23.53 23.75 -20.81
C MET I 226 -23.79 22.46 -21.57
N GLU I 227 -23.26 22.37 -22.79
CA GLU I 227 -23.36 21.15 -23.59
C GLU I 227 -22.00 20.47 -23.56
N PHE I 228 -21.96 19.22 -23.12
CA PHE I 228 -20.70 18.50 -22.93
C PHE I 228 -20.49 17.43 -23.99
N PHE I 229 -19.24 17.30 -24.44
CA PHE I 229 -18.86 16.35 -25.49
C PHE I 229 -17.69 15.49 -25.05
N TRP I 230 -17.48 14.39 -25.76
CA TRP I 230 -16.41 13.46 -25.43
C TRP I 230 -15.84 12.78 -26.65
N THR I 231 -14.66 12.19 -26.46
CA THR I 231 -14.08 11.30 -27.44
C THR I 231 -13.07 10.36 -26.78
N ILE I 232 -12.76 9.27 -27.47
CA ILE I 232 -11.70 8.33 -27.05
C ILE I 232 -10.49 8.64 -27.91
N LEU I 233 -9.45 9.14 -27.28
CA LEU I 233 -8.21 9.45 -27.95
C LEU I 233 -7.32 8.21 -27.88
N LYS I 234 -7.05 7.60 -29.03
CA LYS I 234 -6.26 6.37 -29.08
C LYS I 234 -4.78 6.69 -28.87
N PRO I 235 -3.97 5.67 -28.48
CA PRO I 235 -2.56 5.93 -28.21
C PRO I 235 -1.83 6.45 -29.44
N ASN I 236 -0.83 7.30 -29.22
CA ASN I 236 -0.08 7.95 -30.30
C ASN I 236 -0.88 8.93 -31.17
N ASP I 237 -2.11 9.25 -30.78
CA ASP I 237 -2.92 10.24 -31.50
C ASP I 237 -2.95 11.53 -30.69
N ALA I 238 -3.18 12.64 -31.38
CA ALA I 238 -3.21 13.95 -30.75
C ALA I 238 -4.59 14.58 -30.91
N ILE I 239 -5.05 15.28 -29.86
CA ILE I 239 -6.28 16.08 -29.93
C ILE I 239 -5.94 17.57 -30.02
N ASN I 240 -6.64 18.28 -30.90
CA ASN I 240 -6.36 19.69 -31.18
C ASN I 240 -7.58 20.57 -30.93
N PHE I 241 -7.41 21.59 -30.10
CA PHE I 241 -8.47 22.56 -29.80
C PHE I 241 -8.16 23.93 -30.39
N GLU I 242 -9.20 24.64 -30.82
CA GLU I 242 -9.10 26.05 -31.19
C GLU I 242 -10.42 26.73 -30.85
N SER I 243 -10.36 27.92 -30.24
CA SER I 243 -11.57 28.62 -29.82
C SER I 243 -11.45 30.13 -29.60
N ASN I 244 -12.56 30.82 -29.87
CA ASN I 244 -12.72 32.27 -29.62
C ASN I 244 -13.32 32.58 -28.26
N GLY I 245 -13.94 31.59 -27.63
CA GLY I 245 -14.67 31.77 -26.39
C GLY I 245 -15.69 30.67 -26.18
N ASN I 246 -16.31 30.68 -25.01
CA ASN I 246 -17.31 29.70 -24.61
C ASN I 246 -16.74 28.29 -24.42
N PHE I 247 -15.41 28.19 -24.33
CA PHE I 247 -14.73 26.89 -24.27
C PHE I 247 -14.65 26.42 -22.82
N ILE I 248 -15.07 25.18 -22.59
CA ILE I 248 -14.93 24.55 -21.29
C ILE I 248 -13.82 23.52 -21.49
N ALA I 249 -12.61 23.89 -21.13
CA ALA I 249 -11.43 23.13 -21.48
C ALA I 249 -11.22 21.94 -20.54
N PRO I 250 -10.66 20.83 -21.07
CA PRO I 250 -10.30 19.73 -20.18
C PRO I 250 -9.14 20.09 -19.27
N GLU I 251 -9.20 19.62 -18.02
CA GLU I 251 -8.02 19.59 -17.15
C GLU I 251 -7.58 18.16 -16.92
N TYR I 252 -8.51 17.34 -16.44
CA TYR I 252 -8.29 15.92 -16.19
C TYR I 252 -9.03 15.05 -17.20
N ALA I 253 -8.36 13.98 -17.64
CA ALA I 253 -8.96 12.95 -18.48
C ALA I 253 -8.66 11.57 -17.86
N TYR I 254 -9.43 10.55 -18.26
CA TYR I 254 -9.36 9.22 -17.66
C TYR I 254 -8.67 8.21 -18.59
N LYS I 255 -7.61 7.58 -18.10
CA LYS I 255 -6.99 6.46 -18.81
C LYS I 255 -7.86 5.24 -18.62
N ILE I 256 -8.03 4.49 -19.69
CA ILE I 256 -8.75 3.23 -19.63
C ILE I 256 -7.73 2.11 -19.44
N VAL I 257 -7.52 1.71 -18.19
CA VAL I 257 -6.47 0.75 -17.85
C VAL I 257 -6.93 -0.69 -17.91
N LYS I 258 -8.16 -0.94 -17.45
CA LYS I 258 -8.72 -2.28 -17.41
C LYS I 258 -10.04 -2.34 -18.19
N LYS I 259 -10.08 -3.16 -19.24
CA LYS I 259 -11.30 -3.45 -19.99
C LYS I 259 -11.76 -4.86 -19.66
N GLY I 260 -13.06 -5.02 -19.41
CA GLY I 260 -13.62 -6.34 -19.14
C GLY I 260 -15.13 -6.33 -19.00
N ASP I 261 -15.68 -7.38 -18.38
CA ASP I 261 -17.12 -7.48 -18.15
C ASP I 261 -17.57 -6.58 -17.01
N SER I 262 -18.57 -5.77 -17.30
CA SER I 262 -19.16 -4.87 -16.32
C SER I 262 -20.58 -4.56 -16.75
N THR I 263 -21.26 -3.74 -15.95
CA THR I 263 -22.59 -3.27 -16.27
C THR I 263 -22.97 -2.11 -15.36
N ILE I 264 -23.89 -1.28 -15.82
CA ILE I 264 -24.47 -0.22 -15.01
C ILE I 264 -25.84 -0.71 -14.56
N MET I 265 -26.01 -0.87 -13.25
CA MET I 265 -27.18 -1.51 -12.66
C MET I 265 -28.03 -0.42 -12.00
N LYS I 266 -29.31 -0.31 -12.40
CA LYS I 266 -30.22 0.70 -11.85
C LYS I 266 -30.85 0.16 -10.58
N SER I 267 -30.65 0.86 -9.47
CA SER I 267 -31.11 0.38 -8.18
C SER I 267 -31.07 1.49 -7.14
N GLU I 268 -32.04 1.45 -6.22
CA GLU I 268 -32.13 2.42 -5.14
C GLU I 268 -31.42 1.91 -3.88
N LEU I 269 -30.96 0.65 -3.91
CA LEU I 269 -30.30 0.03 -2.76
C LEU I 269 -28.89 0.57 -2.58
N GLU I 270 -28.40 0.43 -1.35
CA GLU I 270 -27.04 0.83 -0.98
C GLU I 270 -26.20 -0.43 -0.78
N TYR I 271 -24.94 -0.25 -0.38
CA TYR I 271 -24.00 -1.34 -0.18
C TYR I 271 -24.39 -2.27 0.98
N GLY I 272 -24.32 -3.57 0.76
CA GLY I 272 -24.77 -4.58 1.73
C GLY I 272 -23.71 -5.10 2.69
N ASN I 273 -22.44 -4.73 2.47
CA ASN I 273 -21.29 -5.29 3.22
C ASN I 273 -21.30 -6.80 3.09
N CYS I 274 -20.98 -7.27 1.89
CA CYS I 274 -21.50 -8.54 1.41
C CYS I 274 -20.69 -9.09 0.23
N ASN I 275 -20.74 -10.41 0.02
CA ASN I 275 -20.09 -11.04 -1.14
C ASN I 275 -20.96 -12.12 -1.82
N THR I 276 -20.89 -12.20 -3.16
CA THR I 276 -21.72 -13.12 -3.95
C THR I 276 -21.06 -13.44 -5.29
N LYS I 277 -21.55 -14.47 -5.96
CA LYS I 277 -21.12 -14.84 -7.32
C LYS I 277 -22.09 -14.38 -8.41
N CYS I 278 -23.27 -13.88 -8.00
CA CYS I 278 -24.29 -13.48 -8.95
C CYS I 278 -25.13 -12.36 -8.33
N GLN I 279 -25.20 -11.22 -9.03
CA GLN I 279 -25.88 -10.05 -8.52
C GLN I 279 -27.01 -9.60 -9.42
N THR I 280 -28.11 -9.17 -8.78
CA THR I 280 -29.22 -8.52 -9.48
C THR I 280 -29.49 -7.16 -8.84
N PRO I 281 -30.21 -6.26 -9.55
CA PRO I 281 -30.63 -4.98 -8.99
C PRO I 281 -31.51 -5.05 -7.72
N MET I 282 -32.13 -6.20 -7.48
CA MET I 282 -32.96 -6.41 -6.29
C MET I 282 -32.22 -7.12 -5.16
N GLY I 283 -31.09 -7.75 -5.47
CA GLY I 283 -30.31 -8.49 -4.48
C GLY I 283 -29.51 -9.60 -5.14
N ALA I 284 -28.65 -10.25 -4.34
CA ALA I 284 -27.73 -11.26 -4.85
C ALA I 284 -28.30 -12.68 -4.76
N ILE I 285 -27.68 -13.59 -5.49
CA ILE I 285 -28.16 -14.98 -5.62
C ILE I 285 -27.08 -15.98 -5.28
N ASN I 286 -27.44 -16.93 -4.41
CA ASN I 286 -26.54 -17.99 -3.98
C ASN I 286 -27.28 -19.29 -4.14
N SER I 287 -27.14 -19.88 -5.31
CA SER I 287 -27.98 -21.00 -5.72
C SER I 287 -27.30 -21.86 -6.78
N SER I 288 -27.59 -23.16 -6.71
CA SER I 288 -27.10 -24.14 -7.65
C SER I 288 -28.22 -24.56 -8.60
N MET I 289 -29.34 -23.86 -8.55
CA MET I 289 -30.46 -24.13 -9.47
C MET I 289 -30.08 -23.67 -10.87
N PRO I 290 -30.58 -24.36 -11.91
CA PRO I 290 -30.36 -23.89 -13.28
C PRO I 290 -31.18 -22.66 -13.70
N PHE I 291 -32.27 -22.36 -12.98
CA PHE I 291 -33.13 -21.23 -13.29
C PHE I 291 -33.35 -20.34 -12.08
N HIS I 292 -33.74 -19.10 -12.34
CA HIS I 292 -34.26 -18.21 -11.30
C HIS I 292 -35.31 -17.28 -11.88
N ASN I 293 -36.05 -16.61 -11.00
CA ASN I 293 -37.08 -15.65 -11.41
C ASN I 293 -37.02 -14.30 -10.68
N ILE I 294 -35.84 -13.93 -10.21
CA ILE I 294 -35.62 -12.70 -9.47
C ILE I 294 -35.70 -11.46 -10.36
N HIS I 295 -34.84 -11.41 -11.36
CA HIS I 295 -34.70 -10.21 -12.22
C HIS I 295 -33.88 -10.55 -13.48
N PRO I 296 -34.27 -10.03 -14.66
CA PRO I 296 -33.55 -10.41 -15.90
C PRO I 296 -32.13 -9.89 -16.04
N LEU I 297 -31.90 -8.66 -15.60
CA LEU I 297 -30.55 -8.06 -15.63
C LEU I 297 -29.65 -8.57 -14.50
N THR I 298 -28.76 -9.50 -14.81
CA THR I 298 -27.80 -10.03 -13.83
C THR I 298 -26.37 -9.90 -14.31
N ILE I 299 -25.44 -10.12 -13.39
CA ILE I 299 -24.01 -10.12 -13.70
C ILE I 299 -23.33 -11.17 -12.84
N GLY I 300 -22.39 -11.91 -13.44
CA GLY I 300 -21.67 -12.99 -12.77
C GLY I 300 -22.05 -14.37 -13.29
N GLU I 301 -21.73 -15.40 -12.49
CA GLU I 301 -22.07 -16.79 -12.80
C GLU I 301 -23.49 -17.06 -12.32
N CYS I 302 -24.47 -16.89 -13.22
CA CYS I 302 -25.88 -16.89 -12.83
C CYS I 302 -26.71 -18.00 -13.46
N PRO I 303 -27.82 -18.38 -12.79
CA PRO I 303 -28.81 -19.22 -13.45
C PRO I 303 -29.53 -18.43 -14.52
N LYS I 304 -30.29 -19.14 -15.35
CA LYS I 304 -31.01 -18.51 -16.47
C LYS I 304 -32.34 -17.95 -15.95
N TYR I 305 -32.66 -16.73 -16.36
CA TYR I 305 -33.87 -16.08 -15.87
C TYR I 305 -35.06 -16.55 -16.65
N VAL I 306 -36.15 -16.87 -15.95
CA VAL I 306 -37.44 -17.15 -16.56
C VAL I 306 -38.54 -16.44 -15.77
N LYS I 307 -39.68 -16.24 -16.41
CA LYS I 307 -40.83 -15.57 -15.78
C LYS I 307 -41.67 -16.48 -14.89
N SER I 308 -41.32 -17.76 -14.78
CA SER I 308 -42.15 -18.73 -14.09
C SER I 308 -42.26 -18.47 -12.62
N ASN I 309 -43.39 -18.88 -12.07
CA ASN I 309 -43.60 -18.89 -10.62
C ASN I 309 -43.13 -20.20 -10.01
N ARG I 310 -43.03 -21.26 -10.82
CA ARG I 310 -42.80 -22.60 -10.32
C ARG I 310 -42.29 -23.51 -11.44
N LEU I 311 -41.16 -24.19 -11.21
CA LEU I 311 -40.67 -25.23 -12.14
C LEU I 311 -40.16 -26.45 -11.38
N VAL I 312 -40.93 -27.54 -11.47
CA VAL I 312 -40.66 -28.74 -10.68
C VAL I 312 -40.71 -29.96 -11.57
N LEU I 313 -39.57 -30.66 -11.65
CA LEU I 313 -39.45 -31.92 -12.41
C LEU I 313 -39.77 -33.14 -11.56
N ALA I 314 -40.51 -34.08 -12.15
CA ALA I 314 -40.75 -35.39 -11.55
C ALA I 314 -39.47 -36.20 -11.67
N THR I 315 -39.12 -36.84 -10.56
CA THR I 315 -38.05 -37.82 -10.56
C THR I 315 -38.65 -39.18 -10.25
N GLY I 316 -39.44 -39.23 -9.18
CA GLY I 316 -40.09 -40.46 -8.78
C GLY I 316 -41.32 -40.73 -9.58
N LEU I 317 -42.20 -41.54 -9.02
CA LEU I 317 -43.36 -42.01 -9.73
C LEU I 317 -44.61 -41.58 -8.99
N ARG I 318 -45.75 -41.82 -9.62
CA ARG I 318 -47.04 -41.43 -9.08
C ARG I 318 -47.30 -42.06 -7.72
N ASN I 319 -47.51 -41.22 -6.72
CA ASN I 319 -47.69 -41.70 -5.37
C ASN I 319 -49.14 -42.06 -5.08
N SER I 320 -49.33 -43.13 -4.32
CA SER I 320 -50.66 -43.72 -4.13
C SER I 320 -51.37 -43.15 -2.89
N PRO I 321 -52.70 -43.01 -2.96
CA PRO I 321 -53.52 -42.97 -1.73
C PRO I 321 -53.61 -44.35 -1.07
N GLY J 1 -52.13 -44.86 -16.09
CA GLY J 1 -50.93 -44.62 -16.95
C GLY J 1 -51.02 -45.38 -18.25
N LEU J 2 -50.20 -44.97 -19.20
CA LEU J 2 -50.23 -45.56 -20.51
C LEU J 2 -50.06 -47.07 -20.52
N PHE J 3 -49.27 -47.59 -19.60
CA PHE J 3 -48.88 -49.01 -19.64
C PHE J 3 -49.75 -49.92 -18.76
N GLY J 4 -50.65 -49.32 -17.97
CA GLY J 4 -51.68 -50.05 -17.27
C GLY J 4 -51.29 -50.74 -15.99
N ALA J 5 -50.02 -50.64 -15.60
CA ALA J 5 -49.55 -51.31 -14.40
C ALA J 5 -49.79 -50.42 -13.19
N ILE J 6 -49.08 -49.30 -13.10
CA ILE J 6 -49.12 -48.43 -11.93
C ILE J 6 -50.53 -47.84 -11.80
N ALA J 7 -51.11 -48.01 -10.62
CA ALA J 7 -52.47 -47.63 -10.34
C ALA J 7 -53.39 -48.18 -11.42
N GLY J 8 -53.12 -49.40 -11.87
CA GLY J 8 -53.93 -50.09 -12.85
C GLY J 8 -54.23 -51.48 -12.33
N PHE J 9 -53.65 -52.51 -12.95
CA PHE J 9 -53.88 -53.87 -12.47
C PHE J 9 -53.07 -54.14 -11.20
N ILE J 10 -52.03 -53.32 -10.97
CA ILE J 10 -51.37 -53.25 -9.67
C ILE J 10 -51.94 -52.03 -8.94
N GLU J 11 -52.82 -52.30 -7.98
CA GLU J 11 -53.71 -51.26 -7.41
C GLU J 11 -52.99 -50.14 -6.73
N GLY J 12 -51.95 -50.47 -5.99
CA GLY J 12 -51.15 -49.47 -5.27
C GLY J 12 -49.70 -49.88 -5.07
N GLY J 13 -48.90 -48.91 -4.68
CA GLY J 13 -47.51 -49.17 -4.34
C GLY J 13 -47.31 -49.78 -2.96
N TRP J 14 -46.04 -49.98 -2.59
CA TRP J 14 -45.66 -50.62 -1.33
C TRP J 14 -44.77 -49.69 -0.52
N GLN J 15 -45.29 -49.25 0.62
CA GLN J 15 -44.49 -48.54 1.61
C GLN J 15 -43.32 -49.38 2.08
N GLY J 16 -43.54 -50.70 2.17
CA GLY J 16 -42.56 -51.66 2.70
C GLY J 16 -41.35 -51.98 1.84
N MET J 17 -41.36 -51.60 0.55
CA MET J 17 -40.18 -51.77 -0.32
C MET J 17 -39.43 -50.47 -0.41
N VAL J 18 -38.38 -50.36 0.38
CA VAL J 18 -37.72 -49.09 0.61
C VAL J 18 -36.52 -48.92 -0.30
N ASP J 19 -36.03 -50.07 -0.79
CA ASP J 19 -34.68 -50.22 -1.36
C ASP J 19 -34.51 -50.09 -2.86
N GLY J 20 -35.63 -49.85 -3.51
CA GLY J 20 -35.67 -49.73 -4.93
C GLY J 20 -37.03 -49.22 -5.34
N TRP J 21 -37.15 -48.93 -6.62
CA TRP J 21 -38.37 -48.37 -7.14
C TRP J 21 -39.35 -49.47 -7.54
N TYR J 22 -38.82 -50.59 -8.03
CA TYR J 22 -39.63 -51.73 -8.43
C TYR J 22 -39.05 -52.98 -7.82
N GLY J 23 -39.90 -53.97 -7.61
CA GLY J 23 -39.43 -55.24 -7.06
C GLY J 23 -40.50 -56.26 -6.79
N TYR J 24 -40.18 -57.19 -5.90
CA TYR J 24 -40.95 -58.39 -5.71
C TYR J 24 -41.41 -58.50 -4.27
N HIS J 25 -42.58 -59.08 -4.08
CA HIS J 25 -43.00 -59.52 -2.75
C HIS J 25 -43.31 -61.00 -2.83
N HIS J 26 -42.66 -61.79 -1.97
CA HIS J 26 -42.82 -63.25 -2.00
C HIS J 26 -43.53 -63.71 -0.74
N SER J 27 -44.18 -64.86 -0.84
CA SER J 27 -44.97 -65.39 0.25
C SER J 27 -45.02 -66.91 0.14
N ASN J 28 -44.41 -67.60 1.10
CA ASN J 28 -44.40 -69.06 1.13
C ASN J 28 -44.40 -69.59 2.57
N GLU J 29 -44.11 -70.88 2.75
CA GLU J 29 -44.10 -71.48 4.08
C GLU J 29 -43.01 -70.97 5.02
N GLN J 30 -41.89 -70.52 4.46
CA GLN J 30 -40.78 -69.99 5.25
C GLN J 30 -41.01 -68.57 5.72
N GLY J 31 -41.92 -67.85 5.06
CA GLY J 31 -42.21 -66.46 5.41
C GLY J 31 -42.47 -65.62 4.20
N SER J 32 -42.32 -64.30 4.36
CA SER J 32 -42.63 -63.37 3.30
C SER J 32 -41.79 -62.13 3.40
N GLY J 33 -41.75 -61.35 2.32
CA GLY J 33 -41.00 -60.10 2.32
C GLY J 33 -40.84 -59.44 0.97
N TYR J 34 -40.22 -58.27 1.01
CA TYR J 34 -40.00 -57.46 -0.18
C TYR J 34 -38.56 -57.61 -0.63
N ALA J 35 -38.35 -57.55 -1.93
CA ALA J 35 -37.00 -57.48 -2.47
C ALA J 35 -36.98 -56.61 -3.72
N ALA J 36 -36.12 -55.60 -3.74
CA ALA J 36 -36.03 -54.69 -4.87
C ALA J 36 -35.32 -55.35 -6.05
N ASP J 37 -35.80 -55.04 -7.26
CA ASP J 37 -35.14 -55.47 -8.46
C ASP J 37 -34.23 -54.35 -8.79
N LYS J 38 -32.96 -54.55 -8.52
CA LYS J 38 -32.00 -53.46 -8.59
C LYS J 38 -31.71 -53.07 -10.03
N GLU J 39 -31.58 -54.06 -10.92
CA GLU J 39 -31.24 -53.75 -12.32
C GLU J 39 -32.26 -52.87 -13.00
N SER J 40 -33.54 -53.24 -12.87
CA SER J 40 -34.62 -52.43 -13.41
C SER J 40 -34.60 -51.07 -12.77
N THR J 41 -34.28 -51.06 -11.47
CA THR J 41 -34.19 -49.83 -10.70
C THR J 41 -33.04 -48.94 -11.16
N GLN J 42 -31.87 -49.51 -11.33
CA GLN J 42 -30.69 -48.76 -11.73
C GLN J 42 -30.82 -48.23 -13.15
N LYS J 43 -31.44 -49.02 -14.01
CA LYS J 43 -31.82 -48.55 -15.35
C LYS J 43 -32.65 -47.26 -15.27
N ALA J 44 -33.65 -47.26 -14.40
CA ALA J 44 -34.52 -46.11 -14.22
C ALA J 44 -33.76 -44.91 -13.68
N ILE J 45 -32.86 -45.13 -12.73
CA ILE J 45 -32.07 -44.05 -12.18
C ILE J 45 -31.16 -43.45 -13.23
N ASP J 46 -30.57 -44.26 -14.10
CA ASP J 46 -29.70 -43.73 -15.17
C ASP J 46 -30.48 -42.89 -16.19
N GLY J 47 -31.67 -43.35 -16.55
CA GLY J 47 -32.50 -42.62 -17.49
C GLY J 47 -32.96 -41.27 -16.97
N VAL J 48 -33.47 -41.26 -15.75
CA VAL J 48 -33.98 -40.04 -15.13
C VAL J 48 -32.85 -39.06 -14.89
N THR J 49 -31.69 -39.56 -14.46
CA THR J 49 -30.52 -38.71 -14.27
C THR J 49 -30.11 -38.06 -15.58
N ASN J 50 -29.97 -38.85 -16.62
CA ASN J 50 -29.63 -38.31 -17.93
C ASN J 50 -30.62 -37.27 -18.40
N LYS J 51 -31.90 -37.51 -18.12
CA LYS J 51 -32.97 -36.60 -18.51
C LYS J 51 -32.82 -35.24 -17.85
N VAL J 52 -32.65 -35.26 -16.54
CA VAL J 52 -32.52 -34.02 -15.81
C VAL J 52 -31.32 -33.22 -16.36
N ASN J 53 -30.17 -33.88 -16.49
CA ASN J 53 -28.96 -33.23 -17.02
C ASN J 53 -29.15 -32.74 -18.45
N SER J 54 -29.86 -33.52 -19.27
CA SER J 54 -30.21 -33.10 -20.63
C SER J 54 -31.05 -31.83 -20.59
N ILE J 55 -32.04 -31.78 -19.71
CA ILE J 55 -32.89 -30.59 -19.55
C ILE J 55 -32.09 -29.39 -19.10
N ILE J 56 -31.40 -29.54 -17.99
CA ILE J 56 -30.54 -28.47 -17.47
C ILE J 56 -29.61 -27.94 -18.57
N ASP J 57 -28.92 -28.86 -19.24
CA ASP J 57 -27.89 -28.49 -20.21
C ASP J 57 -28.42 -27.84 -21.49
N LYS J 58 -29.57 -28.30 -21.99
CA LYS J 58 -30.23 -27.66 -23.17
C LYS J 58 -30.60 -26.20 -22.96
N MET J 59 -30.91 -25.86 -21.71
CA MET J 59 -31.29 -24.49 -21.35
C MET J 59 -30.05 -23.65 -21.00
N ASN J 60 -28.86 -24.23 -21.14
CA ASN J 60 -27.57 -23.59 -20.90
C ASN J 60 -27.36 -22.34 -21.76
N THR J 61 -27.43 -22.48 -23.09
CA THR J 61 -27.38 -21.32 -23.98
C THR J 61 -28.78 -20.76 -24.08
N GLN J 62 -28.94 -19.51 -23.66
CA GLN J 62 -30.25 -18.87 -23.60
C GLN J 62 -30.08 -17.36 -23.48
N PHE J 63 -31.11 -16.60 -23.90
CA PHE J 63 -31.07 -15.14 -23.96
C PHE J 63 -30.70 -14.47 -22.64
N GLU J 64 -29.70 -13.59 -22.70
CA GLU J 64 -29.28 -12.77 -21.58
C GLU J 64 -29.53 -11.30 -21.93
N ALA J 65 -30.33 -10.65 -21.08
CA ALA J 65 -30.70 -9.25 -21.29
C ALA J 65 -29.58 -8.34 -20.83
N VAL J 66 -29.41 -7.22 -21.53
CA VAL J 66 -28.45 -6.21 -21.16
C VAL J 66 -29.19 -4.88 -20.97
N GLY J 67 -28.67 -4.03 -20.07
CA GLY J 67 -29.23 -2.69 -19.86
C GLY J 67 -28.84 -1.74 -20.98
N ARG J 68 -29.83 -1.09 -21.60
CA ARG J 68 -29.59 -0.04 -22.59
C ARG J 68 -30.54 1.08 -22.30
N GLU J 69 -30.04 2.31 -22.37
CA GLU J 69 -30.84 3.48 -22.04
C GLU J 69 -30.98 4.41 -23.23
N PHE J 70 -32.07 5.17 -23.23
CA PHE J 70 -32.47 5.99 -24.37
C PHE J 70 -33.05 7.32 -23.89
N ASN J 71 -32.80 8.40 -24.63
CA ASN J 71 -33.31 9.72 -24.24
C ASN J 71 -34.80 9.91 -24.56
N ASN J 72 -35.33 11.10 -24.29
CA ASN J 72 -36.75 11.39 -24.46
C ASN J 72 -37.24 11.38 -25.90
N LEU J 73 -36.36 11.66 -26.86
CA LEU J 73 -36.68 11.59 -28.28
C LEU J 73 -36.10 10.33 -28.96
N GLU J 74 -36.00 9.22 -28.22
CA GLU J 74 -35.65 7.91 -28.77
C GLU J 74 -36.65 6.85 -28.28
N ARG J 75 -37.93 7.22 -28.26
CA ARG J 75 -38.97 6.35 -27.73
C ARG J 75 -39.22 5.12 -28.59
N ARG J 76 -39.10 5.28 -29.91
CA ARG J 76 -39.32 4.16 -30.83
C ARG J 76 -38.36 3.02 -30.58
N ILE J 77 -37.06 3.30 -30.60
CA ILE J 77 -36.06 2.25 -30.37
C ILE J 77 -36.05 1.75 -28.94
N GLU J 78 -36.42 2.60 -27.98
CA GLU J 78 -36.58 2.15 -26.59
C GLU J 78 -37.66 1.08 -26.54
N ASN J 79 -38.78 1.34 -27.21
CA ASN J 79 -39.88 0.39 -27.27
C ASN J 79 -39.45 -0.88 -27.98
N LEU J 80 -38.68 -0.72 -29.05
CA LEU J 80 -38.17 -1.83 -29.81
C LEU J 80 -37.34 -2.71 -28.89
N ASN J 81 -36.41 -2.08 -28.18
CA ASN J 81 -35.55 -2.77 -27.24
C ASN J 81 -36.33 -3.58 -26.19
N LYS J 82 -37.36 -2.94 -25.64
CA LYS J 82 -38.18 -3.56 -24.61
C LYS J 82 -38.95 -4.74 -25.15
N LYS J 83 -39.60 -4.55 -26.29
CA LYS J 83 -40.35 -5.62 -26.97
C LYS J 83 -39.43 -6.81 -27.33
N MET J 84 -38.20 -6.50 -27.74
CA MET J 84 -37.22 -7.51 -28.09
C MET J 84 -36.86 -8.35 -26.87
N GLU J 85 -36.55 -7.69 -25.76
CA GLU J 85 -36.11 -8.41 -24.57
C GLU J 85 -37.22 -9.21 -23.93
N ASP J 86 -38.41 -8.61 -23.79
CA ASP J 86 -39.61 -9.34 -23.31
C ASP J 86 -39.97 -10.52 -24.20
N GLY J 87 -39.85 -10.33 -25.51
CA GLY J 87 -40.17 -11.37 -26.48
C GLY J 87 -39.38 -12.64 -26.28
N PHE J 88 -38.08 -12.49 -26.09
CA PHE J 88 -37.20 -13.63 -25.83
C PHE J 88 -37.46 -14.30 -24.47
N LEU J 89 -37.75 -13.49 -23.46
CA LEU J 89 -38.07 -14.03 -22.14
C LEU J 89 -39.32 -14.89 -22.18
N ASP J 90 -40.34 -14.42 -22.88
CA ASP J 90 -41.57 -15.20 -23.03
C ASP J 90 -41.33 -16.50 -23.79
N VAL J 91 -40.50 -16.45 -24.83
CA VAL J 91 -40.12 -17.64 -25.60
C VAL J 91 -39.42 -18.68 -24.75
N TRP J 92 -38.44 -18.23 -23.96
CA TRP J 92 -37.69 -19.15 -23.12
C TRP J 92 -38.47 -19.61 -21.90
N THR J 93 -39.40 -18.78 -21.42
CA THR J 93 -40.30 -19.19 -20.36
C THR J 93 -41.23 -20.29 -20.86
N TYR J 94 -41.75 -20.14 -22.07
CA TYR J 94 -42.59 -21.15 -22.71
C TYR J 94 -41.81 -22.43 -22.89
N ASN J 95 -40.63 -22.36 -23.49
CA ASN J 95 -39.80 -23.55 -23.69
C ASN J 95 -39.55 -24.31 -22.41
N ALA J 96 -39.17 -23.61 -21.36
CA ALA J 96 -38.88 -24.23 -20.07
C ALA J 96 -40.11 -24.89 -19.47
N GLU J 97 -41.21 -24.16 -19.40
CA GLU J 97 -42.41 -24.71 -18.77
C GLU J 97 -42.99 -25.90 -19.54
N LEU J 98 -42.96 -25.81 -20.87
CA LEU J 98 -43.49 -26.87 -21.72
C LEU J 98 -42.62 -28.10 -21.67
N LEU J 99 -41.30 -27.92 -21.62
CA LEU J 99 -40.38 -29.05 -21.54
C LEU J 99 -40.60 -29.82 -20.26
N VAL J 100 -40.78 -29.08 -19.17
CA VAL J 100 -41.01 -29.70 -17.88
C VAL J 100 -42.33 -30.49 -17.88
N LEU J 101 -43.39 -29.91 -18.42
CA LEU J 101 -44.66 -30.61 -18.49
C LEU J 101 -44.57 -31.85 -19.34
N MET J 102 -44.02 -31.72 -20.54
CA MET J 102 -43.92 -32.86 -21.46
C MET J 102 -43.07 -33.99 -20.90
N GLU J 103 -41.94 -33.64 -20.29
CA GLU J 103 -41.03 -34.67 -19.80
C GLU J 103 -41.49 -35.28 -18.47
N ASN J 104 -42.21 -34.50 -17.65
CA ASN J 104 -42.89 -35.07 -16.48
C ASN J 104 -43.87 -36.16 -16.88
N GLU J 105 -44.68 -35.92 -17.90
CA GLU J 105 -45.60 -36.94 -18.37
C GLU J 105 -44.83 -38.18 -18.79
N ARG J 106 -43.73 -37.97 -19.51
CA ARG J 106 -42.94 -39.12 -20.00
C ARG J 106 -42.22 -39.85 -18.87
N THR J 107 -41.83 -39.13 -17.82
CA THR J 107 -41.19 -39.76 -16.66
C THR J 107 -42.16 -40.67 -15.89
N LEU J 108 -43.38 -40.21 -15.68
CA LEU J 108 -44.39 -41.05 -15.00
C LEU J 108 -44.75 -42.29 -15.82
N ASP J 109 -44.96 -42.12 -17.11
CA ASP J 109 -45.18 -43.24 -18.01
C ASP J 109 -43.98 -44.23 -18.07
N PHE J 110 -42.77 -43.70 -17.99
CA PHE J 110 -41.53 -44.52 -18.00
C PHE J 110 -41.49 -45.52 -16.84
N HIS J 111 -41.79 -45.04 -15.63
CA HIS J 111 -41.94 -45.88 -14.46
C HIS J 111 -43.00 -46.95 -14.64
N ASP J 112 -44.14 -46.54 -15.17
CA ASP J 112 -45.25 -47.46 -15.48
C ASP J 112 -44.78 -48.57 -16.41
N SER J 113 -44.08 -48.18 -17.46
CA SER J 113 -43.45 -49.12 -18.38
C SER J 113 -42.49 -50.09 -17.72
N ASN J 114 -41.62 -49.57 -16.86
CA ASN J 114 -40.65 -50.43 -16.18
C ASN J 114 -41.32 -51.48 -15.29
N VAL J 115 -42.45 -51.12 -14.66
CA VAL J 115 -43.23 -52.06 -13.85
C VAL J 115 -43.90 -53.13 -14.72
N LYS J 116 -44.54 -52.70 -15.80
CA LYS J 116 -45.19 -53.60 -16.73
C LYS J 116 -44.21 -54.61 -17.29
N ASN J 117 -43.02 -54.14 -17.67
CA ASN J 117 -42.00 -55.04 -18.22
C ASN J 117 -41.46 -56.02 -17.20
N LEU J 118 -41.35 -55.58 -15.95
CA LEU J 118 -40.92 -56.46 -14.88
C LEU J 118 -41.95 -57.55 -14.63
N TYR J 119 -43.21 -57.17 -14.63
CA TYR J 119 -44.29 -58.14 -14.49
C TYR J 119 -44.28 -59.16 -15.62
N ASP J 120 -44.14 -58.69 -16.85
CA ASP J 120 -44.11 -59.59 -18.00
C ASP J 120 -42.89 -60.51 -17.95
N LYS J 121 -41.72 -59.98 -17.57
CA LYS J 121 -40.49 -60.76 -17.40
C LYS J 121 -40.72 -61.99 -16.57
N VAL J 122 -41.42 -61.80 -15.46
CA VAL J 122 -41.74 -62.90 -14.55
C VAL J 122 -42.80 -63.83 -15.13
N ARG J 123 -43.85 -63.25 -15.70
CA ARG J 123 -44.89 -64.03 -16.37
C ARG J 123 -44.29 -64.97 -17.42
N LEU J 124 -43.39 -64.43 -18.25
CA LEU J 124 -42.76 -65.19 -19.34
C LEU J 124 -41.82 -66.31 -18.88
N GLN J 125 -41.34 -66.24 -17.64
CA GLN J 125 -40.57 -67.34 -17.04
C GLN J 125 -41.50 -68.43 -16.52
N LEU J 126 -42.47 -68.02 -15.70
CA LEU J 126 -43.36 -68.97 -15.03
C LEU J 126 -44.28 -69.68 -16.00
N ARG J 127 -44.79 -68.98 -17.00
CA ARG J 127 -45.68 -69.57 -18.00
C ARG J 127 -46.88 -70.26 -17.33
N ASP J 128 -47.02 -71.57 -17.46
CA ASP J 128 -48.20 -72.25 -16.92
C ASP J 128 -47.91 -73.03 -15.64
N ASN J 129 -46.76 -72.75 -15.01
CA ASN J 129 -46.44 -73.28 -13.69
C ASN J 129 -47.02 -72.45 -12.54
N ALA J 130 -47.81 -71.42 -12.85
CA ALA J 130 -48.44 -70.60 -11.83
C ALA J 130 -49.75 -69.98 -12.33
N LYS J 131 -50.64 -69.63 -11.40
CA LYS J 131 -51.88 -68.93 -11.74
C LYS J 131 -51.66 -67.43 -11.74
N GLU J 132 -51.93 -66.79 -12.87
CA GLU J 132 -51.91 -65.36 -12.97
C GLU J 132 -53.19 -64.83 -12.33
N LEU J 133 -53.07 -64.25 -11.14
CA LEU J 133 -54.24 -63.84 -10.37
C LEU J 133 -54.92 -62.56 -10.88
N GLY J 134 -54.17 -61.72 -11.59
CA GLY J 134 -54.70 -60.52 -12.20
C GLY J 134 -54.49 -59.23 -11.41
N ASN J 135 -53.66 -59.28 -10.38
CA ASN J 135 -53.45 -58.14 -9.49
C ASN J 135 -51.97 -57.85 -9.25
N GLY J 136 -51.13 -58.38 -10.12
CA GLY J 136 -49.69 -58.31 -9.93
C GLY J 136 -49.09 -59.58 -9.37
N CYS J 137 -49.94 -60.55 -8.98
CA CYS J 137 -49.45 -61.74 -8.27
C CYS J 137 -49.55 -63.01 -9.08
N PHE J 138 -48.63 -63.93 -8.78
CA PHE J 138 -48.61 -65.25 -9.38
C PHE J 138 -48.63 -66.29 -8.28
N GLU J 139 -49.64 -67.16 -8.28
CA GLU J 139 -49.76 -68.24 -7.29
C GLU J 139 -49.21 -69.53 -7.88
N PHE J 140 -48.20 -70.09 -7.25
CA PHE J 140 -47.52 -71.29 -7.77
C PHE J 140 -48.34 -72.55 -7.59
N TYR J 141 -48.21 -73.50 -8.52
CA TYR J 141 -48.81 -74.83 -8.37
C TYR J 141 -47.96 -75.72 -7.48
N HIS J 142 -46.64 -75.58 -7.61
CA HIS J 142 -45.68 -76.31 -6.76
C HIS J 142 -45.29 -75.43 -5.57
N LYS J 143 -44.67 -76.04 -4.55
CA LYS J 143 -44.04 -75.27 -3.48
C LYS J 143 -42.85 -74.54 -4.07
N CYS J 144 -42.70 -73.28 -3.68
CA CYS J 144 -41.59 -72.45 -4.14
C CYS J 144 -40.89 -71.87 -2.90
N ASP J 145 -39.82 -72.55 -2.48
CA ASP J 145 -39.02 -72.11 -1.33
C ASP J 145 -38.18 -70.88 -1.68
N ASN J 146 -37.38 -70.38 -0.74
CA ASN J 146 -36.65 -69.13 -0.94
C ASN J 146 -35.65 -69.16 -2.10
N GLU J 147 -35.02 -70.31 -2.33
CA GLU J 147 -34.13 -70.48 -3.49
C GLU J 147 -34.94 -70.48 -4.78
N CYS J 148 -36.11 -71.11 -4.75
CA CYS J 148 -37.05 -71.07 -5.88
C CYS J 148 -37.45 -69.62 -6.16
N MET J 149 -37.87 -68.88 -5.15
CA MET J 149 -38.19 -67.46 -5.29
C MET J 149 -37.03 -66.66 -5.87
N GLU J 150 -35.83 -66.89 -5.35
CA GLU J 150 -34.65 -66.17 -5.83
C GLU J 150 -34.39 -66.41 -7.31
N SER J 151 -34.61 -67.64 -7.79
CA SER J 151 -34.43 -67.98 -9.19
C SER J 151 -35.42 -67.23 -10.11
N VAL J 152 -36.58 -66.86 -9.56
CA VAL J 152 -37.55 -66.04 -10.29
C VAL J 152 -36.98 -64.63 -10.42
N ARG J 153 -36.49 -64.07 -9.32
CA ARG J 153 -35.84 -62.76 -9.34
C ARG J 153 -34.56 -62.74 -10.20
N ASN J 154 -33.87 -63.89 -10.22
CA ASN J 154 -32.67 -64.10 -11.04
C ASN J 154 -32.87 -63.91 -12.53
N GLY J 155 -33.95 -64.49 -13.04
CA GLY J 155 -34.08 -64.81 -14.45
C GLY J 155 -33.77 -66.28 -14.71
N THR J 156 -33.53 -67.05 -13.65
CA THR J 156 -33.01 -68.43 -13.72
C THR J 156 -34.09 -69.49 -13.43
N TYR J 157 -35.35 -69.09 -13.31
CA TYR J 157 -36.39 -70.02 -12.91
C TYR J 157 -36.46 -71.21 -13.87
N ASP J 158 -36.05 -72.38 -13.41
CA ASP J 158 -35.97 -73.58 -14.26
C ASP J 158 -37.37 -74.19 -14.49
N TYR J 159 -37.98 -73.81 -15.61
CA TYR J 159 -39.37 -74.22 -15.92
C TYR J 159 -39.58 -75.73 -16.05
N PRO J 160 -38.72 -76.43 -16.83
CA PRO J 160 -38.82 -77.89 -16.93
C PRO J 160 -38.74 -78.65 -15.60
N GLN J 161 -38.04 -78.08 -14.63
CA GLN J 161 -37.92 -78.69 -13.29
C GLN J 161 -39.27 -78.83 -12.60
N TYR J 162 -40.20 -77.91 -12.90
CA TYR J 162 -41.57 -77.99 -12.40
C TYR J 162 -42.52 -78.01 -13.60
N ASP K 1 -40.58 -78.43 -33.44
CA ASP K 1 -40.78 -77.40 -34.50
C ASP K 1 -41.24 -76.09 -33.87
N GLN K 2 -40.62 -74.98 -34.27
CA GLN K 2 -40.92 -73.68 -33.64
C GLN K 2 -40.82 -72.50 -34.59
N ILE K 3 -41.49 -71.40 -34.22
CA ILE K 3 -41.42 -70.15 -34.96
C ILE K 3 -41.15 -69.05 -33.97
N CYS K 4 -40.27 -68.13 -34.37
CA CYS K 4 -39.76 -67.08 -33.50
C CYS K 4 -39.93 -65.74 -34.16
N ILE K 5 -40.13 -64.72 -33.34
CA ILE K 5 -40.30 -63.37 -33.80
C ILE K 5 -39.06 -62.61 -33.36
N GLY K 6 -38.56 -61.73 -34.22
CA GLY K 6 -37.34 -60.99 -33.91
C GLY K 6 -37.15 -59.79 -34.81
N TYR K 7 -35.97 -59.19 -34.72
CA TYR K 7 -35.71 -57.94 -35.39
C TYR K 7 -34.29 -57.86 -35.93
N HIS K 8 -34.05 -56.85 -36.74
CA HIS K 8 -32.80 -56.67 -37.46
C HIS K 8 -31.63 -56.24 -36.59
N ALA K 9 -30.46 -56.77 -36.90
CA ALA K 9 -29.20 -56.27 -36.37
C ALA K 9 -28.20 -56.25 -37.51
N ASN K 10 -27.12 -55.49 -37.35
CA ASN K 10 -26.06 -55.44 -38.37
C ASN K 10 -24.73 -54.98 -37.75
N ASN K 11 -23.73 -54.68 -38.57
CA ASN K 11 -22.40 -54.30 -38.07
C ASN K 11 -22.22 -52.79 -37.84
N SER K 12 -23.32 -52.04 -37.81
CA SER K 12 -23.28 -50.58 -37.70
C SER K 12 -22.75 -50.10 -36.35
N THR K 13 -21.96 -49.03 -36.40
CA THR K 13 -21.45 -48.32 -35.22
C THR K 13 -21.98 -46.87 -35.13
N GLU K 14 -22.86 -46.46 -36.03
CA GLU K 14 -23.53 -45.17 -35.93
C GLU K 14 -24.22 -45.04 -34.57
N GLN K 15 -24.10 -43.87 -33.97
CA GLN K 15 -24.73 -43.61 -32.67
C GLN K 15 -25.61 -42.39 -32.73
N VAL K 16 -26.65 -42.39 -31.90
CA VAL K 16 -27.53 -41.24 -31.79
C VAL K 16 -27.75 -40.93 -30.32
N ASP K 17 -28.17 -39.71 -30.02
CA ASP K 17 -28.55 -39.34 -28.67
C ASP K 17 -30.07 -39.29 -28.50
N THR K 18 -30.54 -39.56 -27.28
CA THR K 18 -31.94 -39.35 -26.86
C THR K 18 -31.96 -38.56 -25.59
N ILE K 19 -33.16 -38.21 -25.09
CA ILE K 19 -33.28 -37.47 -23.85
C ILE K 19 -32.68 -38.26 -22.69
N MET K 20 -33.01 -39.54 -22.63
CA MET K 20 -32.65 -40.40 -21.50
C MET K 20 -31.33 -41.14 -21.65
N GLU K 21 -30.78 -41.19 -22.86
CA GLU K 21 -29.59 -41.99 -23.11
C GLU K 21 -28.79 -41.41 -24.26
N LYS K 22 -27.49 -41.35 -24.08
CA LYS K 22 -26.60 -40.78 -25.07
C LYS K 22 -25.73 -41.89 -25.66
N ASN K 23 -25.29 -41.73 -26.90
CA ASN K 23 -24.46 -42.73 -27.58
C ASN K 23 -25.12 -44.12 -27.67
N VAL K 24 -26.35 -44.14 -28.19
CA VAL K 24 -27.05 -45.38 -28.47
C VAL K 24 -26.64 -45.86 -29.85
N THR K 25 -26.10 -47.07 -29.96
CA THR K 25 -25.74 -47.62 -31.26
C THR K 25 -27.00 -48.08 -31.97
N VAL K 26 -27.18 -47.63 -33.20
CA VAL K 26 -28.35 -48.00 -34.00
C VAL K 26 -27.94 -48.62 -35.32
N THR K 27 -28.87 -49.36 -35.92
CA THR K 27 -28.61 -50.10 -37.16
C THR K 27 -28.48 -49.15 -38.34
N HIS K 28 -29.24 -48.06 -38.29
CA HIS K 28 -29.17 -47.03 -39.31
C HIS K 28 -29.44 -45.64 -38.74
N ALA K 29 -28.78 -44.64 -39.31
CA ALA K 29 -28.97 -43.25 -38.91
C ALA K 29 -28.81 -42.33 -40.10
N GLN K 30 -29.30 -41.09 -39.93
CA GLN K 30 -29.26 -40.11 -41.00
C GLN K 30 -28.76 -38.81 -40.43
N ASP K 31 -27.59 -38.41 -40.92
CA ASP K 31 -26.97 -37.15 -40.56
C ASP K 31 -27.72 -36.05 -41.30
N ILE K 32 -28.08 -34.97 -40.60
CA ILE K 32 -28.81 -33.86 -41.20
C ILE K 32 -28.10 -32.51 -41.14
N LEU K 33 -26.83 -32.53 -40.72
CA LEU K 33 -26.01 -31.32 -40.59
C LEU K 33 -24.83 -31.34 -41.54
N GLU K 34 -24.75 -30.35 -42.42
CA GLU K 34 -23.59 -30.18 -43.28
C GLU K 34 -22.46 -29.50 -42.52
N LYS K 35 -21.31 -30.16 -42.47
CA LYS K 35 -20.15 -29.69 -41.71
C LYS K 35 -19.02 -29.15 -42.58
N THR K 36 -19.03 -29.45 -43.88
CA THR K 36 -17.90 -29.14 -44.77
C THR K 36 -18.26 -28.06 -45.79
N HIS K 37 -17.22 -27.38 -46.27
CA HIS K 37 -17.30 -26.38 -47.33
C HIS K 37 -16.04 -26.47 -48.21
N ASN K 38 -16.04 -25.82 -49.36
CA ASN K 38 -14.92 -25.94 -50.30
C ASN K 38 -13.82 -24.87 -50.11
N GLY K 39 -14.11 -23.85 -49.30
CA GLY K 39 -13.11 -22.88 -48.84
C GLY K 39 -12.82 -21.79 -49.85
N LYS K 40 -13.76 -21.56 -50.77
CA LYS K 40 -13.56 -20.68 -51.92
C LYS K 40 -14.73 -19.74 -52.14
N LEU K 41 -14.46 -18.61 -52.79
CA LEU K 41 -15.50 -17.71 -53.25
C LEU K 41 -15.84 -18.07 -54.68
N CYS K 42 -17.12 -18.26 -54.96
CA CYS K 42 -17.56 -18.84 -56.22
C CYS K 42 -18.64 -18.02 -56.88
N ASP K 43 -18.84 -18.29 -58.17
CA ASP K 43 -20.00 -17.81 -58.90
C ASP K 43 -21.25 -18.38 -58.20
N LEU K 44 -22.26 -17.53 -58.04
CA LEU K 44 -23.53 -17.92 -57.48
C LEU K 44 -24.47 -18.14 -58.64
N ASP K 45 -24.87 -19.39 -58.84
CA ASP K 45 -25.72 -19.76 -59.93
C ASP K 45 -25.22 -19.20 -61.26
N GLY K 46 -23.91 -19.33 -61.49
CA GLY K 46 -23.23 -18.90 -62.71
C GLY K 46 -22.66 -17.49 -62.66
N VAL K 47 -23.94 -16.77 -61.87
CA VAL K 47 -23.60 -15.34 -61.93
C VAL K 47 -22.42 -14.95 -61.02
N LYS K 48 -21.29 -14.52 -61.63
CA LYS K 48 -20.06 -14.13 -60.86
C LYS K 48 -20.26 -12.98 -59.86
N PRO K 49 -19.60 -13.06 -58.67
CA PRO K 49 -19.65 -11.91 -57.74
C PRO K 49 -18.71 -10.77 -58.13
N LEU K 50 -18.95 -9.61 -57.52
CA LEU K 50 -18.03 -8.49 -57.59
C LEU K 50 -17.03 -8.62 -56.45
N ILE K 51 -15.78 -8.95 -56.76
CA ILE K 51 -14.74 -9.08 -55.75
C ILE K 51 -13.86 -7.82 -55.74
N LEU K 52 -14.09 -6.96 -54.77
CA LEU K 52 -13.42 -5.66 -54.71
C LEU K 52 -11.95 -5.74 -54.38
N ARG K 53 -11.52 -6.90 -53.89
CA ARG K 53 -10.11 -7.17 -53.63
C ARG K 53 -9.59 -6.16 -52.59
N ASP K 54 -8.61 -5.31 -52.93
CA ASP K 54 -8.03 -4.37 -51.98
C ASP K 54 -8.80 -3.05 -51.92
N CYS K 55 -9.86 -2.90 -52.73
CA CYS K 55 -10.67 -1.70 -52.74
C CYS K 55 -11.88 -1.84 -51.82
N SER K 56 -12.34 -0.71 -51.29
CA SER K 56 -13.56 -0.63 -50.52
C SER K 56 -14.70 -0.20 -51.42
N VAL K 57 -15.90 -0.18 -50.86
CA VAL K 57 -17.07 0.29 -51.59
C VAL K 57 -16.91 1.77 -51.97
N ALA K 58 -16.30 2.54 -51.07
CA ALA K 58 -16.05 3.96 -51.31
C ALA K 58 -15.01 4.15 -52.42
N GLY K 59 -13.86 3.50 -52.27
CA GLY K 59 -12.80 3.52 -53.30
C GLY K 59 -13.35 3.15 -54.66
N TRP K 60 -14.17 2.11 -54.71
CA TRP K 60 -14.83 1.71 -55.94
C TRP K 60 -15.74 2.82 -56.51
N LEU K 61 -16.73 3.24 -55.73
CA LEU K 61 -17.78 4.13 -56.22
C LEU K 61 -17.28 5.55 -56.55
N LEU K 62 -16.47 6.11 -55.66
CA LEU K 62 -15.85 7.42 -55.91
C LEU K 62 -14.82 7.38 -57.05
N GLY K 63 -14.26 6.21 -57.32
CA GLY K 63 -13.30 6.03 -58.43
C GLY K 63 -11.88 6.32 -58.01
N ASN K 64 -11.46 5.71 -56.89
CA ASN K 64 -10.07 5.77 -56.44
C ASN K 64 -9.17 5.28 -57.59
N PRO K 65 -8.14 6.08 -57.98
CA PRO K 65 -7.24 5.72 -59.09
C PRO K 65 -6.67 4.29 -59.04
N MET K 66 -6.44 3.77 -57.83
CA MET K 66 -5.97 2.40 -57.63
C MET K 66 -7.06 1.34 -57.88
N CYS K 67 -8.30 1.77 -58.17
CA CYS K 67 -9.45 0.87 -58.31
C CYS K 67 -10.03 0.90 -59.73
N ASP K 68 -9.14 1.05 -60.71
CA ASP K 68 -9.54 1.10 -62.12
C ASP K 68 -10.06 -0.24 -62.64
N GLU K 69 -9.63 -1.34 -62.00
CA GLU K 69 -10.17 -2.67 -62.28
C GLU K 69 -11.70 -2.63 -62.29
N PHE K 70 -12.28 -1.80 -61.43
CA PHE K 70 -13.75 -1.69 -61.28
C PHE K 70 -14.32 -0.42 -61.92
N ILE K 71 -13.70 0.01 -63.02
CA ILE K 71 -14.18 1.18 -63.77
C ILE K 71 -15.58 0.96 -64.35
N ASN K 72 -15.84 -0.24 -64.88
CA ASN K 72 -17.18 -0.61 -65.35
C ASN K 72 -17.47 -2.09 -65.16
N VAL K 73 -17.96 -2.40 -63.98
CA VAL K 73 -18.21 -3.77 -63.59
C VAL K 73 -19.55 -4.28 -64.14
N PRO K 74 -19.58 -5.55 -64.60
CA PRO K 74 -20.83 -6.14 -65.05
C PRO K 74 -21.73 -6.52 -63.88
N GLU K 75 -22.92 -7.02 -64.20
CA GLU K 75 -23.87 -7.50 -63.19
C GLU K 75 -23.20 -8.48 -62.21
N TRP K 76 -23.53 -8.37 -60.92
CA TRP K 76 -22.99 -9.29 -59.92
C TRP K 76 -24.09 -10.01 -59.16
N SER K 77 -23.72 -11.13 -58.52
CA SER K 77 -24.63 -11.89 -57.66
C SER K 77 -24.53 -11.39 -56.23
N TYR K 78 -23.30 -11.27 -55.75
CA TYR K 78 -23.03 -10.69 -54.43
C TYR K 78 -21.71 -9.92 -54.50
N ILE K 79 -21.40 -9.19 -53.44
CA ILE K 79 -20.20 -8.35 -53.39
C ILE K 79 -19.27 -8.84 -52.29
N VAL K 80 -17.95 -8.83 -52.55
CA VAL K 80 -16.97 -9.27 -51.56
C VAL K 80 -15.98 -8.16 -51.26
N GLU K 81 -15.85 -7.85 -49.98
CA GLU K 81 -14.99 -6.77 -49.51
C GLU K 81 -14.17 -7.31 -48.35
N LYS K 82 -12.88 -7.00 -48.34
CA LYS K 82 -12.04 -7.35 -47.22
C LYS K 82 -12.43 -6.57 -45.93
N ALA K 83 -11.87 -7.02 -44.81
CA ALA K 83 -12.14 -6.41 -43.52
C ALA K 83 -11.55 -4.98 -43.41
N ASN K 84 -10.32 -4.82 -43.89
CA ASN K 84 -9.62 -3.54 -43.89
C ASN K 84 -9.00 -3.26 -45.26
N PRO K 85 -9.84 -2.94 -46.27
CA PRO K 85 -9.27 -2.69 -47.59
C PRO K 85 -8.35 -1.49 -47.57
N VAL K 86 -7.17 -1.64 -48.18
CA VAL K 86 -6.15 -0.58 -48.12
C VAL K 86 -6.49 0.61 -49.04
N ASN K 87 -7.11 0.32 -50.18
CA ASN K 87 -7.51 1.37 -51.13
C ASN K 87 -8.92 1.85 -50.82
N ASP K 88 -9.02 2.69 -49.80
CA ASP K 88 -10.29 3.29 -49.38
C ASP K 88 -10.28 4.74 -49.89
N LEU K 89 -10.41 5.73 -49.00
CA LEU K 89 -10.34 7.13 -49.38
C LEU K 89 -8.87 7.52 -49.44
N CYS K 90 -8.33 7.65 -50.67
CA CYS K 90 -6.91 7.97 -50.87
C CYS K 90 -6.57 9.33 -50.27
N TYR K 91 -7.39 10.34 -50.60
CA TYR K 91 -7.39 11.62 -49.89
C TYR K 91 -8.25 11.46 -48.64
N PRO K 92 -7.69 11.72 -47.43
CA PRO K 92 -8.43 11.42 -46.20
C PRO K 92 -9.70 12.25 -46.04
N GLY K 93 -10.66 11.71 -45.31
CA GLY K 93 -11.90 12.41 -45.03
C GLY K 93 -12.99 11.51 -44.48
N ASP K 94 -14.23 11.82 -44.86
CA ASP K 94 -15.39 11.03 -44.43
C ASP K 94 -16.27 10.74 -45.62
N PHE K 95 -17.09 9.69 -45.48
CA PHE K 95 -18.14 9.40 -46.41
C PHE K 95 -19.43 9.49 -45.61
N ASN K 96 -20.25 10.49 -45.92
CA ASN K 96 -21.48 10.73 -45.19
C ASN K 96 -22.54 9.65 -45.44
N ASP K 97 -23.16 9.17 -44.34
CA ASP K 97 -24.15 8.07 -44.38
C ASP K 97 -23.67 6.87 -45.21
N TYR K 98 -22.41 6.49 -44.99
CA TYR K 98 -21.75 5.42 -45.73
C TYR K 98 -22.49 4.11 -45.55
N GLU K 99 -22.87 3.82 -44.32
CA GLU K 99 -23.52 2.57 -43.96
C GLU K 99 -24.91 2.45 -44.59
N GLU K 100 -25.66 3.54 -44.57
CA GLU K 100 -27.00 3.58 -45.18
C GLU K 100 -26.94 3.32 -46.69
N LEU K 101 -25.83 3.73 -47.30
CA LEU K 101 -25.61 3.51 -48.74
C LEU K 101 -25.24 2.05 -49.00
N LYS K 102 -24.31 1.52 -48.22
CA LYS K 102 -23.94 0.11 -48.33
C LYS K 102 -25.16 -0.80 -48.16
N HIS K 103 -26.08 -0.41 -47.28
CA HIS K 103 -27.33 -1.15 -47.11
C HIS K 103 -28.17 -1.10 -48.39
N LEU K 104 -28.19 0.08 -49.01
CA LEU K 104 -28.90 0.28 -50.28
C LEU K 104 -28.37 -0.67 -51.38
N LEU K 105 -27.06 -0.90 -51.36
CA LEU K 105 -26.37 -1.81 -52.30
C LEU K 105 -26.75 -3.28 -52.23
N SER K 106 -27.25 -3.70 -51.08
CA SER K 106 -27.60 -5.10 -50.85
CA SER K 106 -27.62 -5.09 -50.85
C SER K 106 -28.91 -5.41 -51.60
N ARG K 107 -29.59 -4.35 -52.10
CA ARG K 107 -30.78 -4.50 -52.95
C ARG K 107 -30.45 -4.16 -54.42
N ILE K 108 -29.16 -4.21 -54.79
CA ILE K 108 -28.71 -3.83 -56.15
C ILE K 108 -27.74 -4.88 -56.72
N ASN K 109 -28.00 -5.31 -57.97
CA ASN K 109 -27.13 -6.25 -58.69
C ASN K 109 -26.32 -5.63 -59.84
N HIS K 110 -26.72 -4.46 -60.33
CA HIS K 110 -26.04 -3.86 -61.49
C HIS K 110 -26.15 -2.33 -61.55
N PHE K 111 -24.99 -1.68 -61.76
CA PHE K 111 -24.91 -0.23 -61.96
C PHE K 111 -24.54 0.00 -63.42
N GLU K 112 -25.10 1.06 -63.99
CA GLU K 112 -24.68 1.58 -65.30
C GLU K 112 -24.17 2.99 -65.09
N LYS K 113 -22.85 3.17 -65.21
CA LYS K 113 -22.24 4.49 -65.04
C LYS K 113 -22.53 5.37 -66.26
N ILE K 114 -22.99 6.59 -66.00
CA ILE K 114 -23.16 7.58 -67.06
C ILE K 114 -22.66 8.95 -66.64
N GLN K 115 -22.31 9.76 -67.64
CA GLN K 115 -21.82 11.10 -67.42
C GLN K 115 -23.02 12.05 -67.35
N ILE K 116 -23.10 12.81 -66.27
CA ILE K 116 -24.17 13.81 -66.08
C ILE K 116 -23.67 15.25 -66.20
N ILE K 117 -22.44 15.52 -65.77
CA ILE K 117 -21.82 16.84 -65.94
C ILE K 117 -20.42 16.67 -66.53
N PRO K 118 -20.26 16.92 -67.84
CA PRO K 118 -18.97 16.76 -68.51
C PRO K 118 -17.84 17.59 -67.88
N LYS K 119 -16.63 17.05 -67.94
CA LYS K 119 -15.45 17.72 -67.40
C LYS K 119 -15.09 18.96 -68.24
N SER K 120 -15.31 18.86 -69.55
CA SER K 120 -15.04 19.94 -70.49
C SER K 120 -15.97 21.15 -70.32
N SER K 121 -17.17 20.92 -69.79
CA SER K 121 -18.16 21.98 -69.68
C SER K 121 -17.93 23.03 -68.57
N TRP K 122 -16.85 22.89 -67.79
CA TRP K 122 -16.50 23.88 -66.76
C TRP K 122 -15.62 24.98 -67.35
N SER K 123 -16.22 25.85 -68.15
CA SER K 123 -15.49 26.88 -68.88
C SER K 123 -15.08 28.10 -68.04
N SER K 124 -15.63 28.24 -66.82
CA SER K 124 -15.29 29.35 -65.93
C SER K 124 -14.42 28.95 -64.74
N HIS K 125 -14.12 27.66 -64.62
CA HIS K 125 -13.34 27.15 -63.50
C HIS K 125 -12.30 26.17 -64.01
N GLU K 126 -11.25 25.97 -63.22
CA GLU K 126 -10.17 25.06 -63.59
C GLU K 126 -10.46 23.64 -63.08
N ALA K 127 -10.77 22.74 -64.02
CA ALA K 127 -11.25 21.41 -63.71
C ALA K 127 -10.18 20.32 -63.84
N SER K 128 -9.02 20.66 -64.38
CA SER K 128 -7.99 19.67 -64.69
C SER K 128 -6.76 19.75 -63.78
N LEU K 129 -6.84 20.57 -62.74
CA LEU K 129 -5.75 20.68 -61.76
C LEU K 129 -6.19 20.24 -60.37
N GLY K 130 -7.27 19.47 -60.31
CA GLY K 130 -7.82 18.99 -59.05
C GLY K 130 -7.26 17.63 -58.63
N VAL K 131 -5.96 17.61 -58.34
CA VAL K 131 -5.21 16.38 -58.05
C VAL K 131 -4.44 16.47 -56.73
N SER K 132 -3.87 15.33 -56.31
CA SER K 132 -3.09 15.26 -55.07
C SER K 132 -2.12 14.08 -55.06
N SER K 133 -1.02 14.24 -54.33
CA SER K 133 -0.05 13.16 -54.09
C SER K 133 -0.66 12.03 -53.24
N ALA K 134 -1.74 12.33 -52.49
CA ALA K 134 -2.50 11.31 -51.73
C ALA K 134 -3.21 10.29 -52.62
N CYS K 135 -3.53 10.67 -53.85
CA CYS K 135 -4.17 9.79 -54.82
C CYS K 135 -3.29 9.60 -56.07
N PRO K 136 -2.20 8.79 -55.94
CA PRO K 136 -1.27 8.60 -57.05
C PRO K 136 -1.75 7.59 -58.08
N TYR K 137 -1.37 7.83 -59.35
CA TYR K 137 -1.65 6.90 -60.45
C TYR K 137 -0.47 6.87 -61.42
N GLN K 138 0.24 5.74 -61.46
CA GLN K 138 1.45 5.59 -62.27
C GLN K 138 2.49 6.67 -61.96
N GLY K 139 2.72 6.90 -60.66
CA GLY K 139 3.75 7.85 -60.20
C GLY K 139 3.40 9.34 -60.24
N LYS K 140 2.18 9.65 -60.69
CA LYS K 140 1.74 11.04 -60.85
C LYS K 140 0.55 11.29 -59.94
N SER K 141 0.35 12.57 -59.58
CA SER K 141 -0.78 12.98 -58.75
C SER K 141 -2.11 12.91 -59.52
N SER K 142 -3.09 12.22 -58.96
CA SER K 142 -4.40 12.01 -59.60
C SER K 142 -5.50 12.29 -58.57
N PHE K 143 -6.71 11.80 -58.84
CA PHE K 143 -7.86 12.02 -57.95
C PHE K 143 -9.01 11.07 -58.29
N PHE K 144 -9.96 10.94 -57.36
CA PHE K 144 -11.22 10.21 -57.58
C PHE K 144 -11.79 10.53 -58.97
N ARG K 145 -11.86 9.51 -59.83
CA ARG K 145 -12.17 9.72 -61.25
C ARG K 145 -13.60 10.17 -61.55
N ASN K 146 -14.52 9.94 -60.63
CA ASN K 146 -15.94 10.19 -60.89
C ASN K 146 -16.41 11.56 -60.43
N VAL K 147 -15.55 12.28 -59.72
CA VAL K 147 -15.86 13.61 -59.25
C VAL K 147 -14.74 14.57 -59.64
N VAL K 148 -15.08 15.85 -59.76
CA VAL K 148 -14.18 16.86 -60.29
C VAL K 148 -13.87 17.87 -59.19
N TRP K 149 -12.60 17.92 -58.78
CA TRP K 149 -12.14 18.93 -57.82
C TRP K 149 -11.89 20.26 -58.54
N LEU K 150 -12.88 21.16 -58.47
CA LEU K 150 -12.81 22.45 -59.16
C LEU K 150 -12.06 23.47 -58.32
N ILE K 151 -11.20 24.25 -58.97
CA ILE K 151 -10.49 25.37 -58.35
C ILE K 151 -10.62 26.64 -59.21
N LYS K 152 -10.15 27.76 -58.63
CA LYS K 152 -10.21 29.08 -59.30
C LYS K 152 -9.48 29.13 -60.65
N LYS K 153 -9.99 29.96 -61.56
CA LYS K 153 -9.35 30.16 -62.86
C LYS K 153 -9.01 31.65 -63.06
N ASN K 154 -7.74 31.93 -63.35
CA ASN K 154 -7.22 33.31 -63.48
C ASN K 154 -7.54 34.17 -62.25
N SER K 155 -7.41 33.56 -61.06
CA SER K 155 -7.73 34.21 -59.78
C SER K 155 -9.19 34.65 -59.69
N THR K 156 -10.10 33.71 -59.92
CA THR K 156 -11.53 33.97 -59.76
C THR K 156 -12.30 32.66 -59.63
N TYR K 157 -13.16 32.58 -58.61
CA TYR K 157 -14.11 31.48 -58.48
C TYR K 157 -15.52 32.08 -58.48
N PRO K 158 -16.13 32.20 -59.68
CA PRO K 158 -17.50 32.73 -59.74
C PRO K 158 -18.51 31.69 -59.26
N THR K 159 -19.68 32.17 -58.85
CA THR K 159 -20.72 31.29 -58.29
C THR K 159 -21.14 30.25 -59.34
N ILE K 160 -21.09 28.98 -58.95
CA ILE K 160 -21.53 27.87 -59.80
C ILE K 160 -23.03 27.66 -59.61
N LYS K 161 -23.75 27.45 -60.71
CA LYS K 161 -25.19 27.14 -60.67
C LYS K 161 -25.47 26.10 -61.75
N ARG K 162 -25.46 24.83 -61.35
CA ARG K 162 -25.68 23.72 -62.28
C ARG K 162 -26.89 22.89 -61.90
N SER K 163 -27.59 22.42 -62.93
CA SER K 163 -28.77 21.59 -62.74
C SER K 163 -28.71 20.38 -63.67
N TYR K 164 -29.00 19.20 -63.13
CA TYR K 164 -29.17 17.99 -63.95
C TYR K 164 -30.56 17.39 -63.72
N ASN K 165 -31.22 17.03 -64.83
CA ASN K 165 -32.57 16.48 -64.84
C ASN K 165 -32.50 14.99 -65.15
N ASN K 166 -33.00 14.15 -64.25
CA ASN K 166 -32.99 12.71 -64.47
C ASN K 166 -34.06 12.31 -65.50
N THR K 167 -33.64 12.25 -66.76
CA THR K 167 -34.51 11.84 -67.87
C THR K 167 -34.51 10.31 -68.11
N ASN K 168 -33.68 9.58 -67.34
CA ASN K 168 -33.62 8.14 -67.43
C ASN K 168 -34.83 7.51 -66.74
N GLN K 169 -35.10 6.25 -67.06
CA GLN K 169 -36.17 5.48 -66.39
C GLN K 169 -35.73 5.03 -65.00
N GLU K 170 -34.42 4.90 -64.80
CA GLU K 170 -33.86 4.31 -63.62
C GLU K 170 -33.58 5.36 -62.54
N ASP K 171 -33.67 4.94 -61.27
CA ASP K 171 -33.19 5.73 -60.15
C ASP K 171 -31.69 5.96 -60.37
N LEU K 172 -31.19 7.12 -59.98
CA LEU K 172 -29.79 7.49 -60.19
C LEU K 172 -29.07 7.79 -58.88
N LEU K 173 -27.93 7.13 -58.66
CA LEU K 173 -27.09 7.42 -57.50
C LEU K 173 -26.10 8.52 -57.85
N VAL K 174 -26.25 9.67 -57.19
CA VAL K 174 -25.39 10.85 -57.45
C VAL K 174 -24.46 11.05 -56.26
N LEU K 175 -23.18 11.25 -56.58
CA LEU K 175 -22.15 11.49 -55.56
C LEU K 175 -21.51 12.87 -55.75
N TRP K 176 -21.26 13.58 -54.65
CA TRP K 176 -20.51 14.83 -54.69
C TRP K 176 -19.73 15.00 -53.39
N GLY K 177 -19.03 16.11 -53.23
CA GLY K 177 -18.21 16.35 -52.04
C GLY K 177 -17.86 17.80 -51.72
N ILE K 178 -17.23 17.98 -50.57
CA ILE K 178 -16.79 19.28 -50.07
C ILE K 178 -15.34 19.13 -49.59
N HIS K 179 -14.49 20.09 -49.94
CA HIS K 179 -13.10 20.10 -49.46
C HIS K 179 -12.96 20.98 -48.21
N HIS K 180 -12.40 20.41 -47.16
CA HIS K 180 -12.10 21.13 -45.93
C HIS K 180 -10.60 21.46 -45.93
N PRO K 181 -10.25 22.74 -46.10
CA PRO K 181 -8.84 23.11 -46.21
C PRO K 181 -8.11 23.20 -44.87
N LYS K 182 -6.78 23.20 -44.96
CA LYS K 182 -5.89 23.27 -43.79
C LYS K 182 -6.03 24.59 -43.05
N ASP K 183 -5.88 25.71 -43.75
CA ASP K 183 -5.93 27.05 -43.13
C ASP K 183 -6.52 28.11 -44.07
N ALA K 184 -6.76 29.31 -43.52
CA ALA K 184 -7.32 30.44 -44.29
C ALA K 184 -6.54 30.78 -45.56
N ALA K 185 -5.22 30.63 -45.52
CA ALA K 185 -4.36 30.90 -46.68
C ALA K 185 -4.65 29.93 -47.83
N GLU K 186 -4.74 28.65 -47.52
CA GLU K 186 -5.06 27.62 -48.50
C GLU K 186 -6.44 27.83 -49.12
N GLN K 187 -7.40 28.30 -48.33
CA GLN K 187 -8.76 28.59 -48.82
C GLN K 187 -8.74 29.61 -49.96
N THR K 188 -8.12 30.75 -49.71
CA THR K 188 -8.00 31.81 -50.72
C THR K 188 -7.06 31.38 -51.86
N LYS K 189 -6.04 30.57 -51.54
CA LYS K 189 -5.11 30.03 -52.53
C LYS K 189 -5.82 29.18 -53.60
N LEU K 190 -6.75 28.32 -53.16
CA LEU K 190 -7.48 27.43 -54.06
C LEU K 190 -8.75 28.04 -54.64
N TYR K 191 -9.50 28.79 -53.82
CA TYR K 191 -10.84 29.24 -54.18
C TYR K 191 -11.09 30.75 -54.08
N GLN K 192 -10.09 31.53 -53.66
CA GLN K 192 -10.20 32.99 -53.47
C GLN K 192 -11.12 33.40 -52.31
N ASN K 193 -12.40 33.07 -52.44
CA ASN K 193 -13.44 33.52 -51.52
C ASN K 193 -13.19 32.95 -50.12
N PRO K 194 -13.12 33.81 -49.08
CA PRO K 194 -12.82 33.32 -47.75
C PRO K 194 -13.98 32.56 -47.09
N THR K 195 -15.22 32.97 -47.38
CA THR K 195 -16.42 32.29 -46.86
C THR K 195 -17.21 31.68 -48.02
N THR K 196 -17.27 30.36 -48.07
CA THR K 196 -17.94 29.64 -49.17
C THR K 196 -18.99 28.67 -48.66
N TYR K 197 -19.64 27.99 -49.60
CA TYR K 197 -20.70 27.05 -49.28
C TYR K 197 -21.01 26.16 -50.49
N ILE K 198 -21.78 25.10 -50.26
CA ILE K 198 -22.38 24.31 -51.34
C ILE K 198 -23.83 24.05 -50.97
N SER K 199 -24.76 24.49 -51.82
CA SER K 199 -26.17 24.24 -51.59
C SER K 199 -26.68 23.22 -52.62
N VAL K 200 -27.34 22.17 -52.13
CA VAL K 200 -27.84 21.09 -52.99
C VAL K 200 -29.33 20.89 -52.73
N GLY K 201 -30.11 20.83 -53.81
CA GLY K 201 -31.55 20.67 -53.72
C GLY K 201 -32.07 19.65 -54.71
N THR K 202 -33.11 18.93 -54.30
CA THR K 202 -33.88 18.05 -55.19
C THR K 202 -35.35 18.17 -54.80
N SER K 203 -36.17 17.22 -55.25
CA SER K 203 -37.55 17.07 -54.79
C SER K 203 -37.63 17.01 -53.26
N THR K 204 -36.81 16.16 -52.65
CA THR K 204 -36.79 15.99 -51.19
C THR K 204 -35.63 16.73 -50.53
N LEU K 205 -34.46 16.72 -51.16
CA LEU K 205 -33.24 17.23 -50.52
C LEU K 205 -33.21 18.75 -50.39
N ASN K 206 -32.72 19.22 -49.24
CA ASN K 206 -32.52 20.66 -48.98
C ASN K 206 -31.25 20.85 -48.15
N GLN K 207 -30.11 20.79 -48.83
CA GLN K 207 -28.81 20.81 -48.18
C GLN K 207 -28.07 22.14 -48.37
N ARG K 208 -27.28 22.52 -47.36
CA ARG K 208 -26.29 23.61 -47.49
C ARG K 208 -25.04 23.29 -46.65
N LEU K 209 -23.93 23.00 -47.32
CA LEU K 209 -22.68 22.63 -46.66
C LEU K 209 -21.77 23.84 -46.57
N VAL K 210 -21.01 23.92 -45.47
CA VAL K 210 -19.99 24.96 -45.32
C VAL K 210 -18.66 24.31 -44.94
N PRO K 211 -17.55 24.74 -45.57
CA PRO K 211 -16.26 24.13 -45.22
C PRO K 211 -15.81 24.51 -43.81
N ARG K 212 -15.48 23.50 -43.01
CA ARG K 212 -14.93 23.71 -41.67
C ARG K 212 -13.41 23.66 -41.73
N ILE K 213 -12.77 24.69 -41.18
CA ILE K 213 -11.31 24.82 -41.16
C ILE K 213 -10.78 24.46 -39.77
N ALA K 214 -9.70 23.70 -39.75
CA ALA K 214 -9.03 23.31 -38.50
C ALA K 214 -7.66 22.70 -38.78
N THR K 215 -6.79 22.79 -37.80
CA THR K 215 -5.51 22.08 -37.83
C THR K 215 -5.81 20.61 -37.58
N ARG K 216 -5.37 19.76 -38.49
CA ARG K 216 -5.62 18.33 -38.44
C ARG K 216 -4.35 17.55 -38.68
N SER K 217 -4.29 16.34 -38.13
CA SER K 217 -3.15 15.44 -38.33
C SER K 217 -3.06 15.04 -39.80
N LYS K 218 -1.85 14.68 -40.24
CA LYS K 218 -1.60 14.35 -41.65
C LYS K 218 -1.85 12.87 -41.93
N VAL K 219 -2.96 12.59 -42.62
CA VAL K 219 -3.26 11.25 -43.11
C VAL K 219 -2.92 11.27 -44.60
N ASN K 220 -2.12 10.30 -45.04
CA ASN K 220 -1.58 10.28 -46.41
C ASN K 220 -0.89 11.62 -46.78
N GLY K 221 -0.27 12.26 -45.79
CA GLY K 221 0.37 13.55 -45.98
C GLY K 221 -0.56 14.72 -46.28
N GLN K 222 -1.82 14.64 -45.84
CA GLN K 222 -2.77 15.73 -46.04
C GLN K 222 -3.37 16.20 -44.71
N SER K 223 -3.38 17.51 -44.49
CA SER K 223 -4.08 18.14 -43.37
C SER K 223 -5.50 18.58 -43.77
N GLY K 224 -5.75 18.68 -45.09
CA GLY K 224 -7.10 18.90 -45.59
C GLY K 224 -7.93 17.63 -45.55
N ARG K 225 -9.26 17.78 -45.65
CA ARG K 225 -10.19 16.64 -45.64
C ARG K 225 -11.24 16.76 -46.76
N MET K 226 -11.74 15.61 -47.20
CA MET K 226 -12.85 15.55 -48.16
C MET K 226 -14.02 14.82 -47.50
N GLU K 227 -15.16 15.51 -47.39
CA GLU K 227 -16.40 14.90 -46.89
C GLU K 227 -17.32 14.65 -48.08
N PHE K 228 -17.73 13.40 -48.28
CA PHE K 228 -18.50 13.02 -49.45
C PHE K 228 -19.96 12.73 -49.09
N PHE K 229 -20.87 13.13 -49.98
CA PHE K 229 -22.31 12.99 -49.78
C PHE K 229 -22.95 12.34 -50.99
N TRP K 230 -24.17 11.85 -50.79
CA TRP K 230 -24.89 11.17 -51.85
C TRP K 230 -26.40 11.38 -51.75
N THR K 231 -27.08 11.09 -52.86
CA THR K 231 -28.53 10.99 -52.88
C THR K 231 -29.00 10.12 -54.05
N ILE K 232 -30.24 9.65 -53.96
CA ILE K 232 -30.89 8.92 -55.04
C ILE K 232 -31.83 9.89 -55.72
N LEU K 233 -31.50 10.23 -56.96
CA LEU K 233 -32.32 11.13 -57.75
C LEU K 233 -33.33 10.29 -58.52
N LYS K 234 -34.61 10.44 -58.19
CA LYS K 234 -35.66 9.64 -58.82
C LYS K 234 -35.94 10.15 -60.22
N PRO K 235 -36.56 9.30 -61.09
CA PRO K 235 -36.80 9.71 -62.46
C PRO K 235 -37.69 10.94 -62.54
N ASN K 236 -37.45 11.76 -63.56
CA ASN K 236 -38.17 13.01 -63.74
C ASN K 236 -37.90 14.08 -62.68
N ASP K 237 -36.93 13.85 -61.78
CA ASP K 237 -36.56 14.84 -60.79
C ASP K 237 -35.24 15.50 -61.19
N ALA K 238 -35.01 16.73 -60.72
CA ALA K 238 -33.80 17.48 -61.03
C ALA K 238 -32.99 17.77 -59.76
N ILE K 239 -31.66 17.69 -59.89
CA ILE K 239 -30.75 18.07 -58.79
C ILE K 239 -30.11 19.42 -59.11
N ASN K 240 -30.04 20.28 -58.11
CA ASN K 240 -29.56 21.65 -58.27
C ASN K 240 -28.38 21.96 -57.35
N PHE K 241 -27.27 22.42 -57.93
CA PHE K 241 -26.08 22.80 -57.17
C PHE K 241 -25.86 24.31 -57.23
N GLU K 242 -25.35 24.88 -56.14
CA GLU K 242 -24.85 26.25 -56.12
C GLU K 242 -23.67 26.33 -55.14
N SER K 243 -22.59 27.00 -55.54
CA SER K 243 -21.39 27.06 -54.68
C SER K 243 -20.43 28.21 -54.95
N ASN K 244 -19.78 28.67 -53.88
CA ASN K 244 -18.71 29.67 -53.92
C ASN K 244 -17.31 29.09 -54.03
N GLY K 245 -17.18 27.80 -53.75
CA GLY K 245 -15.88 27.14 -53.69
C GLY K 245 -15.95 25.88 -52.85
N ASN K 246 -14.85 25.13 -52.85
CA ASN K 246 -14.71 23.88 -52.10
C ASN K 246 -15.62 22.76 -52.65
N PHE K 247 -16.15 22.95 -53.85
CA PHE K 247 -17.13 22.02 -54.42
C PHE K 247 -16.39 20.90 -55.16
N ILE K 248 -16.74 19.67 -54.83
CA ILE K 248 -16.24 18.50 -55.54
C ILE K 248 -17.42 18.03 -56.38
N ALA K 249 -17.43 18.43 -57.65
CA ALA K 249 -18.61 18.27 -58.50
C ALA K 249 -18.70 16.85 -59.08
N PRO K 250 -19.94 16.34 -59.28
CA PRO K 250 -20.07 15.06 -59.97
C PRO K 250 -19.68 15.17 -61.44
N GLU K 251 -19.03 14.13 -61.95
CA GLU K 251 -18.90 13.94 -63.39
C GLU K 251 -19.74 12.75 -63.83
N TYR K 252 -19.47 11.61 -63.20
CA TYR K 252 -20.19 10.37 -63.46
C TYR K 252 -21.11 10.01 -62.29
N ALA K 253 -22.30 9.53 -62.63
CA ALA K 253 -23.24 8.94 -61.67
C ALA K 253 -23.70 7.56 -62.17
N TYR K 254 -24.25 6.75 -61.27
CA TYR K 254 -24.61 5.36 -61.57
C TYR K 254 -26.12 5.17 -61.70
N LYS K 255 -26.57 4.64 -62.84
CA LYS K 255 -27.97 4.24 -63.00
C LYS K 255 -28.17 2.92 -62.27
N ILE K 256 -29.28 2.83 -61.58
CA ILE K 256 -29.65 1.59 -60.94
C ILE K 256 -30.56 0.83 -61.88
N VAL K 257 -29.98 -0.10 -62.64
CA VAL K 257 -30.71 -0.82 -63.69
C VAL K 257 -31.38 -2.09 -63.19
N LYS K 258 -30.68 -2.83 -62.34
CA LYS K 258 -31.18 -4.10 -61.80
C LYS K 258 -31.22 -4.06 -60.27
N LYS K 259 -32.43 -4.22 -59.72
CA LYS K 259 -32.63 -4.35 -58.28
C LYS K 259 -33.00 -5.80 -57.98
N GLY K 260 -32.38 -6.38 -56.95
CA GLY K 260 -32.71 -7.74 -56.53
C GLY K 260 -31.97 -8.15 -55.26
N ASP K 261 -31.90 -9.47 -55.03
CA ASP K 261 -31.19 -10.01 -53.87
C ASP K 261 -29.68 -9.93 -54.07
N SER K 262 -29.02 -9.34 -53.10
CA SER K 262 -27.57 -9.26 -53.07
C SER K 262 -27.12 -9.10 -51.62
N THR K 263 -25.81 -9.00 -51.43
CA THR K 263 -25.24 -8.80 -50.11
C THR K 263 -23.78 -8.40 -50.24
N ILE K 264 -23.28 -7.68 -49.24
CA ILE K 264 -21.85 -7.35 -49.14
C ILE K 264 -21.26 -8.31 -48.11
N MET K 265 -20.36 -9.16 -48.56
CA MET K 265 -19.84 -10.27 -47.78
C MET K 265 -18.41 -9.91 -47.36
N LYS K 266 -18.11 -9.92 -46.05
CA LYS K 266 -16.77 -9.58 -45.52
C LYS K 266 -15.89 -10.82 -45.53
N SER K 267 -14.79 -10.75 -46.27
CA SER K 267 -13.93 -11.89 -46.47
C SER K 267 -12.57 -11.48 -47.02
N GLU K 268 -11.56 -12.22 -46.59
CA GLU K 268 -10.19 -12.02 -47.06
C GLU K 268 -9.84 -12.93 -48.23
N LEU K 269 -10.75 -13.83 -48.59
CA LEU K 269 -10.52 -14.76 -49.68
C LEU K 269 -10.65 -14.07 -51.03
N GLU K 270 -10.05 -14.70 -52.04
CA GLU K 270 -10.10 -14.24 -53.42
C GLU K 270 -10.99 -15.18 -54.22
N TYR K 271 -11.10 -14.92 -55.53
CA TYR K 271 -11.94 -15.70 -56.42
C TYR K 271 -11.45 -17.14 -56.59
N GLY K 272 -12.38 -18.09 -56.50
CA GLY K 272 -12.06 -19.52 -56.55
C GLY K 272 -12.07 -20.19 -57.92
N ASN K 273 -12.52 -19.47 -58.96
CA ASN K 273 -12.76 -20.04 -60.31
C ASN K 273 -13.69 -21.24 -60.19
N CYS K 274 -14.95 -20.94 -59.90
CA CYS K 274 -15.80 -21.87 -59.18
C CYS K 274 -17.28 -21.53 -59.33
N ASN K 275 -18.15 -22.53 -59.14
CA ASN K 275 -19.61 -22.31 -59.17
C ASN K 275 -20.36 -23.08 -58.06
N THR K 276 -21.40 -22.46 -57.50
CA THR K 276 -22.16 -23.01 -56.37
C THR K 276 -23.56 -22.44 -56.32
N LYS K 277 -24.43 -23.08 -55.54
CA LYS K 277 -25.79 -22.59 -55.29
C LYS K 277 -25.93 -21.87 -53.93
N CYS K 278 -24.89 -21.94 -53.10
CA CYS K 278 -24.94 -21.38 -51.77
C CYS K 278 -23.54 -20.96 -51.34
N GLN K 279 -23.38 -19.69 -50.99
CA GLN K 279 -22.07 -19.14 -50.64
C GLN K 279 -22.04 -18.58 -49.22
N THR K 280 -20.91 -18.81 -48.54
CA THR K 280 -20.61 -18.19 -47.24
C THR K 280 -19.28 -17.46 -47.33
N PRO K 281 -19.00 -16.54 -46.37
CA PRO K 281 -17.72 -15.83 -46.33
C PRO K 281 -16.49 -16.73 -46.16
N MET K 282 -16.70 -17.95 -45.68
CA MET K 282 -15.62 -18.93 -45.51
C MET K 282 -15.47 -19.89 -46.68
N GLY K 283 -16.50 -19.98 -47.52
CA GLY K 283 -16.51 -20.92 -48.64
C GLY K 283 -17.92 -21.31 -49.01
N ALA K 284 -18.03 -22.04 -50.13
CA ALA K 284 -19.34 -22.42 -50.68
C ALA K 284 -19.83 -23.77 -50.17
N ILE K 285 -21.12 -24.02 -50.37
CA ILE K 285 -21.79 -25.23 -49.85
C ILE K 285 -22.50 -25.97 -50.97
N ASN K 286 -22.21 -27.26 -51.07
CA ASN K 286 -22.84 -28.15 -52.02
C ASN K 286 -23.37 -29.34 -51.25
N SER K 287 -24.61 -29.23 -50.82
CA SER K 287 -25.17 -30.16 -49.87
C SER K 287 -26.69 -30.21 -49.98
N SER K 288 -27.22 -31.40 -49.73
CA SER K 288 -28.65 -31.64 -49.70
C SER K 288 -29.14 -31.78 -48.25
N MET K 289 -28.28 -31.46 -47.28
CA MET K 289 -28.66 -31.47 -45.89
C MET K 289 -29.59 -30.30 -45.57
N PRO K 290 -30.53 -30.48 -44.63
CA PRO K 290 -31.39 -29.35 -44.22
C PRO K 290 -30.71 -28.33 -43.32
N PHE K 291 -29.59 -28.69 -42.69
CA PHE K 291 -28.85 -27.80 -41.78
C PHE K 291 -27.38 -27.72 -42.14
N HIS K 292 -26.73 -26.64 -41.70
CA HIS K 292 -25.28 -26.54 -41.75
C HIS K 292 -24.78 -25.70 -40.57
N ASN K 293 -23.47 -25.75 -40.33
CA ASN K 293 -22.84 -24.99 -39.24
C ASN K 293 -21.58 -24.21 -39.65
N ILE K 294 -21.50 -23.87 -40.92
CA ILE K 294 -20.35 -23.16 -41.48
C ILE K 294 -20.29 -21.72 -41.03
N HIS K 295 -21.34 -20.97 -41.30
CA HIS K 295 -21.36 -19.52 -41.07
C HIS K 295 -22.81 -18.99 -41.20
N PRO K 296 -23.23 -18.06 -40.32
CA PRO K 296 -24.63 -17.59 -40.38
C PRO K 296 -25.01 -16.71 -41.60
N LEU K 297 -24.10 -15.85 -42.05
CA LEU K 297 -24.32 -15.04 -43.25
C LEU K 297 -24.12 -15.82 -44.56
N THR K 298 -25.23 -16.21 -45.18
CA THR K 298 -25.17 -16.91 -46.47
C THR K 298 -25.99 -16.20 -47.52
N ILE K 299 -25.83 -16.62 -48.76
CA ILE K 299 -26.63 -16.14 -49.86
C ILE K 299 -26.88 -17.29 -50.84
N GLY K 300 -28.10 -17.38 -51.37
CA GLY K 300 -28.51 -18.45 -52.30
C GLY K 300 -29.51 -19.42 -51.71
N GLU K 301 -29.62 -20.60 -52.33
CA GLU K 301 -30.49 -21.67 -51.85
C GLU K 301 -29.72 -22.48 -50.81
N CYS K 302 -29.87 -22.13 -49.53
CA CYS K 302 -29.01 -22.66 -48.49
C CYS K 302 -29.75 -23.50 -47.46
N PRO K 303 -29.03 -24.42 -46.81
CA PRO K 303 -29.57 -25.01 -45.60
C PRO K 303 -29.66 -23.98 -44.48
N LYS K 304 -30.37 -24.35 -43.40
CA LYS K 304 -30.53 -23.45 -42.25
C LYS K 304 -29.32 -23.57 -41.33
N TYR K 305 -28.82 -22.43 -40.87
CA TYR K 305 -27.63 -22.40 -40.04
C TYR K 305 -27.99 -22.70 -38.61
N VAL K 306 -27.22 -23.57 -37.97
CA VAL K 306 -27.32 -23.81 -36.52
C VAL K 306 -25.93 -23.85 -35.91
N LYS K 307 -25.87 -23.65 -34.60
CA LYS K 307 -24.59 -23.70 -33.87
C LYS K 307 -24.13 -25.10 -33.48
N SER K 308 -24.89 -26.15 -33.84
CA SER K 308 -24.56 -27.51 -33.42
C SER K 308 -23.27 -28.03 -34.03
N ASN K 309 -22.65 -28.92 -33.28
CA ASN K 309 -21.50 -29.69 -33.75
C ASN K 309 -21.94 -30.97 -34.45
N ARG K 310 -23.16 -31.42 -34.16
CA ARG K 310 -23.62 -32.75 -34.57
C ARG K 310 -25.14 -32.85 -34.49
N LEU K 311 -25.79 -33.25 -35.59
CA LEU K 311 -27.25 -33.53 -35.59
C LEU K 311 -27.54 -34.80 -36.37
N VAL K 312 -27.91 -35.87 -35.66
CA VAL K 312 -28.07 -37.19 -36.25
C VAL K 312 -29.39 -37.82 -35.80
N LEU K 313 -30.26 -38.10 -36.77
CA LEU K 313 -31.54 -38.76 -36.53
C LEU K 313 -31.46 -40.26 -36.65
N ALA K 314 -32.13 -40.94 -35.73
CA ALA K 314 -32.28 -42.37 -35.81
C ALA K 314 -33.29 -42.69 -36.87
N THR K 315 -32.94 -43.68 -37.71
CA THR K 315 -33.86 -44.25 -38.67
C THR K 315 -34.11 -45.71 -38.30
N GLY K 316 -33.03 -46.46 -38.12
CA GLY K 316 -33.14 -47.83 -37.72
C GLY K 316 -33.41 -47.97 -36.24
N LEU K 317 -33.07 -49.13 -35.70
CA LEU K 317 -33.41 -49.46 -34.33
C LEU K 317 -32.15 -49.78 -33.56
N ARG K 318 -32.32 -49.96 -32.26
CA ARG K 318 -31.21 -50.21 -31.35
C ARG K 318 -30.42 -51.45 -31.77
N ASN K 319 -29.13 -51.28 -32.05
CA ASN K 319 -28.29 -52.37 -32.52
C ASN K 319 -27.70 -53.17 -31.36
N SER K 320 -27.64 -54.48 -31.55
CA SER K 320 -27.34 -55.40 -30.47
C SER K 320 -25.85 -55.72 -30.40
N PRO K 321 -25.34 -55.95 -29.19
CA PRO K 321 -24.12 -56.77 -29.04
C PRO K 321 -24.42 -58.26 -29.31
N GLY L 1 -36.35 -50.85 -23.65
CA GLY L 1 -37.33 -49.94 -24.33
C GLY L 1 -38.69 -49.99 -23.67
N LEU L 2 -39.49 -48.98 -23.94
CA LEU L 2 -40.78 -48.87 -23.31
C LEU L 2 -41.67 -50.10 -23.47
N PHE L 3 -41.54 -50.79 -24.59
CA PHE L 3 -42.47 -51.86 -24.94
C PHE L 3 -41.98 -53.25 -24.59
N GLY L 4 -40.73 -53.34 -24.15
CA GLY L 4 -40.20 -54.56 -23.55
C GLY L 4 -39.73 -55.65 -24.49
N ALA L 5 -39.86 -55.43 -25.78
CA ALA L 5 -39.49 -56.45 -26.74
C ALA L 5 -38.00 -56.34 -27.09
N ILE L 6 -37.60 -55.25 -27.74
CA ILE L 6 -36.24 -55.08 -28.23
C ILE L 6 -35.30 -54.98 -27.05
N ALA L 7 -34.27 -55.84 -27.07
CA ALA L 7 -33.34 -55.99 -25.96
C ALA L 7 -34.09 -56.19 -24.64
N GLY L 8 -35.19 -56.94 -24.69
CA GLY L 8 -36.00 -57.24 -23.52
C GLY L 8 -36.25 -58.73 -23.50
N PHE L 9 -37.49 -59.17 -23.74
CA PHE L 9 -37.77 -60.61 -23.78
C PHE L 9 -37.24 -61.23 -25.09
N ILE L 10 -37.03 -60.40 -26.11
CA ILE L 10 -36.26 -60.79 -27.29
C ILE L 10 -34.85 -60.25 -27.08
N GLU L 11 -33.93 -61.14 -26.75
CA GLU L 11 -32.62 -60.73 -26.23
C GLU L 11 -31.77 -59.92 -27.18
N GLY L 12 -31.78 -60.29 -28.45
CA GLY L 12 -31.00 -59.58 -29.48
C GLY L 12 -31.60 -59.65 -30.86
N GLY L 13 -31.07 -58.84 -31.75
CA GLY L 13 -31.46 -58.88 -33.15
C GLY L 13 -30.81 -60.01 -33.94
N TRP L 14 -31.10 -60.04 -35.24
CA TRP L 14 -30.63 -61.08 -36.15
C TRP L 14 -29.82 -60.51 -37.30
N GLN L 15 -28.54 -60.83 -37.35
CA GLN L 15 -27.69 -60.52 -38.50
C GLN L 15 -28.24 -61.15 -39.78
N GLY L 16 -28.82 -62.34 -39.63
CA GLY L 16 -29.31 -63.14 -40.74
C GLY L 16 -30.58 -62.68 -41.42
N MET L 17 -31.34 -61.75 -40.82
CA MET L 17 -32.53 -61.17 -41.48
C MET L 17 -32.20 -59.83 -42.10
N VAL L 18 -31.98 -59.86 -43.41
CA VAL L 18 -31.36 -58.75 -44.08
C VAL L 18 -32.40 -57.89 -44.74
N ASP L 19 -33.56 -58.50 -44.97
CA ASP L 19 -34.57 -58.01 -45.93
C ASP L 19 -35.70 -57.12 -45.38
N GLY L 20 -35.64 -56.88 -44.07
CA GLY L 20 -36.66 -56.12 -43.37
C GLY L 20 -36.21 -55.86 -41.95
N TRP L 21 -36.98 -55.03 -41.27
CA TRP L 21 -36.63 -54.60 -39.94
C TRP L 21 -37.14 -55.59 -38.89
N TYR L 22 -38.29 -56.18 -39.16
CA TYR L 22 -38.90 -57.16 -38.28
C TYR L 22 -39.29 -58.36 -39.09
N GLY L 23 -39.34 -59.52 -38.45
CA GLY L 23 -39.78 -60.72 -39.14
C GLY L 23 -39.71 -61.99 -38.32
N TYR L 24 -39.66 -63.11 -39.03
CA TYR L 24 -39.86 -64.42 -38.45
C TYR L 24 -38.66 -65.29 -38.69
N HIS L 25 -38.38 -66.17 -37.74
CA HIS L 25 -37.47 -67.28 -37.97
C HIS L 25 -38.20 -68.57 -37.67
N HIS L 26 -38.22 -69.48 -38.64
CA HIS L 26 -38.95 -70.73 -38.50
C HIS L 26 -37.97 -71.89 -38.44
N SER L 27 -38.42 -72.99 -37.82
CA SER L 27 -37.59 -74.17 -37.64
C SER L 27 -38.45 -75.43 -37.54
N ASN L 28 -38.35 -76.30 -38.54
CA ASN L 28 -39.12 -77.54 -38.60
C ASN L 28 -38.31 -78.67 -39.23
N GLU L 29 -38.98 -79.77 -39.60
CA GLU L 29 -38.31 -80.90 -40.22
C GLU L 29 -37.72 -80.65 -41.61
N GLN L 30 -38.32 -79.72 -42.34
CA GLN L 30 -37.85 -79.37 -43.69
C GLN L 30 -36.63 -78.47 -43.67
N GLY L 31 -36.40 -77.78 -42.55
CA GLY L 31 -35.29 -76.84 -42.44
C GLY L 31 -35.66 -75.60 -41.65
N SER L 32 -34.91 -74.53 -41.86
CA SER L 32 -35.10 -73.31 -41.09
C SER L 32 -34.67 -72.09 -41.88
N GLY L 33 -35.09 -70.91 -41.42
CA GLY L 33 -34.69 -69.66 -42.06
C GLY L 33 -35.41 -68.42 -41.59
N TYR L 34 -34.99 -67.29 -42.16
CA TYR L 34 -35.53 -65.99 -41.81
C TYR L 34 -36.47 -65.49 -42.89
N ALA L 35 -37.50 -64.77 -42.48
CA ALA L 35 -38.41 -64.12 -43.42
C ALA L 35 -38.90 -62.83 -42.84
N ALA L 36 -38.72 -61.75 -43.59
CA ALA L 36 -39.13 -60.44 -43.14
C ALA L 36 -40.64 -60.27 -43.23
N ASP L 37 -41.22 -59.58 -42.25
CA ASP L 37 -42.62 -59.20 -42.31
C ASP L 37 -42.57 -57.86 -42.97
N LYS L 38 -42.93 -57.83 -44.25
CA LYS L 38 -42.81 -56.65 -45.05
C LYS L 38 -43.81 -55.56 -44.63
N GLU L 39 -45.04 -55.94 -44.34
CA GLU L 39 -46.06 -54.95 -44.04
C GLU L 39 -45.70 -54.16 -42.82
N SER L 40 -45.31 -54.85 -41.77
CA SER L 40 -44.93 -54.18 -40.53
C SER L 40 -43.72 -53.33 -40.81
N THR L 41 -42.86 -53.83 -41.69
CA THR L 41 -41.65 -53.14 -42.11
C THR L 41 -41.94 -51.88 -42.93
N GLN L 42 -42.81 -52.00 -43.91
CA GLN L 42 -43.18 -50.87 -44.76
C GLN L 42 -43.95 -49.79 -43.98
N LYS L 43 -44.79 -50.21 -43.03
CA LYS L 43 -45.43 -49.29 -42.07
C LYS L 43 -44.39 -48.45 -41.36
N ALA L 44 -43.34 -49.11 -40.87
CA ALA L 44 -42.27 -48.44 -40.18
C ALA L 44 -41.52 -47.48 -41.09
N ILE L 45 -41.25 -47.89 -42.31
CA ILE L 45 -40.55 -47.03 -43.25
C ILE L 45 -41.37 -45.78 -43.58
N ASP L 46 -42.68 -45.91 -43.72
CA ASP L 46 -43.55 -44.76 -44.00
C ASP L 46 -43.58 -43.75 -42.84
N GLY L 47 -43.65 -44.28 -41.62
CA GLY L 47 -43.67 -43.43 -40.45
C GLY L 47 -42.38 -42.64 -40.22
N VAL L 48 -41.25 -43.33 -40.33
CA VAL L 48 -39.96 -42.71 -40.17
C VAL L 48 -39.67 -41.73 -41.29
N THR L 49 -40.04 -42.08 -42.52
CA THR L 49 -39.89 -41.17 -43.66
C THR L 49 -40.68 -39.89 -43.43
N ASN L 50 -41.96 -40.03 -43.09
CA ASN L 50 -42.80 -38.88 -42.79
C ASN L 50 -42.24 -38.03 -41.67
N LYS L 51 -41.67 -38.68 -40.66
CA LYS L 51 -41.06 -37.98 -39.54
C LYS L 51 -39.89 -37.10 -39.98
N VAL L 52 -38.98 -37.69 -40.74
CA VAL L 52 -37.81 -36.96 -41.19
C VAL L 52 -38.24 -35.73 -42.00
N ASN L 53 -39.12 -35.95 -42.96
CA ASN L 53 -39.62 -34.85 -43.77
C ASN L 53 -40.37 -33.81 -42.94
N SER L 54 -41.12 -34.26 -41.93
CA SER L 54 -41.82 -33.34 -41.01
C SER L 54 -40.82 -32.49 -40.27
N ILE L 55 -39.75 -33.11 -39.81
CA ILE L 55 -38.68 -32.38 -39.14
C ILE L 55 -38.01 -31.38 -40.06
N ILE L 56 -37.51 -31.87 -41.18
CA ILE L 56 -36.85 -30.99 -42.15
C ILE L 56 -37.77 -29.80 -42.50
N ASP L 57 -39.02 -30.09 -42.81
CA ASP L 57 -39.94 -29.07 -43.30
C ASP L 57 -40.38 -28.04 -42.24
N LYS L 58 -40.55 -28.48 -41.00
CA LYS L 58 -40.85 -27.56 -39.88
C LYS L 58 -39.75 -26.51 -39.64
N MET L 59 -38.50 -26.88 -39.93
CA MET L 59 -37.36 -25.99 -39.76
C MET L 59 -37.12 -25.15 -41.03
N ASN L 60 -38.01 -25.29 -42.02
CA ASN L 60 -37.97 -24.55 -43.29
C ASN L 60 -38.04 -23.04 -43.11
N THR L 61 -39.09 -22.55 -42.46
CA THR L 61 -39.14 -21.13 -42.10
C THR L 61 -38.38 -20.93 -40.79
N GLN L 62 -37.33 -20.13 -40.84
CA GLN L 62 -36.44 -19.93 -39.69
C GLN L 62 -35.61 -18.68 -39.91
N PHE L 63 -35.14 -18.10 -38.82
CA PHE L 63 -34.40 -16.84 -38.84
C PHE L 63 -33.19 -16.83 -39.77
N GLU L 64 -33.14 -15.82 -40.65
CA GLU L 64 -32.01 -15.57 -41.52
C GLU L 64 -31.37 -14.22 -41.15
N ALA L 65 -30.09 -14.28 -40.80
CA ALA L 65 -29.34 -13.10 -40.40
C ALA L 65 -28.92 -12.30 -41.61
N VAL L 66 -28.90 -10.98 -41.45
CA VAL L 66 -28.42 -10.06 -42.48
C VAL L 66 -27.28 -9.23 -41.92
N GLY L 67 -26.33 -8.85 -42.77
CA GLY L 67 -25.24 -7.97 -42.36
C GLY L 67 -25.70 -6.53 -42.22
N ARG L 68 -25.44 -5.93 -41.07
CA ARG L 68 -25.70 -4.51 -40.83
C ARG L 68 -24.50 -3.90 -40.10
N GLU L 69 -24.05 -2.73 -40.53
CA GLU L 69 -22.87 -2.09 -39.96
C GLU L 69 -23.23 -0.78 -39.33
N PHE L 70 -22.43 -0.38 -38.35
CA PHE L 70 -22.71 0.78 -37.50
C PHE L 70 -21.41 1.54 -37.21
N ASN L 71 -21.47 2.86 -37.12
CA ASN L 71 -20.28 3.66 -36.85
C ASN L 71 -19.87 3.63 -35.37
N ASN L 72 -18.82 4.37 -35.03
CA ASN L 72 -18.25 4.37 -33.67
C ASN L 72 -19.17 4.95 -32.59
N LEU L 73 -20.08 5.85 -32.96
CA LEU L 73 -21.07 6.40 -32.03
C LEU L 73 -22.48 5.81 -32.25
N GLU L 74 -22.54 4.55 -32.66
CA GLU L 74 -23.80 3.79 -32.74
C GLU L 74 -23.62 2.42 -32.05
N ARG L 75 -22.92 2.43 -30.92
CA ARG L 75 -22.62 1.19 -30.21
C ARG L 75 -23.85 0.52 -29.60
N ARG L 76 -24.80 1.32 -29.13
CA ARG L 76 -26.01 0.77 -28.51
C ARG L 76 -26.80 -0.09 -29.47
N ILE L 77 -27.14 0.46 -30.62
CA ILE L 77 -27.90 -0.29 -31.63
C ILE L 77 -27.08 -1.41 -32.27
N GLU L 78 -25.76 -1.25 -32.37
CA GLU L 78 -24.92 -2.34 -32.83
C GLU L 78 -25.04 -3.53 -31.88
N ASN L 79 -25.00 -3.25 -30.58
CA ASN L 79 -25.15 -4.27 -29.55
C ASN L 79 -26.53 -4.90 -29.61
N LEU L 80 -27.54 -4.05 -29.84
CA LEU L 80 -28.92 -4.51 -29.96
C LEU L 80 -29.01 -5.49 -31.10
N ASN L 81 -28.46 -5.10 -32.24
CA ASN L 81 -28.47 -5.93 -33.43
C ASN L 81 -27.83 -7.28 -33.20
N LYS L 82 -26.70 -7.27 -32.52
CA LYS L 82 -25.95 -8.50 -32.24
C LYS L 82 -26.72 -9.40 -31.30
N LYS L 83 -27.24 -8.84 -30.21
CA LYS L 83 -28.05 -9.59 -29.22
C LYS L 83 -29.30 -10.18 -29.86
N MET L 84 -29.89 -9.42 -30.78
CA MET L 84 -31.06 -9.88 -31.50
C MET L 84 -30.72 -11.09 -32.37
N GLU L 85 -29.64 -11.01 -33.14
CA GLU L 85 -29.32 -12.08 -34.09
C GLU L 85 -28.86 -13.33 -33.38
N ASP L 86 -27.99 -13.17 -32.39
CA ASP L 86 -27.58 -14.28 -31.50
C ASP L 86 -28.77 -14.92 -30.78
N GLY L 87 -29.71 -14.10 -30.31
CA GLY L 87 -30.87 -14.59 -29.59
C GLY L 87 -31.69 -15.57 -30.39
N PHE L 88 -31.94 -15.23 -31.64
CA PHE L 88 -32.68 -16.10 -32.53
C PHE L 88 -31.93 -17.37 -32.90
N LEU L 89 -30.62 -17.25 -33.11
CA LEU L 89 -29.80 -18.43 -33.41
C LEU L 89 -29.85 -19.44 -32.26
N ASP L 90 -29.72 -18.95 -31.03
CA ASP L 90 -29.79 -19.80 -29.85
C ASP L 90 -31.15 -20.49 -29.72
N VAL L 91 -32.23 -19.75 -30.00
CA VAL L 91 -33.58 -20.30 -29.98
C VAL L 91 -33.75 -21.42 -31.00
N TRP L 92 -33.28 -21.18 -32.21
CA TRP L 92 -33.43 -22.18 -33.27
C TRP L 92 -32.45 -23.34 -33.12
N THR L 93 -31.30 -23.10 -32.51
CA THR L 93 -30.37 -24.17 -32.19
C THR L 93 -30.98 -25.08 -31.12
N TYR L 94 -31.62 -24.48 -30.12
CA TYR L 94 -32.33 -25.23 -29.09
C TYR L 94 -33.44 -26.05 -29.71
N ASN L 95 -34.31 -25.42 -30.50
CA ASN L 95 -35.42 -26.13 -31.16
C ASN L 95 -34.96 -27.33 -31.95
N ALA L 96 -33.92 -27.15 -32.75
CA ALA L 96 -33.39 -28.23 -33.59
C ALA L 96 -32.82 -29.36 -32.77
N GLU L 97 -31.98 -29.04 -31.80
CA GLU L 97 -31.34 -30.09 -31.00
C GLU L 97 -32.34 -30.86 -30.13
N LEU L 98 -33.31 -30.15 -29.55
CA LEU L 98 -34.31 -30.77 -28.70
C LEU L 98 -35.27 -31.61 -29.50
N LEU L 99 -35.63 -31.17 -30.69
CA LEU L 99 -36.52 -31.93 -31.53
C LEU L 99 -35.86 -33.25 -31.92
N VAL L 100 -34.58 -33.19 -32.29
CA VAL L 100 -33.85 -34.41 -32.67
C VAL L 100 -33.79 -35.38 -31.50
N LEU L 101 -33.48 -34.88 -30.31
CA LEU L 101 -33.43 -35.74 -29.12
C LEU L 101 -34.79 -36.37 -28.81
N MET L 102 -35.83 -35.56 -28.77
CA MET L 102 -37.16 -36.05 -28.44
C MET L 102 -37.64 -37.09 -29.43
N GLU L 103 -37.43 -36.81 -30.72
CA GLU L 103 -37.94 -37.68 -31.76
C GLU L 103 -37.09 -38.94 -31.97
N ASN L 104 -35.80 -38.85 -31.70
CA ASN L 104 -34.96 -40.04 -31.61
C ASN L 104 -35.47 -41.01 -30.54
N GLU L 105 -35.82 -40.51 -29.37
CA GLU L 105 -36.37 -41.38 -28.33
C GLU L 105 -37.63 -42.05 -28.83
N ARG L 106 -38.49 -41.28 -29.48
CA ARG L 106 -39.75 -41.83 -29.97
C ARG L 106 -39.55 -42.82 -31.13
N THR L 107 -38.51 -42.60 -31.94
CA THR L 107 -38.22 -43.51 -33.06
C THR L 107 -37.76 -44.88 -32.55
N LEU L 108 -36.90 -44.89 -31.55
CA LEU L 108 -36.44 -46.16 -30.99
C LEU L 108 -37.61 -46.92 -30.33
N ASP L 109 -38.42 -46.22 -29.55
CA ASP L 109 -39.62 -46.81 -28.94
C ASP L 109 -40.64 -47.32 -29.98
N PHE L 110 -40.75 -46.61 -31.10
CA PHE L 110 -41.66 -46.98 -32.21
C PHE L 110 -41.31 -48.36 -32.75
N HIS L 111 -40.03 -48.58 -33.02
CA HIS L 111 -39.52 -49.90 -33.43
C HIS L 111 -39.83 -50.98 -32.41
N ASP L 112 -39.59 -50.67 -31.15
CA ASP L 112 -39.88 -51.59 -30.04
C ASP L 112 -41.36 -51.98 -30.07
N SER L 113 -42.21 -50.97 -30.20
CA SER L 113 -43.65 -51.18 -30.35
C SER L 113 -44.04 -52.08 -31.53
N ASN L 114 -43.44 -51.83 -32.69
CA ASN L 114 -43.76 -52.63 -33.87
C ASN L 114 -43.39 -54.11 -33.66
N VAL L 115 -42.30 -54.36 -32.92
CA VAL L 115 -41.89 -55.74 -32.62
C VAL L 115 -42.85 -56.41 -31.65
N LYS L 116 -43.20 -55.69 -30.60
CA LYS L 116 -44.14 -56.18 -29.61
C LYS L 116 -45.48 -56.54 -30.24
N ASN L 117 -45.97 -55.67 -31.12
CA ASN L 117 -47.23 -55.92 -31.81
C ASN L 117 -47.17 -57.10 -32.76
N LEU L 118 -46.04 -57.28 -33.43
CA LEU L 118 -45.85 -58.43 -34.31
C LEU L 118 -45.85 -59.70 -33.50
N TYR L 119 -45.17 -59.68 -32.36
CA TYR L 119 -45.18 -60.85 -31.48
C TYR L 119 -46.58 -61.16 -30.99
N ASP L 120 -47.32 -60.14 -30.55
CA ASP L 120 -48.68 -60.37 -30.07
C ASP L 120 -49.60 -60.86 -31.21
N LYS L 121 -49.46 -60.30 -32.40
CA LYS L 121 -50.20 -60.75 -33.59
C LYS L 121 -50.13 -62.26 -33.78
N VAL L 122 -48.93 -62.81 -33.67
CA VAL L 122 -48.70 -64.24 -33.81
C VAL L 122 -49.27 -65.00 -32.61
N ARG L 123 -49.00 -64.49 -31.41
CA ARG L 123 -49.53 -65.10 -30.18
C ARG L 123 -51.04 -65.25 -30.26
N LEU L 124 -51.72 -64.18 -30.68
CA LEU L 124 -53.18 -64.15 -30.76
C LEU L 124 -53.77 -65.09 -31.81
N GLN L 125 -52.97 -65.50 -32.81
CA GLN L 125 -53.40 -66.51 -33.77
C GLN L 125 -53.24 -67.91 -33.18
N LEU L 126 -52.05 -68.19 -32.68
CA LEU L 126 -51.71 -69.53 -32.20
C LEU L 126 -52.48 -69.91 -30.96
N ARG L 127 -52.66 -68.96 -30.04
CA ARG L 127 -53.40 -69.21 -28.81
C ARG L 127 -52.80 -70.42 -28.04
N ASP L 128 -53.54 -71.51 -27.87
CA ASP L 128 -53.07 -72.64 -27.07
C ASP L 128 -52.63 -73.82 -27.93
N ASN L 129 -52.42 -73.59 -29.22
CA ASN L 129 -51.83 -74.59 -30.11
C ASN L 129 -50.30 -74.56 -30.10
N ALA L 130 -49.68 -73.74 -29.26
CA ALA L 130 -48.23 -73.69 -29.15
C ALA L 130 -47.79 -73.25 -27.76
N LYS L 131 -46.57 -73.62 -27.38
CA LYS L 131 -45.99 -73.19 -26.10
C LYS L 131 -45.28 -71.86 -26.28
N GLU L 132 -45.70 -70.87 -25.51
CA GLU L 132 -45.02 -69.59 -25.46
C GLU L 132 -43.77 -69.77 -24.60
N LEU L 133 -42.60 -69.81 -25.23
CA LEU L 133 -41.35 -70.11 -24.53
C LEU L 133 -40.83 -68.97 -23.68
N GLY L 134 -41.20 -67.73 -24.02
CA GLY L 134 -40.82 -66.55 -23.25
C GLY L 134 -39.61 -65.78 -23.77
N ASN L 135 -39.16 -66.11 -24.97
CA ASN L 135 -37.97 -65.51 -25.56
C ASN L 135 -38.18 -64.99 -26.98
N GLY L 136 -39.44 -64.83 -27.35
CA GLY L 136 -39.80 -64.51 -28.71
C GLY L 136 -40.29 -65.70 -29.51
N CYS L 137 -40.18 -66.92 -28.96
CA CYS L 137 -40.44 -68.13 -29.74
C CYS L 137 -41.68 -68.87 -29.29
N PHE L 138 -42.28 -69.57 -30.26
CA PHE L 138 -43.45 -70.39 -30.03
C PHE L 138 -43.16 -71.78 -30.53
N GLU L 139 -43.26 -72.76 -29.63
CA GLU L 139 -43.05 -74.14 -29.99
C GLU L 139 -44.41 -74.81 -30.24
N PHE L 140 -44.60 -75.33 -31.44
CA PHE L 140 -45.88 -75.95 -31.82
C PHE L 140 -46.10 -77.31 -31.18
N TYR L 141 -47.36 -77.65 -30.89
CA TYR L 141 -47.73 -78.99 -30.44
C TYR L 141 -47.86 -79.95 -31.61
N HIS L 142 -48.38 -79.46 -32.72
CA HIS L 142 -48.48 -80.22 -33.97
C HIS L 142 -47.26 -79.95 -34.85
N LYS L 143 -47.05 -80.80 -35.87
CA LYS L 143 -46.05 -80.50 -36.90
C LYS L 143 -46.55 -79.30 -37.70
N CYS L 144 -45.64 -78.39 -38.00
CA CYS L 144 -45.96 -77.19 -38.77
C CYS L 144 -44.99 -77.11 -39.94
N ASP L 145 -45.42 -77.61 -41.08
CA ASP L 145 -44.61 -77.57 -42.31
C ASP L 145 -44.53 -76.16 -42.90
N ASN L 146 -43.86 -75.99 -44.03
CA ASN L 146 -43.62 -74.65 -44.59
C ASN L 146 -44.88 -73.86 -44.95
N GLU L 147 -45.91 -74.57 -45.41
CA GLU L 147 -47.20 -73.94 -45.68
C GLU L 147 -47.88 -73.53 -44.36
N CYS L 148 -47.76 -74.38 -43.35
CA CYS L 148 -48.25 -74.06 -42.01
C CYS L 148 -47.55 -72.80 -41.51
N MET L 149 -46.21 -72.76 -41.59
CA MET L 149 -45.44 -71.57 -41.22
C MET L 149 -45.87 -70.32 -41.98
N GLU L 150 -46.06 -70.47 -43.29
CA GLU L 150 -46.48 -69.34 -44.10
C GLU L 150 -47.84 -68.78 -43.66
N SER L 151 -48.76 -69.65 -43.27
CA SER L 151 -50.09 -69.23 -42.80
C SER L 151 -50.00 -68.41 -41.50
N VAL L 152 -48.96 -68.65 -40.71
CA VAL L 152 -48.72 -67.85 -39.51
C VAL L 152 -48.29 -66.46 -39.93
N ARG L 153 -47.35 -66.38 -40.86
CA ARG L 153 -46.90 -65.10 -41.43
C ARG L 153 -48.01 -64.36 -42.18
N ASN L 154 -48.89 -65.14 -42.81
CA ASN L 154 -50.07 -64.64 -43.50
C ASN L 154 -51.03 -63.83 -42.65
N GLY L 155 -51.33 -64.35 -41.47
CA GLY L 155 -52.51 -63.97 -40.71
C GLY L 155 -53.61 -65.02 -40.89
N THR L 156 -53.31 -66.11 -41.60
CA THR L 156 -54.28 -67.10 -42.04
C THR L 156 -54.23 -68.41 -41.22
N TYR L 157 -53.46 -68.44 -40.15
CA TYR L 157 -53.26 -69.69 -39.42
C TYR L 157 -54.60 -70.25 -38.93
N ASP L 158 -55.03 -71.37 -39.52
CA ASP L 158 -56.34 -71.95 -39.23
C ASP L 158 -56.33 -72.71 -37.88
N TYR L 159 -56.75 -72.00 -36.82
CA TYR L 159 -56.67 -72.53 -35.45
C TYR L 159 -57.51 -73.82 -35.21
N PRO L 160 -58.79 -73.82 -35.64
CA PRO L 160 -59.60 -75.05 -35.51
C PRO L 160 -59.02 -76.28 -36.20
N GLN L 161 -58.25 -76.08 -37.26
CA GLN L 161 -57.61 -77.19 -37.98
C GLN L 161 -56.66 -77.99 -37.09
N TYR L 162 -56.06 -77.30 -36.12
CA TYR L 162 -55.23 -77.95 -35.12
C TYR L 162 -55.80 -77.62 -33.73
N GLN M 1 17.52 44.45 -3.69
CA GLN M 1 18.62 44.31 -4.69
C GLN M 1 19.07 45.66 -5.28
N VAL M 2 20.36 45.75 -5.57
CA VAL M 2 20.95 46.91 -6.20
C VAL M 2 20.95 46.64 -7.70
N GLN M 3 20.60 47.65 -8.48
CA GLN M 3 20.77 47.64 -9.91
C GLN M 3 21.59 48.82 -10.36
N LEU M 4 22.45 48.57 -11.35
CA LEU M 4 23.23 49.60 -11.98
C LEU M 4 22.86 49.69 -13.44
N GLN M 5 22.41 50.86 -13.87
CA GLN M 5 21.94 51.09 -15.22
C GLN M 5 22.84 52.08 -15.93
N GLN M 6 23.58 51.60 -16.92
CA GLN M 6 24.54 52.42 -17.65
C GLN M 6 23.89 53.09 -18.82
N SER M 7 24.44 54.23 -19.19
CA SER M 7 24.06 54.85 -20.43
C SER M 7 25.18 55.72 -20.94
N GLY M 8 25.02 56.20 -22.17
CA GLY M 8 26.02 57.02 -22.85
C GLY M 8 26.30 56.46 -24.24
N PRO M 9 26.78 57.31 -25.16
CA PRO M 9 27.02 56.83 -26.51
C PRO M 9 28.17 55.82 -26.59
N GLY M 10 28.00 54.82 -27.47
CA GLY M 10 29.04 53.81 -27.74
C GLY M 10 29.98 54.13 -28.89
N LEU M 11 29.96 55.37 -29.37
CA LEU M 11 30.82 55.79 -30.47
C LEU M 11 31.48 57.10 -30.07
N VAL M 12 32.81 57.14 -30.09
CA VAL M 12 33.58 58.36 -29.81
C VAL M 12 34.62 58.57 -30.89
N LYS M 13 34.75 59.80 -31.40
CA LYS M 13 35.77 60.08 -32.41
C LYS M 13 37.14 60.14 -31.76
N PRO M 14 38.21 59.72 -32.48
CA PRO M 14 39.54 59.79 -31.89
C PRO M 14 39.89 61.20 -31.47
N SER M 15 40.57 61.32 -30.32
CA SER M 15 40.97 62.59 -29.69
C SER M 15 39.88 63.29 -28.88
N GLN M 16 38.64 62.80 -28.93
CA GLN M 16 37.55 63.44 -28.21
C GLN M 16 37.25 62.71 -26.90
N THR M 17 36.12 63.04 -26.28
CA THR M 17 35.84 62.62 -24.92
C THR M 17 34.75 61.56 -24.88
N LEU M 18 35.06 60.49 -24.16
CA LEU M 18 34.12 59.43 -23.84
C LEU M 18 33.38 59.83 -22.56
N SER M 19 32.06 59.73 -22.59
CA SER M 19 31.25 60.15 -21.46
C SER M 19 30.18 59.11 -21.17
N LEU M 20 30.29 58.43 -20.03
CA LEU M 20 29.31 57.45 -19.60
C LEU M 20 28.74 57.78 -18.24
N THR M 21 27.54 57.24 -17.99
CA THR M 21 26.83 57.40 -16.72
C THR M 21 26.34 56.04 -16.18
N CYS M 22 26.43 55.86 -14.86
CA CYS M 22 25.86 54.73 -14.14
C CYS M 22 24.83 55.26 -13.14
N ALA M 23 23.57 54.84 -13.30
CA ALA M 23 22.47 55.29 -12.44
C ALA M 23 22.18 54.19 -11.47
N ILE M 24 22.21 54.53 -10.19
CA ILE M 24 22.07 53.55 -9.12
C ILE M 24 20.62 53.49 -8.64
N SER M 25 20.12 52.28 -8.41
CA SER M 25 18.90 52.11 -7.62
C SER M 25 19.09 50.97 -6.61
N GLY M 26 18.43 51.11 -5.46
CA GLY M 26 18.64 50.23 -4.31
C GLY M 26 19.82 50.55 -3.39
N ASP M 27 20.53 51.66 -3.63
CA ASP M 27 21.66 52.05 -2.78
C ASP M 27 21.91 53.51 -3.06
N SER M 28 22.77 54.14 -2.26
CA SER M 28 23.10 55.56 -2.39
C SER M 28 24.51 55.74 -2.88
N VAL M 29 24.69 56.60 -3.87
CA VAL M 29 26.02 56.96 -4.33
C VAL M 29 26.93 57.42 -3.20
N SER M 30 26.34 58.04 -2.18
CA SER M 30 27.11 58.58 -1.07
C SER M 30 27.15 57.65 0.16
N SER M 31 26.77 56.38 -0.03
CA SER M 31 26.75 55.44 1.09
C SER M 31 28.14 55.17 1.60
N TYR M 32 28.22 55.02 2.92
CA TYR M 32 29.49 54.70 3.57
C TYR M 32 29.90 53.24 3.34
N ASN M 33 28.95 52.39 2.94
CA ASN M 33 29.22 50.99 2.63
C ASN M 33 29.16 50.67 1.13
N ALA M 34 29.63 51.63 0.34
CA ALA M 34 29.76 51.43 -1.09
C ALA M 34 30.97 52.19 -1.62
N VAL M 35 31.56 51.63 -2.66
CA VAL M 35 32.57 52.28 -3.51
C VAL M 35 32.12 52.08 -4.96
N TRP M 36 32.21 53.12 -5.77
CA TRP M 36 31.66 53.11 -7.09
C TRP M 36 32.80 53.14 -8.09
N ASN M 37 32.91 52.08 -8.90
CA ASN M 37 34.07 51.84 -9.78
C ASN M 37 33.68 51.81 -11.27
N TRP M 38 34.67 52.11 -12.12
CA TRP M 38 34.59 51.79 -13.55
C TRP M 38 35.71 50.80 -13.91
N ILE M 39 35.33 49.80 -14.71
CA ILE M 39 36.21 48.73 -15.16
C ILE M 39 35.95 48.56 -16.66
N ARG M 40 37.00 48.35 -17.45
CA ARG M 40 36.78 48.04 -18.87
C ARG M 40 37.38 46.70 -19.25
N GLN M 41 36.90 46.16 -20.37
CA GLN M 41 37.32 44.88 -20.88
C GLN M 41 37.47 44.92 -22.39
N SER M 42 38.61 44.43 -22.87
CA SER M 42 38.82 44.30 -24.29
C SER M 42 39.46 42.97 -24.58
N PRO M 43 39.24 42.45 -25.79
CA PRO M 43 39.77 41.11 -26.10
C PRO M 43 41.27 41.00 -25.91
N SER M 44 41.97 42.10 -26.20
CA SER M 44 43.42 42.21 -26.02
C SER M 44 43.86 42.34 -24.56
N ARG M 45 43.39 43.40 -23.90
CA ARG M 45 43.87 43.82 -22.57
C ARG M 45 43.28 43.07 -21.38
N GLY M 46 42.19 42.36 -21.61
CA GLY M 46 41.49 41.68 -20.52
C GLY M 46 40.72 42.69 -19.69
N LEU M 47 40.57 42.39 -18.40
CA LEU M 47 39.81 43.23 -17.48
C LEU M 47 40.71 44.24 -16.83
N GLU M 48 40.34 45.52 -16.88
CA GLU M 48 41.18 46.60 -16.35
C GLU M 48 40.35 47.56 -15.51
N TRP M 49 40.72 47.69 -14.24
CA TRP M 49 40.09 48.67 -13.37
C TRP M 49 40.61 50.06 -13.74
N LEU M 50 39.69 51.02 -13.87
CA LEU M 50 40.03 52.38 -14.31
C LEU M 50 40.04 53.42 -13.18
N GLY M 51 39.11 53.31 -12.26
CA GLY M 51 38.99 54.31 -11.19
C GLY M 51 37.74 54.16 -10.35
N ARG M 52 37.62 55.04 -9.38
CA ARG M 52 36.49 55.01 -8.50
C ARG M 52 36.23 56.35 -7.83
N THR M 53 35.02 56.46 -7.29
CA THR M 53 34.67 57.51 -6.35
C THR M 53 33.89 56.91 -5.18
N TYR M 54 34.03 57.55 -4.01
CA TYR M 54 33.30 57.15 -2.79
C TYR M 54 33.25 58.28 -1.75
N TYR M 55 32.25 58.19 -0.86
CA TYR M 55 32.04 59.25 0.13
C TYR M 55 32.34 58.69 1.51
N ARG M 56 33.24 59.35 2.22
CA ARG M 56 33.51 59.06 3.63
C ARG M 56 33.77 60.40 4.31
N SER M 57 32.68 61.03 4.74
CA SER M 57 32.73 62.38 5.32
C SER M 57 33.41 63.36 4.37
N GLY M 58 33.17 63.15 3.07
CA GLY M 58 33.78 63.92 1.99
C GLY M 58 34.09 63.01 0.82
N TRP M 59 34.13 63.58 -0.38
CA TRP M 59 34.31 62.78 -1.60
C TRP M 59 35.77 62.48 -1.91
N TYR M 60 36.04 61.24 -2.33
CA TYR M 60 37.37 60.81 -2.76
C TYR M 60 37.30 60.19 -4.14
N ASN M 61 38.40 60.32 -4.89
CA ASN M 61 38.61 59.62 -6.17
C ASN M 61 39.98 59.00 -6.21
N ASP M 62 40.08 57.83 -6.83
CA ASP M 62 41.36 57.19 -7.12
C ASP M 62 41.27 56.75 -8.57
N TYR M 63 42.37 56.85 -9.31
CA TYR M 63 42.38 56.46 -10.73
C TYR M 63 43.59 55.60 -11.09
N ALA M 64 43.41 54.74 -12.08
CA ALA M 64 44.51 53.89 -12.54
C ALA M 64 45.60 54.69 -13.20
N GLU M 65 46.82 54.27 -12.93
CA GLU M 65 47.98 54.96 -13.44
C GLU M 65 47.97 55.13 -14.95
N SER M 66 47.51 54.10 -15.65
CA SER M 66 47.42 54.14 -17.12
C SER M 66 46.53 55.24 -17.72
N VAL M 67 45.51 55.69 -16.99
CA VAL M 67 44.55 56.70 -17.50
C VAL M 67 44.45 57.98 -16.68
N LYS M 68 45.31 58.08 -15.66
CA LYS M 68 45.16 59.14 -14.65
C LYS M 68 45.07 60.55 -15.21
N SER M 69 45.85 60.85 -16.23
CA SER M 69 45.88 62.20 -16.79
C SER M 69 44.65 62.55 -17.65
N ARG M 70 43.84 61.56 -17.99
CA ARG M 70 42.70 61.73 -18.91
C ARG M 70 41.33 61.50 -18.28
N ILE M 71 41.29 61.05 -17.03
CA ILE M 71 40.07 60.47 -16.49
C ILE M 71 39.45 61.31 -15.37
N THR M 72 38.12 61.37 -15.34
CA THR M 72 37.37 62.02 -14.28
C THR M 72 36.15 61.18 -13.96
N ILE M 73 35.90 60.95 -12.69
CA ILE M 73 34.73 60.18 -12.23
C ILE M 73 34.03 60.98 -11.15
N ASN M 74 32.83 61.46 -11.45
CA ASN M 74 32.12 62.40 -10.58
C ASN M 74 30.78 61.85 -10.13
N PRO M 75 30.43 62.04 -8.85
CA PRO M 75 29.14 61.64 -8.35
C PRO M 75 28.11 62.72 -8.57
N ASP M 76 26.87 62.32 -8.74
CA ASP M 76 25.76 63.24 -8.79
C ASP M 76 24.79 62.81 -7.71
N THR M 77 24.69 63.60 -6.65
CA THR M 77 23.81 63.27 -5.52
C THR M 77 22.39 63.78 -5.72
N SER M 78 22.12 64.47 -6.83
CA SER M 78 20.74 64.83 -7.18
C SER M 78 20.05 63.67 -7.88
N LYS M 79 20.77 63.00 -8.78
CA LYS M 79 20.22 61.93 -9.60
C LYS M 79 20.68 60.53 -9.19
N ASN M 80 21.43 60.44 -8.09
CA ASN M 80 21.99 59.18 -7.64
C ASN M 80 22.72 58.40 -8.73
N GLN M 81 23.67 59.08 -9.36
CA GLN M 81 24.48 58.45 -10.37
C GLN M 81 25.92 58.87 -10.23
N PHE M 82 26.79 58.23 -11.02
CA PHE M 82 28.16 58.66 -11.15
C PHE M 82 28.62 58.49 -12.59
N SER M 83 29.54 59.34 -13.01
CA SER M 83 29.95 59.41 -14.41
C SER M 83 31.39 58.96 -14.62
N LEU M 84 31.69 58.66 -15.88
CA LEU M 84 33.04 58.45 -16.35
C LEU M 84 33.23 59.44 -17.47
N GLN M 85 34.33 60.17 -17.40
CA GLN M 85 34.79 61.01 -18.48
C GLN M 85 36.25 60.63 -18.79
N LEU M 86 36.52 60.31 -20.04
CA LEU M 86 37.84 59.87 -20.48
C LEU M 86 38.20 60.74 -21.68
N ASN M 87 39.16 61.65 -21.51
CA ASN M 87 39.56 62.59 -22.58
C ASN M 87 40.57 62.00 -23.54
N SER M 88 40.69 62.62 -24.71
CA SER M 88 41.74 62.31 -25.69
C SER M 88 41.84 60.82 -26.03
N VAL M 89 40.70 60.23 -26.38
CA VAL M 89 40.65 58.78 -26.62
C VAL M 89 41.40 58.38 -27.88
N THR M 90 41.93 57.16 -27.89
CA THR M 90 42.61 56.57 -29.04
C THR M 90 41.99 55.20 -29.28
N PRO M 91 42.31 54.54 -30.41
CA PRO M 91 41.81 53.19 -30.66
C PRO M 91 42.01 52.19 -29.51
N GLU M 92 43.06 52.37 -28.71
CA GLU M 92 43.29 51.50 -27.56
C GLU M 92 42.26 51.61 -26.43
N ASP M 93 41.40 52.63 -26.49
CA ASP M 93 40.31 52.81 -25.52
C ASP M 93 39.00 52.12 -25.94
N THR M 94 39.00 51.48 -27.11
CA THR M 94 37.87 50.66 -27.55
C THR M 94 37.76 49.45 -26.63
N ALA M 95 36.58 49.29 -26.05
CA ALA M 95 36.35 48.29 -25.00
C ALA M 95 34.89 48.28 -24.55
N VAL M 96 34.53 47.29 -23.74
CA VAL M 96 33.25 47.31 -23.01
C VAL M 96 33.53 47.94 -21.65
N TYR M 97 32.78 48.99 -21.28
CA TYR M 97 32.94 49.68 -20.01
C TYR M 97 31.84 49.25 -19.06
N TYR M 98 32.24 48.82 -17.87
CA TYR M 98 31.31 48.41 -16.80
C TYR M 98 31.44 49.33 -15.59
N CYS M 99 30.32 49.70 -14.99
CA CYS M 99 30.36 50.24 -13.64
C CYS M 99 30.13 49.10 -12.68
N ALA M 100 30.64 49.24 -11.45
CA ALA M 100 30.51 48.21 -10.43
C ALA M 100 30.70 48.73 -9.01
N ARG M 101 29.97 48.13 -8.08
CA ARG M 101 30.03 48.48 -6.68
C ARG M 101 31.02 47.57 -5.99
N SER M 102 31.88 48.14 -5.18
CA SER M 102 32.80 47.35 -4.33
C SER M 102 32.74 47.89 -2.93
N GLY M 103 33.25 47.13 -2.00
CA GLY M 103 33.24 47.61 -0.62
C GLY M 103 31.89 47.48 0.06
N HIS M 104 30.99 46.74 -0.58
CA HIS M 104 29.74 46.36 0.04
C HIS M 104 29.98 45.14 0.84
N ILE M 105 30.92 44.36 0.36
CA ILE M 105 31.35 43.24 1.09
C ILE M 105 32.76 43.46 1.55
N THR M 106 32.96 43.38 2.86
CA THR M 106 34.21 43.73 3.46
C THR M 106 34.64 42.68 4.45
N VAL M 107 35.95 42.48 4.59
CA VAL M 107 36.47 41.60 5.65
C VAL M 107 36.84 42.45 6.86
N PHE M 108 36.06 42.33 7.91
CA PHE M 108 36.25 43.12 9.10
C PHE M 108 36.17 44.63 8.84
N GLY M 109 35.25 45.05 7.99
CA GLY M 109 35.02 46.46 7.72
C GLY M 109 36.02 47.12 6.80
N VAL M 110 36.84 46.31 6.13
CA VAL M 110 37.86 46.81 5.24
C VAL M 110 37.45 46.48 3.84
N ASN M 111 37.36 47.50 2.99
CA ASN M 111 37.03 47.25 1.61
C ASN M 111 38.16 46.44 1.01
N VAL M 112 37.78 45.32 0.42
CA VAL M 112 38.73 44.44 -0.18
C VAL M 112 38.77 44.59 -1.73
N ASP M 113 37.96 45.52 -2.24
CA ASP M 113 37.74 45.72 -3.68
C ASP M 113 37.02 44.54 -4.38
N ALA M 114 36.21 43.85 -3.61
CA ALA M 114 35.56 42.76 -4.25
C ALA M 114 34.38 43.50 -4.86
N PHE M 115 34.19 43.32 -6.19
CA PHE M 115 33.03 43.88 -6.93
C PHE M 115 31.90 42.85 -7.13
N ASP M 116 30.71 43.24 -5.93
CA ASP M 116 29.51 42.43 -5.79
C ASP M 116 28.40 42.67 -6.84
N MET M 117 28.38 43.84 -7.50
CA MET M 117 27.35 44.18 -8.49
C MET M 117 27.92 44.94 -9.64
N TRP M 118 27.51 44.60 -10.84
CA TRP M 118 28.02 45.25 -12.03
C TRP M 118 26.84 45.74 -12.88
N GLY M 119 27.08 46.81 -13.62
CA GLY M 119 26.16 47.25 -14.66
C GLY M 119 26.25 46.35 -15.89
N GLN M 120 25.36 46.58 -16.84
CA GLN M 120 25.26 45.71 -18.02
C GLN M 120 26.40 45.86 -19.03
N GLY M 121 27.18 46.94 -18.92
CA GLY M 121 28.25 47.24 -19.88
C GLY M 121 27.78 48.15 -21.01
N THR M 122 28.67 49.03 -21.46
CA THR M 122 28.46 49.85 -22.66
C THR M 122 29.63 49.54 -23.56
N MET M 123 29.36 49.07 -24.78
CA MET M 123 30.44 48.84 -25.72
C MET M 123 30.78 50.18 -26.33
N VAL M 124 32.04 50.59 -26.22
CA VAL M 124 32.50 51.85 -26.80
C VAL M 124 33.51 51.57 -27.93
N THR M 125 33.26 52.18 -29.09
CA THR M 125 34.15 52.09 -30.24
C THR M 125 34.73 53.47 -30.53
N VAL M 126 36.05 53.57 -30.56
CA VAL M 126 36.73 54.79 -30.99
C VAL M 126 36.95 54.73 -32.49
N SER M 127 36.24 55.56 -33.23
CA SER M 127 36.33 55.55 -34.69
C SER M 127 35.83 56.85 -35.25
N SER M 128 36.39 57.21 -36.40
CA SER M 128 35.95 58.38 -37.14
C SER M 128 34.77 58.05 -38.04
N ALA M 129 34.53 56.74 -38.24
CA ALA M 129 33.43 56.27 -39.09
C ALA M 129 32.06 56.67 -38.52
N SER M 130 31.03 56.66 -39.37
CA SER M 130 29.73 57.17 -38.97
C SER M 130 28.69 56.08 -38.89
N THR M 131 27.65 56.35 -38.14
CA THR M 131 26.67 55.37 -37.80
C THR M 131 25.91 54.96 -39.06
N LYS M 132 25.62 53.68 -39.14
CA LYS M 132 24.82 53.14 -40.23
C LYS M 132 23.93 52.02 -39.71
N GLY M 133 22.63 52.13 -39.96
CA GLY M 133 21.70 51.09 -39.56
C GLY M 133 21.77 49.90 -40.50
N PRO M 134 21.37 48.71 -40.01
CA PRO M 134 21.46 47.50 -40.84
C PRO M 134 20.34 47.35 -41.87
N SER M 135 20.64 46.62 -42.93
CA SER M 135 19.61 46.08 -43.81
C SER M 135 19.32 44.69 -43.28
N VAL M 136 18.05 44.29 -43.28
CA VAL M 136 17.67 42.98 -42.77
C VAL M 136 17.00 42.16 -43.90
N PHE M 137 17.58 40.99 -44.19
CA PHE M 137 17.10 40.12 -45.26
C PHE M 137 16.71 38.78 -44.66
N PRO M 138 15.67 38.13 -45.19
CA PRO M 138 15.27 36.81 -44.70
C PRO M 138 16.20 35.69 -45.17
N LEU M 139 16.42 34.70 -44.30
CA LEU M 139 17.05 33.45 -44.65
C LEU M 139 15.92 32.43 -44.64
N ALA M 140 15.35 32.18 -45.80
CA ALA M 140 14.06 31.52 -45.94
C ALA M 140 14.14 30.00 -45.83
N PRO M 141 13.22 29.37 -45.09
CA PRO M 141 13.23 27.92 -45.02
C PRO M 141 12.79 27.33 -46.36
N SER M 142 13.48 26.30 -46.83
CA SER M 142 13.13 25.61 -48.08
C SER M 142 12.61 24.20 -47.79
N SER M 143 12.49 23.37 -48.82
CA SER M 143 12.33 21.92 -48.61
C SER M 143 13.20 21.16 -49.58
N GLY M 148 12.26 16.54 -40.75
CA GLY M 148 11.24 17.15 -39.91
C GLY M 148 11.65 18.46 -39.26
N THR M 149 12.90 18.88 -39.45
CA THR M 149 13.37 20.15 -38.88
C THR M 149 13.67 21.15 -39.98
N ALA M 150 13.18 22.38 -39.78
CA ALA M 150 13.47 23.47 -40.72
C ALA M 150 14.32 24.55 -40.04
N ALA M 151 15.21 25.15 -40.81
CA ALA M 151 15.98 26.28 -40.33
C ALA M 151 15.54 27.52 -41.07
N LEU M 152 15.40 28.61 -40.33
CA LEU M 152 15.15 29.91 -40.93
C LEU M 152 15.98 30.95 -40.18
N GLY M 153 16.09 32.14 -40.74
CA GLY M 153 16.89 33.19 -40.09
C GLY M 153 16.78 34.55 -40.73
N CYS M 154 17.57 35.49 -40.20
CA CYS M 154 17.64 36.85 -40.68
C CYS M 154 19.08 37.21 -40.86
N LEU M 155 19.41 37.78 -42.01
CA LEU M 155 20.73 38.31 -42.25
C LEU M 155 20.69 39.80 -41.96
N VAL M 156 21.53 40.24 -41.02
CA VAL M 156 21.59 41.63 -40.61
C VAL M 156 22.89 42.22 -41.16
N LYS M 157 22.77 42.98 -42.25
CA LYS M 157 23.95 43.35 -43.03
C LYS M 157 24.26 44.85 -43.06
N ASP M 158 25.55 45.15 -42.99
CA ASP M 158 26.12 46.46 -43.25
C ASP M 158 25.71 47.54 -42.26
N TYR M 159 26.07 47.30 -41.00
CA TYR M 159 25.82 48.28 -39.94
C TYR M 159 27.11 48.68 -39.24
N PHE M 160 27.06 49.82 -38.56
CA PHE M 160 28.17 50.35 -37.78
C PHE M 160 27.64 51.37 -36.74
N PRO M 161 28.18 51.37 -35.50
CA PRO M 161 29.11 50.41 -34.91
C PRO M 161 28.36 49.23 -34.30
N GLU M 162 29.08 48.37 -33.58
CA GLU M 162 28.45 47.36 -32.72
C GLU M 162 27.72 48.03 -31.55
N PRO M 163 26.73 47.34 -30.96
CA PRO M 163 26.18 46.03 -31.29
C PRO M 163 24.79 46.11 -31.88
N VAL M 164 24.36 44.98 -32.43
CA VAL M 164 22.97 44.76 -32.83
C VAL M 164 22.42 43.72 -31.87
N THR M 165 21.13 43.81 -31.53
CA THR M 165 20.44 42.73 -30.83
C THR M 165 19.31 42.18 -31.68
N VAL M 166 19.07 40.88 -31.58
CA VAL M 166 18.02 40.23 -32.36
C VAL M 166 17.17 39.43 -31.39
N SER M 167 15.85 39.53 -31.51
CA SER M 167 14.96 38.57 -30.85
C SER M 167 14.04 38.00 -31.91
N TRP M 168 13.27 36.99 -31.54
CA TRP M 168 12.28 36.40 -32.42
C TRP M 168 10.91 36.42 -31.77
N ASN M 169 9.91 36.76 -32.58
CA ASN M 169 8.53 36.87 -32.12
C ASN M 169 8.42 37.65 -30.80
N SER M 170 9.14 38.78 -30.79
CA SER M 170 9.23 39.71 -29.67
C SER M 170 9.69 39.05 -28.38
N GLY M 171 10.61 38.10 -28.52
CA GLY M 171 11.16 37.36 -27.38
C GLY M 171 10.35 36.16 -26.93
N ALA M 172 9.28 35.83 -27.65
CA ALA M 172 8.46 34.67 -27.32
C ALA M 172 9.10 33.38 -27.83
N LEU M 173 9.99 33.50 -28.82
CA LEU M 173 10.71 32.36 -29.36
C LEU M 173 12.18 32.46 -28.96
N THR M 174 12.59 31.57 -28.07
CA THR M 174 13.97 31.48 -27.61
C THR M 174 14.64 30.14 -27.91
N SER M 175 13.89 29.04 -27.86
CA SER M 175 14.48 27.72 -28.00
C SER M 175 15.00 27.47 -29.42
N GLY M 176 16.24 26.96 -29.51
CA GLY M 176 16.86 26.68 -30.80
C GLY M 176 17.36 27.91 -31.57
N VAL M 177 17.35 29.09 -30.92
CA VAL M 177 17.84 30.33 -31.55
C VAL M 177 19.36 30.38 -31.47
N HIS M 178 20.01 30.76 -32.57
CA HIS M 178 21.45 31.07 -32.56
C HIS M 178 21.71 32.43 -33.21
N THR M 179 22.14 33.42 -32.45
CA THR M 179 22.52 34.70 -33.02
C THR M 179 24.04 34.76 -33.05
N PHE M 180 24.60 34.78 -34.25
CA PHE M 180 26.04 34.70 -34.39
C PHE M 180 26.75 35.99 -34.01
N PRO M 181 28.00 35.88 -33.52
CA PRO M 181 28.83 37.07 -33.38
C PRO M 181 28.98 37.77 -34.73
N ALA M 182 29.05 39.10 -34.69
CA ALA M 182 29.27 39.90 -35.89
C ALA M 182 30.67 39.69 -36.47
N VAL M 183 30.77 39.83 -37.78
CA VAL M 183 32.05 39.83 -38.48
C VAL M 183 32.23 41.19 -39.11
N LEU M 184 33.47 41.69 -39.08
CA LEU M 184 33.79 42.94 -39.73
C LEU M 184 34.19 42.63 -41.15
N GLN M 185 33.45 43.20 -42.10
CA GLN M 185 33.67 42.94 -43.52
C GLN M 185 34.73 43.88 -44.06
N SER M 186 35.21 43.58 -45.26
CA SER M 186 36.23 44.41 -45.89
C SER M 186 35.75 45.84 -46.16
N SER M 187 34.44 46.06 -46.25
CA SER M 187 33.87 47.40 -46.32
C SER M 187 34.04 48.22 -45.03
N GLY M 188 34.41 47.57 -43.93
CA GLY M 188 34.47 48.23 -42.63
C GLY M 188 33.12 48.35 -41.94
N LEU M 189 32.12 47.63 -42.45
CA LEU M 189 30.82 47.50 -41.81
C LEU M 189 30.65 46.08 -41.28
N TYR M 190 29.84 45.96 -40.23
CA TYR M 190 29.56 44.67 -39.62
C TYR M 190 28.38 43.98 -40.24
N SER M 191 28.37 42.66 -40.06
CA SER M 191 27.26 41.82 -40.46
C SER M 191 27.15 40.63 -39.52
N LEU M 192 25.92 40.18 -39.28
CA LEU M 192 25.69 38.94 -38.55
C LEU M 192 24.43 38.27 -39.05
N SER M 193 24.23 37.03 -38.61
CA SER M 193 22.99 36.32 -38.85
C SER M 193 22.41 35.80 -37.56
N SER M 194 21.09 35.72 -37.54
CA SER M 194 20.39 35.12 -36.46
C SER M 194 19.44 34.29 -36.91
N VAL M 195 19.04 33.51 -36.04
N VAL M 195 19.06 33.48 -36.06
CA VAL M 195 18.31 32.64 -36.73
CA VAL M 195 18.27 32.65 -36.76
C VAL M 195 17.57 32.01 -35.67
C VAL M 195 17.54 32.03 -35.68
N VAL M 196 17.16 29.98 -36.40
CA VAL M 196 16.37 29.19 -35.49
C VAL M 196 15.96 27.97 -36.24
N THR M 197 16.04 26.85 -35.56
CA THR M 197 15.43 25.61 -36.05
C THR M 197 14.08 25.41 -35.39
N VAL M 198 13.12 24.98 -36.22
CA VAL M 198 11.73 24.77 -35.81
C VAL M 198 11.20 23.50 -36.48
N PRO M 199 10.12 22.90 -35.95
CA PRO M 199 9.48 21.80 -36.64
C PRO M 199 9.00 22.28 -38.00
N SER M 200 9.33 21.54 -39.05
CA SER M 200 8.91 21.94 -40.39
C SER M 200 7.38 21.98 -40.54
N SER M 201 6.69 21.15 -39.76
CA SER M 201 5.24 21.19 -39.70
C SER M 201 4.67 22.56 -39.28
N SER M 202 5.37 23.28 -38.41
CA SER M 202 4.83 24.57 -37.91
C SER M 202 4.92 25.72 -38.93
N LEU M 203 5.58 25.50 -40.07
CA LEU M 203 5.75 26.56 -41.08
C LEU M 203 4.43 27.02 -41.70
N GLY M 204 3.45 26.11 -41.79
CA GLY M 204 2.15 26.43 -42.37
C GLY M 204 1.18 27.12 -41.42
N THR M 205 1.53 27.23 -40.13
CA THR M 205 0.63 27.82 -39.13
C THR M 205 1.27 28.91 -38.28
N GLN M 206 2.53 28.73 -37.91
CA GLN M 206 3.22 29.67 -37.04
C GLN M 206 3.92 30.76 -37.87
N THR M 207 3.74 32.02 -37.46
CA THR M 207 4.45 33.16 -38.03
C THR M 207 5.82 33.32 -37.33
N TYR M 208 6.85 33.62 -38.11
CA TYR M 208 8.21 33.85 -37.58
C TYR M 208 8.72 35.22 -38.03
N ILE M 209 8.97 36.10 -37.05
CA ILE M 209 9.45 37.46 -37.27
C ILE M 209 10.72 37.73 -36.45
N CYS M 210 11.80 38.18 -37.07
CA CYS M 210 12.96 38.59 -36.29
C CYS M 210 12.87 40.09 -35.99
N ASN M 211 13.17 40.44 -34.74
CA ASN M 211 13.12 41.81 -34.26
C ASN M 211 14.54 42.31 -34.08
N VAL M 212 14.94 43.30 -34.87
CA VAL M 212 16.31 43.78 -34.90
C VAL M 212 16.40 45.20 -34.36
N ASN M 213 17.33 45.37 -33.41
CA ASN M 213 17.56 46.64 -32.71
C ASN M 213 19.02 47.05 -32.88
N HIS M 214 19.21 48.23 -33.46
CA HIS M 214 20.52 48.85 -33.55
C HIS M 214 20.40 50.22 -32.92
N LYS M 215 20.67 50.26 -31.62
CA LYS M 215 20.44 51.46 -30.84
C LYS M 215 21.31 52.65 -31.28
N PRO M 216 22.57 52.42 -31.73
CA PRO M 216 23.34 53.60 -32.17
C PRO M 216 22.72 54.39 -33.32
N SER M 217 21.99 53.72 -34.22
CA SER M 217 21.30 54.39 -35.32
C SER M 217 19.81 54.59 -35.06
N ASN M 218 19.38 54.25 -33.85
CA ASN M 218 17.96 54.24 -33.50
C ASN M 218 17.07 53.36 -34.39
N THR M 219 17.64 52.28 -34.92
CA THR M 219 16.93 51.38 -35.81
C THR M 219 16.25 50.29 -35.01
N LYS M 220 14.95 50.15 -35.23
CA LYS M 220 14.20 48.99 -34.76
C LYS M 220 13.42 48.48 -35.96
N VAL M 221 13.74 47.27 -36.42
CA VAL M 221 13.12 46.69 -37.61
C VAL M 221 12.60 45.29 -37.30
N ASP M 222 11.44 44.94 -37.86
CA ASP M 222 10.88 43.59 -37.74
C ASP M 222 10.78 42.98 -39.13
N LYS M 223 11.30 41.77 -39.30
CA LYS M 223 11.21 41.08 -40.60
C LYS M 223 10.53 39.72 -40.51
N LYS M 224 9.45 39.57 -41.28
CA LYS M 224 8.74 38.31 -41.41
C LYS M 224 9.58 37.40 -42.30
N VAL M 225 9.77 36.16 -41.88
CA VAL M 225 10.56 35.19 -42.63
C VAL M 225 9.64 34.05 -43.01
N GLU M 226 9.40 33.84 -44.31
CA GLU M 226 8.46 32.81 -44.81
C GLU M 226 9.05 31.98 -45.97
N PRO M 227 8.53 30.74 -46.21
CA PRO M 227 9.01 29.76 -47.21
C PRO M 227 9.40 30.27 -48.59
N MET N 1 49.05 38.67 -11.23
CA MET N 1 48.10 37.51 -11.20
C MET N 1 48.29 36.67 -12.48
N THR N 2 48.72 35.42 -12.31
CA THR N 2 48.92 34.48 -13.43
C THR N 2 48.02 33.25 -13.27
N GLN N 3 47.06 33.05 -14.17
CA GLN N 3 46.17 31.89 -14.12
C GLN N 3 46.66 30.74 -14.98
N SER N 4 46.41 29.52 -14.49
CA SER N 4 46.75 28.27 -15.19
C SER N 4 45.68 27.21 -14.99
N PRO N 5 45.30 26.51 -16.07
CA PRO N 5 45.73 26.70 -17.44
C PRO N 5 44.97 27.86 -18.09
N SER N 6 45.38 28.28 -19.28
CA SER N 6 44.67 29.35 -19.98
C SER N 6 43.31 28.86 -20.48
N SER N 7 43.20 27.55 -20.74
CA SER N 7 41.90 26.94 -21.02
C SER N 7 41.92 25.44 -20.76
N LEU N 8 40.73 24.87 -20.66
CA LEU N 8 40.60 23.41 -20.52
C LEU N 8 39.23 22.91 -21.00
N SER N 9 39.19 21.63 -21.36
CA SER N 9 37.97 20.88 -21.64
C SER N 9 37.82 19.78 -20.65
N ALA N 10 36.61 19.62 -20.14
CA ALA N 10 36.33 18.54 -19.20
C ALA N 10 34.92 18.06 -19.39
N SER N 11 34.71 16.79 -19.03
CA SER N 11 33.40 16.20 -19.18
C SER N 11 32.46 16.64 -18.08
N VAL N 12 31.15 16.57 -18.37
CA VAL N 12 30.14 16.86 -17.38
C VAL N 12 30.39 15.90 -16.22
N GLY N 13 30.34 16.43 -14.99
CA GLY N 13 30.57 15.63 -13.81
C GLY N 13 32.02 15.58 -13.35
N ASP N 14 32.96 16.04 -14.19
CA ASP N 14 34.38 16.06 -13.82
C ASP N 14 34.68 17.07 -12.72
N ARG N 15 35.71 16.78 -11.92
CA ARG N 15 36.27 17.73 -10.98
C ARG N 15 37.26 18.63 -11.73
N VAL N 16 37.10 19.95 -11.61
CA VAL N 16 37.93 20.90 -12.33
C VAL N 16 38.60 21.82 -11.33
N THR N 17 39.90 22.01 -11.47
CA THR N 17 40.66 22.90 -10.60
C THR N 17 41.47 23.91 -11.43
N ILE N 18 41.27 25.19 -11.12
CA ILE N 18 42.02 26.29 -11.75
C ILE N 18 42.86 26.99 -10.70
N THR N 19 44.06 27.40 -11.11
CA THR N 19 45.00 28.02 -10.23
C THR N 19 45.30 29.45 -10.63
N CYS N 20 45.57 30.26 -9.62
CA CYS N 20 45.96 31.64 -9.81
C CYS N 20 47.16 31.84 -8.90
N ARG N 21 48.29 32.28 -9.48
CA ARG N 21 49.46 32.57 -8.69
C ARG N 21 49.66 34.04 -8.64
N THR N 22 49.85 34.47 -7.42
CA THR N 22 49.72 35.83 -7.18
C THR N 22 51.09 36.34 -6.83
N SER N 23 51.37 37.56 -7.24
CA SER N 23 52.62 38.28 -6.89
C SER N 23 52.81 38.39 -5.37
N GLN N 24 51.71 38.69 -4.68
CA GLN N 24 51.69 38.88 -3.25
C GLN N 24 50.51 38.07 -2.70
N SER N 25 50.74 37.34 -1.58
CA SER N 25 49.71 36.51 -1.00
C SER N 25 48.84 37.23 0.04
N LEU N 26 47.60 37.46 -0.34
CA LEU N 26 46.59 38.03 0.52
C LEU N 26 45.38 37.17 0.26
N SER N 27 44.93 36.42 1.25
CA SER N 27 43.75 35.59 1.12
C SER N 27 42.50 36.45 1.03
N SER N 28 42.43 37.50 1.84
CA SER N 28 41.27 38.34 1.87
C SER N 28 41.01 39.11 0.58
N TYR N 29 42.04 39.52 -0.12
CA TYR N 29 41.92 40.32 -1.36
C TYR N 29 41.84 39.62 -2.69
N THR N 30 41.70 38.30 -2.70
CA THR N 30 41.65 37.54 -3.94
C THR N 30 40.23 37.12 -4.16
N HIS N 31 39.73 37.28 -5.39
CA HIS N 31 38.36 36.93 -5.73
C HIS N 31 38.31 36.22 -7.04
N TRP N 32 37.25 35.44 -7.25
CA TRP N 32 36.99 34.78 -8.52
C TRP N 32 35.66 35.21 -9.15
N TYR N 33 35.69 35.48 -10.45
CA TYR N 33 34.51 35.87 -11.20
C TYR N 33 34.25 34.84 -12.29
N GLN N 34 32.99 34.63 -12.59
CA GLN N 34 32.58 33.79 -13.71
C GLN N 34 31.88 34.69 -14.73
N GLN N 35 32.29 34.60 -15.98
CA GLN N 35 31.72 35.46 -17.02
C GLN N 35 31.25 34.60 -18.17
N LYS N 36 29.94 34.62 -18.38
CA LYS N 36 29.36 33.91 -19.49
C LYS N 36 29.26 34.88 -20.67
N PRO N 37 29.20 34.36 -21.92
CA PRO N 37 29.28 35.21 -23.10
C PRO N 37 28.19 36.25 -23.15
N GLY N 38 28.57 37.48 -23.45
CA GLY N 38 27.62 38.58 -23.56
C GLY N 38 27.09 39.16 -22.25
N LYS N 39 27.60 38.68 -21.13
CA LYS N 39 27.13 39.11 -19.83
C LYS N 39 28.31 39.73 -19.08
N ALA N 40 28.00 40.50 -18.05
CA ALA N 40 29.02 40.99 -17.14
C ALA N 40 29.56 39.86 -16.29
N PRO N 41 30.80 40.01 -15.78
CA PRO N 41 31.28 39.08 -14.78
C PRO N 41 30.34 39.08 -13.57
N LYS N 42 30.22 37.92 -12.93
CA LYS N 42 29.52 37.77 -11.67
C LYS N 42 30.52 37.27 -10.63
N LEU N 43 30.48 37.86 -9.45
CA LEU N 43 31.33 37.44 -8.34
C LEU N 43 30.97 36.01 -7.94
N LEU N 44 31.98 35.14 -7.96
CA LEU N 44 31.82 33.72 -7.70
C LEU N 44 32.33 33.37 -6.31
N ILE N 45 33.56 33.78 -6.04
CA ILE N 45 34.20 33.51 -4.77
C ILE N 45 34.83 34.81 -4.29
N TYR N 46 34.70 35.12 -3.01
CA TYR N 46 35.44 36.27 -2.42
C TYR N 46 36.23 35.91 -1.19
N ALA N 47 37.38 36.57 -1.02
CA ALA N 47 38.32 36.31 0.05
C ALA N 47 38.80 34.88 0.06
N ALA N 48 39.27 34.45 -1.11
CA ALA N 48 39.81 33.12 -1.35
C ALA N 48 38.81 31.97 -1.32
N SER N 49 37.87 31.97 -0.36
CA SER N 49 37.03 30.80 -0.11
C SER N 49 35.54 31.00 0.24
N SER N 50 35.06 32.24 0.33
CA SER N 50 33.64 32.50 0.58
C SER N 50 32.85 32.50 -0.72
N ARG N 51 31.73 31.79 -0.75
CA ARG N 51 30.91 31.76 -1.97
C ARG N 51 30.11 33.03 -2.09
N GLY N 52 30.10 33.56 -3.31
CA GLY N 52 29.37 34.78 -3.58
C GLY N 52 27.88 34.53 -3.51
N SER N 53 27.12 35.62 -3.42
CA SER N 53 25.68 35.54 -3.34
C SER N 53 25.13 34.79 -4.55
N GLY N 54 24.26 33.81 -4.29
CA GLY N 54 23.64 33.02 -5.34
C GLY N 54 24.51 31.94 -5.97
N VAL N 55 25.68 31.69 -5.41
CA VAL N 55 26.63 30.76 -6.01
C VAL N 55 26.44 29.34 -5.44
N PRO N 56 26.25 28.32 -6.32
CA PRO N 56 26.02 26.94 -5.83
C PRO N 56 27.23 26.28 -5.17
N SER N 57 26.95 25.24 -4.40
CA SER N 57 27.97 24.62 -3.55
C SER N 57 29.06 23.85 -4.29
N ARG N 58 28.84 23.49 -5.55
CA ARG N 58 29.88 22.84 -6.34
C ARG N 58 31.11 23.74 -6.55
N PHE N 59 30.96 25.05 -6.42
CA PHE N 59 32.09 25.98 -6.52
C PHE N 59 32.72 26.21 -5.18
N SER N 60 34.03 26.08 -5.10
CA SER N 60 34.76 26.35 -3.86
C SER N 60 36.14 26.90 -4.17
N GLY N 61 36.73 27.55 -3.18
CA GLY N 61 38.01 28.22 -3.37
C GLY N 61 38.92 27.93 -2.21
N SER N 62 40.21 27.90 -2.48
CA SER N 62 41.20 27.67 -1.44
C SER N 62 42.38 28.57 -1.70
N GLY N 63 43.15 28.86 -0.64
CA GLY N 63 44.35 29.68 -0.74
C GLY N 63 45.49 29.15 0.12
N SER N 64 46.69 29.09 -0.46
CA SER N 64 47.90 28.75 0.26
C SER N 64 49.04 29.64 -0.22
N GLY N 65 49.54 30.48 0.68
CA GLY N 65 50.57 31.48 0.34
C GLY N 65 50.11 32.30 -0.82
N THR N 66 50.92 32.31 -1.87
CA THR N 66 50.60 33.01 -3.11
C THR N 66 49.78 32.17 -4.15
N ASP N 67 49.39 30.95 -3.81
CA ASP N 67 48.67 30.07 -4.73
C ASP N 67 47.22 29.96 -4.31
N PHE N 68 46.34 30.26 -5.25
CA PHE N 68 44.90 30.22 -5.02
C PHE N 68 44.26 29.29 -6.02
N THR N 69 43.23 28.57 -5.57
CA THR N 69 42.59 27.58 -6.41
C THR N 69 41.07 27.75 -6.39
N LEU N 70 40.48 27.60 -7.58
CA LEU N 70 39.04 27.52 -7.76
C LEU N 70 38.73 26.11 -8.20
N THR N 71 37.76 25.49 -7.52
CA THR N 71 37.39 24.13 -7.82
C THR N 71 35.92 24.02 -8.12
N ILE N 72 35.60 23.35 -9.23
CA ILE N 72 34.24 22.95 -9.55
C ILE N 72 34.20 21.45 -9.28
N SER N 73 33.46 21.04 -8.27
CA SER N 73 33.48 19.66 -7.80
C SER N 73 32.85 18.72 -8.81
N SER N 74 31.81 19.18 -9.50
CA SER N 74 31.10 18.42 -10.52
C SER N 74 30.65 19.34 -11.66
N LEU N 75 31.39 19.33 -12.76
CA LEU N 75 31.17 20.26 -13.87
C LEU N 75 29.80 20.08 -14.51
N GLN N 76 29.08 21.19 -14.66
CA GLN N 76 27.80 21.18 -15.39
C GLN N 76 27.89 21.94 -16.73
N PRO N 77 27.01 21.61 -17.69
CA PRO N 77 27.05 22.29 -18.98
C PRO N 77 26.98 23.81 -18.88
N GLU N 78 26.21 24.33 -17.92
CA GLU N 78 26.01 25.78 -17.75
C GLU N 78 27.23 26.50 -17.18
N ASP N 79 28.21 25.74 -16.70
CA ASP N 79 29.46 26.30 -16.19
C ASP N 79 30.46 26.65 -17.30
N PHE N 80 30.06 26.52 -18.56
CA PHE N 80 30.81 27.07 -19.64
C PHE N 80 30.94 28.55 -19.40
N ALA N 81 32.19 29.00 -19.25
CA ALA N 81 32.47 30.40 -18.96
C ALA N 81 33.96 30.64 -18.99
N THR N 82 34.31 31.93 -18.91
CA THR N 82 35.66 32.33 -18.58
C THR N 82 35.70 32.76 -17.08
N TYR N 83 36.69 32.22 -16.37
CA TYR N 83 36.86 32.46 -14.96
C TYR N 83 38.09 33.32 -14.75
N TYR N 84 37.93 34.40 -14.00
CA TYR N 84 39.05 35.31 -13.71
C TYR N 84 39.31 35.38 -12.23
N CYS N 85 40.58 35.46 -11.84
CA CYS N 85 40.93 35.78 -10.44
C CYS N 85 41.33 37.26 -10.35
N GLN N 86 41.39 37.79 -9.12
CA GLN N 86 41.61 39.22 -8.92
C GLN N 86 42.21 39.44 -7.53
N GLN N 87 43.30 40.22 -7.45
CA GLN N 87 43.71 40.83 -6.18
C GLN N 87 43.65 42.32 -6.36
N SER N 88 43.19 43.06 -5.35
CA SER N 88 43.19 44.53 -5.42
C SER N 88 42.61 45.01 -6.75
N ARG N 89 43.38 45.71 -7.58
CA ARG N 89 42.83 46.23 -8.83
C ARG N 89 43.32 45.45 -10.03
N THR N 90 43.97 44.33 -9.79
CA THR N 90 44.55 43.54 -10.85
C THR N 90 43.76 42.26 -11.09
N PHE N 91 43.50 41.99 -12.37
CA PHE N 91 42.84 40.76 -12.80
C PHE N 91 43.82 39.84 -13.50
N GLY N 92 43.61 38.56 -13.31
CA GLY N 92 44.31 37.55 -14.13
C GLY N 92 43.79 37.57 -15.56
N GLN N 93 44.43 36.80 -16.41
CA GLN N 93 44.10 36.76 -17.84
C GLN N 93 42.85 35.92 -18.16
N GLY N 94 42.38 35.12 -17.21
CA GLY N 94 41.21 34.27 -17.38
C GLY N 94 41.54 32.86 -17.78
N THR N 95 40.65 31.94 -17.44
CA THR N 95 40.72 30.56 -17.86
C THR N 95 39.40 30.25 -18.54
N LYS N 96 39.45 29.84 -19.80
CA LYS N 96 38.26 29.36 -20.48
C LYS N 96 37.97 27.90 -20.14
N VAL N 97 36.77 27.64 -19.63
CA VAL N 97 36.34 26.28 -19.35
C VAL N 97 35.35 25.88 -20.42
N GLU N 98 35.76 24.91 -21.24
CA GLU N 98 34.89 24.27 -22.26
C GLU N 98 34.45 22.87 -21.78
N ILE N 99 33.27 22.46 -22.20
CA ILE N 99 32.74 21.18 -21.72
C ILE N 99 33.27 20.21 -22.68
N LYS N 100 33.46 18.98 -22.26
CA LYS N 100 33.82 17.92 -23.14
C LYS N 100 32.68 16.93 -23.18
N ARG N 101 32.17 16.70 -24.39
CA ARG N 101 31.05 15.79 -24.62
C ARG N 101 31.34 14.92 -25.84
N THR N 102 30.37 14.16 -26.33
CA THR N 102 30.65 13.29 -27.47
C THR N 102 30.69 14.01 -28.82
N VAL N 103 31.21 13.34 -29.85
CA VAL N 103 31.26 13.91 -31.20
C VAL N 103 29.84 14.01 -31.75
N ALA N 104 29.52 15.12 -32.42
CA ALA N 104 28.23 15.27 -33.09
C ALA N 104 28.43 15.98 -34.43
N ALA N 105 27.92 15.39 -35.51
CA ALA N 105 28.12 15.95 -36.84
C ALA N 105 27.16 17.11 -37.03
N PRO N 106 27.56 18.12 -37.84
CA PRO N 106 26.64 19.25 -38.08
C PRO N 106 25.45 18.88 -38.94
N SER N 107 24.32 19.57 -38.73
CA SER N 107 23.26 19.61 -39.73
C SER N 107 23.59 20.79 -40.63
N VAL N 108 23.51 20.60 -41.94
CA VAL N 108 23.99 21.60 -42.90
C VAL N 108 22.81 22.10 -43.72
N PHE N 109 22.70 23.43 -43.83
CA PHE N 109 21.62 24.08 -44.60
C PHE N 109 22.24 25.20 -45.43
N ILE N 110 21.73 25.38 -46.65
CA ILE N 110 22.26 26.43 -47.54
C ILE N 110 21.10 27.35 -47.87
N PHE N 111 21.37 28.66 -47.89
CA PHE N 111 20.37 29.68 -48.15
C PHE N 111 20.77 30.56 -49.34
N PRO N 112 19.95 30.62 -50.41
CA PRO N 112 20.26 31.58 -51.46
C PRO N 112 19.98 33.03 -51.04
N PRO N 113 20.55 34.02 -51.75
CA PRO N 113 20.22 35.41 -51.45
C PRO N 113 18.77 35.70 -51.75
N SER N 114 18.15 36.59 -50.98
CA SER N 114 16.76 36.99 -51.21
C SER N 114 16.67 37.84 -52.46
N ASP N 115 15.50 37.82 -53.11
CA ASP N 115 15.28 38.65 -54.29
C ASP N 115 15.44 40.13 -53.92
N GLU N 116 15.02 40.46 -52.71
CA GLU N 116 15.12 41.80 -52.19
C GLU N 116 16.57 42.27 -52.12
N GLN N 117 17.45 41.46 -51.57
CA GLN N 117 18.84 41.85 -51.49
C GLN N 117 19.45 42.05 -52.86
N LEU N 118 19.14 41.15 -53.79
CA LEU N 118 19.72 41.22 -55.14
C LEU N 118 19.49 42.59 -55.78
N LYS N 119 18.34 43.20 -55.49
CA LYS N 119 18.05 44.54 -55.99
C LYS N 119 19.02 45.61 -55.50
N SER N 120 19.61 45.40 -54.34
CA SER N 120 20.65 46.31 -53.80
C SER N 120 22.02 46.24 -54.52
N GLY N 121 22.22 45.24 -55.38
CA GLY N 121 23.48 45.07 -56.13
C GLY N 121 24.46 44.08 -55.55
N THR N 122 24.09 43.45 -54.43
CA THR N 122 24.94 42.45 -53.77
C THR N 122 24.15 41.19 -53.51
N ALA N 123 24.85 40.06 -53.45
CA ALA N 123 24.25 38.77 -53.16
C ALA N 123 25.03 38.12 -52.07
N SER N 124 24.34 37.74 -50.99
CA SER N 124 24.95 36.97 -49.88
C SER N 124 24.38 35.56 -49.87
N VAL N 125 25.27 34.57 -49.88
CA VAL N 125 24.88 33.18 -49.81
C VAL N 125 25.38 32.65 -48.48
N VAL N 126 24.50 32.00 -47.72
CA VAL N 126 24.80 31.60 -46.34
C VAL N 126 24.74 30.09 -46.20
N CYS N 127 25.76 29.55 -45.56
CA CYS N 127 25.76 28.14 -45.24
C CYS N 127 25.82 28.03 -43.74
N LEU N 128 24.90 27.25 -43.17
CA LEU N 128 24.79 27.07 -41.71
C LEU N 128 25.20 25.64 -41.31
N LEU N 129 26.10 25.52 -40.34
CA LEU N 129 26.41 24.23 -39.75
C LEU N 129 25.86 24.25 -38.33
N ASN N 130 24.87 23.41 -38.06
CA ASN N 130 24.16 23.52 -36.80
C ASN N 130 24.49 22.41 -35.81
N ASN N 131 24.79 22.83 -34.57
CA ASN N 131 24.88 21.93 -33.40
C ASN N 131 25.88 20.79 -33.52
N PHE N 132 27.15 21.14 -33.61
CA PHE N 132 28.20 20.15 -33.79
C PHE N 132 29.27 20.22 -32.70
N TYR N 133 30.02 19.14 -32.58
CA TYR N 133 31.15 19.06 -31.66
C TYR N 133 32.13 18.02 -32.19
N PRO N 134 33.45 18.30 -32.14
CA PRO N 134 34.16 19.50 -31.65
C PRO N 134 34.12 20.67 -32.63
N ARG N 135 34.78 21.76 -32.27
CA ARG N 135 34.72 23.03 -33.03
C ARG N 135 35.34 22.96 -34.42
N GLU N 136 36.32 22.09 -34.62
CA GLU N 136 37.09 22.08 -35.86
C GLU N 136 36.17 21.65 -37.00
N ALA N 137 36.03 22.52 -38.00
CA ALA N 137 35.18 22.26 -39.16
C ALA N 137 35.70 23.06 -40.34
N LYS N 138 35.68 22.46 -41.52
CA LYS N 138 36.15 23.13 -42.72
C LYS N 138 34.96 23.32 -43.65
N VAL N 139 34.83 24.51 -44.22
CA VAL N 139 33.73 24.81 -45.13
C VAL N 139 34.35 25.38 -46.40
N GLN N 140 33.95 24.81 -47.53
CA GLN N 140 34.42 25.29 -48.83
C GLN N 140 33.24 25.66 -49.72
N TRP N 141 33.38 26.76 -50.44
CA TRP N 141 32.37 27.20 -51.39
C TRP N 141 32.81 26.79 -52.77
N LYS N 142 31.85 26.29 -53.54
CA LYS N 142 32.03 26.01 -54.96
C LYS N 142 30.89 26.66 -55.75
N VAL N 143 31.24 27.39 -56.82
CA VAL N 143 30.29 28.09 -57.67
C VAL N 143 30.56 27.58 -59.06
N ASP N 144 29.53 27.02 -59.70
CA ASP N 144 29.70 26.26 -60.96
C ASP N 144 30.91 25.32 -60.85
N ASN N 145 30.98 24.64 -59.71
CA ASN N 145 32.05 23.68 -59.41
C ASN N 145 33.48 24.27 -59.30
N ALA N 146 33.60 25.57 -59.07
CA ALA N 146 34.89 26.22 -58.94
C ALA N 146 35.06 26.65 -57.49
N LEU N 147 36.14 26.21 -56.85
CA LEU N 147 36.42 26.64 -55.47
C LEU N 147 36.62 28.15 -55.37
N GLN N 148 35.99 28.76 -54.38
CA GLN N 148 36.11 30.20 -54.21
C GLN N 148 37.13 30.47 -53.14
N SER N 149 37.87 31.56 -53.28
CA SER N 149 38.84 31.97 -52.26
C SER N 149 38.75 33.47 -52.00
N GLY N 150 38.73 33.84 -50.72
CA GLY N 150 38.81 35.22 -50.32
C GLY N 150 37.53 36.03 -50.39
N ASN N 151 36.41 35.38 -50.65
CA ASN N 151 35.11 36.07 -50.71
C ASN N 151 34.07 35.55 -49.72
N SER N 152 34.54 34.91 -48.65
CA SER N 152 33.64 34.45 -47.59
C SER N 152 34.19 34.71 -46.17
N GLN N 153 33.26 34.84 -45.23
CA GLN N 153 33.61 35.08 -43.83
C GLN N 153 32.83 34.09 -42.99
N GLU N 154 33.49 33.57 -41.95
CA GLU N 154 32.88 32.63 -41.02
C GLU N 154 32.69 33.23 -39.65
N SER N 155 31.64 32.81 -38.96
CA SER N 155 31.39 33.22 -37.60
C SER N 155 30.96 32.00 -36.86
N VAL N 156 31.35 31.89 -35.60
CA VAL N 156 31.04 30.70 -34.79
C VAL N 156 30.43 31.16 -33.48
N THR N 157 29.44 30.41 -32.99
CA THR N 157 28.84 30.70 -31.69
C THR N 157 29.73 30.14 -30.60
N GLU N 158 29.45 30.56 -29.39
CA GLU N 158 30.08 29.97 -28.23
C GLU N 158 29.39 28.64 -27.93
N GLN N 159 29.98 27.80 -27.08
CA GLN N 159 29.34 26.54 -26.72
C GLN N 159 28.00 26.75 -26.08
N ASP N 160 27.05 25.94 -26.53
CA ASP N 160 25.68 26.01 -26.05
C ASP N 160 25.59 25.60 -24.58
N SER N 161 24.86 26.36 -23.79
CA SER N 161 24.79 26.08 -22.35
C SER N 161 23.98 24.83 -21.98
N LYS N 162 23.24 24.23 -22.92
CA LYS N 162 22.50 22.98 -22.63
C LYS N 162 23.14 21.73 -23.23
N ASP N 163 23.53 21.77 -24.50
CA ASP N 163 24.10 20.57 -25.16
C ASP N 163 25.58 20.67 -25.48
N SER N 164 26.21 21.80 -25.19
CA SER N 164 27.66 21.98 -25.36
C SER N 164 28.16 21.90 -26.81
N THR N 165 27.28 22.13 -27.79
CA THR N 165 27.67 22.12 -29.19
C THR N 165 27.97 23.53 -29.68
N TYR N 166 28.55 23.60 -30.87
CA TYR N 166 28.77 24.85 -31.59
C TYR N 166 27.87 24.93 -32.82
N SER N 167 27.63 26.15 -33.31
CA SER N 167 27.05 26.35 -34.63
C SER N 167 27.94 27.34 -35.40
N LEU N 168 27.91 27.27 -36.72
CA LEU N 168 28.83 28.05 -37.56
C LEU N 168 28.12 28.52 -38.81
N SER N 169 28.41 29.76 -39.23
CA SER N 169 27.91 30.33 -40.47
C SER N 169 29.09 30.68 -41.37
N SER N 170 28.96 30.36 -42.66
CA SER N 170 29.88 30.88 -43.64
C SER N 170 29.02 31.66 -44.65
N THR N 171 29.48 32.85 -45.00
CA THR N 171 28.74 33.76 -45.87
C THR N 171 29.63 34.11 -47.05
N LEU N 172 29.15 33.76 -48.25
CA LEU N 172 29.82 34.09 -49.51
C LEU N 172 29.16 35.32 -50.11
N THR N 173 29.95 36.35 -50.39
CA THR N 173 29.42 37.62 -50.89
C THR N 173 29.96 37.87 -52.30
N LEU N 174 29.03 38.10 -53.24
CA LEU N 174 29.31 38.42 -54.64
C LEU N 174 28.52 39.66 -55.05
N SER N 175 28.97 40.34 -56.11
CA SER N 175 28.12 41.32 -56.78
C SER N 175 26.94 40.60 -57.43
N LYS N 176 25.86 41.34 -57.62
CA LYS N 176 24.68 40.81 -58.27
C LYS N 176 25.05 40.24 -59.65
N ALA N 177 25.88 40.96 -60.41
CA ALA N 177 26.29 40.51 -61.75
C ALA N 177 27.01 39.16 -61.71
N ASP N 178 27.92 39.02 -60.75
CA ASP N 178 28.65 37.75 -60.59
C ASP N 178 27.72 36.63 -60.15
N TYR N 179 26.80 36.92 -59.24
CA TYR N 179 25.83 35.90 -58.81
C TYR N 179 25.00 35.42 -60.00
N GLU N 180 24.52 36.38 -60.80
CA GLU N 180 23.65 36.08 -61.95
C GLU N 180 24.38 35.37 -63.08
N LYS N 181 25.72 35.44 -63.10
CA LYS N 181 26.54 34.75 -64.10
C LYS N 181 26.66 33.24 -63.89
N HIS N 182 26.38 32.75 -62.69
CA HIS N 182 26.57 31.34 -62.36
C HIS N 182 25.28 30.66 -61.93
N LYS N 183 25.29 29.33 -61.94
CA LYS N 183 24.09 28.54 -61.68
C LYS N 183 24.13 27.74 -60.38
N VAL N 184 25.19 26.94 -60.19
CA VAL N 184 25.25 25.98 -59.09
C VAL N 184 26.05 26.56 -57.93
N TYR N 185 25.41 26.68 -56.79
CA TYR N 185 26.04 27.18 -55.59
C TYR N 185 26.05 26.05 -54.57
N ALA N 186 27.24 25.69 -54.10
CA ALA N 186 27.45 24.52 -53.26
C ALA N 186 28.34 24.83 -52.05
N CYS N 187 27.94 24.30 -50.89
CA CYS N 187 28.65 24.43 -49.62
C CYS N 187 29.13 23.04 -49.24
N GLU N 188 30.44 22.85 -49.13
CA GLU N 188 31.01 21.54 -48.82
C GLU N 188 31.66 21.56 -47.45
N VAL N 189 31.25 20.64 -46.58
CA VAL N 189 31.58 20.68 -45.14
C VAL N 189 32.36 19.43 -44.72
N THR N 190 33.51 19.63 -44.09
CA THR N 190 34.28 18.54 -43.53
C THR N 190 34.27 18.66 -42.01
N HIS N 191 33.93 17.55 -41.34
CA HIS N 191 33.91 17.49 -39.87
C HIS N 191 34.14 16.04 -39.46
N GLN N 192 34.94 15.81 -38.44
CA GLN N 192 35.27 14.43 -38.03
C GLN N 192 34.08 13.56 -37.60
N GLY N 193 32.96 14.18 -37.28
CA GLY N 193 31.70 13.47 -37.08
C GLY N 193 31.05 12.88 -38.33
N LEU N 194 31.45 13.36 -39.51
CA LEU N 194 30.96 12.84 -40.79
C LEU N 194 31.90 11.77 -41.37
N SER N 195 31.34 10.78 -42.04
CA SER N 195 32.15 9.74 -42.68
C SER N 195 32.93 10.28 -43.90
N SER N 196 32.41 11.33 -44.53
CA SER N 196 33.07 12.01 -45.64
C SER N 196 32.41 13.38 -45.82
N PRO N 197 32.96 14.23 -46.69
CA PRO N 197 32.38 15.58 -46.75
C PRO N 197 30.90 15.60 -47.15
N VAL N 198 30.13 16.50 -46.55
CA VAL N 198 28.72 16.71 -46.91
C VAL N 198 28.62 17.96 -47.78
N THR N 199 27.88 17.87 -48.89
CA THR N 199 27.67 19.02 -49.78
C THR N 199 26.20 19.35 -49.85
N LYS N 200 25.84 20.62 -49.64
CA LYS N 200 24.51 21.13 -49.90
C LYS N 200 24.60 22.18 -51.00
N SER N 201 23.64 22.17 -51.93
CA SER N 201 23.66 23.11 -53.04
C SER N 201 22.26 23.50 -53.48
N PHE N 202 22.20 24.56 -54.28
CA PHE N 202 20.98 24.94 -54.96
C PHE N 202 21.35 25.40 -56.36
N ASN N 203 20.34 25.50 -57.22
CA ASN N 203 20.49 26.16 -58.51
C ASN N 203 19.78 27.51 -58.47
N ARG N 204 20.50 28.55 -58.87
CA ARG N 204 19.95 29.89 -58.92
C ARG N 204 18.69 29.86 -59.78
N GLY N 205 17.62 30.46 -59.28
CA GLY N 205 16.35 30.51 -60.02
C GLY N 205 15.36 29.43 -59.59
N GLU N 206 15.89 28.26 -59.22
CA GLU N 206 15.07 27.14 -58.77
C GLU N 206 14.76 27.24 -57.30
N GLN O 1 75.51 4.86 23.22
CA GLN O 1 76.59 5.68 23.86
C GLN O 1 77.58 6.25 22.84
N VAL O 2 78.05 7.45 23.14
CA VAL O 2 79.05 8.11 22.33
C VAL O 2 80.41 7.77 22.94
N GLN O 3 81.38 7.46 22.07
CA GLN O 3 82.79 7.31 22.46
C GLN O 3 83.66 8.24 21.65
N LEU O 4 84.66 8.79 22.32
CA LEU O 4 85.65 9.63 21.68
C LEU O 4 87.01 8.99 21.86
N GLN O 5 87.66 8.71 20.74
CA GLN O 5 88.93 8.02 20.72
C GLN O 5 90.00 8.94 20.17
N GLN O 6 90.93 9.33 21.03
CA GLN O 6 91.98 10.28 20.67
C GLN O 6 93.18 9.55 20.15
N SER O 7 93.91 10.22 19.27
CA SER O 7 95.18 9.70 18.85
C SER O 7 96.06 10.84 18.42
N GLY O 8 97.32 10.50 18.23
CA GLY O 8 98.34 11.47 17.85
C GLY O 8 99.54 11.33 18.77
N PRO O 9 100.71 11.77 18.28
CA PRO O 9 101.89 11.62 19.10
C PRO O 9 101.88 12.50 20.36
N GLY O 10 102.43 11.95 21.46
CA GLY O 10 102.58 12.68 22.73
C GLY O 10 103.92 13.38 22.92
N LEU O 11 104.72 13.49 21.87
CA LEU O 11 105.99 14.19 21.91
C LEU O 11 106.08 15.16 20.73
N VAL O 12 106.32 16.44 21.03
CA VAL O 12 106.48 17.49 19.99
C VAL O 12 107.72 18.30 20.30
N LYS O 13 108.55 18.54 19.29
CA LYS O 13 109.75 19.34 19.50
C LYS O 13 109.35 20.81 19.65
N PRO O 14 110.10 21.57 20.48
CA PRO O 14 109.77 22.98 20.60
C PRO O 14 109.78 23.70 19.25
N SER O 15 108.83 24.62 19.06
CA SER O 15 108.65 25.42 17.82
C SER O 15 107.89 24.68 16.71
N GLN O 16 107.61 23.41 16.89
CA GLN O 16 106.94 22.66 15.83
C GLN O 16 105.46 22.51 16.14
N THR O 17 104.77 21.64 15.40
CA THR O 17 103.34 21.57 15.42
C THR O 17 102.83 20.32 16.14
N LEU O 18 101.90 20.56 17.07
CA LEU O 18 101.18 19.51 17.77
C LEU O 18 99.97 19.16 16.93
N SER O 19 99.76 17.87 16.71
CA SER O 19 98.67 17.42 15.86
C SER O 19 97.95 16.24 16.51
N LEU O 20 96.70 16.47 16.94
CA LEU O 20 95.89 15.41 17.54
C LEU O 20 94.60 15.23 16.79
N THR O 21 94.02 14.04 16.96
CA THR O 21 92.77 13.66 16.33
C THR O 21 91.83 13.03 17.36
N CYS O 22 90.54 13.36 17.23
CA CYS O 22 89.48 12.73 18.00
C CYS O 22 88.53 12.04 17.01
N ALA O 23 88.37 10.73 17.13
CA ALA O 23 87.50 9.94 16.24
C ALA O 23 86.24 9.66 16.99
N ILE O 24 85.11 10.02 16.38
CA ILE O 24 83.81 9.92 17.02
C ILE O 24 83.13 8.62 16.61
N SER O 25 82.50 7.93 17.56
CA SER O 25 81.52 6.87 17.26
C SER O 25 80.27 7.04 18.14
N GLY O 26 79.12 6.68 17.58
CA GLY O 26 77.82 6.95 18.20
C GLY O 26 77.22 8.35 17.99
N ASP O 27 77.85 9.18 17.18
CA ASP O 27 77.32 10.52 16.89
C ASP O 27 78.02 11.00 15.63
N SER O 28 77.56 12.11 15.06
CA SER O 28 78.11 12.67 13.84
C SER O 28 78.85 13.95 14.11
N VAL O 29 80.04 14.09 13.57
CA VAL O 29 80.79 15.35 13.66
C VAL O 29 79.96 16.55 13.19
N SER O 30 79.06 16.31 12.24
CA SER O 30 78.27 17.38 11.67
C SER O 30 76.86 17.49 12.29
N SER O 31 76.65 16.84 13.43
CA SER O 31 75.34 16.87 14.06
C SER O 31 74.98 18.27 14.53
N TYR O 32 73.71 18.58 14.38
CA TYR O 32 73.17 19.86 14.84
C TYR O 32 73.06 19.91 16.36
N ASN O 33 73.05 18.75 17.02
CA ASN O 33 73.01 18.66 18.48
C ASN O 33 74.35 18.18 19.07
N ALA O 34 75.43 18.67 18.49
CA ALA O 34 76.76 18.49 19.04
C ALA O 34 77.64 19.71 18.77
N VAL O 35 78.56 19.95 19.70
CA VAL O 35 79.69 20.88 19.56
C VAL O 35 80.94 20.12 19.96
N TRP O 36 82.01 20.24 19.16
CA TRP O 36 83.20 19.43 19.34
C TRP O 36 84.34 20.30 19.82
N ASN O 37 84.83 20.05 21.03
CA ASN O 37 85.76 20.93 21.75
C ASN O 37 87.10 20.26 22.02
N TRP O 38 88.14 21.09 22.16
CA TRP O 38 89.40 20.65 22.76
C TRP O 38 89.64 21.43 24.06
N ILE O 39 90.08 20.70 25.09
CA ILE O 39 90.37 21.23 26.42
C ILE O 39 91.71 20.64 26.87
N ARG O 40 92.57 21.44 27.48
CA ARG O 40 93.80 20.89 28.03
C ARG O 40 93.89 21.12 29.53
N GLN O 41 94.73 20.32 30.16
CA GLN O 41 94.91 20.37 31.59
C GLN O 41 96.37 20.22 31.93
N SER O 42 96.88 21.11 32.77
CA SER O 42 98.24 20.98 33.28
C SER O 42 98.26 21.27 34.78
N PRO O 43 99.23 20.67 35.51
CA PRO O 43 99.22 20.84 36.96
C PRO O 43 99.24 22.31 37.37
N SER O 44 99.91 23.14 36.58
CA SER O 44 100.00 24.58 36.79
C SER O 44 98.73 25.35 36.43
N ARG O 45 98.32 25.24 35.17
CA ARG O 45 97.25 26.08 34.58
C ARG O 45 95.81 25.62 34.89
N GLY O 46 95.66 24.39 35.36
CA GLY O 46 94.34 23.80 35.57
C GLY O 46 93.71 23.44 34.24
N LEU O 47 92.38 23.49 34.19
CA LEU O 47 91.61 23.13 32.99
C LEU O 47 91.38 24.33 32.11
N GLU O 48 91.72 24.21 30.83
CA GLU O 48 91.65 25.34 29.90
C GLU O 48 91.00 24.93 28.59
N TRP O 49 89.89 25.58 28.26
CA TRP O 49 89.23 25.34 26.98
C TRP O 49 90.01 26.05 25.90
N LEU O 50 90.27 25.32 24.81
CA LEU O 50 91.09 25.81 23.70
C LEU O 50 90.32 26.27 22.47
N GLY O 51 89.26 25.55 22.13
CA GLY O 51 88.52 25.84 20.92
C GLY O 51 87.50 24.79 20.57
N ARG O 52 86.79 25.04 19.47
CA ARG O 52 85.76 24.15 19.03
C ARG O 52 85.44 24.30 17.57
N THR O 53 84.75 23.28 17.05
CA THR O 53 84.11 23.35 15.75
C THR O 53 82.72 22.73 15.84
N TYR O 54 81.81 23.23 15.01
CA TYR O 54 80.44 22.68 14.91
C TYR O 54 79.76 23.06 13.59
N TYR O 55 78.74 22.27 13.22
CA TYR O 55 78.05 22.47 11.96
C TYR O 55 76.64 22.94 12.25
N ARG O 56 76.27 24.08 11.68
CA ARG O 56 74.89 24.56 11.68
C ARG O 56 74.63 25.19 10.31
N SER O 57 74.23 24.36 9.36
CA SER O 57 74.05 24.79 7.96
C SER O 57 75.31 25.44 7.44
N GLY O 58 76.46 24.90 7.87
CA GLY O 58 77.79 25.43 7.54
C GLY O 58 78.71 25.30 8.74
N TRP O 59 80.01 25.22 8.50
CA TRP O 59 80.98 25.00 9.57
C TRP O 59 81.41 26.26 10.28
N TYR O 60 81.52 26.17 11.61
CA TYR O 60 82.00 27.28 12.45
C TYR O 60 83.15 26.82 13.35
N ASN O 61 84.06 27.74 13.67
CA ASN O 61 85.11 27.55 14.67
C ASN O 61 85.19 28.74 15.60
N ASP O 62 85.46 28.47 16.87
CA ASP O 62 85.77 29.51 17.84
C ASP O 62 87.03 29.05 18.54
N TYR O 63 87.93 29.98 18.88
CA TYR O 63 89.16 29.62 19.60
C TYR O 63 89.44 30.52 20.80
N ALA O 64 90.13 29.98 21.81
CA ALA O 64 90.53 30.75 22.98
C ALA O 64 91.54 31.82 22.64
N GLU O 65 91.36 32.98 23.26
CA GLU O 65 92.21 34.12 23.00
C GLU O 65 93.68 33.80 23.18
N SER O 66 94.00 33.01 24.20
CA SER O 66 95.40 32.61 24.49
C SER O 66 96.15 31.86 23.38
N VAL O 67 95.43 31.14 22.53
CA VAL O 67 96.03 30.32 21.47
C VAL O 67 95.58 30.67 20.06
N LYS O 68 94.76 31.71 19.93
CA LYS O 68 94.06 31.99 18.67
C LYS O 68 94.97 32.08 17.45
N SER O 69 96.14 32.68 17.60
CA SER O 69 97.05 32.83 16.47
C SER O 69 97.77 31.53 16.04
N ARG O 70 97.71 30.48 16.85
CA ARG O 70 98.44 29.25 16.61
C ARG O 70 97.59 28.01 16.35
N ILE O 71 96.27 28.14 16.48
CA ILE O 71 95.41 26.96 16.60
C ILE O 71 94.49 26.78 15.40
N THR O 72 94.27 25.53 15.02
CA THR O 72 93.31 25.18 13.98
C THR O 72 92.58 23.91 14.40
N ILE O 73 91.25 23.90 14.26
CA ILE O 73 90.45 22.73 14.59
C ILE O 73 89.55 22.44 13.39
N ASN O 74 89.79 21.32 12.72
CA ASN O 74 89.09 21.00 11.47
C ASN O 74 88.30 19.71 11.56
N PRO O 75 87.07 19.69 11.02
CA PRO O 75 86.29 18.46 10.97
C PRO O 75 86.66 17.64 9.73
N ASP O 76 86.55 16.32 9.85
CA ASP O 76 86.69 15.44 8.72
C ASP O 76 85.40 14.62 8.63
N THR O 77 84.58 14.89 7.61
CA THR O 77 83.30 14.20 7.46
C THR O 77 83.42 12.92 6.67
N SER O 78 84.63 12.58 6.22
CA SER O 78 84.89 11.27 5.63
C SER O 78 85.15 10.24 6.71
N LYS O 79 85.93 10.61 7.72
CA LYS O 79 86.32 9.71 8.78
C LYS O 79 85.62 9.96 10.12
N ASN O 80 84.64 10.87 10.13
CA ASN O 80 83.93 11.25 11.33
C ASN O 80 84.87 11.57 12.50
N GLN O 81 85.78 12.49 12.25
CA GLN O 81 86.71 12.93 13.28
C GLN O 81 86.90 14.42 13.21
N PHE O 82 87.60 14.97 14.20
CA PHE O 82 88.03 16.35 14.17
C PHE O 82 89.42 16.44 14.77
N SER O 83 90.19 17.41 14.29
CA SER O 83 91.60 17.52 14.65
C SER O 83 91.90 18.78 15.46
N LEU O 84 93.06 18.74 16.12
CA LEU O 84 93.65 19.87 16.77
C LEU O 84 95.01 20.02 16.17
N GLN O 85 95.30 21.23 15.72
CA GLN O 85 96.63 21.60 15.28
C GLN O 85 97.03 22.87 16.06
N LEU O 86 98.20 22.80 16.70
CA LEU O 86 98.71 23.88 17.52
C LEU O 86 100.13 24.13 17.05
N ASN O 87 100.36 25.26 16.39
CA ASN O 87 101.68 25.62 15.87
C ASN O 87 102.58 26.27 16.91
N SER O 88 103.88 26.26 16.61
CA SER O 88 104.90 26.98 17.38
C SER O 88 104.82 26.69 18.87
N VAL O 89 104.82 25.42 19.23
CA VAL O 89 104.67 25.04 20.63
C VAL O 89 105.89 25.40 21.48
N THR O 90 105.64 25.63 22.76
CA THR O 90 106.69 25.92 23.74
C THR O 90 106.44 25.02 24.94
N PRO O 91 107.38 24.96 25.88
CA PRO O 91 107.16 24.16 27.09
C PRO O 91 105.85 24.41 27.82
N GLU O 92 105.30 25.63 27.75
CA GLU O 92 104.00 25.92 28.36
C GLU O 92 102.81 25.20 27.76
N ASP O 93 103.00 24.56 26.60
CA ASP O 93 101.95 23.76 25.95
C ASP O 93 101.96 22.30 26.37
N THR O 94 102.91 21.92 27.23
CA THR O 94 102.93 20.59 27.83
C THR O 94 101.72 20.44 28.75
N ALA O 95 100.94 19.40 28.47
CA ALA O 95 99.65 19.22 29.11
C ALA O 95 99.01 17.91 28.66
N VAL O 96 97.91 17.54 29.31
CA VAL O 96 97.02 16.49 28.82
C VAL O 96 95.92 17.17 27.99
N TYR O 97 95.74 16.73 26.74
CA TYR O 97 94.73 17.30 25.84
C TYR O 97 93.54 16.35 25.76
N TYR O 98 92.34 16.90 25.98
CA TYR O 98 91.09 16.15 25.90
C TYR O 98 90.22 16.71 24.79
N CYS O 99 89.58 15.82 24.03
CA CYS O 99 88.45 16.25 23.21
C CYS O 99 87.18 16.04 24.03
N ALA O 100 86.14 16.81 23.74
CA ALA O 100 84.88 16.68 24.44
C ALA O 100 83.71 17.24 23.65
N ARG O 101 82.56 16.60 23.81
CA ARG O 101 81.33 17.02 23.17
C ARG O 101 80.54 17.93 24.11
N SER O 102 80.05 19.03 23.59
CA SER O 102 79.21 19.94 24.35
C SER O 102 77.98 20.24 23.53
N GLY O 103 76.94 20.75 24.19
CA GLY O 103 75.75 21.19 23.44
C GLY O 103 74.86 20.01 23.11
N HIS O 104 75.23 18.85 23.62
CA HIS O 104 74.34 17.73 23.53
C HIS O 104 73.25 17.94 24.56
N ILE O 105 73.64 18.51 25.69
CA ILE O 105 72.70 18.79 26.75
C ILE O 105 72.56 20.28 26.80
N THR O 106 71.33 20.73 26.62
CA THR O 106 71.04 22.14 26.44
C THR O 106 69.86 22.52 27.30
N VAL O 107 69.86 23.75 27.79
CA VAL O 107 68.71 24.26 28.53
C VAL O 107 67.81 25.04 27.59
N PHE O 108 66.66 24.49 27.27
CA PHE O 108 65.78 25.08 26.30
C PHE O 108 66.40 25.29 24.92
N GLY O 109 67.18 24.32 24.47
CA GLY O 109 67.75 24.36 23.13
C GLY O 109 68.94 25.30 22.97
N VAL O 110 69.51 25.75 24.09
CA VAL O 110 70.67 26.62 24.07
C VAL O 110 71.85 25.84 24.59
N ASN O 111 72.92 25.80 23.80
CA ASN O 111 74.14 25.16 24.23
C ASN O 111 74.68 25.95 25.42
N VAL O 112 74.85 25.25 26.51
CA VAL O 112 75.35 25.85 27.71
C VAL O 112 76.87 25.63 27.86
N ASP O 113 77.50 25.01 26.84
CA ASP O 113 78.84 24.57 26.94
C ASP O 113 78.89 23.75 28.22
N ALA O 114 78.05 22.72 28.37
CA ALA O 114 78.33 21.68 29.35
C ALA O 114 78.89 20.52 28.54
N PHE O 115 80.03 19.98 28.97
CA PHE O 115 80.65 18.85 28.30
C PHE O 115 80.11 17.56 28.92
N ASP O 116 79.56 16.68 28.10
CA ASP O 116 78.89 15.50 28.58
C ASP O 116 79.72 14.25 28.32
N MET O 117 80.63 14.32 27.34
CA MET O 117 81.48 13.22 27.01
C MET O 117 82.86 13.69 26.69
N TRP O 118 83.86 12.98 27.19
CA TRP O 118 85.24 13.36 26.98
C TRP O 118 86.00 12.16 26.43
N GLY O 119 87.03 12.44 25.64
CA GLY O 119 87.99 11.41 25.23
C GLY O 119 88.91 11.07 26.38
N GLN O 120 89.75 10.05 26.17
CA GLN O 120 90.63 9.55 27.23
C GLN O 120 91.82 10.46 27.59
N GLY O 121 92.13 11.44 26.74
CA GLY O 121 93.25 12.34 26.95
C GLY O 121 94.49 11.84 26.24
N THR O 122 95.27 12.78 25.71
CA THR O 122 96.60 12.48 25.18
C THR O 122 97.55 13.36 25.99
N MET O 123 98.54 12.76 26.65
CA MET O 123 99.56 13.56 27.33
C MET O 123 100.57 13.98 26.28
N VAL O 124 100.78 15.29 26.16
CA VAL O 124 101.74 15.84 25.22
C VAL O 124 102.87 16.50 25.99
N THR O 125 104.08 16.13 25.62
CA THR O 125 105.28 16.70 26.18
C THR O 125 106.02 17.47 25.08
N VAL O 126 106.28 18.77 25.32
CA VAL O 126 107.12 19.54 24.42
C VAL O 126 108.57 19.39 24.87
N SER O 127 109.36 18.70 24.08
CA SER O 127 110.75 18.45 24.42
C SER O 127 111.57 18.09 23.21
N SER O 128 112.85 18.41 23.27
CA SER O 128 113.76 18.03 22.21
C SER O 128 114.33 16.62 22.37
N ALA O 129 114.20 16.00 23.56
CA ALA O 129 114.75 14.66 23.88
C ALA O 129 114.05 13.53 23.18
N SER O 130 114.77 12.43 23.02
CA SER O 130 114.31 11.38 22.13
C SER O 130 113.63 10.27 22.88
N THR O 131 112.78 9.53 22.16
CA THR O 131 111.98 8.45 22.74
C THR O 131 112.87 7.31 23.17
N LYS O 132 112.53 6.71 24.30
CA LYS O 132 113.23 5.54 24.80
C LYS O 132 112.24 4.61 25.48
N GLY O 133 112.21 3.35 25.06
CA GLY O 133 111.35 2.34 25.67
C GLY O 133 111.91 1.86 26.99
N PRO O 134 111.06 1.34 27.88
CA PRO O 134 111.51 0.95 29.20
C PRO O 134 112.18 -0.41 29.24
N SER O 135 113.03 -0.60 30.24
CA SER O 135 113.48 -1.92 30.64
C SER O 135 112.54 -2.36 31.76
N VAL O 136 112.16 -3.63 31.76
CA VAL O 136 111.23 -4.14 32.79
C VAL O 136 111.90 -5.26 33.59
N PHE O 137 111.97 -5.06 34.91
CA PHE O 137 112.61 -6.01 35.81
C PHE O 137 111.57 -6.50 36.83
N PRO O 138 111.67 -7.77 37.25
CA PRO O 138 110.77 -8.30 38.26
C PRO O 138 111.10 -7.82 39.67
N LEU O 139 110.07 -7.59 40.46
CA LEU O 139 110.19 -7.38 41.90
C LEU O 139 109.64 -8.67 42.52
N ALA O 140 110.54 -9.60 42.83
CA ALA O 140 110.19 -10.99 43.11
C ALA O 140 109.69 -11.21 44.54
N PRO O 141 108.59 -11.99 44.70
CA PRO O 141 108.13 -12.29 46.05
C PRO O 141 109.11 -13.22 46.76
N SER O 142 109.39 -12.94 48.04
CA SER O 142 110.28 -13.78 48.87
C SER O 142 109.46 -14.47 49.97
N SER O 143 110.13 -15.10 50.94
CA SER O 143 109.43 -15.67 52.10
C SER O 143 110.23 -15.41 53.37
N GLY O 148 100.67 -14.61 55.52
CA GLY O 148 99.87 -15.15 54.44
C GLY O 148 99.73 -14.26 53.20
N THR O 149 100.30 -13.05 53.21
CA THR O 149 100.24 -12.15 52.05
C THR O 149 101.62 -11.97 51.43
N ALA O 150 101.69 -12.10 50.11
CA ALA O 150 102.93 -11.85 49.38
C ALA O 150 102.79 -10.62 48.47
N ALA O 151 103.89 -9.88 48.33
CA ALA O 151 103.92 -8.76 47.42
C ALA O 151 104.87 -9.08 46.28
N LEU O 152 104.45 -8.74 45.07
CA LEU O 152 105.31 -8.85 43.91
C LEU O 152 105.08 -7.63 43.03
N GLY O 153 105.96 -7.42 42.06
CA GLY O 153 105.82 -6.27 41.16
C GLY O 153 106.76 -6.25 39.98
N CYS O 154 106.70 -5.15 39.23
CA CYS O 154 107.56 -4.92 38.07
C CYS O 154 108.14 -3.54 38.19
N LEU O 155 109.45 -3.44 38.00
CA LEU O 155 110.13 -2.15 37.94
C LEU O 155 110.27 -1.78 36.47
N VAL O 156 109.69 -0.63 36.10
CA VAL O 156 109.71 -0.15 34.71
C VAL O 156 110.68 1.02 34.66
N LYS O 157 111.89 0.76 34.15
CA LYS O 157 112.97 1.73 34.29
C LYS O 157 113.47 2.34 32.99
N ASP O 158 113.77 3.64 33.05
CA ASP O 158 114.50 4.37 32.02
C ASP O 158 113.77 4.52 30.69
N TYR O 159 112.61 5.15 30.75
CA TYR O 159 111.83 5.45 29.55
C TYR O 159 111.55 6.95 29.41
N PHE O 160 111.20 7.36 28.18
CA PHE O 160 110.88 8.73 27.85
C PHE O 160 110.07 8.74 26.55
N PRO O 161 109.01 9.58 26.45
CA PRO O 161 108.42 10.43 27.48
C PRO O 161 107.38 9.63 28.24
N GLU O 162 106.62 10.32 29.10
CA GLU O 162 105.40 9.74 29.67
C GLU O 162 104.34 9.52 28.59
N PRO O 163 103.38 8.61 28.83
CA PRO O 163 103.20 7.73 29.96
C PRO O 163 103.49 6.29 29.63
N VAL O 164 103.58 5.48 30.68
CA VAL O 164 103.57 4.04 30.57
C VAL O 164 102.27 3.58 31.19
N THR O 165 101.68 2.51 30.65
CA THR O 165 100.57 1.82 31.33
C THR O 165 100.97 0.39 31.69
N VAL O 166 100.47 -0.10 32.82
CA VAL O 166 100.79 -1.44 33.29
C VAL O 166 99.49 -2.13 33.62
N SER O 167 99.33 -3.36 33.17
CA SER O 167 98.25 -4.20 33.66
C SER O 167 98.88 -5.48 34.14
N TRP O 168 98.07 -6.32 34.78
CA TRP O 168 98.51 -7.64 35.24
C TRP O 168 97.62 -8.73 34.68
N ASN O 169 98.24 -9.82 34.25
CA ASN O 169 97.53 -10.95 33.64
C ASN O 169 96.50 -10.48 32.60
N SER O 170 96.96 -9.57 31.75
CA SER O 170 96.18 -8.95 30.68
C SER O 170 94.89 -8.30 31.16
N GLY O 171 94.96 -7.69 32.35
CA GLY O 171 93.82 -7.02 32.95
C GLY O 171 92.88 -7.92 33.74
N ALA O 172 93.22 -9.20 33.89
CA ALA O 172 92.42 -10.12 34.68
C ALA O 172 92.69 -9.97 36.17
N LEU O 173 93.83 -9.39 36.52
CA LEU O 173 94.18 -9.13 37.91
C LEU O 173 94.15 -7.63 38.15
N THR O 174 93.17 -7.18 38.92
CA THR O 174 93.04 -5.77 39.30
C THR O 174 93.08 -5.52 40.82
N SER O 175 92.56 -6.44 41.62
CA SER O 175 92.46 -6.23 43.07
C SER O 175 93.84 -6.21 43.75
N GLY O 176 94.09 -5.19 44.58
CA GLY O 176 95.36 -5.05 45.28
C GLY O 176 96.52 -4.55 44.45
N VAL O 177 96.25 -4.10 43.22
CA VAL O 177 97.29 -3.56 42.32
C VAL O 177 97.54 -2.11 42.70
N HIS O 178 98.81 -1.71 42.75
CA HIS O 178 99.19 -0.30 42.83
C HIS O 178 100.25 0.01 41.78
N THR O 179 99.90 0.87 40.84
CA THR O 179 100.89 1.36 39.89
C THR O 179 101.27 2.79 40.28
N PHE O 180 102.51 2.98 40.65
CA PHE O 180 102.96 4.25 41.16
C PHE O 180 103.11 5.31 40.07
N PRO O 181 102.89 6.60 40.44
CA PRO O 181 103.29 7.68 39.54
C PRO O 181 104.78 7.59 39.21
N ALA O 182 105.13 7.95 37.99
CA ALA O 182 106.52 7.97 37.55
C ALA O 182 107.30 9.05 38.29
N VAL O 183 108.59 8.79 38.44
CA VAL O 183 109.54 9.79 38.93
C VAL O 183 110.56 10.08 37.82
N LEU O 184 110.95 11.35 37.68
CA LEU O 184 111.97 11.75 36.73
C LEU O 184 113.30 11.66 37.44
N GLN O 185 114.17 10.80 36.91
CA GLN O 185 115.48 10.56 37.50
C GLN O 185 116.49 11.58 37.03
N SER O 186 117.65 11.63 37.68
CA SER O 186 118.71 12.59 37.32
C SER O 186 119.23 12.40 35.90
N SER O 187 119.08 11.19 35.35
CA SER O 187 119.39 10.94 33.95
C SER O 187 118.44 11.65 32.97
N GLY O 188 117.32 12.16 33.46
CA GLY O 188 116.28 12.71 32.59
C GLY O 188 115.36 11.69 31.94
N LEU O 189 115.42 10.45 32.44
CA LEU O 189 114.49 9.38 32.06
C LEU O 189 113.57 9.05 33.24
N TYR O 190 112.38 8.57 32.92
CA TYR O 190 111.39 8.21 33.92
C TYR O 190 111.52 6.77 34.37
N SER O 191 111.00 6.52 35.57
CA SER O 191 110.88 5.19 36.11
C SER O 191 109.64 5.10 37.00
N LEU O 192 109.01 3.93 37.02
CA LEU O 192 107.94 3.65 37.98
C LEU O 192 107.93 2.17 38.35
N SER O 193 107.13 1.84 39.36
CA SER O 193 106.87 0.46 39.73
C SER O 193 105.39 0.18 39.78
N SER O 194 105.02 -1.05 39.45
CA SER O 194 103.66 -1.52 39.52
C SER O 194 104.00 -2.53 40.39
N VAL O 195 103.82 -2.13 41.56
N VAL O 195 103.85 -2.11 41.57
CA VAL O 195 103.97 -3.16 42.40
CA VAL O 195 104.02 -3.12 42.45
C VAL O 195 102.60 -3.76 42.43
C VAL O 195 102.65 -3.71 42.50
N VAL O 196 101.51 -5.75 43.36
CA VAL O 196 100.28 -6.35 43.74
C VAL O 196 100.57 -7.22 44.94
N THR O 197 99.63 -7.19 45.89
CA THR O 197 99.61 -8.18 46.97
C THR O 197 98.63 -9.29 46.63
N VAL O 198 99.06 -10.52 46.90
CA VAL O 198 98.31 -11.74 46.61
C VAL O 198 98.46 -12.71 47.79
N PRO O 199 97.54 -13.69 47.91
CA PRO O 199 97.77 -14.75 48.89
C PRO O 199 99.08 -15.48 48.59
N SER O 200 99.91 -15.66 49.60
CA SER O 200 101.18 -16.35 49.38
C SER O 200 101.00 -17.80 48.93
N SER O 201 99.88 -18.41 49.34
CA SER O 201 99.52 -19.75 48.88
C SER O 201 99.40 -19.84 47.35
N SER O 202 98.93 -18.78 46.69
CA SER O 202 98.72 -18.82 45.23
C SER O 202 100.01 -18.77 44.39
N LEU O 203 101.16 -18.53 45.02
CA LEU O 203 102.43 -18.43 44.30
C LEU O 203 102.85 -19.72 43.61
N GLY O 204 102.48 -20.88 44.18
CA GLY O 204 102.83 -22.18 43.62
C GLY O 204 101.93 -22.67 42.49
N THR O 205 100.83 -21.96 42.23
CA THR O 205 99.86 -22.36 41.21
C THR O 205 99.49 -21.27 40.20
N GLN O 206 99.37 -20.02 40.67
CA GLN O 206 98.96 -18.92 39.81
C GLN O 206 100.19 -18.26 39.18
N THR O 207 100.10 -18.02 37.87
CA THR O 207 101.11 -17.26 37.15
C THR O 207 100.82 -15.76 37.24
N TYR O 208 101.86 -14.95 37.43
CA TYR O 208 101.73 -13.49 37.49
C TYR O 208 102.64 -12.83 36.46
N ILE O 209 102.02 -12.10 35.51
CA ILE O 209 102.73 -11.42 34.42
C ILE O 209 102.30 -9.96 34.37
N CYS O 210 103.25 -9.03 34.40
CA CYS O 210 102.88 -7.64 34.18
C CYS O 210 103.00 -7.30 32.69
N ASN O 211 102.00 -6.59 32.19
CA ASN O 211 101.94 -6.19 30.79
C ASN O 211 102.22 -4.70 30.73
N VAL O 212 103.32 -4.34 30.07
CA VAL O 212 103.79 -2.95 30.02
C VAL O 212 103.70 -2.39 28.60
N ASN O 213 103.06 -1.23 28.51
CA ASN O 213 102.80 -0.54 27.25
C ASN O 213 103.38 0.86 27.30
N HIS O 214 104.29 1.14 26.36
CA HIS O 214 104.84 2.47 26.19
C HIS O 214 104.59 2.84 24.75
N LYS O 215 103.45 3.46 24.52
CA LYS O 215 103.01 3.73 23.16
C LYS O 215 103.93 4.68 22.39
N PRO O 216 104.54 5.69 23.05
CA PRO O 216 105.45 6.55 22.26
C PRO O 216 106.64 5.81 21.58
N SER O 217 107.13 4.72 22.18
CA SER O 217 108.21 3.92 21.59
C SER O 217 107.69 2.65 20.94
N ASN O 218 106.37 2.51 20.88
CA ASN O 218 105.72 1.30 20.42
C ASN O 218 106.11 0.03 21.15
N THR O 219 106.42 0.16 22.44
CA THR O 219 106.86 -0.94 23.25
C THR O 219 105.65 -1.60 23.92
N LYS O 220 105.53 -2.91 23.73
CA LYS O 220 104.61 -3.72 24.51
C LYS O 220 105.43 -4.89 25.01
N VAL O 221 105.59 -5.00 26.32
CA VAL O 221 106.40 -6.04 26.94
C VAL O 221 105.61 -6.75 28.04
N ASP O 222 105.78 -8.06 28.13
CA ASP O 222 105.19 -8.86 29.20
C ASP O 222 106.29 -9.51 30.04
N LYS O 223 106.23 -9.34 31.37
CA LYS O 223 107.24 -9.95 32.24
C LYS O 223 106.62 -10.86 33.28
N LYS O 224 107.05 -12.11 33.27
CA LYS O 224 106.66 -13.10 34.28
C LYS O 224 107.43 -12.78 35.56
N VAL O 225 106.73 -12.75 36.68
CA VAL O 225 107.34 -12.46 37.98
C VAL O 225 107.17 -13.69 38.86
N GLU O 226 108.29 -14.32 39.25
CA GLU O 226 108.26 -15.57 40.05
C GLU O 226 109.25 -15.54 41.24
N PRO O 227 109.01 -16.37 42.28
CA PRO O 227 109.76 -16.43 43.55
C PRO O 227 111.30 -16.36 43.47
N MET P 1 85.96 32.54 38.05
CA MET P 1 85.46 31.43 38.91
C MET P 1 86.49 31.17 40.02
N THR P 2 86.07 31.37 41.27
CA THR P 2 86.92 31.12 42.44
C THR P 2 86.30 30.06 43.34
N GLN P 3 86.96 28.90 43.50
CA GLN P 3 86.46 27.84 44.38
C GLN P 3 87.05 27.87 45.77
N SER P 4 86.23 27.50 46.76
CA SER P 4 86.64 27.42 48.16
C SER P 4 85.99 26.22 48.84
N PRO P 5 86.76 25.46 49.63
CA PRO P 5 88.20 25.62 49.87
C PRO P 5 88.98 24.99 48.72
N SER P 6 90.29 25.18 48.69
CA SER P 6 91.10 24.54 47.65
C SER P 6 91.23 23.03 47.91
N SER P 7 91.12 22.61 49.17
CA SER P 7 91.00 21.19 49.50
C SER P 7 90.38 20.96 50.87
N LEU P 8 89.93 19.73 51.11
CA LEU P 8 89.38 19.37 52.42
C LEU P 8 89.46 17.86 52.67
N SER P 9 89.43 17.51 53.96
CA SER P 9 89.31 16.13 54.43
C SER P 9 88.03 16.01 55.19
N ALA P 10 87.29 14.93 54.95
CA ALA P 10 86.07 14.65 55.69
C ALA P 10 85.85 13.17 55.84
N SER P 11 85.16 12.79 56.90
CA SER P 11 84.93 11.37 57.19
C SER P 11 83.84 10.80 56.30
N VAL P 12 83.87 9.49 56.12
CA VAL P 12 82.81 8.83 55.40
C VAL P 12 81.49 9.15 56.11
N GLY P 13 80.47 9.51 55.34
CA GLY P 13 79.16 9.85 55.91
C GLY P 13 78.99 11.33 56.21
N ASP P 14 80.07 12.10 56.18
CA ASP P 14 79.99 13.55 56.41
C ASP P 14 79.27 14.28 55.28
N ARG P 15 78.61 15.39 55.63
CA ARG P 15 78.07 16.35 54.65
C ARG P 15 79.18 17.30 54.21
N VAL P 16 79.38 17.42 52.90
CA VAL P 16 80.47 18.23 52.36
C VAL P 16 79.88 19.27 51.44
N THR P 17 80.30 20.52 51.60
CA THR P 17 79.84 21.61 50.75
C THR P 17 81.03 22.37 50.18
N ILE P 18 81.03 22.51 48.85
CA ILE P 18 82.04 23.29 48.15
C ILE P 18 81.36 24.48 47.48
N THR P 19 82.07 25.60 47.47
CA THR P 19 81.54 26.84 46.91
C THR P 19 82.34 27.30 45.70
N CYS P 20 81.64 27.93 44.77
CA CYS P 20 82.22 28.53 43.60
C CYS P 20 81.61 29.92 43.51
N ARG P 21 82.46 30.93 43.50
CA ARG P 21 81.99 32.27 43.33
C ARG P 21 82.39 32.76 41.97
N THR P 22 81.40 33.37 41.34
CA THR P 22 81.47 33.61 39.95
C THR P 22 81.43 35.11 39.71
N SER P 23 82.20 35.57 38.72
CA SER P 23 82.26 37.00 38.30
C SER P 23 80.89 37.50 38.00
N GLN P 24 80.17 36.67 37.29
CA GLN P 24 78.85 37.01 36.80
C GLN P 24 77.91 35.85 37.07
N SER P 25 76.69 36.15 37.52
CA SER P 25 75.76 35.08 37.92
C SER P 25 74.84 34.60 36.82
N LEU P 26 75.04 33.37 36.38
CA LEU P 26 74.20 32.71 35.41
C LEU P 26 74.03 31.32 35.97
N SER P 27 72.80 30.97 36.36
CA SER P 27 72.52 29.63 36.91
C SER P 27 72.60 28.58 35.84
N SER P 28 72.11 28.90 34.64
CA SER P 28 72.13 27.95 33.56
C SER P 28 73.53 27.54 33.07
N TYR P 29 74.47 28.46 33.07
CA TYR P 29 75.81 28.24 32.55
C TYR P 29 76.86 27.70 33.50
N THR P 30 76.49 27.32 34.72
CA THR P 30 77.50 26.90 35.68
C THR P 30 77.37 25.41 35.82
N HIS P 31 78.49 24.69 35.84
CA HIS P 31 78.47 23.22 35.90
C HIS P 31 79.53 22.73 36.84
N TRP P 32 79.35 21.51 37.35
CA TRP P 32 80.36 20.88 38.18
C TRP P 32 80.84 19.58 37.55
N TYR P 33 82.14 19.33 37.64
CA TYR P 33 82.73 18.10 37.17
C TYR P 33 83.47 17.41 38.31
N GLN P 34 83.48 16.08 38.27
CA GLN P 34 84.25 15.28 39.20
C GLN P 34 85.32 14.56 38.40
N GLN P 35 86.57 14.65 38.86
CA GLN P 35 87.67 14.02 38.14
C GLN P 35 88.49 13.16 39.07
N LYS P 36 88.47 11.87 38.79
CA LYS P 36 89.23 10.91 39.59
C LYS P 36 90.59 10.76 38.91
N PRO P 37 91.62 10.34 39.67
CA PRO P 37 93.00 10.30 39.15
C PRO P 37 93.16 9.45 37.92
N GLY P 38 93.84 9.99 36.91
CA GLY P 38 94.07 9.28 35.65
C GLY P 38 92.89 9.18 34.70
N LYS P 39 91.78 9.84 35.03
CA LYS P 39 90.57 9.75 34.21
C LYS P 39 90.20 11.14 33.75
N ALA P 40 89.38 11.20 32.70
CA ALA P 40 88.81 12.47 32.27
C ALA P 40 87.79 12.97 33.27
N PRO P 41 87.54 14.30 33.30
CA PRO P 41 86.44 14.81 34.09
C PRO P 41 85.14 14.21 33.61
N LYS P 42 84.21 14.04 34.54
CA LYS P 42 82.85 13.63 34.23
C LYS P 42 81.90 14.71 34.73
N LEU P 43 80.90 15.05 33.91
CA LEU P 43 79.90 16.02 34.29
C LEU P 43 79.09 15.49 35.47
N LEU P 44 79.05 16.29 36.54
CA LEU P 44 78.39 15.92 37.80
C LEU P 44 77.08 16.66 37.96
N ILE P 45 77.14 17.97 37.79
CA ILE P 45 75.95 18.83 37.90
C ILE P 45 75.94 19.79 36.70
N TYR P 46 74.77 19.99 36.09
CA TYR P 46 74.66 21.05 35.09
C TYR P 46 73.54 22.04 35.41
N ALA P 47 73.73 23.29 34.98
CA ALA P 47 72.80 24.37 35.19
C ALA P 47 72.49 24.51 36.64
N ALA P 48 73.56 24.59 37.41
CA ALA P 48 73.55 24.82 38.84
C ALA P 48 73.06 23.66 39.68
N SER P 49 72.00 22.97 39.24
CA SER P 49 71.29 22.03 40.10
C SER P 49 70.78 20.73 39.47
N SER P 50 70.95 20.55 38.18
CA SER P 50 70.54 19.30 37.53
C SER P 50 71.65 18.25 37.64
N ARG P 51 71.29 17.04 38.06
CA ARG P 51 72.27 15.98 38.14
C ARG P 51 72.59 15.42 36.77
N GLY P 52 73.88 15.21 36.55
CA GLY P 52 74.34 14.70 35.28
C GLY P 52 73.96 13.25 35.15
N SER P 53 74.07 12.76 33.92
CA SER P 53 73.73 11.38 33.62
C SER P 53 74.57 10.44 34.46
N GLY P 54 73.92 9.47 35.11
CA GLY P 54 74.58 8.49 35.94
C GLY P 54 75.03 8.98 37.31
N VAL P 55 74.62 10.18 37.71
CA VAL P 55 75.10 10.78 38.96
C VAL P 55 74.13 10.46 40.12
N PRO P 56 74.66 9.88 41.22
CA PRO P 56 73.81 9.53 42.37
C PRO P 56 73.22 10.72 43.16
N SER P 57 72.15 10.45 43.90
CA SER P 57 71.33 11.51 44.53
C SER P 57 72.02 12.22 45.67
N ARG P 58 73.08 11.64 46.24
CA ARG P 58 73.85 12.34 47.28
C ARG P 58 74.51 13.63 46.79
N PHE P 59 74.72 13.75 45.48
CA PHE P 59 75.27 14.98 44.89
C PHE P 59 74.13 15.94 44.54
N SER P 60 74.25 17.19 44.96
CA SER P 60 73.29 18.21 44.58
C SER P 60 73.99 19.53 44.47
N GLY P 61 73.34 20.43 43.75
CA GLY P 61 73.90 21.74 43.49
C GLY P 61 72.86 22.80 43.74
N SER P 62 73.32 23.98 44.15
CA SER P 62 72.44 25.10 44.39
C SER P 62 73.13 26.34 43.88
N GLY P 63 72.34 27.36 43.54
CA GLY P 63 72.87 28.63 43.09
C GLY P 63 72.10 29.78 43.71
N SER P 64 72.85 30.77 44.19
CA SER P 64 72.26 32.00 44.64
C SER P 64 73.12 33.17 44.17
N GLY P 65 72.56 34.02 43.31
CA GLY P 65 73.29 35.11 42.70
C GLY P 65 74.57 34.56 42.11
N THR P 66 75.71 35.12 42.51
CA THR P 66 77.02 34.71 42.02
C THR P 66 77.65 33.54 42.81
N ASP P 67 76.93 32.99 43.79
CA ASP P 67 77.46 31.94 44.65
C ASP P 67 76.79 30.63 44.29
N PHE P 68 77.63 29.64 43.96
CA PHE P 68 77.16 28.29 43.61
C PHE P 68 77.78 27.27 44.53
N THR P 69 76.99 26.26 44.87
CA THR P 69 77.41 25.29 45.84
C THR P 69 77.17 23.91 45.33
N LEU P 70 78.15 23.04 45.62
CA LEU P 70 78.03 21.63 45.39
C LEU P 70 78.02 20.98 46.74
N THR P 71 77.07 20.08 46.95
CA THR P 71 76.94 19.38 48.21
C THR P 71 76.95 17.88 48.02
N ILE P 72 77.77 17.20 48.81
CA ILE P 72 77.70 15.76 48.94
C ILE P 72 77.06 15.51 50.29
N SER P 73 75.84 14.95 50.27
CA SER P 73 75.05 14.83 51.48
C SER P 73 75.65 13.79 52.45
N SER P 74 76.25 12.74 51.90
CA SER P 74 76.89 11.67 52.69
C SER P 74 78.12 11.15 51.94
N LEU P 75 79.29 11.60 52.37
CA LEU P 75 80.55 11.31 51.67
C LEU P 75 80.86 9.83 51.63
N GLN P 76 81.17 9.31 50.44
CA GLN P 76 81.64 7.92 50.28
C GLN P 76 83.11 7.83 49.85
N PRO P 77 83.76 6.69 50.13
CA PRO P 77 85.19 6.57 49.80
C PRO P 77 85.49 6.81 48.34
N GLU P 78 84.58 6.42 47.46
CA GLU P 78 84.73 6.57 46.01
C GLU P 78 84.59 8.00 45.50
N ASP P 79 84.13 8.90 46.36
CA ASP P 79 84.03 10.32 46.03
C ASP P 79 85.36 11.08 46.18
N PHE P 80 86.44 10.38 46.49
CA PHE P 80 87.78 10.95 46.41
C PHE P 80 87.97 11.42 44.98
N ALA P 81 88.17 12.72 44.83
CA ALA P 81 88.29 13.33 43.52
C ALA P 81 88.64 14.81 43.65
N THR P 82 88.96 15.41 42.51
CA THR P 82 89.00 16.85 42.37
C THR P 82 87.71 17.31 41.66
N TYR P 83 87.06 18.30 42.26
CA TYR P 83 85.81 18.83 41.76
C TYR P 83 86.04 20.24 41.20
N TYR P 84 85.59 20.47 39.96
CA TYR P 84 85.74 21.77 39.31
C TYR P 84 84.39 22.35 39.02
N CYS P 85 84.24 23.67 39.19
CA CYS P 85 83.08 24.38 38.67
C CYS P 85 83.45 25.06 37.32
N GLN P 86 82.43 25.48 36.56
CA GLN P 86 82.66 26.02 35.21
C GLN P 86 81.49 26.95 34.84
N GLN P 87 81.83 28.13 34.34
CA GLN P 87 80.89 28.95 33.59
C GLN P 87 81.43 29.18 32.22
N SER P 88 80.57 29.13 31.21
CA SER P 88 81.01 29.41 29.84
C SER P 88 82.30 28.66 29.56
N ARG P 89 83.39 29.33 29.28
CA ARG P 89 84.58 28.60 28.91
C ARG P 89 85.61 28.65 30.00
N THR P 90 85.20 29.09 31.17
CA THR P 90 86.12 29.24 32.25
C THR P 90 85.89 28.21 33.32
N PHE P 91 86.99 27.65 33.81
CA PHE P 91 86.97 26.67 34.89
C PHE P 91 87.54 27.29 36.15
N GLY P 92 87.00 26.87 37.29
CA GLY P 92 87.62 27.14 38.58
C GLY P 92 88.89 26.32 38.75
N GLN P 93 89.62 26.59 39.82
CA GLN P 93 90.91 25.96 40.08
C GLN P 93 90.79 24.54 40.63
N GLY P 94 89.59 24.14 41.07
CA GLY P 94 89.34 22.80 41.61
C GLY P 94 89.42 22.74 43.13
N THR P 95 88.71 21.77 43.69
CA THR P 95 88.74 21.48 45.11
C THR P 95 89.08 20.00 45.23
N LYS P 96 90.17 19.69 45.92
CA LYS P 96 90.49 18.30 46.22
C LYS P 96 89.73 17.82 47.46
N VAL P 97 88.97 16.74 47.30
CA VAL P 97 88.28 16.12 48.42
C VAL P 97 89.03 14.85 48.80
N GLU P 98 89.63 14.87 50.00
CA GLU P 98 90.22 13.68 50.61
C GLU P 98 89.28 13.09 51.68
N ILE P 99 89.38 11.79 51.91
CA ILE P 99 88.58 11.13 52.95
C ILE P 99 89.36 10.99 54.23
N LYS P 100 88.65 11.07 55.34
CA LYS P 100 89.25 10.91 56.66
C LYS P 100 88.74 9.61 57.24
N ARG P 101 89.67 8.71 57.57
CA ARG P 101 89.36 7.38 58.11
C ARG P 101 90.29 7.09 59.31
N THR P 102 90.31 5.87 59.84
CA THR P 102 91.19 5.55 60.97
C THR P 102 92.67 5.33 60.61
N VAL P 103 93.56 5.31 61.61
CA VAL P 103 94.98 5.09 61.36
C VAL P 103 95.19 3.64 60.93
N ALA P 104 96.08 3.41 59.96
CA ALA P 104 96.45 2.05 59.56
C ALA P 104 97.93 2.00 59.24
N ALA P 105 98.64 1.06 59.86
CA ALA P 105 100.08 0.98 59.69
C ALA P 105 100.39 0.33 58.34
N PRO P 106 101.52 0.70 57.72
CA PRO P 106 101.89 0.04 56.45
C PRO P 106 102.32 -1.41 56.60
N SER P 107 102.10 -2.21 55.57
CA SER P 107 102.80 -3.48 55.39
C SER P 107 104.05 -3.15 54.60
N VAL P 108 105.21 -3.67 55.02
CA VAL P 108 106.49 -3.26 54.45
C VAL P 108 107.15 -4.47 53.80
N PHE P 109 107.62 -4.29 52.58
CA PHE P 109 108.29 -5.33 51.80
C PHE P 109 109.52 -4.74 51.13
N ILE P 110 110.59 -5.53 51.06
CA ILE P 110 111.82 -5.05 50.46
C ILE P 110 112.15 -5.98 49.30
N PHE P 111 112.62 -5.41 48.19
CA PHE P 111 112.97 -6.17 46.98
C PHE P 111 114.41 -5.92 46.57
N PRO P 112 115.24 -6.98 46.49
CA PRO P 112 116.57 -6.77 45.92
C PRO P 112 116.53 -6.52 44.40
N PRO P 113 117.60 -5.94 43.82
CA PRO P 113 117.67 -5.82 42.36
C PRO P 113 117.70 -7.19 41.70
N SER P 114 117.10 -7.30 40.51
CA SER P 114 117.13 -8.55 39.76
C SER P 114 118.53 -8.80 39.21
N ASP P 115 118.86 -10.07 39.00
CA ASP P 115 120.16 -10.41 38.39
C ASP P 115 120.27 -9.79 36.99
N GLU P 116 119.13 -9.74 36.31
CA GLU P 116 119.05 -9.15 34.99
C GLU P 116 119.45 -7.67 35.00
N GLN P 117 118.90 -6.89 35.93
CA GLN P 117 119.25 -5.47 35.99
C GLN P 117 120.73 -5.27 36.30
N LEU P 118 121.26 -6.07 37.21
CA LEU P 118 122.66 -5.93 37.61
C LEU P 118 123.61 -5.99 36.40
N LYS P 119 123.25 -6.81 35.42
CA LYS P 119 124.06 -6.89 34.19
C LYS P 119 124.13 -5.59 33.42
N SER P 120 123.12 -4.74 33.56
CA SER P 120 123.11 -3.41 32.93
C SER P 120 124.07 -2.38 33.58
N GLY P 121 124.62 -2.70 34.75
CA GLY P 121 125.56 -1.81 35.47
C GLY P 121 124.95 -0.98 36.59
N THR P 122 123.64 -1.15 36.81
CA THR P 122 122.93 -0.41 37.85
C THR P 122 122.14 -1.39 38.72
N ALA P 123 121.93 -1.02 39.98
CA ALA P 123 121.14 -1.80 40.91
C ALA P 123 120.09 -0.91 41.53
N SER P 124 118.81 -1.31 41.43
CA SER P 124 117.70 -0.61 42.09
C SER P 124 117.15 -1.49 43.21
N VAL P 125 117.07 -0.93 44.41
CA VAL P 125 116.51 -1.62 45.56
C VAL P 125 115.23 -0.89 45.91
N VAL P 126 114.14 -1.64 46.06
CA VAL P 126 112.81 -1.07 46.23
C VAL P 126 112.22 -1.46 47.57
N CYS P 127 111.68 -0.47 48.27
CA CYS P 127 110.98 -0.69 49.50
C CYS P 127 109.55 -0.21 49.31
N LEU P 128 108.60 -1.08 49.62
CA LEU P 128 107.17 -0.81 49.44
C LEU P 128 106.49 -0.67 50.79
N LEU P 129 105.74 0.42 50.97
CA LEU P 129 104.86 0.58 52.13
C LEU P 129 103.44 0.50 51.62
N ASN P 130 102.71 -0.54 52.03
CA ASN P 130 101.43 -0.81 51.44
C ASN P 130 100.25 -0.46 52.35
N ASN P 131 99.29 0.28 51.80
CA ASN P 131 97.96 0.48 52.41
C ASN P 131 97.97 1.10 53.81
N PHE P 132 98.42 2.34 53.90
CA PHE P 132 98.54 3.02 55.20
C PHE P 132 97.81 4.34 55.23
N TYR P 133 97.54 4.81 56.43
CA TYR P 133 96.91 6.11 56.65
C TYR P 133 97.32 6.61 58.05
N PRO P 134 97.63 7.91 58.19
CA PRO P 134 97.68 9.01 57.20
C PRO P 134 98.92 8.96 56.33
N ARG P 135 99.07 9.94 55.44
CA ARG P 135 100.12 9.96 54.41
C ARG P 135 101.55 10.11 54.95
N GLU P 136 101.70 10.75 56.11
CA GLU P 136 103.02 11.07 56.64
C GLU P 136 103.74 9.78 57.01
N ALA P 137 104.90 9.55 56.40
CA ALA P 137 105.70 8.34 56.63
C ALA P 137 107.15 8.66 56.34
N LYS P 138 108.06 8.14 57.15
CA LYS P 138 109.47 8.37 56.95
C LYS P 138 110.13 7.04 56.59
N VAL P 139 110.98 7.05 55.56
CA VAL P 139 111.66 5.84 55.12
C VAL P 139 113.16 6.17 55.07
N GLN P 140 113.97 5.32 55.70
CA GLN P 140 115.41 5.50 55.69
C GLN P 140 116.07 4.23 55.16
N TRP P 141 117.08 4.42 54.33
CA TRP P 141 117.87 3.31 53.80
C TRP P 141 119.13 3.19 54.62
N LYS P 142 119.53 1.95 54.94
CA LYS P 142 120.82 1.66 55.55
C LYS P 142 121.49 0.54 54.73
N VAL P 143 122.76 0.72 54.42
CA VAL P 143 123.55 -0.23 53.65
C VAL P 143 124.75 -0.51 54.51
N ASP P 144 124.97 -1.79 54.83
CA ASP P 144 125.96 -2.20 55.86
C ASP P 144 125.84 -1.30 57.11
N ASN P 145 124.59 -1.06 57.51
CA ASN P 145 124.25 -0.22 58.67
C ASN P 145 124.61 1.28 58.55
N ALA P 146 124.81 1.76 57.33
CA ALA P 146 125.17 3.16 57.11
C ALA P 146 123.99 3.85 56.47
N LEU P 147 123.51 4.93 57.08
CA LEU P 147 122.42 5.73 56.50
C LEU P 147 122.79 6.33 55.15
N GLN P 148 121.86 6.30 54.21
CA GLN P 148 122.12 6.80 52.87
C GLN P 148 121.33 8.06 52.60
N SER P 149 121.97 8.99 51.93
CA SER P 149 121.37 10.27 51.65
C SER P 149 121.60 10.66 50.18
N GLY P 150 120.54 11.11 49.53
CA GLY P 150 120.61 11.62 48.18
C GLY P 150 120.64 10.62 47.05
N ASN P 151 120.47 9.33 47.36
CA ASN P 151 120.45 8.27 46.31
C ASN P 151 119.14 7.48 46.25
N SER P 152 118.06 8.07 46.75
CA SER P 152 116.75 7.44 46.69
C SER P 152 115.66 8.43 46.31
N GLN P 153 114.60 7.90 45.70
CA GLN P 153 113.45 8.69 45.30
C GLN P 153 112.20 7.98 45.79
N GLU P 154 111.23 8.77 46.25
CA GLU P 154 109.97 8.24 46.72
C GLU P 154 108.85 8.61 45.78
N SER P 155 107.86 7.73 45.69
CA SER P 155 106.65 8.03 44.94
C SER P 155 105.48 7.55 45.78
N VAL P 156 104.36 8.25 45.74
CA VAL P 156 103.19 7.90 46.55
C VAL P 156 101.97 7.85 45.66
N THR P 157 101.07 6.89 45.92
CA THR P 157 99.81 6.79 45.19
C THR P 157 98.81 7.79 45.73
N GLU P 158 97.73 7.98 44.99
CA GLU P 158 96.58 8.74 45.46
C GLU P 158 95.79 7.87 46.43
N GLN P 159 94.89 8.47 47.20
CA GLN P 159 94.03 7.69 48.10
C GLN P 159 93.22 6.65 47.36
N ASP P 160 93.22 5.45 47.91
CA ASP P 160 92.50 4.32 47.32
C ASP P 160 90.99 4.56 47.35
N SER P 161 90.30 4.26 46.24
CA SER P 161 88.86 4.49 46.16
C SER P 161 87.98 3.55 47.02
N LYS P 162 88.54 2.47 47.57
CA LYS P 162 87.78 1.55 48.46
C LYS P 162 88.09 1.70 49.94
N ASP P 163 89.37 1.75 50.29
CA ASP P 163 89.75 1.84 51.71
C ASP P 163 90.39 3.15 52.14
N SER P 164 90.57 4.09 51.22
CA SER P 164 91.11 5.44 51.51
C SER P 164 92.56 5.47 52.05
N THR P 165 93.33 4.42 51.78
CA THR P 165 94.72 4.36 52.21
C THR P 165 95.65 4.82 51.10
N TYR P 166 96.92 5.01 51.47
CA TYR P 166 97.98 5.31 50.53
C TYR P 166 98.96 4.16 50.46
N SER P 167 99.72 4.10 49.37
CA SER P 167 100.87 3.23 49.29
C SER P 167 102.08 4.05 48.84
N LEU P 168 103.29 3.60 49.16
CA LEU P 168 104.49 4.39 48.90
C LEU P 168 105.64 3.48 48.53
N SER P 169 106.47 3.93 47.58
CA SER P 169 107.68 3.23 47.17
C SER P 169 108.87 4.13 47.41
N SER P 170 109.95 3.54 47.91
CA SER P 170 111.23 4.22 47.94
C SER P 170 112.20 3.35 47.18
N THR P 171 112.97 3.97 46.29
CA THR P 171 113.87 3.27 45.41
C THR P 171 115.26 3.82 45.60
N LEU P 172 116.17 2.94 46.03
CA LEU P 172 117.58 3.28 46.22
C LEU P 172 118.33 2.81 44.97
N THR P 173 119.09 3.71 44.35
CA THR P 173 119.81 3.37 43.13
C THR P 173 121.32 3.51 43.38
N LEU P 174 122.05 2.43 43.06
CA LEU P 174 123.51 2.36 43.15
C LEU P 174 124.07 1.82 41.85
N SER P 175 125.35 2.09 41.59
CA SER P 175 126.07 1.35 40.56
C SER P 175 126.20 -0.10 40.99
N LYS P 176 126.37 -0.98 40.00
CA LYS P 176 126.57 -2.40 40.25
C LYS P 176 127.78 -2.62 41.19
N ALA P 177 128.87 -1.90 40.94
CA ALA P 177 130.06 -2.02 41.77
C ALA P 177 129.78 -1.68 43.24
N ASP P 178 129.05 -0.60 43.45
CA ASP P 178 128.70 -0.17 44.81
C ASP P 178 127.77 -1.18 45.47
N TYR P 179 126.79 -1.68 44.73
CA TYR P 179 125.89 -2.70 45.26
C TYR P 179 126.68 -3.94 45.68
N GLU P 180 127.59 -4.38 44.81
CA GLU P 180 128.40 -5.60 45.06
C GLU P 180 129.40 -5.45 46.20
N LYS P 181 129.74 -4.20 46.56
CA LYS P 181 130.66 -3.91 47.68
C LYS P 181 130.05 -4.10 49.07
N HIS P 182 128.72 -4.13 49.17
CA HIS P 182 128.05 -4.22 50.47
C HIS P 182 127.18 -5.47 50.60
N LYS P 183 126.80 -5.79 51.83
CA LYS P 183 126.06 -7.02 52.13
C LYS P 183 124.62 -6.80 52.60
N VAL P 184 124.44 -5.97 53.64
CA VAL P 184 123.16 -5.83 54.32
C VAL P 184 122.42 -4.60 53.79
N TYR P 185 121.24 -4.83 53.22
CA TYR P 185 120.39 -3.76 52.70
C TYR P 185 119.10 -3.73 53.51
N ALA P 186 118.83 -2.58 54.11
CA ALA P 186 117.75 -2.44 55.08
C ALA P 186 116.91 -1.19 54.82
N CYS P 187 115.60 -1.36 54.93
CA CYS P 187 114.63 -0.31 54.77
C CYS P 187 113.96 -0.09 56.13
N GLU P 188 114.08 1.10 56.69
CA GLU P 188 113.52 1.38 58.01
C GLU P 188 112.39 2.40 57.90
N VAL P 189 111.23 2.06 58.44
CA VAL P 189 109.97 2.81 58.21
C VAL P 189 109.40 3.33 59.53
N THR P 190 109.13 4.63 59.58
CA THR P 190 108.45 5.24 60.73
C THR P 190 107.08 5.72 60.28
N HIS P 191 106.06 5.32 61.03
CA HIS P 191 104.68 5.74 60.75
C HIS P 191 103.93 5.71 62.08
N GLN P 192 103.09 6.72 62.33
CA GLN P 192 102.37 6.82 63.62
C GLN P 192 101.45 5.63 63.96
N GLY P 193 101.07 4.84 62.97
CA GLY P 193 100.39 3.56 63.17
C GLY P 193 101.21 2.43 63.79
N LEU P 194 102.55 2.55 63.73
CA LEU P 194 103.47 1.57 64.32
C LEU P 194 103.89 1.95 65.74
N SER P 195 104.10 0.96 66.60
CA SER P 195 104.57 1.22 67.95
C SER P 195 106.04 1.69 67.98
N SER P 196 106.83 1.30 66.98
CA SER P 196 108.21 1.78 66.80
C SER P 196 108.62 1.49 65.36
N PRO P 197 109.81 1.97 64.95
CA PRO P 197 110.14 1.77 63.53
C PRO P 197 110.20 0.29 63.11
N VAL P 198 109.75 -0.01 61.91
CA VAL P 198 109.84 -1.37 61.34
C VAL P 198 110.98 -1.40 60.34
N THR P 199 111.82 -2.42 60.41
CA THR P 199 112.94 -2.58 59.49
C THR P 199 112.79 -3.89 58.73
N LYS P 200 112.91 -3.83 57.41
CA LYS P 200 113.01 -5.03 56.57
C LYS P 200 114.35 -5.01 55.86
N SER P 201 115.00 -6.16 55.76
CA SER P 201 116.31 -6.22 55.14
C SER P 201 116.54 -7.54 54.43
N PHE P 202 117.59 -7.58 53.61
CA PHE P 202 118.07 -8.81 53.01
C PHE P 202 119.59 -8.76 52.98
N ASN P 203 120.20 -9.91 52.77
CA ASN P 203 121.62 -9.99 52.48
C ASN P 203 121.84 -10.31 51.02
N ARG P 204 122.68 -9.49 50.37
CA ARG P 204 123.00 -9.71 48.97
C ARG P 204 123.56 -11.12 48.80
N GLY P 205 123.08 -11.83 47.78
CA GLY P 205 123.53 -13.19 47.49
C GLY P 205 122.62 -14.25 48.11
N GLU P 206 122.02 -13.93 49.25
CA GLU P 206 121.06 -14.83 49.89
C GLU P 206 119.66 -14.65 49.36
N GLN Q 1 45.34 60.67 66.47
CA GLN Q 1 45.19 61.96 65.70
C GLN Q 1 46.50 62.76 65.64
N VAL Q 2 46.67 63.44 64.52
CA VAL Q 2 47.80 64.31 64.32
C VAL Q 2 47.36 65.71 64.69
N GLN Q 3 48.25 66.42 65.40
CA GLN Q 3 48.09 67.85 65.69
C GLN Q 3 49.29 68.63 65.23
N LEU Q 4 49.02 69.81 64.70
CA LEU Q 4 50.05 70.73 64.26
C LEU Q 4 49.92 72.00 65.06
N GLN Q 5 51.00 72.35 65.77
CA GLN Q 5 51.02 73.50 66.65
C GLN Q 5 52.01 74.53 66.14
N GLN Q 6 51.48 75.66 65.68
CA GLN Q 6 52.29 76.71 65.10
C GLN Q 6 52.76 77.69 66.14
N SER Q 7 53.91 78.29 65.88
CA SER Q 7 54.36 79.37 66.71
C SER Q 7 55.27 80.25 65.91
N GLY Q 8 55.58 81.40 66.50
CA GLY Q 8 56.42 82.41 65.88
C GLY Q 8 55.74 83.75 65.94
N PRO Q 9 56.54 84.83 65.85
CA PRO Q 9 55.94 86.14 66.02
C PRO Q 9 55.03 86.52 64.84
N GLY Q 10 53.93 87.23 65.14
CA GLY Q 10 53.01 87.73 64.13
C GLY Q 10 53.28 89.16 63.64
N LEU Q 11 54.45 89.71 63.97
CA LEU Q 11 54.83 91.05 63.55
C LEU Q 11 56.25 90.98 62.98
N VAL Q 12 56.41 91.43 61.73
CA VAL Q 12 57.72 91.48 61.08
C VAL Q 12 57.92 92.86 60.45
N LYS Q 13 59.07 93.48 60.65
CA LYS Q 13 59.34 94.77 60.04
C LYS Q 13 59.63 94.61 58.56
N PRO Q 14 59.25 95.62 57.74
CA PRO Q 14 59.48 95.47 56.29
C PRO Q 14 60.97 95.27 55.99
N SER Q 15 61.26 94.41 55.01
CA SER Q 15 62.62 94.04 54.59
C SER Q 15 63.29 92.98 55.45
N GLN Q 16 62.67 92.60 56.56
CA GLN Q 16 63.29 91.62 57.44
C GLN Q 16 62.69 90.24 57.24
N THR Q 17 62.97 89.32 58.16
CA THR Q 17 62.69 87.92 57.96
C THR Q 17 61.55 87.45 58.84
N LEU Q 18 60.60 86.79 58.19
CA LEU Q 18 59.49 86.10 58.86
C LEU Q 18 59.94 84.70 59.20
N SER Q 19 59.71 84.30 60.44
CA SER Q 19 60.17 83.01 60.90
C SER Q 19 59.07 82.32 61.70
N LEU Q 20 58.54 81.23 61.14
CA LEU Q 20 57.53 80.42 61.82
C LEU Q 20 57.94 78.98 61.99
N THR Q 21 57.31 78.33 62.97
CA THR Q 21 57.56 76.93 63.29
C THR Q 21 56.25 76.17 63.42
N CYS Q 22 56.25 74.94 62.93
CA CYS Q 22 55.15 74.01 63.13
C CYS Q 22 55.70 72.79 63.86
N ALA Q 23 55.14 72.51 65.04
CA ALA Q 23 55.56 71.38 65.87
C ALA Q 23 54.54 70.27 65.67
N ILE Q 24 55.02 69.09 65.29
CA ILE Q 24 54.15 67.96 64.97
C ILE Q 24 54.01 67.05 66.18
N SER Q 25 52.80 66.58 66.43
CA SER Q 25 52.58 65.45 67.34
C SER Q 25 51.60 64.46 66.70
N GLY Q 26 51.81 63.18 66.99
CA GLY Q 26 51.09 62.09 66.35
C GLY Q 26 51.62 61.64 64.98
N ASP Q 27 52.75 62.18 64.55
CA ASP Q 27 53.36 61.76 63.27
C ASP Q 27 54.82 62.21 63.32
N SER Q 28 55.62 61.75 62.37
CA SER Q 28 57.03 62.07 62.28
C SER Q 28 57.29 63.01 61.11
N VAL Q 29 58.04 64.08 61.35
CA VAL Q 29 58.46 64.95 60.26
C VAL Q 29 59.15 64.19 59.12
N SER Q 30 59.81 63.08 59.45
CA SER Q 30 60.55 62.31 58.45
C SER Q 30 59.77 61.09 57.93
N SER Q 31 58.46 61.06 58.18
CA SER Q 31 57.64 59.93 57.74
C SER Q 31 57.59 59.85 56.23
N TYR Q 32 57.60 58.62 55.73
CA TYR Q 32 57.48 58.37 54.30
C TYR Q 32 56.05 58.62 53.80
N ASN Q 33 55.07 58.62 54.70
CA ASN Q 33 53.68 58.89 54.39
C ASN Q 33 53.21 60.24 54.92
N ALA Q 34 54.09 61.24 54.79
CA ALA Q 34 53.74 62.61 55.04
C ALA Q 34 54.54 63.55 54.13
N VAL Q 35 53.90 64.69 53.82
CA VAL Q 35 54.54 65.85 53.21
C VAL Q 35 54.14 67.07 54.03
N TRP Q 36 55.11 67.95 54.32
CA TRP Q 36 54.90 69.05 55.25
C TRP Q 36 54.95 70.36 54.52
N ASN Q 37 53.83 71.08 54.53
CA ASN Q 37 53.58 72.23 53.66
C ASN Q 37 53.33 73.50 54.44
N TRP Q 38 53.61 74.63 53.80
CA TRP Q 38 53.12 75.92 54.26
C TRP Q 38 52.23 76.55 53.20
N ILE Q 39 51.12 77.11 53.68
CA ILE Q 39 50.08 77.74 52.85
C ILE Q 39 49.70 79.07 53.54
N ARG Q 40 49.54 80.14 52.77
CA ARG Q 40 49.07 81.38 53.36
C ARG Q 40 47.76 81.83 52.74
N GLN Q 41 47.06 82.69 53.47
CA GLN Q 41 45.75 83.19 53.06
C GLN Q 41 45.63 84.67 53.39
N SER Q 42 45.22 85.46 52.40
CA SER Q 42 44.95 86.87 52.62
C SER Q 42 43.67 87.25 51.93
N PRO Q 43 42.98 88.29 52.45
CA PRO Q 43 41.68 88.65 51.88
C PRO Q 43 41.74 88.93 50.37
N SER Q 44 42.87 89.49 49.94
CA SER Q 44 43.15 89.80 48.54
C SER Q 44 43.50 88.56 47.70
N ARG Q 45 44.57 87.88 48.09
CA ARG Q 45 45.19 86.80 47.29
C ARG Q 45 44.53 85.42 47.40
N GLY Q 46 43.68 85.23 48.40
CA GLY Q 46 43.04 83.94 48.63
C GLY Q 46 44.04 82.99 49.23
N LEU Q 47 43.85 81.70 48.96
CA LEU Q 47 44.73 80.63 49.47
C LEU Q 47 45.90 80.38 48.53
N GLU Q 48 47.13 80.41 49.07
CA GLU Q 48 48.34 80.26 48.25
C GLU Q 48 49.31 79.28 48.90
N TRP Q 49 49.63 78.20 48.19
CA TRP Q 49 50.64 77.27 48.65
C TRP Q 49 52.01 77.87 48.43
N LEU Q 50 52.85 77.79 49.45
CA LEU Q 50 54.18 78.39 49.44
C LEU Q 50 55.33 77.42 49.21
N GLY Q 51 55.24 76.24 49.81
CA GLY Q 51 56.34 75.29 49.73
C GLY Q 51 56.17 74.11 50.62
N ARG Q 52 57.14 73.22 50.56
CA ARG Q 52 57.10 72.00 51.36
C ARG Q 52 58.46 71.38 51.56
N THR Q 53 58.50 70.49 52.55
CA THR Q 53 59.61 69.59 52.73
C THR Q 53 59.08 68.20 53.02
N TYR Q 54 59.86 67.19 52.64
CA TYR Q 54 59.55 65.79 52.95
C TYR Q 54 60.78 64.88 52.84
N TYR Q 55 60.71 63.72 53.49
CA TYR Q 55 61.82 62.78 53.52
C TYR Q 55 61.46 61.53 52.76
N ARG Q 56 62.28 61.20 51.77
CA ARG Q 56 62.18 59.92 51.05
C ARG Q 56 63.60 59.45 50.78
N SER Q 57 64.17 58.76 51.75
CA SER Q 57 65.57 58.31 51.71
C SER Q 57 66.48 59.51 51.46
N GLY Q 58 66.11 60.65 52.07
CA GLY Q 58 66.83 61.92 51.91
C GLY Q 58 65.82 63.05 51.86
N TRP Q 59 66.24 64.25 52.24
CA TRP Q 59 65.34 65.39 52.33
C TRP Q 59 65.13 66.12 51.01
N TYR Q 60 63.89 66.51 50.73
CA TYR Q 60 63.55 67.29 49.55
C TYR Q 60 62.75 68.53 49.92
N ASN Q 61 62.90 69.59 49.13
CA ASN Q 61 62.09 70.82 49.24
C ASN Q 61 61.61 71.25 47.87
N ASP Q 62 60.40 71.77 47.81
CA ASP Q 62 59.87 72.41 46.61
C ASP Q 62 59.28 73.73 47.09
N TYR Q 63 59.40 74.77 46.29
CA TYR Q 63 58.85 76.09 46.66
C TYR Q 63 58.06 76.73 45.54
N ALA Q 64 57.07 77.55 45.89
CA ALA Q 64 56.27 78.27 44.90
C ALA Q 64 57.12 79.31 44.16
N GLU Q 65 56.87 79.39 42.86
CA GLU Q 65 57.62 80.29 42.01
C GLU Q 65 57.61 81.73 42.53
N SER Q 66 56.47 82.17 43.05
CA SER Q 66 56.31 83.54 43.59
C SER Q 66 57.23 83.92 44.74
N VAL Q 67 57.67 82.95 45.54
CA VAL Q 67 58.50 83.20 46.71
C VAL Q 67 59.86 82.50 46.69
N LYS Q 68 60.18 81.82 45.60
CA LYS Q 68 61.31 80.90 45.56
C LYS Q 68 62.64 81.51 45.99
N SER Q 69 62.89 82.75 45.59
CA SER Q 69 64.16 83.40 45.93
C SER Q 69 64.28 83.86 47.40
N ARG Q 70 63.19 83.83 48.15
CA ARG Q 70 63.16 84.36 49.52
C ARG Q 70 62.88 83.31 50.61
N ILE Q 71 62.57 82.08 50.21
CA ILE Q 71 61.92 81.14 51.13
C ILE Q 71 62.85 79.97 51.48
N THR Q 72 62.78 79.52 52.74
CA THR Q 72 63.46 78.31 53.20
C THR Q 72 62.57 77.55 54.15
N ILE Q 73 62.46 76.24 53.96
CA ILE Q 73 61.63 75.39 54.80
C ILE Q 73 62.48 74.23 55.24
N ASN Q 74 62.80 74.17 56.54
CA ASN Q 74 63.72 73.16 57.06
C ASN Q 74 63.10 72.27 58.11
N PRO Q 75 63.37 70.96 58.06
CA PRO Q 75 62.92 70.05 59.09
C PRO Q 75 63.88 70.01 60.26
N ASP Q 76 63.34 69.76 61.44
CA ASP Q 76 64.15 69.55 62.65
C ASP Q 76 63.75 68.19 63.19
N THR Q 77 64.64 67.21 63.05
CA THR Q 77 64.36 65.86 63.49
C THR Q 77 64.72 65.65 64.95
N SER Q 78 65.26 66.67 65.62
CA SER Q 78 65.44 66.62 67.08
C SER Q 78 64.16 66.99 67.81
N LYS Q 79 63.46 68.02 67.32
CA LYS Q 79 62.26 68.52 67.95
C LYS Q 79 60.95 68.17 67.19
N ASN Q 80 61.05 67.36 66.15
CA ASN Q 80 59.91 66.98 65.34
C ASN Q 80 59.09 68.19 64.90
N GLN Q 81 59.76 69.14 64.27
CA GLN Q 81 59.10 70.31 63.71
C GLN Q 81 59.68 70.65 62.37
N PHE Q 82 59.06 71.61 61.72
CA PHE Q 82 59.60 72.19 60.53
C PHE Q 82 59.33 73.67 60.52
N SER Q 83 60.20 74.43 59.86
CA SER Q 83 60.12 75.88 59.90
C SER Q 83 59.81 76.51 58.55
N LEU Q 84 59.39 77.77 58.62
CA LEU Q 84 59.24 78.63 57.46
C LEU Q 84 60.06 79.84 57.71
N GLN Q 85 60.89 80.17 56.74
CA GLN Q 85 61.66 81.38 56.75
C GLN Q 85 61.40 82.08 55.44
N LEU Q 86 60.99 83.35 55.52
CA LEU Q 86 60.65 84.15 54.35
C LEU Q 86 61.44 85.47 54.51
N ASN Q 87 62.44 85.68 53.67
CA ASN Q 87 63.28 86.88 53.73
C ASN Q 87 62.68 88.06 52.98
N SER Q 88 63.18 89.25 53.30
CA SER Q 88 62.86 90.48 52.58
C SER Q 88 61.36 90.71 52.42
N VAL Q 89 60.63 90.65 53.54
CA VAL Q 89 59.17 90.76 53.47
C VAL Q 89 58.71 92.17 53.10
N THR Q 90 57.55 92.24 52.46
CA THR Q 90 56.90 93.50 52.09
C THR Q 90 55.45 93.41 52.56
N PRO Q 91 54.70 94.53 52.52
CA PRO Q 91 53.29 94.50 52.92
C PRO Q 91 52.47 93.41 52.25
N GLU Q 92 52.84 93.01 51.03
CA GLU Q 92 52.13 91.94 50.34
C GLU Q 92 52.27 90.56 50.99
N ASP Q 93 53.18 90.41 51.94
CA ASP Q 93 53.35 89.15 52.69
C ASP Q 93 52.51 89.09 53.96
N THR Q 94 51.75 90.14 54.24
CA THR Q 94 50.78 90.13 55.33
C THR Q 94 49.69 89.14 55.00
N ALA Q 95 49.48 88.19 55.91
CA ALA Q 95 48.58 87.05 55.67
C ALA Q 95 48.49 86.17 56.92
N VAL Q 96 47.58 85.21 56.88
CA VAL Q 96 47.54 84.12 57.87
C VAL Q 96 48.32 82.97 57.26
N TYR Q 97 49.31 82.47 57.98
CA TYR Q 97 50.16 81.37 57.51
C TYR Q 97 49.72 80.08 58.21
N TYR Q 98 49.47 79.03 57.42
CA TYR Q 98 49.10 77.71 57.92
C TYR Q 98 50.15 76.68 57.54
N CYS Q 99 50.48 75.79 58.47
CA CYS Q 99 51.18 74.58 58.10
C CYS Q 99 50.13 73.51 57.84
N ALA Q 100 50.46 72.53 57.00
CA ALA Q 100 49.55 71.44 56.70
C ALA Q 100 50.24 70.19 56.16
N ARG Q 101 49.66 69.03 56.49
CA ARG Q 101 50.20 67.74 56.07
C ARG Q 101 49.49 67.30 54.86
N SER Q 102 50.26 66.85 53.88
CA SER Q 102 49.72 66.31 52.64
C SER Q 102 50.37 64.99 52.35
N GLY Q 103 49.76 64.19 51.50
CA GLY Q 103 50.36 62.89 51.13
C GLY Q 103 50.14 61.84 52.19
N HIS Q 104 49.33 62.16 53.19
CA HIS Q 104 48.87 61.16 54.13
C HIS Q 104 47.85 60.36 53.41
N ILE Q 105 47.06 61.05 52.59
CA ILE Q 105 46.00 60.41 51.80
C ILE Q 105 46.45 60.43 50.37
N THR Q 106 46.59 59.24 49.82
CA THR Q 106 47.17 59.06 48.51
C THR Q 106 46.29 58.12 47.67
N VAL Q 107 46.23 58.36 46.36
CA VAL Q 107 45.55 57.44 45.47
C VAL Q 107 46.56 56.49 44.91
N PHE Q 108 46.51 55.26 45.36
CA PHE Q 108 47.47 54.26 44.93
C PHE Q 108 48.91 54.60 45.25
N GLY Q 109 49.11 55.16 46.41
CA GLY Q 109 50.46 55.47 46.89
C GLY Q 109 51.09 56.70 46.27
N VAL Q 110 50.30 57.52 45.61
CA VAL Q 110 50.77 58.75 44.96
C VAL Q 110 50.22 59.94 45.69
N ASN Q 111 51.09 60.82 46.16
CA ASN Q 111 50.65 62.00 46.85
C ASN Q 111 49.92 62.84 45.88
N VAL Q 112 48.70 63.18 46.25
CA VAL Q 112 47.86 63.93 45.37
C VAL Q 112 47.83 65.41 45.78
N ASP Q 113 48.60 65.72 46.83
CA ASP Q 113 48.62 67.03 47.46
C ASP Q 113 47.26 67.38 48.04
N ALA Q 114 46.64 66.43 48.72
CA ALA Q 114 45.43 66.74 49.41
C ALA Q 114 45.77 66.93 50.88
N PHE Q 115 45.55 68.14 51.39
CA PHE Q 115 45.93 68.48 52.79
C PHE Q 115 44.85 67.91 53.70
N ASP Q 116 45.24 67.10 54.68
CA ASP Q 116 44.30 66.39 55.54
C ASP Q 116 44.29 66.94 56.95
N MET Q 117 45.38 67.60 57.34
CA MET Q 117 45.50 68.23 58.65
C MET Q 117 46.17 69.59 58.55
N TRP Q 118 45.65 70.58 59.24
CA TRP Q 118 46.19 71.93 59.19
C TRP Q 118 46.47 72.42 60.61
N GLY Q 119 47.48 73.28 60.75
CA GLY Q 119 47.71 73.99 61.99
C GLY Q 119 46.70 75.11 62.16
N GLN Q 120 46.72 75.75 63.33
CA GLN Q 120 45.71 76.75 63.68
C GLN Q 120 45.86 78.09 62.94
N GLY Q 121 47.02 78.31 62.31
CA GLY Q 121 47.31 79.57 61.62
C GLY Q 121 48.03 80.56 62.51
N THR Q 122 48.94 81.34 61.93
CA THR Q 122 49.57 82.46 62.60
C THR Q 122 49.27 83.66 61.74
N MET Q 123 48.64 84.70 62.29
CA MET Q 123 48.43 85.92 61.53
C MET Q 123 49.73 86.72 61.58
N VAL Q 124 50.28 87.05 60.40
CA VAL Q 124 51.50 87.84 60.32
C VAL Q 124 51.19 89.18 59.68
N THR Q 125 51.64 90.25 60.34
CA THR Q 125 51.50 91.62 59.86
C THR Q 125 52.90 92.19 59.59
N VAL Q 126 53.12 92.66 58.36
CA VAL Q 126 54.35 93.35 58.01
C VAL Q 126 54.13 94.83 58.28
N SER Q 127 54.80 95.36 59.29
CA SER Q 127 54.65 96.77 59.66
C SER Q 127 55.84 97.24 60.48
N SER Q 128 56.15 98.53 60.35
CA SER Q 128 57.21 99.15 61.12
C SER Q 128 56.76 99.55 62.51
N ALA Q 129 54.17 101.13 62.11
CA ALA Q 129 53.67 101.40 63.42
C ALA Q 129 54.26 100.55 64.54
N SER Q 130 54.17 101.09 65.75
CA SER Q 130 54.55 100.36 66.95
C SER Q 130 53.33 100.51 67.84
N THR Q 131 53.45 99.92 68.99
CA THR Q 131 52.33 99.88 69.91
C THR Q 131 51.67 101.27 70.17
N LYS Q 132 50.36 101.38 69.92
CA LYS Q 132 49.63 102.64 70.11
C LYS Q 132 48.19 102.38 70.58
N GLY Q 133 47.80 103.01 71.69
CA GLY Q 133 46.45 102.87 72.21
C GLY Q 133 45.48 103.69 71.40
N PRO Q 134 44.19 103.31 71.43
CA PRO Q 134 43.19 104.02 70.63
C PRO Q 134 42.72 105.33 71.25
N SER Q 135 42.24 106.24 70.39
CA SER Q 135 41.40 107.36 70.79
C SER Q 135 39.96 106.90 70.62
N VAL Q 136 39.09 107.26 71.56
CA VAL Q 136 37.70 106.84 71.50
C VAL Q 136 36.80 108.06 71.41
N PHE Q 137 35.99 108.12 70.37
CA PHE Q 137 35.08 109.24 70.15
C PHE Q 137 33.64 108.74 70.11
N CYS Q 155 30.54 104.03 69.42
CA CYS Q 155 31.82 104.72 69.66
C CYS Q 155 32.80 104.37 68.53
N LEU Q 156 33.58 105.37 68.14
CA LEU Q 156 34.60 105.22 67.13
C LEU Q 156 35.94 105.02 67.82
N VAL Q 157 36.60 103.90 67.52
CA VAL Q 157 37.87 103.55 68.15
C VAL Q 157 38.98 103.73 67.10
N LYS Q 158 39.71 104.83 67.20
CA LYS Q 158 40.62 105.29 66.14
C LYS Q 158 42.07 105.14 66.48
N ASP Q 159 42.85 104.74 65.48
CA ASP Q 159 44.32 104.90 65.44
C ASP Q 159 45.05 104.10 66.51
N TYR Q 160 44.85 102.79 66.48
CA TYR Q 160 45.56 101.90 67.39
C TYR Q 160 46.39 100.87 66.63
N PHE Q 161 47.34 100.27 67.34
CA PHE Q 161 48.20 99.21 66.79
C PHE Q 161 48.84 98.42 67.94
N PRO Q 162 48.95 97.09 67.81
CA PRO Q 162 48.39 96.21 66.80
C PRO Q 162 46.93 95.84 67.13
N GLU Q 163 46.37 94.91 66.36
CA GLU Q 163 45.15 94.22 66.78
C GLU Q 163 45.36 93.31 68.03
N PRO Q 164 44.27 92.98 68.76
CA PRO Q 164 42.88 93.41 68.63
C PRO Q 164 42.44 94.39 69.76
N VAL Q 165 41.31 95.07 69.57
CA VAL Q 165 40.57 95.86 70.54
C VAL Q 165 39.26 95.09 70.73
N THR Q 166 38.77 95.01 71.99
CA THR Q 166 37.41 94.51 72.30
C THR Q 166 36.58 95.57 73.03
N VAL Q 167 35.29 95.58 72.77
CA VAL Q 167 34.41 96.60 73.34
C VAL Q 167 33.35 96.02 74.29
N THR Q 180 29.82 95.34 66.80
CA THR Q 180 31.21 95.77 66.73
C THR Q 180 31.86 95.35 65.40
N PHE Q 181 32.24 96.33 64.59
CA PHE Q 181 32.76 96.04 63.26
C PHE Q 181 34.20 95.55 63.26
N PRO Q 182 34.55 94.73 62.24
CA PRO Q 182 35.95 94.37 62.05
C PRO Q 182 36.76 95.62 61.81
N ALA Q 183 38.00 95.61 62.31
CA ALA Q 183 38.93 96.72 62.13
C ALA Q 183 39.37 96.86 60.68
N VAL Q 184 39.65 98.09 60.28
CA VAL Q 184 40.19 98.39 58.98
C VAL Q 184 41.57 98.98 59.21
N LEU Q 185 42.53 98.60 58.35
CA LEU Q 185 43.86 99.17 58.39
C LEU Q 185 43.89 100.41 57.50
N GLN Q 186 44.20 101.56 58.10
CA GLN Q 186 44.16 102.84 57.39
C GLN Q 186 45.49 103.07 56.70
N SER Q 187 45.53 104.06 55.81
CA SER Q 187 46.73 104.38 55.07
C SER Q 187 47.88 104.83 55.98
N SER Q 188 47.55 105.31 57.19
CA SER Q 188 48.55 105.59 58.23
C SER Q 188 49.25 104.34 58.80
N GLY Q 189 48.70 103.14 58.55
CA GLY Q 189 49.21 101.90 59.12
C GLY Q 189 48.71 101.64 60.52
N LEU Q 190 47.70 102.40 60.95
CA LEU Q 190 47.01 102.18 62.21
C LEU Q 190 45.60 101.69 61.93
N TYR Q 191 45.07 100.93 62.88
CA TYR Q 191 43.71 100.38 62.76
C TYR Q 191 42.66 101.34 63.30
N SER Q 192 41.44 101.16 62.81
CA SER Q 192 40.23 101.80 63.36
C SER Q 192 39.04 100.86 63.26
N LEU Q 193 38.13 100.96 64.22
CA LEU Q 193 36.84 100.28 64.13
C LEU Q 193 35.76 101.11 64.80
N SER Q 194 34.52 100.71 64.58
CA SER Q 194 33.41 101.25 65.33
C SER Q 194 32.66 100.15 66.01
N SER Q 195 32.08 100.48 67.15
CA SER Q 195 31.13 99.61 67.85
C SER Q 195 29.83 100.35 67.94
N VAL Q 196 28.83 99.78 67.30
CA VAL Q 196 27.45 100.14 67.48
C VAL Q 196 26.60 99.12 68.28
N VAL Q 213 36.25 100.09 76.03
CA VAL Q 213 37.20 99.81 74.95
C VAL Q 213 38.49 99.30 75.58
N ASN Q 214 38.85 98.06 75.24
CA ASN Q 214 40.00 97.37 75.81
C ASN Q 214 41.04 97.15 74.74
N HIS Q 215 42.28 97.59 74.98
CA HIS Q 215 43.36 97.36 74.05
C HIS Q 215 44.55 96.86 74.86
N LYS Q 216 44.55 95.55 75.05
CA LYS Q 216 45.58 94.94 75.89
C LYS Q 216 47.02 95.13 75.42
N PRO Q 217 47.30 95.08 74.10
CA PRO Q 217 48.72 95.35 73.72
C PRO Q 217 49.34 96.69 74.26
N SER Q 218 48.56 97.77 74.34
CA SER Q 218 48.97 99.06 74.88
C SER Q 218 48.57 99.22 76.36
N ASN Q 219 48.01 98.18 77.00
CA ASN Q 219 47.59 98.33 78.42
C ASN Q 219 46.63 99.45 78.61
N THR Q 220 45.78 99.71 77.61
CA THR Q 220 44.80 100.81 77.63
C THR Q 220 43.39 100.30 77.75
N LYS Q 221 42.61 100.97 78.62
CA LYS Q 221 41.17 100.85 78.73
C LYS Q 221 40.55 102.24 78.83
N VAL Q 222 39.53 102.44 78.01
CA VAL Q 222 38.81 103.71 77.95
C VAL Q 222 37.34 103.36 78.10
N MET R 4 41.81 77.26 38.06
CA MET R 4 40.61 76.77 38.80
C MET R 4 39.60 77.94 38.97
N THR R 5 38.39 77.81 38.39
CA THR R 5 37.33 78.82 38.49
C THR R 5 36.06 78.27 39.16
N GLN R 6 35.73 78.81 40.34
CA GLN R 6 34.54 78.37 41.08
C GLN R 6 33.37 79.27 40.86
N SER R 7 32.20 78.62 40.77
CA SER R 7 30.95 79.28 40.59
C SER R 7 29.86 78.65 41.41
N PRO R 8 29.00 79.49 42.01
CA PRO R 8 29.06 80.95 42.00
C PRO R 8 30.07 81.40 43.05
N SER R 9 30.39 82.67 43.08
CA SER R 9 31.29 83.15 44.13
C SER R 9 30.56 83.20 45.49
N SER R 10 29.24 83.31 45.49
CA SER R 10 28.46 83.11 46.72
C SER R 10 27.02 82.74 46.46
N LEU R 11 26.35 82.27 47.50
CA LEU R 11 24.94 81.89 47.39
C LEU R 11 24.30 81.90 48.76
N SER R 12 22.99 82.08 48.75
CA SER R 12 22.17 81.94 49.94
C SER R 12 21.24 80.79 49.70
N ALA R 13 21.12 79.91 50.69
CA ALA R 13 20.18 78.81 50.62
C ALA R 13 19.63 78.51 52.00
N SER R 14 18.40 78.04 52.03
CA SER R 14 17.78 77.71 53.29
C SER R 14 18.20 76.35 53.82
N VAL R 15 18.00 76.16 55.11
CA VAL R 15 18.21 74.87 55.72
C VAL R 15 17.34 73.84 55.00
N GLY R 16 17.91 72.69 54.67
CA GLY R 16 17.19 71.64 53.94
C GLY R 16 17.39 71.71 52.44
N ASP R 17 17.90 72.83 51.92
CA ASP R 17 18.08 73.01 50.47
C ASP R 17 19.18 72.11 49.91
N ARG R 18 19.02 71.73 48.64
CA ARG R 18 20.08 71.07 47.88
C ARG R 18 21.03 72.13 47.34
N VAL R 19 22.34 71.98 47.61
CA VAL R 19 23.32 72.97 47.19
C VAL R 19 24.38 72.31 46.33
N THR R 20 24.65 72.90 45.18
CA THR R 20 25.70 72.43 44.28
C THR R 20 26.64 73.59 43.96
N ILE R 21 27.93 73.34 44.15
CA ILE R 21 28.97 74.28 43.76
C ILE R 21 29.87 73.63 42.72
N THR R 22 30.37 74.45 41.81
CA THR R 22 31.14 73.95 40.69
C THR R 22 32.52 74.58 40.65
N CYS R 23 33.45 73.80 40.13
CA CYS R 23 34.81 74.23 39.90
C CYS R 23 35.19 73.78 38.51
N ARG R 24 35.64 74.72 37.69
CA ARG R 24 36.14 74.38 36.39
C ARG R 24 37.62 74.52 36.43
N THR R 25 38.22 73.41 36.16
CA THR R 25 39.61 73.35 36.23
C THR R 25 40.23 73.55 34.85
N SER R 26 41.44 74.12 34.85
CA SER R 26 42.32 74.26 33.65
C SER R 26 42.42 72.99 32.82
N GLN R 27 42.70 71.89 33.51
CA GLN R 27 42.85 70.59 32.92
C GLN R 27 42.31 69.57 33.90
N SER R 28 41.65 68.57 33.34
CA SER R 28 40.93 67.59 34.09
C SER R 28 41.76 66.39 34.58
N LEU R 29 41.85 66.30 35.90
CA LEU R 29 42.41 65.17 36.61
C LEU R 29 41.47 64.88 37.78
N SER R 30 40.98 63.67 37.89
CA SER R 30 40.02 63.38 38.94
C SER R 30 40.68 63.24 40.28
N SER R 31 41.86 62.63 40.28
CA SER R 31 42.55 62.34 41.52
C SER R 31 43.07 63.59 42.22
N TYR R 32 43.57 64.57 41.49
CA TYR R 32 44.15 65.78 42.09
C TYR R 32 43.11 66.72 42.71
N THR R 33 41.94 66.82 42.13
CA THR R 33 40.91 67.69 42.66
C THR R 33 40.46 67.31 44.07
N HIS R 34 40.20 68.33 44.88
CA HIS R 34 39.83 68.17 46.29
C HIS R 34 38.97 69.36 46.68
N TRP R 35 38.15 69.19 47.74
CA TRP R 35 37.34 70.28 48.30
C TRP R 35 37.60 70.46 49.77
N TYR R 36 37.48 71.71 50.21
CA TYR R 36 37.70 72.12 51.61
C TYR R 36 36.54 72.99 52.05
N GLN R 37 36.18 72.89 53.31
CA GLN R 37 35.21 73.78 53.90
C GLN R 37 35.95 74.57 54.97
N GLN R 38 35.79 75.89 54.96
CA GLN R 38 36.46 76.73 55.96
C GLN R 38 35.44 77.60 56.68
N LYS R 39 35.36 77.44 58.00
CA LYS R 39 34.55 78.33 58.82
C LYS R 39 35.44 79.48 59.28
N PRO R 40 34.83 80.67 59.56
CA PRO R 40 35.56 81.92 59.81
C PRO R 40 36.60 81.81 60.91
N GLY R 41 37.81 82.25 60.62
CA GLY R 41 38.89 82.22 61.59
C GLY R 41 39.49 80.86 61.94
N LYS R 42 39.08 79.83 61.22
CA LYS R 42 39.61 78.49 61.42
C LYS R 42 40.34 78.06 60.18
N ALA R 43 41.16 77.03 60.29
CA ALA R 43 41.79 76.45 59.12
C ALA R 43 40.75 75.73 58.28
N PRO R 44 41.02 75.59 56.98
CA PRO R 44 40.23 74.74 56.15
C PRO R 44 40.21 73.32 56.69
N LYS R 45 39.10 72.63 56.47
CA LYS R 45 39.01 71.19 56.68
C LYS R 45 38.81 70.50 55.33
N LEU R 46 39.59 69.46 55.09
CA LEU R 46 39.41 68.59 53.94
C LEU R 46 38.01 67.96 54.00
N LEU R 47 37.23 68.16 52.94
CA LEU R 47 35.84 67.68 52.82
C LEU R 47 35.75 66.49 51.88
N ILE R 48 36.28 66.70 50.68
CA ILE R 48 36.29 65.69 49.64
C ILE R 48 37.70 65.59 49.07
N TYR R 49 38.15 64.38 48.78
CA TYR R 49 39.36 64.21 48.03
C TYR R 49 39.13 63.35 46.78
N ALA R 50 39.98 63.53 45.78
CA ALA R 50 39.93 62.82 44.53
C ALA R 50 38.56 62.87 43.93
N ALA R 51 38.03 64.08 43.83
CA ALA R 51 36.75 64.37 43.20
C ALA R 51 35.51 63.89 43.95
N SER R 52 35.52 62.68 44.53
CA SER R 52 34.31 62.05 45.07
C SER R 52 34.42 61.26 46.39
N SER R 53 35.63 61.15 46.96
CA SER R 53 35.84 60.41 48.21
C SER R 53 35.59 61.34 49.38
N ARG R 54 34.78 60.88 50.33
CA ARG R 54 34.50 61.68 51.53
C ARG R 54 35.68 61.62 52.48
N GLY R 55 36.04 62.78 53.03
CA GLY R 55 37.09 62.80 54.02
C GLY R 55 36.63 62.13 55.30
N SER R 56 37.60 61.76 56.14
CA SER R 56 37.33 61.15 57.43
C SER R 56 36.45 62.08 58.26
N GLY R 57 35.38 61.53 58.83
CA GLY R 57 34.47 62.29 59.70
C GLY R 57 33.53 63.25 58.99
N VAL R 58 33.52 63.20 57.66
CA VAL R 58 32.68 64.07 56.84
C VAL R 58 31.33 63.37 56.65
N PRO R 59 30.23 64.06 56.97
CA PRO R 59 28.91 63.44 56.88
C PRO R 59 28.42 63.13 55.45
N SER R 60 27.46 62.21 55.38
CA SER R 60 27.03 61.64 54.12
C SER R 60 26.29 62.62 53.20
N ARG R 61 25.76 63.72 53.73
CA ARG R 61 25.10 64.73 52.88
C ARG R 61 26.05 65.38 51.86
N PHE R 62 27.37 65.34 52.12
CA PHE R 62 28.38 65.86 51.19
C PHE R 62 28.79 64.77 50.18
N SER R 63 28.80 65.12 48.91
CA SER R 63 29.42 64.29 47.90
C SER R 63 30.05 65.14 46.83
N GLY R 64 30.93 64.53 46.07
CA GLY R 64 31.54 65.22 44.95
C GLY R 64 31.40 64.43 43.67
N SER R 65 31.44 65.11 42.54
CA SER R 65 31.41 64.45 41.23
C SER R 65 32.42 65.14 40.34
N GLY R 66 32.87 64.43 39.33
CA GLY R 66 33.78 64.98 38.33
C GLY R 66 33.41 64.52 36.95
N SER R 67 33.41 65.44 35.99
CA SER R 67 33.28 65.09 34.59
C SER R 67 34.19 65.96 33.76
N GLY R 68 35.18 65.32 33.11
CA GLY R 68 36.16 66.05 32.34
C GLY R 68 36.75 67.12 33.22
N THR R 69 36.68 68.38 32.80
CA THR R 69 37.23 69.54 33.55
C THR R 69 36.24 70.18 34.53
N ASP R 70 35.03 69.63 34.66
CA ASP R 70 34.02 70.20 35.54
C ASP R 70 33.84 69.34 36.78
N PHE R 71 34.00 69.96 37.95
CA PHE R 71 33.88 69.26 39.23
C PHE R 71 32.87 69.93 40.11
N THR R 72 32.14 69.11 40.84
CA THR R 72 31.01 69.61 41.59
C THR R 72 31.04 69.06 42.99
N LEU R 73 30.61 69.90 43.93
CA LEU R 73 30.38 69.50 45.29
C LEU R 73 28.89 69.68 45.53
N THR R 74 28.27 68.66 46.12
CA THR R 74 26.85 68.71 46.40
C THR R 74 26.56 68.43 47.86
N ILE R 75 25.76 69.32 48.45
CA ILE R 75 25.22 69.11 49.77
C ILE R 75 23.76 68.79 49.54
N SER R 76 23.37 67.55 49.85
CA SER R 76 22.01 67.10 49.57
C SER R 76 20.93 67.82 50.39
N SER R 77 21.23 68.15 51.65
CA SER R 77 20.29 68.83 52.55
C SER R 77 21.08 69.76 53.48
N LEU R 78 21.07 71.05 53.17
CA LEU R 78 21.91 72.01 53.87
C LEU R 78 21.49 72.12 55.33
N GLN R 79 22.49 72.13 56.21
CA GLN R 79 22.28 72.34 57.66
C GLN R 79 22.89 73.67 58.13
N PRO R 80 22.40 74.22 59.27
CA PRO R 80 22.86 75.56 59.69
C PRO R 80 24.40 75.66 59.82
N GLU R 81 25.00 74.57 60.30
CA GLU R 81 26.45 74.45 60.47
C GLU R 81 27.29 74.43 59.19
N ASP R 82 26.64 74.26 58.04
CA ASP R 82 27.32 74.28 56.76
C ASP R 82 27.56 75.70 56.20
N PHE R 83 27.21 76.73 56.96
CA PHE R 83 27.67 78.10 56.68
C PHE R 83 29.17 78.07 56.60
N ALA R 84 29.73 78.42 55.44
CA ALA R 84 31.16 78.36 55.24
C ALA R 84 31.57 78.89 53.89
N THR R 85 32.87 79.01 53.69
CA THR R 85 33.46 79.17 52.37
C THR R 85 34.04 77.81 51.92
N TYR R 86 33.65 77.40 50.72
CA TYR R 86 34.09 76.14 50.14
C TYR R 86 35.12 76.38 49.02
N TYR R 87 36.27 75.68 49.06
CA TYR R 87 37.32 75.82 48.06
C TYR R 87 37.57 74.53 47.35
N CYS R 88 37.83 74.59 46.06
CA CYS R 88 38.31 73.41 45.30
C CYS R 88 39.81 73.55 45.08
N GLN R 89 40.48 72.48 44.67
CA GLN R 89 41.93 72.52 44.58
C GLN R 89 42.43 71.42 43.69
N GLN R 90 43.47 71.69 42.91
CA GLN R 90 44.27 70.68 42.21
C GLN R 90 45.73 70.98 42.35
N SER R 91 46.55 69.96 42.57
CA SER R 91 47.99 70.13 42.73
C SER R 91 48.20 71.22 43.77
N ARG R 92 48.80 72.36 43.47
CA ARG R 92 48.96 73.35 44.53
C ARG R 92 48.13 74.57 44.23
N THR R 93 47.08 74.41 43.42
CA THR R 93 46.25 75.55 43.01
C THR R 93 44.85 75.45 43.53
N PHE R 94 44.38 76.54 44.11
CA PHE R 94 43.09 76.63 44.72
C PHE R 94 42.20 77.51 43.89
N GLY R 95 40.93 77.19 43.91
CA GLY R 95 39.92 78.10 43.44
C GLY R 95 39.78 79.25 44.42
N GLN R 96 39.00 80.23 44.01
CA GLN R 96 38.83 81.46 44.76
C GLN R 96 37.87 81.33 45.94
N GLY R 97 37.11 80.23 46.01
CA GLY R 97 36.15 79.98 47.10
C GLY R 97 34.72 80.38 46.79
N THR R 98 33.74 79.70 47.39
CA THR R 98 32.33 80.01 47.29
C THR R 98 31.80 80.19 48.69
N LYS R 99 31.24 81.36 49.00
CA LYS R 99 30.58 81.61 50.29
C LYS R 99 29.14 81.11 50.28
N VAL R 100 28.82 80.20 51.19
CA VAL R 100 27.46 79.73 51.37
C VAL R 100 26.93 80.43 52.59
N GLU R 101 25.94 81.29 52.38
CA GLU R 101 25.19 81.84 53.49
C GLU R 101 23.81 81.21 53.60
N ILE R 102 23.28 81.24 54.84
CA ILE R 102 21.99 80.62 55.18
C ILE R 102 20.90 81.67 55.23
N LYS R 103 20.29 82.59 52.99
CA LYS R 103 19.21 83.32 52.41
C LYS R 103 18.13 83.54 53.44
N ARG R 104 16.80 84.91 53.83
CA ARG R 104 15.60 85.29 54.49
C ARG R 104 14.91 86.29 53.57
N THR R 105 13.82 86.87 53.99
CA THR R 105 13.21 87.91 53.18
C THR R 105 14.09 89.18 53.04
N VAL R 106 13.92 89.92 51.95
CA VAL R 106 14.67 91.20 51.78
C VAL R 106 14.32 92.16 52.90
N ALA R 107 15.33 92.79 53.50
CA ALA R 107 15.14 93.75 54.59
C ALA R 107 15.92 95.05 54.33
N ALA R 108 15.20 96.17 54.46
CA ALA R 108 15.77 97.49 54.20
C ALA R 108 16.66 97.92 55.35
N PRO R 109 17.80 98.59 55.06
CA PRO R 109 18.63 99.10 56.16
C PRO R 109 17.96 100.26 56.91
N SER R 110 18.19 100.35 58.22
CA SER R 110 17.91 101.55 59.00
C SER R 110 19.20 102.38 58.97
N VAL R 111 19.12 103.64 58.54
CA VAL R 111 20.32 104.45 58.28
C VAL R 111 20.53 105.56 59.34
N PHE R 112 21.75 105.66 59.87
CA PHE R 112 22.16 106.65 60.91
C PHE R 112 23.54 107.23 60.57
N ILE R 113 23.98 108.35 61.16
CA ILE R 113 25.26 108.96 60.74
C ILE R 113 26.29 109.17 61.82
N CYS R 130 28.74 106.60 58.95
CA CYS R 130 27.39 106.26 58.51
C CYS R 130 27.08 104.78 58.73
N LEU R 131 25.94 104.49 59.37
CA LEU R 131 25.53 103.13 59.71
C LEU R 131 24.31 102.70 58.91
N LEU R 132 24.43 101.55 58.26
CA LEU R 132 23.31 100.86 57.62
C LEU R 132 23.06 99.61 58.44
N ASN R 133 21.92 99.54 59.11
CA ASN R 133 21.66 98.49 60.09
C ASN R 133 20.63 97.45 59.68
N ASN R 134 20.96 96.18 59.94
CA ASN R 134 20.06 95.03 59.82
C ASN R 134 19.38 94.90 58.45
N PHE R 135 20.20 94.82 57.40
CA PHE R 135 19.68 94.73 56.04
C PHE R 135 20.02 93.38 55.36
N TYR R 136 19.25 93.05 54.34
CA TYR R 136 19.49 91.89 53.48
C TYR R 136 18.90 92.16 52.08
N PRO R 137 19.62 91.78 51.00
CA PRO R 137 20.95 91.11 50.91
C PRO R 137 22.15 91.99 51.27
N ARG R 138 23.33 91.38 51.25
CA ARG R 138 24.60 92.03 51.60
C ARG R 138 24.92 93.22 50.72
N GLU R 139 24.53 93.16 49.44
CA GLU R 139 24.88 94.18 48.45
C GLU R 139 24.15 95.48 48.77
N ALA R 140 24.93 96.54 48.95
CA ALA R 140 24.44 97.86 49.27
C ALA R 140 25.45 98.89 48.75
N LYS R 141 24.99 100.10 48.47
CA LYS R 141 25.89 101.15 48.02
C LYS R 141 25.77 102.41 48.88
N VAL R 142 26.89 102.88 49.42
CA VAL R 142 26.94 104.12 50.21
C VAL R 142 27.47 105.30 49.38
N GLU R 157 34.86 101.38 54.22
CA GLU R 157 33.71 100.76 54.88
C GLU R 157 34.02 99.33 55.34
N SER R 158 33.20 98.80 56.26
CA SER R 158 33.21 97.34 56.53
C SER R 158 31.81 96.80 56.86
N VAL R 159 31.68 95.49 56.82
CA VAL R 159 30.39 94.81 56.98
C VAL R 159 30.53 93.76 58.06
N THR R 160 29.53 93.60 58.92
CA THR R 160 29.53 92.49 59.89
C THR R 160 29.25 91.18 59.19
N GLU R 161 29.63 90.07 59.79
CA GLU R 161 29.16 88.82 59.26
C GLU R 161 27.69 88.69 59.55
N GLN R 162 27.05 87.85 58.74
CA GLN R 162 25.65 87.60 58.81
C GLN R 162 25.25 87.21 60.25
N ASP R 163 24.20 87.84 60.74
CA ASP R 163 23.68 87.61 62.10
C ASP R 163 23.07 86.19 62.21
N SER R 164 23.42 85.48 63.27
CA SER R 164 22.99 84.08 63.46
C SER R 164 21.50 83.92 63.79
N LYS R 165 20.87 84.97 64.33
CA LYS R 165 19.46 84.91 64.68
C LYS R 165 18.54 85.38 63.55
N ASP R 166 18.85 86.54 62.95
CA ASP R 166 17.95 87.15 61.96
C ASP R 166 18.49 87.19 60.51
N SER R 167 19.69 86.66 60.27
CA SER R 167 20.29 86.55 58.92
C SER R 167 20.60 87.89 58.21
N THR R 168 20.65 89.00 58.96
CA THR R 168 20.92 90.31 58.37
C THR R 168 22.39 90.70 58.44
N TYR R 169 22.73 91.75 57.70
CA TYR R 169 24.05 92.39 57.75
C TYR R 169 23.91 93.82 58.26
N SER R 170 25.03 94.37 58.70
CA SER R 170 25.12 95.79 58.98
C SER R 170 26.42 96.32 58.38
N LEU R 171 26.42 97.59 57.97
CA LEU R 171 27.56 98.19 57.29
C LEU R 171 27.90 99.54 57.90
N SER R 172 29.20 99.81 58.07
CA SER R 172 29.71 101.08 58.55
C SER R 172 30.58 101.73 57.47
N CYS R 190 25.42 111.06 53.71
CA CYS R 190 25.57 109.67 53.28
C CYS R 190 24.30 109.17 52.58
N GLU R 191 24.41 108.89 51.29
CA GLU R 191 23.28 108.38 50.52
C GLU R 191 23.36 106.86 50.32
N VAL R 192 22.30 106.15 50.71
CA VAL R 192 22.25 104.69 50.66
C VAL R 192 21.33 104.18 49.56
N THR R 193 21.86 103.31 48.71
CA THR R 193 21.08 102.54 47.74
C THR R 193 21.07 101.07 48.17
N HIS R 194 19.90 100.44 48.14
CA HIS R 194 19.71 99.04 48.54
C HIS R 194 18.38 98.52 47.99
N GLN R 195 18.35 97.24 47.62
CA GLN R 195 17.16 96.61 47.03
C GLN R 195 15.89 96.79 47.87
N GLY R 196 16.05 96.78 49.19
CA GLY R 196 14.94 97.04 50.12
C GLY R 196 14.54 98.51 50.18
N VAL R 201 18.27 106.87 49.94
CA VAL R 201 17.93 107.48 51.23
C VAL R 201 19.18 108.06 51.91
N THR R 202 19.03 109.26 52.47
CA THR R 202 20.16 110.02 52.99
C THR R 202 20.09 110.20 54.51
N GLN S 1 -85.01 -24.41 -35.78
CA GLN S 1 -85.51 -25.14 -34.58
C GLN S 1 -86.14 -26.49 -34.94
N VAL S 2 -85.96 -27.46 -34.05
CA VAL S 2 -86.55 -28.76 -34.18
C VAL S 2 -87.87 -28.75 -33.41
N GLN S 3 -88.90 -29.35 -34.01
CA GLN S 3 -90.16 -29.61 -33.34
C GLN S 3 -90.51 -31.07 -33.41
N LEU S 4 -91.07 -31.57 -32.30
CA LEU S 4 -91.54 -32.93 -32.21
C LEU S 4 -93.05 -32.91 -31.94
N GLN S 5 -93.81 -33.52 -32.85
CA GLN S 5 -95.26 -33.52 -32.78
C GLN S 5 -95.77 -34.93 -32.58
N GLN S 6 -96.33 -35.16 -31.40
CA GLN S 6 -96.80 -36.47 -31.03
C GLN S 6 -98.21 -36.67 -31.45
N SER S 7 -98.56 -37.93 -31.69
CA SER S 7 -99.95 -38.27 -31.87
C SER S 7 -100.18 -39.73 -31.51
N GLY S 8 -101.44 -40.10 -31.44
CA GLY S 8 -101.86 -41.43 -31.06
C GLY S 8 -102.92 -41.37 -29.98
N PRO S 9 -103.72 -42.43 -29.86
CA PRO S 9 -104.82 -42.38 -28.90
C PRO S 9 -104.33 -42.40 -27.46
N GLY S 10 -105.02 -41.67 -26.59
CA GLY S 10 -104.73 -41.64 -25.16
C GLY S 10 -105.54 -42.63 -24.31
N LEU S 11 -106.23 -43.57 -24.94
CA LEU S 11 -106.99 -44.61 -24.23
C LEU S 11 -106.62 -45.97 -24.81
N VAL S 12 -106.17 -46.88 -23.94
CA VAL S 12 -105.83 -48.25 -24.34
C VAL S 12 -106.49 -49.22 -23.38
N LYS S 13 -107.13 -50.26 -23.90
CA LYS S 13 -107.77 -51.25 -23.03
C LYS S 13 -106.68 -52.14 -22.41
N PRO S 14 -106.91 -52.63 -21.16
CA PRO S 14 -105.90 -53.49 -20.55
C PRO S 14 -105.64 -54.72 -21.41
N SER S 15 -104.36 -55.11 -21.47
CA SER S 15 -103.87 -56.25 -22.26
C SER S 15 -103.61 -55.93 -23.73
N GLN S 16 -104.01 -54.76 -24.21
CA GLN S 16 -103.86 -54.44 -25.62
C GLN S 16 -102.65 -53.55 -25.84
N THR S 17 -102.53 -52.98 -27.04
CA THR S 17 -101.32 -52.34 -27.48
C THR S 17 -101.47 -50.83 -27.53
N LEU S 18 -100.51 -50.15 -26.90
CA LEU S 18 -100.37 -48.71 -26.95
C LEU S 18 -99.53 -48.39 -28.16
N SER S 19 -100.01 -47.44 -28.95
CA SER S 19 -99.31 -47.07 -30.17
C SER S 19 -99.24 -45.56 -30.32
N LEU S 20 -98.03 -45.01 -30.22
CA LEU S 20 -97.80 -43.57 -30.40
C LEU S 20 -96.80 -43.28 -31.49
N THR S 21 -96.89 -42.06 -32.03
CA THR S 21 -96.02 -41.58 -33.09
C THR S 21 -95.48 -40.20 -32.75
N CYS S 22 -94.20 -39.99 -33.10
CA CYS S 22 -93.55 -38.68 -33.00
C CYS S 22 -93.10 -38.28 -34.41
N ALA S 23 -93.59 -37.15 -34.89
CA ALA S 23 -93.28 -36.64 -36.22
C ALA S 23 -92.28 -35.54 -36.05
N ILE S 24 -91.15 -35.67 -36.75
CA ILE S 24 -90.06 -34.74 -36.62
C ILE S 24 -90.10 -33.69 -37.72
N SER S 25 -89.84 -32.44 -37.34
CA SER S 25 -89.53 -31.41 -38.33
C SER S 25 -88.32 -30.61 -37.86
N GLY S 26 -87.55 -30.14 -38.84
CA GLY S 26 -86.26 -29.48 -38.57
C GLY S 26 -85.07 -30.40 -38.33
N ASP S 27 -85.25 -31.70 -38.51
CA ASP S 27 -84.14 -32.66 -38.36
C ASP S 27 -84.58 -33.94 -39.07
N SER S 28 -83.66 -34.89 -39.24
CA SER S 28 -83.92 -36.15 -39.89
C SER S 28 -83.91 -37.28 -38.88
N VAL S 29 -84.91 -38.14 -38.93
CA VAL S 29 -84.92 -39.34 -38.11
C VAL S 29 -83.63 -40.17 -38.26
N SER S 30 -83.01 -40.11 -39.44
CA SER S 30 -81.81 -40.90 -39.70
C SER S 30 -80.51 -40.10 -39.53
N SER S 31 -80.58 -38.94 -38.88
CA SER S 31 -79.40 -38.11 -38.70
C SER S 31 -78.39 -38.77 -37.82
N TYR S 32 -77.12 -38.56 -38.17
CA TYR S 32 -76.01 -39.09 -37.39
C TYR S 32 -75.82 -38.33 -36.09
N ASN S 33 -76.36 -37.12 -36.01
CA ASN S 33 -76.29 -36.29 -34.80
C ASN S 33 -77.61 -36.20 -34.03
N ALA S 34 -78.34 -37.33 -34.02
CA ALA S 34 -79.56 -37.42 -33.25
C ALA S 34 -79.73 -38.83 -32.73
N VAL S 35 -80.38 -38.90 -31.57
CA VAL S 35 -80.92 -40.10 -31.00
C VAL S 35 -82.36 -39.85 -30.61
N TRP S 36 -83.25 -40.78 -30.95
CA TRP S 36 -84.71 -40.57 -30.82
C TRP S 36 -85.26 -41.46 -29.71
N ASN S 37 -85.76 -40.85 -28.64
CA ASN S 37 -86.10 -41.52 -27.40
C ASN S 37 -87.57 -41.40 -27.03
N TRP S 38 -88.07 -42.37 -26.26
CA TRP S 38 -89.35 -42.25 -25.56
C TRP S 38 -89.13 -42.31 -24.06
N ILE S 39 -89.81 -41.42 -23.35
CA ILE S 39 -89.73 -41.26 -21.90
C ILE S 39 -91.16 -41.13 -21.38
N ARG S 40 -91.49 -41.79 -20.28
CA ARG S 40 -92.80 -41.57 -19.68
C ARG S 40 -92.69 -41.00 -18.28
N GLN S 41 -93.79 -40.39 -17.83
CA GLN S 41 -93.87 -39.77 -16.51
C GLN S 41 -95.20 -40.06 -15.86
N SER S 42 -95.16 -40.51 -14.60
CA SER S 42 -96.38 -40.71 -13.83
C SER S 42 -96.17 -40.16 -12.44
N PRO S 43 -97.26 -39.71 -11.78
CA PRO S 43 -97.11 -39.15 -10.44
C PRO S 43 -96.38 -40.07 -9.46
N SER S 44 -96.58 -41.38 -9.61
CA SER S 44 -95.93 -42.40 -8.79
C SER S 44 -94.46 -42.64 -9.15
N ARG S 45 -94.24 -43.04 -10.41
CA ARG S 45 -92.93 -43.54 -10.87
C ARG S 45 -91.91 -42.47 -11.22
N GLY S 46 -92.36 -41.23 -11.38
CA GLY S 46 -91.50 -40.15 -11.82
C GLY S 46 -91.19 -40.29 -13.29
N LEU S 47 -90.02 -39.81 -13.69
CA LEU S 47 -89.57 -39.84 -15.09
C LEU S 47 -88.83 -41.13 -15.39
N GLU S 48 -89.24 -41.83 -16.44
CA GLU S 48 -88.66 -43.13 -16.80
C GLU S 48 -88.35 -43.21 -18.30
N TRP S 49 -87.08 -43.41 -18.63
CA TRP S 49 -86.68 -43.60 -20.02
C TRP S 49 -87.08 -45.01 -20.44
N LEU S 50 -87.70 -45.13 -21.60
CA LEU S 50 -88.23 -46.41 -22.10
C LEU S 50 -87.38 -47.06 -23.19
N GLY S 51 -86.84 -46.24 -24.09
CA GLY S 51 -86.11 -46.78 -25.22
C GLY S 51 -85.76 -45.75 -26.26
N ARG S 52 -85.08 -46.21 -27.30
CA ARG S 52 -84.65 -45.34 -28.37
C ARG S 52 -84.37 -46.06 -29.66
N THR S 53 -84.30 -45.29 -30.73
CA THR S 53 -83.77 -45.73 -31.99
C THR S 53 -82.86 -44.64 -32.58
N TYR S 54 -81.87 -45.07 -33.36
CA TYR S 54 -80.95 -44.16 -34.06
C TYR S 54 -80.23 -44.84 -35.22
N TYR S 55 -79.73 -44.03 -36.15
CA TYR S 55 -79.09 -44.54 -37.35
C TYR S 55 -77.63 -44.17 -37.32
N ARG S 56 -76.77 -45.19 -37.44
CA ARG S 56 -75.34 -45.00 -37.62
C ARG S 56 -74.87 -46.06 -38.59
N SER S 57 -74.97 -45.74 -39.88
CA SER S 57 -74.67 -46.70 -40.96
C SER S 57 -75.48 -47.99 -40.78
N GLY S 58 -76.72 -47.83 -40.30
CA GLY S 58 -77.62 -48.94 -39.98
C GLY S 58 -78.40 -48.60 -38.74
N TRP S 59 -79.59 -49.19 -38.61
CA TRP S 59 -80.49 -48.86 -37.50
C TRP S 59 -80.20 -49.63 -36.22
N TYR S 60 -80.29 -48.94 -35.08
CA TYR S 60 -80.13 -49.56 -33.77
C TYR S 60 -81.30 -49.21 -32.86
N ASN S 61 -81.62 -50.12 -31.95
CA ASN S 61 -82.59 -49.89 -30.87
C ASN S 61 -82.02 -50.34 -29.54
N ASP S 62 -82.33 -49.61 -28.47
CA ASP S 62 -82.05 -50.03 -27.10
C ASP S 62 -83.33 -49.80 -26.31
N TYR S 63 -83.63 -50.69 -25.36
CA TYR S 63 -84.85 -50.57 -24.56
C TYR S 63 -84.59 -50.77 -23.09
N ALA S 64 -85.41 -50.13 -22.26
CA ALA S 64 -85.31 -50.28 -20.81
C ALA S 64 -85.67 -51.69 -20.37
N GLU S 65 -84.90 -52.18 -19.41
CA GLU S 65 -85.10 -53.53 -18.89
C GLU S 65 -86.53 -53.79 -18.44
N SER S 66 -87.16 -52.80 -17.81
CA SER S 66 -88.54 -52.90 -17.32
C SER S 66 -89.61 -53.19 -18.37
N VAL S 67 -89.38 -52.77 -19.62
CA VAL S 67 -90.36 -52.94 -20.71
C VAL S 67 -89.86 -53.74 -21.91
N LYS S 68 -88.65 -54.29 -21.81
CA LYS S 68 -87.96 -54.86 -22.97
C LYS S 68 -88.75 -55.92 -23.75
N SER S 69 -89.46 -56.77 -23.03
CA SER S 69 -90.23 -57.82 -23.66
C SER S 69 -91.51 -57.35 -24.37
N ARG S 70 -91.94 -56.12 -24.14
CA ARG S 70 -93.22 -55.58 -24.64
C ARG S 70 -93.10 -54.42 -25.64
N ILE S 71 -91.89 -53.92 -25.86
CA ILE S 71 -91.72 -52.62 -26.50
C ILE S 71 -91.08 -52.73 -27.88
N THR S 72 -91.53 -51.89 -28.79
CA THR S 72 -90.92 -51.74 -30.11
C THR S 72 -90.90 -50.27 -30.51
N ILE S 73 -89.76 -49.80 -31.00
CA ILE S 73 -89.60 -48.42 -31.44
C ILE S 73 -89.02 -48.43 -32.83
N ASN S 74 -89.83 -48.01 -33.82
CA ASN S 74 -89.45 -48.10 -35.21
C ASN S 74 -89.41 -46.76 -35.91
N PRO S 75 -88.37 -46.51 -36.73
CA PRO S 75 -88.30 -45.31 -37.53
C PRO S 75 -89.06 -45.46 -38.83
N ASP S 76 -89.60 -44.35 -39.33
CA ASP S 76 -90.20 -44.31 -40.65
C ASP S 76 -89.46 -43.22 -41.42
N THR S 77 -88.67 -43.62 -42.40
CA THR S 77 -87.90 -42.67 -43.18
C THR S 77 -88.69 -42.14 -44.37
N SER S 78 -89.92 -42.59 -44.58
CA SER S 78 -90.81 -41.98 -45.57
C SER S 78 -91.48 -40.74 -45.00
N LYS S 79 -91.93 -40.83 -43.75
CA LYS S 79 -92.69 -39.77 -43.10
C LYS S 79 -91.89 -39.00 -42.05
N ASN S 80 -90.60 -39.29 -41.93
CA ASN S 80 -89.75 -38.68 -40.94
C ASN S 80 -90.37 -38.72 -39.53
N GLN S 81 -90.74 -39.92 -39.11
CA GLN S 81 -91.27 -40.12 -37.77
C GLN S 81 -90.69 -41.37 -37.14
N PHE S 82 -90.99 -41.56 -35.87
CA PHE S 82 -90.70 -42.80 -35.19
C PHE S 82 -91.84 -43.13 -34.23
N SER S 83 -92.05 -44.41 -34.01
CA SER S 83 -93.19 -44.86 -33.25
C SER S 83 -92.80 -45.52 -31.93
N LEU S 84 -93.78 -45.63 -31.06
CA LEU S 84 -93.69 -46.43 -29.85
C LEU S 84 -94.83 -47.41 -29.89
N GLN S 85 -94.50 -48.66 -29.66
CA GLN S 85 -95.49 -49.69 -29.51
C GLN S 85 -95.17 -50.40 -28.18
N LEU S 86 -96.17 -50.51 -27.33
CA LEU S 86 -96.04 -51.14 -26.03
C LEU S 86 -97.17 -52.16 -25.91
N ASN S 87 -96.84 -53.45 -25.94
CA ASN S 87 -97.83 -54.53 -25.89
C ASN S 87 -98.25 -54.87 -24.47
N SER S 88 -99.39 -55.55 -24.36
CA SER S 88 -99.87 -56.12 -23.09
C SER S 88 -99.89 -55.11 -21.94
N VAL S 89 -100.51 -53.96 -22.16
CA VAL S 89 -100.48 -52.89 -21.16
C VAL S 89 -101.30 -53.25 -19.92
N THR S 90 -100.89 -52.67 -18.78
CA THR S 90 -101.61 -52.82 -17.52
C THR S 90 -101.80 -51.42 -16.94
N PRO S 91 -102.61 -51.29 -15.88
CA PRO S 91 -102.78 -49.98 -15.24
C PRO S 91 -101.48 -49.25 -14.90
N GLU S 92 -100.41 -49.98 -14.61
CA GLU S 92 -99.12 -49.35 -14.32
C GLU S 92 -98.47 -48.63 -15.50
N ASP S 93 -98.99 -48.84 -16.71
CA ASP S 93 -98.52 -48.14 -17.90
C ASP S 93 -99.24 -46.81 -18.15
N THR S 94 -100.21 -46.46 -17.29
CA THR S 94 -100.86 -45.16 -17.35
C THR S 94 -99.83 -44.09 -16.98
N ALA S 95 -99.68 -43.11 -17.88
CA ALA S 95 -98.62 -42.11 -17.78
C ALA S 95 -98.74 -41.10 -18.91
N VAL S 96 -97.94 -40.03 -18.81
CA VAL S 96 -97.73 -39.11 -19.93
C VAL S 96 -96.49 -39.59 -20.67
N TYR S 97 -96.61 -39.83 -21.98
CA TYR S 97 -95.49 -40.31 -22.81
C TYR S 97 -94.93 -39.15 -23.61
N TYR S 98 -93.61 -38.96 -23.54
CA TYR S 98 -92.88 -37.94 -24.29
C TYR S 98 -91.89 -38.57 -25.26
N CYS S 99 -91.81 -38.04 -26.47
CA CYS S 99 -90.66 -38.33 -27.32
C CYS S 99 -89.63 -37.23 -27.08
N ALA S 100 -88.36 -37.54 -27.31
CA ALA S 100 -87.29 -36.56 -27.12
C ALA S 100 -86.02 -36.90 -27.90
N ARG S 101 -85.31 -35.86 -28.32
CA ARG S 101 -84.06 -36.01 -29.05
C ARG S 101 -82.90 -35.93 -28.10
N SER S 102 -81.97 -36.86 -28.26
CA SER S 102 -80.74 -36.87 -27.48
C SER S 102 -79.56 -37.10 -28.42
N GLY S 103 -78.36 -36.70 -27.94
CA GLY S 103 -77.18 -36.87 -28.76
C GLY S 103 -77.05 -35.78 -29.84
N HIS S 104 -77.88 -34.75 -29.73
CA HIS S 104 -77.68 -33.54 -30.48
C HIS S 104 -76.57 -32.76 -29.82
N ILE S 105 -76.57 -32.78 -28.48
CA ILE S 105 -75.53 -32.15 -27.70
C ILE S 105 -74.65 -33.23 -27.12
N THR S 106 -73.38 -33.18 -27.47
CA THR S 106 -72.42 -34.23 -27.14
C THR S 106 -71.12 -33.63 -26.58
N VAL S 107 -70.51 -34.31 -25.62
CA VAL S 107 -69.23 -33.88 -25.12
C VAL S 107 -68.17 -34.60 -25.94
N PHE S 108 -67.47 -33.87 -26.79
CA PHE S 108 -66.46 -34.47 -27.63
C PHE S 108 -66.99 -35.57 -28.53
N GLY S 109 -68.19 -35.37 -29.05
CA GLY S 109 -68.76 -36.29 -30.03
C GLY S 109 -69.36 -37.54 -29.45
N VAL S 110 -69.53 -37.56 -28.14
CA VAL S 110 -70.06 -38.71 -27.41
C VAL S 110 -71.44 -38.37 -26.89
N ASN S 111 -72.44 -39.15 -27.28
CA ASN S 111 -73.78 -38.88 -26.83
C ASN S 111 -73.81 -39.11 -25.35
N VAL S 112 -74.28 -38.11 -24.66
CA VAL S 112 -74.30 -38.18 -23.24
C VAL S 112 -75.69 -38.52 -22.73
N ASP S 113 -76.59 -38.70 -23.68
CA ASP S 113 -77.97 -38.82 -23.39
C ASP S 113 -78.48 -37.59 -22.68
N ALA S 114 -78.25 -36.43 -23.20
CA ALA S 114 -78.90 -35.31 -22.64
C ALA S 114 -79.96 -35.02 -23.63
N PHE S 115 -81.20 -34.91 -23.17
CA PHE S 115 -82.32 -34.61 -24.07
C PHE S 115 -82.38 -33.11 -24.22
N ASP S 116 -82.41 -32.61 -25.46
CA ASP S 116 -82.41 -31.18 -25.74
C ASP S 116 -83.75 -30.66 -26.27
N MET S 117 -84.55 -31.57 -26.84
CA MET S 117 -85.85 -31.25 -27.39
C MET S 117 -86.88 -32.33 -27.04
N TRP S 118 -88.07 -31.94 -26.61
CA TRP S 118 -89.11 -32.89 -26.22
C TRP S 118 -90.39 -32.57 -26.97
N GLY S 119 -91.19 -33.60 -27.23
CA GLY S 119 -92.55 -33.42 -27.74
C GLY S 119 -93.48 -32.97 -26.63
N GLN S 120 -94.71 -32.64 -26.99
CA GLN S 120 -95.66 -32.05 -26.04
C GLN S 120 -96.23 -33.04 -25.01
N GLY S 121 -96.04 -34.34 -25.24
CA GLY S 121 -96.59 -35.38 -24.37
C GLY S 121 -97.96 -35.86 -24.83
N THR S 122 -98.21 -37.16 -24.65
CA THR S 122 -99.53 -37.73 -24.85
C THR S 122 -99.88 -38.38 -23.52
N MET S 123 -101.01 -37.99 -22.92
CA MET S 123 -101.47 -38.67 -21.73
C MET S 123 -102.16 -39.96 -22.17
N VAL S 124 -101.70 -41.09 -21.64
CA VAL S 124 -102.31 -42.39 -21.93
C VAL S 124 -102.93 -42.98 -20.67
N THR S 125 -104.19 -43.40 -20.79
CA THR S 125 -104.93 -44.03 -19.71
C THR S 125 -105.22 -45.48 -20.13
N VAL S 126 -104.79 -46.43 -19.30
CA VAL S 126 -105.16 -47.83 -19.49
C VAL S 126 -106.46 -48.09 -18.74
N SER S 127 -107.53 -48.33 -19.48
CA SER S 127 -108.83 -48.55 -18.86
C SER S 127 -109.77 -49.23 -19.82
N SER S 128 -110.71 -49.98 -19.27
CA SER S 128 -111.75 -50.58 -20.08
C SER S 128 -112.93 -49.64 -20.34
N ALA S 129 -113.11 -48.64 -19.49
CA ALA S 129 -114.22 -47.72 -19.61
C ALA S 129 -114.22 -46.94 -20.94
N SER S 130 -115.42 -46.53 -21.33
CA SER S 130 -115.62 -46.03 -22.69
C SER S 130 -115.53 -44.52 -22.70
N THR S 131 -115.26 -43.96 -23.87
CA THR S 131 -115.12 -42.50 -24.06
C THR S 131 -116.47 -41.81 -23.89
N LYS S 132 -116.45 -40.65 -23.23
CA LYS S 132 -117.63 -39.85 -23.06
C LYS S 132 -117.26 -38.37 -23.14
N GLY S 133 -117.93 -37.62 -24.02
CA GLY S 133 -117.70 -36.18 -24.15
C GLY S 133 -118.35 -35.42 -23.02
N PRO S 134 -117.84 -34.21 -22.72
CA PRO S 134 -118.36 -33.45 -21.59
C PRO S 134 -119.66 -32.71 -21.91
N SER S 135 -120.44 -32.45 -20.86
CA SER S 135 -121.49 -31.44 -20.90
C SER S 135 -120.86 -30.15 -20.39
N VAL S 136 -121.20 -29.02 -21.00
CA VAL S 136 -120.63 -27.73 -20.60
C VAL S 136 -121.73 -26.78 -20.16
N PHE S 137 -121.62 -26.31 -18.92
CA PHE S 137 -122.62 -25.43 -18.33
C PHE S 137 -121.94 -24.10 -17.94
N PRO S 138 -122.67 -22.98 -18.05
CA PRO S 138 -122.11 -21.69 -17.66
C PRO S 138 -122.07 -21.49 -16.15
N LEU S 139 -121.01 -20.81 -15.69
CA LEU S 139 -120.94 -20.30 -14.33
C LEU S 139 -121.11 -18.79 -14.46
N ALA S 140 -122.35 -18.33 -14.29
CA ALA S 140 -122.76 -17.00 -14.71
C ALA S 140 -122.37 -15.91 -13.70
N PRO S 141 -121.85 -14.77 -14.19
CA PRO S 141 -121.55 -13.67 -13.30
C PRO S 141 -122.85 -13.05 -12.76
N SER S 142 -122.88 -12.77 -11.46
CA SER S 142 -124.05 -12.12 -10.82
C SER S 142 -123.70 -10.69 -10.38
N SER S 143 -124.57 -10.05 -9.61
CA SER S 143 -124.25 -8.74 -9.02
C SER S 143 -124.77 -8.67 -7.58
N GLY S 148 -115.88 -3.98 -8.24
CA GLY S 148 -115.55 -3.79 -9.64
C GLY S 148 -115.04 -5.01 -10.40
N THR S 149 -114.89 -6.16 -9.74
CA THR S 149 -114.42 -7.38 -10.41
C THR S 149 -115.52 -8.43 -10.46
N ALA S 150 -115.72 -9.03 -11.63
CA ALA S 150 -116.69 -10.11 -11.80
C ALA S 150 -115.98 -11.40 -12.14
N ALA S 151 -116.52 -12.50 -11.63
CA ALA S 151 -116.02 -13.81 -11.99
C ALA S 151 -117.06 -14.53 -12.83
N LEU S 152 -116.60 -15.20 -13.87
CA LEU S 152 -117.47 -16.07 -14.67
C LEU S 152 -116.69 -17.33 -15.03
N GLY S 153 -117.37 -18.36 -15.53
CA GLY S 153 -116.71 -19.61 -15.86
C GLY S 153 -117.56 -20.62 -16.58
N CYS S 154 -116.97 -21.79 -16.81
CA CYS S 154 -117.62 -22.91 -17.47
C CYS S 154 -117.38 -24.15 -16.63
N LEU S 155 -118.46 -24.89 -16.37
CA LEU S 155 -118.35 -26.17 -15.70
C LEU S 155 -118.35 -27.25 -16.78
N VAL S 156 -117.28 -28.05 -16.82
CA VAL S 156 -117.11 -29.10 -17.82
C VAL S 156 -117.32 -30.43 -17.11
N LYS S 157 -118.50 -31.01 -17.29
CA LYS S 157 -118.91 -32.15 -16.44
C LYS S 157 -119.08 -33.48 -17.18
N ASP S 158 -118.66 -34.55 -16.50
CA ASP S 158 -118.93 -35.94 -16.88
C ASP S 158 -118.31 -36.40 -18.19
N TYR S 159 -116.97 -36.34 -18.25
CA TYR S 159 -116.24 -36.80 -19.41
C TYR S 159 -115.23 -37.88 -19.02
N PHE S 160 -114.80 -38.64 -20.03
CA PHE S 160 -113.79 -39.68 -19.86
C PHE S 160 -113.17 -40.00 -21.23
N PRO S 161 -111.83 -40.21 -21.29
CA PRO S 161 -110.82 -40.04 -20.25
C PRO S 161 -110.32 -38.61 -20.22
N GLU S 162 -109.27 -38.36 -19.43
CA GLU S 162 -108.52 -37.12 -19.54
C GLU S 162 -107.77 -37.04 -20.89
N PRO S 163 -107.42 -35.83 -21.33
CA PRO S 163 -107.69 -34.54 -20.75
C PRO S 163 -108.73 -33.76 -21.55
N VAL S 164 -109.17 -32.67 -20.93
CA VAL S 164 -109.94 -31.64 -21.60
C VAL S 164 -109.04 -30.42 -21.66
N THR S 165 -109.14 -29.62 -22.73
CA THR S 165 -108.52 -28.28 -22.75
C THR S 165 -109.61 -27.22 -22.88
N VAL S 166 -109.37 -26.08 -22.23
CA VAL S 166 -110.32 -24.96 -22.26
C VAL S 166 -109.56 -23.71 -22.66
N SER S 167 -110.11 -22.93 -23.60
CA SER S 167 -109.61 -21.59 -23.85
C SER S 167 -110.78 -20.67 -23.74
N TRP S 168 -110.52 -19.37 -23.77
CA TRP S 168 -111.56 -18.34 -23.77
C TRP S 168 -111.41 -17.41 -24.95
N ASN S 169 -112.54 -17.07 -25.57
CA ASN S 169 -112.58 -16.22 -26.75
C ASN S 169 -111.51 -16.63 -27.78
N SER S 170 -111.46 -17.95 -28.02
CA SER S 170 -110.54 -18.60 -28.94
C SER S 170 -109.08 -18.29 -28.65
N GLY S 171 -108.75 -18.19 -27.38
CA GLY S 171 -107.40 -17.90 -26.94
C GLY S 171 -107.02 -16.42 -26.89
N ALA S 172 -107.98 -15.53 -27.16
CA ALA S 172 -107.75 -14.10 -27.07
C ALA S 172 -107.82 -13.59 -25.65
N LEU S 173 -108.47 -14.34 -24.77
CA LEU S 173 -108.54 -14.01 -23.34
C LEU S 173 -107.72 -15.00 -22.53
N THR S 174 -106.59 -14.54 -21.99
CA THR S 174 -105.71 -15.36 -21.15
C THR S 174 -105.52 -14.82 -19.73
N SER S 175 -105.51 -13.49 -19.56
CA SER S 175 -105.23 -12.90 -18.26
C SER S 175 -106.35 -13.17 -17.24
N GLY S 176 -105.97 -13.62 -16.05
CA GLY S 176 -106.92 -13.93 -15.00
C GLY S 176 -107.69 -15.24 -15.17
N VAL S 177 -107.30 -16.06 -16.14
CA VAL S 177 -107.97 -17.37 -16.39
C VAL S 177 -107.42 -18.38 -15.41
N HIS S 178 -108.30 -19.20 -14.83
CA HIS S 178 -107.87 -20.38 -14.06
C HIS S 178 -108.66 -21.59 -14.52
N THR S 179 -107.95 -22.57 -15.10
CA THR S 179 -108.56 -23.84 -15.44
C THR S 179 -108.10 -24.86 -14.41
N PHE S 180 -109.05 -25.35 -13.62
CA PHE S 180 -108.71 -26.26 -12.54
C PHE S 180 -108.34 -27.66 -13.00
N PRO S 181 -107.46 -28.36 -12.24
CA PRO S 181 -107.28 -29.78 -12.47
C PRO S 181 -108.60 -30.52 -12.32
N ALA S 182 -108.77 -31.55 -13.14
CA ALA S 182 -109.97 -32.38 -13.09
C ALA S 182 -110.03 -33.18 -11.79
N VAL S 183 -111.25 -33.47 -11.36
CA VAL S 183 -111.49 -34.37 -10.24
C VAL S 183 -112.24 -35.59 -10.79
N LEU S 184 -111.90 -36.78 -10.29
CA LEU S 184 -112.60 -37.99 -10.64
C LEU S 184 -113.76 -38.17 -9.66
N GLN S 185 -114.97 -38.20 -10.20
CA GLN S 185 -116.18 -38.28 -9.38
C GLN S 185 -116.49 -39.73 -9.06
N SER S 186 -117.40 -39.95 -8.13
CA SER S 186 -117.78 -41.30 -7.74
C SER S 186 -118.41 -42.11 -8.89
N SER S 187 -118.96 -41.41 -9.89
CA SER S 187 -119.45 -42.04 -11.11
C SER S 187 -118.32 -42.65 -11.96
N GLY S 188 -117.07 -42.30 -11.67
CA GLY S 188 -115.94 -42.69 -12.52
C GLY S 188 -115.75 -41.83 -13.77
N LEU S 189 -116.44 -40.68 -13.81
CA LEU S 189 -116.25 -39.67 -14.85
C LEU S 189 -115.58 -38.44 -14.24
N TYR S 190 -114.83 -37.71 -15.08
CA TYR S 190 -114.14 -36.51 -14.66
C TYR S 190 -115.00 -35.26 -14.81
N SER S 191 -114.62 -34.25 -14.03
CA SER S 191 -115.21 -32.93 -14.11
C SER S 191 -114.16 -31.87 -13.76
N LEU S 192 -114.25 -30.70 -14.40
CA LEU S 192 -113.43 -29.55 -14.02
C LEU S 192 -114.19 -28.28 -14.29
N SER S 193 -113.64 -27.18 -13.78
CA SER S 193 -114.14 -25.86 -14.10
C SER S 193 -113.01 -25.02 -14.65
N SER S 194 -113.39 -24.10 -15.53
CA SER S 194 -112.49 -23.11 -16.05
C SER S 194 -113.17 -22.00 -15.63
N VAL S 195 -112.63 -21.55 -14.60
N VAL S 195 -112.62 -21.53 -14.60
CA VAL S 195 -113.20 -20.39 -14.28
CA VAL S 195 -113.10 -20.31 -14.33
C VAL S 195 -112.21 -19.29 -14.78
C VAL S 195 -112.18 -19.28 -14.97
N VAL S 196 -112.64 -17.11 -14.91
CA VAL S 196 -111.89 -15.94 -15.28
C VAL S 196 -112.51 -14.75 -14.53
N THR S 197 -111.64 -13.90 -14.01
CA THR S 197 -112.08 -12.62 -13.46
C THR S 197 -111.86 -11.52 -14.49
N VAL S 198 -112.86 -10.63 -14.60
CA VAL S 198 -112.88 -9.53 -15.56
C VAL S 198 -113.45 -8.30 -14.88
N PRO S 199 -113.19 -7.10 -15.45
CA PRO S 199 -113.88 -5.91 -14.94
C PRO S 199 -115.38 -6.07 -15.09
N SER S 200 -116.13 -5.81 -14.03
CA SER S 200 -117.58 -5.95 -14.09
C SER S 200 -118.21 -5.00 -15.12
N SER S 201 -117.56 -3.85 -15.35
CA SER S 201 -117.97 -2.91 -16.39
C SER S 201 -118.01 -3.54 -17.79
N SER S 202 -117.10 -4.47 -18.08
CA SER S 202 -117.03 -5.06 -19.43
C SER S 202 -118.15 -6.07 -19.74
N LEU S 203 -118.96 -6.42 -18.75
CA LEU S 203 -120.03 -7.42 -18.94
C LEU S 203 -121.11 -6.95 -19.93
N GLY S 204 -121.35 -5.64 -20.00
CA GLY S 204 -122.36 -5.08 -20.88
C GLY S 204 -121.91 -4.88 -22.32
N THR S 205 -120.63 -5.08 -22.59
CA THR S 205 -120.09 -4.87 -23.94
C THR S 205 -119.27 -6.03 -24.50
N GLN S 206 -118.49 -6.70 -23.66
CA GLN S 206 -117.61 -7.79 -24.08
C GLN S 206 -118.34 -9.13 -24.01
N THR S 207 -118.23 -9.92 -25.06
CA THR S 207 -118.72 -11.30 -25.10
C THR S 207 -117.69 -12.24 -24.52
N TYR S 208 -118.13 -13.21 -23.73
CA TYR S 208 -117.24 -14.22 -23.13
C TYR S 208 -117.74 -15.63 -23.50
N ILE S 209 -116.89 -16.36 -24.22
CA ILE S 209 -117.19 -17.72 -24.68
C ILE S 209 -116.05 -18.67 -24.26
N CYS S 210 -116.36 -19.76 -23.59
CA CYS S 210 -115.33 -20.77 -23.33
C CYS S 210 -115.32 -21.82 -24.45
N ASN S 211 -114.12 -22.16 -24.90
CA ASN S 211 -113.94 -23.13 -25.98
C ASN S 211 -113.40 -24.41 -25.35
N VAL S 212 -114.19 -25.48 -25.43
CA VAL S 212 -113.87 -26.76 -24.79
C VAL S 212 -113.56 -27.85 -25.82
N ASN S 213 -112.41 -28.49 -25.64
CA ASN S 213 -111.89 -29.52 -26.53
C ASN S 213 -111.66 -30.79 -25.74
N HIS S 214 -112.33 -31.85 -26.16
CA HIS S 214 -112.09 -33.18 -25.64
C HIS S 214 -111.76 -34.08 -26.80
N LYS S 215 -110.47 -34.16 -27.12
CA LYS S 215 -110.03 -34.84 -28.31
C LYS S 215 -110.36 -36.34 -28.33
N PRO S 216 -110.32 -37.03 -27.16
CA PRO S 216 -110.66 -38.46 -27.23
C PRO S 216 -112.08 -38.77 -27.75
N SER S 217 -113.04 -37.86 -27.51
CA SER S 217 -114.41 -38.02 -28.01
C SER S 217 -114.68 -37.19 -29.25
N ASN S 218 -113.63 -36.53 -29.76
CA ASN S 218 -113.76 -35.56 -30.85
C ASN S 218 -114.74 -34.42 -30.58
N THR S 219 -114.86 -34.02 -29.31
CA THR S 219 -115.77 -32.96 -28.91
C THR S 219 -115.06 -31.63 -28.96
N LYS S 220 -115.66 -30.68 -29.68
CA LYS S 220 -115.27 -29.28 -29.61
C LYS S 220 -116.54 -28.51 -29.41
N VAL S 221 -116.66 -27.84 -28.25
CA VAL S 221 -117.87 -27.11 -27.90
C VAL S 221 -117.51 -25.67 -27.47
N ASP S 222 -118.35 -24.72 -27.85
CA ASP S 222 -118.19 -23.32 -27.43
C ASP S 222 -119.42 -22.90 -26.62
N LYS S 223 -119.22 -22.34 -25.44
CA LYS S 223 -120.34 -21.89 -24.60
C LYS S 223 -120.24 -20.41 -24.24
N LYS S 224 -121.28 -19.66 -24.61
CA LYS S 224 -121.40 -18.24 -24.25
C LYS S 224 -121.82 -18.18 -22.79
N VAL S 225 -121.15 -17.33 -22.02
CA VAL S 225 -121.43 -17.19 -20.60
C VAL S 225 -121.88 -15.76 -20.36
N GLU S 226 -123.13 -15.58 -19.93
CA GLU S 226 -123.71 -14.22 -19.74
C GLU S 226 -124.47 -14.08 -18.39
N PRO S 227 -124.64 -12.84 -17.90
CA PRO S 227 -125.25 -12.49 -16.60
C PRO S 227 -126.52 -13.25 -16.18
N MET T 1 -79.69 -42.19 -8.47
CA MET T 1 -79.75 -40.72 -8.33
C MET T 1 -80.70 -40.37 -7.17
N THR T 2 -80.17 -39.71 -6.15
CA THR T 2 -80.95 -39.26 -5.01
C THR T 2 -80.88 -37.72 -4.87
N GLN T 3 -82.02 -37.03 -5.00
CA GLN T 3 -82.06 -35.56 -4.85
C GLN T 3 -82.47 -35.13 -3.46
N SER T 4 -81.88 -34.01 -3.02
CA SER T 4 -82.20 -33.40 -1.75
C SER T 4 -82.20 -31.89 -1.86
N PRO T 5 -83.18 -31.21 -1.25
CA PRO T 5 -84.32 -31.79 -0.52
C PRO T 5 -85.38 -32.22 -1.53
N SER T 6 -86.41 -32.92 -1.08
CA SER T 6 -87.52 -33.29 -1.98
C SER T 6 -88.38 -32.06 -2.35
N SER T 7 -88.41 -31.05 -1.48
CA SER T 7 -89.00 -29.75 -1.82
C SER T 7 -88.49 -28.62 -0.94
N LEU T 8 -88.70 -27.39 -1.37
CA LEU T 8 -88.32 -26.22 -0.57
C LEU T 8 -89.13 -25.00 -0.95
N SER T 9 -89.21 -24.06 0.00
CA SER T 9 -89.77 -22.73 -0.21
C SER T 9 -88.67 -21.71 -0.02
N ALA T 10 -88.60 -20.73 -0.89
CA ALA T 10 -87.63 -19.63 -0.76
C ALA T 10 -88.21 -18.34 -1.32
N SER T 11 -87.72 -17.24 -0.78
CA SER T 11 -88.20 -15.93 -1.20
C SER T 11 -87.61 -15.53 -2.53
N VAL T 12 -88.31 -14.63 -3.21
CA VAL T 12 -87.77 -14.04 -4.43
C VAL T 12 -86.43 -13.39 -4.08
N GLY T 13 -85.43 -13.63 -4.92
CA GLY T 13 -84.09 -13.09 -4.70
C GLY T 13 -83.17 -13.99 -3.89
N ASP T 14 -83.72 -15.03 -3.25
CA ASP T 14 -82.89 -15.98 -2.46
C ASP T 14 -81.97 -16.81 -3.34
N ARG T 15 -80.83 -17.20 -2.76
CA ARG T 15 -79.95 -18.20 -3.37
C ARG T 15 -80.47 -19.60 -3.01
N VAL T 16 -80.67 -20.45 -4.02
CA VAL T 16 -81.24 -21.78 -3.83
C VAL T 16 -80.26 -22.80 -4.37
N THR T 17 -79.98 -23.83 -3.57
CA THR T 17 -79.08 -24.91 -3.98
C THR T 17 -79.76 -26.27 -3.79
N ILE T 18 -79.77 -27.06 -4.86
CA ILE T 18 -80.29 -28.42 -4.84
C ILE T 18 -79.16 -29.38 -5.12
N THR T 19 -79.21 -30.53 -4.47
CA THR T 19 -78.18 -31.54 -4.60
C THR T 19 -78.72 -32.83 -5.19
N CYS T 20 -77.85 -33.49 -5.93
CA CYS T 20 -78.13 -34.79 -6.50
C CYS T 20 -76.92 -35.62 -6.18
N ARG T 21 -77.14 -36.76 -5.53
CA ARG T 21 -76.07 -37.69 -5.26
C ARG T 21 -76.36 -38.88 -6.13
N THR T 22 -74.79 -38.97 -6.96
CA THR T 22 -74.93 -40.14 -7.80
C THR T 22 -74.07 -41.35 -7.31
N SER T 23 -74.59 -42.55 -7.65
CA SER T 23 -73.92 -43.82 -7.32
C SER T 23 -72.51 -43.82 -7.91
N GLN T 24 -72.40 -43.32 -9.13
CA GLN T 24 -71.18 -43.30 -9.88
C GLN T 24 -70.98 -41.89 -10.41
N SER T 25 -69.77 -41.35 -10.27
CA SER T 25 -69.51 -39.92 -10.62
C SER T 25 -69.03 -39.79 -12.06
N LEU T 26 -69.86 -39.18 -12.89
CA LEU T 26 -69.53 -38.84 -14.28
C LEU T 26 -70.06 -37.43 -14.50
N SER T 27 -69.16 -36.48 -14.64
CA SER T 27 -69.57 -35.09 -14.72
C SER T 27 -70.22 -34.87 -16.03
N SER T 28 -69.68 -35.51 -17.05
CA SER T 28 -70.26 -35.37 -18.39
C SER T 28 -71.73 -35.89 -18.56
N TYR T 29 -72.12 -37.03 -17.93
CA TYR T 29 -73.43 -37.70 -18.02
C TYR T 29 -74.52 -37.25 -17.04
N THR T 30 -74.29 -36.19 -16.27
CA THR T 30 -75.30 -35.70 -15.35
C THR T 30 -75.93 -34.45 -15.93
N HIS T 31 -77.25 -34.36 -15.89
CA HIS T 31 -77.97 -33.19 -16.42
C HIS T 31 -79.09 -32.75 -15.50
N TRP T 32 -79.53 -31.50 -15.63
CA TRP T 32 -80.68 -31.01 -14.89
C TRP T 32 -81.78 -30.53 -15.81
N TYR T 33 -83.01 -30.81 -15.43
CA TYR T 33 -84.18 -30.36 -16.17
C TYR T 33 -85.10 -29.56 -15.27
N GLN T 34 -85.79 -28.58 -15.87
CA GLN T 34 -86.79 -27.81 -15.17
C GLN T 34 -88.14 -28.13 -15.82
N GLN T 35 -89.13 -28.47 -15.01
CA GLN T 35 -90.45 -28.79 -15.55
C GLN T 35 -91.52 -27.97 -14.85
N LYS T 36 -92.19 -27.13 -15.64
CA LYS T 36 -93.27 -26.31 -15.13
C LYS T 36 -94.56 -27.08 -15.38
N PRO T 37 -95.63 -26.78 -14.61
CA PRO T 37 -96.87 -27.57 -14.65
C PRO T 37 -97.49 -27.61 -16.03
N GLY T 38 -97.87 -28.80 -16.46
CA GLY T 38 -98.51 -28.99 -17.76
C GLY T 38 -97.58 -28.93 -18.97
N LYS T 39 -96.27 -28.82 -18.74
CA LYS T 39 -95.31 -28.69 -19.83
C LYS T 39 -94.33 -29.85 -19.74
N ALA T 40 -93.65 -30.13 -20.86
CA ALA T 40 -92.56 -31.07 -20.87
C ALA T 40 -91.36 -30.52 -20.09
N PRO T 41 -90.50 -31.39 -19.58
CA PRO T 41 -89.23 -30.94 -19.04
C PRO T 41 -88.44 -30.20 -20.11
N LYS T 42 -87.66 -29.23 -19.67
CA LYS T 42 -86.72 -28.52 -20.53
C LYS T 42 -85.32 -28.70 -19.95
N LEU T 43 -84.35 -28.98 -20.82
CA LEU T 43 -82.96 -29.13 -20.40
C LEU T 43 -82.46 -27.81 -19.86
N LEU T 44 -81.95 -27.83 -18.62
CA LEU T 44 -81.49 -26.64 -17.89
C LEU T 44 -79.96 -26.59 -17.86
N ILE T 45 -79.37 -27.70 -17.43
CA ILE T 45 -77.92 -27.84 -17.34
C ILE T 45 -77.49 -29.17 -17.96
N TYR T 46 -76.41 -29.19 -18.75
CA TYR T 46 -75.86 -30.47 -19.22
C TYR T 46 -74.40 -30.61 -18.89
N ALA T 47 -73.97 -31.85 -18.70
CA ALA T 47 -72.61 -32.17 -18.33
C ALA T 47 -72.17 -31.38 -17.11
N ALA T 48 -73.00 -31.48 -16.08
CA ALA T 48 -72.75 -30.90 -14.75
C ALA T 48 -72.85 -29.40 -14.65
N SER T 49 -72.29 -28.67 -15.62
CA SER T 49 -72.12 -27.22 -15.49
C SER T 49 -72.38 -26.36 -16.75
N SER T 50 -72.71 -26.95 -17.90
CA SER T 50 -73.03 -26.18 -19.11
C SER T 50 -74.50 -25.77 -19.11
N ARG T 51 -74.77 -24.50 -19.38
CA ARG T 51 -76.16 -24.05 -19.44
C ARG T 51 -76.79 -24.49 -20.74
N GLY T 52 -78.02 -24.99 -20.63
CA GLY T 52 -78.75 -25.42 -21.79
C GLY T 52 -79.14 -24.23 -22.63
N SER T 53 -79.53 -24.52 -23.87
CA SER T 53 -79.95 -23.48 -24.79
C SER T 53 -81.10 -22.69 -24.20
N GLY T 54 -80.97 -21.36 -24.22
CA GLY T 54 -82.02 -20.46 -23.74
C GLY T 54 -82.09 -20.30 -22.23
N VAL T 55 -81.12 -20.84 -21.50
CA VAL T 55 -81.16 -20.85 -20.03
C VAL T 55 -80.44 -19.63 -19.47
N PRO T 56 -81.12 -18.83 -18.60
CA PRO T 56 -80.50 -17.61 -18.05
C PRO T 56 -79.35 -17.85 -17.06
N SER T 57 -78.52 -16.83 -16.86
CA SER T 57 -77.25 -16.98 -16.13
C SER T 57 -77.40 -17.21 -14.63
N ARG T 58 -78.58 -16.93 -14.07
CA ARG T 58 -78.84 -17.23 -12.65
C ARG T 58 -78.80 -18.74 -12.34
N PHE T 59 -78.98 -19.59 -13.35
CA PHE T 59 -78.86 -21.04 -13.17
C PHE T 59 -77.42 -21.50 -13.42
N SER T 60 -76.87 -22.27 -12.50
CA SER T 60 -75.54 -22.85 -12.68
C SER T 60 -75.47 -24.19 -12.01
N GLY T 61 -74.48 -24.95 -12.43
CA GLY T 61 -74.33 -26.30 -11.94
C GLY T 61 -72.89 -26.56 -11.59
N SER T 62 -72.68 -27.43 -10.61
CA SER T 62 -71.34 -27.82 -10.22
C SER T 62 -71.35 -29.31 -9.93
N GLY T 63 -70.18 -29.94 -10.05
CA GLY T 63 -70.01 -31.35 -9.75
C GLY T 63 -68.74 -31.62 -8.98
N SER T 64 -68.85 -32.45 -7.95
CA SER T 64 -67.69 -32.93 -7.22
C SER T 64 -67.90 -34.41 -6.88
N GLY T 65 -67.04 -35.27 -7.43
CA GLY T 65 -67.19 -36.74 -7.27
C GLY T 65 -68.60 -37.14 -7.64
N THR T 66 -69.32 -37.77 -6.70
CA THR T 66 -70.73 -38.26 -6.90
C THR T 66 -71.76 -37.21 -6.53
N ASP T 67 -71.33 -36.00 -6.13
CA ASP T 67 -72.22 -34.95 -5.66
C ASP T 67 -72.32 -33.85 -6.70
N PHE T 68 -73.56 -33.58 -7.13
CA PHE T 68 -73.85 -32.56 -8.13
C PHE T 68 -74.82 -31.55 -7.56
N THR T 69 -74.63 -30.29 -7.94
CA THR T 69 -75.43 -29.23 -7.38
C THR T 69 -75.94 -28.33 -8.47
N LEU T 70 -77.20 -27.92 -8.29
CA LEU T 70 -77.84 -26.92 -9.11
C LEU T 70 -78.08 -25.73 -8.22
N THR T 71 -77.70 -24.56 -8.72
CA THR T 71 -77.86 -23.34 -7.97
C THR T 71 -78.63 -22.30 -8.77
N ILE T 72 -79.63 -21.71 -8.12
CA ILE T 72 -80.31 -20.53 -8.64
C ILE T 72 -79.80 -19.39 -7.80
N SER T 73 -79.03 -18.50 -8.41
CA SER T 73 -78.33 -17.46 -7.66
C SER T 73 -79.31 -16.43 -7.07
N SER T 74 -80.40 -16.15 -7.80
CA SER T 74 -81.44 -15.20 -7.37
C SER T 74 -82.81 -15.69 -7.85
N LEU T 75 -83.57 -16.30 -6.94
CA LEU T 75 -84.83 -16.94 -7.27
C LEU T 75 -85.86 -15.95 -7.82
N GLN T 76 -86.46 -16.30 -8.96
CA GLN T 76 -87.56 -15.51 -9.53
C GLN T 76 -88.90 -16.26 -9.46
N PRO T 77 -90.03 -15.52 -9.47
CA PRO T 77 -91.34 -16.17 -9.38
C PRO T 77 -91.57 -17.25 -10.46
N GLU T 78 -91.03 -17.05 -11.66
CA GLU T 78 -91.20 -17.96 -12.80
C GLU T 78 -90.39 -19.24 -12.69
N ASP T 79 -89.48 -19.29 -11.72
CA ASP T 79 -88.69 -20.49 -11.44
C ASP T 79 -89.44 -21.53 -10.59
N PHE T 80 -90.71 -21.27 -10.28
CA PHE T 80 -91.57 -22.28 -9.72
C PHE T 80 -91.59 -23.46 -10.67
N ALA T 81 -91.11 -24.60 -10.20
CA ALA T 81 -91.01 -25.77 -11.03
C ALA T 81 -90.56 -26.96 -10.20
N THR T 82 -90.60 -28.13 -10.83
CA THR T 82 -89.91 -29.31 -10.34
C THR T 82 -88.62 -29.50 -11.16
N TYR T 83 -87.52 -29.66 -10.43
CA TYR T 83 -86.19 -29.82 -11.01
C TYR T 83 -85.71 -31.27 -10.85
N TYR T 84 -85.29 -31.90 -11.95
CA TYR T 84 -84.81 -33.27 -11.92
C TYR T 84 -83.37 -33.33 -12.35
N CYS T 85 -82.57 -34.19 -11.72
CA CYS T 85 -81.24 -34.53 -12.23
C CYS T 85 -81.30 -35.86 -12.97
N GLN T 86 -80.26 -36.16 -13.74
CA GLN T 86 -80.26 -37.33 -14.60
C GLN T 86 -78.86 -37.76 -14.97
N GLN T 87 -78.63 -39.07 -14.90
CA GLN T 87 -77.47 -39.71 -15.51
C GLN T 87 -77.88 -40.85 -16.34
N SER T 88 -77.21 -41.01 -17.48
CA SER T 88 -77.51 -42.10 -18.38
C SER T 88 -79.02 -42.17 -18.55
N ARG T 89 -79.67 -43.24 -18.14
CA ARG T 89 -81.09 -43.35 -18.38
C ARG T 89 -81.88 -43.25 -17.11
N THR T 90 -81.22 -42.79 -16.04
CA THR T 90 -81.84 -42.71 -14.74
C THR T 90 -82.08 -41.26 -14.30
N PHE T 91 -83.28 -41.02 -13.80
CA PHE T 91 -83.68 -39.72 -13.30
C PHE T 91 -83.80 -39.77 -11.81
N GLY T 92 -83.46 -38.66 -11.17
CA GLY T 92 -83.78 -38.46 -9.76
C GLY T 92 -85.28 -38.26 -9.57
N GLN T 93 -85.70 -38.22 -8.32
CA GLN T 93 -87.12 -38.14 -7.98
C GLN T 93 -87.70 -36.73 -8.12
N GLY T 94 -86.83 -35.73 -8.27
CA GLY T 94 -87.24 -34.34 -8.42
C GLY T 94 -87.24 -33.55 -7.12
N THR T 95 -87.07 -32.24 -7.25
CA THR T 95 -87.17 -31.31 -6.14
C THR T 95 -88.20 -30.27 -6.55
N LYS T 96 -89.26 -30.12 -5.76
CA LYS T 96 -90.22 -29.04 -5.98
C LYS T 96 -89.74 -27.74 -5.35
N VAL T 97 -89.62 -26.69 -6.17
CA VAL T 97 -89.27 -25.37 -5.68
C VAL T 97 -90.52 -24.51 -5.65
N GLU T 98 -90.95 -24.16 -4.43
CA GLU T 98 -92.03 -23.19 -4.21
C GLU T 98 -91.45 -21.84 -3.77
N ILE T 99 -92.22 -20.78 -3.97
CA ILE T 99 -91.82 -19.52 -3.39
C ILE T 99 -92.72 -19.07 -2.22
N LYS T 100 -92.11 -18.41 -1.26
CA LYS T 100 -92.78 -17.89 -0.08
C LYS T 100 -92.99 -16.40 -0.24
N ARG T 101 -94.23 -15.94 -0.10
CA ARG T 101 -94.60 -14.52 -0.25
C ARG T 101 -95.52 -14.09 0.92
N THR T 102 -96.05 -12.90 0.89
CA THR T 102 -96.90 -12.51 1.99
C THR T 102 -98.27 -13.20 1.99
N VAL T 103 -99.00 -13.07 3.10
CA VAL T 103 -100.38 -13.59 3.18
C VAL T 103 -101.34 -12.76 2.30
N ALA T 104 -102.25 -13.43 1.60
CA ALA T 104 -103.26 -12.74 0.81
C ALA T 104 -104.58 -13.48 0.93
N ALA T 105 -105.65 -12.77 1.30
CA ALA T 105 -106.94 -13.39 1.51
C ALA T 105 -107.59 -13.68 0.16
N PRO T 106 -108.41 -14.75 0.07
CA PRO T 106 -109.11 -14.99 -1.20
C PRO T 106 -110.21 -13.98 -1.52
N SER T 107 -110.46 -13.77 -2.80
CA SER T 107 -111.73 -13.17 -3.26
C SER T 107 -112.68 -14.33 -3.47
N VAL T 108 -113.91 -14.22 -2.98
CA VAL T 108 -114.85 -15.34 -2.94
C VAL T 108 -116.06 -15.01 -3.81
N PHE T 109 -116.44 -15.94 -4.67
CA PHE T 109 -117.58 -15.79 -5.59
C PHE T 109 -118.38 -17.08 -5.57
N ILE T 110 -119.71 -16.97 -5.63
CA ILE T 110 -120.57 -18.14 -5.64
C ILE T 110 -121.39 -18.11 -6.92
N PHE T 111 -121.58 -19.28 -7.53
CA PHE T 111 -122.31 -19.42 -8.80
C PHE T 111 -123.45 -20.42 -8.64
N PRO T 112 -124.69 -20.00 -8.90
CA PRO T 112 -125.77 -21.00 -8.94
C PRO T 112 -125.69 -21.91 -10.18
N PRO T 113 -126.36 -23.07 -10.17
CA PRO T 113 -126.46 -23.88 -11.39
C PRO T 113 -127.23 -23.16 -12.47
N SER T 114 -126.83 -23.39 -13.73
CA SER T 114 -127.54 -22.80 -14.88
C SER T 114 -128.89 -23.45 -15.04
N ASP T 115 -129.84 -22.72 -15.64
CA ASP T 115 -131.17 -23.29 -15.93
C ASP T 115 -131.03 -24.49 -16.87
N GLU T 116 -130.07 -24.38 -17.78
CA GLU T 116 -129.78 -25.44 -18.73
C GLU T 116 -129.38 -26.73 -18.04
N GLN T 117 -128.45 -26.66 -17.08
CA GLN T 117 -128.03 -27.86 -16.37
C GLN T 117 -129.18 -28.49 -15.59
N LEU T 118 -129.99 -27.65 -14.94
CA LEU T 118 -131.11 -28.16 -14.14
C LEU T 118 -132.03 -29.07 -14.94
N LYS T 119 -132.20 -28.77 -16.22
CA LYS T 119 -133.00 -29.63 -17.11
C LYS T 119 -132.44 -31.06 -17.25
N SER T 120 -131.13 -31.22 -17.10
CA SER T 120 -130.50 -32.54 -17.13
C SER T 120 -130.77 -33.42 -15.89
N GLY T 121 -131.34 -32.86 -14.82
CA GLY T 121 -131.65 -33.58 -13.59
C GLY T 121 -130.62 -33.43 -12.47
N THR T 122 -129.58 -32.65 -12.71
CA THR T 122 -128.53 -32.41 -11.71
C THR T 122 -128.29 -30.91 -11.56
N ALA T 123 -127.84 -30.51 -10.39
CA ALA T 123 -127.52 -29.13 -10.09
C ALA T 123 -126.12 -29.08 -9.51
N SER T 124 -125.25 -28.29 -10.11
CA SER T 124 -123.91 -28.03 -9.57
C SER T 124 -123.82 -26.59 -9.09
N VAL T 125 -123.41 -26.40 -7.83
CA VAL T 125 -123.19 -25.08 -7.25
C VAL T 125 -121.68 -24.95 -7.03
N VAL T 126 -121.10 -23.84 -7.50
CA VAL T 126 -119.64 -23.65 -7.50
C VAL T 126 -119.25 -22.45 -6.65
N CYS T 127 -118.25 -22.67 -5.80
CA CYS T 127 -117.68 -21.60 -5.03
C CYS T 127 -116.22 -21.47 -5.41
N LEU T 128 -115.81 -20.25 -5.74
CA LEU T 128 -114.45 -19.94 -6.20
C LEU T 128 -113.72 -19.10 -5.16
N LEU T 129 -112.53 -19.54 -4.79
CA LEU T 129 -111.64 -18.74 -3.95
C LEU T 129 -110.47 -18.31 -4.82
N ASN T 130 -110.34 -17.01 -5.07
CA ASN T 130 -109.38 -16.55 -6.05
C ASN T 130 -108.15 -15.87 -5.44
N ASN T 131 -106.98 -16.31 -5.90
CA ASN T 131 -105.69 -15.62 -5.66
C ASN T 131 -105.33 -15.42 -4.19
N PHE T 132 -105.10 -16.52 -3.49
CA PHE T 132 -104.81 -16.46 -2.06
C PHE T 132 -103.49 -17.16 -1.72
N TYR T 133 -102.97 -16.83 -0.54
CA TYR T 133 -101.77 -17.46 -0.01
C TYR T 133 -101.80 -17.35 1.52
N PRO T 134 -101.41 -18.42 2.26
CA PRO T 134 -100.95 -19.75 1.84
C PRO T 134 -102.09 -20.67 1.39
N ARG T 135 -101.76 -21.91 1.05
CA ARG T 135 -102.71 -22.85 0.44
C ARG T 135 -103.83 -23.30 1.36
N GLU T 136 -103.60 -23.30 2.67
CA GLU T 136 -104.55 -23.85 3.62
C GLU T 136 -105.80 -22.99 3.63
N ALA T 137 -106.93 -23.60 3.32
CA ALA T 137 -108.21 -22.92 3.27
C ALA T 137 -109.31 -23.92 3.52
N LYS T 138 -110.32 -23.50 4.29
CA LYS T 138 -111.44 -24.37 4.60
C LYS T 138 -112.70 -23.81 3.95
N VAL T 139 -113.46 -24.67 3.30
CA VAL T 139 -114.69 -24.24 2.63
C VAL T 139 -115.81 -25.13 3.13
N GLN T 140 -116.90 -24.52 3.58
CA GLN T 140 -118.06 -25.26 4.04
C GLN T 140 -119.29 -24.82 3.27
N TRP T 141 -120.11 -25.79 2.91
CA TRP T 141 -121.38 -25.53 2.24
C TRP T 141 -122.50 -25.56 3.29
N LYS T 142 -123.44 -24.61 3.20
CA LYS T 142 -124.68 -24.63 3.99
C LYS T 142 -125.85 -24.43 3.04
N VAL T 143 -126.87 -25.26 3.20
CA VAL T 143 -128.07 -25.23 2.37
C VAL T 143 -129.22 -25.09 3.35
N ASP T 144 -130.03 -24.04 3.20
CA ASP T 144 -131.02 -23.63 4.22
C ASP T 144 -130.40 -23.69 5.63
N ASN T 145 -129.19 -23.14 5.73
CA ASN T 145 -128.43 -23.10 6.97
C ASN T 145 -128.05 -24.47 7.55
N ALA T 146 -128.02 -25.51 6.72
CA ALA T 146 -127.60 -26.85 7.16
C ALA T 146 -126.26 -27.22 6.52
N LEU T 147 -125.27 -27.58 7.34
CA LEU T 147 -123.96 -28.00 6.83
C LEU T 147 -124.09 -29.23 5.97
N GLN T 148 -123.35 -29.28 4.87
CA GLN T 148 -123.36 -30.42 3.96
C GLN T 148 -122.04 -31.18 4.01
N SER T 149 -122.16 -32.49 4.05
CA SER T 149 -121.01 -33.37 4.15
C SER T 149 -121.11 -34.45 3.09
N GLY T 150 -120.03 -34.64 2.34
CA GLY T 150 -119.91 -35.72 1.35
C GLY T 150 -120.48 -35.51 -0.05
N ASN T 151 -120.96 -34.30 -0.34
CA ASN T 151 -121.54 -33.98 -1.65
C ASN T 151 -120.82 -32.86 -2.38
N SER T 152 -119.55 -32.62 -2.01
CA SER T 152 -118.74 -31.63 -2.69
C SER T 152 -117.32 -32.11 -2.95
N GLN T 153 -116.72 -31.55 -3.99
CA GLN T 153 -115.34 -31.85 -4.37
C GLN T 153 -114.59 -30.55 -4.58
N GLU T 154 -113.32 -30.52 -4.17
CA GLU T 154 -112.47 -29.36 -4.32
C GLU T 154 -111.36 -29.62 -5.32
N SER T 155 -110.94 -28.57 -6.01
CA SER T 155 -109.78 -28.63 -6.88
C SER T 155 -108.96 -27.37 -6.65
N VAL T 156 -107.65 -27.47 -6.72
CA VAL T 156 -106.75 -26.33 -6.44
C VAL T 156 -105.73 -26.20 -7.58
N THR T 157 -105.40 -24.97 -7.96
CA THR T 157 -104.36 -24.72 -8.98
C THR T 157 -102.99 -24.80 -8.35
N GLU T 158 -101.97 -24.85 -9.21
CA GLU T 158 -100.58 -24.73 -8.81
C GLU T 158 -100.30 -23.27 -8.53
N GLN T 159 -99.18 -22.97 -7.87
CA GLN T 159 -98.81 -21.58 -7.63
C GLN T 159 -98.65 -20.79 -8.91
N ASP T 160 -99.22 -19.59 -8.93
CA ASP T 160 -99.17 -18.71 -10.09
C ASP T 160 -97.74 -18.25 -10.38
N SER T 161 -97.33 -18.28 -11.63
CA SER T 161 -95.98 -17.89 -12.02
C SER T 161 -95.68 -16.38 -11.90
N LYS T 162 -96.68 -15.52 -11.70
CA LYS T 162 -96.44 -14.07 -11.51
C LYS T 162 -96.58 -13.62 -10.06
N ASP T 163 -97.67 -14.01 -9.38
CA ASP T 163 -97.92 -13.53 -8.00
C ASP T 163 -97.80 -14.61 -6.91
N SER T 164 -97.52 -15.85 -7.31
CA SER T 164 -97.29 -16.96 -6.36
C SER T 164 -98.52 -17.34 -5.49
N THR T 165 -99.73 -17.00 -5.94
CA THR T 165 -100.95 -17.34 -5.20
C THR T 165 -101.56 -18.61 -5.73
N TYR T 166 -102.54 -19.11 -4.98
CA TYR T 166 -103.35 -20.25 -5.39
C TYR T 166 -104.78 -19.80 -5.66
N SER T 167 -105.51 -20.59 -6.43
CA SER T 167 -106.97 -20.45 -6.52
C SER T 167 -107.62 -21.82 -6.27
N LEU T 168 -108.88 -21.83 -5.82
CA LEU T 168 -109.54 -23.05 -5.40
C LEU T 168 -111.01 -23.02 -5.77
N SER T 169 -111.54 -24.16 -6.19
CA SER T 169 -112.96 -24.33 -6.47
C SER T 169 -113.54 -25.41 -5.57
N SER T 170 -114.74 -25.18 -5.06
CA SER T 170 -115.51 -26.24 -4.42
C SER T 170 -116.82 -26.33 -5.16
N THR T 171 -117.23 -27.56 -5.46
CA THR T 171 -118.43 -27.82 -6.25
C THR T 171 -119.35 -28.73 -5.47
N LEU T 172 -120.55 -28.23 -5.17
CA LEU T 172 -121.58 -28.98 -4.48
C LEU T 172 -122.55 -29.53 -5.52
N THR T 173 -122.77 -30.84 -5.51
CA THR T 173 -123.65 -31.48 -6.51
C THR T 173 -124.88 -32.10 -5.81
N LEU T 174 -126.07 -31.72 -6.29
CA LEU T 174 -127.37 -32.23 -5.82
C LEU T 174 -128.18 -32.69 -7.01
N SER T 175 -129.16 -33.55 -6.76
CA SER T 175 -130.21 -33.79 -7.75
C SER T 175 -131.03 -32.52 -7.91
N LYS T 176 -131.68 -32.39 -9.06
CA LYS T 176 -132.55 -31.24 -9.36
C LYS T 176 -133.65 -31.13 -8.28
N ALA T 177 -134.25 -32.25 -7.90
CA ALA T 177 -135.31 -32.26 -6.87
C ALA T 177 -134.81 -31.70 -5.54
N ASP T 178 -133.60 -32.12 -5.14
CA ASP T 178 -133.01 -31.66 -3.88
C ASP T 178 -132.67 -30.16 -3.96
N TYR T 179 -132.12 -29.74 -5.09
CA TYR T 179 -131.83 -28.31 -5.28
C TYR T 179 -133.11 -27.48 -5.18
N GLU T 180 -134.17 -27.94 -5.84
CA GLU T 180 -135.45 -27.22 -5.86
C GLU T 180 -136.18 -27.22 -4.52
N LYS T 181 -135.83 -28.14 -3.63
CA LYS T 181 -136.41 -28.22 -2.27
C LYS T 181 -135.90 -27.14 -1.30
N HIS T 182 -134.77 -26.52 -1.61
CA HIS T 182 -134.16 -25.54 -0.70
C HIS T 182 -134.02 -24.16 -1.32
N LYS T 183 -133.78 -23.15 -0.47
CA LYS T 183 -133.75 -21.75 -0.90
C LYS T 183 -132.37 -21.09 -0.81
N VAL T 184 -131.74 -21.17 0.37
CA VAL T 184 -130.52 -20.41 0.65
C VAL T 184 -129.29 -21.31 0.45
N TYR T 185 -128.42 -20.92 -0.47
CA TYR T 185 -127.18 -21.63 -0.74
C TYR T 185 -126.03 -20.72 -0.38
N ALA T 186 -125.17 -21.21 0.53
CA ALA T 186 -124.12 -20.40 1.13
C ALA T 186 -122.78 -21.14 1.13
N CYS T 187 -121.72 -20.41 0.78
CA CYS T 187 -120.35 -20.89 0.77
C CYS T 187 -119.59 -20.13 1.86
N GLU T 188 -119.07 -20.83 2.86
CA GLU T 188 -118.38 -20.18 3.98
C GLU T 188 -116.91 -20.54 3.95
N VAL T 189 -116.04 -19.52 3.96
CA VAL T 189 -114.60 -19.69 3.70
C VAL T 189 -113.78 -19.21 4.90
N THR T 190 -112.88 -20.08 5.37
CA THR T 190 -111.95 -19.73 6.42
C THR T 190 -110.54 -19.72 5.82
N HIS T 191 -109.83 -18.62 6.04
CA HIS T 191 -108.46 -18.49 5.59
C HIS T 191 -107.76 -17.52 6.54
N GLN T 192 -106.52 -17.81 6.92
CA GLN T 192 -105.79 -16.97 7.89
C GLN T 192 -105.57 -15.51 7.47
N GLY T 193 -105.69 -15.22 6.18
CA GLY T 193 -105.74 -13.85 5.66
C GLY T 193 -106.98 -13.04 5.99
N LEU T 194 -108.07 -13.72 6.37
CA LEU T 194 -109.33 -13.07 6.74
C LEU T 194 -109.43 -12.86 8.26
N SER T 195 -110.05 -11.76 8.68
CA SER T 195 -110.27 -11.50 10.10
C SER T 195 -111.29 -12.47 10.72
N SER T 196 -112.21 -12.99 9.91
CA SER T 196 -113.15 -14.03 10.33
C SER T 196 -113.72 -14.69 9.06
N PRO T 197 -114.51 -15.78 9.23
CA PRO T 197 -114.99 -16.42 7.99
C PRO T 197 -115.82 -15.51 7.07
N VAL T 198 -115.65 -15.66 5.77
CA VAL T 198 -116.42 -14.93 4.77
C VAL T 198 -117.47 -15.86 4.20
N THR T 199 -118.70 -15.38 4.09
CA THR T 199 -119.81 -16.17 3.54
C THR T 199 -120.37 -15.45 2.32
N LYS T 200 -120.49 -16.18 1.21
CA LYS T 200 -121.22 -15.71 0.04
C LYS T 200 -122.42 -16.62 -0.17
N SER T 201 -123.56 -16.05 -0.52
CA SER T 201 -124.77 -16.86 -0.73
C SER T 201 -125.65 -16.27 -1.80
N PHE T 202 -126.60 -17.08 -2.24
CA PHE T 202 -127.68 -16.62 -3.11
C PHE T 202 -128.97 -17.30 -2.67
N ASN T 203 -130.09 -16.76 -3.13
CA ASN T 203 -131.39 -17.43 -3.00
C ASN T 203 -131.81 -17.98 -4.35
N ARG T 204 -132.16 -19.27 -4.37
CA ARG T 204 -132.63 -19.93 -5.60
C ARG T 204 -133.81 -19.15 -6.17
N GLY T 205 -133.77 -18.87 -7.47
CA GLY T 205 -134.82 -18.13 -8.14
C GLY T 205 -134.50 -16.65 -8.28
N GLU T 206 -133.77 -16.08 -7.31
CA GLU T 206 -133.36 -14.69 -7.34
C GLU T 206 -132.06 -14.52 -8.09
N GLN U 1 -26.82 -32.16 13.74
CA GLN U 1 -26.12 -33.47 13.60
C GLN U 1 -26.83 -34.62 14.37
N VAL U 2 -26.76 -35.81 13.79
CA VAL U 2 -27.32 -36.99 14.40
C VAL U 2 -26.18 -37.67 15.16
N GLN U 3 -26.48 -38.14 16.37
CA GLN U 3 -25.59 -38.98 17.13
C GLN U 3 -26.27 -40.28 17.48
N LEU U 4 -25.49 -41.35 17.44
CA LEU U 4 -25.94 -42.66 17.85
C LEU U 4 -25.08 -43.13 19.01
N GLN U 5 -25.74 -43.40 20.14
CA GLN U 5 -25.06 -43.78 21.38
C GLN U 5 -25.43 -45.20 21.76
N GLN U 6 -24.45 -46.09 21.68
CA GLN U 6 -24.68 -47.50 21.94
C GLN U 6 -24.49 -47.81 23.39
N SER U 7 -25.17 -48.83 23.84
CA SER U 7 -24.90 -49.36 25.15
C SER U 7 -25.31 -50.81 25.20
N GLY U 8 -24.91 -51.47 26.27
CA GLY U 8 -25.15 -52.89 26.48
C GLY U 8 -23.86 -53.59 26.88
N PRO U 9 -23.99 -54.74 27.56
CA PRO U 9 -22.78 -55.42 28.02
C PRO U 9 -21.93 -56.00 26.86
N GLY U 10 -20.61 -55.94 27.01
CA GLY U 10 -19.67 -56.51 26.03
C GLY U 10 -19.22 -57.93 26.33
N LEU U 11 -19.90 -58.61 27.26
CA LEU U 11 -19.59 -59.98 27.61
C LEU U 11 -20.86 -60.79 27.62
N VAL U 12 -20.90 -61.86 26.83
CA VAL U 12 -22.05 -62.76 26.78
C VAL U 12 -21.56 -64.19 26.92
N LYS U 13 -22.22 -64.99 27.76
CA LYS U 13 -21.84 -66.37 27.89
C LYS U 13 -22.32 -67.18 26.68
N PRO U 14 -21.55 -68.21 26.26
CA PRO U 14 -21.99 -69.01 25.13
C PRO U 14 -23.38 -69.59 25.36
N SER U 15 -24.19 -69.60 24.29
CA SER U 15 -25.58 -70.08 24.28
C SER U 15 -26.61 -69.08 24.79
N GLN U 16 -26.17 -67.95 25.33
CA GLN U 16 -27.11 -66.99 25.87
C GLN U 16 -27.34 -65.84 24.88
N THR U 17 -27.97 -64.77 25.36
CA THR U 17 -28.48 -63.73 24.50
C THR U 17 -27.64 -62.46 24.61
N LEU U 18 -27.25 -61.96 23.45
CA LEU U 18 -26.58 -60.67 23.32
C LEU U 18 -27.66 -59.61 23.18
N SER U 19 -27.54 -58.54 23.95
CA SER U 19 -28.56 -57.50 23.97
C SER U 19 -27.89 -56.12 23.94
N LEU U 20 -28.06 -55.41 22.84
CA LEU U 20 -27.52 -54.07 22.70
C LEU U 20 -28.61 -53.06 22.40
N THR U 21 -28.31 -51.80 22.70
CA THR U 21 -29.21 -50.67 22.44
C THR U 21 -28.47 -49.53 21.73
N CYS U 22 -29.17 -48.88 20.79
CA CYS U 22 -28.70 -47.65 20.14
C CYS U 22 -29.71 -46.54 20.42
N ALA U 23 -29.25 -45.47 21.07
CA ALA U 23 -30.10 -44.35 21.46
C ALA U 23 -29.82 -43.24 20.48
N ILE U 24 -30.88 -42.76 19.86
CA ILE U 24 -30.76 -41.76 18.81
C ILE U 24 -30.98 -40.37 19.37
N SER U 25 -30.15 -39.41 18.94
CA SER U 25 -30.48 -37.99 19.12
C SER U 25 -30.21 -37.22 17.83
N GLY U 26 -31.01 -36.17 17.60
CA GLY U 26 -31.03 -35.45 16.34
C GLY U 26 -31.89 -36.04 15.21
N ASP U 27 -32.64 -37.12 15.48
CA ASP U 27 -33.50 -37.74 14.46
C ASP U 27 -34.49 -38.61 15.22
N SER U 28 -35.49 -39.11 14.52
CA SER U 28 -36.52 -39.95 15.11
C SER U 28 -36.39 -41.40 14.63
N VAL U 29 -36.47 -42.33 15.56
CA VAL U 29 -36.50 -43.75 15.19
C VAL U 29 -37.59 -44.08 14.17
N SER U 30 -38.68 -43.33 14.21
CA SER U 30 -39.80 -43.59 13.32
C SER U 30 -39.83 -42.68 12.08
N SER U 31 -38.71 -42.01 11.79
CA SER U 31 -38.66 -41.09 10.67
C SER U 31 -38.81 -41.83 9.37
N TYR U 32 -39.50 -41.19 8.43
CA TYR U 32 -39.70 -41.73 7.09
C TYR U 32 -38.43 -41.64 6.25
N ASN U 33 -37.49 -40.78 6.64
CA ASN U 33 -36.19 -40.66 5.96
C ASN U 33 -35.02 -41.24 6.74
N ALA U 34 -35.28 -42.35 7.44
CA ALA U 34 -34.25 -43.08 8.14
C ALA U 34 -34.55 -44.56 8.11
N VAL U 35 -33.47 -45.32 8.11
CA VAL U 35 -33.48 -46.78 8.31
C VAL U 35 -32.41 -47.06 9.38
N TRP U 36 -32.73 -47.93 10.31
CA TRP U 36 -31.89 -48.15 11.45
C TRP U 36 -31.33 -49.56 11.38
N ASN U 37 -30.00 -49.66 11.26
CA ASN U 37 -29.30 -50.91 10.96
C ASN U 37 -28.34 -51.35 12.10
N TRP U 38 -28.07 -52.65 12.17
CA TRP U 38 -26.95 -53.17 12.92
C TRP U 38 -25.97 -53.87 11.97
N ILE U 39 -24.69 -53.60 12.20
CA ILE U 39 -23.58 -54.14 11.41
C ILE U 39 -22.50 -54.61 12.39
N ARG U 40 -21.89 -55.75 12.14
CA ARG U 40 -20.77 -56.16 12.97
C ARG U 40 -19.49 -56.32 12.16
N GLN U 41 -18.36 -56.29 12.88
CA GLN U 41 -17.05 -56.39 12.26
C GLN U 41 -16.14 -57.26 13.11
N SER U 42 -15.48 -58.22 12.47
CA SER U 42 -14.51 -59.04 13.14
C SER U 42 -13.30 -59.20 12.25
N PRO U 43 -12.11 -59.40 12.86
CA PRO U 43 -10.89 -59.51 12.05
C PRO U 43 -10.99 -60.56 10.95
N SER U 44 -11.69 -61.65 11.25
CA SER U 44 -11.91 -62.75 10.32
C SER U 44 -12.94 -62.44 9.22
N ARG U 45 -14.16 -62.13 9.65
CA ARG U 45 -15.34 -62.02 8.77
C ARG U 45 -15.47 -60.69 8.01
N GLY U 46 -14.73 -59.68 8.45
CA GLY U 46 -14.85 -58.34 7.88
C GLY U 46 -16.14 -57.69 8.35
N LEU U 47 -16.69 -56.82 7.51
CA LEU U 47 -17.93 -56.07 7.82
C LEU U 47 -19.15 -56.83 7.36
N GLU U 48 -20.11 -57.02 8.27
CA GLU U 48 -21.29 -57.83 7.97
C GLU U 48 -22.55 -57.15 8.47
N TRP U 49 -23.45 -56.87 7.54
CA TRP U 49 -24.75 -56.28 7.89
C TRP U 49 -25.61 -57.36 8.49
N LEU U 50 -26.25 -57.06 9.62
CA LEU U 50 -27.06 -58.03 10.35
C LEU U 50 -28.57 -57.88 10.16
N GLY U 51 -29.04 -56.63 10.12
CA GLY U 51 -30.47 -56.39 10.04
C GLY U 51 -30.84 -54.95 10.23
N ARG U 52 -32.14 -54.69 10.16
CA ARG U 52 -32.64 -53.34 10.29
C ARG U 52 -34.10 -53.30 10.71
N THR U 53 -34.48 -52.13 11.19
CA THR U 53 -35.89 -51.78 11.36
C THR U 53 -36.13 -50.36 10.82
N TYR U 54 -37.35 -50.12 10.34
CA TYR U 54 -37.80 -48.79 9.85
C TYR U 54 -39.32 -48.66 9.82
N TYR U 55 -39.79 -47.41 9.84
CA TYR U 55 -41.21 -47.13 9.90
C TYR U 55 -41.62 -46.48 8.61
N ARG U 56 -42.60 -47.08 7.94
CA ARG U 56 -43.26 -46.48 6.78
C ARG U 56 -44.75 -46.83 6.87
N SER U 57 -45.48 -45.98 7.61
CA SER U 57 -46.91 -46.22 7.90
C SER U 57 -47.08 -47.59 8.56
N GLY U 58 -46.11 -47.97 9.39
CA GLY U 58 -46.07 -49.28 10.05
C GLY U 58 -44.63 -49.76 10.12
N TRP U 59 -44.34 -50.62 11.09
CA TRP U 59 -42.96 -51.07 11.31
C TRP U 59 -42.56 -52.26 10.47
N TYR U 60 -41.34 -52.22 9.94
CA TYR U 60 -40.78 -53.33 9.16
C TYR U 60 -39.44 -53.74 9.72
N ASN U 61 -39.09 -55.02 9.55
CA ASN U 61 -37.74 -55.57 9.87
C ASN U 61 -37.25 -56.45 8.74
N ASP U 62 -35.95 -56.40 8.46
CA ASP U 62 -35.30 -57.32 7.53
C ASP U 62 -34.06 -57.80 8.25
N TYR U 63 -33.69 -59.07 8.07
CA TYR U 63 -32.52 -59.64 8.74
C TYR U 63 -31.65 -60.44 7.80
N ALA U 64 -30.35 -60.48 8.08
CA ALA U 64 -29.42 -61.26 7.27
C ALA U 64 -29.66 -62.75 7.40
N GLU U 65 -29.53 -63.43 6.27
CA GLU U 65 -29.79 -64.86 6.22
C GLU U 65 -28.99 -65.64 7.24
N SER U 66 -27.73 -65.24 7.44
CA SER U 66 -26.83 -65.91 8.41
C SER U 66 -27.30 -65.91 9.88
N VAL U 67 -28.10 -64.92 10.29
CA VAL U 67 -28.55 -64.79 11.68
C VAL U 67 -30.07 -64.80 11.87
N LYS U 68 -30.81 -65.02 10.78
CA LYS U 68 -32.26 -64.78 10.77
C LYS U 68 -33.02 -65.49 11.87
N SER U 69 -32.64 -66.73 12.15
CA SER U 69 -33.35 -67.52 13.16
C SER U 69 -33.06 -67.10 14.61
N ARG U 70 -32.04 -66.25 14.83
CA ARG U 70 -31.59 -65.87 16.18
C ARG U 70 -31.76 -64.38 16.52
N ILE U 71 -32.18 -63.57 15.57
CA ILE U 71 -32.05 -62.12 15.69
C ILE U 71 -33.39 -61.40 15.80
N THR U 72 -33.42 -60.36 16.62
CA THR U 72 -34.58 -59.48 16.76
C THR U 72 -34.10 -58.06 16.89
N ILE U 73 -34.71 -57.15 16.15
CA ILE U 73 -34.36 -55.73 16.20
C ILE U 73 -35.64 -54.93 16.39
N ASN U 74 -35.81 -54.32 17.56
CA ASN U 74 -37.06 -53.65 17.93
C ASN U 74 -36.87 -52.16 18.19
N PRO U 75 -37.79 -51.32 17.66
CA PRO U 75 -37.76 -49.90 18.00
C PRO U 75 -38.46 -49.60 19.32
N ASP U 76 -37.99 -48.56 20.02
CA ASP U 76 -38.66 -48.05 21.19
C ASP U 76 -38.97 -46.59 20.92
N THR U 77 -40.25 -46.27 20.72
CA THR U 77 -40.67 -44.91 20.42
C THR U 77 -40.91 -44.08 21.67
N SER U 78 -40.75 -44.66 22.85
CA SER U 78 -40.77 -43.90 24.09
C SER U 78 -39.42 -43.28 24.39
N LYS U 79 -38.35 -44.05 24.15
CA LYS U 79 -36.99 -43.62 24.46
C LYS U 79 -36.16 -43.28 23.23
N ASN U 80 -36.80 -43.28 22.05
CA ASN U 80 -36.10 -43.02 20.78
C ASN U 80 -34.83 -43.85 20.61
N GLN U 81 -34.99 -45.16 20.76
CA GLN U 81 -33.88 -46.08 20.55
C GLN U 81 -34.35 -47.30 19.78
N PHE U 82 -33.39 -48.14 19.41
CA PHE U 82 -33.68 -49.44 18.86
C PHE U 82 -32.66 -50.45 19.39
N SER U 83 -33.09 -51.70 19.49
CA SER U 83 -32.29 -52.74 20.11
C SER U 83 -31.84 -53.81 19.13
N LEU U 84 -30.83 -54.55 19.56
CA LEU U 84 -30.38 -55.77 18.91
C LEU U 84 -30.45 -56.85 19.96
N GLN U 85 -31.09 -57.94 19.60
CA GLN U 85 -31.11 -59.14 20.41
C GLN U 85 -30.66 -60.29 19.50
N LEU U 86 -29.65 -61.02 19.95
CA LEU U 86 -29.07 -62.12 19.19
C LEU U 86 -29.02 -63.31 20.15
N ASN U 87 -29.87 -64.32 19.92
CA ASN U 87 -29.96 -65.51 20.79
C ASN U 87 -28.92 -66.57 20.44
N SER U 88 -28.70 -67.47 21.39
CA SER U 88 -27.85 -68.66 21.19
C SER U 88 -26.46 -68.34 20.62
N VAL U 89 -25.75 -67.41 21.25
CA VAL U 89 -24.47 -66.94 20.71
C VAL U 89 -23.37 -68.01 20.83
N THR U 90 -22.43 -67.96 19.90
CA THR U 90 -21.28 -68.86 19.89
C THR U 90 -20.06 -68.00 19.71
N PRO U 91 -18.86 -68.59 19.84
CA PRO U 91 -17.64 -67.81 19.66
C PRO U 91 -17.56 -67.04 18.35
N GLU U 92 -18.20 -67.54 17.31
CA GLU U 92 -18.22 -66.85 16.03
C GLU U 92 -18.98 -65.51 16.03
N ASP U 93 -19.73 -65.24 17.09
CA ASP U 93 -20.44 -63.96 17.25
C ASP U 93 -19.62 -62.88 17.94
N THR U 94 -18.39 -63.22 18.34
CA THR U 94 -17.46 -62.24 18.90
C THR U 94 -17.08 -61.26 17.80
N ALA U 95 -17.29 -59.98 18.09
CA ALA U 95 -17.16 -58.93 17.10
C ALA U 95 -17.40 -57.56 17.71
N VAL U 96 -17.13 -56.51 16.94
CA VAL U 96 -17.54 -55.16 17.29
C VAL U 96 -18.88 -54.94 16.59
N TYR U 97 -19.90 -54.55 17.36
CA TYR U 97 -21.24 -54.30 16.83
C TYR U 97 -21.46 -52.79 16.71
N TYR U 98 -21.89 -52.35 15.53
CA TYR U 98 -22.22 -50.95 15.23
C TYR U 98 -23.69 -50.79 14.87
N CYS U 99 -24.32 -49.74 15.38
CA CYS U 99 -25.57 -49.32 14.82
C CYS U 99 -25.26 -48.24 13.80
N ALA U 100 -26.15 -48.10 12.81
CA ALA U 100 -25.96 -47.11 11.75
C ALA U 100 -27.26 -46.74 11.03
N ARG U 101 -27.34 -45.49 10.60
CA ARG U 101 -28.50 -44.97 9.89
C ARG U 101 -28.23 -45.04 8.41
N SER U 102 -29.21 -45.53 7.67
CA SER U 102 -29.13 -45.57 6.19
C SER U 102 -30.41 -45.01 5.65
N GLY U 103 -30.42 -44.71 4.37
CA GLY U 103 -31.64 -44.19 3.76
C GLY U 103 -31.92 -42.74 4.18
N HIS U 104 -30.97 -42.11 4.84
CA HIS U 104 -30.97 -40.65 4.99
C HIS U 104 -30.53 -40.01 3.69
N ILE U 105 -29.58 -40.65 3.04
CA ILE U 105 -29.10 -40.23 1.74
C ILE U 105 -29.62 -41.21 0.70
N THR U 106 -30.39 -40.69 -0.25
CA THR U 106 -31.11 -41.52 -1.21
C THR U 106 -30.93 -40.97 -2.61
N VAL U 107 -30.89 -41.85 -3.60
CA VAL U 107 -30.82 -41.40 -4.99
C VAL U 107 -32.23 -41.35 -5.52
N PHE U 108 -32.74 -40.16 -5.74
CA PHE U 108 -34.12 -39.97 -6.17
C PHE U 108 -35.17 -40.56 -5.24
N GLY U 109 -34.94 -40.42 -3.94
CA GLY U 109 -35.89 -40.91 -2.94
C GLY U 109 -35.88 -42.41 -2.69
N VAL U 110 -34.85 -43.09 -3.18
CA VAL U 110 -34.72 -44.54 -3.00
C VAL U 110 -33.59 -44.77 -2.05
N ASN U 111 -33.87 -45.51 -0.98
CA ASN U 111 -32.80 -45.88 -0.05
C ASN U 111 -31.83 -46.80 -0.76
N VAL U 112 -30.55 -46.42 -0.73
CA VAL U 112 -29.54 -47.13 -1.44
C VAL U 112 -28.73 -48.00 -0.46
N ASP U 113 -29.11 -47.93 0.81
CA ASP U 113 -28.40 -48.59 1.92
C ASP U 113 -27.02 -48.02 2.13
N ALA U 114 -26.91 -46.70 1.98
CA ALA U 114 -25.63 -46.07 2.23
C ALA U 114 -25.77 -45.62 3.67
N PHE U 115 -24.81 -46.04 4.51
CA PHE U 115 -24.80 -45.65 5.91
C PHE U 115 -24.07 -44.32 6.02
N ASP U 116 -24.75 -43.33 6.61
CA ASP U 116 -24.22 -41.98 6.71
C ASP U 116 -23.76 -41.65 8.13
N MET U 117 -24.30 -42.35 9.13
CA MET U 117 -23.92 -42.16 10.52
C MET U 117 -23.82 -43.48 11.26
N TRP U 118 -22.80 -43.63 12.08
CA TRP U 118 -22.57 -44.87 12.81
C TRP U 118 -22.42 -44.53 14.29
N GLY U 119 -22.82 -45.47 15.13
CA GLY U 119 -22.51 -45.41 16.53
C GLY U 119 -21.05 -45.77 16.78
N GLN U 120 -20.62 -45.62 18.02
CA GLN U 120 -19.20 -45.80 18.39
C GLN U 120 -18.72 -47.27 18.38
N GLY U 121 -19.66 -48.22 18.37
CA GLY U 121 -19.33 -49.63 18.43
C GLY U 121 -19.34 -50.14 19.86
N THR U 122 -19.78 -51.39 20.04
CA THR U 122 -19.66 -52.10 21.30
C THR U 122 -18.87 -53.36 20.96
N MET U 123 -17.74 -53.58 21.63
CA MET U 123 -17.01 -54.83 21.43
C MET U 123 -17.70 -55.88 22.28
N VAL U 124 -18.12 -56.98 21.64
CA VAL U 124 -18.75 -58.08 22.34
C VAL U 124 -17.87 -59.32 22.28
N THR U 125 -17.62 -59.93 23.45
CA THR U 125 -16.85 -61.14 23.57
C THR U 125 -17.77 -62.24 24.09
N VAL U 126 -17.84 -63.33 23.34
CA VAL U 126 -18.56 -64.51 23.80
C VAL U 126 -17.58 -65.39 24.57
N SER U 127 -17.79 -65.50 25.88
CA SER U 127 -16.89 -66.27 26.73
C SER U 127 -17.55 -66.62 28.04
N SER U 128 -17.15 -67.75 28.62
CA SER U 128 -17.63 -68.16 29.89
C SER U 128 -16.83 -67.50 30.99
N ALA U 129 -15.67 -66.92 30.63
CA ALA U 129 -14.75 -66.35 31.61
C ALA U 129 -15.40 -65.14 32.30
N SER U 130 -14.86 -64.75 33.45
CA SER U 130 -15.47 -63.68 34.24
C SER U 130 -14.66 -62.41 34.30
N THR U 131 -15.35 -61.32 34.59
CA THR U 131 -14.78 -60.00 34.48
C THR U 131 -13.71 -59.84 35.51
N LYS U 132 -12.64 -59.17 35.11
CA LYS U 132 -11.55 -58.83 36.02
C LYS U 132 -11.01 -57.46 35.67
N GLY U 133 -10.95 -56.57 36.66
CA GLY U 133 -10.37 -55.25 36.48
C GLY U 133 -8.87 -55.30 36.45
N PRO U 134 -8.23 -54.31 35.80
CA PRO U 134 -6.78 -54.33 35.67
C PRO U 134 -6.04 -53.87 36.94
N SER U 135 -4.80 -54.34 37.06
CA SER U 135 -3.84 -53.73 37.97
C SER U 135 -3.06 -52.73 37.12
N VAL U 136 -2.75 -51.56 37.69
CA VAL U 136 -2.03 -50.52 36.96
C VAL U 136 -0.70 -50.22 37.66
N PHE U 137 0.40 -50.39 36.94
CA PHE U 137 1.74 -50.18 37.48
C PHE U 137 2.44 -49.09 36.68
N PRO U 138 3.27 -48.26 37.33
CA PRO U 138 4.02 -47.23 36.62
C PRO U 138 5.21 -47.77 35.82
N LEU U 139 5.45 -47.17 34.67
CA LEU U 139 6.66 -47.38 33.89
C LEU U 139 7.44 -46.09 34.07
N ALA U 140 8.34 -46.10 35.04
CA ALA U 140 8.94 -44.88 35.56
C ALA U 140 10.08 -44.35 34.70
N PRO U 141 10.12 -43.03 34.47
CA PRO U 141 11.23 -42.47 33.72
C PRO U 141 12.52 -42.53 34.53
N SER U 142 13.61 -42.93 33.89
CA SER U 142 14.95 -42.98 34.53
C SER U 142 15.87 -41.93 33.89
N SER U 143 17.17 -42.04 34.11
CA SER U 143 18.14 -41.36 33.26
C SER U 143 19.28 -42.31 32.94
N GLY U 148 17.67 -35.35 26.06
CA GLY U 148 16.61 -34.43 26.45
C GLY U 148 15.18 -34.96 26.42
N THR U 149 14.96 -36.21 25.99
CA THR U 149 13.61 -36.81 25.95
C THR U 149 13.47 -37.94 26.94
N ALA U 150 12.39 -37.92 27.71
CA ALA U 150 12.10 -38.99 28.66
C ALA U 150 10.85 -39.73 28.27
N ALA U 151 10.85 -41.04 28.52
CA ALA U 151 9.68 -41.85 28.31
C ALA U 151 9.14 -42.32 29.64
N LEU U 152 7.83 -42.25 29.78
CA LEU U 152 7.16 -42.81 30.94
C LEU U 152 5.90 -43.50 30.47
N GLY U 153 5.30 -44.30 31.34
CA GLY U 153 4.07 -45.01 30.96
C GLY U 153 3.38 -45.73 32.09
N CYS U 154 2.33 -46.46 31.73
CA CYS U 154 1.54 -47.24 32.66
C CYS U 154 1.36 -48.62 32.07
N LEU U 155 1.63 -49.64 32.88
CA LEU U 155 1.37 -51.01 32.49
C LEU U 155 0.01 -51.40 33.06
N VAL U 156 -0.91 -51.79 32.17
CA VAL U 156 -2.28 -52.15 32.57
C VAL U 156 -2.39 -53.67 32.43
N LYS U 157 -2.31 -54.37 33.56
CA LYS U 157 -2.12 -55.81 33.52
C LYS U 157 -3.28 -56.62 34.07
N ASP U 158 -3.56 -57.74 33.40
CA ASP U 158 -4.43 -58.81 33.88
C ASP U 158 -5.91 -58.42 34.02
N TYR U 159 -6.50 -58.00 32.90
CA TYR U 159 -7.92 -57.68 32.87
C TYR U 159 -8.66 -58.52 31.84
N PHE U 160 -9.97 -58.57 32.00
CA PHE U 160 -10.85 -59.29 31.09
C PHE U 160 -12.28 -58.77 31.26
N PRO U 161 -13.03 -58.60 30.15
CA PRO U 161 -12.64 -58.72 28.75
C PRO U 161 -12.09 -57.39 28.23
N GLU U 162 -11.85 -57.30 26.93
CA GLU U 162 -11.60 -56.01 26.27
C GLU U 162 -12.85 -55.14 26.31
N PRO U 163 -12.69 -53.82 26.20
CA PRO U 163 -11.46 -53.05 26.09
C PRO U 163 -11.17 -52.24 27.34
N VAL U 164 -9.95 -51.73 27.38
CA VAL U 164 -9.52 -50.72 28.36
C VAL U 164 -9.30 -49.44 27.58
N THR U 165 -9.59 -48.29 28.17
CA THR U 165 -9.16 -47.01 27.61
C THR U 165 -8.20 -46.31 28.58
N VAL U 166 -7.24 -45.58 28.02
CA VAL U 166 -6.25 -44.86 28.82
C VAL U 166 -6.20 -43.43 28.33
N SER U 167 -6.21 -42.48 29.25
CA SER U 167 -5.87 -41.10 28.89
C SER U 167 -4.76 -40.66 29.84
N TRP U 168 -4.20 -39.48 29.58
CA TRP U 168 -3.20 -38.88 30.44
C TRP U 168 -3.62 -37.49 30.86
N ASN U 169 -3.40 -37.19 32.14
CA ASN U 169 -3.78 -35.91 32.74
C ASN U 169 -5.20 -35.50 32.34
N SER U 170 -6.10 -36.49 32.46
CA SER U 170 -7.51 -36.37 32.14
C SER U 170 -7.77 -35.88 30.72
N GLY U 171 -6.93 -36.33 29.80
CA GLY U 171 -7.03 -35.96 28.39
C GLY U 171 -6.36 -34.66 28.01
N ALA U 172 -5.67 -34.02 28.95
CA ALA U 172 -4.95 -32.77 28.66
C ALA U 172 -3.63 -33.05 27.99
N LEU U 173 -3.11 -34.27 28.14
CA LEU U 173 -1.88 -34.67 27.48
C LEU U 173 -2.19 -35.68 26.39
N THR U 174 -2.03 -35.25 25.15
CA THR U 174 -2.23 -36.13 23.99
C THR U 174 -0.99 -36.30 23.12
N SER U 175 -0.16 -35.28 22.99
CA SER U 175 0.97 -35.35 22.07
C SER U 175 2.04 -36.35 22.53
N GLY U 176 2.49 -37.20 21.61
CA GLY U 176 3.49 -38.21 21.91
C GLY U 176 3.00 -39.42 22.70
N VAL U 177 1.67 -39.54 22.87
CA VAL U 177 1.08 -40.67 23.60
C VAL U 177 0.99 -41.85 22.64
N HIS U 178 1.34 -43.05 23.12
CA HIS U 178 1.09 -44.30 22.41
C HIS U 178 0.44 -45.30 23.34
N THR U 179 -0.80 -45.66 23.07
CA THR U 179 -1.46 -46.72 23.83
C THR U 179 -1.47 -47.96 22.95
N PHE U 180 -0.76 -48.98 23.38
CA PHE U 180 -0.60 -50.18 22.57
C PHE U 180 -1.85 -51.06 22.54
N PRO U 181 -2.05 -51.79 21.43
CA PRO U 181 -3.07 -52.82 21.42
C PRO U 181 -2.80 -53.84 22.51
N ALA U 182 -3.87 -54.36 23.11
CA ALA U 182 -3.76 -55.40 24.13
C ALA U 182 -3.23 -56.71 23.55
N VAL U 183 -2.54 -57.47 24.39
CA VAL U 183 -2.10 -58.82 24.06
C VAL U 183 -2.82 -59.78 25.03
N LEU U 184 -3.24 -60.92 24.51
CA LEU U 184 -3.84 -61.94 25.33
C LEU U 184 -2.73 -62.84 25.84
N GLN U 185 -2.59 -62.91 27.17
CA GLN U 185 -1.51 -63.67 27.79
C GLN U 185 -1.93 -65.12 27.95
N SER U 186 -0.96 -65.99 28.25
CA SER U 186 -1.24 -67.42 28.43
C SER U 186 -2.23 -67.69 29.57
N SER U 187 -2.33 -66.77 30.53
CA SER U 187 -3.33 -66.84 31.59
C SER U 187 -4.76 -66.65 31.09
N GLY U 188 -4.92 -66.18 29.87
CA GLY U 188 -6.23 -65.84 29.34
C GLY U 188 -6.74 -64.48 29.77
N LEU U 189 -5.86 -63.66 30.35
CA LEU U 189 -6.15 -62.26 30.67
C LEU U 189 -5.35 -61.36 29.74
N TYR U 190 -5.89 -60.16 29.50
CA TYR U 190 -5.25 -59.17 28.65
C TYR U 190 -4.32 -58.27 29.42
N SER U 191 -3.38 -57.67 28.67
CA SER U 191 -2.48 -56.67 29.17
C SER U 191 -2.10 -55.70 28.07
N LEU U 192 -1.88 -54.44 28.43
CA LEU U 192 -1.36 -53.45 27.51
C LEU U 192 -0.54 -52.43 28.26
N SER U 193 0.16 -51.60 27.49
CA SER U 193 0.85 -50.45 28.04
C SER U 193 0.45 -49.18 27.32
N SER U 194 0.48 -48.07 28.05
CA SER U 194 0.24 -46.76 27.52
C SER U 194 1.43 -46.26 27.90
N VAL U 195 2.21 -46.32 26.94
N VAL U 195 2.23 -46.26 26.94
CA VAL U 195 3.31 -45.68 27.29
CA VAL U 195 3.31 -45.56 27.33
C VAL U 195 3.09 -44.29 26.84
C VAL U 195 2.97 -44.18 26.87
N VAL U 196 4.23 -42.27 26.94
CA VAL U 196 4.35 -40.95 26.44
C VAL U 196 5.79 -40.51 26.58
N THR U 197 6.26 -39.83 25.53
CA THR U 197 7.54 -39.14 25.60
C THR U 197 7.31 -37.66 25.90
N VAL U 198 8.15 -37.12 26.79
CA VAL U 198 8.07 -35.75 27.25
C VAL U 198 9.48 -35.18 27.36
N PRO U 199 9.61 -33.83 27.38
CA PRO U 199 10.91 -33.24 27.68
C PRO U 199 11.37 -33.67 29.07
N SER U 200 12.59 -34.15 29.18
CA SER U 200 13.10 -34.61 30.48
C SER U 200 13.14 -33.47 31.50
N SER U 201 13.31 -32.23 31.02
CA SER U 201 13.24 -31.05 31.88
C SER U 201 11.91 -30.91 32.63
N SER U 202 10.81 -31.32 32.01
CA SER U 202 9.49 -31.13 32.63
C SER U 202 9.20 -32.11 33.78
N LEU U 203 10.08 -33.10 34.00
CA LEU U 203 9.86 -34.10 35.06
C LEU U 203 9.87 -33.51 36.46
N GLY U 204 10.63 -32.44 36.67
CA GLY U 204 10.72 -31.79 37.97
C GLY U 204 9.58 -30.81 38.28
N THR U 205 8.73 -30.53 37.31
CA THR U 205 7.64 -29.55 37.49
C THR U 205 6.25 -30.07 37.10
N GLN U 206 6.16 -30.84 36.02
CA GLN U 206 4.90 -31.33 35.51
C GLN U 206 4.54 -32.67 36.14
N THR U 207 3.29 -32.80 36.60
CA THR U 207 2.76 -34.07 37.10
C THR U 207 2.22 -34.89 35.93
N TYR U 208 2.46 -36.20 35.95
CA TYR U 208 1.96 -37.11 34.92
C TYR U 208 1.15 -38.23 35.59
N ILE U 209 -0.14 -38.30 35.23
CA ILE U 209 -1.07 -39.31 35.74
C ILE U 209 -1.79 -40.03 34.58
N CYS U 210 -1.75 -41.36 34.54
CA CYS U 210 -2.55 -42.07 33.54
C CYS U 210 -3.93 -42.41 34.14
N ASN U 211 -4.96 -42.19 33.34
CA ASN U 211 -6.34 -42.43 33.74
C ASN U 211 -6.83 -43.67 33.00
N VAL U 212 -7.13 -44.73 33.76
CA VAL U 212 -7.50 -46.03 33.18
C VAL U 212 -8.95 -46.38 33.48
N ASN U 213 -9.67 -46.73 32.41
CA ASN U 213 -11.11 -47.06 32.45
C ASN U 213 -11.32 -48.45 31.88
N HIS U 214 -11.91 -49.32 32.70
CA HIS U 214 -12.32 -50.64 32.28
C HIS U 214 -13.79 -50.77 32.62
N LYS U 215 -14.61 -50.39 31.67
CA LYS U 215 -16.04 -50.29 31.91
C LYS U 215 -16.71 -51.62 32.26
N PRO U 216 -16.24 -52.76 31.66
CA PRO U 216 -16.90 -54.01 32.04
C PRO U 216 -16.82 -54.35 33.54
N SER U 217 -15.74 -53.93 34.22
CA SER U 217 -15.59 -54.16 35.66
C SER U 217 -15.91 -52.92 36.49
N ASN U 218 -16.38 -51.88 35.82
CA ASN U 218 -16.60 -50.58 36.45
C ASN U 218 -15.38 -49.97 37.11
N THR U 219 -14.21 -50.25 36.56
CA THR U 219 -12.96 -49.76 37.11
C THR U 219 -12.60 -48.44 36.47
N LYS U 220 -12.34 -47.45 37.32
CA LYS U 220 -11.71 -46.21 36.91
C LYS U 220 -10.58 -45.98 37.89
N VAL U 221 -9.34 -45.99 37.39
CA VAL U 221 -8.15 -45.83 38.23
C VAL U 221 -7.24 -44.74 37.66
N ASP U 222 -6.63 -43.96 38.54
CA ASP U 222 -5.64 -42.96 38.16
C ASP U 222 -4.30 -43.30 38.80
N LYS U 223 -3.23 -43.34 38.01
CA LYS U 223 -1.90 -43.64 38.56
C LYS U 223 -0.88 -42.54 38.25
N LYS U 224 -0.30 -41.99 39.31
CA LYS U 224 0.78 -41.00 39.20
C LYS U 224 2.05 -41.76 38.83
N VAL U 225 2.77 -41.25 37.84
CA VAL U 225 4.01 -41.89 37.36
C VAL U 225 5.16 -40.91 37.59
N GLU U 226 6.11 -41.28 38.44
CA GLU U 226 7.23 -40.37 38.82
C GLU U 226 8.61 -41.08 38.79
N PRO U 227 9.73 -40.32 38.66
CA PRO U 227 11.10 -40.80 38.53
C PRO U 227 11.54 -41.97 39.43
N MET V 1 -18.32 -58.61 -3.96
CA MET V 1 -17.41 -57.43 -4.00
C MET V 1 -15.99 -57.90 -3.75
N THR V 2 -15.12 -57.70 -4.73
CA THR V 2 -13.69 -58.05 -4.62
C THR V 2 -12.80 -56.80 -4.78
N GLN V 3 -12.07 -56.42 -3.73
CA GLN V 3 -11.16 -55.27 -3.80
C GLN V 3 -9.72 -55.64 -4.13
N SER V 4 -9.06 -54.76 -4.89
CA SER V 4 -7.66 -54.92 -5.27
C SER V 4 -6.94 -53.58 -5.27
N PRO V 5 -5.72 -53.53 -4.73
CA PRO V 5 -5.02 -54.63 -4.04
C PRO V 5 -5.53 -54.77 -2.61
N SER V 6 -5.12 -55.82 -1.92
CA SER V 6 -5.53 -55.99 -0.53
C SER V 6 -4.80 -54.98 0.37
N SER V 7 -3.61 -54.53 -0.05
CA SER V 7 -2.94 -53.42 0.61
C SER V 7 -1.91 -52.76 -0.29
N LEU V 8 -1.50 -51.56 0.08
CA LEU V 8 -0.45 -50.87 -0.62
C LEU V 8 0.25 -49.84 0.25
N SER V 9 1.48 -49.52 -0.16
CA SER V 9 2.27 -48.42 0.42
C SER V 9 2.50 -47.40 -0.66
N ALA V 10 2.34 -46.13 -0.32
CA ALA V 10 2.64 -45.05 -1.25
C ALA V 10 3.15 -43.83 -0.51
N SER V 11 3.93 -43.01 -1.21
CA SER V 11 4.51 -41.82 -0.61
C SER V 11 3.51 -40.70 -0.51
N VAL V 12 3.75 -39.80 0.43
CA VAL V 12 2.91 -38.62 0.57
C VAL V 12 2.96 -37.89 -0.76
N GLY V 13 1.80 -37.47 -1.23
CA GLY V 13 1.69 -36.78 -2.51
C GLY V 13 1.42 -37.68 -3.70
N ASP V 14 1.58 -39.01 -3.52
CA ASP V 14 1.31 -39.97 -4.61
C ASP V 14 -0.18 -40.04 -4.98
N ARG V 15 -0.44 -40.36 -6.25
CA ARG V 15 -1.78 -40.70 -6.72
C ARG V 15 -2.05 -42.17 -6.42
N VAL V 16 -3.16 -42.45 -5.75
CA VAL V 16 -3.49 -43.83 -5.33
C VAL V 16 -4.83 -44.21 -5.91
N THR V 17 -4.90 -45.38 -6.53
CA THR V 17 -6.15 -45.89 -7.07
C THR V 17 -6.46 -47.30 -6.55
N ILE V 18 -7.66 -47.46 -5.99
CA ILE V 18 -8.14 -48.75 -5.51
C ILE V 18 -9.34 -49.17 -6.33
N THR V 19 -9.43 -50.47 -6.59
CA THR V 19 -10.49 -51.01 -7.41
C THR V 19 -11.39 -51.95 -6.63
N CYS V 20 -12.64 -51.96 -7.01
CA CYS V 20 -13.63 -52.87 -6.46
C CYS V 20 -14.34 -53.44 -7.64
N ARG V 21 -14.34 -54.77 -7.74
CA ARG V 21 -15.08 -55.42 -8.80
C ARG V 21 -16.27 -56.14 -8.22
N THR V 22 -17.37 -55.93 -8.93
CA THR V 22 -18.64 -56.21 -8.35
C THR V 22 -19.33 -57.27 -9.18
N SER V 23 -20.03 -58.16 -8.51
CA SER V 23 -20.75 -59.25 -9.16
C SER V 23 -21.74 -58.67 -10.16
N GLN V 24 -22.40 -57.60 -9.75
CA GLN V 24 -23.44 -56.95 -10.51
C GLN V 24 -23.13 -55.45 -10.52
N SER V 25 -23.27 -54.76 -11.66
CA SER V 25 -22.96 -53.29 -11.80
C SER V 25 -24.14 -52.32 -11.57
N LEU V 26 -24.06 -51.62 -10.46
CA LEU V 26 -25.05 -50.65 -10.04
C LEU V 26 -24.23 -49.50 -9.50
N SER V 27 -24.22 -48.39 -10.25
CA SER V 27 -23.44 -47.19 -9.88
C SER V 27 -24.03 -46.54 -8.63
N SER V 28 -25.36 -46.54 -8.53
CA SER V 28 -26.01 -45.89 -7.42
C SER V 28 -25.78 -46.58 -6.09
N TYR V 29 -25.66 -47.91 -6.09
CA TYR V 29 -25.55 -48.65 -4.82
C TYR V 29 -24.18 -48.93 -4.24
N THR V 30 -23.14 -48.42 -4.87
CA THR V 30 -21.80 -48.76 -4.49
C THR V 30 -21.30 -47.60 -3.74
N HIS V 31 -20.73 -47.87 -2.58
CA HIS V 31 -20.22 -46.81 -1.69
C HIS V 31 -18.81 -47.15 -1.21
N TRP V 32 -18.04 -46.13 -0.83
CA TRP V 32 -16.73 -46.32 -0.23
C TRP V 32 -16.68 -45.73 1.18
N TYR V 33 -16.05 -46.48 2.11
CA TYR V 33 -15.89 -46.05 3.49
C TYR V 33 -14.41 -46.01 3.82
N GLN V 34 -14.05 -45.08 4.68
CA GLN V 34 -12.70 -44.99 5.20
C GLN V 34 -12.78 -45.27 6.69
N GLN V 35 -11.94 -46.19 7.17
CA GLN V 35 -11.98 -46.55 8.56
C GLN V 35 -10.59 -46.42 9.14
N LYS V 36 -10.45 -45.50 10.08
CA LYS V 36 -9.20 -45.31 10.78
C LYS V 36 -9.25 -46.18 12.04
N PRO V 37 -8.07 -46.56 12.57
CA PRO V 37 -8.03 -47.54 13.64
C PRO V 37 -8.82 -47.11 14.86
N GLY V 38 -9.61 -48.02 15.41
CA GLY V 38 -10.39 -47.76 16.62
C GLY V 38 -11.63 -46.90 16.45
N LYS V 39 -11.94 -46.55 15.21
CA LYS V 39 -13.07 -45.69 14.93
C LYS V 39 -14.03 -46.45 14.03
N ALA V 40 -15.27 -45.99 13.98
CA ALA V 40 -16.24 -46.52 13.03
C ALA V 40 -15.88 -46.11 11.63
N PRO V 41 -16.33 -46.89 10.64
CA PRO V 41 -16.22 -46.44 9.26
C PRO V 41 -16.93 -45.12 9.09
N LYS V 42 -16.40 -44.29 8.18
CA LYS V 42 -17.05 -43.07 7.78
C LYS V 42 -17.32 -43.17 6.28
N LEU V 43 -18.52 -42.76 5.87
CA LEU V 43 -18.88 -42.73 4.45
C LEU V 43 -17.98 -41.72 3.72
N LEU V 44 -17.28 -42.21 2.69
CA LEU V 44 -16.31 -41.44 1.92
C LEU V 44 -16.89 -41.05 0.55
N ILE V 45 -17.42 -42.04 -0.16
CA ILE V 45 -18.01 -41.83 -1.46
C ILE V 45 -19.36 -42.55 -1.50
N TYR V 46 -20.39 -41.91 -2.05
CA TYR V 46 -21.65 -42.61 -2.32
C TYR V 46 -22.10 -42.52 -3.76
N ALA V 47 -22.78 -43.57 -4.22
CA ALA V 47 -23.27 -43.71 -5.56
C ALA V 47 -22.14 -43.54 -6.54
N ALA V 48 -21.09 -44.32 -6.30
CA ALA V 48 -19.92 -44.41 -7.16
C ALA V 48 -19.00 -43.18 -7.13
N SER V 49 -19.56 -41.98 -7.14
CA SER V 49 -18.79 -40.76 -7.40
C SER V 49 -19.14 -39.50 -6.59
N SER V 50 -20.16 -39.55 -5.73
CA SER V 50 -20.51 -38.39 -4.90
C SER V 50 -19.68 -38.41 -3.62
N ARG V 51 -19.08 -37.27 -3.26
CA ARG V 51 -18.31 -37.19 -2.03
C ARG V 51 -19.24 -37.10 -0.83
N GLY V 52 -18.91 -37.88 0.20
CA GLY V 52 -19.68 -37.89 1.41
C GLY V 52 -19.48 -36.59 2.18
N SER V 53 -20.35 -36.38 3.15
CA SER V 53 -20.33 -35.18 3.98
C SER V 53 -18.97 -35.06 4.65
N GLY V 54 -18.36 -33.88 4.54
CA GLY V 54 -17.07 -33.59 5.15
C GLY V 54 -15.86 -34.19 4.46
N VAL V 55 -16.03 -34.74 3.27
CA VAL V 55 -14.94 -35.43 2.59
C VAL V 55 -14.20 -34.47 1.65
N PRO V 56 -12.86 -34.35 1.80
CA PRO V 56 -12.06 -33.45 0.95
C PRO V 56 -11.96 -33.85 -0.52
N SER V 57 -11.62 -32.87 -1.35
CA SER V 57 -11.69 -33.03 -2.80
C SER V 57 -10.65 -33.96 -3.40
N ARG V 58 -9.59 -34.28 -2.67
CA ARG V 58 -8.59 -35.24 -3.15
C ARG V 58 -9.17 -36.66 -3.31
N PHE V 59 -10.29 -36.95 -2.63
CA PHE V 59 -10.98 -38.24 -2.80
C PHE V 59 -12.01 -38.16 -3.92
N SER V 60 -11.97 -39.11 -4.84
CA SER V 60 -12.97 -39.18 -5.91
C SER V 60 -13.20 -40.63 -6.29
N GLY V 61 -14.34 -40.84 -6.93
CA GLY V 61 -14.77 -42.19 -7.27
C GLY V 61 -15.27 -42.23 -8.68
N SER V 62 -15.09 -43.38 -9.32
CA SER V 62 -15.56 -43.57 -10.68
C SER V 62 -16.13 -44.98 -10.80
N GLY V 63 -17.03 -45.16 -11.76
CA GLY V 63 -17.63 -46.46 -12.03
C GLY V 63 -17.75 -46.74 -13.52
N SER V 64 -17.38 -47.95 -13.93
CA SER V 64 -17.59 -48.42 -15.28
C SER V 64 -18.03 -49.87 -15.23
N GLY V 65 -19.26 -50.13 -15.66
CA GLY V 65 -19.87 -51.47 -15.59
C GLY V 65 -19.78 -51.99 -14.19
N THR V 66 -19.13 -53.15 -14.04
CA THR V 66 -18.90 -53.77 -12.74
C THR V 66 -17.59 -53.33 -12.01
N ASP V 67 -16.83 -52.41 -12.58
CA ASP V 67 -15.55 -51.97 -12.01
C ASP V 67 -15.70 -50.57 -11.44
N PHE V 68 -15.36 -50.45 -10.17
CA PHE V 68 -15.43 -49.19 -9.46
C PHE V 68 -14.07 -48.83 -8.90
N THR V 69 -13.77 -47.54 -8.91
CA THR V 69 -12.46 -47.08 -8.50
C THR V 69 -12.59 -45.93 -7.50
N LEU V 70 -11.72 -45.97 -6.48
CA LEU V 70 -11.53 -44.89 -5.53
C LEU V 70 -10.15 -44.36 -5.77
N THR V 71 -10.05 -43.04 -5.89
CA THR V 71 -8.78 -42.39 -6.17
C THR V 71 -8.48 -41.33 -5.13
N ILE V 72 -7.28 -41.38 -4.59
CA ILE V 72 -6.75 -40.31 -3.78
C ILE V 72 -5.74 -39.59 -4.64
N SER V 73 -6.04 -38.36 -5.01
CA SER V 73 -5.23 -37.65 -6.01
C SER V 73 -3.84 -37.29 -5.48
N SER V 74 -3.78 -36.98 -4.18
CA SER V 74 -2.52 -36.63 -3.49
C SER V 74 -2.55 -37.17 -2.05
N LEU V 75 -1.89 -38.30 -1.84
CA LEU V 75 -1.94 -38.99 -0.56
C LEU V 75 -1.39 -38.14 0.58
N GLN V 76 -2.15 -38.05 1.67
CA GLN V 76 -1.69 -37.39 2.89
C GLN V 76 -1.47 -38.38 4.04
N PRO V 77 -0.61 -38.03 5.02
CA PRO V 77 -0.35 -38.94 6.15
C PRO V 77 -1.62 -39.40 6.89
N GLU V 78 -2.60 -38.51 7.01
CA GLU V 78 -3.86 -38.81 7.73
C GLU V 78 -4.78 -39.77 6.99
N ASP V 79 -4.47 -40.04 5.72
CA ASP V 79 -5.24 -40.98 4.92
C ASP V 79 -4.84 -42.44 5.17
N PHE V 80 -3.95 -42.68 6.13
CA PHE V 80 -3.74 -44.01 6.63
C PHE V 80 -5.05 -44.56 7.14
N ALA V 81 -5.51 -45.65 6.50
CA ALA V 81 -6.80 -46.24 6.82
C ALA V 81 -7.00 -47.52 6.04
N THR V 82 -8.07 -48.23 6.41
CA THR V 82 -8.60 -49.30 5.60
C THR V 82 -9.85 -48.77 4.87
N TYR V 83 -9.87 -48.98 3.55
CA TYR V 83 -10.95 -48.51 2.68
C TYR V 83 -11.78 -49.70 2.20
N TYR V 84 -13.09 -49.61 2.40
CA TYR V 84 -14.00 -50.68 2.00
C TYR V 84 -14.98 -50.18 0.96
N CYS V 85 -15.29 -51.01 -0.03
CA CYS V 85 -16.41 -50.73 -0.95
C CYS V 85 -17.63 -51.53 -0.51
N GLN V 86 -18.80 -51.18 -1.03
CA GLN V 86 -20.04 -51.76 -0.57
C GLN V 86 -21.11 -51.60 -1.61
N GLN V 87 -21.86 -52.69 -1.82
CA GLN V 87 -23.15 -52.66 -2.53
C GLN V 87 -24.20 -53.31 -1.71
N SER V 88 -25.40 -52.75 -1.73
CA SER V 88 -26.51 -53.31 -1.02
C SER V 88 -26.03 -53.68 0.37
N ARG V 89 -26.05 -54.93 0.77
CA ARG V 89 -25.68 -55.26 2.12
C ARG V 89 -24.34 -55.95 2.19
N THR V 90 -23.61 -55.91 1.08
CA THR V 90 -22.33 -56.63 0.98
C THR V 90 -21.14 -55.67 0.95
N PHE V 91 -20.13 -56.00 1.76
CA PHE V 91 -18.90 -55.23 1.83
C PHE V 91 -17.76 -56.01 1.21
N GLY V 92 -16.84 -55.29 0.58
CA GLY V 92 -15.57 -55.85 0.15
C GLY V 92 -14.71 -56.13 1.36
N GLN V 93 -13.58 -56.78 1.11
CA GLN V 93 -12.67 -57.22 2.17
C GLN V 93 -11.81 -56.09 2.72
N GLY V 94 -11.77 -54.95 2.02
CA GLY V 94 -10.97 -53.79 2.43
C GLY V 94 -9.60 -53.74 1.77
N THR V 95 -9.08 -52.52 1.63
CA THR V 95 -7.72 -52.28 1.17
C THR V 95 -7.03 -51.45 2.25
N LYS V 96 -5.93 -51.95 2.80
CA LYS V 96 -5.12 -51.16 3.72
C LYS V 96 -4.17 -50.24 2.97
N VAL V 97 -4.26 -48.95 3.25
CA VAL V 97 -3.37 -47.97 2.66
C VAL V 97 -2.37 -47.57 3.73
N GLU V 98 -1.11 -47.94 3.51
CA GLU V 98 0.02 -47.50 4.35
C GLU V 98 0.81 -46.39 3.64
N ILE V 99 1.44 -45.51 4.42
CA ILE V 99 2.20 -44.41 3.84
C ILE V 99 3.63 -44.85 3.72
N LYS V 100 4.26 -44.46 2.64
CA LYS V 100 5.63 -44.78 2.44
C LYS V 100 6.39 -43.49 2.72
N ARG V 101 7.27 -43.55 3.71
CA ARG V 101 8.15 -42.41 4.07
C ARG V 101 9.61 -42.88 4.21
N THR V 102 10.52 -42.04 4.71
CA THR V 102 11.91 -42.47 4.86
C THR V 102 12.16 -43.40 6.06
N VAL V 103 13.35 -44.03 6.08
CA VAL V 103 13.72 -44.92 7.18
C VAL V 103 13.97 -44.09 8.43
N ALA V 104 13.52 -44.58 9.57
CA ALA V 104 13.80 -43.92 10.84
C ALA V 104 14.06 -44.97 11.92
N ALA V 105 15.19 -44.84 12.63
CA ALA V 105 15.57 -45.82 13.63
C ALA V 105 14.76 -45.59 14.89
N PRO V 106 14.47 -46.66 15.65
CA PRO V 106 13.71 -46.46 16.91
C PRO V 106 14.52 -45.76 18.01
N SER V 107 13.83 -45.03 18.89
CA SER V 107 14.41 -44.65 20.19
C SER V 107 14.03 -45.78 21.15
N VAL V 108 14.98 -46.27 21.94
CA VAL V 108 14.79 -47.49 22.74
C VAL V 108 14.89 -47.13 24.21
N PHE V 109 13.92 -47.60 24.99
CA PHE V 109 13.85 -47.34 26.44
C PHE V 109 13.50 -48.64 27.14
N ILE V 110 14.10 -48.88 28.31
CA ILE V 110 13.84 -50.10 29.06
C ILE V 110 13.31 -49.69 30.42
N PHE V 111 12.30 -50.42 30.90
CA PHE V 111 11.64 -50.13 32.17
C PHE V 111 11.69 -51.36 33.08
N PRO V 112 12.28 -51.24 34.29
CA PRO V 112 12.18 -52.35 35.24
C PRO V 112 10.77 -52.47 35.84
N PRO V 113 10.44 -53.63 36.43
CA PRO V 113 9.15 -53.77 37.12
C PRO V 113 9.09 -52.86 38.32
N SER V 114 7.91 -52.35 38.64
CA SER V 114 7.72 -51.49 39.82
C SER V 114 7.82 -52.33 41.08
N ASP V 115 8.22 -51.70 42.19
CA ASP V 115 8.28 -52.40 43.48
C ASP V 115 6.90 -52.90 43.88
N GLU V 116 5.88 -52.12 43.52
CA GLU V 116 4.51 -52.46 43.76
C GLU V 116 4.11 -53.77 43.08
N GLN V 117 4.43 -53.90 41.79
CA GLN V 117 4.09 -55.14 41.07
C GLN V 117 4.78 -56.34 41.66
N LEU V 118 6.05 -56.19 42.02
CA LEU V 118 6.83 -57.31 42.56
C LEU V 118 6.15 -57.94 43.76
N LYS V 119 5.47 -57.12 44.56
CA LYS V 119 4.72 -57.63 45.71
C LYS V 119 3.59 -58.59 45.34
N SER V 120 3.03 -58.44 44.14
CA SER V 120 2.01 -59.35 43.62
C SER V 120 2.51 -60.75 43.22
N GLY V 121 3.84 -60.95 43.15
CA GLY V 121 4.45 -62.24 42.78
C GLY V 121 4.89 -62.37 41.32
N THR V 122 4.69 -61.32 40.54
CA THR V 122 5.08 -61.30 39.13
C THR V 122 5.91 -60.07 38.83
N ALA V 123 6.77 -60.18 37.82
CA ALA V 123 7.60 -59.07 37.38
C ALA V 123 7.45 -58.92 35.90
N SER V 124 7.07 -57.71 35.45
CA SER V 124 7.02 -57.40 34.03
C SER V 124 8.13 -56.40 33.70
N VAL V 125 8.92 -56.74 32.68
CA VAL V 125 9.97 -55.86 32.18
C VAL V 125 9.56 -55.43 30.79
N VAL V 126 9.59 -54.13 30.52
CA VAL V 126 9.07 -53.55 29.26
C VAL V 126 10.15 -52.84 28.47
N CYS V 127 10.19 -53.14 27.19
CA CYS V 127 11.10 -52.48 26.31
C CYS V 127 10.25 -51.78 25.28
N LEU V 128 10.51 -50.50 25.09
CA LEU V 128 9.77 -49.66 24.15
C LEU V 128 10.65 -49.28 22.96
N LEU V 129 10.16 -49.49 21.75
CA LEU V 129 10.80 -48.96 20.55
C LEU V 129 9.91 -47.85 20.00
N ASN V 130 10.40 -46.61 20.01
CA ASN V 130 9.54 -45.48 19.69
C ASN V 130 9.80 -44.87 18.32
N ASN V 131 8.70 -44.69 17.56
CA ASN V 131 8.70 -43.87 16.33
C ASN V 131 9.68 -44.31 15.24
N PHE V 132 9.47 -45.49 14.70
CA PHE V 132 10.38 -46.05 13.71
C PHE V 132 9.67 -46.43 12.41
N TYR V 133 10.46 -46.58 11.35
CA TYR V 133 9.94 -47.01 10.06
C TYR V 133 11.09 -47.64 9.28
N PRO V 134 10.85 -48.76 8.59
CA PRO V 134 9.61 -49.55 8.45
C PRO V 134 9.30 -50.42 9.67
N ARG V 135 8.22 -51.21 9.58
CA ARG V 135 7.70 -52.00 10.72
C ARG V 135 8.59 -53.13 11.20
N GLU V 136 9.42 -53.67 10.31
CA GLU V 136 10.22 -54.86 10.62
C GLU V 136 11.24 -54.49 11.67
N ALA V 137 11.18 -55.17 12.82
CA ALA V 137 12.10 -54.92 13.92
C ALA V 137 12.21 -56.18 14.74
N LYS V 138 13.41 -56.49 15.20
CA LYS V 138 13.64 -57.68 16.01
C LYS V 138 14.04 -57.23 17.42
N VAL V 139 13.45 -57.85 18.42
CA VAL V 139 13.76 -57.52 19.81
C VAL V 139 14.12 -58.82 20.52
N GLN V 140 15.26 -58.83 21.19
CA GLN V 140 15.69 -59.99 21.96
C GLN V 140 15.94 -59.59 23.41
N TRP V 141 15.51 -60.46 24.32
CA TRP V 141 15.71 -60.26 25.74
C TRP V 141 16.92 -61.10 26.15
N LYS V 142 17.77 -60.53 26.99
CA LYS V 142 18.85 -61.27 27.64
C LYS V 142 18.79 -60.98 29.15
N VAL V 143 18.88 -62.02 29.95
CA VAL V 143 18.84 -61.93 31.41
C VAL V 143 20.12 -62.59 31.88
N ASP V 144 20.94 -61.88 32.64
CA ASP V 144 22.33 -62.31 32.96
C ASP V 144 23.03 -62.85 31.69
N ASN V 145 22.88 -62.12 30.60
CA ASN V 145 23.47 -62.45 29.33
C ASN V 145 22.96 -63.78 28.71
N ALA V 146 21.78 -64.24 29.12
CA ALA V 146 21.17 -65.45 28.54
C ALA V 146 19.93 -65.09 27.71
N LEU V 147 19.88 -65.51 26.45
CA LEU V 147 18.71 -65.25 25.60
C LEU V 147 17.47 -65.90 26.17
N GLN V 148 16.34 -65.20 26.11
CA GLN V 148 15.08 -65.72 26.60
C GLN V 148 14.14 -66.01 25.44
N SER V 149 13.48 -67.15 25.51
CA SER V 149 12.56 -67.60 24.47
C SER V 149 11.27 -68.03 25.12
N GLY V 150 10.16 -67.52 24.59
CA GLY V 150 8.81 -67.93 25.02
C GLY V 150 8.19 -67.25 26.24
N ASN V 151 8.84 -66.23 26.79
CA ASN V 151 8.32 -65.50 27.97
C ASN V 151 8.10 -64.01 27.71
N SER V 152 7.95 -63.65 26.44
CA SER V 152 7.66 -62.27 26.09
C SER V 152 6.60 -62.14 25.01
N GLN V 153 5.91 -61.00 25.04
CA GLN V 153 4.87 -60.70 24.08
C GLN V 153 5.11 -59.31 23.54
N GLU V 154 4.88 -59.16 22.24
CA GLU V 154 5.05 -57.88 21.56
C GLU V 154 3.71 -57.31 21.14
N SER V 155 3.62 -55.99 21.14
CA SER V 155 2.45 -55.31 20.60
C SER V 155 2.96 -54.14 19.77
N VAL V 156 2.28 -53.84 18.66
CA VAL V 156 2.73 -52.77 17.77
C VAL V 156 1.54 -51.84 17.52
N THR V 157 1.81 -50.54 17.45
CA THR V 157 0.79 -49.57 17.12
C THR V 157 0.57 -49.56 15.63
N GLU V 158 -0.52 -48.93 15.23
CA GLU V 158 -0.76 -48.67 13.81
C GLU V 158 0.08 -47.46 13.40
N GLN V 159 0.22 -47.22 12.09
CA GLN V 159 1.00 -46.06 11.63
C GLN V 159 0.44 -44.76 12.17
N ASP V 160 1.35 -43.91 12.65
CA ASP V 160 0.98 -42.61 13.21
C ASP V 160 0.40 -41.70 12.13
N SER V 161 -0.70 -41.03 12.45
CA SER V 161 -1.36 -40.17 11.48
C SER V 161 -0.60 -38.89 11.11
N LYS V 162 0.46 -38.52 11.85
CA LYS V 162 1.26 -37.33 11.53
C LYS V 162 2.61 -37.63 10.89
N ASP V 163 3.35 -38.57 11.46
CA ASP V 163 4.70 -38.88 10.94
C ASP V 163 4.83 -40.25 10.28
N SER V 164 3.76 -41.03 10.27
CA SER V 164 3.73 -42.34 9.60
C SER V 164 4.71 -43.40 10.18
N THR V 165 5.12 -43.23 11.43
CA THR V 165 5.99 -44.20 12.09
C THR V 165 5.18 -45.20 12.91
N TYR V 166 5.87 -46.25 13.34
CA TYR V 166 5.32 -47.24 14.27
C TYR V 166 6.02 -47.13 15.62
N SER V 167 5.36 -47.63 16.65
CA SER V 167 6.01 -47.86 17.93
C SER V 167 5.73 -49.32 18.36
N LEU V 168 6.59 -49.89 19.20
CA LEU V 168 6.48 -51.30 19.56
C LEU V 168 6.86 -51.49 21.01
N SER V 169 6.15 -52.39 21.69
CA SER V 169 6.49 -52.77 23.06
C SER V 169 6.78 -54.27 23.09
N SER V 170 7.80 -54.65 23.85
CA SER V 170 8.01 -56.06 24.16
C SER V 170 8.00 -56.13 25.68
N THR V 171 7.28 -57.13 26.19
CA THR V 171 7.11 -57.28 27.61
C THR V 171 7.57 -58.68 28.03
N LEU V 172 8.58 -58.74 28.89
CA LEU V 172 9.12 -60.00 29.44
C LEU V 172 8.49 -60.23 30.79
N THR V 173 7.87 -61.38 30.99
CA THR V 173 7.18 -61.68 32.24
C THR V 173 7.85 -62.87 32.95
N LEU V 174 8.23 -62.66 34.21
CA LEU V 174 8.84 -63.67 35.08
C LEU V 174 8.09 -63.70 36.40
N SER V 175 8.21 -64.81 37.13
CA SER V 175 7.85 -64.82 38.54
C SER V 175 8.80 -63.90 39.31
N LYS V 176 8.33 -63.42 40.46
CA LYS V 176 9.13 -62.58 41.34
C LYS V 176 10.44 -63.32 41.70
N ALA V 177 10.34 -64.61 42.04
CA ALA V 177 11.53 -65.40 42.42
C ALA V 177 12.58 -65.44 41.29
N ASP V 178 12.12 -65.65 40.07
CA ASP V 178 13.01 -65.68 38.91
C ASP V 178 13.62 -64.31 38.65
N TYR V 179 12.82 -63.25 38.77
CA TYR V 179 13.35 -61.89 38.60
C TYR V 179 14.44 -61.61 39.62
N GLU V 180 14.18 -61.97 40.89
CA GLU V 180 15.11 -61.72 41.98
C GLU V 180 16.38 -62.55 41.90
N LYS V 181 16.35 -63.65 41.15
CA LYS V 181 17.52 -64.52 40.94
C LYS V 181 18.58 -63.95 40.01
N HIS V 182 18.22 -62.95 39.19
CA HIS V 182 19.15 -62.42 38.19
C HIS V 182 19.42 -60.93 38.39
N LYS V 183 20.46 -60.43 37.74
CA LYS V 183 20.91 -59.05 37.92
C LYS V 183 20.75 -58.16 36.68
N VAL V 184 21.28 -58.62 35.55
CA VAL V 184 21.35 -57.79 34.34
C VAL V 184 20.18 -58.10 33.39
N TYR V 185 19.37 -57.08 33.12
CA TYR V 185 18.25 -57.20 32.21
C TYR V 185 18.51 -56.30 31.02
N ALA V 186 18.50 -56.89 29.83
CA ALA V 186 18.91 -56.22 28.61
C ALA V 186 17.95 -56.47 27.46
N CYS V 187 17.64 -55.40 26.71
CA CYS V 187 16.77 -55.43 25.55
C CYS V 187 17.63 -55.11 24.35
N GLU V 188 17.72 -56.02 23.39
CA GLU V 188 18.58 -55.82 22.22
C GLU V 188 17.72 -55.69 20.98
N VAL V 189 17.90 -54.62 20.23
CA VAL V 189 17.00 -54.23 19.12
C VAL V 189 17.73 -54.18 17.78
N THR V 190 17.20 -54.88 16.78
CA THR V 190 17.74 -54.81 15.44
C THR V 190 16.70 -54.14 14.55
N HIS V 191 17.14 -53.14 13.79
CA HIS V 191 16.27 -52.42 12.84
C HIS V 191 17.17 -51.88 11.74
N GLN V 192 16.74 -51.95 10.49
CA GLN V 192 17.58 -51.50 9.37
C GLN V 192 17.99 -50.02 9.37
N GLY V 193 17.28 -49.20 10.13
CA GLY V 193 17.69 -47.83 10.43
C GLY V 193 18.92 -47.66 11.32
N LEU V 194 19.28 -48.71 12.07
CA LEU V 194 20.47 -48.72 12.94
C LEU V 194 21.70 -49.32 12.22
N SER V 195 22.88 -48.79 12.51
CA SER V 195 24.12 -49.33 11.93
C SER V 195 24.46 -50.72 12.49
N SER V 196 24.01 -51.00 13.73
CA SER V 196 24.16 -52.31 14.35
C SER V 196 23.19 -52.40 15.53
N PRO V 197 23.06 -53.58 16.16
CA PRO V 197 22.02 -53.67 17.19
C PRO V 197 22.22 -52.70 18.35
N VAL V 198 21.12 -52.14 18.87
CA VAL V 198 21.15 -51.27 20.05
C VAL V 198 20.69 -52.06 21.27
N THR V 199 21.44 -51.96 22.37
CA THR V 199 21.09 -52.65 23.60
C THR V 199 20.86 -51.64 24.71
N LYS V 200 19.73 -51.75 25.39
CA LYS V 200 19.48 -51.01 26.61
C LYS V 200 19.34 -51.99 27.77
N SER V 201 19.92 -51.66 28.93
CA SER V 201 19.85 -52.57 30.08
C SER V 201 19.81 -51.82 31.38
N PHE V 202 19.46 -52.55 32.43
CA PHE V 202 19.55 -52.05 33.79
C PHE V 202 20.05 -53.18 34.69
N ASN V 203 20.51 -52.81 35.88
CA ASN V 203 20.78 -53.79 36.93
C ASN V 203 19.69 -53.71 37.99
N ARG V 204 19.12 -54.88 38.31
CA ARG V 204 18.10 -54.97 39.34
C ARG V 204 18.63 -54.36 40.62
N GLY V 205 17.82 -53.50 41.24
CA GLY V 205 18.21 -52.84 42.48
C GLY V 205 18.79 -51.45 42.28
N GLU V 206 19.49 -51.24 41.16
CA GLU V 206 20.10 -49.95 40.85
C GLU V 206 19.10 -49.04 40.17
N GLN W 1 -16.35 -47.78 -59.22
CA GLN W 1 -17.42 -48.62 -59.86
C GLN W 1 -17.19 -50.11 -59.64
N VAL W 2 -18.29 -50.82 -59.51
CA VAL W 2 -18.26 -52.26 -59.39
C VAL W 2 -18.46 -52.85 -60.79
N GLN W 3 -17.68 -53.90 -61.10
CA GLN W 3 -17.88 -54.69 -62.30
C GLN W 3 -18.07 -56.15 -61.95
N LEU W 4 -18.96 -56.79 -62.68
CA LEU W 4 -19.20 -58.22 -62.55
C LEU W 4 -18.88 -58.89 -63.86
N GLN W 5 -17.95 -59.83 -63.82
CA GLN W 5 -17.47 -60.51 -64.99
C GLN W 5 -17.83 -61.98 -64.92
N GLN W 6 -18.74 -62.41 -65.79
CA GLN W 6 -19.23 -63.78 -65.79
C GLN W 6 -18.37 -64.65 -66.68
N SER W 7 -18.31 -65.91 -66.32
CA SER W 7 -17.67 -66.88 -67.18
C SER W 7 -18.27 -68.25 -66.92
N GLY W 8 -17.94 -69.17 -67.79
CA GLY W 8 -18.47 -70.52 -67.75
C GLY W 8 -19.03 -70.91 -69.10
N PRO W 9 -19.08 -72.21 -69.37
CA PRO W 9 -19.52 -72.64 -70.69
C PRO W 9 -21.02 -72.36 -70.94
N GLY W 10 -21.35 -71.98 -72.17
CA GLY W 10 -22.74 -71.74 -72.59
C GLY W 10 -23.43 -72.93 -73.21
N LEU W 11 -22.85 -74.12 -73.09
CA LEU W 11 -23.43 -75.34 -73.61
C LEU W 11 -23.39 -76.41 -72.52
N VAL W 12 -24.56 -76.97 -72.19
CA VAL W 12 -24.67 -78.04 -71.18
C VAL W 12 -25.52 -79.17 -71.76
N LYS W 13 -25.05 -80.41 -71.61
CA LYS W 13 -25.82 -81.54 -72.11
C LYS W 13 -27.01 -81.79 -71.17
N PRO W 14 -28.15 -82.27 -71.71
CA PRO W 14 -29.30 -82.55 -70.84
C PRO W 14 -28.96 -83.55 -69.75
N SER W 15 -29.49 -83.30 -68.55
CA SER W 15 -29.24 -84.11 -67.35
C SER W 15 -27.95 -83.79 -66.61
N GLN W 16 -27.08 -82.94 -67.18
CA GLN W 16 -25.81 -82.66 -66.54
C GLN W 16 -25.84 -81.33 -65.83
N THR W 17 -24.67 -80.83 -65.43
CA THR W 17 -24.59 -79.70 -64.52
C THR W 17 -24.12 -78.44 -65.22
N LEU W 18 -24.88 -77.39 -65.00
CA LEU W 18 -24.53 -76.05 -65.45
C LEU W 18 -23.67 -75.40 -64.37
N SER W 19 -22.55 -74.83 -64.78
CA SER W 19 -21.61 -74.25 -63.82
C SER W 19 -21.14 -72.88 -64.31
N LEU W 20 -21.57 -71.82 -63.61
CA LEU W 20 -21.14 -70.46 -63.94
C LEU W 20 -20.46 -69.77 -62.78
N THR W 21 -19.66 -68.77 -63.12
CA THR W 21 -18.90 -67.98 -62.15
C THR W 21 -19.08 -66.49 -62.44
N CYS W 22 -19.18 -65.72 -61.37
CA CYS W 22 -19.19 -64.26 -61.42
C CYS W 22 -18.00 -63.77 -60.61
N ALA W 23 -17.09 -63.05 -61.26
CA ALA W 23 -15.89 -62.52 -60.62
C ALA W 23 -16.13 -61.05 -60.34
N ILE W 24 -15.97 -60.66 -59.08
CA ILE W 24 -16.28 -59.31 -58.64
C ILE W 24 -15.01 -58.45 -58.64
N SER W 25 -15.10 -57.22 -59.13
CA SER W 25 -14.09 -56.21 -58.85
C SER W 25 -14.75 -54.89 -58.44
N GLY W 26 -14.07 -54.15 -57.55
CA GLY W 26 -14.64 -52.96 -56.92
C GLY W 26 -15.51 -53.19 -55.67
N ASP W 27 -15.61 -54.43 -55.20
CA ASP W 27 -16.39 -54.73 -54.00
C ASP W 27 -15.95 -56.10 -53.52
N SER W 28 -16.39 -56.49 -52.33
CA SER W 28 -16.01 -57.75 -51.73
C SER W 28 -17.19 -58.71 -51.70
N VAL W 29 -16.97 -59.95 -52.11
CA VAL W 29 -18.00 -60.98 -52.00
C VAL W 29 -18.56 -61.08 -50.57
N SER W 30 -17.71 -60.79 -49.58
CA SER W 30 -18.11 -60.93 -48.20
C SER W 30 -18.55 -59.60 -47.56
N SER W 31 -18.82 -58.58 -48.39
CA SER W 31 -19.20 -57.29 -47.87
C SER W 31 -20.54 -57.35 -47.17
N TYR W 32 -20.64 -56.59 -46.09
CA TYR W 32 -21.87 -56.48 -45.32
C TYR W 32 -22.93 -55.65 -46.06
N ASN W 33 -22.48 -54.83 -47.03
CA ASN W 33 -23.38 -54.03 -47.85
C ASN W 33 -23.48 -54.55 -49.28
N ALA W 34 -23.51 -55.87 -49.42
CA ALA W 34 -23.78 -56.51 -50.70
C ALA W 34 -24.53 -57.83 -50.50
N VAL W 35 -25.34 -58.16 -51.50
CA VAL W 35 -25.99 -59.47 -51.66
C VAL W 35 -25.74 -59.89 -53.09
N TRP W 36 -25.35 -61.15 -53.28
CA TRP W 36 -24.89 -61.63 -54.59
C TRP W 36 -25.91 -62.62 -55.13
N ASN W 37 -26.53 -62.27 -56.26
CA ASN W 37 -27.69 -62.97 -56.80
C ASN W 37 -27.43 -63.57 -58.17
N TRP W 38 -28.17 -64.61 -58.50
CA TRP W 38 -28.30 -65.08 -59.88
C TRP W 38 -29.74 -64.95 -60.35
N ILE W 39 -29.89 -64.45 -61.58
CA ILE W 39 -31.18 -64.22 -62.22
C ILE W 39 -31.09 -64.76 -63.66
N ARG W 40 -32.13 -65.43 -64.14
CA ARG W 40 -32.11 -65.83 -65.54
C ARG W 40 -33.27 -65.22 -66.31
N GLN W 41 -33.12 -65.19 -67.63
CA GLN W 41 -34.12 -64.64 -68.52
C GLN W 41 -34.28 -65.50 -69.76
N SER W 42 -35.53 -65.84 -70.09
CA SER W 42 -35.81 -66.56 -71.33
C SER W 42 -37.01 -65.95 -72.01
N PRO W 43 -37.09 -66.07 -73.35
CA PRO W 43 -38.20 -65.42 -74.07
C PRO W 43 -39.57 -65.84 -73.54
N SER W 44 -39.68 -67.09 -73.11
CA SER W 44 -40.90 -67.65 -72.52
C SER W 44 -41.20 -67.19 -71.09
N ARG W 45 -40.26 -67.48 -70.19
CA ARG W 45 -40.45 -67.31 -68.74
C ARG W 45 -40.25 -65.89 -68.20
N GLY W 46 -39.64 -65.01 -69.00
CA GLY W 46 -39.30 -63.65 -68.56
C GLY W 46 -38.13 -63.70 -67.60
N LEU W 47 -38.09 -62.73 -66.68
CA LEU W 47 -37.01 -62.61 -65.70
C LEU W 47 -37.32 -63.40 -64.45
N GLU W 48 -36.38 -64.25 -64.03
CA GLU W 48 -36.60 -65.12 -62.89
C GLU W 48 -35.39 -65.12 -61.94
N TRP W 49 -35.62 -64.70 -60.71
CA TRP W 49 -34.59 -64.75 -59.68
C TRP W 49 -34.41 -66.19 -59.25
N LEU W 50 -33.16 -66.64 -59.17
CA LEU W 50 -32.83 -68.03 -58.85
C LEU W 50 -32.33 -68.25 -57.43
N GLY W 51 -31.53 -67.34 -56.93
CA GLY W 51 -30.93 -67.51 -55.63
C GLY W 51 -29.87 -66.48 -55.30
N ARG W 52 -29.30 -66.60 -54.11
CA ARG W 52 -28.31 -65.67 -53.64
C ARG W 52 -27.45 -66.23 -52.53
N THR W 53 -26.31 -65.57 -52.33
CA THR W 53 -25.47 -65.76 -51.16
C THR W 53 -25.03 -64.40 -50.63
N TYR W 54 -24.81 -64.34 -49.31
CA TYR W 54 -24.30 -63.13 -48.65
C TYR W 54 -23.69 -63.45 -47.28
N TYR W 55 -22.81 -62.54 -46.82
CA TYR W 55 -22.12 -62.73 -45.56
C TYR W 55 -22.59 -61.70 -44.55
N ARG W 56 -23.07 -62.18 -43.41
CA ARG W 56 -23.39 -61.33 -42.26
C ARG W 56 -22.97 -62.08 -41.01
N SER W 57 -21.69 -61.92 -40.65
CA SER W 57 -21.09 -62.67 -39.55
C SER W 57 -21.27 -64.18 -39.75
N GLY W 58 -21.19 -64.61 -41.01
CA GLY W 58 -21.40 -66.01 -41.41
C GLY W 58 -22.12 -66.03 -42.74
N TRP W 59 -21.94 -67.10 -43.49
CA TRP W 59 -22.53 -67.19 -44.85
C TRP W 59 -23.98 -67.67 -44.85
N TYR W 60 -24.81 -67.04 -45.70
CA TYR W 60 -26.19 -67.45 -45.90
C TYR W 60 -26.49 -67.66 -47.39
N ASN W 61 -27.42 -68.59 -47.68
CA ASN W 61 -27.96 -68.79 -49.04
C ASN W 61 -29.47 -68.86 -48.98
N ASP W 62 -30.13 -68.31 -49.99
CA ASP W 62 -31.57 -68.48 -50.20
C ASP W 62 -31.73 -68.88 -51.67
N TYR W 63 -32.68 -69.77 -51.97
CA TYR W 63 -32.92 -70.21 -53.35
C TYR W 63 -34.39 -70.18 -53.73
N ALA W 64 -34.67 -69.97 -55.02
CA ALA W 64 -36.04 -70.01 -55.53
C ALA W 64 -36.65 -71.41 -55.44
N GLU W 65 -37.93 -71.43 -55.07
CA GLU W 65 -38.63 -72.68 -54.90
C GLU W 65 -38.56 -73.57 -56.14
N SER W 66 -38.66 -72.97 -57.31
CA SER W 66 -38.60 -73.71 -58.59
C SER W 66 -37.31 -74.53 -58.84
N VAL W 67 -36.19 -74.11 -58.27
CA VAL W 67 -34.89 -74.76 -58.52
C VAL W 67 -34.20 -75.29 -57.26
N LYS W 68 -34.87 -75.18 -56.12
CA LYS W 68 -34.23 -75.39 -54.82
C LYS W 68 -33.51 -76.72 -54.69
N SER W 69 -34.11 -77.78 -55.23
CA SER W 69 -33.52 -79.11 -55.14
C SER W 69 -32.28 -79.34 -56.05
N ARG W 70 -32.02 -78.44 -56.99
CA ARG W 70 -30.95 -78.61 -58.00
C ARG W 70 -29.82 -77.57 -57.93
N ILE W 71 -29.97 -76.57 -57.07
CA ILE W 71 -29.14 -75.36 -57.18
C ILE W 71 -28.18 -75.19 -56.00
N THR W 72 -26.97 -74.69 -56.28
CA THR W 72 -25.98 -74.34 -55.27
C THR W 72 -25.29 -73.07 -55.69
N ILE W 73 -25.15 -72.14 -54.75
CA ILE W 73 -24.47 -70.87 -55.00
C ILE W 73 -23.44 -70.66 -53.91
N ASN W 74 -22.16 -70.74 -54.27
CA ASN W 74 -21.05 -70.71 -53.29
C ASN W 74 -20.13 -69.53 -53.51
N PRO W 75 -19.72 -68.85 -52.41
CA PRO W 75 -18.73 -67.80 -52.51
C PRO W 75 -17.32 -68.37 -52.48
N ASP W 76 -16.40 -67.68 -53.16
CA ASP W 76 -15.00 -68.00 -53.08
C ASP W 76 -14.30 -66.73 -52.60
N THR W 77 -13.83 -66.74 -51.36
CA THR W 77 -13.15 -65.58 -50.78
C THR W 77 -11.67 -65.54 -51.10
N SER W 78 -11.14 -66.55 -51.81
CA SER W 78 -9.77 -66.51 -52.33
C SER W 78 -9.71 -65.72 -53.62
N LYS W 79 -10.70 -65.95 -54.50
CA LYS W 79 -10.75 -65.33 -55.81
C LYS W 79 -11.80 -64.21 -55.96
N ASN W 80 -12.44 -63.83 -54.86
CA ASN W 80 -13.51 -62.84 -54.88
C ASN W 80 -14.55 -63.08 -55.98
N GLN W 81 -15.10 -64.29 -55.97
CA GLN W 81 -16.15 -64.65 -56.93
C GLN W 81 -17.23 -65.44 -56.21
N PHE W 82 -18.32 -65.68 -56.94
CA PHE W 82 -19.35 -66.61 -56.48
C PHE W 82 -19.87 -67.40 -57.67
N SER W 83 -20.29 -68.62 -57.41
CA SER W 83 -20.65 -69.55 -58.47
C SER W 83 -22.14 -69.87 -58.47
N LEU W 84 -22.57 -70.41 -59.61
CA LEU W 84 -23.88 -71.01 -59.76
C LEU W 84 -23.65 -72.41 -60.25
N GLN W 85 -24.27 -73.35 -59.56
CA GLN W 85 -24.31 -74.72 -60.00
C GLN W 85 -25.78 -75.15 -60.05
N LEU W 86 -26.19 -75.69 -61.19
CA LEU W 86 -27.56 -76.11 -61.43
C LEU W 86 -27.48 -77.54 -61.99
N ASN W 87 -27.91 -78.51 -61.17
CA ASN W 87 -27.86 -79.92 -61.57
C ASN W 87 -29.06 -80.35 -62.39
N SER W 88 -28.90 -81.47 -63.09
CA SER W 88 -29.98 -82.14 -63.81
C SER W 88 -30.75 -81.22 -64.74
N VAL W 89 -30.03 -80.51 -65.61
CA VAL W 89 -30.67 -79.51 -66.47
C VAL W 89 -31.55 -80.14 -67.54
N THR W 90 -32.57 -79.41 -67.94
CA THR W 90 -33.46 -79.82 -69.02
C THR W 90 -33.55 -78.66 -70.00
N PRO W 91 -34.15 -78.87 -71.18
CA PRO W 91 -34.35 -77.75 -72.11
C PRO W 91 -34.98 -76.48 -71.51
N GLU W 92 -35.82 -76.63 -70.49
CA GLU W 92 -36.43 -75.47 -69.83
C GLU W 92 -35.44 -74.57 -69.08
N ASP W 93 -34.21 -75.04 -68.89
CA ASP W 93 -33.14 -74.25 -68.26
C ASP W 93 -32.31 -73.44 -69.27
N THR W 94 -32.62 -73.55 -70.56
CA THR W 94 -32.04 -72.71 -71.59
C THR W 94 -32.49 -71.27 -71.37
N ALA W 95 -31.52 -70.37 -71.22
CA ALA W 95 -31.76 -69.00 -70.82
C ALA W 95 -30.48 -68.20 -70.82
N VAL W 96 -30.60 -66.89 -70.63
CA VAL W 96 -29.46 -66.03 -70.34
C VAL W 96 -29.39 -65.91 -68.83
N TYR W 97 -28.22 -66.21 -68.26
CA TYR W 97 -28.01 -66.15 -66.81
C TYR W 97 -27.20 -64.89 -66.49
N TYR W 98 -27.72 -64.11 -65.53
CA TYR W 98 -27.06 -62.90 -65.05
C TYR W 98 -26.71 -63.02 -63.57
N CYS W 99 -25.51 -62.55 -63.19
CA CYS W 99 -25.25 -62.30 -61.78
C CYS W 99 -25.58 -60.85 -61.52
N ALA W 100 -25.93 -60.54 -60.28
CA ALA W 100 -26.26 -59.18 -59.91
C ALA W 100 -26.11 -58.92 -58.42
N ARG W 101 -25.73 -57.70 -58.08
CA ARG W 101 -25.58 -57.25 -56.71
C ARG W 101 -26.85 -56.57 -56.24
N SER W 102 -27.32 -56.93 -55.06
CA SER W 102 -28.47 -56.28 -54.44
C SER W 102 -28.11 -55.89 -53.01
N GLY W 103 -28.88 -54.99 -52.41
CA GLY W 103 -28.64 -54.61 -51.04
C GLY W 103 -27.49 -53.62 -50.92
N HIS W 104 -27.00 -53.12 -52.05
CA HIS W 104 -26.04 -52.04 -52.08
C HIS W 104 -26.83 -50.79 -51.79
N ILE W 105 -28.04 -50.76 -52.34
CA ILE W 105 -28.94 -49.63 -52.14
C ILE W 105 -30.08 -50.10 -51.27
N THR W 106 -30.23 -49.44 -50.14
CA THR W 106 -31.14 -49.89 -49.10
C THR W 106 -31.96 -48.72 -48.60
N VAL W 107 -33.21 -48.96 -48.25
CA VAL W 107 -34.02 -47.91 -47.68
C VAL W 107 -33.87 -48.03 -46.19
N PHE W 108 -33.19 -47.07 -45.59
CA PHE W 108 -32.96 -47.08 -44.16
C PHE W 108 -32.23 -48.33 -43.68
N GLY W 109 -31.27 -48.77 -44.47
CA GLY W 109 -30.43 -49.91 -44.07
C GLY W 109 -31.07 -51.27 -44.23
N VAL W 110 -32.18 -51.32 -44.95
CA VAL W 110 -32.86 -52.56 -45.21
C VAL W 110 -32.66 -52.90 -46.68
N ASN W 111 -32.17 -54.12 -46.96
CA ASN W 111 -32.04 -54.60 -48.33
C ASN W 111 -33.42 -54.77 -48.93
N VAL W 112 -33.63 -54.08 -50.03
CA VAL W 112 -34.93 -54.06 -50.64
C VAL W 112 -34.93 -55.01 -51.83
N ASP W 113 -33.79 -55.66 -52.05
CA ASP W 113 -33.57 -56.50 -53.23
C ASP W 113 -33.66 -55.68 -54.52
N ALA W 114 -33.07 -54.49 -54.53
CA ALA W 114 -32.99 -53.74 -55.75
C ALA W 114 -31.63 -53.99 -56.35
N PHE W 115 -31.62 -54.62 -57.52
CA PHE W 115 -30.33 -54.94 -58.10
C PHE W 115 -29.81 -53.63 -58.69
N ASP W 116 -28.56 -53.29 -58.37
CA ASP W 116 -27.94 -52.06 -58.86
C ASP W 116 -26.83 -52.30 -59.91
N MET W 117 -26.26 -53.50 -59.93
CA MET W 117 -25.26 -53.85 -60.88
C MET W 117 -25.47 -55.25 -61.38
N TRP W 118 -25.30 -55.45 -62.68
CA TRP W 118 -25.49 -56.77 -63.27
C TRP W 118 -24.25 -57.13 -64.08
N GLY W 119 -23.97 -58.42 -64.18
CA GLY W 119 -22.97 -58.93 -65.11
C GLY W 119 -23.51 -58.94 -66.52
N GLN W 120 -22.65 -59.26 -67.47
CA GLN W 120 -23.00 -59.14 -68.89
C GLN W 120 -23.95 -60.23 -69.40
N GLY W 121 -24.14 -61.29 -68.61
CA GLY W 121 -24.97 -62.42 -69.00
C GLY W 121 -24.15 -63.50 -69.67
N THR W 122 -24.54 -64.75 -69.42
CA THR W 122 -24.01 -65.90 -70.15
C THR W 122 -25.22 -66.58 -70.77
N MET W 123 -25.24 -66.75 -72.08
CA MET W 123 -26.33 -67.50 -72.71
C MET W 123 -25.99 -68.95 -72.55
N VAL W 124 -26.90 -69.70 -71.96
CA VAL W 124 -26.72 -71.13 -71.79
C VAL W 124 -27.75 -71.87 -72.62
N THR W 125 -27.27 -72.83 -73.41
CA THR W 125 -28.10 -73.69 -74.23
C THR W 125 -27.97 -75.13 -73.71
N VAL W 126 -29.10 -75.74 -73.35
CA VAL W 126 -29.13 -77.16 -73.00
C VAL W 126 -29.36 -77.94 -74.28
N SER W 127 -28.34 -78.66 -74.72
CA SER W 127 -28.43 -79.42 -75.96
C SER W 127 -27.37 -80.49 -76.01
N SER W 128 -27.69 -81.55 -76.72
CA SER W 128 -26.73 -82.64 -76.92
C SER W 128 -25.80 -82.40 -78.10
N ALA W 129 -26.13 -81.44 -78.98
CA ALA W 129 -25.33 -81.12 -80.18
C ALA W 129 -23.97 -80.58 -79.79
N SER W 130 -23.05 -80.59 -80.77
CA SER W 130 -21.63 -80.20 -80.54
C SER W 130 -21.18 -78.89 -81.19
N THR W 131 -20.14 -78.28 -80.61
CA THR W 131 -19.72 -76.93 -80.94
C THR W 131 -19.17 -76.90 -82.36
N LYS W 132 -19.49 -75.84 -83.09
CA LYS W 132 -18.94 -75.61 -84.42
C LYS W 132 -18.70 -74.12 -84.63
N GLY W 133 -17.47 -73.77 -85.04
CA GLY W 133 -17.11 -72.37 -85.32
C GLY W 133 -17.67 -71.93 -86.66
N PRO W 134 -17.91 -70.61 -86.84
CA PRO W 134 -18.48 -70.10 -88.09
C PRO W 134 -17.48 -70.02 -89.25
N SER W 135 -18.01 -70.08 -90.47
CA SER W 135 -17.31 -69.65 -91.65
C SER W 135 -17.74 -68.21 -91.88
N VAL W 136 -16.79 -67.36 -92.28
CA VAL W 136 -17.08 -65.95 -92.49
C VAL W 136 -16.79 -65.57 -93.94
N PHE W 137 -17.82 -65.07 -94.62
CA PHE W 137 -17.73 -64.69 -96.03
C PHE W 137 -18.05 -63.20 -96.18
N PRO W 138 -17.39 -62.52 -97.12
CA PRO W 138 -17.67 -61.10 -97.35
C PRO W 138 -18.99 -60.88 -98.10
N LEU W 139 -19.68 -59.81 -97.73
CA LEU W 139 -20.80 -59.27 -98.51
C LEU W 139 -20.27 -57.99 -99.15
N ALA W 140 -19.80 -58.13 -100.40
CA ALA W 140 -18.95 -57.13 -101.04
C ALA W 140 -19.76 -55.95 -101.61
N PRO W 141 -19.29 -54.70 -101.39
CA PRO W 141 -19.97 -53.57 -101.99
C PRO W 141 -19.76 -53.57 -103.50
N SER W 142 -20.82 -53.30 -104.27
CA SER W 142 -20.75 -53.25 -105.74
C SER W 142 -20.98 -51.81 -106.22
N SER W 143 -21.20 -51.62 -107.53
CA SER W 143 -21.73 -50.37 -108.03
C SER W 143 -22.80 -50.64 -109.08
N GLY W 148 -24.66 -42.34 -103.57
CA GLY W 148 -23.52 -42.02 -102.71
C GLY W 148 -23.32 -42.91 -101.47
N THR W 149 -24.21 -43.87 -101.23
CA THR W 149 -24.09 -44.78 -100.08
C THR W 149 -23.81 -46.20 -100.53
N ALA W 150 -22.82 -46.83 -99.91
CA ALA W 150 -22.51 -48.23 -100.18
C ALA W 150 -22.80 -49.09 -98.96
N ALA W 151 -23.26 -50.31 -99.20
CA ALA W 151 -23.46 -51.27 -98.15
C ALA W 151 -22.44 -52.38 -98.31
N LEU W 152 -21.85 -52.80 -97.20
CA LEU W 152 -20.97 -53.97 -97.18
C LEU W 152 -21.28 -54.76 -95.91
N GLY W 153 -20.78 -55.99 -95.85
CA GLY W 153 -21.04 -56.81 -94.67
C GLY W 153 -20.29 -58.12 -94.63
N CYS W 154 -20.59 -58.92 -93.60
CA CYS W 154 -20.01 -60.23 -93.39
C CYS W 154 -21.12 -61.21 -93.11
N LEU W 155 -21.08 -62.33 -93.82
CA LEU W 155 -22.01 -63.43 -93.58
C LEU W 155 -21.30 -64.41 -92.66
N VAL W 156 -21.90 -64.66 -91.48
CA VAL W 156 -21.32 -65.55 -90.50
C VAL W 156 -22.15 -66.83 -90.50
N LYS W 157 -21.63 -67.88 -91.13
CA LYS W 157 -22.46 -69.05 -91.44
C LYS W 157 -22.04 -70.33 -90.73
N ASP W 158 -23.07 -71.09 -90.31
CA ASP W 158 -22.94 -72.47 -89.84
C ASP W 158 -22.15 -72.64 -88.55
N TYR W 159 -22.63 -72.00 -87.48
CA TYR W 159 -22.02 -72.15 -86.17
C TYR W 159 -23.03 -72.68 -85.15
N PHE W 160 -22.50 -73.20 -84.04
CA PHE W 160 -23.31 -73.71 -82.92
C PHE W 160 -22.45 -73.76 -81.67
N PRO W 161 -23.00 -73.38 -80.49
CA PRO W 161 -24.30 -72.76 -80.23
C PRO W 161 -24.20 -71.24 -80.38
N GLU W 162 -25.27 -70.54 -80.01
CA GLU W 162 -25.20 -69.08 -79.82
C GLU W 162 -24.31 -68.73 -78.63
N PRO W 163 -23.78 -67.49 -78.60
CA PRO W 163 -23.87 -66.43 -79.57
C PRO W 163 -22.56 -66.20 -80.32
N VAL W 164 -22.68 -65.41 -81.38
CA VAL W 164 -21.52 -64.83 -82.05
C VAL W 164 -21.57 -63.33 -81.76
N THR W 165 -20.41 -62.69 -81.63
CA THR W 165 -20.35 -61.22 -81.63
C THR W 165 -19.54 -60.72 -82.84
N VAL W 166 -19.95 -59.57 -83.37
CA VAL W 166 -19.28 -58.98 -84.54
C VAL W 166 -18.97 -57.53 -84.21
N SER W 167 -17.75 -57.10 -84.49
CA SER W 167 -17.44 -55.67 -84.48
C SER W 167 -16.83 -55.35 -85.83
N TRP W 168 -16.63 -54.07 -86.10
CA TRP W 168 -15.97 -53.60 -87.32
C TRP W 168 -14.79 -52.72 -86.99
N ASN W 169 -13.69 -52.94 -87.73
CA ASN W 169 -12.44 -52.20 -87.51
C ASN W 169 -12.06 -52.13 -86.01
N SER W 170 -12.17 -53.30 -85.38
CA SER W 170 -11.89 -53.50 -83.95
C SER W 170 -12.67 -52.57 -83.05
N GLY W 171 -13.92 -52.32 -83.43
CA GLY W 171 -14.81 -51.45 -82.68
C GLY W 171 -14.68 -49.96 -82.96
N ALA W 172 -13.85 -49.59 -83.93
CA ALA W 172 -13.69 -48.19 -84.32
C ALA W 172 -14.81 -47.73 -85.24
N LEU W 173 -15.48 -48.69 -85.89
CA LEU W 173 -16.63 -48.39 -86.74
C LEU W 173 -17.91 -48.90 -86.09
N THR W 174 -18.73 -47.98 -85.63
CA THR W 174 -20.03 -48.30 -85.02
C THR W 174 -21.23 -47.70 -85.76
N SER W 175 -21.08 -46.51 -86.34
CA SER W 175 -22.21 -45.82 -86.95
C SER W 175 -22.70 -46.54 -88.21
N GLY W 176 -24.02 -46.75 -88.30
CA GLY W 176 -24.62 -47.43 -89.45
C GLY W 176 -24.44 -48.93 -89.49
N VAL W 177 -23.93 -49.51 -88.39
CA VAL W 177 -23.73 -50.97 -88.30
C VAL W 177 -25.07 -51.61 -87.91
N HIS W 178 -25.40 -52.71 -88.58
CA HIS W 178 -26.52 -53.58 -88.17
C HIS W 178 -26.06 -55.04 -88.13
N THR W 179 -26.06 -55.60 -86.95
CA THR W 179 -25.80 -57.02 -86.80
C THR W 179 -27.12 -57.72 -86.54
N PHE W 180 -27.53 -58.57 -87.47
CA PHE W 180 -28.82 -59.21 -87.38
C PHE W 180 -28.87 -60.33 -86.35
N PRO W 181 -30.07 -60.55 -85.76
CA PRO W 181 -30.26 -61.75 -84.96
C PRO W 181 -30.02 -62.98 -85.80
N ALA W 182 -29.46 -64.00 -85.17
CA ALA W 182 -29.20 -65.28 -85.83
C ALA W 182 -30.50 -65.98 -86.21
N VAL W 183 -30.44 -66.76 -87.28
CA VAL W 183 -31.52 -67.65 -87.67
C VAL W 183 -31.01 -69.09 -87.56
N LEU W 184 -31.87 -70.00 -87.09
CA LEU W 184 -31.53 -71.42 -87.02
C LEU W 184 -31.95 -72.04 -88.33
N GLN W 185 -30.97 -72.61 -89.04
CA GLN W 185 -31.20 -73.19 -90.35
C GLN W 185 -31.65 -74.63 -90.22
N SER W 186 -32.14 -75.19 -91.32
CA SER W 186 -32.63 -76.57 -91.32
C SER W 186 -31.54 -77.59 -90.97
N SER W 187 -30.27 -77.23 -91.19
CA SER W 187 -29.15 -78.03 -90.75
C SER W 187 -29.00 -78.11 -89.22
N GLY W 188 -29.71 -77.24 -88.49
CA GLY W 188 -29.54 -77.13 -87.04
C GLY W 188 -28.33 -76.32 -86.60
N LEU W 189 -27.74 -75.59 -87.56
CA LEU W 189 -26.68 -74.62 -87.29
C LEU W 189 -27.21 -73.20 -87.50
N TYR W 190 -26.63 -72.24 -86.77
CA TYR W 190 -27.02 -70.84 -86.87
C TYR W 190 -26.25 -70.10 -87.95
N SER W 191 -26.86 -69.01 -88.39
CA SER W 191 -26.23 -68.08 -89.30
C SER W 191 -26.73 -66.66 -89.03
N LEU W 192 -25.87 -65.67 -89.23
CA LEU W 192 -26.29 -64.26 -89.20
C LEU W 192 -25.46 -63.45 -90.16
N SER W 193 -25.89 -62.20 -90.37
CA SER W 193 -25.10 -61.23 -91.12
C SER W 193 -24.89 -59.99 -90.29
N SER W 194 -23.76 -59.32 -90.54
CA SER W 194 -23.46 -58.01 -89.96
C SER W 194 -23.08 -57.05 -91.04
N VAL W 195 -24.31 -58.39 -91.62
N VAL W 195 -24.53 -58.37 -91.62
CA VAL W 195 -24.14 -57.52 -92.71
CA VAL W 195 -24.17 -57.65 -92.77
C VAL W 195 -23.78 -56.07 -92.31
C VAL W 195 -23.77 -56.20 -92.39
N VAL W 196 -22.91 -52.80 -92.87
CA VAL W 196 -22.71 -51.41 -92.52
C VAL W 196 -22.88 -50.63 -93.81
N THR W 197 -23.52 -49.46 -93.69
CA THR W 197 -23.53 -48.49 -94.79
C THR W 197 -22.47 -47.42 -94.54
N VAL W 198 -21.76 -47.07 -95.61
CA VAL W 198 -20.67 -46.11 -95.60
C VAL W 198 -20.76 -45.23 -96.84
N PRO W 199 -20.11 -44.04 -96.82
CA PRO W 199 -20.01 -43.28 -98.06
C PRO W 199 -19.28 -44.08 -99.11
N SER W 200 -19.84 -44.15 -100.31
CA SER W 200 -19.20 -44.92 -101.38
C SER W 200 -17.82 -44.36 -101.76
N SER W 201 -17.64 -43.04 -101.58
CA SER W 201 -16.35 -42.40 -101.76
C SER W 201 -15.23 -43.01 -100.88
N SER W 202 -15.56 -43.45 -99.67
CA SER W 202 -14.54 -43.96 -98.74
C SER W 202 -14.02 -45.38 -99.11
N LEU W 203 -14.63 -46.03 -100.10
CA LEU W 203 -14.23 -47.40 -100.48
C LEU W 203 -12.81 -47.48 -101.06
N GLY W 204 -12.36 -46.41 -101.72
CA GLY W 204 -11.04 -46.37 -102.31
C GLY W 204 -9.91 -46.04 -101.34
N THR W 205 -10.25 -45.65 -100.11
CA THR W 205 -9.24 -45.25 -99.13
C THR W 205 -9.36 -45.96 -97.77
N GLN W 206 -10.58 -46.19 -97.30
CA GLN W 206 -10.80 -46.77 -95.98
C GLN W 206 -10.85 -48.30 -96.09
N THR W 207 -10.12 -48.98 -95.20
CA THR W 207 -10.20 -50.44 -95.05
C THR W 207 -11.36 -50.83 -94.12
N TYR W 208 -12.09 -51.87 -94.50
CA TYR W 208 -13.22 -52.38 -93.69
C TYR W 208 -13.01 -53.86 -93.38
N ILE W 209 -12.90 -54.18 -92.09
CA ILE W 209 -12.69 -55.54 -91.58
C ILE W 209 -13.74 -55.88 -90.52
N CYS W 210 -14.44 -57.00 -90.68
CA CYS W 210 -15.33 -57.43 -89.60
C CYS W 210 -14.57 -58.40 -88.66
N ASN W 211 -14.75 -58.20 -87.37
CA ASN W 211 -14.10 -59.01 -86.35
C ASN W 211 -15.16 -59.91 -85.73
N VAL W 212 -15.00 -61.22 -85.91
CA VAL W 212 -15.98 -62.21 -85.47
C VAL W 212 -15.44 -63.09 -84.34
N ASN W 213 -16.23 -63.16 -83.27
CA ASN W 213 -15.89 -63.89 -82.06
C ASN W 213 -16.97 -64.91 -81.75
N HIS W 214 -16.56 -66.18 -81.69
CA HIS W 214 -17.44 -67.27 -81.27
C HIS W 214 -16.75 -67.97 -80.11
N LYS W 215 -17.03 -67.49 -78.91
CA LYS W 215 -16.31 -67.96 -77.73
C LYS W 215 -16.51 -69.44 -77.43
N PRO W 216 -17.71 -70.00 -77.69
CA PRO W 216 -17.83 -71.44 -77.40
C PRO W 216 -16.88 -72.34 -78.17
N SER W 217 -16.48 -71.94 -79.38
CA SER W 217 -15.50 -72.70 -80.18
C SER W 217 -14.10 -72.10 -80.13
N ASN W 218 -13.93 -71.08 -79.29
CA ASN W 218 -12.70 -70.30 -79.25
C ASN W 218 -12.27 -69.68 -80.56
N THR W 219 -13.24 -69.32 -81.40
CA THR W 219 -12.97 -68.74 -82.71
C THR W 219 -12.91 -67.22 -82.62
N LYS W 220 -11.82 -66.66 -83.12
CA LYS W 220 -11.73 -65.23 -83.36
C LYS W 220 -11.20 -65.10 -84.78
N VAL W 221 -12.02 -64.50 -85.65
CA VAL W 221 -11.67 -64.35 -87.07
C VAL W 221 -11.87 -62.89 -87.52
N ASP W 222 -10.97 -62.40 -88.37
CA ASP W 222 -11.09 -61.07 -88.98
C ASP W 222 -11.19 -61.21 -90.49
N LYS W 223 -12.19 -60.58 -91.10
CA LYS W 223 -12.36 -60.65 -92.56
C LYS W 223 -12.38 -59.27 -93.20
N LYS W 224 -11.45 -59.06 -94.13
CA LYS W 224 -11.40 -57.84 -94.94
C LYS W 224 -12.50 -57.93 -95.99
N VAL W 225 -13.27 -56.86 -96.14
CA VAL W 225 -14.37 -56.84 -97.11
C VAL W 225 -14.07 -55.74 -98.12
N GLU W 226 -13.88 -56.11 -99.39
CA GLU W 226 -13.50 -55.16 -100.45
C GLU W 226 -14.35 -55.33 -101.74
N PRO W 227 -14.45 -54.26 -102.58
CA PRO W 227 -15.25 -54.20 -103.82
C PRO W 227 -15.26 -55.44 -104.74
N MET X 1 -47.12 -59.65 -59.67
CA MET X 1 -46.87 -58.38 -60.43
C MET X 1 -47.45 -58.51 -61.84
N THR X 2 -48.42 -57.64 -62.14
CA THR X 2 -49.05 -57.60 -63.46
C THR X 2 -48.85 -56.23 -64.12
N GLN X 3 -48.13 -56.17 -65.24
CA GLN X 3 -47.94 -54.92 -65.98
C GLN X 3 -48.92 -54.71 -67.11
N SER X 4 -49.28 -53.43 -67.33
CA SER X 4 -50.18 -53.01 -68.41
C SER X 4 -49.75 -51.68 -69.01
N PRO X 5 -49.79 -51.56 -70.34
CA PRO X 5 -50.09 -52.60 -71.31
C PRO X 5 -48.87 -53.51 -71.52
N SER X 6 -49.05 -54.60 -72.26
CA SER X 6 -47.91 -55.49 -72.55
C SER X 6 -46.97 -54.84 -73.57
N SER X 7 -47.50 -53.95 -74.41
CA SER X 7 -46.67 -53.12 -75.27
C SER X 7 -47.39 -51.87 -75.75
N LEU X 8 -46.63 -50.91 -76.25
CA LEU X 8 -47.21 -49.69 -76.81
C LEU X 8 -46.28 -49.02 -77.80
N SER X 9 -46.89 -48.22 -78.69
CA SER X 9 -46.17 -47.33 -79.60
C SER X 9 -46.54 -45.92 -79.25
N ALA X 10 -45.54 -45.04 -79.21
CA ALA X 10 -45.79 -43.63 -79.01
C ALA X 10 -44.80 -42.80 -79.78
N SER X 11 -45.21 -41.59 -80.12
CA SER X 11 -44.35 -40.69 -80.87
C SER X 11 -43.29 -40.03 -79.97
N VAL X 12 -42.20 -39.60 -80.59
CA VAL X 12 -41.18 -38.88 -79.85
C VAL X 12 -41.84 -37.65 -79.22
N GLY X 13 -41.55 -37.39 -77.95
CA GLY X 13 -42.13 -36.26 -77.22
C GLY X 13 -43.41 -36.57 -76.48
N ASP X 14 -44.02 -37.73 -76.76
CA ASP X 14 -45.25 -38.14 -76.07
C ASP X 14 -44.99 -38.45 -74.57
N ARG X 15 -46.03 -38.23 -73.76
CA ARG X 15 -46.04 -38.69 -72.38
C ARG X 15 -46.50 -40.16 -72.35
N VAL X 16 -45.71 -41.01 -71.70
CA VAL X 16 -45.98 -42.45 -71.66
C VAL X 16 -46.11 -42.88 -70.21
N THR X 17 -47.17 -43.62 -69.91
CA THR X 17 -47.37 -44.15 -68.57
C THR X 17 -47.59 -45.66 -68.62
N ILE X 18 -46.80 -46.39 -67.82
CA ILE X 18 -46.94 -47.83 -67.66
C ILE X 18 -47.34 -48.13 -66.23
N THR X 19 -48.18 -49.14 -66.06
CA THR X 19 -48.70 -49.51 -64.76
C THR X 19 -48.25 -50.92 -64.36
N CYS X 20 -48.07 -51.10 -63.05
CA CYS X 20 -47.75 -52.39 -62.45
C CYS X 20 -48.69 -52.54 -61.25
N ARG X 21 -49.47 -53.62 -61.25
CA ARG X 21 -50.35 -53.88 -60.15
C ARG X 21 -49.82 -55.06 -59.40
N THR X 22 -49.76 -54.79 -58.13
CA THR X 22 -48.99 -55.63 -57.33
C THR X 22 -49.94 -56.39 -56.43
N SER X 23 -49.61 -57.64 -56.15
CA SER X 23 -50.32 -58.46 -55.15
C SER X 23 -50.34 -57.79 -53.76
N GLN X 24 -49.18 -57.30 -53.37
CA GLN X 24 -48.89 -56.76 -52.04
C GLN X 24 -48.31 -55.37 -52.24
N SER X 25 -48.77 -54.37 -51.48
CA SER X 25 -48.32 -53.00 -51.65
C SER X 25 -47.20 -52.58 -50.72
N LEU X 26 -46.03 -52.43 -51.33
CA LEU X 26 -44.80 -52.18 -50.66
C LEU X 26 -44.07 -51.16 -51.55
N SER X 27 -44.46 -49.94 -51.36
CA SER X 27 -43.83 -48.89 -52.13
C SER X 27 -42.27 -48.99 -52.06
N SER X 28 -41.70 -49.30 -50.91
CA SER X 28 -40.24 -49.38 -50.78
C SER X 28 -39.67 -50.52 -51.60
N TYR X 29 -40.41 -51.61 -51.78
CA TYR X 29 -39.87 -52.80 -52.49
C TYR X 29 -40.12 -52.91 -53.97
N THR X 30 -40.62 -51.88 -54.62
CA THR X 30 -41.02 -51.98 -55.99
C THR X 30 -40.02 -51.20 -56.75
N HIS X 31 -39.55 -51.75 -57.85
CA HIS X 31 -38.52 -51.10 -58.67
C HIS X 31 -38.83 -51.24 -60.13
N TRP X 32 -38.27 -50.36 -60.94
CA TRP X 32 -38.40 -50.46 -62.39
C TRP X 32 -37.04 -50.58 -63.07
N TYR X 33 -36.97 -51.45 -64.08
CA TYR X 33 -35.76 -51.67 -64.85
C TYR X 33 -36.05 -51.37 -66.31
N GLN X 34 -35.04 -50.86 -67.00
CA GLN X 34 -35.10 -50.65 -68.45
C GLN X 34 -34.07 -51.58 -69.11
N GLN X 35 -34.50 -52.32 -70.11
CA GLN X 35 -33.62 -53.27 -70.76
C GLN X 35 -33.63 -53.06 -72.24
N LYS X 36 -32.50 -52.68 -72.77
CA LYS X 36 -32.33 -52.48 -74.21
C LYS X 36 -31.82 -53.79 -74.79
N PRO X 37 -32.07 -54.02 -76.10
CA PRO X 37 -31.75 -55.31 -76.73
C PRO X 37 -30.28 -55.69 -76.61
N GLY X 38 -30.02 -56.93 -76.24
CA GLY X 38 -28.66 -57.44 -76.07
C GLY X 38 -27.91 -56.97 -74.84
N LYS X 39 -28.57 -56.23 -73.94
CA LYS X 39 -27.93 -55.70 -72.74
C LYS X 39 -28.64 -56.23 -71.51
N ALA X 40 -27.96 -56.16 -70.36
CA ALA X 40 -28.58 -56.46 -69.09
C ALA X 40 -29.60 -55.38 -68.72
N PRO X 41 -30.60 -55.71 -67.88
CA PRO X 41 -31.46 -54.68 -67.31
C PRO X 41 -30.63 -53.69 -66.51
N LYS X 42 -31.08 -52.45 -66.51
CA LYS X 42 -30.49 -51.39 -65.70
C LYS X 42 -31.58 -50.84 -64.78
N LEU X 43 -31.23 -50.63 -63.52
CA LEU X 43 -32.17 -50.08 -62.54
C LEU X 43 -32.54 -48.66 -62.94
N LEU X 44 -33.84 -48.43 -63.07
CA LEU X 44 -34.38 -47.15 -63.54
C LEU X 44 -34.98 -46.38 -62.37
N ILE X 45 -35.85 -47.04 -61.62
CA ILE X 45 -36.52 -46.44 -60.48
C ILE X 45 -36.43 -47.41 -59.31
N TYR X 46 -36.13 -46.91 -58.11
CA TYR X 46 -36.22 -47.74 -56.91
C TYR X 46 -37.11 -47.15 -55.84
N ALA X 47 -37.75 -48.02 -55.06
CA ALA X 47 -38.65 -47.64 -53.99
C ALA X 47 -39.73 -46.75 -54.52
N ALA X 48 -40.36 -47.22 -55.59
CA ALA X 48 -41.51 -46.57 -56.23
C ALA X 48 -41.20 -45.28 -56.99
N SER X 49 -40.35 -44.40 -56.44
CA SER X 49 -40.20 -43.05 -56.97
C SER X 49 -38.78 -42.45 -57.00
N SER X 50 -37.77 -43.15 -56.50
CA SER X 50 -36.39 -42.65 -56.55
C SER X 50 -35.74 -43.03 -57.87
N ARG X 51 -35.10 -42.05 -58.51
CA ARG X 51 -34.41 -42.33 -59.77
C ARG X 51 -33.10 -43.06 -59.51
N GLY X 52 -32.85 -44.07 -60.32
CA GLY X 52 -31.64 -44.84 -60.21
C GLY X 52 -30.46 -44.01 -60.68
N SER X 53 -29.28 -44.50 -60.33
CA SER X 53 -28.03 -43.82 -60.68
C SER X 53 -27.95 -43.67 -62.19
N GLY X 54 -27.64 -42.44 -62.64
CA GLY X 54 -27.50 -42.14 -64.07
C GLY X 54 -28.79 -42.01 -64.86
N VAL X 55 -29.92 -41.99 -64.16
CA VAL X 55 -31.22 -41.97 -64.84
C VAL X 55 -31.72 -40.52 -65.02
N PRO X 56 -32.04 -40.13 -66.27
CA PRO X 56 -32.53 -38.76 -66.55
C PRO X 56 -33.92 -38.40 -65.97
N SER X 57 -34.18 -37.10 -65.84
CA SER X 57 -35.33 -36.60 -65.11
C SER X 57 -36.66 -36.85 -65.78
N ARG X 58 -36.67 -37.15 -67.08
CA ARG X 58 -37.92 -37.49 -67.78
C ARG X 58 -38.56 -38.78 -67.25
N PHE X 59 -37.79 -39.64 -66.60
CA PHE X 59 -38.32 -40.85 -65.96
C PHE X 59 -38.75 -40.55 -64.53
N SER X 60 -39.97 -40.95 -64.17
CA SER X 60 -40.44 -40.81 -62.79
C SER X 60 -41.38 -41.94 -62.47
N GLY X 61 -41.55 -42.15 -61.17
CA GLY X 61 -42.36 -43.24 -60.69
C GLY X 61 -43.27 -42.75 -59.59
N SER X 62 -44.43 -43.39 -59.49
CA SER X 62 -45.40 -43.08 -58.46
C SER X 62 -46.03 -44.36 -57.97
N GLY X 63 -46.51 -44.33 -56.73
CA GLY X 63 -47.16 -45.48 -56.14
C GLY X 63 -48.41 -45.08 -55.39
N SER X 64 -49.50 -45.83 -55.59
CA SER X 64 -50.72 -45.66 -54.82
C SER X 64 -51.30 -47.03 -54.51
N GLY X 65 -51.35 -47.37 -53.20
CA GLY X 65 -51.77 -48.71 -52.76
C GLY X 65 -51.00 -49.75 -53.55
N THR X 66 -51.68 -50.66 -54.23
CA THR X 66 -51.01 -51.75 -54.96
C THR X 66 -50.66 -51.33 -56.38
N ASP X 67 -50.98 -50.10 -56.75
CA ASP X 67 -50.84 -49.62 -58.11
C ASP X 67 -49.60 -48.75 -58.20
N PHE X 68 -48.69 -49.14 -59.10
CA PHE X 68 -47.44 -48.38 -59.35
C PHE X 68 -47.32 -47.97 -60.78
N THR X 69 -46.76 -46.78 -60.99
CA THR X 69 -46.71 -46.23 -62.32
C THR X 69 -45.32 -45.74 -62.64
N LEU X 70 -44.91 -46.00 -63.88
CA LEU X 70 -43.70 -45.44 -64.44
C LEU X 70 -44.13 -44.48 -65.52
N THR X 71 -43.57 -43.29 -65.50
CA THR X 71 -43.92 -42.28 -66.50
C THR X 71 -42.66 -41.78 -67.20
N ILE X 72 -42.72 -41.72 -68.53
CA ILE X 72 -41.73 -41.03 -69.33
C ILE X 72 -42.40 -39.74 -69.79
N SER X 73 -41.94 -38.60 -69.30
CA SER X 73 -42.63 -37.34 -69.52
C SER X 73 -42.56 -36.89 -70.98
N SER X 74 -41.43 -37.19 -71.63
CA SER X 74 -41.21 -36.86 -73.03
C SER X 74 -40.38 -37.95 -73.70
N LEU X 75 -41.05 -38.82 -74.45
CA LEU X 75 -40.41 -40.01 -75.04
C LEU X 75 -39.30 -39.66 -76.02
N GLN X 76 -38.12 -40.28 -75.84
CA GLN X 76 -37.01 -40.13 -76.78
C GLN X 76 -36.71 -41.43 -77.54
N PRO X 77 -36.06 -41.33 -78.72
CA PRO X 77 -35.80 -42.54 -79.54
C PRO X 77 -34.99 -43.59 -78.82
N GLU X 78 -34.08 -43.16 -77.95
CA GLU X 78 -33.23 -44.07 -77.15
C GLU X 78 -33.97 -44.81 -76.02
N ASP X 79 -35.20 -44.41 -75.72
CA ASP X 79 -36.01 -45.07 -74.71
C ASP X 79 -36.73 -46.33 -75.23
N PHE X 80 -36.45 -46.71 -76.48
CA PHE X 80 -36.88 -48.00 -76.98
C PHE X 80 -36.28 -49.05 -76.08
N ALA X 81 -37.16 -49.81 -75.43
CA ALA X 81 -36.73 -50.81 -74.46
C ALA X 81 -37.92 -51.62 -73.97
N THR X 82 -37.60 -52.67 -73.24
CA THR X 82 -38.57 -53.37 -72.42
C THR X 82 -38.38 -52.92 -70.96
N TYR X 83 -39.50 -52.52 -70.33
CA TYR X 83 -39.52 -52.03 -68.97
C TYR X 83 -40.18 -53.07 -68.05
N TYR X 84 -39.50 -53.45 -66.96
CA TYR X 84 -40.03 -54.41 -66.01
C TYR X 84 -40.20 -53.78 -64.65
N CYS X 85 -41.28 -54.13 -63.95
CA CYS X 85 -41.40 -53.79 -62.52
C CYS X 85 -41.02 -55.01 -61.67
N GLN X 86 -40.79 -54.80 -60.37
CA GLN X 86 -40.28 -55.86 -59.51
C GLN X 86 -40.61 -55.55 -58.06
N GLN X 87 -41.06 -56.57 -57.35
CA GLN X 87 -41.10 -56.56 -55.88
C GLN X 87 -40.42 -57.78 -55.37
N SER X 88 -39.68 -57.62 -54.28
CA SER X 88 -39.01 -58.72 -53.67
C SER X 88 -38.32 -59.50 -54.77
N ARG X 89 -38.65 -60.76 -54.98
CA ARG X 89 -37.92 -61.54 -55.96
C ARG X 89 -38.75 -61.80 -57.19
N THR X 90 -39.85 -61.08 -57.32
CA THR X 90 -40.78 -61.28 -58.42
C THR X 90 -40.75 -60.14 -59.42
N PHE X 91 -40.69 -60.49 -60.70
CA PHE X 91 -40.69 -59.54 -61.78
C PHE X 91 -42.01 -59.61 -62.51
N GLY X 92 -42.45 -58.46 -63.00
CA GLY X 92 -43.55 -58.41 -63.95
C GLY X 92 -43.11 -58.97 -65.30
N GLN X 93 -44.07 -59.11 -66.21
CA GLN X 93 -43.82 -59.70 -67.50
C GLN X 93 -43.15 -58.75 -68.49
N GLY X 94 -43.11 -57.46 -68.16
CA GLY X 94 -42.49 -56.44 -69.02
C GLY X 94 -43.46 -55.72 -69.94
N THR X 95 -43.11 -54.49 -70.31
CA THR X 95 -43.85 -53.70 -71.27
C THR X 95 -42.85 -53.29 -72.34
N LYS X 96 -43.11 -53.66 -73.58
CA LYS X 96 -42.30 -53.17 -74.69
C LYS X 96 -42.75 -51.79 -75.16
N VAL X 97 -41.83 -50.84 -75.16
CA VAL X 97 -42.10 -49.50 -75.65
C VAL X 97 -41.45 -49.34 -77.03
N GLU X 98 -42.29 -49.22 -78.05
CA GLU X 98 -41.85 -48.90 -79.42
C GLU X 98 -42.12 -47.42 -79.76
N ILE X 99 -41.29 -46.85 -80.65
CA ILE X 99 -41.45 -45.45 -80.99
C ILE X 99 -42.32 -45.33 -82.22
N LYS X 100 -43.05 -44.23 -82.30
CA LYS X 100 -43.81 -43.90 -83.47
C LYS X 100 -43.15 -42.73 -84.19
N ARG X 101 -42.86 -42.89 -85.49
CA ARG X 101 -42.26 -41.83 -86.29
C ARG X 101 -42.86 -41.83 -87.70
N THR X 102 -42.29 -41.08 -88.64
CA THR X 102 -42.86 -41.04 -90.02
C THR X 102 -42.49 -42.23 -90.92
N VAL X 103 -43.16 -42.39 -92.05
CA VAL X 103 -42.86 -43.48 -92.99
C VAL X 103 -41.52 -43.23 -93.66
N ALA X 104 -40.71 -44.27 -93.80
CA ALA X 104 -39.45 -44.16 -94.52
C ALA X 104 -39.23 -45.43 -95.35
N ALA X 105 -38.98 -45.27 -96.65
CA ALA X 105 -38.82 -46.41 -97.54
C ALA X 105 -37.43 -47.04 -97.33
N PRO X 106 -37.31 -48.35 -97.54
CA PRO X 106 -35.98 -48.96 -97.42
C PRO X 106 -35.00 -48.58 -98.53
N SER X 107 -33.71 -48.56 -98.21
CA SER X 107 -32.66 -48.63 -99.24
C SER X 107 -32.39 -50.11 -99.45
N VAL X 108 -32.31 -50.54 -100.71
CA VAL X 108 -32.25 -51.97 -101.04
C VAL X 108 -30.93 -52.26 -101.73
N PHE X 109 -30.24 -53.31 -101.27
CA PHE X 109 -28.96 -53.73 -101.82
C PHE X 109 -28.98 -55.24 -101.97
N ILE X 110 -28.37 -55.75 -103.04
CA ILE X 110 -28.31 -57.20 -103.27
C ILE X 110 -26.85 -57.60 -103.34
N PHE X 111 -26.54 -58.75 -102.74
CA PHE X 111 -25.18 -59.27 -102.67
C PHE X 111 -25.09 -60.67 -103.26
N PRO X 112 -24.26 -60.88 -104.30
CA PRO X 112 -24.04 -62.27 -104.74
C PRO X 112 -23.21 -63.08 -103.74
N PRO X 113 -23.25 -64.42 -103.82
CA PRO X 113 -22.36 -65.24 -102.99
C PRO X 113 -20.91 -64.98 -103.33
N SER X 114 -20.02 -65.06 -102.34
CA SER X 114 -18.58 -64.91 -102.57
C SER X 114 -18.04 -66.12 -103.32
N ASP X 115 -16.96 -65.94 -104.07
CA ASP X 115 -16.32 -67.06 -104.77
C ASP X 115 -15.83 -68.11 -103.76
N GLU X 116 -15.40 -67.61 -102.61
CA GLU X 116 -14.96 -68.45 -101.52
C GLU X 116 -16.05 -69.39 -101.04
N GLN X 117 -17.25 -68.85 -100.78
CA GLN X 117 -18.35 -69.69 -100.33
C GLN X 117 -18.71 -70.76 -101.35
N LEU X 118 -18.75 -70.36 -102.62
CA LEU X 118 -19.14 -71.29 -103.69
C LEU X 118 -18.29 -72.56 -103.68
N LYS X 119 -17.01 -72.42 -103.33
CA LYS X 119 -16.13 -73.59 -103.21
C LYS X 119 -16.58 -74.59 -102.15
N SER X 120 -17.28 -74.13 -101.13
CA SER X 120 -17.84 -75.02 -100.09
C SER X 120 -19.06 -75.87 -100.54
N GLY X 121 -19.62 -75.58 -101.71
CA GLY X 121 -20.78 -76.32 -102.26
C GLY X 121 -22.14 -75.66 -102.05
N THR X 122 -22.15 -74.49 -101.41
CA THR X 122 -23.40 -73.76 -101.14
C THR X 122 -23.25 -72.33 -101.59
N ALA X 123 -24.37 -71.71 -101.95
CA ALA X 123 -24.41 -70.32 -102.38
C ALA X 123 -25.46 -69.61 -101.56
N SER X 124 -25.08 -68.52 -100.89
CA SER X 124 -26.02 -67.65 -100.18
C SER X 124 -26.11 -66.31 -100.91
N VAL X 125 -27.34 -65.90 -101.22
CA VAL X 125 -27.60 -64.62 -101.86
C VAL X 125 -28.36 -63.80 -100.82
N VAL X 126 -27.89 -62.58 -100.58
CA VAL X 126 -28.42 -61.73 -99.51
C VAL X 126 -29.03 -60.46 -100.07
N CYS X 127 -30.22 -60.15 -99.59
CA CYS X 127 -30.87 -58.90 -99.92
C CYS X 127 -31.05 -58.14 -98.63
N LEU X 128 -30.59 -56.89 -98.63
CA LEU X 128 -30.66 -56.02 -97.46
C LEU X 128 -31.67 -54.90 -97.67
N LEU X 129 -32.59 -54.71 -96.72
CA LEU X 129 -33.48 -53.56 -96.71
C LEU X 129 -33.05 -52.69 -95.53
N ASN X 130 -32.54 -51.50 -95.82
CA ASN X 130 -31.94 -50.70 -94.78
C ASN X 130 -32.79 -49.51 -94.34
N ASN X 131 -32.96 -49.39 -93.03
CA ASN X 131 -33.50 -48.16 -92.40
C ASN X 131 -34.90 -47.76 -92.85
N PHE X 132 -35.88 -48.60 -92.56
CA PHE X 132 -37.25 -48.35 -92.99
C PHE X 132 -38.24 -48.34 -91.84
N TYR X 133 -39.40 -47.75 -92.09
CA TYR X 133 -40.49 -47.72 -91.13
C TYR X 133 -41.79 -47.55 -91.90
N PRO X 134 -42.86 -48.27 -91.51
CA PRO X 134 -43.00 -49.26 -90.43
C PRO X 134 -42.39 -50.63 -90.79
N ARG X 135 -42.53 -51.59 -89.90
CA ARG X 135 -41.87 -52.90 -90.02
C ARG X 135 -42.36 -53.77 -91.17
N GLU X 136 -43.61 -53.58 -91.59
CA GLU X 136 -44.24 -54.46 -92.56
C GLU X 136 -43.54 -54.28 -93.91
N ALA X 137 -42.99 -55.36 -94.44
CA ALA X 137 -42.27 -55.34 -95.72
C ALA X 137 -42.33 -56.72 -96.33
N LYS X 138 -42.50 -56.79 -97.65
CA LYS X 138 -42.54 -58.05 -98.34
C LYS X 138 -41.33 -58.16 -99.26
N VAL X 139 -40.66 -59.30 -99.24
CA VAL X 139 -39.49 -59.51 -100.08
C VAL X 139 -39.72 -60.78 -100.85
N GLN X 140 -39.53 -60.72 -102.17
CA GLN X 140 -39.66 -61.88 -103.03
C GLN X 140 -38.38 -62.10 -103.82
N TRP X 141 -37.98 -63.36 -103.94
CA TRP X 141 -36.82 -63.74 -104.72
C TRP X 141 -37.31 -64.24 -106.07
N LYS X 142 -36.62 -63.85 -107.14
CA LYS X 142 -36.83 -64.41 -108.47
C LYS X 142 -35.47 -64.81 -109.04
N VAL X 143 -35.42 -66.02 -109.60
CA VAL X 143 -34.20 -66.58 -110.17
C VAL X 143 -34.58 -66.94 -111.59
N ASP X 144 -33.86 -66.40 -112.58
CA ASP X 144 -34.27 -66.46 -114.00
C ASP X 144 -35.78 -66.16 -114.15
N ASN X 145 -36.20 -65.11 -113.45
CA ASN X 145 -37.57 -64.66 -113.45
C ASN X 145 -38.59 -65.68 -112.89
N ALA X 146 -38.14 -66.62 -112.06
CA ALA X 146 -39.04 -67.58 -111.41
C ALA X 146 -39.11 -67.31 -109.90
N LEU X 147 -40.32 -67.12 -109.36
CA LEU X 147 -40.49 -66.91 -107.92
C LEU X 147 -39.99 -68.11 -107.13
N GLN X 148 -39.32 -67.86 -106.02
CA GLN X 148 -38.81 -68.92 -105.17
C GLN X 148 -39.57 -68.97 -103.86
N SER X 149 -39.89 -70.19 -103.46
CA SER X 149 -40.65 -70.42 -102.25
C SER X 149 -39.94 -71.48 -101.40
N GLY X 150 -39.74 -71.17 -100.11
CA GLY X 150 -39.19 -72.13 -99.14
C GLY X 150 -37.68 -72.27 -99.01
N ASN X 151 -36.91 -71.44 -99.72
CA ASN X 151 -35.46 -71.50 -99.70
C ASN X 151 -34.82 -70.20 -99.22
N SER X 152 -35.57 -69.39 -98.49
CA SER X 152 -35.05 -68.17 -97.91
C SER X 152 -35.49 -67.96 -96.48
N GLN X 153 -34.66 -67.23 -95.75
CA GLN X 153 -34.94 -66.90 -94.38
C GLN X 153 -34.74 -65.41 -94.20
N GLU X 154 -35.63 -64.80 -93.43
CA GLU X 154 -35.56 -63.37 -93.12
C GLU X 154 -35.20 -63.15 -91.66
N SER X 155 -34.47 -62.07 -91.41
CA SER X 155 -34.17 -61.66 -90.07
C SER X 155 -34.36 -60.16 -90.01
N VAL X 156 -34.85 -59.65 -88.89
CA VAL X 156 -35.12 -58.22 -88.75
C VAL X 156 -34.45 -57.71 -87.48
N THR X 157 -33.90 -56.50 -87.53
CA THR X 157 -33.32 -55.87 -86.35
C THR X 157 -34.43 -55.29 -85.49
N GLU X 158 -34.06 -54.94 -84.27
CA GLU X 158 -34.93 -54.18 -83.39
C GLU X 158 -34.93 -52.73 -83.87
N GLN X 159 -35.86 -51.92 -83.39
CA GLN X 159 -35.86 -50.49 -83.73
C GLN X 159 -34.56 -49.80 -83.34
N ASP X 160 -34.05 -49.01 -84.27
CA ASP X 160 -32.80 -48.28 -84.07
C ASP X 160 -32.94 -47.23 -82.98
N SER X 161 -31.94 -47.16 -82.09
CA SER X 161 -32.01 -46.22 -80.98
C SER X 161 -31.91 -44.73 -81.34
N LYS X 162 -31.47 -44.42 -82.56
CA LYS X 162 -31.35 -43.01 -83.01
C LYS X 162 -32.48 -42.56 -83.93
N ASP X 163 -32.80 -43.35 -84.94
CA ASP X 163 -33.83 -42.95 -85.93
C ASP X 163 -35.11 -43.78 -85.90
N SER X 164 -35.19 -44.78 -85.03
CA SER X 164 -36.41 -45.61 -84.85
C SER X 164 -36.83 -46.45 -86.08
N THR X 165 -35.89 -46.71 -86.98
CA THR X 165 -36.16 -47.52 -88.17
C THR X 165 -35.78 -48.98 -87.94
N TYR X 166 -36.20 -49.82 -88.87
CA TYR X 166 -35.82 -51.22 -88.89
C TYR X 166 -34.92 -51.48 -90.07
N SER X 167 -34.15 -52.55 -89.99
CA SER X 167 -33.47 -53.09 -91.16
C SER X 167 -33.76 -54.59 -91.27
N LEU X 168 -33.69 -55.14 -92.48
CA LEU X 168 -34.11 -56.51 -92.72
C LEU X 168 -33.21 -57.17 -93.74
N SER X 169 -32.91 -58.45 -93.52
CA SER X 169 -32.13 -59.27 -94.46
C SER X 169 -32.97 -60.44 -94.91
N SER X 170 -32.90 -60.74 -96.18
CA SER X 170 -33.44 -61.99 -96.67
C SER X 170 -32.28 -62.71 -97.33
N THR X 171 -32.15 -63.99 -97.03
CA THR X 171 -31.05 -64.80 -97.50
C THR X 171 -31.60 -66.00 -98.25
N LEU X 172 -31.27 -66.10 -99.52
CA LEU X 172 -31.67 -67.21 -100.36
C LEU X 172 -30.52 -68.19 -100.41
N THR X 173 -30.76 -69.45 -100.08
CA THR X 173 -29.70 -70.47 -100.06
C THR X 173 -29.98 -71.55 -101.12
N LEU X 174 -28.98 -71.79 -101.98
CA LEU X 174 -29.02 -72.82 -103.03
C LEU X 174 -27.75 -73.65 -102.95
N SER X 175 -27.79 -74.86 -103.49
CA SER X 175 -26.56 -75.60 -103.78
C SER X 175 -25.77 -74.84 -104.85
N LYS X 176 -24.47 -75.07 -104.87
CA LYS X 176 -23.58 -74.49 -105.87
C LYS X 176 -24.07 -74.84 -107.28
N ALA X 177 -24.45 -76.11 -107.50
CA ALA X 177 -24.94 -76.56 -108.81
C ALA X 177 -26.18 -75.79 -109.26
N ASP X 178 -27.12 -75.59 -108.34
CA ASP X 178 -28.34 -74.84 -108.64
C ASP X 178 -28.03 -73.37 -108.91
N TYR X 179 -27.14 -72.78 -108.12
CA TYR X 179 -26.73 -71.39 -108.36
C TYR X 179 -26.11 -71.25 -109.75
N GLU X 180 -25.21 -72.17 -110.09
CA GLU X 180 -24.51 -72.13 -111.38
C GLU X 180 -25.41 -72.40 -112.59
N LYS X 181 -26.57 -73.01 -112.37
CA LYS X 181 -27.55 -73.29 -113.43
C LYS X 181 -28.33 -72.06 -113.90
N HIS X 182 -28.35 -71.00 -113.11
CA HIS X 182 -29.16 -69.82 -113.44
C HIS X 182 -28.32 -68.56 -113.58
N LYS X 183 -28.92 -67.53 -114.18
CA LYS X 183 -28.20 -66.30 -114.50
C LYS X 183 -28.67 -65.07 -113.71
N VAL X 184 -29.97 -64.79 -113.74
CA VAL X 184 -30.51 -63.54 -113.20
C VAL X 184 -31.04 -63.77 -111.77
N TYR X 185 -30.48 -63.06 -110.81
CA TYR X 185 -30.91 -63.13 -109.41
C TYR X 185 -31.46 -61.76 -109.01
N ALA X 186 -32.71 -61.76 -108.56
CA ALA X 186 -33.46 -60.53 -108.32
C ALA X 186 -34.18 -60.57 -106.99
N CYS X 187 -34.11 -59.45 -106.27
CA CYS X 187 -34.77 -59.24 -105.00
C CYS X 187 -35.83 -58.16 -105.21
N GLU X 188 -37.10 -58.49 -104.99
CA GLU X 188 -38.20 -57.54 -105.21
C GLU X 188 -38.85 -57.19 -103.88
N VAL X 189 -38.95 -55.88 -103.59
CA VAL X 189 -39.33 -55.38 -102.27
C VAL X 189 -40.59 -54.53 -102.34
N THR X 190 -41.58 -54.86 -101.52
CA THR X 190 -42.78 -54.07 -101.38
C THR X 190 -42.80 -53.44 -99.98
N HIS X 191 -43.00 -52.13 -99.93
CA HIS X 191 -43.11 -51.41 -98.67
C HIS X 191 -43.99 -50.18 -98.92
N GLN X 192 -44.87 -49.85 -97.99
CA GLN X 192 -45.81 -48.72 -98.17
C GLN X 192 -45.15 -47.34 -98.39
N GLY X 193 -43.88 -47.22 -98.00
CA GLY X 193 -43.06 -46.04 -98.32
C GLY X 193 -42.67 -45.88 -99.78
N LEU X 194 -42.75 -46.96 -100.56
CA LEU X 194 -42.43 -46.96 -102.00
C LEU X 194 -43.69 -46.74 -102.85
N SER X 195 -43.54 -46.03 -103.97
CA SER X 195 -44.66 -45.84 -104.91
C SER X 195 -45.05 -47.14 -105.63
N SER X 196 -44.10 -48.05 -105.79
CA SER X 196 -44.35 -49.38 -106.35
C SER X 196 -43.17 -50.30 -105.96
N PRO X 197 -43.27 -51.60 -106.26
CA PRO X 197 -42.15 -52.46 -105.82
C PRO X 197 -40.78 -52.06 -106.41
N VAL X 198 -39.73 -52.19 -105.60
CA VAL X 198 -38.36 -51.95 -106.04
C VAL X 198 -37.68 -53.30 -106.25
N THR X 199 -36.98 -53.45 -107.38
CA THR X 199 -36.25 -54.66 -107.68
C THR X 199 -34.77 -54.36 -107.86
N LYS X 200 -33.92 -55.11 -107.16
CA LYS X 200 -32.48 -55.09 -107.38
C LYS X 200 -32.04 -56.46 -107.89
N SER X 201 -31.15 -56.50 -108.85
CA SER X 201 -30.69 -57.78 -109.38
C SER X 201 -29.25 -57.73 -109.82
N PHE X 202 -28.68 -58.90 -110.05
CA PHE X 202 -27.38 -59.03 -110.69
C PHE X 202 -27.41 -60.22 -111.64
N ASN X 203 -26.42 -60.29 -112.51
CA ASN X 203 -26.19 -61.47 -113.33
C ASN X 203 -24.97 -62.22 -112.82
N ARG X 204 -25.14 -63.51 -112.60
CA ARG X 204 -24.05 -64.36 -112.14
C ARG X 204 -22.88 -64.24 -113.11
N GLY X 205 -21.68 -64.03 -112.56
CA GLY X 205 -20.48 -63.88 -113.37
C GLY X 205 -20.10 -62.44 -113.63
N GLU X 206 -21.11 -61.57 -113.74
CA GLU X 206 -20.89 -60.15 -113.95
C GLU X 206 -20.69 -59.42 -112.63
#